data_5W65
#
_entry.id   5W65
#
loop_
_entity.id
_entity.type
_entity.pdbx_description
1 polymer 'DNA-directed RNA polymerase I subunit RPA190'
2 polymer 'DNA-directed RNA polymerase I subunit RPA135'
3 polymer 'DNA-directed RNA polymerases I and III subunit RPAC1'
4 polymer 'DNA-directed RNA polymerase I subunit RPA14'
5 polymer 'DNA-directed RNA polymerases I, II, and III subunit RPABC1'
6 polymer 'DNA-directed RNA polymerases I, II, and III subunit RPABC2'
7 polymer 'DNA-directed RNA polymerase I subunit RPA43'
8 polymer 'DNA-directed RNA polymerases I, II, and III subunit RPABC3'
9 polymer 'DNA-directed RNA polymerase I subunit RPA12'
10 polymer 'DNA-directed RNA polymerases I, II, and III subunit RPABC5'
11 polymer 'DNA-directed RNA polymerases I and III subunit RPAC2'
12 polymer 'DNA-directed RNA polymerases I, II, and III subunit RPABC4'
13 polymer 'DNA-directed RNA polymerase I subunit RPA49'
14 polymer 'DNA-directed RNA polymerase I subunit RPA34'
15 polymer 'RNA polymerase I-specific transcription initiation factor RRN6'
16 polymer 'RNA polymerase I-specific transcription initiation factor RRN7'
17 polymer 'RNA polymerase I-specific transcription initiation factor RRN11'
18 polymer RNA
19 polymer 'non-template strand DNA'
20 polymer 'template strand DNA'
21 non-polymer 'ZINC ION'
#
loop_
_entity_poly.entity_id
_entity_poly.type
_entity_poly.pdbx_seq_one_letter_code
_entity_poly.pdbx_strand_id
1 'polypeptide(L)'
;MDISKPVGSEITSVDFGILTAKEIRNLSAKQITNPTVLDNLGHPVSGGLYDLALGAFLRNLCSTCGLDEKFCPGHQGHIE
LPVPCYNPLFFNQLYIYLRASCLFCHHFRLKSVEVHRYACKLRLLQYGLIDESYKLDEITLGSLNSSMYTDDEAIEDNED
EMDGEGSKQSKDISSTLLNELKSKRSEYVDMAIAKALSDGRTTERGSFTATVNDERKKLVHEFHKKLLSRGKCDNCGMFS
PKFRKDGFTKIFETALNEKQITNNRVKGFIRQDMIKKQKQAKKLDGSNEASANDEESFDVGRNPTTRPKTGSTYILSTEV
KNILDTVFRKEQCVLQYVFHSRPNLSRKLVKADSFFMDVLVVPPTRFRLPSKLGEEVHENSQNQLLSKVLTTSLLIRDLN
DDLSKLQKDKVSLEDRRVIFSRLMNAFVTIQNDVNAFIDSTKAQGRTSGKVPIPGVKQALEKKEGLFRKHMMGKRVNYAA
RSVISPDPNIETNEIGVPPVFAVKLTYPEPVTAYNIAELRQAVINGPDKWPGATQIQNEDGSLVSLIGMSVEQRKALANQ
LLTPSSNVSTHTLNKKVYRHIKNRDVVLMNRQPTLHKASMMGHKVRVLPNEKTLRLHYANTGAYNADFDGDEMNMHFPQN
ENARAEALNLANTDSQYLTPTSGSPVRGLIQDHISAGVWLTSKDSFFTREQYQQYIYGCIRPEDGHTTRSKIVTLPPTIF
KPYPLWTGKQIITTVLLNVTPPDMPGINLISKNKIKNEYWGKGSLENEVLFKDGALLCGILDKSQYGASKYGIVHSLHEV
YGPEVAAKVLSVLGRLFTNYITATAFTCGMDDLRLTAEGNKWRTDILKTSVDTGREAAAEVTNLDKDTPADDPELLKRLQ
EILRDNNKSGILDAVTSSKVNAITSQVVSKCVPDGTMKKFPCNSMQAMALSGAKGSNVNVSQIMCLLGQQALEGRRVPVM
VSGKTLPSFKPYETDAMAGGYVKGRFYSGIKPQEYYFHCMAGREGLIDTAVKTSRSGYLQRCLTKQLEGVHVSYDNSIRD
ADGTLVQFMYGGDAIDITKESHMTQFEFCLDNYYALLKKYNPSALIEHLDVESALKYSKKTLKYRKKHSKEPHYKQSVKY
DPVLAKYNPAKYLGSVSENFQDKLESFLDKNSKLFKSSDGVNEKKFRALMQLKYMRSLINPGEAVGIIASQSVGEPSTQM
TLNTFHFAGHGAANVTLGIPRLREIVMTASAAIKTPQMTLPIWNDVSDEQADTFCKSISKVLLSEVIDKVIVTETTGTSN
TAGGNAARSYVIHMRFFDNNEYSEEYDVSKEELQNVISNQFIHLLEAAIVKEIKKQKRTTGPDIGVAVPRLQTDVANSSS
NSKRLEEDNDEEQSHKKTKQAVSYDEPDEDEIETMREAEKSSDEEGIDSDKESDSDSEDEDVDMNEQINKSIVEANNNMN
KVQRDRQSAIISHHRFITKYNFDDESGKWCEFKLELAADTEKLLMVNIVEEICRKSIIRQIPHIDRCVHPEPENGKRVLV
TEGVNFQAMWDQEAFIDVDGITSNDVAAVLKTYGVEAARNTIVNEINNVFSRYAISVSFRHLDLIADMMTRQGTYLAFNR
QGMETSTSSFMKMSYETTCQFLTKAVLDNEREQLDSPSARIVVGKLNNVGTGSFDVLAKVPNAA
;
A
2 'polypeptide(L)'
;MSKVIKPPGQARTADFRTLERESRFINPPKDKSAFPLLQEAVQPHIGSFNALTEGPDGGLLNLGVKDIGEKVIFDGKPLN
SEDEISNSGYLGNKLSVSVEQVSIAKPMSNDGVSSAVERKVYPSESRQRLTSYRGKLLLKLKWSVNNGEENLFEVRDCGG
LPVMLQSNRCHLNKMSPYELVQHKEESDEIGGYFIVNGIEKLIRMLIVQRRNHPMAIIRPSFANRGASYSHYGIQIRSVR
PDQTSQTNVLHYLNDGQVTFRFSWRKNEYLVPVVMILKALCHTSDREIFDGIIGNDVKDSFLTDRLELLLRGFKKRYPHL
QNRTQVLQYLGDKFRVVFQASPDQSDLEVGQEVLDRIVLVHLGKDGSQDKFRMLLFMIRKLYSLVAGECSPDNPDATQHQ
EVLLGGFLYGMILKEKIDEYLQNIIAQVRMDINRGMAINFKDKRYMSRVLMRVNENIGSKMQYFLSTGNLVSQSGLDLQQ
VSGYTVVAEKINFYRFISHFRMVHRGSFFAQLKTTTVRKLLPESWGFLCPVHTPDGSPCGLLNHFAHKCRISTQQSDVSR
IPSILYSLGVAPASHTFAAGPSLCCVQIDGKIIGWVSHEQGKIIADTLRYWKVEGKTPGLPIDLEIGYVPPSTRGQYPGL
YLFGGHSRMLRPVRYLPLDKEDIVGPFEQVYMNIAVTPQEIQNNVHTHVEFTPTNILSILANLTPFSDFNQSPRNMYQCQ
MGKQTMGTPGVALCHRSDNKLYRLQTGQTPIVKANLYDDYGMDNFPNGFNAVVAVISYTGYDMDDAMIINKSADERGFGY
GTMYKTEKVDLALNRNRGDPITQHFGFGNDEWPKEWLEKLDEDGLPYIGTYVEEGDPICAYFDDTLNKTKIKTYHSSEPA
YIEEVNLIGDESNKFQELQTVSIKYRIRRTPQIGDKFSSRHGQKGVCSRKWPTIDMPFSETGIQPDIIINPHAFPSRMTI
GMFVESLAGKAGALHGIAQDSTPWIFNEDDTPADYFGEQLAKAGYNYHGNEPMYSGATGEELRADIYVGVVYYQRLRHMV
NDKFQVRSTGPVNSLTMQPVKGRKRHGGIRVGEMERDALIGHGTSFLLQDRLLNSSDYTQASVCRECGSILTTQQSVPRI
GSISTVCCRRCSMRFEDAKKLLTKSEDGEKIFIDDSQIWEDGQGNKFVGGNETTTVAIPFVLKYLDSELSAMGIRLRYNV
EPK
;
B
3 'polypeptide(L)'
;MSNIVGIEYNRVTNTTSTDFPGFSKDAENEWNVEKFKKDFEVNISSLDAREANFDLINIDTSIANAFRRIMISEVPSVAA
EYVYFFNNTSVIQDEVLAHRIGLVPLKVDPDMLTWVDSNLPDDEKFTDENTIVLSLNVKCTRNPDAPKGSTDPKELYNNA
HVYARDLKFEPQGRQSTTFADCPVVPADPDILLAKLRPGQEISLKAHCILGIGGDHAKFSPVSTASYRLLPQINILQPIK
GESARRFQKCFPPGVIGIDEGSDEAYVKDARKDTVSREVLRYEEFADKVKLGRVRNHFIFNVESAGAMTPEEIFFKSVRI
LKNKAEYLKNCPITQ
;
C
4 'polypeptide(L)'
;MMKGSRRTGNNTATTLNTPVVIHATQLPQHVSTDEVLQFLESFIDEKENIIDSTTMNTISGNAADADAAAVANTSLNIDT
NLSSSISQLKRIQRDFKGLPPAQDFSAAPIQVSTTEKKETSIGVSATGGKKTTFADE
;
D
5 'polypeptide(L)'
;MDQENERNISRLWRAFRTVKEMVKDRGYFITQEEVELPLEDFKAKYCDSMGRPQRKMMSFQANPTEESISKFPDMGSLWV
EFCDEPSVGVKTMKTFVIHIQEKNFQTGIFVYQNNITPSAMKLVPSIPPATIETFNEAALVVNITHHELVPKHIRLSSDE
KRELLKRYRLKESQLPRIQRADPVALYLGLKRGEVVKIIRKSETSGRYASYRICM
;
E
6 'polypeptide(L)'
;MSDYEEAFNDGNENFEDFDVEHFSDEETYEEKPQFKDGETTDANGKTIVTGGNGPEDFQQHEQIRRKTLKEKAIPKDQRA
TTPYMTKYERARILGTRALQISMNAPVFVDLEGETDPLRIAMKELAEKKIPLVIRRYLPDGSFEDWSVEELIVDL
;
F
7 'polypeptide(L)'
;MSQVKRANENRETARFIKKHKKQVTNPIDEKNGTSNCIVRVPIALYVSLAPMYLENPLQGVMKQHLNPLVMKYNNKVGGV
VLGYEGLKILDADPLSKEDTSEKLIKITPDTPFGFTWCHVNLYVWQPQVGDVLEGYIFIQSASHIGLLIHDAFNASIKKN
NIPVDWTFVHNDVEEDADVINTDENNGNNNNEDNKDSNGGSNSLGKFSFGNRSLGHWVDSNGEPIDGKLRFTVRNVHTTG
RVVSVDGTLISDADEEGNGYNSSRSQAESLPIVSNKKIVFDDEVSIENKESHKELDLPEVKEDNGSEIVYEENTSESNDG
ESSDSD
;
G
8 'polypeptide(L)'
;MSNTLFDDIFQVSEVDPGRYNKVCRIEAASTTQDQCKLTLDINVELFPVAAQDSLTVTIASSLNLEDTPANDSSATRSWR
PPQAGDRSLADDYDYVMYGTAYKFEEVSKDLIAVYYSFGGLLMRLEGNYRNLNNLKQENAYLLIRR
;
H
9 'polypeptide(L)'
;MSVVGSLIFCLDCGDLLENPNAVLGSNVECSQCKAIYPKSQFSNLKVVTTTADDAFPSSLRAKKSVVKTSLKKNELKDGA
TIKEKCPQCGNEEMNYHTLQLRSADEGATVFYTCTSCGYKFRTNN
;
I
10 'polypeptide(L)' MIVPVRCFSCGKVVGDKWESYLNLLQEDELDEGTALSRLGLKRYCCRRMILTHVDLIEKFLRYNPLEKRD J
11 'polypeptide(L)'
;MTEDIEQKKTATEVTPQEPKHIQEEEEQDVDMTGDEEQEEEPDREKIKLLTQATSEDGTSASFQIVEEDHTLGNALRYVI
MKNPDVEFCGYSIPHPSENLLNIRIQTYGETTAVDALQKGLKDLMDLCDVVESKFTEKIKSM
;
K
12 'polypeptide(L)' MSREGFQIPTNLDAAAAGTSQARTATLKYICAECSSKLSLSRTDAVRCKDCGHRILLKARTKRLVQFEAR L
13 'polypeptide(L)'
;MSVKRSVSEIEIESVQDQPSVAVGSFFKGFRAPSDTTFDLYKKKKSEKDEFVLHGENERLEYEGYTDSSSQASNQYVVGL
FNPEKKSIQLYKAPVLVSKVVSKSSKNLRGPKIKSKSDTRPSALRNALGEAFGTKKAKKAIADLERNRIDSDKLTDSAID
IVDSVRTASKDLPTRAQLDEITSNDRPTPLANIDATDVEQIYPIESIIPKKELQFIRVSSILKEADKEKKLELFPYQNNS
KYVAKKLDSLTQPSQMTKLQLLYYLSLLLGVYENRRVNNKTKLLERLNSPPEILVDGILSRFTVIKPGQFGRSKDRSYFI
DPQNEDKILCYILAIIMHLDNFIVEITPLAHELNLKPSKVVSLFRVLGAIVKGATVAQAEAFGIPKSTAASYKIATMKVP
FKLPEMTRRGRGPRR
;
M
14 'polypeptide(L)'
;MSKLSKDYVSDSDSDDEVISNEFSIPDGFKKCKHLKNFPLNGDNKKKAKQQQVWLIKFPSNVDISKLKSLPVDFESSTTM
TIDKHDYKIMDDTDIESSLTQDNLSNMTLLVPSESKESLKIASTAKDNAPLQFDKVFSVSETAKIPAIDYSKVRVPRKDV
PKVEGLKLEHFATGYDAEDFHVAEEVKENKKEPKKRSHHDDEEESSEKKKKKKEKREKREKKDKKDKKKKHRD
;
N
15 'polypeptide(L)'
;MSEGQIPSSDVLGSQLGVGVQGASLYCPQENYTTKKQEKPQWLRPVDDTLAEDALDLHIVVKSLLCDTAIRYISDDKVLQ
ESDADDDLITSDIDEDTDNQGDTSIVVNPVIPVVPKDV(UNK)(UNK)(UNK)(UNK)(UNK)(UNK)(UNK)(UNK)
(UNK)(UNK)(UNK)(UNK)(UNK)(UNK)(UNK)(UNK)(UNK)(UNK)(UNK)(UNK)(UNK)(UNK)(UNK)(UNK)
(UNK)(UNK)(UNK)(UNK)(UNK)(UNK)(UNK)(UNK)(UNK)(UNK)(UNK)(UNK)(UNK)(UNK)(UNK)(UNK)
(UNK)(UNK)(UNK)(UNK)(UNK)(UNK)(UNK)(UNK)(UNK)(UNK)(UNK)(UNK)(UNK)FFWDPTVANRLDSQY
IQTASDLRNYRDGTEIIAYASGKTGSVLNIAVLTRQNTLHLNRHNNVTSIELHSPIKSIKIPGASESIGRRSNLVGIITE
NSFQIFRIESVHSRSCDVMVSSSEPLYFVEIDDLQVVDFAFNPWDLQQFAIIDIKGNWSIGRIPKNFNNNNKRKLQLIDN
LHGTIFDPEELSSWKRIEWFSHFQKILVFDRSKMIEIDFMNNWQTEVVQAKAWSNIRDYKRIDDKNGILLTSREIIIVGA
SESNDPVRRISWKHDLDPDDTTLRITVQKVKKPDHILLVAFVYSMRHKRIYMHVFSHRKANLFQSLGCSTVLEIPGGTPT
GIETILTLDHIDDESRREEDADENFELVVDFLVKLRNSSEVYYYALSNTQNSEPNKQETPIIVDHPEWASLFNNADEREK
ESIGALVSQIKLKERERISRVQNLIEHENSHDEDKYLQDLGYRLSIATNELLESWQKTKDESILSGSLSHSKLKNLLENS
DSFASIPEFSSLLDQFFQYYQDQDVTFIGFEKLLHLFLHEDVPGLDIFYNKLLQCWVLVSPQAELLTKEIVKDIIWSLAR
LEKPSLFEPIQNEISRSLSGPYQDIISSWDMDDINEEDESNEFNFDSQFSAPFNGRPPFNLNSQSQIPTIKSSQSSGLAR
RKRILKTQSQKATPLSQSTQNLSVLPDSMTPAFTLMQPPSSQISFVNDSQPRNSQKAKKKKKRIRGFG
;
O
16 'polypeptide(L)'
;MSTFIRGPICGTDNCPSRLWRIIDGRRTCQYGHVMEGDVEFNDDEDDLNGLGAGVITRRLNLTTNATGSFQSSQLTNSQL
LQQQQRQSHKKFKKLIGHEAKLLFLKSFQFILKRQIRWLITEMRFPKEFEHVAKIIWLKILKTINDQPQEELKLQLHMTS
TISILYLASTHLSLPVYTCDYIKWICTAKMPYFQASEILPKSWRIQLPNYYVSILEGSISPFNGQLYNKIALTCGMIHFK
EFFNSEISCQGLLLKLVMQCALPPEFYFYTKQVIEFEETDIRNLTLWERTDERHTGRVSNHAELRVLSYFMLTINWMLSF
DRDRQYPLKWILSLTESLTQRTTTSESIGRNIVKVVYPDKPTSSDYFQWSEEETLEFLKWMEKQFLPTQTKSLHNENGSM
EMTIDQKIARRKLYKIFPLDREANHDGEFNDSTHQLTFIEDLQERYAKQTPFFESNKIRDSLNYQEANPPARKEAIGRLL
THIASQLLVDFAISKEQLKDCISRIKNACLHRMN
;
P
17 'polypeptide(L)'
;MFEVPITLTNRKFAQRRKLKYQYINYISRRFDRISKKSTTTDSLPTPENSAAENNDEEEGQNSEAGTYRRSVLQQKKRRR
ERHWRSVVGEIYSTTESETDSQEEETEEGGEHDTGIDKEDSDEERKFWKKYEKPEKSFEIWRTVSSQNKQPINKQKMTYH
NFKKIEKIPLRKMEIPLLHCTKENKLYFQSISRGLEPLKTSTSEVRNYRTRHIVTLTDLLHLNVSRHNWSLAYKIFATLI
RIPGVQIKSLWGIGVEILDNLSNSSSGLDFLQWMCQIYSSKSRFVQNINYRSIVPPFQTGSRTHTAKFAITYLWSSLINC
QKSMEPSSNIIDKPFDTENDLLQELIDKISEWVLTPPFMEDAEVWFIYASCHLLKADTLSRQFVNDNKNNDLIGLDRDIK
INQVIKHIHYVRTFLKICLDKGGFAVPSRLIENQLKSFESRLYGEAQDIQERDVANVYDSIDNSSVENSFGDVYETNAEF
LDTQLMDLSPEDNGLDEMHYSDEDSSE
;
Q
18 'polyribonucleotide' AUGCGA R
19 'polydeoxyribonucleotide'
;(DC)(DA)(DA)(DG)(DT)(DG)(DT)(DG)(DA)(DG)(DG)(DA)(DA)(DA)(DA)(DG)(DT)(DA)(DG)(DT)
(DT)(DG)(DG)(DG)(DT)(DT)(DT)(DT)(DT)(DT)(DT)(DT)(DT)(DT)(DT)(DT)(DT)(DT)(DT)(DT)
(DT)(DG)(DC)(DA)(DG)(DT)(DT)(DG)(DA)(DA)(DG)(DA)(DC)(DA)
;
S
20 'polydeoxyribonucleotide'
;(DT)(DG)(DT)(DC)(DT)(DT)(DC)(DA)(DA)(DC)(DT)(DG)(DC)(DT)(DT)(DT)(DC)(DG)(DC)(DA)
(DT)(DG)(DA)(DA)(DG)(DT)(DA)(DC)(DC)(DT)(DC)(DC)(DC)(DA)(DA)(DC)(DT)(DA)(DC)(DT)
(DT)(DT)(DT)(DC)(DC)(DT)(DC)(DA)(DC)(DA)(DC)(DT)(DT)(DG)
;
T
#
loop_
_chem_comp.id
_chem_comp.type
_chem_comp.name
_chem_comp.formula
A RNA linking ADENOSINE-5'-MONOPHOSPHATE 'C10 H14 N5 O7 P'
C RNA linking CYTIDINE-5'-MONOPHOSPHATE 'C9 H14 N3 O8 P'
DA DNA linking 2'-DEOXYADENOSINE-5'-MONOPHOSPHATE 'C10 H14 N5 O6 P'
DC DNA linking 2'-DEOXYCYTIDINE-5'-MONOPHOSPHATE 'C9 H14 N3 O7 P'
DG DNA linking 2'-DEOXYGUANOSINE-5'-MONOPHOSPHATE 'C10 H14 N5 O7 P'
DT DNA linking THYMIDINE-5'-MONOPHOSPHATE 'C10 H15 N2 O8 P'
G RNA linking GUANOSINE-5'-MONOPHOSPHATE 'C10 H14 N5 O8 P'
U RNA linking URIDINE-5'-MONOPHOSPHATE 'C9 H13 N2 O9 P'
ZN non-polymer 'ZINC ION' 'Zn 2'
#
# COMPACT_ATOMS: atom_id res chain seq x y z
N MET A 1 30.16 18.07 20.21
CA MET A 1 30.88 19.11 20.92
C MET A 1 31.26 18.75 22.34
N ASP A 2 32.44 19.23 22.73
CA ASP A 2 32.89 19.19 24.12
C ASP A 2 33.50 20.54 24.43
N ILE A 3 33.10 21.10 25.57
CA ILE A 3 33.76 22.31 26.05
C ILE A 3 35.22 22.05 26.39
N SER A 4 35.55 20.81 26.73
CA SER A 4 36.91 20.37 27.03
C SER A 4 37.84 20.25 25.83
N LYS A 5 37.44 20.52 24.59
CA LYS A 5 38.32 20.31 23.45
C LYS A 5 38.34 21.50 22.51
N PRO A 6 38.93 22.62 22.92
CA PRO A 6 38.90 23.82 22.09
C PRO A 6 39.72 23.60 20.84
N VAL A 7 39.49 24.45 19.84
CA VAL A 7 40.38 24.57 18.71
C VAL A 7 40.64 26.04 18.46
N GLY A 8 41.80 26.36 17.88
CA GLY A 8 42.12 27.74 17.62
C GLY A 8 42.68 27.94 16.23
N SER A 9 42.09 27.25 15.27
CA SER A 9 42.49 27.32 13.88
C SER A 9 41.29 27.59 12.97
N GLU A 10 40.27 28.27 13.48
CA GLU A 10 39.05 28.46 12.73
C GLU A 10 39.34 28.94 11.31
N ILE A 11 38.54 28.44 10.37
CA ILE A 11 38.53 28.95 9.00
C ILE A 11 38.03 30.38 8.97
N THR A 12 38.75 31.23 8.25
CA THR A 12 38.39 32.63 8.13
C THR A 12 37.75 32.95 6.79
N SER A 13 37.99 32.11 5.77
CA SER A 13 37.29 32.25 4.50
C SER A 13 37.40 30.95 3.73
N VAL A 14 36.70 30.87 2.62
CA VAL A 14 36.70 29.71 1.74
C VAL A 14 37.00 30.18 0.32
N ASP A 15 38.12 29.74 -0.24
CA ASP A 15 38.41 29.89 -1.66
C ASP A 15 37.85 28.74 -2.49
N PHE A 16 37.29 29.08 -3.66
CA PHE A 16 36.89 28.12 -4.68
C PHE A 16 37.90 28.08 -5.81
N GLY A 17 38.02 26.93 -6.45
CA GLY A 17 38.94 26.81 -7.56
C GLY A 17 39.01 25.39 -8.10
N ILE A 18 39.45 25.31 -9.36
CA ILE A 18 39.53 24.05 -10.07
C ILE A 18 40.70 23.23 -9.56
N LEU A 19 40.54 21.90 -9.57
CA LEU A 19 41.64 21.01 -9.23
C LEU A 19 42.67 21.00 -10.34
N THR A 20 43.69 20.15 -10.19
CA THR A 20 44.67 19.91 -11.25
C THR A 20 45.11 18.45 -11.21
N ALA A 21 45.28 17.86 -12.39
CA ALA A 21 45.56 16.43 -12.45
C ALA A 21 46.84 16.10 -11.71
N LYS A 22 47.84 16.96 -11.81
CA LYS A 22 49.08 16.72 -11.07
C LYS A 22 48.85 16.82 -9.57
N GLU A 23 48.00 17.76 -9.17
CA GLU A 23 47.62 17.83 -7.76
C GLU A 23 46.94 16.54 -7.34
N ILE A 24 46.07 16.01 -8.20
CA ILE A 24 45.35 14.80 -7.84
C ILE A 24 46.31 13.64 -7.71
N ARG A 25 47.19 13.49 -8.68
CA ARG A 25 48.17 12.42 -8.63
C ARG A 25 49.06 12.54 -7.41
N ASN A 26 49.39 13.76 -6.99
CA ASN A 26 50.27 13.84 -5.85
C ASN A 26 49.52 13.54 -4.56
N LEU A 27 48.33 14.11 -4.40
CA LEU A 27 47.51 13.79 -3.23
C LEU A 27 46.84 12.43 -3.33
N SER A 28 46.58 11.95 -4.55
CA SER A 28 45.70 10.79 -4.70
C SER A 28 46.25 9.62 -3.91
N ALA A 29 45.37 8.97 -3.15
CA ALA A 29 45.83 7.82 -2.38
C ALA A 29 45.98 6.60 -3.28
N LYS A 30 45.19 6.53 -4.35
CA LYS A 30 45.37 5.46 -5.31
C LYS A 30 44.74 5.84 -6.63
N GLN A 31 45.23 5.22 -7.68
CA GLN A 31 44.51 5.11 -8.95
C GLN A 31 43.61 3.89 -8.91
N ILE A 32 42.32 4.08 -9.15
CA ILE A 32 41.42 2.95 -9.30
C ILE A 32 41.36 2.60 -10.77
N THR A 33 41.78 1.39 -11.11
CA THR A 33 41.70 0.94 -12.49
C THR A 33 40.72 -0.19 -12.76
N ASN A 34 40.32 -0.95 -11.74
CA ASN A 34 39.59 -2.17 -11.99
C ASN A 34 38.09 -1.95 -11.86
N PRO A 35 37.33 -2.11 -12.95
CA PRO A 35 35.87 -1.93 -12.87
C PRO A 35 35.21 -2.94 -11.94
N THR A 36 35.96 -3.91 -11.43
CA THR A 36 35.41 -4.79 -10.43
C THR A 36 35.14 -4.04 -9.13
N VAL A 37 34.20 -4.56 -8.36
CA VAL A 37 33.81 -3.99 -7.07
C VAL A 37 34.17 -4.94 -5.94
N LEU A 38 33.82 -6.21 -6.08
CA LEU A 38 34.10 -7.21 -5.08
C LEU A 38 34.88 -8.34 -5.74
N ASP A 39 35.57 -9.14 -4.91
CA ASP A 39 36.47 -10.16 -5.40
C ASP A 39 36.24 -11.44 -4.61
N ASN A 40 36.78 -12.54 -5.15
CA ASN A 40 36.53 -13.86 -4.58
C ASN A 40 35.04 -14.01 -4.32
N LEU A 41 34.26 -13.40 -5.20
CA LEU A 41 32.81 -13.46 -5.16
C LEU A 41 32.34 -12.67 -3.94
N GLY A 42 33.25 -12.39 -3.02
CA GLY A 42 32.96 -11.71 -1.77
C GLY A 42 34.09 -10.86 -1.20
N HIS A 43 35.00 -10.36 -2.02
CA HIS A 43 36.11 -9.63 -1.41
C HIS A 43 36.39 -8.35 -2.17
N PRO A 44 36.97 -7.35 -1.51
CA PRO A 44 37.19 -6.08 -2.19
C PRO A 44 38.24 -6.23 -3.28
N VAL A 45 37.82 -5.96 -4.52
CA VAL A 45 38.68 -6.21 -5.65
C VAL A 45 39.92 -5.35 -5.53
N SER A 46 41.07 -5.94 -5.79
CA SER A 46 42.27 -5.12 -5.85
C SER A 46 42.14 -4.06 -6.92
N GLY A 47 42.54 -2.84 -6.57
CA GLY A 47 42.47 -1.73 -7.50
C GLY A 47 41.12 -1.46 -8.12
N GLY A 48 40.03 -1.83 -7.43
CA GLY A 48 38.70 -1.48 -7.84
C GLY A 48 38.07 -0.43 -6.93
N LEU A 49 36.81 -0.12 -7.25
CA LEU A 49 36.09 0.96 -6.58
C LEU A 49 36.11 0.81 -5.06
N TYR A 50 36.28 -0.42 -4.58
CA TYR A 50 36.27 -0.70 -3.15
C TYR A 50 37.63 -1.13 -2.65
N ASP A 51 38.70 -0.69 -3.29
CA ASP A 51 40.01 -0.94 -2.73
C ASP A 51 40.16 -0.34 -1.34
N LEU A 52 40.79 -1.11 -0.46
CA LEU A 52 40.94 -0.76 0.95
C LEU A 52 41.87 0.42 1.17
N ALA A 53 42.62 0.85 0.16
CA ALA A 53 43.39 2.08 0.31
C ALA A 53 42.48 3.29 0.43
N LEU A 54 41.23 3.15 -0.03
CA LEU A 54 40.27 4.25 0.01
C LEU A 54 39.54 4.32 1.35
N GLY A 55 40.12 3.75 2.39
CA GLY A 55 39.52 3.77 3.71
C GLY A 55 39.37 2.39 4.33
N ALA A 56 38.60 2.32 5.41
CA ALA A 56 38.37 1.06 6.10
C ALA A 56 37.13 0.37 5.58
N PHE A 57 37.14 -0.95 5.65
CA PHE A 57 35.95 -1.69 5.26
C PHE A 57 35.78 -3.05 5.91
N LEU A 58 34.57 -3.32 6.36
CA LEU A 58 34.23 -4.66 6.88
C LEU A 58 35.36 -5.47 7.69
N ARG A 59 35.83 -4.79 8.72
CA ARG A 59 37.00 -5.28 9.42
C ARG A 59 38.37 -4.98 8.73
N ASN A 60 38.41 -4.88 7.39
CA ASN A 60 39.66 -4.61 6.72
C ASN A 60 40.06 -3.18 7.02
N LEU A 61 41.31 -2.98 7.45
CA LEU A 61 41.72 -1.62 7.78
C LEU A 61 41.89 -0.81 6.51
N CYS A 62 41.68 0.51 6.62
CA CYS A 62 41.86 1.36 5.47
C CYS A 62 43.28 1.10 4.99
N SER A 63 43.45 0.66 3.75
CA SER A 63 44.79 0.34 3.28
C SER A 63 45.66 1.56 3.19
N THR A 64 45.13 2.75 3.45
CA THR A 64 45.96 3.93 3.44
C THR A 64 46.32 4.44 4.82
N CYS A 65 45.50 4.08 5.82
CA CYS A 65 45.72 4.48 7.19
C CYS A 65 45.67 3.29 8.17
N GLY A 66 45.35 2.09 7.67
CA GLY A 66 45.30 0.95 8.56
C GLY A 66 44.31 1.12 9.68
N LEU A 67 43.37 2.04 9.57
CA LEU A 67 42.41 2.34 10.61
C LEU A 67 41.07 1.68 10.34
N ASP A 68 40.41 1.27 11.41
CA ASP A 68 39.09 0.65 11.29
C ASP A 68 38.08 1.60 10.67
N GLU A 69 37.00 1.00 10.16
CA GLU A 69 35.84 1.75 9.69
C GLU A 69 35.38 2.79 10.71
N LYS A 70 35.67 2.58 11.99
CA LYS A 70 35.33 3.57 12.98
C LYS A 70 36.41 4.63 13.18
N PHE A 71 37.49 4.61 12.40
CA PHE A 71 38.51 5.60 12.66
C PHE A 71 39.08 6.22 11.40
N CYS A 72 39.37 5.40 10.40
CA CYS A 72 39.92 5.88 9.15
C CYS A 72 38.95 6.85 8.46
N PRO A 73 39.37 8.11 8.29
CA PRO A 73 38.56 9.14 7.66
C PRO A 73 38.39 8.91 6.16
N GLY A 74 39.13 7.94 5.62
CA GLY A 74 39.07 7.63 4.22
C GLY A 74 39.91 8.57 3.40
N HIS A 75 40.22 8.14 2.18
CA HIS A 75 41.16 8.85 1.33
C HIS A 75 40.64 8.74 -0.08
N GLN A 76 40.86 9.80 -0.86
CA GLN A 76 40.19 9.95 -2.13
C GLN A 76 41.11 9.47 -3.25
N GLY A 77 40.64 8.50 -4.02
CA GLY A 77 41.41 7.96 -5.12
C GLY A 77 41.18 8.73 -6.41
N HIS A 78 41.69 8.18 -7.50
CA HIS A 78 41.56 8.87 -8.78
C HIS A 78 41.63 7.88 -9.93
N ILE A 79 41.01 8.27 -11.04
CA ILE A 79 40.97 7.49 -12.27
C ILE A 79 41.70 8.27 -13.36
N GLU A 80 42.64 7.60 -14.03
CA GLU A 80 43.32 8.21 -15.18
C GLU A 80 42.46 7.98 -16.42
N LEU A 81 41.63 8.97 -16.73
CA LEU A 81 40.81 9.03 -17.92
C LEU A 81 41.64 8.78 -19.18
N PRO A 82 41.30 7.79 -20.00
CA PRO A 82 42.03 7.58 -21.25
C PRO A 82 42.18 8.83 -22.08
N VAL A 83 41.20 9.72 -22.06
CA VAL A 83 41.18 10.91 -22.90
C VAL A 83 40.64 12.08 -22.08
N PRO A 84 41.05 13.29 -22.42
CA PRO A 84 40.53 14.44 -21.68
C PRO A 84 39.05 14.64 -21.94
N CYS A 85 38.25 14.49 -20.89
CA CYS A 85 36.83 14.76 -20.96
C CYS A 85 36.56 16.27 -20.90
N TYR A 86 35.41 16.67 -21.42
CA TYR A 86 34.91 18.01 -21.17
C TYR A 86 34.34 18.10 -19.77
N ASN A 87 34.66 19.17 -19.08
CA ASN A 87 33.97 19.41 -17.81
C ASN A 87 32.57 19.88 -18.12
N PRO A 88 31.54 19.12 -17.76
CA PRO A 88 30.17 19.62 -17.95
C PRO A 88 29.94 20.99 -17.38
N LEU A 89 30.40 21.24 -16.16
CA LEU A 89 30.06 22.49 -15.51
C LEU A 89 30.58 23.68 -16.28
N PHE A 90 31.73 23.56 -16.93
CA PHE A 90 32.30 24.64 -17.72
C PHE A 90 32.14 24.43 -19.22
N PHE A 91 31.35 23.44 -19.62
CA PHE A 91 31.24 23.12 -21.04
C PHE A 91 30.70 24.28 -21.84
N ASN A 92 29.67 24.96 -21.33
CA ASN A 92 29.23 26.19 -21.97
C ASN A 92 30.36 27.19 -22.11
N GLN A 93 31.24 27.26 -21.11
CA GLN A 93 32.34 28.22 -21.20
C GLN A 93 33.30 27.85 -22.31
N LEU A 94 33.84 26.63 -22.27
CA LEU A 94 34.78 26.25 -23.31
C LEU A 94 34.15 26.38 -24.68
N TYR A 95 32.83 26.18 -24.78
CA TYR A 95 32.13 26.38 -26.03
C TYR A 95 32.22 27.83 -26.48
N ILE A 96 31.92 28.76 -25.57
CA ILE A 96 31.99 30.18 -25.91
C ILE A 96 33.39 30.53 -26.38
N TYR A 97 34.40 30.13 -25.61
CA TYR A 97 35.76 30.53 -25.97
C TYR A 97 36.20 29.86 -27.25
N LEU A 98 35.64 28.70 -27.58
CA LEU A 98 35.94 28.08 -28.85
C LEU A 98 35.39 28.90 -30.00
N ARG A 99 34.13 29.33 -29.88
CA ARG A 99 33.55 30.15 -30.93
C ARG A 99 34.17 31.52 -31.04
N ALA A 100 34.82 31.99 -29.98
CA ALA A 100 35.40 33.33 -30.04
C ALA A 100 36.78 33.39 -30.66
N SER A 101 37.42 32.25 -30.93
CA SER A 101 38.81 32.33 -31.36
C SER A 101 38.89 32.44 -32.89
N CYS A 102 40.14 32.56 -33.36
CA CYS A 102 40.48 32.56 -34.78
C CYS A 102 41.21 31.23 -34.97
N LEU A 103 40.84 30.46 -35.99
CA LEU A 103 41.46 29.16 -36.19
C LEU A 103 42.70 29.19 -37.06
N PHE A 104 43.01 30.32 -37.69
CA PHE A 104 44.17 30.34 -38.57
C PHE A 104 45.36 31.03 -37.93
N CYS A 105 45.08 31.82 -36.89
CA CYS A 105 46.10 32.55 -36.15
C CYS A 105 46.08 32.08 -34.70
N HIS A 106 44.90 31.69 -34.22
CA HIS A 106 44.76 31.21 -32.85
C HIS A 106 44.75 32.37 -31.89
N HIS A 107 44.18 33.48 -32.32
CA HIS A 107 43.96 34.66 -31.50
C HIS A 107 42.48 34.99 -31.47
N PHE A 108 42.12 35.88 -30.56
CA PHE A 108 40.76 36.38 -30.51
C PHE A 108 40.48 37.38 -31.61
N ARG A 109 39.30 37.23 -32.23
CA ARG A 109 38.86 37.97 -33.39
C ARG A 109 38.58 39.44 -33.08
N LEU A 110 38.76 39.85 -31.84
CA LEU A 110 38.65 41.24 -31.44
C LEU A 110 39.99 41.95 -31.54
N LYS A 111 39.94 43.23 -31.87
CA LYS A 111 41.16 44.01 -32.04
C LYS A 111 42.04 43.85 -30.81
N SER A 112 43.31 43.55 -31.04
CA SER A 112 44.22 43.32 -29.91
C SER A 112 44.23 44.50 -28.96
N VAL A 113 44.30 45.71 -29.49
CA VAL A 113 44.28 46.89 -28.63
C VAL A 113 42.93 47.05 -27.95
N GLU A 114 41.84 46.67 -28.62
CA GLU A 114 40.55 46.72 -27.96
C GLU A 114 40.44 45.69 -26.86
N VAL A 115 41.01 44.50 -27.10
CA VAL A 115 41.04 43.50 -26.04
C VAL A 115 41.82 44.06 -24.86
N HIS A 116 42.99 44.62 -25.13
CA HIS A 116 43.82 45.15 -24.06
C HIS A 116 43.06 46.20 -23.29
N ARG A 117 42.23 46.98 -23.98
CA ARG A 117 41.31 47.88 -23.30
C ARG A 117 40.37 47.12 -22.38
N TYR A 118 39.91 45.94 -22.80
CA TYR A 118 39.02 45.19 -21.93
C TYR A 118 39.75 44.67 -20.71
N ALA A 119 40.97 44.17 -20.90
CA ALA A 119 41.77 43.73 -19.77
C ALA A 119 41.98 44.88 -18.81
N CYS A 120 42.21 46.08 -19.35
CA CYS A 120 42.40 47.22 -18.49
C CYS A 120 41.16 47.42 -17.62
N LYS A 121 39.98 47.42 -18.25
CA LYS A 121 38.78 47.66 -17.45
C LYS A 121 38.61 46.62 -16.37
N LEU A 122 38.89 45.35 -16.69
CA LEU A 122 38.66 44.34 -15.67
C LEU A 122 39.73 44.37 -14.61
N ARG A 123 40.90 44.89 -14.95
CA ARG A 123 41.92 45.07 -13.93
C ARG A 123 41.49 46.15 -12.98
N LEU A 124 40.97 47.26 -13.50
CA LEU A 124 40.52 48.32 -12.64
C LEU A 124 39.35 47.86 -11.78
N LEU A 125 38.56 46.89 -12.27
CA LEU A 125 37.48 46.38 -11.46
C LEU A 125 37.90 45.29 -10.48
N GLN A 126 39.09 44.70 -10.60
CA GLN A 126 39.56 43.98 -9.43
C GLN A 126 39.73 44.92 -8.25
N TYR A 127 40.31 46.09 -8.48
CA TYR A 127 40.38 47.08 -7.43
C TYR A 127 39.11 47.89 -7.31
N GLY A 128 38.08 47.57 -8.08
CA GLY A 128 36.82 48.28 -7.97
C GLY A 128 36.91 49.77 -8.22
N LEU A 129 37.87 50.22 -9.03
CA LEU A 129 37.97 51.65 -9.31
C LEU A 129 37.04 51.90 -10.48
N ILE A 130 35.77 52.16 -10.15
CA ILE A 130 34.75 52.28 -11.17
C ILE A 130 34.91 53.57 -11.96
N ASP A 131 35.06 54.69 -11.26
CA ASP A 131 35.19 55.97 -11.93
C ASP A 131 36.30 55.95 -12.96
N GLU A 132 37.42 55.33 -12.63
CA GLU A 132 38.48 55.22 -13.61
C GLU A 132 38.13 54.21 -14.69
N SER A 133 37.39 53.17 -14.33
CA SER A 133 37.00 52.19 -15.34
C SER A 133 36.17 52.83 -16.43
N TYR A 134 35.31 53.78 -16.07
CA TYR A 134 34.54 54.47 -17.09
C TYR A 134 35.36 55.57 -17.74
N LYS A 135 36.24 56.22 -16.99
CA LYS A 135 37.13 57.24 -17.52
C LYS A 135 38.13 56.67 -18.52
N LEU A 136 38.33 55.36 -18.53
CA LEU A 136 39.30 54.77 -19.45
C LEU A 136 38.87 54.91 -20.90
N ASP A 137 37.57 54.86 -21.18
CA ASP A 137 37.13 54.90 -22.56
C ASP A 137 37.56 56.18 -23.26
N GLU A 138 37.76 57.26 -22.51
CA GLU A 138 38.04 58.53 -23.18
C GLU A 138 39.44 58.61 -23.77
N ILE A 139 40.39 57.82 -23.27
CA ILE A 139 41.74 57.97 -23.78
C ILE A 139 41.73 57.68 -25.27
N THR A 140 41.97 58.72 -26.06
CA THR A 140 41.79 58.67 -27.51
C THR A 140 42.79 59.60 -28.16
N LEU A 141 43.01 59.38 -29.45
CA LEU A 141 43.95 60.20 -30.20
C LEU A 141 43.31 60.64 -31.50
N ASP A 172 43.99 52.70 -41.92
CA ASP A 172 45.41 52.68 -41.55
C ASP A 172 45.64 53.29 -40.17
N ILE A 173 46.14 52.47 -39.26
CA ILE A 173 46.57 52.94 -37.94
C ILE A 173 47.81 52.16 -37.53
N SER A 174 48.86 52.90 -37.19
CA SER A 174 50.16 52.27 -37.01
C SER A 174 50.13 51.29 -35.86
N SER A 175 51.00 50.28 -35.93
CA SER A 175 51.18 49.41 -34.79
C SER A 175 51.79 50.19 -33.66
N THR A 176 52.57 51.22 -33.99
CA THR A 176 53.15 52.09 -32.98
C THR A 176 52.07 52.88 -32.27
N LEU A 177 51.00 53.22 -32.97
CA LEU A 177 49.93 54.00 -32.37
C LEU A 177 49.02 53.14 -31.52
N LEU A 178 48.65 51.95 -32.01
CA LEU A 178 47.85 51.05 -31.20
C LEU A 178 48.64 50.57 -29.99
N ASN A 179 49.94 50.38 -30.17
CA ASN A 179 50.79 50.09 -29.03
C ASN A 179 50.94 51.31 -28.15
N GLU A 180 50.77 52.50 -28.72
CA GLU A 180 50.78 53.70 -27.91
C GLU A 180 49.54 53.78 -27.05
N LEU A 181 48.41 53.31 -27.58
CA LEU A 181 47.22 53.14 -26.77
C LEU A 181 47.44 52.12 -25.67
N LYS A 182 48.16 51.04 -25.98
CA LYS A 182 48.46 50.08 -24.92
C LYS A 182 49.38 50.68 -23.86
N SER A 183 50.31 51.54 -24.28
CA SER A 183 51.20 52.18 -23.33
C SER A 183 50.44 53.15 -22.44
N LYS A 184 49.63 54.01 -23.05
CA LYS A 184 48.89 54.98 -22.27
C LYS A 184 47.90 54.28 -21.35
N ARG A 185 47.28 53.22 -21.82
CA ARG A 185 46.34 52.50 -20.98
C ARG A 185 47.05 51.82 -19.82
N SER A 186 48.19 51.18 -20.06
CA SER A 186 48.92 50.61 -18.94
C SER A 186 49.36 51.70 -17.99
N GLU A 187 49.67 52.87 -18.53
CA GLU A 187 50.04 53.99 -17.67
C GLU A 187 48.86 54.41 -16.81
N TYR A 188 47.67 54.37 -17.38
CA TYR A 188 46.46 54.69 -16.64
C TYR A 188 46.21 53.67 -15.53
N VAL A 189 46.48 52.41 -15.81
CA VAL A 189 46.42 51.39 -14.78
C VAL A 189 47.40 51.72 -13.67
N ASP A 190 48.63 52.10 -14.04
CA ASP A 190 49.63 52.41 -13.04
C ASP A 190 49.23 53.61 -12.20
N MET A 191 48.61 54.61 -12.81
CA MET A 191 48.25 55.80 -12.05
C MET A 191 47.05 55.54 -11.15
N ALA A 192 46.00 54.95 -11.69
CA ALA A 192 44.81 54.72 -10.88
C ALA A 192 45.08 53.71 -9.76
N ILE A 193 45.90 52.69 -10.02
CA ILE A 193 46.25 51.76 -8.97
C ILE A 193 47.17 52.42 -7.95
N ALA A 194 48.26 53.02 -8.42
CA ALA A 194 49.21 53.59 -7.48
C ALA A 194 48.54 54.62 -6.59
N LYS A 195 47.68 55.43 -7.18
CA LYS A 195 46.89 56.38 -6.40
C LYS A 195 45.99 55.65 -5.42
N ALA A 196 45.25 54.66 -5.89
CA ALA A 196 44.25 54.04 -5.01
C ALA A 196 44.90 53.33 -3.84
N LEU A 197 46.08 52.73 -4.05
CA LEU A 197 46.78 52.13 -2.93
C LEU A 197 47.38 53.20 -2.03
N SER A 198 47.82 54.31 -2.63
CA SER A 198 48.23 55.45 -1.83
C SER A 198 47.07 55.97 -1.00
N ASP A 199 45.89 56.07 -1.60
CA ASP A 199 44.72 56.59 -0.92
C ASP A 199 44.04 55.58 -0.01
N GLY A 200 44.57 54.37 0.09
CA GLY A 200 43.94 53.36 0.90
C GLY A 200 42.52 53.05 0.46
N ARG A 201 42.17 53.51 -0.74
CA ARG A 201 40.87 53.22 -1.32
C ARG A 201 40.79 51.81 -1.85
N THR A 202 41.84 51.03 -1.64
CA THR A 202 41.88 49.62 -1.93
C THR A 202 43.06 49.03 -1.18
N THR A 203 43.40 47.79 -1.50
CA THR A 203 44.57 47.17 -0.89
C THR A 203 45.11 46.10 -1.81
N GLU A 204 46.26 45.55 -1.42
CA GLU A 204 46.91 44.52 -2.22
C GLU A 204 45.93 43.39 -2.51
N ARG A 205 44.99 43.17 -1.60
CA ARG A 205 44.00 42.13 -1.69
C ARG A 205 42.82 42.52 -2.56
N GLY A 206 42.88 43.69 -3.19
CA GLY A 206 41.80 44.12 -4.03
C GLY A 206 40.77 44.92 -3.25
N SER A 207 39.65 45.16 -3.92
CA SER A 207 38.55 45.95 -3.38
C SER A 207 37.27 45.28 -3.84
N PHE A 208 36.41 44.92 -2.90
CA PHE A 208 35.25 44.12 -3.27
C PHE A 208 34.00 44.55 -2.53
N THR A 209 32.95 44.80 -3.29
CA THR A 209 31.69 45.31 -2.79
C THR A 209 30.63 44.82 -3.76
N ALA A 210 29.37 44.95 -3.38
CA ALA A 210 28.34 44.39 -4.24
C ALA A 210 28.35 45.10 -5.58
N THR A 211 28.59 46.40 -5.57
CA THR A 211 28.51 47.17 -6.81
C THR A 211 29.65 46.82 -7.74
N VAL A 212 30.84 46.58 -7.19
CA VAL A 212 31.95 46.19 -8.03
C VAL A 212 31.67 44.86 -8.71
N ASN A 213 31.16 43.89 -7.94
CA ASN A 213 30.77 42.63 -8.55
C ASN A 213 29.75 42.85 -9.66
N ASP A 214 28.80 43.76 -9.45
CA ASP A 214 27.80 43.98 -10.47
C ASP A 214 28.41 44.56 -11.72
N GLU A 215 29.27 45.55 -11.58
CA GLU A 215 29.90 46.14 -12.75
C GLU A 215 30.78 45.13 -13.46
N ARG A 216 31.34 44.19 -12.70
CA ARG A 216 32.13 43.16 -13.35
C ARG A 216 31.25 42.26 -14.19
N LYS A 217 30.16 41.75 -13.62
CA LYS A 217 29.32 40.87 -14.42
C LYS A 217 28.74 41.59 -15.63
N LYS A 218 28.35 42.85 -15.49
CA LYS A 218 27.88 43.58 -16.66
C LYS A 218 28.98 43.70 -17.70
N LEU A 219 30.19 44.04 -17.25
CA LEU A 219 31.29 44.21 -18.19
C LEU A 219 31.57 42.91 -18.91
N VAL A 220 31.71 41.82 -18.16
CA VAL A 220 31.99 40.53 -18.75
C VAL A 220 30.90 40.12 -19.72
N HIS A 221 29.66 40.54 -19.48
CA HIS A 221 28.62 40.19 -20.42
C HIS A 221 28.76 40.95 -21.73
N GLU A 222 28.85 42.28 -21.67
CA GLU A 222 29.06 43.00 -22.92
C GLU A 222 30.33 42.53 -23.61
N PHE A 223 31.34 42.20 -22.82
CA PHE A 223 32.56 41.64 -23.36
C PHE A 223 32.28 40.38 -24.14
N HIS A 224 31.43 39.51 -23.60
CA HIS A 224 31.08 38.30 -24.31
C HIS A 224 30.34 38.63 -25.59
N LYS A 225 29.61 39.75 -25.59
CA LYS A 225 28.90 40.16 -26.79
C LYS A 225 29.88 40.63 -27.87
N LYS A 226 30.92 41.35 -27.47
CA LYS A 226 31.94 41.73 -28.44
C LYS A 226 32.71 40.51 -28.94
N LEU A 227 33.03 39.58 -28.05
CA LEU A 227 33.77 38.40 -28.50
C LEU A 227 32.96 37.61 -29.50
N LEU A 228 31.66 37.51 -29.29
CA LEU A 228 30.82 36.78 -30.23
C LEU A 228 30.53 37.58 -31.49
N SER A 229 30.64 38.90 -31.42
CA SER A 229 30.21 39.74 -32.54
C SER A 229 31.06 39.51 -33.79
N ARG A 230 32.37 39.38 -33.62
CA ARG A 230 33.24 39.23 -34.79
C ARG A 230 33.01 37.97 -35.61
N GLY A 231 32.48 38.13 -36.81
CA GLY A 231 32.06 37.04 -37.66
C GLY A 231 33.17 36.67 -38.63
N LYS A 232 34.33 37.28 -38.45
CA LYS A 232 35.58 36.98 -39.12
C LYS A 232 36.67 37.51 -38.21
N CYS A 233 37.89 37.01 -38.37
CA CYS A 233 39.02 37.43 -37.55
C CYS A 233 39.42 38.88 -37.77
N ASP A 234 40.07 39.45 -36.75
CA ASP A 234 40.55 40.83 -36.79
C ASP A 234 42.06 40.85 -36.72
N ASN A 235 42.60 40.13 -35.74
CA ASN A 235 44.04 40.05 -35.62
C ASN A 235 44.65 39.40 -36.86
N CYS A 236 43.96 38.39 -37.37
CA CYS A 236 44.42 37.67 -38.56
C CYS A 236 43.51 37.85 -39.76
N GLY A 237 42.32 38.43 -39.56
CA GLY A 237 41.41 38.62 -40.66
C GLY A 237 40.85 37.36 -41.26
N MET A 238 41.18 36.20 -40.70
CA MET A 238 40.80 34.93 -41.29
C MET A 238 39.34 34.61 -41.02
N PHE A 239 38.78 33.77 -41.89
CA PHE A 239 37.40 33.31 -41.75
C PHE A 239 37.45 32.01 -40.96
N SER A 240 37.05 32.06 -39.70
CA SER A 240 36.89 30.82 -38.93
C SER A 240 35.64 30.06 -39.36
N PRO A 241 35.72 28.73 -39.35
CA PRO A 241 34.52 27.93 -39.58
C PRO A 241 33.49 28.16 -38.49
N LYS A 242 32.22 27.96 -38.84
CA LYS A 242 31.18 27.90 -37.84
C LYS A 242 31.31 26.64 -36.99
N PHE A 243 31.20 26.78 -35.68
CA PHE A 243 31.27 25.66 -34.76
C PHE A 243 29.89 25.21 -34.34
N ARG A 244 29.60 23.93 -34.53
CA ARG A 244 28.34 23.39 -34.03
C ARG A 244 28.65 22.34 -32.99
N LYS A 245 27.65 22.02 -32.18
CA LYS A 245 27.79 21.04 -31.13
C LYS A 245 26.59 20.12 -31.12
N ASP A 246 26.80 18.93 -30.58
CA ASP A 246 25.70 17.98 -30.43
C ASP A 246 24.74 18.46 -29.37
N GLY A 247 25.28 19.07 -28.33
CA GLY A 247 24.58 19.50 -27.14
C GLY A 247 25.40 19.22 -25.92
N PHE A 248 25.81 17.97 -25.66
CA PHE A 248 26.72 17.79 -24.54
C PHE A 248 27.93 16.89 -24.78
N THR A 249 28.14 16.36 -25.99
CA THR A 249 29.33 15.52 -26.15
C THR A 249 30.18 15.80 -27.39
N LYS A 250 29.69 16.51 -28.39
CA LYS A 250 30.46 16.72 -29.61
C LYS A 250 30.32 18.14 -30.11
N ILE A 251 31.40 18.63 -30.70
CA ILE A 251 31.41 19.88 -31.43
C ILE A 251 31.74 19.56 -32.89
N PHE A 252 31.05 20.24 -33.79
CA PHE A 252 31.28 20.08 -35.23
C PHE A 252 31.71 21.40 -35.82
N GLU A 253 32.40 21.31 -36.96
CA GLU A 253 33.00 22.46 -37.61
C GLU A 253 32.39 22.60 -39.00
N THR A 254 31.59 23.64 -39.18
CA THR A 254 30.81 23.80 -40.39
C THR A 254 31.71 24.20 -41.55
N ALA A 255 31.30 23.83 -42.76
CA ALA A 255 32.00 24.29 -43.94
C ALA A 255 31.88 25.81 -44.07
N LEU A 256 32.73 26.36 -44.94
CA LEU A 256 32.78 27.78 -45.21
C LEU A 256 32.41 28.02 -46.67
N ASN A 257 32.29 29.30 -47.04
CA ASN A 257 31.92 29.64 -48.39
C ASN A 257 33.16 29.87 -49.24
N GLU A 258 33.10 29.37 -50.48
CA GLU A 258 34.21 29.54 -51.40
C GLU A 258 34.58 31.01 -51.55
N LYS A 259 33.60 31.90 -51.40
CA LYS A 259 33.94 33.32 -51.38
C LYS A 259 34.74 33.65 -50.14
N GLN A 260 34.36 33.05 -49.01
CA GLN A 260 35.07 33.28 -47.76
C GLN A 260 36.30 32.41 -47.65
N ILE A 261 36.29 31.22 -48.24
CA ILE A 261 37.47 30.38 -48.22
C ILE A 261 38.55 30.95 -49.13
N THR A 262 38.18 31.29 -50.36
CA THR A 262 39.13 31.91 -51.26
C THR A 262 39.49 33.31 -50.80
N ASN A 263 38.56 33.96 -50.09
CA ASN A 263 38.88 35.24 -49.49
C ASN A 263 39.88 35.07 -48.36
N ASN A 264 39.78 33.95 -47.64
CA ASN A 264 40.74 33.69 -46.58
C ASN A 264 42.11 33.36 -47.14
N ARG A 265 42.15 32.60 -48.23
CA ARG A 265 43.42 32.31 -48.87
C ARG A 265 44.04 33.57 -49.45
N VAL A 266 43.23 34.40 -50.11
CA VAL A 266 43.77 35.65 -50.60
C VAL A 266 44.22 36.46 -49.39
N LYS A 267 43.66 36.12 -48.23
CA LYS A 267 44.03 36.65 -46.92
C LYS A 267 45.01 35.70 -46.25
N GLY A 268 45.64 34.86 -47.05
CA GLY A 268 46.56 33.76 -46.83
C GLY A 268 48.01 34.17 -46.64
N SER A 312 28.34 19.10 -40.17
CA SER A 312 29.61 19.80 -40.09
C SER A 312 30.67 18.94 -39.43
N THR A 313 31.90 19.10 -39.92
CA THR A 313 33.01 18.26 -39.49
C THR A 313 33.09 18.14 -37.97
N TYR A 314 33.12 16.90 -37.50
CA TYR A 314 33.26 16.60 -36.08
C TYR A 314 34.73 16.55 -35.70
N ILE A 315 35.04 17.05 -34.51
CA ILE A 315 36.40 17.04 -33.99
C ILE A 315 36.38 16.47 -32.57
N LEU A 316 37.47 15.83 -32.20
CA LEU A 316 37.57 15.24 -30.87
C LEU A 316 37.86 16.30 -29.82
N SER A 317 37.59 15.92 -28.57
CA SER A 317 37.94 16.77 -27.44
C SER A 317 39.44 17.05 -27.39
N THR A 318 40.27 16.10 -27.78
CA THR A 318 41.70 16.31 -27.68
C THR A 318 42.16 17.49 -28.52
N GLU A 319 41.65 17.58 -29.75
CA GLU A 319 42.02 18.70 -30.60
C GLU A 319 41.55 20.00 -30.00
N VAL A 320 40.35 19.98 -29.45
CA VAL A 320 39.85 21.14 -28.73
C VAL A 320 40.82 21.53 -27.63
N LYS A 321 41.32 20.54 -26.88
CA LYS A 321 42.25 20.84 -25.81
C LYS A 321 43.52 21.49 -26.33
N ASN A 322 44.06 20.99 -27.44
CA ASN A 322 45.31 21.60 -27.89
C ASN A 322 45.06 23.00 -28.45
N ILE A 323 43.91 23.21 -29.07
CA ILE A 323 43.58 24.53 -29.60
C ILE A 323 43.35 25.51 -28.46
N LEU A 324 42.47 25.15 -27.55
CA LEU A 324 42.10 26.07 -26.48
C LEU A 324 43.29 26.27 -25.56
N ASP A 325 44.14 25.25 -25.45
CA ASP A 325 45.40 25.42 -24.74
C ASP A 325 46.23 26.51 -25.39
N THR A 326 46.40 26.43 -26.71
CA THR A 326 47.29 27.38 -27.36
C THR A 326 46.71 28.79 -27.33
N VAL A 327 45.41 28.93 -27.61
CA VAL A 327 44.73 30.22 -27.50
C VAL A 327 44.77 30.74 -26.08
N PHE A 328 44.48 29.88 -25.10
CA PHE A 328 44.42 30.35 -23.72
C PHE A 328 45.79 30.70 -23.18
N ARG A 329 46.84 30.12 -23.75
CA ARG A 329 48.18 30.50 -23.37
C ARG A 329 48.61 31.78 -24.07
N LYS A 330 48.33 31.88 -25.37
CA LYS A 330 48.71 33.08 -26.10
C LYS A 330 47.92 34.30 -25.65
N GLU A 331 46.73 34.09 -25.08
CA GLU A 331 45.89 35.17 -24.57
C GLU A 331 45.86 35.20 -23.05
N GLN A 332 46.86 34.60 -22.40
CA GLN A 332 46.94 34.64 -20.94
C GLN A 332 46.90 36.06 -20.40
N CYS A 333 47.50 37.01 -21.11
CA CYS A 333 47.64 38.35 -20.53
C CYS A 333 46.29 38.98 -20.22
N VAL A 334 45.33 38.86 -21.12
CA VAL A 334 43.98 39.35 -20.83
C VAL A 334 43.25 38.41 -19.88
N LEU A 335 43.29 37.11 -20.15
CA LEU A 335 42.49 36.18 -19.37
C LEU A 335 42.88 36.17 -17.90
N GLN A 336 44.11 36.58 -17.58
CA GLN A 336 44.51 36.65 -16.18
C GLN A 336 43.56 37.53 -15.40
N TYR A 337 43.12 38.62 -16.01
CA TYR A 337 42.14 39.47 -15.36
C TYR A 337 40.74 39.10 -15.79
N VAL A 338 40.63 38.33 -16.88
CA VAL A 338 39.32 37.87 -17.31
C VAL A 338 38.76 36.80 -16.39
N PHE A 339 39.61 35.95 -15.84
CA PHE A 339 39.16 34.83 -15.02
C PHE A 339 39.21 35.11 -13.53
N HIS A 340 39.53 36.32 -13.12
CA HIS A 340 39.45 36.65 -11.71
C HIS A 340 38.69 37.94 -11.49
N SER A 341 37.79 37.91 -10.52
CA SER A 341 37.07 39.08 -10.07
C SER A 341 37.89 39.82 -9.04
N ARG A 342 39.01 39.25 -8.63
CA ARG A 342 39.93 39.82 -7.66
C ARG A 342 41.35 39.50 -8.08
N PRO A 343 42.32 40.26 -7.59
CA PRO A 343 43.72 40.07 -8.03
C PRO A 343 44.20 38.65 -7.82
N ASN A 344 44.72 38.04 -8.89
CA ASN A 344 45.29 36.69 -8.81
C ASN A 344 46.71 36.75 -8.24
N LEU A 345 46.79 36.94 -6.93
CA LEU A 345 48.08 37.01 -6.26
C LEU A 345 48.93 35.77 -6.51
N SER A 346 48.29 34.62 -6.70
CA SER A 346 48.96 33.33 -6.87
C SER A 346 49.68 33.16 -8.20
N ARG A 347 49.68 34.16 -9.08
CA ARG A 347 50.36 34.01 -10.38
C ARG A 347 49.93 32.70 -11.03
N LYS A 348 48.70 32.29 -10.77
CA LYS A 348 48.18 31.05 -11.32
C LYS A 348 48.03 31.16 -12.84
N LEU A 349 48.67 30.25 -13.56
CA LEU A 349 48.42 30.17 -14.98
C LEU A 349 46.96 29.82 -15.23
N VAL A 350 46.37 30.45 -16.23
CA VAL A 350 45.02 30.11 -16.67
C VAL A 350 45.16 29.06 -17.77
N LYS A 351 44.86 27.81 -17.43
CA LYS A 351 45.06 26.70 -18.35
C LYS A 351 43.72 26.21 -18.88
N ALA A 352 43.72 25.80 -20.15
CA ALA A 352 42.52 25.24 -20.75
C ALA A 352 42.12 23.91 -20.13
N ASP A 353 43.09 23.17 -19.58
CA ASP A 353 42.79 21.87 -18.97
C ASP A 353 41.82 22.00 -17.81
N SER A 354 41.46 23.24 -17.46
CA SER A 354 40.48 23.41 -16.40
C SER A 354 39.08 23.02 -16.87
N PHE A 355 38.77 23.26 -18.13
CA PHE A 355 37.45 22.89 -18.63
C PHE A 355 37.37 21.42 -19.03
N PHE A 356 38.50 20.74 -19.14
CA PHE A 356 38.49 19.34 -19.50
C PHE A 356 38.90 18.48 -18.32
N MET A 357 38.42 17.25 -18.32
CA MET A 357 38.76 16.30 -17.28
C MET A 357 39.67 15.26 -17.94
N ASP A 358 40.96 15.41 -17.72
CA ASP A 358 41.89 14.39 -18.17
C ASP A 358 41.88 13.18 -17.27
N VAL A 359 41.41 13.34 -16.04
CA VAL A 359 41.38 12.27 -15.05
C VAL A 359 40.07 12.40 -14.28
N LEU A 360 39.76 11.36 -13.53
CA LEU A 360 38.61 11.36 -12.65
C LEU A 360 39.03 10.94 -11.25
N VAL A 361 38.52 11.64 -10.24
CA VAL A 361 38.94 11.32 -8.89
C VAL A 361 38.19 10.08 -8.45
N VAL A 362 38.45 9.62 -7.23
CA VAL A 362 37.66 8.56 -6.60
C VAL A 362 37.26 9.04 -5.21
N PRO A 363 35.98 9.20 -4.94
CA PRO A 363 35.57 9.66 -3.62
C PRO A 363 36.02 8.71 -2.53
N PRO A 364 36.12 9.19 -1.29
CA PRO A 364 36.33 8.29 -0.16
C PRO A 364 35.31 7.16 -0.15
N THR A 365 35.79 5.97 0.19
CA THR A 365 34.90 4.84 0.38
C THR A 365 33.81 5.16 1.40
N ARG A 366 34.16 5.94 2.41
CA ARG A 366 33.19 6.31 3.44
C ARG A 366 31.88 6.78 2.83
N PHE A 367 31.95 7.56 1.77
CA PHE A 367 30.76 8.18 1.19
C PHE A 367 30.20 7.36 0.04
N ARG A 368 30.72 6.17 -0.17
CA ARG A 368 30.27 5.31 -1.25
C ARG A 368 29.66 4.02 -0.73
N LEU A 369 29.36 3.97 0.57
CA LEU A 369 28.86 2.77 1.20
C LEU A 369 27.57 2.27 0.54
N PRO A 370 27.35 0.97 0.54
CA PRO A 370 26.18 0.42 -0.14
C PRO A 370 24.88 0.73 0.58
N SER A 371 23.79 0.67 -0.21
CA SER A 371 22.43 0.84 0.28
C SER A 371 21.93 -0.50 0.80
N LYS A 372 21.89 -0.64 2.12
CA LYS A 372 21.38 -1.82 2.78
C LYS A 372 20.02 -1.41 3.34
N LEU A 373 18.95 -2.06 2.88
CA LEU A 373 17.60 -1.71 3.33
C LEU A 373 17.06 -2.98 3.99
N GLY A 374 17.02 -2.92 5.30
CA GLY A 374 16.58 -3.97 6.20
C GLY A 374 17.54 -5.13 6.34
N GLU A 375 17.84 -5.75 5.21
CA GLU A 375 18.90 -6.73 5.05
C GLU A 375 19.54 -6.54 3.68
N GLU A 376 18.66 -6.34 2.69
CA GLU A 376 19.08 -6.27 1.30
C GLU A 376 19.97 -5.04 1.17
N VAL A 377 21.15 -5.24 0.59
CA VAL A 377 22.10 -4.16 0.38
C VAL A 377 22.19 -3.88 -1.11
N HIS A 378 21.80 -2.67 -1.51
CA HIS A 378 21.84 -2.29 -2.91
C HIS A 378 23.11 -1.51 -3.24
N GLU A 379 23.68 -1.81 -4.41
CA GLU A 379 24.89 -1.13 -4.85
C GLU A 379 24.73 0.38 -4.90
N ASN A 380 25.83 1.08 -4.62
CA ASN A 380 25.82 2.53 -4.65
C ASN A 380 25.65 3.00 -6.08
N SER A 381 24.84 4.03 -6.29
CA SER A 381 24.59 4.46 -7.65
C SER A 381 25.83 5.07 -8.29
N GLN A 382 26.67 5.71 -7.48
CA GLN A 382 27.91 6.21 -8.01
C GLN A 382 28.78 5.06 -8.48
N ASN A 383 28.85 4.00 -7.68
CA ASN A 383 29.65 2.85 -8.10
C ASN A 383 29.16 2.36 -9.45
N GLN A 384 27.86 2.39 -9.66
CA GLN A 384 27.29 1.93 -10.92
C GLN A 384 27.72 2.82 -12.09
N LEU A 385 27.52 4.14 -11.99
CA LEU A 385 27.96 5.02 -13.08
C LEU A 385 29.47 5.01 -13.26
N LEU A 386 30.21 4.97 -12.17
CA LEU A 386 31.66 4.96 -12.27
C LEU A 386 32.15 3.66 -12.87
N SER A 387 31.54 2.55 -12.48
CA SER A 387 31.85 1.29 -13.12
C SER A 387 31.54 1.36 -14.60
N LYS A 388 30.51 2.13 -14.97
CA LYS A 388 30.24 2.32 -16.38
C LYS A 388 31.41 3.05 -17.02
N VAL A 389 32.01 3.99 -16.30
CA VAL A 389 33.23 4.61 -16.78
C VAL A 389 34.34 3.60 -16.92
N LEU A 390 34.44 2.65 -15.98
CA LEU A 390 35.55 1.71 -16.06
C LEU A 390 35.38 0.75 -17.22
N THR A 391 34.15 0.33 -17.47
CA THR A 391 33.89 -0.55 -18.61
C THR A 391 34.14 0.18 -19.92
N THR A 392 33.57 1.37 -20.05
CA THR A 392 33.75 2.09 -21.30
C THR A 392 35.23 2.38 -21.51
N SER A 393 35.91 2.75 -20.44
CA SER A 393 37.34 3.01 -20.53
C SER A 393 38.08 1.76 -20.93
N LEU A 394 37.63 0.60 -20.45
CA LEU A 394 38.26 -0.65 -20.86
C LEU A 394 38.04 -0.89 -22.34
N LEU A 395 36.88 -0.48 -22.86
CA LEU A 395 36.67 -0.55 -24.30
C LEU A 395 37.66 0.36 -25.02
N ILE A 396 37.92 1.54 -24.46
CA ILE A 396 38.85 2.43 -25.13
C ILE A 396 40.23 1.81 -25.07
N ARG A 397 40.51 1.11 -23.98
CA ARG A 397 41.73 0.34 -23.87
C ARG A 397 41.76 -0.73 -24.93
N ASP A 398 40.59 -1.19 -25.35
CA ASP A 398 40.49 -2.20 -26.39
C ASP A 398 40.77 -1.59 -27.76
N LEU A 399 40.29 -0.38 -28.02
CA LEU A 399 40.69 0.32 -29.23
C LEU A 399 42.20 0.55 -29.22
N ASN A 400 42.76 0.90 -28.07
CA ASN A 400 44.19 1.03 -27.95
C ASN A 400 44.85 -0.31 -28.14
N ASP A 401 44.11 -1.37 -27.81
CA ASP A 401 44.50 -2.72 -28.21
C ASP A 401 44.52 -2.83 -29.72
N ASP A 402 43.61 -2.13 -30.40
CA ASP A 402 43.67 -2.11 -31.85
C ASP A 402 44.87 -1.33 -32.38
N LEU A 403 45.25 -0.23 -31.72
CA LEU A 403 46.43 0.49 -32.15
C LEU A 403 47.73 -0.28 -31.92
N SER A 404 47.94 -0.79 -30.70
CA SER A 404 49.04 -1.73 -30.49
C SER A 404 48.89 -2.97 -31.35
N LYS A 405 47.66 -3.44 -31.44
CA LYS A 405 47.31 -4.55 -32.32
C LYS A 405 47.47 -4.18 -33.78
N LEU A 406 46.61 -3.27 -34.24
CA LEU A 406 46.66 -2.82 -35.63
C LEU A 406 48.13 -2.64 -35.93
N GLN A 407 48.71 -1.63 -35.28
CA GLN A 407 50.14 -1.29 -35.40
C GLN A 407 50.69 -1.40 -36.84
N LYS A 408 51.19 -2.59 -37.15
CA LYS A 408 51.78 -2.92 -38.46
C LYS A 408 51.21 -2.14 -39.63
N ASP A 409 51.56 -0.86 -39.70
CA ASP A 409 51.11 0.01 -40.79
C ASP A 409 49.62 0.20 -41.00
N LYS A 410 48.89 -0.91 -41.09
CA LYS A 410 47.44 -0.78 -41.41
C LYS A 410 47.10 -0.31 -42.86
N VAL A 411 47.97 -0.77 -43.76
CA VAL A 411 47.99 -0.33 -45.15
C VAL A 411 46.57 -0.26 -45.69
N SER A 412 46.04 -1.41 -46.09
CA SER A 412 44.70 -1.46 -46.67
C SER A 412 43.65 -2.26 -45.91
N LEU A 413 44.04 -2.72 -44.73
CA LEU A 413 43.13 -3.42 -43.87
C LEU A 413 42.20 -2.27 -43.56
N GLU A 414 41.33 -1.96 -44.52
CA GLU A 414 40.39 -0.86 -44.41
C GLU A 414 39.20 -1.09 -43.48
N ASP A 415 39.02 -2.32 -43.03
CA ASP A 415 37.97 -2.68 -42.11
C ASP A 415 38.06 -1.75 -40.91
N ARG A 416 39.27 -1.30 -40.55
CA ARG A 416 39.29 -0.42 -39.41
C ARG A 416 38.15 0.56 -39.41
N ARG A 417 37.16 0.35 -40.27
CA ARG A 417 36.05 1.27 -40.37
C ARG A 417 35.11 1.02 -39.21
N VAL A 418 35.11 -0.23 -38.73
CA VAL A 418 34.32 -0.61 -37.56
C VAL A 418 35.06 -0.22 -36.30
N ILE A 419 36.37 -0.46 -36.25
CA ILE A 419 37.15 0.04 -35.12
C ILE A 419 37.04 1.55 -35.06
N PHE A 420 36.83 2.19 -36.20
CA PHE A 420 36.58 3.62 -36.23
C PHE A 420 35.21 3.95 -35.68
N SER A 421 34.23 3.05 -35.89
CA SER A 421 32.98 3.16 -35.15
C SER A 421 33.16 2.94 -33.66
N ARG A 422 34.11 2.10 -33.28
CA ARG A 422 34.40 1.91 -31.86
C ARG A 422 35.00 3.17 -31.25
N LEU A 423 35.89 3.85 -31.98
CA LEU A 423 36.47 5.06 -31.42
C LEU A 423 35.45 6.18 -31.34
N MET A 424 34.74 6.44 -32.45
CA MET A 424 33.76 7.53 -32.41
C MET A 424 32.60 7.23 -31.46
N ASN A 425 32.00 6.05 -31.61
CA ASN A 425 30.85 5.70 -30.77
C ASN A 425 31.28 5.46 -29.33
N ALA A 426 32.31 4.65 -29.13
CA ALA A 426 32.84 4.42 -27.79
C ALA A 426 33.23 5.72 -27.12
N PHE A 427 33.88 6.62 -27.85
CA PHE A 427 34.41 7.84 -27.25
C PHE A 427 33.28 8.79 -26.88
N VAL A 428 32.32 8.99 -27.77
CA VAL A 428 31.18 9.82 -27.41
C VAL A 428 30.45 9.15 -26.25
N THR A 429 30.56 7.83 -26.17
CA THR A 429 29.86 7.11 -25.13
C THR A 429 30.50 7.40 -23.79
N ILE A 430 31.82 7.32 -23.72
CA ILE A 430 32.51 7.61 -22.47
C ILE A 430 32.21 9.04 -22.03
N GLN A 431 32.25 9.99 -22.96
CA GLN A 431 31.90 11.35 -22.55
C GLN A 431 30.48 11.41 -22.01
N ASN A 432 29.54 10.81 -22.73
CA ASN A 432 28.16 10.82 -22.27
C ASN A 432 28.03 10.21 -20.88
N ASP A 433 28.80 9.16 -20.61
CA ASP A 433 28.71 8.50 -19.32
C ASP A 433 29.35 9.31 -18.20
N VAL A 434 30.44 10.02 -18.48
CA VAL A 434 30.98 10.92 -17.46
C VAL A 434 30.00 12.03 -17.17
N ASN A 435 29.48 12.64 -18.23
CA ASN A 435 28.44 13.64 -18.04
C ASN A 435 27.34 13.06 -17.17
N ALA A 436 26.85 11.88 -17.54
CA ALA A 436 25.78 11.24 -16.79
C ALA A 436 26.15 11.08 -15.34
N PHE A 437 27.44 10.86 -15.05
CA PHE A 437 27.80 10.66 -13.66
C PHE A 437 27.73 11.99 -12.93
N ILE A 438 27.97 13.08 -13.66
CA ILE A 438 27.79 14.41 -13.09
C ILE A 438 26.30 14.75 -13.01
N ASP A 439 25.62 14.76 -14.16
CA ASP A 439 24.24 15.19 -14.22
C ASP A 439 23.42 14.16 -14.99
N SER A 440 22.44 13.57 -14.30
CA SER A 440 21.58 12.57 -14.91
C SER A 440 20.84 13.15 -16.10
N THR A 441 20.47 14.42 -16.03
CA THR A 441 19.75 15.04 -17.12
C THR A 441 20.63 15.38 -18.30
N LYS A 442 21.85 14.86 -18.34
CA LYS A 442 22.71 15.04 -19.50
C LYS A 442 23.14 13.73 -20.12
N ALA A 443 22.59 12.60 -19.70
CA ALA A 443 22.96 11.32 -20.30
C ALA A 443 21.89 10.82 -21.27
N GLN A 444 22.19 9.68 -21.90
CA GLN A 444 21.22 8.96 -22.72
C GLN A 444 21.51 7.47 -22.66
N LYS A 450 15.18 4.54 -17.92
CA LYS A 450 14.13 5.11 -17.09
C LYS A 450 14.63 5.36 -15.66
N VAL A 451 14.48 6.60 -15.20
CA VAL A 451 14.90 7.00 -13.87
C VAL A 451 16.34 6.56 -13.56
N PRO A 452 17.31 7.12 -14.30
CA PRO A 452 18.73 6.79 -14.12
C PRO A 452 19.26 7.33 -12.79
N ILE A 453 19.98 6.49 -12.06
CA ILE A 453 20.54 6.88 -10.78
C ILE A 453 20.97 8.34 -10.86
N PRO A 454 20.68 9.13 -9.85
CA PRO A 454 21.05 10.55 -9.90
C PRO A 454 22.54 10.72 -9.69
N GLY A 455 23.10 11.74 -10.35
CA GLY A 455 24.48 12.11 -10.17
C GLY A 455 24.64 13.24 -9.17
N VAL A 456 25.88 13.72 -9.06
CA VAL A 456 26.19 14.61 -7.94
C VAL A 456 25.40 15.89 -8.05
N LYS A 457 25.05 16.30 -9.26
CA LYS A 457 24.23 17.51 -9.40
C LYS A 457 22.85 17.26 -8.83
N GLN A 458 22.29 16.08 -9.07
CA GLN A 458 20.99 15.76 -8.53
C GLN A 458 21.05 15.58 -7.02
N ALA A 459 22.15 15.01 -6.54
CA ALA A 459 22.31 14.85 -5.09
C ALA A 459 22.38 16.20 -4.40
N LEU A 460 22.98 17.18 -5.05
CA LEU A 460 23.20 18.43 -4.37
C LEU A 460 22.04 19.41 -4.48
N GLU A 461 21.12 19.23 -5.43
CA GLU A 461 20.03 20.18 -5.66
C GLU A 461 18.69 19.47 -5.80
N LYS A 462 18.37 19.21 -7.04
CA LYS A 462 17.20 18.51 -7.58
C LYS A 462 15.87 19.20 -7.32
N LYS A 463 15.70 19.79 -6.14
CA LYS A 463 14.49 20.53 -5.85
C LYS A 463 14.84 21.51 -4.74
N GLU A 464 15.58 20.99 -3.76
CA GLU A 464 16.02 21.71 -2.58
C GLU A 464 17.51 21.45 -2.46
N GLY A 465 17.96 20.20 -2.57
CA GLY A 465 19.38 19.90 -2.62
C GLY A 465 19.97 19.45 -1.30
N LEU A 466 21.18 18.92 -1.38
CA LEU A 466 21.90 18.65 -0.16
C LEU A 466 22.05 19.89 0.70
N PHE A 467 22.31 21.03 0.07
CA PHE A 467 22.48 22.22 0.87
C PHE A 467 21.24 22.50 1.72
N ARG A 468 20.07 22.37 1.13
CA ARG A 468 18.86 22.73 1.84
C ARG A 468 18.44 21.63 2.82
N LYS A 469 18.55 20.38 2.43
CA LYS A 469 18.03 19.28 3.24
C LYS A 469 19.00 18.78 4.30
N HIS A 470 20.31 18.89 4.12
CA HIS A 470 21.22 18.51 5.19
C HIS A 470 22.16 19.61 5.66
N MET A 471 22.05 20.83 5.15
CA MET A 471 22.92 21.90 5.62
C MET A 471 22.12 23.05 6.22
N MET A 472 21.21 23.66 5.48
CA MET A 472 20.49 24.76 6.09
C MET A 472 19.59 24.26 7.20
N GLY A 473 19.35 22.96 7.26
CA GLY A 473 18.64 22.38 8.38
C GLY A 473 18.99 20.92 8.53
N LYS A 474 19.04 20.45 9.78
CA LYS A 474 19.57 19.13 10.07
C LYS A 474 18.66 18.52 11.12
N ARG A 475 18.75 17.22 11.28
CA ARG A 475 18.20 16.69 12.51
C ARG A 475 19.13 17.06 13.65
N VAL A 476 18.61 17.06 14.86
CA VAL A 476 19.42 17.47 16.00
C VAL A 476 19.20 16.50 17.13
N ASN A 477 20.24 16.29 17.91
CA ASN A 477 20.15 15.43 19.06
C ASN A 477 19.66 16.23 20.26
N TYR A 478 19.35 15.54 21.34
CA TYR A 478 18.80 16.22 22.52
C TYR A 478 17.53 16.99 22.19
N ALA A 479 16.60 16.33 21.53
CA ALA A 479 15.38 16.97 21.07
C ALA A 479 14.24 15.99 21.24
N ALA A 480 13.04 16.50 21.47
CA ALA A 480 11.89 15.63 21.58
C ALA A 480 10.68 16.28 20.92
N ARG A 481 9.70 15.45 20.61
CA ARG A 481 8.46 15.89 20.00
C ARG A 481 7.31 15.18 20.69
N SER A 482 6.28 15.93 21.05
CA SER A 482 5.12 15.31 21.66
C SER A 482 3.92 16.23 21.54
N VAL A 483 2.74 15.64 21.64
CA VAL A 483 1.51 16.42 21.65
C VAL A 483 1.44 17.23 22.93
N ILE A 484 1.11 18.50 22.80
CA ILE A 484 1.07 19.40 23.94
C ILE A 484 -0.31 19.37 24.57
N SER A 485 -0.34 19.47 25.88
CA SER A 485 -1.56 19.46 26.66
C SER A 485 -1.55 20.69 27.56
N PRO A 486 -2.69 21.33 27.73
CA PRO A 486 -2.74 22.55 28.53
C PRO A 486 -2.56 22.27 30.01
N ASP A 487 -2.24 23.33 30.74
CA ASP A 487 -2.17 23.28 32.18
C ASP A 487 -2.08 24.66 32.78
N PRO A 488 -3.11 25.08 33.51
CA PRO A 488 -3.13 26.43 34.06
C PRO A 488 -2.32 26.60 35.32
N ASN A 489 -1.96 25.52 36.00
CA ASN A 489 -1.28 25.70 37.27
C ASN A 489 0.21 25.91 37.12
N ILE A 490 0.79 25.60 35.98
CA ILE A 490 2.19 25.94 35.79
C ILE A 490 2.30 27.43 35.46
N GLU A 491 3.50 27.96 35.62
CA GLU A 491 3.76 29.33 35.22
C GLU A 491 3.51 29.49 33.72
N THR A 492 3.30 30.74 33.30
CA THR A 492 3.24 31.03 31.87
C THR A 492 4.60 31.00 31.21
N ASN A 493 5.69 30.86 31.94
CA ASN A 493 7.00 30.77 31.33
C ASN A 493 7.59 29.37 31.42
N GLU A 494 6.82 28.38 31.84
CA GLU A 494 7.33 27.04 32.04
C GLU A 494 6.76 26.09 31.01
N ILE A 495 7.32 24.89 30.96
CA ILE A 495 6.82 23.82 30.11
C ILE A 495 6.84 22.51 30.88
N GLY A 496 5.71 21.84 30.93
CA GLY A 496 5.64 20.61 31.67
C GLY A 496 6.27 19.44 30.94
N VAL A 497 7.40 18.94 31.42
CA VAL A 497 8.13 17.88 30.74
C VAL A 497 7.69 16.55 31.33
N PRO A 498 7.19 15.62 30.53
CA PRO A 498 6.71 14.36 31.08
C PRO A 498 7.89 13.50 31.53
N PRO A 499 7.72 12.75 32.60
CA PRO A 499 8.87 12.04 33.16
C PRO A 499 9.52 11.07 32.19
N VAL A 500 8.83 10.67 31.13
CA VAL A 500 9.51 9.94 30.06
C VAL A 500 10.63 10.77 29.45
N PHE A 501 10.38 12.06 29.19
CA PHE A 501 11.46 12.91 28.73
C PHE A 501 12.38 13.35 29.85
N ALA A 502 11.85 13.52 31.06
CA ALA A 502 12.70 14.00 32.14
C ALA A 502 13.86 13.07 32.42
N VAL A 503 13.69 11.77 32.20
CA VAL A 503 14.81 10.86 32.37
C VAL A 503 15.71 10.67 31.16
N LYS A 504 15.36 11.17 29.98
CA LYS A 504 16.22 10.94 28.83
C LYS A 504 16.86 12.19 28.26
N LEU A 505 16.86 13.30 28.98
CA LEU A 505 17.49 14.50 28.46
C LEU A 505 18.49 14.94 29.49
N THR A 506 19.73 15.12 29.06
CA THR A 506 20.82 15.37 29.99
C THR A 506 21.57 16.63 29.65
N TYR A 507 22.18 17.20 30.67
CA TYR A 507 23.10 18.30 30.54
C TYR A 507 24.49 17.86 30.97
N PRO A 508 25.50 18.16 30.19
CA PRO A 508 26.87 17.77 30.57
C PRO A 508 27.42 18.73 31.59
N GLU A 509 27.24 18.40 32.86
CA GLU A 509 27.56 19.32 33.95
C GLU A 509 28.98 19.11 34.43
N PRO A 510 29.87 20.08 34.29
CA PRO A 510 31.19 19.98 34.91
C PRO A 510 31.03 20.11 36.42
N VAL A 511 31.75 19.28 37.14
CA VAL A 511 31.65 19.23 38.59
C VAL A 511 32.56 20.27 39.23
N THR A 512 32.06 20.92 40.28
CA THR A 512 32.81 21.96 40.97
C THR A 512 32.84 21.67 42.47
N ALA A 513 33.37 22.61 43.24
CA ALA A 513 33.22 22.55 44.69
C ALA A 513 31.83 22.92 45.18
N TYR A 514 31.06 23.66 44.40
CA TYR A 514 29.75 24.11 44.85
C TYR A 514 28.61 23.17 44.46
N ASN A 515 28.83 22.29 43.50
CA ASN A 515 27.78 21.39 43.02
C ASN A 515 28.08 19.92 43.31
N ILE A 516 29.14 19.63 44.06
CA ILE A 516 29.51 18.24 44.31
C ILE A 516 28.39 17.46 45.00
N ALA A 517 27.74 18.05 46.00
CA ALA A 517 26.67 17.34 46.68
C ALA A 517 25.55 16.97 45.72
N GLU A 518 25.06 17.97 44.98
CA GLU A 518 23.91 17.73 44.10
C GLU A 518 24.24 16.69 43.04
N LEU A 519 25.44 16.76 42.48
CA LEU A 519 25.73 15.84 41.39
C LEU A 519 26.04 14.46 41.90
N ARG A 520 26.67 14.36 43.08
CA ARG A 520 26.86 13.06 43.69
C ARG A 520 25.53 12.38 43.98
N GLN A 521 24.56 13.15 44.45
CA GLN A 521 23.24 12.57 44.66
C GLN A 521 22.63 12.14 43.35
N ALA A 522 22.67 13.00 42.34
CA ALA A 522 22.07 12.64 41.06
C ALA A 522 22.68 11.35 40.51
N VAL A 523 23.99 11.21 40.62
CA VAL A 523 24.63 9.96 40.21
C VAL A 523 24.11 8.81 41.04
N ILE A 524 23.97 9.01 42.35
CA ILE A 524 23.48 7.96 43.22
C ILE A 524 22.13 7.46 42.74
N ASN A 525 21.22 8.38 42.41
CA ASN A 525 19.93 7.98 41.86
C ASN A 525 20.10 7.12 40.62
N GLY A 526 21.06 7.45 39.76
CA GLY A 526 21.25 6.69 38.55
C GLY A 526 20.40 7.20 37.41
N PRO A 527 20.49 6.54 36.25
CA PRO A 527 19.75 7.01 35.08
C PRO A 527 18.25 6.85 35.16
N ASP A 528 17.72 6.01 36.05
CA ASP A 528 16.30 5.66 36.00
C ASP A 528 15.47 6.36 37.07
N LYS A 529 15.85 7.56 37.46
CA LYS A 529 15.09 8.30 38.46
C LYS A 529 15.23 9.79 38.19
N TRP A 530 14.48 10.58 38.97
CA TRP A 530 14.47 12.03 38.84
C TRP A 530 15.86 12.63 38.57
N PRO A 531 16.15 13.74 39.25
CA PRO A 531 17.39 14.53 39.15
C PRO A 531 18.68 13.69 39.16
N GLY A 532 18.72 12.61 38.39
CA GLY A 532 19.92 11.80 38.34
C GLY A 532 20.74 12.10 37.11
N ALA A 533 21.67 11.19 36.82
CA ALA A 533 22.57 11.35 35.70
C ALA A 533 22.89 9.97 35.16
N THR A 534 22.82 9.86 33.84
CA THR A 534 22.97 8.62 33.10
C THR A 534 24.43 8.29 32.84
N GLN A 535 25.30 9.29 32.78
CA GLN A 535 26.66 9.00 32.33
C GLN A 535 27.60 9.95 33.01
N ILE A 536 28.86 9.56 33.01
CA ILE A 536 29.95 10.34 33.58
C ILE A 536 31.06 10.34 32.57
N GLN A 537 31.49 11.53 32.16
CA GLN A 537 32.60 11.64 31.23
C GLN A 537 33.81 12.09 32.02
N ASN A 538 34.86 11.28 31.99
CA ASN A 538 36.03 11.62 32.74
C ASN A 538 36.73 12.79 32.07
N GLU A 539 37.62 13.44 32.81
CA GLU A 539 38.46 14.44 32.18
C GLU A 539 39.48 13.81 31.25
N ASP A 540 39.76 12.51 31.43
CA ASP A 540 40.63 11.81 30.52
C ASP A 540 40.01 11.60 29.15
N GLY A 541 38.73 11.93 28.98
CA GLY A 541 38.07 11.77 27.71
C GLY A 541 37.12 10.60 27.68
N SER A 542 37.31 9.65 28.58
CA SER A 542 36.49 8.45 28.60
C SER A 542 35.07 8.75 29.06
N LEU A 543 34.15 7.93 28.60
CA LEU A 543 32.75 8.01 28.96
C LEU A 543 32.39 6.82 29.84
N VAL A 544 31.63 7.04 30.90
CA VAL A 544 31.16 5.96 31.75
C VAL A 544 29.65 6.00 31.81
N SER A 545 29.01 5.01 31.19
CA SER A 545 27.55 4.92 31.21
C SER A 545 27.09 4.32 32.51
N LEU A 546 26.07 4.93 33.11
CA LEU A 546 25.44 4.36 34.29
C LEU A 546 24.17 3.59 33.96
N ILE A 547 23.86 3.43 32.69
CA ILE A 547 22.57 2.84 32.32
C ILE A 547 22.37 1.52 33.04
N GLY A 548 23.43 0.73 33.18
CA GLY A 548 23.27 -0.60 33.72
C GLY A 548 24.14 -0.89 34.91
N MET A 549 24.62 0.16 35.58
CA MET A 549 25.47 -0.06 36.74
C MET A 549 24.60 -0.30 37.96
N SER A 550 25.12 -1.10 38.88
CA SER A 550 24.32 -1.39 40.05
C SER A 550 24.44 -0.29 41.09
N VAL A 551 23.45 -0.25 41.98
CA VAL A 551 23.45 0.73 43.06
C VAL A 551 24.80 0.74 43.75
N GLU A 552 25.43 -0.43 43.83
CA GLU A 552 26.76 -0.53 44.42
C GLU A 552 27.79 0.22 43.59
N GLN A 553 27.81 -0.03 42.28
CA GLN A 553 28.82 0.59 41.43
C GLN A 553 28.59 2.08 41.27
N ARG A 554 27.35 2.49 41.05
CA ARG A 554 27.06 3.92 41.00
C ARG A 554 27.34 4.57 42.33
N LYS A 555 27.04 3.88 43.43
CA LYS A 555 27.40 4.44 44.73
C LYS A 555 28.89 4.64 44.83
N ALA A 556 29.67 3.70 44.28
CA ALA A 556 31.11 3.83 44.38
C ALA A 556 31.61 5.00 43.54
N LEU A 557 31.08 5.17 42.33
CA LEU A 557 31.48 6.28 41.49
C LEU A 557 31.07 7.62 42.06
N ALA A 558 29.92 7.68 42.72
CA ALA A 558 29.52 8.93 43.37
C ALA A 558 30.56 9.35 44.39
N ASN A 559 31.19 8.40 45.07
CA ASN A 559 32.24 8.77 45.99
C ASN A 559 33.58 8.97 45.30
N GLN A 560 33.63 8.82 43.97
CA GLN A 560 34.84 9.06 43.20
C GLN A 560 34.74 10.23 42.24
N LEU A 561 33.59 10.90 42.19
CA LEU A 561 33.38 12.04 41.31
C LEU A 561 34.39 13.16 41.50
N LEU A 562 35.03 13.28 42.66
CA LEU A 562 35.87 14.43 42.94
C LEU A 562 37.36 14.12 42.99
N THR A 563 37.80 13.04 42.37
CA THR A 563 39.18 12.67 42.52
C THR A 563 40.08 13.73 41.88
N PRO A 564 41.34 13.77 42.27
CA PRO A 564 42.25 14.81 41.77
C PRO A 564 42.68 14.50 40.34
N SER A 565 43.50 15.39 39.80
CA SER A 565 44.11 15.18 38.49
C SER A 565 45.08 14.00 38.56
N SER A 566 45.41 13.48 37.39
CA SER A 566 46.20 12.28 37.26
C SER A 566 47.28 12.47 36.21
N ASN A 567 46.94 13.15 35.12
CA ASN A 567 47.87 13.38 34.03
C ASN A 567 47.91 14.87 33.73
N VAL A 568 49.12 15.41 33.62
CA VAL A 568 49.34 16.79 33.22
C VAL A 568 48.59 17.12 31.94
N SER A 569 48.23 16.10 31.16
CA SER A 569 47.44 16.40 29.96
C SER A 569 46.02 16.77 30.34
N THR A 570 45.57 16.39 31.53
CA THR A 570 44.17 16.48 31.88
C THR A 570 43.97 17.27 33.17
N HIS A 571 45.05 17.77 33.76
CA HIS A 571 44.96 18.35 35.09
C HIS A 571 44.06 19.57 35.14
N THR A 572 43.85 20.25 34.02
CA THR A 572 43.04 21.46 34.07
C THR A 572 41.55 21.19 34.01
N LEU A 573 41.14 19.98 33.65
CA LEU A 573 39.73 19.70 33.48
C LEU A 573 39.13 19.22 34.81
N ASN A 574 37.81 19.08 34.80
CA ASN A 574 37.11 18.42 35.88
C ASN A 574 36.10 17.45 35.28
N LYS A 575 35.73 16.46 36.06
CA LYS A 575 34.82 15.44 35.56
C LYS A 575 33.53 16.10 35.08
N LYS A 576 32.81 15.38 34.22
CA LYS A 576 31.51 15.82 33.76
C LYS A 576 30.45 14.82 34.20
N VAL A 577 29.27 15.33 34.52
CA VAL A 577 28.10 14.50 34.82
C VAL A 577 26.96 14.83 33.89
N TYR A 578 26.43 13.79 33.23
CA TYR A 578 25.27 13.96 32.36
C TYR A 578 24.01 13.81 33.22
N ARG A 579 23.61 14.93 33.81
CA ARG A 579 22.44 14.96 34.67
C ARG A 579 21.15 15.02 33.87
N HIS A 580 20.10 14.43 34.44
CA HIS A 580 18.78 14.61 33.83
C HIS A 580 18.44 16.09 33.83
N ILE A 581 17.58 16.48 32.89
CA ILE A 581 17.02 17.82 32.94
C ILE A 581 16.35 18.02 34.28
N LYS A 582 16.49 19.20 34.86
CA LYS A 582 15.84 19.46 36.13
C LYS A 582 15.25 20.86 36.14
N ASN A 583 14.54 21.16 37.22
CA ASN A 583 13.78 22.40 37.36
C ASN A 583 14.58 23.69 37.22
N ARG A 584 15.86 23.62 36.91
CA ARG A 584 16.63 24.84 36.70
C ARG A 584 17.09 24.99 35.27
N ASP A 585 16.64 24.14 34.35
CA ASP A 585 17.13 24.19 33.00
C ASP A 585 16.11 24.89 32.12
N VAL A 586 16.61 25.56 31.09
CA VAL A 586 15.76 26.23 30.12
C VAL A 586 15.77 25.41 28.85
N VAL A 587 14.64 25.41 28.17
CA VAL A 587 14.45 24.56 27.02
C VAL A 587 13.78 25.38 25.93
N LEU A 588 14.14 25.10 24.69
CA LEU A 588 13.68 25.89 23.56
C LEU A 588 12.57 25.10 22.88
N MET A 589 11.33 25.53 23.07
CA MET A 589 10.16 24.91 22.48
C MET A 589 9.84 25.49 21.12
N ASN A 590 9.57 24.62 20.14
CA ASN A 590 9.25 25.04 18.79
C ASN A 590 8.03 24.31 18.27
N ARG A 591 7.14 25.02 17.58
CA ARG A 591 5.92 24.39 17.08
C ARG A 591 5.63 24.54 15.59
N GLN A 592 5.94 23.47 14.85
CA GLN A 592 5.72 23.39 13.42
C GLN A 592 6.11 24.65 12.67
N PRO A 593 5.22 25.12 11.77
CA PRO A 593 5.43 26.33 10.96
C PRO A 593 5.93 27.49 11.82
N THR A 594 7.24 27.61 11.95
CA THR A 594 7.83 28.66 12.74
C THR A 594 7.54 30.03 12.14
N LEU A 595 6.51 30.11 11.32
CA LEU A 595 6.18 31.39 10.70
C LEU A 595 6.84 32.63 11.30
N HIS A 596 7.10 32.69 12.60
CA HIS A 596 7.85 33.84 13.07
C HIS A 596 8.68 33.48 14.28
N LYS A 597 9.71 34.30 14.52
CA LYS A 597 10.61 34.05 15.64
C LYS A 597 9.88 33.89 16.95
N ALA A 598 8.70 34.48 17.07
CA ALA A 598 7.99 34.36 18.34
C ALA A 598 7.48 32.95 18.57
N SER A 599 7.40 32.13 17.54
CA SER A 599 6.98 30.75 17.72
C SER A 599 8.06 29.83 18.24
N MET A 600 9.23 30.31 18.63
CA MET A 600 10.23 29.40 19.20
C MET A 600 10.90 30.09 20.39
N MET A 601 10.40 29.82 21.59
CA MET A 601 10.80 30.52 22.80
C MET A 601 11.52 29.59 23.78
N GLY A 602 12.24 30.20 24.73
CA GLY A 602 12.84 29.45 25.81
C GLY A 602 11.99 29.41 27.07
N HIS A 603 11.76 28.21 27.59
CA HIS A 603 10.94 28.01 28.78
C HIS A 603 11.77 27.42 29.91
N LYS A 604 11.39 27.72 31.15
CA LYS A 604 12.07 27.09 32.27
C LYS A 604 11.41 25.75 32.52
N VAL A 605 12.21 24.69 32.52
CA VAL A 605 11.68 23.34 32.59
C VAL A 605 10.99 23.10 33.92
N ARG A 606 9.80 22.54 33.87
CA ARG A 606 9.09 22.10 35.06
C ARG A 606 8.66 20.65 34.87
N VAL A 607 9.33 19.74 35.58
CA VAL A 607 9.03 18.33 35.49
C VAL A 607 7.65 18.06 36.07
N LEU A 608 6.81 17.49 35.27
CA LEU A 608 5.50 17.11 35.79
C LEU A 608 5.44 15.62 36.03
N PRO A 609 5.02 15.17 37.20
CA PRO A 609 4.85 13.74 37.41
C PRO A 609 3.64 13.27 36.61
N ASN A 610 3.59 11.97 36.37
CA ASN A 610 2.40 11.36 35.79
C ASN A 610 1.86 12.14 34.60
N GLU A 611 2.74 12.61 33.75
CA GLU A 611 2.37 13.18 32.47
C GLU A 611 2.95 12.28 31.38
N LYS A 612 2.41 12.35 30.17
CA LYS A 612 3.10 11.71 29.06
C LYS A 612 3.26 12.64 27.86
N THR A 613 2.81 13.89 27.98
CA THR A 613 2.72 14.83 26.88
C THR A 613 3.34 16.14 27.33
N LEU A 614 3.89 16.89 26.41
CA LEU A 614 4.48 18.16 26.79
C LEU A 614 3.38 19.12 27.23
N ARG A 615 3.47 19.58 28.47
CA ARG A 615 2.44 20.38 29.10
C ARG A 615 2.71 21.86 28.92
N LEU A 616 1.69 22.61 28.48
CA LEU A 616 1.90 24.00 28.12
C LEU A 616 0.80 24.90 28.67
N HIS A 617 1.18 26.10 29.07
CA HIS A 617 0.25 27.11 29.53
C HIS A 617 -0.50 27.78 28.39
N TYR A 618 -1.76 28.14 28.65
CA TYR A 618 -2.59 28.68 27.60
C TYR A 618 -2.06 29.99 27.06
N ALA A 619 -1.35 30.74 27.89
CA ALA A 619 -0.94 32.07 27.50
C ALA A 619 -0.05 32.07 26.28
N ASN A 620 0.60 30.96 25.98
CA ASN A 620 1.47 30.86 24.84
C ASN A 620 0.76 30.50 23.54
N THR A 621 -0.48 30.06 23.57
CA THR A 621 -1.02 29.48 22.37
C THR A 621 -1.28 30.52 21.29
N GLY A 622 -1.42 31.78 21.65
CA GLY A 622 -1.52 32.70 20.54
C GLY A 622 -0.20 33.12 19.96
N ALA A 623 0.91 32.72 20.57
CA ALA A 623 2.22 32.97 19.99
C ALA A 623 2.70 31.81 19.14
N TYR A 624 2.43 30.59 19.57
CA TYR A 624 2.69 29.44 18.73
C TYR A 624 1.61 29.21 17.69
N ASN A 625 0.44 29.81 17.84
CA ASN A 625 -0.70 29.44 17.03
C ASN A 625 -0.95 27.94 17.18
N ALA A 626 -1.12 27.52 18.43
CA ALA A 626 -1.25 26.14 18.82
C ALA A 626 -2.63 25.87 19.41
N ASP A 627 -3.11 24.64 19.27
CA ASP A 627 -4.37 24.27 19.89
C ASP A 627 -4.36 22.78 20.17
N PHE A 628 -4.86 22.43 21.35
CA PHE A 628 -4.81 21.09 21.91
C PHE A 628 -5.53 20.03 21.08
N ASP A 629 -6.10 20.43 19.95
CA ASP A 629 -6.75 19.48 19.07
C ASP A 629 -5.83 18.30 18.78
N GLY A 630 -4.52 18.50 18.85
CA GLY A 630 -3.57 17.44 18.55
C GLY A 630 -2.21 17.95 18.13
N ASP A 631 -1.98 19.23 18.34
CA ASP A 631 -0.78 19.88 17.83
C ASP A 631 0.44 19.29 18.49
N GLU A 632 1.51 19.13 17.73
CA GLU A 632 2.73 18.55 18.25
C GLU A 632 3.80 19.63 18.28
N MET A 633 4.68 19.54 19.26
CA MET A 633 5.70 20.54 19.41
C MET A 633 7.04 19.86 19.56
N ASN A 634 8.07 20.54 19.08
CA ASN A 634 9.41 20.06 19.26
C ASN A 634 9.99 20.72 20.50
N MET A 635 10.64 19.92 21.32
CA MET A 635 11.26 20.44 22.52
C MET A 635 12.75 20.22 22.36
N HIS A 636 13.50 21.30 22.37
CA HIS A 636 14.93 21.26 22.12
C HIS A 636 15.64 21.50 23.43
N PHE A 637 16.64 20.71 23.71
CA PHE A 637 17.35 20.91 24.95
C PHE A 637 18.77 21.35 24.63
N PRO A 638 19.10 22.61 24.85
CA PRO A 638 20.46 23.06 24.55
C PRO A 638 21.47 22.54 25.54
N GLN A 639 22.68 22.30 25.04
CA GLN A 639 23.69 21.51 25.71
C GLN A 639 24.85 22.36 26.20
N ASN A 640 24.65 23.67 26.33
CA ASN A 640 25.75 24.59 26.53
C ASN A 640 25.30 25.82 27.30
N GLU A 641 26.10 26.26 28.26
CA GLU A 641 25.74 27.42 29.05
C GLU A 641 25.49 28.67 28.21
N ASN A 642 26.18 28.82 27.07
CA ASN A 642 25.81 29.93 26.20
C ASN A 642 24.38 29.78 25.70
N ALA A 643 23.95 28.56 25.42
CA ALA A 643 22.59 28.40 24.95
C ALA A 643 21.57 28.56 26.06
N ARG A 644 21.93 28.19 27.29
CA ARG A 644 21.07 28.49 28.42
C ARG A 644 20.93 29.97 28.62
N ALA A 645 22.05 30.67 28.74
CA ALA A 645 21.98 32.11 28.94
C ALA A 645 21.21 32.80 27.82
N GLU A 646 21.38 32.37 26.56
CA GLU A 646 20.59 33.04 25.54
C GLU A 646 19.13 32.67 25.65
N ALA A 647 18.83 31.41 25.94
CA ALA A 647 17.43 31.01 26.00
C ALA A 647 16.75 31.51 27.25
N LEU A 648 17.49 31.99 28.22
CA LEU A 648 16.93 32.56 29.43
C LEU A 648 16.92 34.08 29.38
N ASN A 649 17.61 34.67 28.42
CA ASN A 649 17.79 36.12 28.36
C ASN A 649 17.29 36.74 27.07
N LEU A 650 17.44 36.08 25.94
CA LEU A 650 17.00 36.64 24.66
C LEU A 650 15.71 36.00 24.18
N ALA A 651 15.72 34.69 23.95
CA ALA A 651 14.55 34.01 23.42
C ALA A 651 13.46 33.79 24.45
N ASN A 652 13.67 34.14 25.71
CA ASN A 652 12.73 33.67 26.72
C ASN A 652 11.35 34.24 26.47
N THR A 653 10.35 33.51 26.93
CA THR A 653 8.97 33.87 26.67
C THR A 653 8.63 35.28 27.11
N ASP A 654 8.99 35.63 28.34
CA ASP A 654 8.72 36.99 28.82
C ASP A 654 9.27 38.07 27.90
N SER A 655 10.44 37.86 27.31
CA SER A 655 10.97 38.85 26.37
C SER A 655 10.25 38.84 25.04
N GLN A 656 9.25 38.01 24.89
CA GLN A 656 8.53 37.84 23.64
C GLN A 656 7.08 38.24 23.83
N TYR A 657 6.81 39.08 24.83
CA TYR A 657 5.46 39.55 25.06
C TYR A 657 4.94 40.42 23.94
N LEU A 658 5.80 41.07 23.18
CA LEU A 658 5.35 41.83 22.02
C LEU A 658 6.00 41.30 20.76
N THR A 659 5.24 41.31 19.69
CA THR A 659 5.78 41.00 18.38
C THR A 659 6.39 42.25 17.76
N PRO A 660 7.41 42.09 16.94
CA PRO A 660 7.94 43.22 16.17
C PRO A 660 7.10 43.66 15.00
N THR A 661 6.13 42.88 14.56
CA THR A 661 5.34 43.28 13.41
C THR A 661 4.60 44.57 13.66
N SER A 662 4.08 44.73 14.87
CA SER A 662 3.09 45.75 15.16
C SER A 662 3.29 46.21 16.60
N GLY A 663 3.86 45.34 17.42
CA GLY A 663 3.99 45.65 18.83
C GLY A 663 2.69 45.42 19.55
N SER A 664 1.80 44.67 18.94
CA SER A 664 0.61 44.18 19.63
C SER A 664 0.98 43.04 20.56
N PRO A 665 0.44 43.02 21.77
CA PRO A 665 0.75 41.92 22.69
C PRO A 665 0.31 40.61 22.08
N VAL A 666 1.22 39.62 22.07
CA VAL A 666 0.88 38.30 21.60
C VAL A 666 0.61 37.31 22.71
N ARG A 667 0.72 37.70 23.98
CA ARG A 667 0.57 36.73 25.06
C ARG A 667 -0.46 37.21 26.05
N GLY A 668 -1.58 36.51 26.13
CA GLY A 668 -2.62 36.85 27.07
C GLY A 668 -3.48 35.64 27.36
N LEU A 669 -4.37 35.80 28.33
CA LEU A 669 -5.35 34.78 28.63
C LEU A 669 -6.31 34.59 27.46
N ILE A 670 -7.05 33.49 27.50
CA ILE A 670 -7.82 33.02 26.35
C ILE A 670 -9.12 32.40 26.80
N GLN A 671 -10.06 32.25 25.85
CA GLN A 671 -11.38 31.71 26.11
C GLN A 671 -11.94 31.84 27.51
N ASP A 672 -11.89 30.71 28.19
CA ASP A 672 -12.51 30.54 29.48
C ASP A 672 -12.04 31.58 30.47
N HIS A 673 -10.74 31.87 30.50
CA HIS A 673 -10.29 32.90 31.42
C HIS A 673 -10.94 34.23 31.12
N ILE A 674 -11.27 34.48 29.85
CA ILE A 674 -11.94 35.73 29.53
C ILE A 674 -13.34 35.72 30.10
N SER A 675 -14.07 34.62 29.91
CA SER A 675 -15.41 34.64 30.48
C SER A 675 -15.39 34.71 31.99
N ALA A 676 -14.37 34.15 32.62
CA ALA A 676 -14.27 34.27 34.06
C ALA A 676 -14.02 35.71 34.45
N GLY A 677 -13.19 36.41 33.69
CA GLY A 677 -12.97 37.80 34.02
C GLY A 677 -14.22 38.63 33.88
N VAL A 678 -15.03 38.33 32.87
CA VAL A 678 -16.30 39.03 32.74
C VAL A 678 -17.23 38.76 33.91
N TRP A 679 -17.30 37.52 34.39
CA TRP A 679 -18.24 37.30 35.48
C TRP A 679 -17.71 37.79 36.81
N LEU A 680 -16.45 37.47 37.12
CA LEU A 680 -15.88 37.86 38.40
C LEU A 680 -15.87 39.37 38.55
N THR A 681 -15.59 40.09 37.49
CA THR A 681 -15.43 41.53 37.56
C THR A 681 -16.74 42.29 37.43
N SER A 682 -17.87 41.60 37.39
CA SER A 682 -19.12 42.33 37.39
C SER A 682 -19.34 42.95 38.75
N LYS A 683 -19.86 44.18 38.75
CA LYS A 683 -20.27 44.80 39.99
C LYS A 683 -21.21 43.92 40.80
N ASP A 684 -21.77 42.89 40.19
CA ASP A 684 -22.72 42.05 40.88
C ASP A 684 -22.07 40.95 41.70
N SER A 685 -20.76 40.74 41.53
CA SER A 685 -20.06 39.64 42.19
C SER A 685 -19.50 40.11 43.53
N PHE A 686 -20.02 39.56 44.63
CA PHE A 686 -19.54 39.85 45.97
C PHE A 686 -18.97 38.61 46.62
N PHE A 687 -18.11 38.82 47.63
CA PHE A 687 -17.39 37.71 48.24
C PHE A 687 -17.16 37.99 49.72
N THR A 688 -17.34 36.97 50.53
CA THR A 688 -17.14 37.09 51.96
C THR A 688 -15.65 37.03 52.30
N ARG A 689 -15.31 37.50 53.49
CA ARG A 689 -13.92 37.43 53.93
C ARG A 689 -13.30 36.08 53.64
N GLU A 690 -14.03 35.02 53.99
CA GLU A 690 -13.52 33.67 53.78
C GLU A 690 -13.17 33.47 52.32
N GLN A 691 -14.10 33.80 51.45
CA GLN A 691 -13.91 33.59 50.02
C GLN A 691 -12.80 34.48 49.51
N TYR A 692 -12.84 35.76 49.87
CA TYR A 692 -11.85 36.71 49.38
C TYR A 692 -10.46 36.19 49.66
N GLN A 693 -10.18 35.87 50.92
CA GLN A 693 -8.84 35.40 51.23
C GLN A 693 -8.55 34.12 50.46
N GLN A 694 -9.56 33.29 50.26
CA GLN A 694 -9.31 32.03 49.58
C GLN A 694 -8.86 32.26 48.15
N TYR A 695 -9.58 33.11 47.41
CA TYR A 695 -9.16 33.37 46.04
C TYR A 695 -7.78 33.99 46.01
N ILE A 696 -7.45 34.78 47.03
CA ILE A 696 -6.18 35.48 47.01
C ILE A 696 -5.04 34.48 47.15
N TYR A 697 -5.07 33.65 48.17
CA TYR A 697 -4.01 32.67 48.28
C TYR A 697 -4.06 31.69 47.13
N GLY A 698 -5.26 31.45 46.59
CA GLY A 698 -5.38 30.65 45.39
C GLY A 698 -4.57 31.15 44.22
N CYS A 699 -4.42 32.47 44.08
CA CYS A 699 -3.68 32.93 42.92
C CYS A 699 -2.27 33.39 43.22
N ILE A 700 -1.95 33.64 44.49
CA ILE A 700 -0.63 34.11 44.89
C ILE A 700 -0.11 33.21 45.97
N ARG A 701 1.03 32.57 45.72
CA ARG A 701 1.64 31.82 46.82
C ARG A 701 2.91 32.53 47.23
N PRO A 702 2.91 33.26 48.34
CA PRO A 702 4.14 33.95 48.76
C PRO A 702 5.30 33.01 48.95
N GLU A 703 5.05 31.77 49.36
CA GLU A 703 6.13 30.79 49.46
C GLU A 703 6.81 30.55 48.13
N ASP A 704 6.14 30.89 47.04
CA ASP A 704 6.70 30.76 45.70
C ASP A 704 7.42 32.01 45.24
N GLY A 705 7.65 32.98 46.13
CA GLY A 705 8.27 34.21 45.68
C GLY A 705 7.38 35.06 44.82
N HIS A 706 6.07 34.85 44.90
CA HIS A 706 5.09 35.54 44.08
C HIS A 706 4.78 36.95 44.53
N THR A 707 5.49 37.50 45.51
CA THR A 707 5.11 38.79 46.06
C THR A 707 6.35 39.61 46.28
N THR A 708 6.15 40.90 46.53
CA THR A 708 7.20 41.81 46.96
C THR A 708 6.99 42.28 48.39
N ARG A 709 6.42 41.43 49.23
CA ARG A 709 6.11 41.80 50.60
C ARG A 709 6.54 40.74 51.59
N SER A 710 6.56 39.47 51.17
CA SER A 710 6.91 38.36 52.04
C SER A 710 5.90 38.16 53.16
N LYS A 711 4.81 38.91 53.14
CA LYS A 711 3.62 38.58 53.90
C LYS A 711 2.45 38.93 53.00
N ILE A 712 1.24 38.86 53.51
CA ILE A 712 0.10 39.24 52.69
C ILE A 712 -0.44 40.57 53.15
N VAL A 713 -0.94 41.31 52.17
CA VAL A 713 -1.63 42.58 52.43
C VAL A 713 -3.00 42.50 51.80
N THR A 714 -3.92 43.27 52.35
CA THR A 714 -5.33 43.03 52.08
C THR A 714 -6.08 44.35 52.12
N LEU A 715 -7.24 44.34 51.53
CA LEU A 715 -8.04 45.54 51.47
C LEU A 715 -9.12 45.53 52.54
N PRO A 716 -9.68 46.68 52.87
CA PRO A 716 -10.87 46.69 53.70
C PRO A 716 -12.06 46.17 52.90
N PRO A 717 -13.05 45.57 53.57
CA PRO A 717 -14.20 45.08 52.83
C PRO A 717 -14.92 46.26 52.19
N THR A 718 -15.55 46.00 51.04
CA THR A 718 -16.38 47.02 50.40
C THR A 718 -17.55 47.46 51.28
N ILE A 719 -18.17 46.53 51.99
CA ILE A 719 -19.37 46.83 52.74
C ILE A 719 -19.14 46.53 54.20
N PHE A 720 -19.07 47.58 55.01
CA PHE A 720 -18.88 47.42 56.44
C PHE A 720 -20.13 46.91 57.12
N LYS A 721 -21.28 47.33 56.59
CA LYS A 721 -22.58 47.06 57.20
C LYS A 721 -23.14 45.66 57.03
N PRO A 722 -24.28 45.56 56.32
CA PRO A 722 -25.07 44.37 56.00
C PRO A 722 -24.17 43.16 55.82
N TYR A 723 -22.99 43.25 56.42
CA TYR A 723 -22.04 42.16 56.34
C TYR A 723 -20.81 42.53 55.53
N PRO A 724 -19.64 42.15 56.00
CA PRO A 724 -18.42 42.52 55.28
C PRO A 724 -18.33 41.87 53.91
N LEU A 725 -18.32 42.66 52.84
CA LEU A 725 -18.40 42.12 51.50
C LEU A 725 -17.38 42.79 50.60
N TRP A 726 -16.73 41.99 49.76
CA TRP A 726 -15.71 42.48 48.83
C TRP A 726 -16.23 42.35 47.40
N THR A 727 -15.82 43.29 46.54
CA THR A 727 -16.17 43.13 45.14
C THR A 727 -15.10 42.33 44.42
N GLY A 728 -15.41 41.92 43.19
CA GLY A 728 -14.38 41.34 42.35
C GLY A 728 -13.32 42.32 41.93
N LYS A 729 -13.73 43.53 41.57
CA LYS A 729 -12.77 44.57 41.29
C LYS A 729 -11.83 44.80 42.47
N GLN A 730 -12.31 44.57 43.68
CA GLN A 730 -11.38 44.65 44.79
C GLN A 730 -10.38 43.51 44.75
N ILE A 731 -10.79 42.34 44.26
CA ILE A 731 -9.82 41.26 44.17
C ILE A 731 -8.74 41.60 43.15
N ILE A 732 -9.12 42.16 42.01
CA ILE A 732 -8.08 42.53 41.07
C ILE A 732 -7.20 43.60 41.67
N THR A 733 -7.78 44.46 42.51
CA THR A 733 -6.95 45.41 43.22
C THR A 733 -5.99 44.71 44.14
N THR A 734 -6.44 43.67 44.83
CA THR A 734 -5.57 43.01 45.79
C THR A 734 -4.41 42.34 45.09
N VAL A 735 -4.67 41.70 43.95
CA VAL A 735 -3.56 41.06 43.25
C VAL A 735 -2.58 42.11 42.77
N LEU A 736 -3.08 43.24 42.29
CA LEU A 736 -2.10 44.23 41.83
C LEU A 736 -1.31 44.77 43.01
N LEU A 737 -1.98 44.99 44.14
CA LEU A 737 -1.26 45.37 45.34
C LEU A 737 -0.27 44.32 45.80
N ASN A 738 -0.45 43.07 45.38
CA ASN A 738 0.43 42.06 45.90
C ASN A 738 1.55 41.67 44.94
N VAL A 739 1.44 41.98 43.66
CA VAL A 739 2.47 41.57 42.72
C VAL A 739 3.39 42.72 42.32
N THR A 740 2.95 43.94 42.44
CA THR A 740 3.78 45.10 42.13
C THR A 740 4.66 45.44 43.30
N PRO A 741 5.78 46.11 43.07
CA PRO A 741 6.70 46.36 44.15
C PRO A 741 6.16 47.44 45.06
N PRO A 742 6.22 47.23 46.37
CA PRO A 742 5.63 48.19 47.31
C PRO A 742 6.23 49.58 47.20
N ASP A 743 7.44 49.67 46.75
CA ASP A 743 8.12 50.94 46.52
C ASP A 743 7.60 51.69 45.30
N MET A 744 6.48 51.34 44.69
CA MET A 744 6.04 52.05 43.50
C MET A 744 4.55 52.31 43.58
N PRO A 745 4.10 53.48 43.11
CA PRO A 745 2.67 53.77 43.09
C PRO A 745 1.89 52.91 42.11
N GLY A 746 0.61 52.76 42.41
CA GLY A 746 -0.24 51.92 41.59
C GLY A 746 -0.50 52.51 40.22
N ILE A 747 -0.57 51.62 39.22
CA ILE A 747 -0.82 52.02 37.85
C ILE A 747 -2.15 52.75 37.72
N ASN A 748 -2.14 53.84 36.96
CA ASN A 748 -3.32 54.63 36.69
C ASN A 748 -3.61 54.50 35.20
N LEU A 749 -4.78 53.96 34.86
CA LEU A 749 -5.11 53.72 33.46
C LEU A 749 -6.57 53.97 33.16
N ILE A 750 -6.83 54.58 32.01
CA ILE A 750 -8.17 54.68 31.45
C ILE A 750 -8.22 53.83 30.20
N SER A 751 -8.79 52.64 30.29
CA SER A 751 -8.98 51.77 29.15
C SER A 751 -10.47 51.66 28.82
N LYS A 752 -10.77 50.80 27.84
CA LYS A 752 -12.14 50.54 27.44
C LYS A 752 -12.35 49.04 27.32
N ASN A 753 -13.61 48.64 27.30
CA ASN A 753 -13.97 47.25 27.12
C ASN A 753 -14.43 46.99 25.70
N LYS A 754 -14.67 45.72 25.42
CA LYS A 754 -15.38 45.28 24.25
C LYS A 754 -16.87 45.12 24.53
N ILE A 755 -17.36 45.65 25.65
CA ILE A 755 -18.77 45.56 26.04
C ILE A 755 -19.35 46.96 26.12
N LYS A 756 -20.25 47.29 25.20
CA LYS A 756 -20.98 48.55 25.28
C LYS A 756 -21.63 48.70 26.65
N ASN A 757 -21.62 49.93 27.15
CA ASN A 757 -22.24 50.25 28.43
C ASN A 757 -23.75 49.97 28.44
N GLU A 758 -24.42 50.11 27.31
CA GLU A 758 -25.87 49.93 27.27
C GLU A 758 -26.35 48.63 27.89
N TYR A 759 -25.55 47.56 27.82
CA TYR A 759 -26.02 46.30 28.37
C TYR A 759 -26.17 46.32 29.89
N TRP A 760 -25.42 47.17 30.58
CA TRP A 760 -25.51 47.18 32.03
C TRP A 760 -26.59 48.09 32.59
N GLY A 761 -27.42 48.71 31.76
CA GLY A 761 -28.53 49.47 32.33
C GLY A 761 -28.77 50.80 31.66
N LYS A 762 -29.83 51.51 32.05
CA LYS A 762 -30.13 52.75 31.34
C LYS A 762 -29.20 53.89 31.73
N GLY A 763 -28.49 53.76 32.84
CA GLY A 763 -27.64 54.83 33.30
C GLY A 763 -26.30 54.26 33.67
N SER A 764 -26.22 52.94 33.62
CA SER A 764 -24.99 52.26 33.98
C SER A 764 -23.84 52.70 33.10
N LEU A 765 -22.65 52.69 33.68
CA LEU A 765 -21.44 53.05 32.95
C LEU A 765 -20.39 52.02 33.31
N GLU A 766 -20.09 51.14 32.36
CA GLU A 766 -19.24 50.00 32.65
C GLU A 766 -18.17 49.76 31.60
N ASN A 767 -18.10 50.59 30.56
CA ASN A 767 -17.04 50.45 29.57
C ASN A 767 -15.78 51.21 29.95
N GLU A 768 -15.90 52.29 30.71
CA GLU A 768 -14.70 53.00 31.12
C GLU A 768 -13.98 52.17 32.15
N VAL A 769 -12.80 51.67 31.80
CA VAL A 769 -11.94 50.94 32.72
C VAL A 769 -11.06 51.94 33.44
N LEU A 770 -11.17 52.00 34.77
CA LEU A 770 -10.42 52.99 35.53
C LEU A 770 -9.52 52.33 36.57
N PHE A 771 -8.23 52.66 36.52
CA PHE A 771 -7.22 52.15 37.44
C PHE A 771 -6.57 53.31 38.18
N LYS A 772 -6.71 53.33 39.49
CA LYS A 772 -6.15 54.38 40.33
C LYS A 772 -5.26 53.75 41.38
N ASP A 773 -3.95 53.97 41.26
CA ASP A 773 -2.98 53.50 42.25
C ASP A 773 -3.17 52.02 42.56
N GLY A 774 -3.34 51.22 41.53
CA GLY A 774 -3.47 49.80 41.78
C GLY A 774 -4.87 49.33 42.10
N ALA A 775 -5.88 50.16 41.90
CA ALA A 775 -7.23 49.86 42.35
C ALA A 775 -8.17 49.98 41.17
N LEU A 776 -8.86 48.89 40.85
CA LEU A 776 -9.82 48.92 39.75
C LEU A 776 -11.07 49.63 40.21
N LEU A 777 -11.34 50.81 39.63
CA LEU A 777 -12.44 51.61 40.12
C LEU A 777 -13.68 51.62 39.23
N CYS A 778 -13.55 51.28 37.95
CA CYS A 778 -14.72 51.18 37.12
C CYS A 778 -14.48 50.22 35.96
N GLY A 779 -15.55 49.57 35.53
CA GLY A 779 -15.51 48.69 34.37
C GLY A 779 -15.13 47.27 34.70
N ILE A 780 -15.29 46.41 33.68
CA ILE A 780 -14.95 45.00 33.76
C ILE A 780 -13.70 44.74 32.94
N LEU A 781 -13.34 43.48 32.77
CA LEU A 781 -12.13 43.15 32.02
C LEU A 781 -12.43 42.02 31.05
N ASP A 782 -11.81 42.10 29.88
CA ASP A 782 -12.06 41.12 28.82
C ASP A 782 -10.86 41.11 27.88
N LYS A 783 -11.07 40.58 26.68
CA LYS A 783 -10.02 40.56 25.68
C LYS A 783 -9.40 41.93 25.50
N SER A 784 -10.21 42.97 25.52
CA SER A 784 -9.65 44.31 25.42
C SER A 784 -8.65 44.61 26.51
N GLN A 785 -8.63 43.83 27.59
CA GLN A 785 -7.87 44.24 28.77
C GLN A 785 -6.66 43.37 29.04
N TYR A 786 -6.83 42.06 29.07
CA TYR A 786 -5.76 41.15 29.45
C TYR A 786 -5.52 40.09 28.38
N GLY A 787 -6.05 40.31 27.18
CA GLY A 787 -5.88 39.45 26.03
C GLY A 787 -4.87 39.97 25.01
N ALA A 788 -5.34 40.38 23.83
CA ALA A 788 -4.47 41.16 22.96
C ALA A 788 -4.07 42.47 23.60
N SER A 789 -4.83 42.93 24.59
CA SER A 789 -4.36 43.91 25.56
C SER A 789 -3.76 45.22 25.07
N LYS A 790 -3.76 45.48 23.76
CA LYS A 790 -3.10 46.71 23.31
C LYS A 790 -3.55 47.89 24.14
N TYR A 791 -2.59 48.54 24.78
CA TYR A 791 -2.87 49.67 25.66
C TYR A 791 -3.72 49.25 26.85
N GLY A 792 -4.07 47.96 26.92
CA GLY A 792 -4.91 47.48 27.98
C GLY A 792 -4.13 47.29 29.26
N ILE A 793 -4.76 46.60 30.21
CA ILE A 793 -4.20 46.55 31.56
C ILE A 793 -2.86 45.81 31.54
N VAL A 794 -2.83 44.62 30.97
CA VAL A 794 -1.61 43.83 31.03
C VAL A 794 -0.52 44.54 30.27
N HIS A 795 -0.86 45.10 29.11
CA HIS A 795 0.12 45.87 28.35
C HIS A 795 0.65 47.03 29.18
N SER A 796 -0.23 47.67 29.95
CA SER A 796 0.22 48.77 30.78
C SER A 796 1.18 48.30 31.85
N LEU A 797 0.95 47.13 32.44
CA LEU A 797 1.89 46.63 33.42
C LEU A 797 3.22 46.28 32.79
N HIS A 798 3.19 45.67 31.61
CA HIS A 798 4.43 45.41 30.90
C HIS A 798 5.17 46.70 30.64
N GLU A 799 4.42 47.76 30.34
CA GLU A 799 5.05 49.02 30.02
C GLU A 799 5.70 49.62 31.24
N VAL A 800 5.01 49.56 32.37
CA VAL A 800 5.48 50.27 33.55
C VAL A 800 6.57 49.52 34.29
N TYR A 801 6.35 48.24 34.61
CA TYR A 801 7.36 47.54 35.39
C TYR A 801 8.21 46.56 34.59
N GLY A 802 7.86 46.26 33.36
CA GLY A 802 8.72 45.45 32.54
C GLY A 802 8.16 44.06 32.35
N PRO A 803 8.86 43.23 31.60
CA PRO A 803 8.26 41.96 31.16
C PRO A 803 8.10 40.95 32.27
N GLU A 804 8.98 40.97 33.26
CA GLU A 804 8.88 39.98 34.34
C GLU A 804 7.61 40.19 35.14
N VAL A 805 7.26 41.46 35.40
CA VAL A 805 6.04 41.73 36.14
C VAL A 805 4.83 41.35 35.31
N ALA A 806 4.81 41.76 34.04
CA ALA A 806 3.64 41.44 33.22
C ALA A 806 3.42 39.94 33.13
N ALA A 807 4.50 39.16 32.99
CA ALA A 807 4.35 37.71 33.00
C ALA A 807 3.83 37.21 34.33
N LYS A 808 4.34 37.76 35.44
CA LYS A 808 3.86 37.33 36.75
C LYS A 808 2.36 37.58 36.90
N VAL A 809 1.92 38.78 36.52
CA VAL A 809 0.50 39.09 36.48
C VAL A 809 -0.28 38.11 35.61
N LEU A 810 0.26 37.73 34.46
CA LEU A 810 -0.50 36.78 33.67
C LEU A 810 -0.68 35.46 34.38
N SER A 811 0.38 34.94 35.01
CA SER A 811 0.20 33.67 35.69
C SER A 811 -0.77 33.81 36.86
N VAL A 812 -0.70 34.94 37.55
CA VAL A 812 -1.60 35.17 38.66
C VAL A 812 -3.04 35.17 38.18
N LEU A 813 -3.32 35.89 37.11
CA LEU A 813 -4.67 35.88 36.57
C LEU A 813 -5.10 34.48 36.15
N GLY A 814 -4.22 33.75 35.48
CA GLY A 814 -4.60 32.41 35.08
C GLY A 814 -5.05 31.57 36.26
N ARG A 815 -4.37 31.69 37.39
CA ARG A 815 -4.80 30.94 38.56
C ARG A 815 -6.07 31.52 39.16
N LEU A 816 -6.13 32.83 39.33
CA LEU A 816 -7.33 33.43 39.90
C LEU A 816 -8.57 33.05 39.13
N PHE A 817 -8.53 33.20 37.81
CA PHE A 817 -9.74 32.96 37.05
C PHE A 817 -10.03 31.48 36.97
N THR A 818 -9.00 30.64 36.95
CA THR A 818 -9.31 29.22 36.94
C THR A 818 -10.02 28.83 38.22
N ASN A 819 -9.56 29.35 39.35
CA ASN A 819 -10.20 29.00 40.61
C ASN A 819 -11.61 29.56 40.66
N TYR A 820 -11.82 30.78 40.16
CA TYR A 820 -13.17 31.30 40.23
C TYR A 820 -14.09 30.49 39.34
N ILE A 821 -13.56 29.97 38.23
CA ILE A 821 -14.34 29.07 37.42
C ILE A 821 -14.55 27.74 38.12
N THR A 822 -13.73 27.43 39.11
CA THR A 822 -14.07 26.24 39.89
C THR A 822 -15.20 26.53 40.84
N ALA A 823 -15.23 27.72 41.42
CA ALA A 823 -16.28 27.96 42.41
C ALA A 823 -17.62 28.16 41.74
N THR A 824 -17.66 28.92 40.64
CA THR A 824 -18.93 29.27 40.01
C THR A 824 -19.15 28.58 38.68
N ALA A 825 -18.10 28.08 38.07
CA ALA A 825 -18.10 27.45 36.75
C ALA A 825 -18.63 28.40 35.70
N PHE A 826 -18.78 27.91 34.48
CA PHE A 826 -19.35 28.66 33.38
C PHE A 826 -20.02 27.67 32.46
N THR A 827 -21.19 28.02 31.93
CA THR A 827 -21.86 27.08 31.05
C THR A 827 -22.59 27.81 29.94
N CYS A 828 -23.04 27.00 28.98
CA CYS A 828 -23.80 27.47 27.84
C CYS A 828 -24.77 26.35 27.48
N GLY A 829 -25.99 26.69 27.17
CA GLY A 829 -26.91 25.65 26.78
C GLY A 829 -28.03 26.09 25.86
N MET A 830 -28.96 25.18 25.59
CA MET A 830 -29.97 25.47 24.59
C MET A 830 -30.78 26.70 24.95
N ASP A 831 -31.03 26.92 26.23
CA ASP A 831 -31.72 28.15 26.60
C ASP A 831 -30.99 29.38 26.07
N ASP A 832 -29.67 29.30 25.89
CA ASP A 832 -28.98 30.48 25.41
C ASP A 832 -29.22 30.75 23.94
N LEU A 833 -29.91 29.88 23.24
CA LEU A 833 -30.06 30.00 21.81
C LEU A 833 -31.45 30.42 21.35
N ARG A 834 -32.44 30.40 22.24
CA ARG A 834 -33.80 30.66 21.81
C ARG A 834 -34.07 32.14 21.71
N LEU A 835 -34.95 32.51 20.81
CA LEU A 835 -35.50 33.85 20.81
C LEU A 835 -36.79 33.88 21.61
N THR A 836 -37.30 35.08 21.84
CA THR A 836 -38.63 35.16 22.42
C THR A 836 -39.65 34.79 21.36
N ALA A 837 -40.91 34.67 21.79
CA ALA A 837 -41.97 34.64 20.80
C ALA A 837 -41.94 35.92 19.98
N GLU A 838 -41.61 37.03 20.63
CA GLU A 838 -41.43 38.28 19.92
C GLU A 838 -40.27 38.17 18.93
N GLY A 839 -39.15 37.64 19.38
CA GLY A 839 -38.01 37.54 18.49
C GLY A 839 -38.30 36.70 17.26
N ASN A 840 -39.11 35.65 17.40
CA ASN A 840 -39.52 34.93 16.21
C ASN A 840 -40.53 35.73 15.41
N LYS A 841 -41.32 36.57 16.06
CA LYS A 841 -42.26 37.38 15.30
C LYS A 841 -41.52 38.34 14.39
N TRP A 842 -40.58 39.09 14.93
CA TRP A 842 -39.77 39.96 14.10
C TRP A 842 -38.95 39.18 13.08
N ARG A 843 -38.32 38.09 13.49
CA ARG A 843 -37.45 37.37 12.56
C ARG A 843 -38.24 36.88 11.36
N THR A 844 -39.34 36.18 11.60
CA THR A 844 -40.13 35.69 10.47
C THR A 844 -40.79 36.82 9.70
N ASP A 845 -41.19 37.87 10.39
CA ASP A 845 -41.93 38.91 9.70
C ASP A 845 -41.03 39.73 8.79
N ILE A 846 -39.83 40.06 9.26
CA ILE A 846 -38.88 40.73 8.39
C ILE A 846 -38.46 39.81 7.26
N LEU A 847 -38.21 38.54 7.55
CA LEU A 847 -37.85 37.65 6.46
C LEU A 847 -39.00 37.44 5.50
N LYS A 848 -40.18 37.93 5.83
CA LYS A 848 -41.30 37.90 4.91
C LYS A 848 -41.13 38.83 3.71
N THR A 849 -40.31 39.87 3.85
CA THR A 849 -40.13 40.83 2.76
C THR A 849 -39.16 40.42 1.66
N SER A 850 -38.25 39.48 1.89
CA SER A 850 -37.30 39.11 0.85
C SER A 850 -37.92 38.43 -0.37
N VAL A 851 -39.17 37.96 -0.26
CA VAL A 851 -39.75 37.19 -1.35
C VAL A 851 -39.89 38.07 -2.59
N ASP A 852 -40.27 39.32 -2.41
CA ASP A 852 -40.24 40.24 -3.52
C ASP A 852 -38.80 40.60 -3.89
N THR A 853 -37.95 40.76 -2.88
CA THR A 853 -36.60 41.23 -3.11
C THR A 853 -35.88 40.44 -4.20
N GLY A 854 -35.98 39.12 -4.17
CA GLY A 854 -35.28 38.34 -5.19
C GLY A 854 -35.58 38.79 -6.60
N ARG A 855 -36.86 38.84 -6.97
CA ARG A 855 -37.11 39.20 -8.36
C ARG A 855 -36.96 40.70 -8.55
N GLU A 856 -37.26 41.48 -7.53
CA GLU A 856 -37.13 42.92 -7.66
C GLU A 856 -35.73 43.27 -8.13
N ALA A 857 -34.74 42.63 -7.53
CA ALA A 857 -33.38 42.82 -8.02
C ALA A 857 -33.18 42.22 -9.39
N ALA A 858 -33.80 41.06 -9.67
CA ALA A 858 -33.60 40.51 -11.00
C ALA A 858 -34.12 41.45 -12.08
N ALA A 859 -35.21 42.16 -11.81
CA ALA A 859 -35.76 43.11 -12.76
C ALA A 859 -35.04 44.44 -12.72
N GLU A 860 -34.29 44.73 -11.66
CA GLU A 860 -33.44 45.90 -11.70
C GLU A 860 -32.24 45.67 -12.60
N VAL A 861 -31.56 44.54 -12.42
CA VAL A 861 -30.40 44.30 -13.26
C VAL A 861 -30.86 44.06 -14.69
N THR A 862 -32.04 43.47 -14.85
CA THR A 862 -32.59 43.29 -16.19
C THR A 862 -33.07 44.59 -16.79
N ASN A 863 -33.33 45.59 -15.96
CA ASN A 863 -33.76 46.88 -16.47
C ASN A 863 -35.13 46.72 -17.09
N LEU A 864 -36.09 46.30 -16.26
CA LEU A 864 -37.47 46.16 -16.66
C LEU A 864 -38.35 46.69 -15.55
N ASP A 865 -39.60 46.97 -15.89
CA ASP A 865 -40.47 47.74 -15.01
C ASP A 865 -40.68 47.04 -13.68
N LYS A 866 -41.03 47.85 -12.68
CA LYS A 866 -41.28 47.36 -11.33
C LYS A 866 -42.42 46.37 -11.30
N ASP A 867 -42.34 45.44 -10.35
CA ASP A 867 -43.31 44.37 -10.21
C ASP A 867 -43.52 43.61 -11.50
N THR A 868 -42.52 43.62 -12.36
CA THR A 868 -42.68 42.94 -13.64
C THR A 868 -42.98 41.47 -13.34
N PRO A 869 -44.02 40.90 -13.93
CA PRO A 869 -44.42 39.55 -13.57
C PRO A 869 -43.22 38.59 -13.57
N ALA A 870 -43.19 37.72 -12.57
CA ALA A 870 -42.18 36.68 -12.49
C ALA A 870 -42.19 35.71 -13.66
N ASP A 871 -43.16 35.84 -14.57
CA ASP A 871 -43.25 34.95 -15.71
C ASP A 871 -43.29 35.66 -17.05
N ASP A 872 -42.96 36.94 -17.08
CA ASP A 872 -42.85 37.61 -18.37
C ASP A 872 -41.86 36.90 -19.26
N PRO A 873 -42.21 36.62 -20.52
CA PRO A 873 -41.24 35.94 -21.40
C PRO A 873 -40.02 36.81 -21.62
N GLU A 874 -40.20 38.13 -21.64
CA GLU A 874 -39.06 39.02 -21.81
C GLU A 874 -38.12 38.91 -20.64
N LEU A 875 -38.67 38.73 -19.45
CA LEU A 875 -37.83 38.52 -18.27
C LEU A 875 -36.96 37.29 -18.44
N LEU A 876 -37.56 36.18 -18.89
CA LEU A 876 -36.79 34.96 -19.04
C LEU A 876 -35.74 35.08 -20.14
N LYS A 877 -36.04 35.78 -21.22
CA LYS A 877 -35.03 35.87 -22.26
C LYS A 877 -33.89 36.76 -21.82
N ARG A 878 -34.22 37.85 -21.13
CA ARG A 878 -33.18 38.74 -20.66
C ARG A 878 -32.31 38.03 -19.64
N LEU A 879 -32.91 37.16 -18.81
CA LEU A 879 -32.15 36.49 -17.78
C LEU A 879 -31.31 35.36 -18.33
N GLN A 880 -31.74 34.73 -19.42
CA GLN A 880 -30.86 33.77 -20.06
C GLN A 880 -29.68 34.47 -20.72
N GLU A 881 -29.94 35.59 -21.39
CA GLU A 881 -28.84 36.42 -21.86
C GLU A 881 -27.91 36.75 -20.71
N ILE A 882 -28.48 36.96 -19.51
CA ILE A 882 -27.64 37.33 -18.38
C ILE A 882 -26.78 36.16 -17.95
N LEU A 883 -27.37 34.97 -17.89
CA LEU A 883 -26.61 33.79 -17.54
C LEU A 883 -25.43 33.60 -18.48
N ARG A 884 -25.62 33.83 -19.78
CA ARG A 884 -24.52 33.61 -20.71
C ARG A 884 -23.37 34.59 -20.56
N ASP A 885 -23.53 35.70 -19.84
CA ASP A 885 -22.44 36.63 -19.63
C ASP A 885 -21.92 36.54 -18.21
N ASN A 886 -20.61 36.30 -18.07
CA ASN A 886 -20.05 36.17 -16.73
C ASN A 886 -20.06 37.51 -16.00
N ASN A 887 -19.83 38.60 -16.72
CA ASN A 887 -19.81 39.89 -16.06
C ASN A 887 -21.21 40.32 -15.66
N LYS A 888 -22.15 40.22 -16.61
CA LYS A 888 -23.54 40.53 -16.27
C LYS A 888 -24.02 39.67 -15.10
N SER A 889 -23.65 38.39 -15.10
CA SER A 889 -24.02 37.55 -13.96
C SER A 889 -23.40 38.06 -12.68
N GLY A 890 -22.17 38.57 -12.76
CA GLY A 890 -21.56 39.15 -11.58
C GLY A 890 -22.35 40.34 -11.07
N ILE A 891 -22.82 41.21 -11.96
CA ILE A 891 -23.63 42.33 -11.52
C ILE A 891 -24.93 41.84 -10.89
N LEU A 892 -25.55 40.83 -11.48
CA LEU A 892 -26.79 40.34 -10.91
C LEU A 892 -26.57 39.83 -9.49
N ASP A 893 -25.48 39.10 -9.29
CA ASP A 893 -25.13 38.69 -7.93
C ASP A 893 -24.89 39.91 -7.04
N ALA A 894 -24.12 40.87 -7.50
CA ALA A 894 -23.77 41.98 -6.62
C ALA A 894 -25.00 42.74 -6.15
N VAL A 895 -25.96 42.99 -7.03
CA VAL A 895 -27.14 43.76 -6.62
C VAL A 895 -28.06 42.91 -5.77
N THR A 896 -28.35 41.68 -6.20
CA THR A 896 -29.16 40.82 -5.36
C THR A 896 -28.52 40.65 -3.98
N SER A 897 -27.20 40.55 -3.97
CA SER A 897 -26.46 40.40 -2.73
C SER A 897 -26.63 41.62 -1.84
N SER A 898 -26.44 42.81 -2.39
CA SER A 898 -26.58 43.99 -1.55
C SER A 898 -27.98 44.05 -0.96
N LYS A 899 -28.98 43.62 -1.72
CA LYS A 899 -30.33 43.79 -1.21
C LYS A 899 -30.64 42.76 -0.13
N VAL A 900 -30.28 41.51 -0.37
CA VAL A 900 -30.60 40.51 0.63
C VAL A 900 -29.73 40.69 1.85
N ASN A 901 -28.50 41.15 1.66
CA ASN A 901 -27.68 41.49 2.81
C ASN A 901 -28.29 42.64 3.58
N ALA A 902 -29.03 43.51 2.88
CA ALA A 902 -29.77 44.52 3.63
C ALA A 902 -30.87 43.84 4.46
N ILE A 903 -31.37 42.71 3.97
CA ILE A 903 -32.35 41.99 4.78
C ILE A 903 -31.68 41.35 5.98
N THR A 904 -30.49 40.78 5.80
CA THR A 904 -29.75 40.24 6.94
C THR A 904 -29.53 41.31 7.98
N SER A 905 -28.92 42.42 7.60
CA SER A 905 -28.66 43.48 8.55
C SER A 905 -29.93 43.87 9.26
N GLN A 906 -31.03 43.94 8.52
CA GLN A 906 -32.29 44.28 9.15
C GLN A 906 -32.63 43.27 10.25
N VAL A 907 -32.63 41.99 9.90
CA VAL A 907 -33.04 40.96 10.85
C VAL A 907 -32.19 40.99 12.09
N VAL A 908 -30.87 40.97 11.93
CA VAL A 908 -30.00 40.94 13.12
C VAL A 908 -30.21 42.19 13.94
N SER A 909 -30.21 43.36 13.30
CA SER A 909 -30.35 44.58 14.06
C SER A 909 -31.65 44.59 14.85
N LYS A 910 -32.69 43.96 14.33
CA LYS A 910 -33.96 43.89 15.05
C LYS A 910 -33.93 42.85 16.17
N CYS A 911 -33.59 41.61 15.83
CA CYS A 911 -33.82 40.49 16.74
C CYS A 911 -32.78 40.36 17.85
N VAL A 912 -31.53 40.69 17.52
CA VAL A 912 -30.40 40.61 18.45
C VAL A 912 -30.82 40.46 19.89
N PRO A 913 -29.95 40.90 20.82
CA PRO A 913 -30.23 40.84 22.27
C PRO A 913 -31.57 41.51 22.52
N ASP A 914 -32.16 41.99 21.43
CA ASP A 914 -33.46 42.65 21.46
C ASP A 914 -34.54 41.59 21.44
N GLY A 915 -34.18 40.38 20.98
CA GLY A 915 -35.12 39.29 20.97
C GLY A 915 -34.70 37.99 21.61
N THR A 916 -33.52 37.92 22.21
CA THR A 916 -33.10 36.65 22.78
C THR A 916 -33.95 36.29 23.98
N MET A 917 -34.11 34.99 24.20
CA MET A 917 -35.00 34.56 25.28
C MET A 917 -34.42 34.89 26.64
N LYS A 918 -33.11 34.89 26.77
CA LYS A 918 -32.48 35.37 28.00
C LYS A 918 -31.31 36.25 27.62
N LYS A 919 -31.10 37.32 28.39
CA LYS A 919 -30.15 38.34 28.01
C LYS A 919 -28.81 38.19 28.70
N PHE A 920 -27.88 38.98 28.15
CA PHE A 920 -26.47 39.11 28.53
C PHE A 920 -26.08 38.44 29.82
N PRO A 921 -26.14 39.20 30.93
CA PRO A 921 -25.58 38.84 32.23
C PRO A 921 -26.10 37.47 32.61
N CYS A 922 -26.43 36.69 31.58
CA CYS A 922 -26.93 35.34 31.80
C CYS A 922 -26.84 34.50 30.54
N ASN A 923 -27.08 35.10 29.38
CA ASN A 923 -26.94 34.36 28.13
C ASN A 923 -25.46 34.13 27.85
N SER A 924 -25.00 32.89 28.02
CA SER A 924 -23.58 32.64 27.83
C SER A 924 -23.16 32.85 26.39
N MET A 925 -23.98 32.46 25.42
CA MET A 925 -23.53 32.61 24.03
C MET A 925 -23.25 34.06 23.71
N GLN A 926 -24.15 34.95 24.12
CA GLN A 926 -23.89 36.36 23.94
C GLN A 926 -22.68 36.77 24.74
N ALA A 927 -22.55 36.26 25.96
CA ALA A 927 -21.39 36.63 26.76
C ALA A 927 -20.11 36.33 26.01
N MET A 928 -19.98 35.14 25.45
CA MET A 928 -18.75 34.76 24.77
C MET A 928 -18.52 35.60 23.52
N ALA A 929 -19.58 35.88 22.76
CA ALA A 929 -19.31 36.67 21.56
C ALA A 929 -19.00 38.12 21.89
N LEU A 930 -19.74 38.70 22.82
CA LEU A 930 -19.63 40.12 23.10
C LEU A 930 -18.39 40.45 23.92
N SER A 931 -18.07 39.61 24.90
CA SER A 931 -16.79 39.71 25.58
C SER A 931 -15.63 39.37 24.69
N GLY A 932 -15.84 38.58 23.65
CA GLY A 932 -14.74 38.12 22.85
C GLY A 932 -13.99 36.99 23.51
N ALA A 933 -14.67 36.20 24.33
CA ALA A 933 -14.08 34.94 24.75
C ALA A 933 -13.90 34.00 23.57
N LYS A 934 -14.94 33.88 22.75
CA LYS A 934 -14.86 33.17 21.49
C LYS A 934 -16.09 33.54 20.69
N GLY A 935 -15.97 33.50 19.38
CA GLY A 935 -17.10 33.84 18.55
C GLY A 935 -17.12 35.29 18.13
N SER A 936 -18.12 35.61 17.32
CA SER A 936 -18.35 36.97 16.89
C SER A 936 -19.85 37.22 16.87
N ASN A 937 -20.24 38.47 16.72
CA ASN A 937 -21.65 38.74 16.56
C ASN A 937 -22.18 38.08 15.29
N VAL A 938 -21.30 37.78 14.35
CA VAL A 938 -21.74 37.09 13.15
C VAL A 938 -22.19 35.69 13.50
N ASN A 939 -21.39 34.96 14.27
CA ASN A 939 -21.79 33.60 14.65
C ASN A 939 -23.10 33.64 15.42
N VAL A 940 -23.21 34.56 16.37
CA VAL A 940 -24.44 34.64 17.16
C VAL A 940 -25.64 34.90 16.27
N SER A 941 -25.47 35.74 15.26
CA SER A 941 -26.57 35.95 14.32
C SER A 941 -26.81 34.74 13.45
N GLN A 942 -25.79 33.95 13.17
CA GLN A 942 -26.00 32.76 12.36
C GLN A 942 -26.72 31.66 13.14
N ILE A 943 -26.48 31.56 14.44
CA ILE A 943 -27.27 30.63 15.24
C ILE A 943 -28.66 31.17 15.51
N MET A 944 -28.76 32.40 15.98
CA MET A 944 -30.02 32.83 16.54
C MET A 944 -30.95 33.45 15.52
N CYS A 945 -30.44 33.88 14.37
CA CYS A 945 -31.29 34.62 13.47
C CYS A 945 -31.45 33.85 12.16
N LEU A 946 -30.43 33.93 11.32
CA LEU A 946 -30.43 33.28 10.02
C LEU A 946 -28.99 33.15 9.56
N LEU A 947 -28.75 32.23 8.65
CA LEU A 947 -27.42 32.10 8.06
C LEU A 947 -27.14 33.24 7.10
N GLY A 948 -28.08 33.50 6.20
CA GLY A 948 -27.90 34.55 5.22
C GLY A 948 -27.30 34.02 3.94
N GLN A 949 -26.77 34.94 3.16
CA GLN A 949 -26.38 34.63 1.80
C GLN A 949 -25.06 33.89 1.75
N GLN A 950 -25.07 32.70 1.18
CA GLN A 950 -23.82 32.04 0.90
C GLN A 950 -23.20 32.70 -0.31
N ALA A 951 -21.87 32.68 -0.36
CA ALA A 951 -21.16 33.29 -1.47
C ALA A 951 -20.03 32.37 -1.88
N LEU A 952 -19.59 32.50 -3.13
CA LEU A 952 -18.45 31.74 -3.58
C LEU A 952 -17.55 32.60 -4.45
N GLU A 953 -16.26 32.59 -4.13
CA GLU A 953 -15.26 33.38 -4.81
C GLU A 953 -15.68 34.82 -5.03
N GLY A 954 -16.62 35.33 -4.26
CA GLY A 954 -17.03 36.71 -4.41
C GLY A 954 -18.39 36.92 -5.01
N ARG A 955 -19.14 35.86 -5.30
CA ARG A 955 -20.46 36.04 -5.86
C ARG A 955 -21.34 34.88 -5.46
N ARG A 956 -22.61 35.02 -5.82
CA ARG A 956 -23.67 34.09 -5.45
C ARG A 956 -23.43 32.70 -6.02
N VAL A 957 -24.32 31.77 -5.71
CA VAL A 957 -24.18 30.35 -6.03
C VAL A 957 -23.93 30.06 -7.50
N PRO A 958 -23.07 29.09 -7.83
CA PRO A 958 -22.95 28.63 -9.21
C PRO A 958 -24.30 28.22 -9.77
N VAL A 959 -24.46 28.40 -11.08
CA VAL A 959 -25.68 28.03 -11.78
C VAL A 959 -25.36 27.08 -12.91
N MET A 960 -26.15 26.00 -13.01
CA MET A 960 -26.11 25.09 -14.15
C MET A 960 -26.55 25.79 -15.43
N VAL A 961 -26.17 25.22 -16.57
CA VAL A 961 -26.55 25.76 -17.87
C VAL A 961 -28.05 25.71 -18.13
N SER A 962 -28.79 24.86 -17.44
CA SER A 962 -30.24 24.89 -17.58
C SER A 962 -30.86 26.11 -16.95
N GLY A 963 -30.10 26.86 -16.17
CA GLY A 963 -30.61 28.03 -15.51
C GLY A 963 -31.08 27.73 -14.11
N LYS A 964 -30.74 26.57 -13.60
CA LYS A 964 -31.22 26.06 -12.33
C LYS A 964 -30.02 25.92 -11.42
N THR A 965 -30.15 26.37 -10.18
CA THR A 965 -29.09 26.17 -9.23
C THR A 965 -29.24 24.89 -8.44
N LEU A 966 -30.40 24.26 -8.49
CA LEU A 966 -30.59 22.94 -7.93
C LEU A 966 -31.72 22.27 -8.68
N PRO A 967 -31.73 20.98 -8.75
CA PRO A 967 -32.83 20.29 -9.42
C PRO A 967 -34.19 20.83 -9.03
N SER A 968 -34.39 21.09 -7.74
CA SER A 968 -35.69 21.55 -7.29
C SER A 968 -36.09 22.95 -7.75
N PHE A 969 -35.20 23.74 -8.32
CA PHE A 969 -35.55 25.10 -8.72
C PHE A 969 -35.86 25.18 -10.21
N LYS A 970 -36.97 25.80 -10.56
CA LYS A 970 -37.22 26.01 -11.97
C LYS A 970 -36.15 26.97 -12.52
N PRO A 971 -35.85 26.88 -13.80
CA PRO A 971 -34.83 27.74 -14.39
C PRO A 971 -35.09 29.21 -14.14
N TYR A 972 -34.06 29.91 -13.69
CA TYR A 972 -34.09 31.35 -13.47
C TYR A 972 -35.00 31.76 -12.34
N GLU A 973 -35.26 30.86 -11.40
CA GLU A 973 -36.11 31.22 -10.28
C GLU A 973 -35.63 32.53 -9.69
N THR A 974 -36.54 33.48 -9.56
CA THR A 974 -36.14 34.77 -9.02
C THR A 974 -36.12 34.78 -7.49
N ASP A 975 -36.40 33.65 -6.86
CA ASP A 975 -36.32 33.60 -5.42
C ASP A 975 -34.87 33.78 -4.98
N ALA A 976 -34.69 34.55 -3.90
CA ALA A 976 -33.36 34.70 -3.35
C ALA A 976 -32.82 33.34 -2.90
N MET A 977 -33.67 32.53 -2.27
CA MET A 977 -33.22 31.24 -1.78
C MET A 977 -32.64 30.40 -2.91
N ALA A 978 -33.31 30.38 -4.06
CA ALA A 978 -32.80 29.57 -5.15
C ALA A 978 -31.44 30.06 -5.61
N GLY A 979 -31.16 31.35 -5.43
CA GLY A 979 -29.81 31.80 -5.65
C GLY A 979 -28.82 31.45 -4.57
N GLY A 980 -29.26 30.85 -3.47
CA GLY A 980 -28.36 30.53 -2.39
C GLY A 980 -28.54 31.34 -1.12
N TYR A 981 -29.55 32.20 -1.04
CA TYR A 981 -29.79 32.93 0.20
C TYR A 981 -30.50 32.03 1.20
N VAL A 982 -29.83 31.75 2.32
CA VAL A 982 -30.33 30.82 3.31
C VAL A 982 -31.08 31.57 4.41
N LYS A 983 -32.39 31.37 4.48
CA LYS A 983 -33.19 31.96 5.54
C LYS A 983 -33.21 31.15 6.82
N GLY A 984 -32.99 29.84 6.74
CA GLY A 984 -32.90 29.04 7.93
C GLY A 984 -31.67 29.35 8.76
N ARG A 985 -31.75 29.01 10.05
CA ARG A 985 -30.66 29.25 10.97
C ARG A 985 -30.31 27.94 11.66
N PHE A 986 -29.06 27.85 12.12
CA PHE A 986 -28.62 26.64 12.80
C PHE A 986 -29.49 26.21 13.96
N TYR A 987 -30.20 27.14 14.60
CA TYR A 987 -30.98 26.67 15.73
C TYR A 987 -32.22 25.91 15.30
N SER A 988 -32.75 26.21 14.13
CA SER A 988 -33.94 25.53 13.63
C SER A 988 -33.64 24.74 12.37
N GLY A 989 -32.38 24.68 11.98
CA GLY A 989 -31.95 23.83 10.89
C GLY A 989 -32.11 24.56 9.58
N ILE A 990 -31.57 23.95 8.54
CA ILE A 990 -31.64 24.54 7.22
C ILE A 990 -32.20 23.52 6.24
N LYS A 991 -33.07 23.99 5.35
CA LYS A 991 -33.66 23.09 4.39
C LYS A 991 -32.57 22.48 3.52
N PRO A 992 -32.84 21.32 2.93
CA PRO A 992 -31.79 20.65 2.18
C PRO A 992 -31.32 21.48 1.01
N GLN A 993 -32.19 22.27 0.41
CA GLN A 993 -31.74 23.12 -0.67
C GLN A 993 -30.73 24.13 -0.17
N GLU A 994 -30.78 24.44 1.11
CA GLU A 994 -29.84 25.38 1.70
C GLU A 994 -28.62 24.68 2.25
N TYR A 995 -28.83 23.49 2.78
CA TYR A 995 -27.70 22.67 3.18
C TYR A 995 -26.78 22.36 2.02
N TYR A 996 -27.34 22.16 0.85
CA TYR A 996 -26.48 21.97 -0.29
C TYR A 996 -25.68 23.21 -0.64
N PHE A 997 -26.15 24.40 -0.28
CA PHE A 997 -25.31 25.56 -0.55
C PHE A 997 -24.31 25.82 0.54
N HIS A 998 -24.74 25.69 1.79
CA HIS A 998 -23.81 25.92 2.88
C HIS A 998 -22.69 24.92 2.81
N CYS A 999 -22.96 23.75 2.22
CA CYS A 999 -21.88 22.84 1.91
C CYS A 999 -20.94 23.45 0.90
N MET A 1000 -21.47 24.24 -0.04
CA MET A 1000 -20.60 24.90 -1.00
C MET A 1000 -19.66 25.86 -0.29
N ALA A 1001 -20.22 26.75 0.51
CA ALA A 1001 -19.35 27.73 1.17
C ALA A 1001 -18.34 27.03 2.05
N GLY A 1002 -18.77 26.02 2.80
CA GLY A 1002 -17.83 25.32 3.65
C GLY A 1002 -16.70 24.68 2.87
N ARG A 1003 -17.01 24.13 1.70
CA ARG A 1003 -15.92 23.54 0.94
C ARG A 1003 -14.97 24.59 0.44
N GLU A 1004 -15.48 25.62 -0.23
CA GLU A 1004 -14.55 26.56 -0.84
C GLU A 1004 -13.73 27.25 0.23
N GLY A 1005 -14.29 27.42 1.42
CA GLY A 1005 -13.49 27.85 2.55
C GLY A 1005 -12.37 26.87 2.87
N LEU A 1006 -12.70 25.58 2.93
CA LEU A 1006 -11.63 24.64 3.24
C LEU A 1006 -10.56 24.63 2.15
N ILE A 1007 -10.92 24.95 0.92
CA ILE A 1007 -9.93 24.99 -0.13
C ILE A 1007 -8.99 26.17 0.05
N ASP A 1008 -9.53 27.37 0.17
CA ASP A 1008 -8.63 28.51 0.34
C ASP A 1008 -7.77 28.35 1.57
N THR A 1009 -8.38 27.86 2.65
CA THR A 1009 -7.65 27.71 3.90
C THR A 1009 -6.54 26.69 3.75
N ALA A 1010 -6.78 25.62 3.01
CA ALA A 1010 -5.75 24.60 2.92
C ALA A 1010 -4.71 24.87 1.86
N VAL A 1011 -4.93 25.82 0.95
CA VAL A 1011 -3.93 26.11 -0.07
C VAL A 1011 -3.12 27.38 0.17
N LYS A 1012 -3.63 28.33 0.96
CA LYS A 1012 -2.92 29.60 1.10
C LYS A 1012 -1.51 29.45 1.68
N THR A 1013 -1.29 28.45 2.53
CA THR A 1013 0.01 28.35 3.19
C THR A 1013 1.10 27.86 2.25
N SER A 1014 0.74 27.21 1.16
CA SER A 1014 1.76 26.80 0.22
C SER A 1014 2.24 27.96 -0.64
N ARG A 1015 1.36 28.91 -0.95
CA ARG A 1015 1.79 30.12 -1.61
C ARG A 1015 2.26 31.20 -0.66
N SER A 1016 2.22 30.96 0.65
CA SER A 1016 2.77 31.96 1.56
C SER A 1016 4.11 31.54 2.15
N GLY A 1017 4.42 30.25 2.13
CA GLY A 1017 5.77 29.82 2.46
C GLY A 1017 6.83 30.40 1.55
N TYR A 1018 6.60 30.33 0.23
CA TYR A 1018 7.59 30.90 -0.66
C TYR A 1018 7.67 32.41 -0.54
N LEU A 1019 6.58 33.06 -0.17
CA LEU A 1019 6.65 34.48 0.13
C LEU A 1019 7.56 34.73 1.31
N GLN A 1020 7.55 33.85 2.29
CA GLN A 1020 8.47 34.05 3.40
C GLN A 1020 9.90 33.84 2.96
N ARG A 1021 10.17 32.69 2.34
CA ARG A 1021 11.57 32.33 2.09
C ARG A 1021 12.24 33.21 1.04
N CYS A 1022 11.49 33.68 0.04
CA CYS A 1022 12.17 34.36 -1.06
C CYS A 1022 12.89 35.59 -0.57
N LEU A 1023 12.33 36.29 0.39
CA LEU A 1023 13.05 37.43 0.96
C LEU A 1023 13.72 37.11 2.28
N THR A 1024 13.34 36.01 2.92
CA THR A 1024 14.05 35.61 4.14
C THR A 1024 15.50 35.25 3.87
N LYS A 1025 15.78 34.61 2.74
CA LYS A 1025 17.18 34.43 2.37
C LYS A 1025 17.90 35.75 2.19
N GLN A 1026 17.23 36.75 1.63
CA GLN A 1026 17.98 37.96 1.31
C GLN A 1026 18.25 38.81 2.53
N LEU A 1027 17.26 39.00 3.38
CA LEU A 1027 17.46 39.96 4.46
C LEU A 1027 18.09 39.34 5.68
N GLU A 1028 18.50 38.07 5.62
CA GLU A 1028 19.05 37.45 6.82
C GLU A 1028 20.40 38.03 7.18
N GLY A 1029 21.24 38.29 6.17
CA GLY A 1029 22.43 39.10 6.34
C GLY A 1029 22.22 40.51 6.85
N VAL A 1030 21.00 40.98 6.92
CA VAL A 1030 20.74 42.40 7.14
C VAL A 1030 20.61 42.64 8.63
N HIS A 1031 21.49 43.46 9.18
CA HIS A 1031 21.44 43.69 10.62
C HIS A 1031 21.86 45.12 10.91
N VAL A 1032 21.83 45.43 12.20
CA VAL A 1032 22.17 46.76 12.69
C VAL A 1032 23.66 46.78 13.01
N SER A 1033 24.38 47.69 12.39
CA SER A 1033 25.75 47.89 12.83
C SER A 1033 25.78 48.61 14.16
N TYR A 1034 26.94 48.54 14.82
CA TYR A 1034 27.10 49.24 16.09
C TYR A 1034 27.01 50.75 15.94
N ASP A 1035 27.13 51.27 14.72
CA ASP A 1035 26.99 52.69 14.47
C ASP A 1035 25.55 53.09 14.21
N ASN A 1036 24.61 52.18 14.43
CA ASN A 1036 23.19 52.38 14.23
C ASN A 1036 22.83 52.29 12.75
N SER A 1037 23.80 52.24 11.85
CA SER A 1037 23.48 52.04 10.45
C SER A 1037 23.13 50.58 10.21
N ILE A 1038 22.21 50.35 9.29
CA ILE A 1038 21.84 48.98 8.92
C ILE A 1038 22.77 48.54 7.81
N ARG A 1039 23.68 47.64 8.13
CA ARG A 1039 24.51 47.02 7.12
C ARG A 1039 24.20 45.55 7.01
N ASP A 1040 24.44 45.00 5.83
CA ASP A 1040 24.29 43.57 5.65
C ASP A 1040 25.51 42.87 6.24
N ALA A 1041 25.45 41.55 6.33
CA ALA A 1041 26.62 40.84 6.83
C ALA A 1041 27.77 40.96 5.86
N ASP A 1042 27.50 41.35 4.63
CA ASP A 1042 28.55 41.76 3.72
C ASP A 1042 29.28 42.98 4.21
N GLY A 1043 28.55 43.96 4.72
CA GLY A 1043 29.08 45.28 4.99
C GLY A 1043 28.39 46.36 4.18
N THR A 1044 27.72 46.00 3.09
CA THR A 1044 26.95 46.97 2.33
C THR A 1044 25.92 47.66 3.21
N LEU A 1045 25.98 48.98 3.24
CA LEU A 1045 25.06 49.78 4.03
C LEU A 1045 23.71 49.88 3.32
N VAL A 1046 22.64 49.66 4.07
CA VAL A 1046 21.28 49.76 3.54
C VAL A 1046 20.58 51.03 3.98
N GLN A 1047 20.53 51.29 5.28
CA GLN A 1047 19.97 52.53 5.78
C GLN A 1047 20.90 53.15 6.81
N PHE A 1048 20.94 54.48 6.82
CA PHE A 1048 21.67 55.20 7.85
C PHE A 1048 20.96 55.19 9.19
N MET A 1049 19.68 54.88 9.25
CA MET A 1049 19.07 54.54 10.52
C MET A 1049 17.93 53.55 10.31
N TYR A 1050 17.62 52.81 11.37
CA TYR A 1050 16.50 51.88 11.35
C TYR A 1050 15.19 52.65 11.30
N GLY A 1051 14.43 52.47 10.22
CA GLY A 1051 13.19 53.19 10.02
C GLY A 1051 13.35 54.69 10.12
N GLY A 1052 14.59 55.13 10.21
CA GLY A 1052 14.93 56.52 10.36
C GLY A 1052 14.77 57.06 11.76
N ASP A 1053 14.42 56.22 12.74
CA ASP A 1053 14.36 56.67 14.12
C ASP A 1053 15.19 55.83 15.06
N ALA A 1054 15.64 54.65 14.65
CA ALA A 1054 16.35 53.75 15.56
C ALA A 1054 15.44 53.32 16.71
N ILE A 1055 14.13 53.25 16.46
CA ILE A 1055 13.19 52.83 17.48
C ILE A 1055 12.86 51.35 17.34
N ASP A 1056 12.86 50.64 18.45
CA ASP A 1056 12.40 49.26 18.49
C ASP A 1056 10.88 49.18 18.59
N ILE A 1057 10.28 48.41 17.69
CA ILE A 1057 8.83 48.25 17.68
C ILE A 1057 8.34 47.72 19.01
N THR A 1058 9.14 46.89 19.64
CA THR A 1058 8.79 46.27 20.91
C THR A 1058 8.91 47.25 22.05
N LYS A 1059 9.11 48.52 21.71
CA LYS A 1059 9.25 49.59 22.69
C LYS A 1059 8.26 50.70 22.37
N GLU A 1060 7.99 50.91 21.08
CA GLU A 1060 7.32 52.11 20.63
C GLU A 1060 5.95 52.30 21.27
N SER A 1061 5.25 51.23 21.62
CA SER A 1061 3.81 51.35 21.88
C SER A 1061 3.49 52.54 22.76
N HIS A 1062 4.22 52.75 23.85
CA HIS A 1062 3.94 53.87 24.73
C HIS A 1062 4.86 55.06 24.54
N MET A 1063 5.90 54.91 23.73
CA MET A 1063 6.80 56.02 23.49
C MET A 1063 6.07 57.26 23.01
N THR A 1064 4.88 57.10 22.44
CA THR A 1064 4.01 58.22 22.09
C THR A 1064 2.72 58.27 22.91
N GLN A 1065 2.69 57.66 24.09
CA GLN A 1065 1.54 57.78 24.97
C GLN A 1065 1.92 58.66 26.16
N PHE A 1066 1.97 59.97 25.91
CA PHE A 1066 2.57 60.85 26.90
C PHE A 1066 1.70 60.96 28.13
N GLU A 1067 0.40 61.16 27.95
CA GLU A 1067 -0.45 61.38 29.11
C GLU A 1067 -0.40 60.17 30.02
N PHE A 1068 -0.42 58.98 29.44
CA PHE A 1068 -0.32 57.77 30.24
C PHE A 1068 0.95 57.81 31.07
N CYS A 1069 2.08 58.06 30.41
CA CYS A 1069 3.33 58.16 31.14
C CYS A 1069 3.21 59.17 32.27
N LEU A 1070 2.47 60.25 32.05
CA LEU A 1070 2.40 61.29 33.04
C LEU A 1070 1.60 60.84 34.27
N ASP A 1071 0.45 60.22 34.07
CA ASP A 1071 -0.29 59.79 35.24
C ASP A 1071 0.46 58.73 36.04
N ASN A 1072 1.41 58.06 35.41
CA ASN A 1072 2.26 57.07 36.05
C ASN A 1072 3.69 57.57 36.04
N TYR A 1073 3.84 58.89 36.04
CA TYR A 1073 5.16 59.52 36.02
C TYR A 1073 6.11 58.97 37.07
N TYR A 1074 5.73 59.00 38.34
CA TYR A 1074 6.70 58.66 39.37
C TYR A 1074 7.22 57.25 39.23
N ALA A 1075 6.40 56.34 38.72
CA ALA A 1075 6.88 54.97 38.51
C ALA A 1075 7.93 54.95 37.42
N LEU A 1076 7.71 55.68 36.34
CA LEU A 1076 8.67 55.65 35.25
C LEU A 1076 9.94 56.36 35.66
N LEU A 1077 9.82 57.39 36.50
CA LEU A 1077 10.98 58.04 37.06
C LEU A 1077 11.74 57.08 37.96
N LYS A 1078 11.04 56.14 38.58
CA LYS A 1078 11.73 55.16 39.41
C LYS A 1078 12.40 54.10 38.56
N LYS A 1079 11.85 53.80 37.39
CA LYS A 1079 12.51 52.89 36.47
C LYS A 1079 13.72 53.56 35.83
N TYR A 1080 13.46 54.54 35.00
CA TYR A 1080 14.47 55.27 34.23
C TYR A 1080 15.14 56.40 35.02
N ASN A 1081 15.44 56.23 36.30
CA ASN A 1081 16.03 57.34 37.01
C ASN A 1081 17.32 57.78 36.31
N PRO A 1082 17.40 59.02 35.85
CA PRO A 1082 18.57 59.46 35.08
C PRO A 1082 19.82 59.75 35.89
N SER A 1083 19.68 60.08 37.18
CA SER A 1083 20.87 60.42 37.95
C SER A 1083 21.91 59.32 37.94
N ALA A 1084 21.50 58.07 37.75
CA ALA A 1084 22.51 57.03 37.66
C ALA A 1084 23.33 57.18 36.38
N LEU A 1085 22.70 57.66 35.31
CA LEU A 1085 23.28 57.67 33.97
C LEU A 1085 23.73 59.04 33.51
N ILE A 1086 23.27 60.11 34.17
CA ILE A 1086 23.61 61.47 33.76
C ILE A 1086 25.10 61.70 33.75
N GLU A 1087 25.87 60.75 34.26
CA GLU A 1087 27.32 60.81 34.30
C GLU A 1087 27.97 60.17 33.09
N HIS A 1088 27.20 59.47 32.25
CA HIS A 1088 27.74 58.70 31.14
C HIS A 1088 27.48 59.35 29.79
N LEU A 1089 26.78 60.47 29.73
CA LEU A 1089 26.31 61.00 28.46
C LEU A 1089 26.29 62.51 28.51
N ASP A 1090 25.86 63.11 27.41
CA ASP A 1090 25.70 64.56 27.28
C ASP A 1090 24.24 64.90 27.16
N VAL A 1091 23.79 65.88 27.94
CA VAL A 1091 22.41 66.32 27.95
C VAL A 1091 22.23 67.65 27.25
N GLU A 1092 23.25 68.12 26.54
CA GLU A 1092 23.17 69.44 25.92
C GLU A 1092 23.43 69.43 24.42
N SER A 1093 24.52 68.81 23.97
CA SER A 1093 24.89 68.88 22.56
C SER A 1093 23.68 68.66 21.67
N ALA A 1094 22.96 67.56 21.90
CA ALA A 1094 21.75 67.33 21.14
C ALA A 1094 20.72 68.41 21.46
N LEU A 1095 20.63 68.83 22.71
CA LEU A 1095 19.69 69.86 23.08
C LEU A 1095 20.02 71.19 22.40
N LYS A 1096 21.32 71.47 22.23
CA LYS A 1096 21.72 72.71 21.56
C LYS A 1096 21.38 72.66 20.08
N TYR A 1097 21.73 71.55 19.42
CA TYR A 1097 21.28 71.40 18.05
C TYR A 1097 19.77 71.55 18.00
N SER A 1098 19.08 70.99 19.00
CA SER A 1098 17.65 71.23 19.14
C SER A 1098 17.34 72.72 19.18
N LYS A 1099 18.25 73.54 19.72
CA LYS A 1099 17.98 74.97 19.75
C LYS A 1099 18.11 75.61 18.37
N LYS A 1100 19.19 75.30 17.64
CA LYS A 1100 19.32 75.87 16.30
C LYS A 1100 18.26 75.33 15.36
N THR A 1101 17.97 74.04 15.46
CA THR A 1101 16.97 73.43 14.62
C THR A 1101 15.58 73.93 14.99
N LEU A 1102 15.35 74.18 16.27
CA LEU A 1102 14.11 74.82 16.65
C LEU A 1102 13.98 76.20 16.03
N LYS A 1103 15.11 76.91 15.91
CA LYS A 1103 15.10 78.18 15.20
C LYS A 1103 14.69 78.03 13.73
N TYR A 1104 15.39 77.17 12.99
CA TYR A 1104 15.04 77.01 11.58
C TYR A 1104 13.64 76.43 11.39
N ARG A 1105 13.20 75.62 12.35
CA ARG A 1105 11.90 74.97 12.28
C ARG A 1105 10.78 75.95 12.54
N LYS A 1106 10.99 76.88 13.47
CA LYS A 1106 10.04 77.96 13.69
C LYS A 1106 10.04 78.94 12.53
N LYS A 1107 11.21 79.14 11.91
CA LYS A 1107 11.26 79.94 10.69
C LYS A 1107 10.63 79.22 9.51
N HIS A 1108 10.88 77.92 9.38
CA HIS A 1108 10.38 77.12 8.27
C HIS A 1108 9.31 76.12 8.68
N SER A 1109 8.54 76.44 9.71
CA SER A 1109 7.42 75.59 10.07
C SER A 1109 6.27 75.67 9.08
N PRO A 1112 7.32 75.48 1.98
CA PRO A 1112 7.01 74.31 1.13
C PRO A 1112 8.15 73.29 1.16
N HIS A 1113 7.77 72.02 1.14
CA HIS A 1113 8.67 70.88 1.36
C HIS A 1113 10.01 70.96 0.64
N TYR A 1114 10.06 71.47 -0.58
CA TYR A 1114 11.33 71.47 -1.31
C TYR A 1114 12.24 72.59 -0.85
N LYS A 1115 11.78 73.37 0.11
CA LYS A 1115 12.48 74.48 0.76
C LYS A 1115 13.12 74.01 2.06
N GLN A 1116 13.73 72.83 1.97
CA GLN A 1116 14.21 72.04 3.08
C GLN A 1116 15.26 72.76 3.91
N SER A 1117 15.45 72.23 5.12
CA SER A 1117 16.34 72.69 6.18
C SER A 1117 17.81 72.45 5.84
N VAL A 1118 18.17 72.70 4.58
CA VAL A 1118 19.48 72.34 4.06
C VAL A 1118 20.60 72.91 4.94
N LYS A 1119 20.29 73.92 5.75
CA LYS A 1119 21.30 74.32 6.72
C LYS A 1119 21.29 73.46 7.97
N TYR A 1120 20.24 72.69 8.19
CA TYR A 1120 20.13 71.86 9.39
C TYR A 1120 19.57 70.50 8.99
N ASP A 1121 20.43 69.49 9.00
CA ASP A 1121 19.95 68.12 9.02
C ASP A 1121 19.14 67.88 10.29
N PRO A 1122 18.37 66.79 10.34
CA PRO A 1122 17.69 66.45 11.58
C PRO A 1122 18.70 66.11 12.67
N VAL A 1123 18.24 66.25 13.90
CA VAL A 1123 19.14 66.04 15.05
C VAL A 1123 19.68 64.63 15.06
N LEU A 1124 18.93 63.67 14.52
CA LEU A 1124 19.46 62.31 14.46
C LEU A 1124 20.64 62.20 13.52
N ALA A 1125 20.80 63.13 12.59
CA ALA A 1125 21.95 63.04 11.68
C ALA A 1125 23.24 63.45 12.35
N LYS A 1126 23.19 64.30 13.37
CA LYS A 1126 24.38 64.95 13.89
C LYS A 1126 24.88 64.39 15.21
N TYR A 1127 24.11 63.54 15.89
CA TYR A 1127 24.56 63.01 17.17
C TYR A 1127 23.94 61.64 17.41
N ASN A 1128 24.76 60.69 17.84
CA ASN A 1128 24.27 59.35 18.14
C ASN A 1128 23.14 59.42 19.15
N PRO A 1129 21.93 59.01 18.78
CA PRO A 1129 20.77 59.21 19.64
C PRO A 1129 20.83 58.46 20.96
N ALA A 1130 21.73 57.49 21.08
CA ALA A 1130 21.92 56.74 22.31
C ALA A 1130 22.89 57.40 23.27
N LYS A 1131 23.48 58.54 22.90
CA LYS A 1131 24.58 59.10 23.66
C LYS A 1131 24.29 60.53 24.11
N TYR A 1132 23.61 61.31 23.28
CA TYR A 1132 23.19 62.66 23.64
C TYR A 1132 21.68 62.76 23.70
N LEU A 1133 21.15 62.67 24.93
CA LEU A 1133 19.72 62.73 25.18
C LEU A 1133 19.11 63.94 24.51
N GLY A 1134 18.18 63.69 23.60
CA GLY A 1134 17.54 64.76 22.87
C GLY A 1134 17.65 64.58 21.38
N SER A 1135 18.58 63.74 20.93
CA SER A 1135 18.63 63.44 19.51
C SER A 1135 17.46 62.52 19.21
N VAL A 1136 16.41 63.07 18.63
CA VAL A 1136 15.14 62.38 18.48
C VAL A 1136 14.55 62.83 17.15
N SER A 1137 13.69 62.00 16.57
CA SER A 1137 13.09 62.39 15.31
C SER A 1137 12.36 63.70 15.48
N GLU A 1138 12.41 64.55 14.45
CA GLU A 1138 11.69 65.81 14.54
C GLU A 1138 10.20 65.57 14.61
N ASN A 1139 9.74 64.45 14.05
CA ASN A 1139 8.34 64.07 14.18
C ASN A 1139 7.98 63.78 15.63
N PHE A 1140 8.83 63.00 16.30
CA PHE A 1140 8.61 62.72 17.71
C PHE A 1140 8.75 63.96 18.55
N GLN A 1141 9.79 64.76 18.31
CA GLN A 1141 9.93 66.00 19.05
C GLN A 1141 8.70 66.87 18.88
N ASP A 1142 8.26 67.05 17.64
CA ASP A 1142 7.11 67.90 17.39
C ASP A 1142 5.89 67.40 18.14
N LYS A 1143 5.59 66.11 18.06
CA LYS A 1143 4.41 65.65 18.77
C LYS A 1143 4.57 65.85 20.27
N LEU A 1144 5.78 65.70 20.78
CA LEU A 1144 5.97 65.83 22.22
C LEU A 1144 5.72 67.26 22.66
N GLU A 1145 6.32 68.21 21.97
CA GLU A 1145 6.07 69.61 22.30
C GLU A 1145 4.60 69.95 22.16
N SER A 1146 3.96 69.46 21.09
CA SER A 1146 2.56 69.80 20.90
C SER A 1146 1.74 69.23 22.04
N PHE A 1147 2.16 68.10 22.59
CA PHE A 1147 1.49 67.57 23.77
C PHE A 1147 1.71 68.50 24.94
N LEU A 1148 2.94 68.99 25.10
CA LEU A 1148 3.24 69.84 26.25
C LEU A 1148 2.46 71.14 26.19
N ASP A 1149 2.22 71.64 24.98
CA ASP A 1149 1.45 72.86 24.84
C ASP A 1149 -0.03 72.62 25.06
N LYS A 1150 -0.57 71.56 24.45
CA LYS A 1150 -1.98 71.28 24.63
C LYS A 1150 -2.31 70.72 26.00
N ASN A 1151 -1.31 70.42 26.82
CA ASN A 1151 -1.55 69.92 28.17
C ASN A 1151 -0.94 70.80 29.25
N SER A 1152 -0.48 72.00 28.90
CA SER A 1152 -0.03 72.96 29.91
C SER A 1152 -0.99 73.07 31.08
N LYS A 1153 -2.27 72.77 30.86
CA LYS A 1153 -3.24 72.83 31.94
C LYS A 1153 -3.17 71.65 32.88
N LEU A 1154 -2.86 70.45 32.39
CA LEU A 1154 -2.44 69.40 33.31
C LEU A 1154 -1.16 69.78 34.05
N PHE A 1155 -0.25 70.47 33.37
CA PHE A 1155 0.87 71.05 34.09
C PHE A 1155 0.47 72.21 34.95
N LYS A 1156 -0.78 72.68 34.84
CA LYS A 1156 -1.37 73.52 35.86
C LYS A 1156 -2.39 72.77 36.71
N SER A 1157 -2.36 71.44 36.70
CA SER A 1157 -3.11 70.66 37.66
C SER A 1157 -2.26 69.66 38.45
N SER A 1158 -0.95 69.64 38.24
CA SER A 1158 -0.12 68.63 38.88
C SER A 1158 0.38 69.11 40.25
N ASP A 1159 1.03 68.19 40.96
CA ASP A 1159 1.57 68.49 42.28
C ASP A 1159 3.04 68.86 42.19
N GLY A 1160 3.82 68.02 41.51
CA GLY A 1160 5.25 68.26 41.36
C GLY A 1160 5.79 67.71 40.06
N VAL A 1161 5.38 68.31 38.94
CA VAL A 1161 5.82 67.88 37.63
C VAL A 1161 5.86 69.04 36.65
N ASN A 1162 6.87 69.07 35.80
CA ASN A 1162 7.01 70.12 34.81
C ASN A 1162 7.45 69.59 33.47
N GLU A 1163 7.15 70.39 32.45
CA GLU A 1163 7.38 69.98 31.07
C GLU A 1163 8.86 69.87 30.79
N LYS A 1164 9.70 70.45 31.65
CA LYS A 1164 11.13 70.28 31.53
C LYS A 1164 11.60 68.98 32.16
N LYS A 1165 11.06 68.63 33.32
CA LYS A 1165 11.32 67.31 33.87
C LYS A 1165 10.52 66.23 33.16
N PHE A 1166 9.33 66.56 32.66
CA PHE A 1166 8.58 65.57 31.91
C PHE A 1166 9.19 65.38 30.55
N ARG A 1167 9.56 66.47 29.88
CA ARG A 1167 10.28 66.36 28.64
C ARG A 1167 11.58 65.61 28.84
N ALA A 1168 12.24 65.82 29.98
CA ALA A 1168 13.45 65.06 30.25
C ALA A 1168 13.15 63.58 30.34
N LEU A 1169 12.04 63.23 30.99
CA LEU A 1169 11.66 61.84 31.09
C LEU A 1169 11.38 61.24 29.72
N MET A 1170 10.65 61.96 28.87
CA MET A 1170 10.29 61.39 27.59
C MET A 1170 11.50 61.24 26.68
N GLN A 1171 12.43 62.20 26.74
CA GLN A 1171 13.68 62.00 26.03
C GLN A 1171 14.41 60.78 26.55
N LEU A 1172 14.37 60.55 27.85
CA LEU A 1172 15.13 59.41 28.36
C LEU A 1172 14.47 58.10 28.00
N LYS A 1173 13.14 58.07 27.99
CA LYS A 1173 12.43 56.90 27.50
C LYS A 1173 12.77 56.66 26.04
N TYR A 1174 12.91 57.74 25.27
CA TYR A 1174 13.25 57.59 23.87
C TYR A 1174 14.63 56.99 23.70
N MET A 1175 15.61 57.47 24.46
CA MET A 1175 16.92 56.85 24.45
C MET A 1175 16.84 55.39 24.85
N ARG A 1176 15.98 55.07 25.81
CA ARG A 1176 15.89 53.70 26.27
C ARG A 1176 15.03 52.82 25.39
N SER A 1177 14.43 53.35 24.34
CA SER A 1177 13.68 52.56 23.39
C SER A 1177 14.46 52.28 22.12
N LEU A 1178 15.74 52.62 22.07
CA LEU A 1178 16.45 52.53 20.81
C LEU A 1178 16.78 51.08 20.49
N ILE A 1179 16.93 50.81 19.20
CA ILE A 1179 17.24 49.46 18.77
C ILE A 1179 18.66 49.11 19.17
N ASN A 1180 18.85 47.92 19.70
CA ASN A 1180 20.17 47.54 20.16
C ASN A 1180 21.08 47.22 18.98
N PRO A 1181 22.36 47.58 19.07
CA PRO A 1181 23.33 47.11 18.10
C PRO A 1181 23.31 45.60 17.90
N GLY A 1182 23.22 45.18 16.65
CA GLY A 1182 23.28 43.77 16.30
C GLY A 1182 21.94 43.14 16.03
N GLU A 1183 20.87 43.90 16.13
CA GLU A 1183 19.53 43.38 15.93
C GLU A 1183 19.36 42.76 14.55
N ALA A 1184 18.64 41.66 14.50
CA ALA A 1184 18.44 40.87 13.30
C ALA A 1184 17.33 41.45 12.42
N VAL A 1185 17.27 42.77 12.31
CA VAL A 1185 16.09 43.42 11.78
C VAL A 1185 15.79 43.01 10.37
N GLY A 1186 16.74 42.49 9.64
CA GLY A 1186 16.37 42.00 8.34
C GLY A 1186 15.39 40.86 8.49
N ILE A 1187 15.82 39.82 9.19
CA ILE A 1187 14.94 38.68 9.43
C ILE A 1187 13.63 39.13 10.04
N ILE A 1188 13.70 39.91 11.11
CA ILE A 1188 12.48 40.42 11.74
C ILE A 1188 11.55 41.04 10.72
N ALA A 1189 12.09 41.85 9.82
CA ALA A 1189 11.23 42.44 8.80
C ALA A 1189 10.57 41.33 7.99
N SER A 1190 11.37 40.35 7.57
CA SER A 1190 10.84 39.36 6.65
C SER A 1190 9.70 38.60 7.31
N GLN A 1191 9.86 38.29 8.58
CA GLN A 1191 8.80 37.59 9.28
C GLN A 1191 7.61 38.50 9.49
N SER A 1192 7.85 39.80 9.71
CA SER A 1192 6.73 40.69 9.91
C SER A 1192 5.95 40.94 8.63
N VAL A 1193 6.47 40.58 7.46
CA VAL A 1193 5.68 40.62 6.25
C VAL A 1193 5.10 39.27 5.90
N GLY A 1194 5.86 38.20 6.10
CA GLY A 1194 5.33 36.88 5.83
C GLY A 1194 4.22 36.47 6.75
N GLU A 1195 4.53 36.33 8.04
CA GLU A 1195 3.58 35.80 9.01
C GLU A 1195 2.18 36.36 8.89
N PRO A 1196 1.97 37.66 8.82
CA PRO A 1196 0.61 38.17 8.68
C PRO A 1196 0.05 37.97 7.31
N SER A 1197 0.87 37.70 6.31
CA SER A 1197 0.33 37.44 4.99
C SER A 1197 -0.21 36.02 4.85
N THR A 1198 -0.13 35.21 5.89
CA THR A 1198 -0.79 33.92 5.81
C THR A 1198 -2.27 34.09 6.08
N GLN A 1199 -2.60 35.05 6.93
CA GLN A 1199 -4.00 35.38 7.17
C GLN A 1199 -4.65 35.97 5.94
N MET A 1200 -3.92 36.12 4.85
CA MET A 1200 -4.48 36.81 3.68
C MET A 1200 -5.22 35.80 2.82
N ASN A 1214 -10.66 45.43 -8.44
CA ASN A 1214 -10.35 46.39 -9.50
C ASN A 1214 -8.88 46.20 -9.92
N VAL A 1215 -8.04 45.81 -8.95
CA VAL A 1215 -6.62 45.58 -9.17
C VAL A 1215 -6.20 44.37 -8.35
N THR A 1216 -5.03 43.84 -8.67
CA THR A 1216 -4.57 42.65 -7.99
C THR A 1216 -4.24 42.99 -6.54
N LEU A 1217 -4.80 42.20 -5.64
CA LEU A 1217 -4.58 42.32 -4.21
C LEU A 1217 -3.81 41.14 -3.64
N GLY A 1218 -3.68 41.15 -2.32
CA GLY A 1218 -3.12 40.06 -1.56
C GLY A 1218 -1.85 39.50 -2.13
N ILE A 1219 -1.74 38.17 -2.03
CA ILE A 1219 -0.48 37.52 -2.34
C ILE A 1219 -0.06 37.75 -3.78
N PRO A 1220 -0.94 37.71 -4.76
CA PRO A 1220 -0.48 37.98 -6.13
C PRO A 1220 0.12 39.36 -6.26
N ARG A 1221 -0.44 40.36 -5.57
CA ARG A 1221 0.15 41.69 -5.61
C ARG A 1221 1.51 41.72 -4.94
N LEU A 1222 1.61 41.09 -3.78
CA LEU A 1222 2.87 41.13 -3.06
C LEU A 1222 3.95 40.36 -3.80
N ARG A 1223 3.56 39.26 -4.44
CA ARG A 1223 4.52 38.48 -5.20
C ARG A 1223 4.94 39.26 -6.44
N GLU A 1224 3.99 39.96 -7.05
CA GLU A 1224 4.31 40.75 -8.21
C GLU A 1224 5.29 41.85 -7.83
N ILE A 1225 5.21 42.34 -6.60
CA ILE A 1225 6.18 43.32 -6.13
C ILE A 1225 7.42 42.66 -5.56
N VAL A 1226 7.30 42.17 -4.33
CA VAL A 1226 8.47 41.68 -3.60
C VAL A 1226 9.17 40.56 -4.36
N MET A 1227 8.42 39.55 -4.78
CA MET A 1227 9.08 38.35 -5.27
C MET A 1227 9.60 38.51 -6.69
N THR A 1228 8.84 39.15 -7.58
CA THR A 1228 9.23 39.16 -8.97
C THR A 1228 9.66 40.53 -9.47
N ALA A 1229 9.33 41.59 -8.76
CA ALA A 1229 9.63 42.94 -9.21
C ALA A 1229 9.27 43.11 -10.68
N SER A 1230 8.12 42.58 -11.07
CA SER A 1230 7.81 42.48 -12.49
C SER A 1230 7.76 43.87 -13.09
N ALA A 1231 8.53 44.07 -14.16
CA ALA A 1231 8.42 45.34 -14.85
C ALA A 1231 7.13 45.48 -15.63
N ALA A 1232 6.30 44.45 -15.70
CA ALA A 1232 5.01 44.54 -16.37
C ALA A 1232 3.96 44.14 -15.35
N ILE A 1233 3.51 45.10 -14.56
CA ILE A 1233 2.35 44.86 -13.70
C ILE A 1233 1.19 44.41 -14.56
N LYS A 1234 0.33 43.59 -13.98
CA LYS A 1234 -0.89 43.20 -14.68
C LYS A 1234 -1.95 44.29 -14.66
N THR A 1235 -2.04 45.08 -13.60
CA THR A 1235 -3.04 46.13 -13.48
C THR A 1235 -2.41 47.48 -13.25
N PRO A 1236 -1.59 47.96 -14.17
CA PRO A 1236 -0.92 49.23 -13.98
C PRO A 1236 -1.93 50.35 -13.90
N GLN A 1237 -1.86 51.14 -12.83
CA GLN A 1237 -2.69 52.33 -12.71
C GLN A 1237 -1.85 53.54 -12.39
N MET A 1238 -2.36 54.69 -12.83
CA MET A 1238 -1.76 55.98 -12.55
C MET A 1238 -2.85 56.88 -11.99
N THR A 1239 -2.69 57.32 -10.76
CA THR A 1239 -3.67 58.19 -10.14
C THR A 1239 -3.40 59.64 -10.52
N LEU A 1240 -4.47 60.36 -10.86
CA LEU A 1240 -4.35 61.75 -11.29
C LEU A 1240 -5.09 62.70 -10.37
N PRO A 1241 -4.40 63.55 -9.62
CA PRO A 1241 -5.09 64.59 -8.87
C PRO A 1241 -5.59 65.66 -9.82
N ILE A 1242 -6.84 66.09 -9.63
CA ILE A 1242 -7.46 67.11 -10.46
C ILE A 1242 -7.61 68.38 -9.67
N TRP A 1243 -7.25 69.52 -10.28
CA TRP A 1243 -7.22 70.77 -9.54
C TRP A 1243 -8.57 71.03 -8.89
N ASN A 1244 -8.52 71.71 -7.75
CA ASN A 1244 -9.75 72.14 -7.09
C ASN A 1244 -10.67 72.85 -8.08
N ASP A 1245 -10.09 73.64 -8.99
CA ASP A 1245 -10.90 74.36 -9.95
C ASP A 1245 -11.52 73.47 -11.00
N VAL A 1246 -11.08 72.23 -11.11
CA VAL A 1246 -11.54 71.36 -12.19
C VAL A 1246 -12.93 70.88 -11.83
N SER A 1247 -13.92 71.23 -12.63
CA SER A 1247 -15.27 70.85 -12.27
C SER A 1247 -15.44 69.34 -12.34
N ASP A 1248 -16.45 68.84 -11.62
CA ASP A 1248 -16.78 67.42 -11.72
C ASP A 1248 -17.25 67.09 -13.13
N GLU A 1249 -17.96 68.03 -13.77
CA GLU A 1249 -18.41 67.80 -15.13
C GLU A 1249 -17.23 67.88 -16.09
N GLN A 1250 -16.35 68.85 -15.87
CA GLN A 1250 -15.09 68.87 -16.59
C GLN A 1250 -14.35 67.57 -16.37
N ALA A 1251 -14.43 67.03 -15.16
CA ALA A 1251 -13.73 65.79 -14.88
C ALA A 1251 -14.30 64.64 -15.69
N ASP A 1252 -15.62 64.57 -15.83
CA ASP A 1252 -16.19 63.50 -16.65
C ASP A 1252 -15.85 63.71 -18.12
N THR A 1253 -15.79 64.96 -18.55
CA THR A 1253 -15.44 65.24 -19.93
C THR A 1253 -14.01 64.82 -20.21
N PHE A 1254 -13.10 65.12 -19.30
CA PHE A 1254 -11.71 64.74 -19.50
C PHE A 1254 -11.51 63.24 -19.40
N CYS A 1255 -12.17 62.59 -18.44
CA CYS A 1255 -12.11 61.13 -18.36
C CYS A 1255 -12.54 60.48 -19.66
N LYS A 1256 -13.63 60.96 -20.25
CA LYS A 1256 -13.96 60.50 -21.60
C LYS A 1256 -12.88 60.92 -22.57
N SER A 1257 -12.31 62.10 -22.36
CA SER A 1257 -11.40 62.69 -23.32
C SER A 1257 -10.11 61.91 -23.46
N ILE A 1258 -9.70 61.20 -22.42
CA ILE A 1258 -8.47 60.42 -22.50
C ILE A 1258 -8.66 58.95 -22.83
N SER A 1259 -9.83 58.38 -22.55
CA SER A 1259 -9.98 56.94 -22.71
C SER A 1259 -9.76 56.54 -24.17
N LYS A 1260 -9.14 55.39 -24.36
CA LYS A 1260 -8.93 54.90 -25.72
C LYS A 1260 -10.27 54.52 -26.34
N VAL A 1261 -10.37 54.73 -27.65
CA VAL A 1261 -11.54 54.33 -28.41
C VAL A 1261 -11.07 53.55 -29.63
N LEU A 1262 -11.33 52.25 -29.63
CA LEU A 1262 -10.97 51.41 -30.74
C LEU A 1262 -12.00 51.57 -31.86
N LEU A 1263 -11.55 51.36 -33.10
CA LEU A 1263 -12.50 51.43 -34.20
C LEU A 1263 -13.63 50.44 -34.00
N SER A 1264 -13.32 49.27 -33.46
CA SER A 1264 -14.36 48.30 -33.17
C SER A 1264 -15.43 48.96 -32.32
N GLU A 1265 -15.01 49.84 -31.42
CA GLU A 1265 -15.91 50.39 -30.44
C GLU A 1265 -17.02 51.21 -31.07
N VAL A 1266 -16.83 51.67 -32.30
CA VAL A 1266 -17.85 52.47 -32.98
C VAL A 1266 -18.64 51.71 -34.01
N ILE A 1267 -18.28 50.47 -34.29
CA ILE A 1267 -18.90 49.74 -35.39
C ILE A 1267 -20.19 49.10 -34.89
N ASP A 1268 -21.25 49.25 -35.68
CA ASP A 1268 -22.51 48.57 -35.40
C ASP A 1268 -22.59 47.23 -36.11
N LYS A 1269 -22.37 47.23 -37.42
CA LYS A 1269 -22.45 46.02 -38.19
C LYS A 1269 -21.42 46.10 -39.31
N VAL A 1270 -20.86 44.96 -39.67
CA VAL A 1270 -19.98 44.86 -40.80
C VAL A 1270 -20.56 43.80 -41.71
N ILE A 1271 -20.93 44.19 -42.92
CA ILE A 1271 -21.46 43.29 -43.92
C ILE A 1271 -20.46 43.22 -45.05
N VAL A 1272 -19.99 42.02 -45.35
CA VAL A 1272 -19.13 41.77 -46.49
C VAL A 1272 -19.95 41.07 -47.55
N THR A 1273 -20.11 41.69 -48.70
CA THR A 1273 -20.76 41.03 -49.82
C THR A 1273 -19.64 40.61 -50.78
N GLU A 1274 -19.16 39.39 -50.59
CA GLU A 1274 -18.20 38.79 -51.52
C GLU A 1274 -18.93 38.32 -52.76
N THR A 1275 -18.64 38.94 -53.90
CA THR A 1275 -19.20 38.54 -55.18
C THR A 1275 -18.04 38.22 -56.11
N THR A 1276 -18.08 37.02 -56.68
CA THR A 1276 -17.15 36.60 -57.72
C THR A 1276 -17.90 36.62 -59.04
N ALA A 1286 -14.39 40.14 -63.25
CA ALA A 1286 -14.32 38.85 -62.57
C ALA A 1286 -13.12 38.74 -61.65
N ALA A 1287 -12.53 39.85 -61.24
CA ALA A 1287 -11.76 39.83 -60.01
C ALA A 1287 -12.67 39.41 -58.86
N ARG A 1288 -12.06 39.03 -57.76
CA ARG A 1288 -12.81 38.64 -56.57
C ARG A 1288 -13.21 39.92 -55.86
N SER A 1289 -14.50 40.22 -55.89
CA SER A 1289 -15.03 41.46 -55.33
C SER A 1289 -15.46 41.27 -53.89
N TYR A 1290 -14.98 42.13 -53.02
CA TYR A 1290 -15.44 42.20 -51.63
C TYR A 1290 -15.99 43.60 -51.44
N VAL A 1291 -17.31 43.70 -51.37
CA VAL A 1291 -17.95 44.97 -51.06
C VAL A 1291 -18.18 45.03 -49.56
N ILE A 1292 -17.34 45.80 -48.87
CA ILE A 1292 -17.41 45.89 -47.42
C ILE A 1292 -18.26 47.10 -47.10
N HIS A 1293 -19.44 46.86 -46.54
CA HIS A 1293 -20.33 47.90 -46.08
C HIS A 1293 -20.32 47.87 -44.57
N MET A 1294 -19.82 48.93 -43.95
CA MET A 1294 -19.77 49.04 -42.51
C MET A 1294 -20.91 49.95 -42.11
N ARG A 1295 -21.99 49.39 -41.58
CA ARG A 1295 -23.09 50.22 -41.12
C ARG A 1295 -22.81 50.56 -39.67
N PHE A 1296 -22.45 51.82 -39.42
CA PHE A 1296 -22.05 52.29 -38.11
C PHE A 1296 -23.26 52.66 -37.26
N PHE A 1297 -22.97 53.07 -36.04
CA PHE A 1297 -23.97 53.72 -35.20
C PHE A 1297 -24.27 55.12 -35.73
N ASP A 1298 -25.16 55.83 -35.04
CA ASP A 1298 -25.43 57.20 -35.42
C ASP A 1298 -24.23 58.10 -35.12
N ASN A 1299 -24.08 59.12 -35.96
CA ASN A 1299 -22.98 60.07 -35.77
C ASN A 1299 -23.00 60.63 -34.36
N ASN A 1300 -24.18 61.01 -33.87
CA ASN A 1300 -24.30 61.55 -32.53
C ASN A 1300 -24.09 60.47 -31.47
N GLU A 1301 -24.26 59.21 -31.84
CA GLU A 1301 -24.14 58.13 -30.87
C GLU A 1301 -22.70 57.98 -30.41
N TYR A 1302 -21.80 57.75 -31.36
CA TYR A 1302 -20.38 57.72 -31.07
C TYR A 1302 -19.81 59.10 -30.81
N SER A 1303 -20.50 60.15 -31.26
CA SER A 1303 -20.02 61.48 -30.94
C SER A 1303 -20.28 61.82 -29.49
N GLU A 1304 -21.32 61.25 -28.89
CA GLU A 1304 -21.59 61.46 -27.49
C GLU A 1304 -21.04 60.37 -26.60
N GLU A 1305 -20.64 59.23 -27.16
CA GLU A 1305 -19.95 58.25 -26.33
C GLU A 1305 -18.44 58.39 -26.37
N TYR A 1306 -17.89 58.74 -27.52
CA TYR A 1306 -16.44 58.78 -27.68
C TYR A 1306 -15.90 60.13 -28.12
N ASP A 1307 -16.74 61.15 -28.24
CA ASP A 1307 -16.26 62.49 -28.51
C ASP A 1307 -15.38 62.49 -29.75
N VAL A 1308 -15.93 61.94 -30.83
CA VAL A 1308 -15.25 61.88 -32.10
C VAL A 1308 -16.24 62.22 -33.21
N SER A 1309 -15.72 62.64 -34.36
CA SER A 1309 -16.57 63.08 -35.45
C SER A 1309 -16.51 62.08 -36.60
N LYS A 1310 -17.36 62.34 -37.59
CA LYS A 1310 -17.31 61.57 -38.84
C LYS A 1310 -16.09 61.89 -39.67
N GLU A 1311 -15.58 63.12 -39.61
CA GLU A 1311 -14.38 63.46 -40.35
C GLU A 1311 -13.19 62.68 -39.83
N GLU A 1312 -13.10 62.54 -38.51
CA GLU A 1312 -12.06 61.73 -37.92
C GLU A 1312 -12.20 60.29 -38.35
N LEU A 1313 -13.43 59.82 -38.55
CA LEU A 1313 -13.63 58.49 -39.05
C LEU A 1313 -13.13 58.38 -40.48
N GLN A 1314 -13.33 59.43 -41.27
CA GLN A 1314 -12.81 59.43 -42.63
C GLN A 1314 -11.30 59.28 -42.60
N ASN A 1315 -10.63 60.15 -41.83
CA ASN A 1315 -9.18 60.10 -41.79
C ASN A 1315 -8.67 58.75 -41.29
N VAL A 1316 -9.29 58.22 -40.24
CA VAL A 1316 -8.80 56.98 -39.65
C VAL A 1316 -9.01 55.82 -40.61
N ILE A 1317 -10.18 55.74 -41.23
CA ILE A 1317 -10.44 54.65 -42.16
C ILE A 1317 -9.47 54.75 -43.33
N SER A 1318 -9.38 55.94 -43.91
CA SER A 1318 -8.63 56.13 -45.13
C SER A 1318 -7.14 55.97 -44.91
N ASN A 1319 -6.70 56.16 -43.66
CA ASN A 1319 -5.30 56.09 -43.30
C ASN A 1319 -4.94 54.84 -42.51
N GLN A 1320 -5.65 54.57 -41.43
CA GLN A 1320 -5.30 53.44 -40.56
C GLN A 1320 -5.99 52.15 -40.99
N PHE A 1321 -7.31 52.09 -40.82
CA PHE A 1321 -8.02 50.83 -41.01
C PHE A 1321 -7.71 50.15 -42.33
N ILE A 1322 -7.90 50.88 -43.43
CA ILE A 1322 -7.75 50.27 -44.74
C ILE A 1322 -6.34 49.78 -44.98
N HIS A 1323 -5.35 50.60 -44.62
CA HIS A 1323 -3.98 50.19 -44.88
C HIS A 1323 -3.64 48.90 -44.15
N LEU A 1324 -4.13 48.76 -42.91
CA LEU A 1324 -3.79 47.59 -42.13
C LEU A 1324 -4.54 46.37 -42.62
N LEU A 1325 -5.79 46.55 -42.99
CA LEU A 1325 -6.56 45.42 -43.49
C LEU A 1325 -6.00 44.95 -44.82
N GLU A 1326 -5.70 45.87 -45.72
CA GLU A 1326 -5.13 45.48 -47.01
C GLU A 1326 -3.78 44.80 -46.84
N ALA A 1327 -2.97 45.27 -45.89
CA ALA A 1327 -1.72 44.55 -45.61
C ALA A 1327 -1.99 43.16 -45.07
N ALA A 1328 -3.06 42.99 -44.29
CA ALA A 1328 -3.33 41.67 -43.75
C ALA A 1328 -3.83 40.76 -44.86
N ILE A 1329 -4.51 41.35 -45.84
CA ILE A 1329 -4.99 40.57 -46.96
C ILE A 1329 -3.82 40.07 -47.77
N VAL A 1330 -2.82 40.94 -48.00
CA VAL A 1330 -1.63 40.49 -48.70
C VAL A 1330 -0.99 39.36 -47.91
N LYS A 1331 -0.99 39.48 -46.58
CA LYS A 1331 -0.45 38.40 -45.77
C LYS A 1331 -1.23 37.12 -45.99
N GLU A 1332 -2.54 37.23 -46.20
CA GLU A 1332 -3.34 36.03 -46.42
C GLU A 1332 -3.09 35.41 -47.79
N ILE A 1333 -2.77 36.23 -48.78
CA ILE A 1333 -2.37 35.63 -50.06
C ILE A 1333 -1.07 34.88 -49.87
N LYS A 1334 -0.13 35.49 -49.13
CA LYS A 1334 1.08 34.77 -48.80
C LYS A 1334 0.75 33.46 -48.13
N LYS A 1335 -0.25 33.47 -47.26
CA LYS A 1335 -0.75 32.22 -46.71
C LYS A 1335 -1.28 31.28 -47.78
N GLN A 1336 -1.78 31.81 -48.90
CA GLN A 1336 -2.29 30.92 -49.94
C GLN A 1336 -1.15 30.22 -50.66
N LYS A 1337 -0.07 30.95 -50.96
CA LYS A 1337 1.04 30.35 -51.70
C LYS A 1337 1.99 29.59 -50.80
N ASN A 1438 -24.85 61.74 -54.70
CA ASN A 1438 -24.06 60.52 -54.75
C ASN A 1438 -22.74 60.76 -55.46
N MET A 1439 -21.67 60.12 -54.95
CA MET A 1439 -20.40 60.02 -55.67
C MET A 1439 -20.01 61.35 -56.30
N ASN A 1440 -19.99 62.41 -55.49
CA ASN A 1440 -19.67 63.71 -56.04
C ASN A 1440 -18.20 63.78 -56.44
N LYS A 1441 -17.84 64.90 -57.09
CA LYS A 1441 -16.47 65.09 -57.53
C LYS A 1441 -15.49 65.11 -56.38
N VAL A 1442 -15.81 65.82 -55.30
CA VAL A 1442 -14.90 65.81 -54.15
C VAL A 1442 -14.85 64.42 -53.52
N GLN A 1443 -15.99 63.74 -53.47
CA GLN A 1443 -15.99 62.37 -53.00
C GLN A 1443 -15.30 61.45 -53.99
N ARG A 1444 -15.51 61.69 -55.29
CA ARG A 1444 -14.90 60.86 -56.30
C ARG A 1444 -13.39 61.01 -56.25
N ASP A 1445 -12.92 62.24 -56.00
CA ASP A 1445 -11.51 62.52 -55.80
C ASP A 1445 -10.99 61.86 -54.54
N ARG A 1446 -11.81 61.77 -53.49
CA ARG A 1446 -11.34 61.05 -52.31
C ARG A 1446 -11.18 59.58 -52.61
N GLN A 1447 -12.20 58.96 -53.19
CA GLN A 1447 -12.11 57.55 -53.53
C GLN A 1447 -10.92 57.28 -54.43
N SER A 1448 -10.75 58.10 -55.47
CA SER A 1448 -9.61 57.94 -56.37
C SER A 1448 -8.29 58.12 -55.63
N ALA A 1449 -8.27 59.02 -54.65
CA ALA A 1449 -7.05 59.25 -53.89
C ALA A 1449 -6.74 58.06 -53.00
N ILE A 1450 -7.77 57.43 -52.46
CA ILE A 1450 -7.57 56.30 -51.57
C ILE A 1450 -7.12 55.09 -52.37
N ILE A 1451 -7.70 54.91 -53.56
CA ILE A 1451 -7.16 53.92 -54.48
C ILE A 1451 -5.71 54.23 -54.74
N SER A 1452 -5.39 55.51 -54.86
CA SER A 1452 -4.01 55.89 -55.12
C SER A 1452 -3.13 55.60 -53.93
N HIS A 1453 -3.72 55.47 -52.74
CA HIS A 1453 -2.95 55.11 -51.56
C HIS A 1453 -2.96 53.62 -51.26
N HIS A 1454 -3.91 52.88 -51.82
CA HIS A 1454 -4.07 51.48 -51.49
C HIS A 1454 -4.29 50.68 -52.77
N ARG A 1455 -3.54 49.60 -52.92
CA ARG A 1455 -3.48 48.92 -54.22
C ARG A 1455 -4.72 48.09 -54.51
N PHE A 1456 -5.44 47.62 -53.49
CA PHE A 1456 -6.55 46.71 -53.71
C PHE A 1456 -7.91 47.37 -53.79
N ILE A 1457 -8.06 48.58 -53.26
CA ILE A 1457 -9.38 49.15 -53.05
C ILE A 1457 -9.87 49.79 -54.34
N THR A 1458 -11.18 49.81 -54.53
CA THR A 1458 -11.73 50.27 -55.79
C THR A 1458 -12.77 51.35 -55.62
N LYS A 1459 -13.72 51.16 -54.70
CA LYS A 1459 -14.76 52.13 -54.48
C LYS A 1459 -14.78 52.62 -53.04
N TYR A 1460 -15.42 53.78 -52.85
CA TYR A 1460 -15.62 54.33 -51.52
C TYR A 1460 -16.92 55.14 -51.49
N ASN A 1461 -17.92 54.61 -50.81
CA ASN A 1461 -19.18 55.31 -50.60
C ASN A 1461 -19.30 55.58 -49.11
N PHE A 1462 -19.51 56.83 -48.74
CA PHE A 1462 -19.60 57.21 -47.34
C PHE A 1462 -20.89 57.96 -47.04
N ASP A 1463 -21.52 57.64 -45.91
CA ASP A 1463 -22.64 58.43 -45.40
C ASP A 1463 -22.12 59.72 -44.79
N ASP A 1464 -21.88 60.71 -45.66
CA ASP A 1464 -21.47 62.03 -45.22
C ASP A 1464 -22.56 62.77 -44.44
N GLU A 1465 -23.81 62.34 -44.54
CA GLU A 1465 -24.86 62.98 -43.75
C GLU A 1465 -24.82 62.59 -42.28
N SER A 1466 -24.14 61.51 -41.93
CA SER A 1466 -23.94 61.22 -40.52
C SER A 1466 -22.65 60.48 -40.29
N GLY A 1467 -22.33 59.56 -41.19
CA GLY A 1467 -21.22 58.65 -40.99
C GLY A 1467 -21.71 57.27 -40.67
N LYS A 1468 -23.00 57.01 -40.89
CA LYS A 1468 -23.64 55.81 -40.38
C LYS A 1468 -23.03 54.57 -41.00
N TRP A 1469 -22.42 54.71 -42.17
CA TRP A 1469 -21.75 53.57 -42.77
C TRP A 1469 -20.61 54.03 -43.67
N CYS A 1470 -19.79 53.06 -44.03
CA CYS A 1470 -18.57 53.27 -44.82
C CYS A 1470 -18.47 52.08 -45.75
N GLU A 1471 -18.67 52.32 -47.04
CA GLU A 1471 -18.61 51.27 -48.04
C GLU A 1471 -17.45 51.49 -48.99
N PHE A 1472 -16.69 50.42 -49.23
CA PHE A 1472 -15.58 50.49 -50.17
C PHE A 1472 -15.49 49.13 -50.84
N LYS A 1473 -15.25 49.12 -52.14
CA LYS A 1473 -15.26 47.89 -52.90
C LYS A 1473 -13.83 47.40 -53.09
N LEU A 1474 -13.61 46.12 -52.80
CA LEU A 1474 -12.31 45.49 -52.94
C LEU A 1474 -12.43 44.34 -53.92
N GLU A 1475 -11.58 44.34 -54.93
CA GLU A 1475 -11.62 43.34 -55.99
C GLU A 1475 -10.27 42.61 -56.00
N LEU A 1476 -10.33 41.28 -56.06
CA LEU A 1476 -9.12 40.48 -56.02
C LEU A 1476 -9.09 39.46 -57.15
N ALA A 1477 -7.88 39.10 -57.55
CA ALA A 1477 -7.68 38.15 -58.64
C ALA A 1477 -8.16 36.76 -58.27
N ALA A 1478 -8.70 36.05 -59.27
CA ALA A 1478 -9.13 34.67 -59.09
C ALA A 1478 -8.20 33.89 -58.17
N ASP A 1479 -6.90 34.01 -58.42
CA ASP A 1479 -5.86 33.41 -57.58
C ASP A 1479 -6.03 33.70 -56.09
N THR A 1480 -7.00 34.53 -55.73
CA THR A 1480 -7.24 34.85 -54.33
C THR A 1480 -8.03 33.77 -53.59
N GLU A 1481 -8.67 32.86 -54.31
CA GLU A 1481 -9.36 31.74 -53.68
C GLU A 1481 -10.38 32.09 -52.62
N LYS A 1482 -10.00 31.95 -51.35
CA LYS A 1482 -10.98 32.10 -50.29
C LYS A 1482 -10.31 32.57 -49.01
N LEU A 1483 -10.99 33.48 -48.31
CA LEU A 1483 -10.61 33.85 -46.96
C LEU A 1483 -11.87 34.08 -46.15
N LEU A 1484 -11.72 34.21 -44.83
CA LEU A 1484 -12.88 34.52 -43.99
C LEU A 1484 -12.86 36.03 -43.82
N MET A 1485 -13.48 36.70 -44.79
CA MET A 1485 -13.33 38.15 -44.83
C MET A 1485 -13.98 38.79 -43.62
N VAL A 1486 -15.14 38.31 -43.21
CA VAL A 1486 -15.76 38.80 -41.98
C VAL A 1486 -14.79 38.71 -40.82
N ASN A 1487 -14.15 37.56 -40.64
CA ASN A 1487 -13.28 37.41 -39.48
C ASN A 1487 -12.05 38.29 -39.58
N ILE A 1488 -11.46 38.43 -40.77
CA ILE A 1488 -10.30 39.30 -40.91
C ILE A 1488 -10.70 40.73 -40.62
N VAL A 1489 -11.83 41.15 -41.18
CA VAL A 1489 -12.30 42.50 -40.94
C VAL A 1489 -12.46 42.73 -39.45
N GLU A 1490 -13.19 41.85 -38.79
CA GLU A 1490 -13.31 41.93 -37.34
C GLU A 1490 -11.95 42.14 -36.68
N GLU A 1491 -10.96 41.32 -37.04
CA GLU A 1491 -9.66 41.47 -36.41
C GLU A 1491 -9.09 42.86 -36.62
N ILE A 1492 -9.32 43.44 -37.79
CA ILE A 1492 -8.77 44.77 -37.96
C ILE A 1492 -9.61 45.76 -37.20
N CYS A 1493 -10.90 45.48 -37.03
CA CYS A 1493 -11.73 46.38 -36.26
C CYS A 1493 -11.18 46.48 -34.85
N ARG A 1494 -10.77 45.35 -34.29
CA ARG A 1494 -10.16 45.39 -32.96
C ARG A 1494 -8.72 45.84 -33.01
N LYS A 1495 -8.15 46.06 -34.20
CA LYS A 1495 -6.80 46.59 -34.30
C LYS A 1495 -6.78 48.02 -34.81
N SER A 1496 -7.94 48.62 -35.05
CA SER A 1496 -8.00 50.03 -35.43
C SER A 1496 -8.42 50.85 -34.22
N ILE A 1497 -7.72 51.95 -34.00
CA ILE A 1497 -7.95 52.80 -32.83
C ILE A 1497 -8.33 54.18 -33.33
N ILE A 1498 -9.41 54.73 -32.79
CA ILE A 1498 -9.70 56.14 -33.03
C ILE A 1498 -8.74 57.02 -32.26
N ARG A 1499 -8.61 56.77 -30.96
CA ARG A 1499 -7.79 57.60 -30.10
C ARG A 1499 -7.19 56.73 -29.02
N GLN A 1500 -5.86 56.66 -28.96
CA GLN A 1500 -5.15 55.97 -27.89
C GLN A 1500 -3.93 56.78 -27.49
N ILE A 1501 -3.82 57.06 -26.20
CA ILE A 1501 -2.55 57.52 -25.62
C ILE A 1501 -1.72 56.30 -25.30
N PRO A 1502 -0.52 56.18 -25.84
CA PRO A 1502 0.28 54.96 -25.64
C PRO A 1502 0.26 54.50 -24.19
N HIS A 1503 -0.08 53.23 -23.98
CA HIS A 1503 -0.01 52.59 -22.69
C HIS A 1503 -1.22 52.94 -21.83
N ILE A 1504 -2.10 53.82 -22.28
CA ILE A 1504 -3.22 54.31 -21.50
C ILE A 1504 -4.47 53.65 -22.05
N ASP A 1505 -5.27 53.08 -21.16
CA ASP A 1505 -6.48 52.39 -21.60
C ASP A 1505 -7.75 53.18 -21.34
N ARG A 1506 -8.02 53.51 -20.09
CA ARG A 1506 -9.27 54.16 -19.74
C ARG A 1506 -9.06 55.11 -18.58
N CYS A 1507 -9.76 56.23 -18.62
CA CYS A 1507 -9.75 57.20 -17.54
C CYS A 1507 -11.11 57.13 -16.87
N VAL A 1508 -11.13 56.80 -15.59
CA VAL A 1508 -12.38 56.59 -14.88
C VAL A 1508 -12.52 57.61 -13.77
N HIS A 1509 -13.75 57.75 -13.32
CA HIS A 1509 -14.09 58.80 -12.37
C HIS A 1509 -14.53 58.23 -11.04
N PRO A 1510 -13.63 57.57 -10.31
CA PRO A 1510 -14.07 56.83 -9.13
C PRO A 1510 -14.51 57.82 -8.07
N GLU A 1511 -15.16 57.32 -7.05
CA GLU A 1511 -15.73 58.25 -6.09
C GLU A 1511 -14.60 58.88 -5.28
N PRO A 1512 -14.65 60.19 -5.04
CA PRO A 1512 -13.59 60.81 -4.26
C PRO A 1512 -13.73 60.33 -2.83
N GLU A 1513 -12.59 60.13 -2.17
CA GLU A 1513 -12.68 59.60 -0.82
C GLU A 1513 -11.44 59.99 -0.06
N ASN A 1514 -11.64 60.43 1.18
CA ASN A 1514 -10.53 60.72 2.08
C ASN A 1514 -9.51 61.64 1.43
N GLY A 1515 -9.93 62.42 0.44
CA GLY A 1515 -8.98 63.27 -0.24
C GLY A 1515 -9.63 64.00 -1.40
N LYS A 1516 -8.83 64.90 -1.97
CA LYS A 1516 -9.19 65.62 -3.18
C LYS A 1516 -9.69 64.68 -4.28
N ARG A 1517 -10.58 65.24 -5.09
CA ARG A 1517 -11.06 64.56 -6.30
C ARG A 1517 -9.89 64.15 -7.18
N VAL A 1518 -9.93 62.90 -7.64
CA VAL A 1518 -8.90 62.39 -8.54
C VAL A 1518 -9.52 61.47 -9.59
N LEU A 1519 -8.74 61.21 -10.63
CA LEU A 1519 -9.11 60.27 -11.67
C LEU A 1519 -8.09 59.15 -11.76
N VAL A 1520 -8.57 57.92 -11.77
CA VAL A 1520 -7.74 56.73 -11.78
C VAL A 1520 -7.68 56.19 -13.20
N THR A 1521 -6.50 56.16 -13.78
CA THR A 1521 -6.31 55.64 -15.13
C THR A 1521 -5.90 54.18 -15.07
N GLU A 1522 -6.32 53.41 -16.06
CA GLU A 1522 -5.84 52.04 -16.17
C GLU A 1522 -4.77 52.00 -17.26
N GLY A 1523 -3.63 52.57 -16.90
CA GLY A 1523 -2.44 52.56 -17.71
C GLY A 1523 -1.47 53.55 -17.11
N VAL A 1524 -0.22 53.49 -17.58
CA VAL A 1524 0.80 54.36 -17.02
C VAL A 1524 1.56 55.05 -18.15
N ASN A 1525 1.41 56.37 -18.24
CA ASN A 1525 2.17 57.16 -19.22
C ASN A 1525 2.27 58.59 -18.68
N PHE A 1526 3.39 58.89 -18.02
CA PHE A 1526 3.52 60.20 -17.41
C PHE A 1526 3.59 61.30 -18.46
N GLN A 1527 4.43 61.10 -19.47
CA GLN A 1527 4.59 62.10 -20.51
C GLN A 1527 3.26 62.57 -21.06
N ALA A 1528 2.26 61.68 -21.08
CA ALA A 1528 0.98 62.05 -21.64
C ALA A 1528 0.21 62.94 -20.69
N MET A 1529 0.31 62.69 -19.39
CA MET A 1529 -0.31 63.60 -18.45
C MET A 1529 0.43 64.92 -18.39
N TRP A 1530 1.69 64.92 -18.78
CA TRP A 1530 2.45 66.17 -18.80
C TRP A 1530 1.86 67.18 -19.75
N ASP A 1531 1.27 66.73 -20.85
CA ASP A 1531 0.58 67.65 -21.74
C ASP A 1531 -0.78 68.06 -21.22
N GLN A 1532 -1.30 67.37 -20.22
CA GLN A 1532 -2.62 67.64 -19.69
C GLN A 1532 -2.55 68.54 -18.48
N GLU A 1533 -1.37 69.13 -18.25
CA GLU A 1533 -1.09 69.91 -17.06
C GLU A 1533 -2.18 70.89 -16.71
N ALA A 1534 -2.92 71.38 -17.70
CA ALA A 1534 -3.91 72.38 -17.37
C ALA A 1534 -5.09 71.83 -16.58
N PHE A 1535 -5.24 70.52 -16.44
CA PHE A 1535 -6.26 69.99 -15.55
C PHE A 1535 -5.73 69.20 -14.36
N ILE A 1536 -4.48 68.76 -14.40
CA ILE A 1536 -3.95 67.83 -13.42
C ILE A 1536 -2.73 68.44 -12.73
N ASP A 1537 -2.76 68.52 -11.41
CA ASP A 1537 -1.56 68.94 -10.74
C ASP A 1537 -0.55 67.81 -10.86
N VAL A 1538 0.33 67.91 -11.86
CA VAL A 1538 1.24 66.82 -12.19
C VAL A 1538 2.06 66.40 -10.97
N ASP A 1539 2.45 67.35 -10.15
CA ASP A 1539 3.21 67.05 -8.94
C ASP A 1539 2.54 66.01 -8.04
N GLY A 1540 1.31 65.63 -8.35
CA GLY A 1540 0.56 64.78 -7.46
C GLY A 1540 0.12 63.48 -8.10
N ILE A 1541 0.70 63.17 -9.27
CA ILE A 1541 0.43 61.88 -9.89
C ILE A 1541 1.16 60.80 -9.11
N THR A 1542 0.50 59.67 -8.93
CA THR A 1542 1.08 58.53 -8.25
C THR A 1542 0.66 57.28 -8.99
N SER A 1543 1.35 56.18 -8.72
CA SER A 1543 1.02 54.99 -9.48
C SER A 1543 1.38 53.75 -8.72
N ASN A 1544 0.76 52.65 -9.12
CA ASN A 1544 1.08 51.32 -8.67
C ASN A 1544 2.19 50.67 -9.47
N ASP A 1545 2.65 51.30 -10.54
CA ASP A 1545 3.70 50.72 -11.38
C ASP A 1545 5.07 51.18 -10.93
N VAL A 1546 5.82 50.27 -10.32
CA VAL A 1546 7.13 50.61 -9.79
C VAL A 1546 8.10 50.93 -10.92
N ALA A 1547 8.17 50.07 -11.92
CA ALA A 1547 9.13 50.29 -13.00
C ALA A 1547 8.89 51.63 -13.69
N ALA A 1548 7.64 51.96 -14.00
CA ALA A 1548 7.40 53.21 -14.70
C ALA A 1548 7.83 54.38 -13.84
N VAL A 1549 7.61 54.28 -12.54
CA VAL A 1549 8.07 55.32 -11.64
C VAL A 1549 9.57 55.43 -11.73
N LEU A 1550 10.26 54.30 -11.77
CA LEU A 1550 11.71 54.37 -11.80
C LEU A 1550 12.19 55.06 -13.08
N LYS A 1551 11.59 54.70 -14.22
CA LYS A 1551 11.96 55.34 -15.48
C LYS A 1551 11.67 56.84 -15.50
N THR A 1552 10.63 57.29 -14.83
CA THR A 1552 10.29 58.71 -14.99
C THR A 1552 10.69 59.58 -13.79
N TYR A 1553 10.32 59.18 -12.59
CA TYR A 1553 10.52 60.02 -11.42
C TYR A 1553 11.71 59.60 -10.58
N GLY A 1554 12.35 58.49 -10.92
CA GLY A 1554 13.59 58.09 -10.29
C GLY A 1554 13.45 57.25 -9.03
N VAL A 1555 14.64 56.91 -8.52
CA VAL A 1555 14.77 55.86 -7.53
C VAL A 1555 14.02 56.16 -6.23
N GLU A 1556 14.11 57.40 -5.73
CA GLU A 1556 13.39 57.69 -4.50
C GLU A 1556 11.88 57.63 -4.69
N ALA A 1557 11.40 57.92 -5.89
CA ALA A 1557 9.96 57.85 -6.08
C ALA A 1557 9.53 56.41 -6.20
N ALA A 1558 10.37 55.59 -6.83
CA ALA A 1558 10.07 54.17 -6.89
C ALA A 1558 10.06 53.57 -5.49
N ARG A 1559 10.99 53.98 -4.66
CA ARG A 1559 11.00 53.56 -3.26
C ARG A 1559 9.70 53.95 -2.55
N ASN A 1560 9.29 55.19 -2.68
CA ASN A 1560 8.08 55.57 -1.97
C ASN A 1560 6.87 54.88 -2.54
N THR A 1561 6.91 54.55 -3.82
CA THR A 1561 5.80 53.84 -4.42
C THR A 1561 5.74 52.41 -3.94
N ILE A 1562 6.88 51.76 -3.80
CA ILE A 1562 6.89 50.41 -3.25
C ILE A 1562 6.31 50.42 -1.84
N VAL A 1563 6.79 51.32 -1.00
CA VAL A 1563 6.31 51.30 0.38
C VAL A 1563 4.84 51.65 0.44
N ASN A 1564 4.35 52.50 -0.47
CA ASN A 1564 2.93 52.77 -0.47
C ASN A 1564 2.14 51.58 -0.94
N GLU A 1565 2.61 50.92 -1.98
CA GLU A 1565 1.86 49.79 -2.52
C GLU A 1565 1.74 48.66 -1.51
N ILE A 1566 2.86 48.31 -0.86
CA ILE A 1566 2.79 47.27 0.16
C ILE A 1566 1.93 47.71 1.34
N ASN A 1567 2.09 48.95 1.77
CA ASN A 1567 1.26 49.40 2.88
C ASN A 1567 -0.20 49.31 2.48
N ASN A 1568 -0.49 49.59 1.22
CA ASN A 1568 -1.85 49.47 0.71
C ASN A 1568 -2.31 48.03 0.73
N VAL A 1569 -1.40 47.10 0.44
CA VAL A 1569 -1.80 45.70 0.42
C VAL A 1569 -2.20 45.25 1.80
N PHE A 1570 -1.46 45.65 2.82
CA PHE A 1570 -1.84 45.20 4.16
C PHE A 1570 -3.07 45.95 4.64
N SER A 1571 -3.14 47.25 4.38
CA SER A 1571 -4.31 48.01 4.76
C SER A 1571 -5.58 47.43 4.17
N ARG A 1572 -5.50 46.83 2.99
CA ARG A 1572 -6.69 46.23 2.42
C ARG A 1572 -7.23 45.14 3.34
N TYR A 1573 -6.33 44.38 3.94
CA TYR A 1573 -6.70 43.39 4.93
C TYR A 1573 -6.72 43.97 6.33
N ALA A 1574 -6.63 45.29 6.45
CA ALA A 1574 -6.68 45.96 7.74
C ALA A 1574 -5.65 45.36 8.70
N ILE A 1575 -4.51 44.96 8.16
CA ILE A 1575 -3.39 44.52 8.97
C ILE A 1575 -2.49 45.73 9.20
N SER A 1576 -2.06 45.92 10.44
CA SER A 1576 -0.99 46.85 10.76
C SER A 1576 0.40 46.22 10.62
N VAL A 1577 1.28 46.91 9.93
CA VAL A 1577 2.69 46.55 9.84
C VAL A 1577 3.50 47.83 9.96
N SER A 1578 4.46 47.83 10.89
CA SER A 1578 5.31 49.00 11.06
C SER A 1578 5.96 49.40 9.75
N PHE A 1579 6.01 50.71 9.51
CA PHE A 1579 6.71 51.17 8.31
C PHE A 1579 8.18 50.83 8.35
N ARG A 1580 8.76 50.62 9.52
CA ARG A 1580 10.17 50.28 9.53
C ARG A 1580 10.43 49.02 8.73
N HIS A 1581 9.52 48.05 8.79
CA HIS A 1581 9.71 46.83 8.04
C HIS A 1581 9.64 47.10 6.55
N LEU A 1582 8.52 47.65 6.09
CA LEU A 1582 8.35 47.84 4.66
C LEU A 1582 9.44 48.74 4.12
N ASP A 1583 9.70 49.84 4.80
CA ASP A 1583 10.65 50.82 4.32
C ASP A 1583 12.05 50.24 4.21
N LEU A 1584 12.45 49.43 5.20
CA LEU A 1584 13.72 48.74 5.04
C LEU A 1584 13.68 47.82 3.82
N ILE A 1585 12.64 47.02 3.68
CA ILE A 1585 12.61 46.09 2.56
C ILE A 1585 12.77 46.85 1.25
N ALA A 1586 12.06 47.96 1.11
CA ALA A 1586 12.20 48.74 -0.12
C ALA A 1586 13.63 49.20 -0.30
N ASP A 1587 14.26 49.69 0.77
CA ASP A 1587 15.64 50.13 0.64
C ASP A 1587 16.53 48.99 0.16
N MET A 1588 16.24 47.77 0.59
CA MET A 1588 17.01 46.66 0.09
C MET A 1588 16.70 46.36 -1.37
N MET A 1589 15.47 46.62 -1.80
CA MET A 1589 15.14 46.39 -3.19
C MET A 1589 15.79 47.43 -4.10
N THR A 1590 16.14 48.59 -3.57
CA THR A 1590 16.80 49.64 -4.33
C THR A 1590 18.31 49.67 -4.10
N ARG A 1591 18.87 48.69 -3.40
CA ARG A 1591 20.29 48.76 -3.06
C ARG A 1591 21.15 49.05 -4.28
N GLN A 1592 20.69 48.69 -5.48
CA GLN A 1592 21.43 48.99 -6.69
C GLN A 1592 20.91 50.19 -7.45
N GLY A 1593 19.92 50.90 -6.94
CA GLY A 1593 19.40 52.03 -7.68
C GLY A 1593 18.33 51.67 -8.68
N THR A 1594 17.74 50.50 -8.56
CA THR A 1594 16.81 49.98 -9.56
C THR A 1594 15.70 49.27 -8.80
N TYR A 1595 14.98 48.40 -9.48
CA TYR A 1595 13.86 47.69 -8.90
C TYR A 1595 14.31 46.24 -8.81
N LEU A 1596 15.17 46.02 -7.83
CA LEU A 1596 15.96 44.80 -7.71
C LEU A 1596 15.14 43.75 -6.98
N ALA A 1597 14.58 42.80 -7.72
CA ALA A 1597 13.69 41.85 -7.08
C ALA A 1597 14.45 40.95 -6.13
N PHE A 1598 13.74 40.04 -5.50
CA PHE A 1598 14.27 39.17 -4.45
C PHE A 1598 14.53 37.77 -4.94
N ASN A 1599 14.13 37.45 -6.16
CA ASN A 1599 14.47 36.19 -6.77
C ASN A 1599 15.96 36.04 -7.03
N ARG A 1600 16.33 34.87 -7.51
CA ARG A 1600 17.68 34.51 -7.92
C ARG A 1600 18.35 35.58 -8.75
N GLN A 1601 17.59 36.23 -9.63
CA GLN A 1601 18.21 37.23 -10.50
C GLN A 1601 18.80 38.36 -9.68
N GLY A 1602 18.02 38.91 -8.75
CA GLY A 1602 18.57 39.93 -7.86
C GLY A 1602 19.65 39.38 -6.95
N MET A 1603 19.52 38.12 -6.56
CA MET A 1603 20.52 37.51 -5.70
C MET A 1603 21.88 37.44 -6.37
N GLU A 1604 21.91 37.32 -7.70
CA GLU A 1604 23.18 37.16 -8.41
C GLU A 1604 24.21 38.20 -8.01
N THR A 1605 23.80 39.45 -7.86
CA THR A 1605 24.75 40.53 -7.65
C THR A 1605 25.27 40.64 -6.22
N SER A 1606 24.57 40.06 -5.25
CA SER A 1606 25.13 40.00 -3.90
C SER A 1606 26.42 39.20 -3.88
N THR A 1607 27.22 39.46 -2.86
CA THR A 1607 28.60 39.04 -2.81
C THR A 1607 28.83 37.71 -2.14
N SER A 1608 27.88 37.19 -1.37
CA SER A 1608 28.09 35.94 -0.65
C SER A 1608 27.77 34.78 -1.58
N SER A 1609 28.80 34.02 -1.95
CA SER A 1609 28.60 32.94 -2.91
C SER A 1609 27.82 31.76 -2.33
N PHE A 1610 28.00 31.45 -1.05
CA PHE A 1610 27.22 30.34 -0.50
C PHE A 1610 25.75 30.68 -0.42
N MET A 1611 25.43 31.94 -0.13
CA MET A 1611 24.02 32.31 -0.12
C MET A 1611 23.41 32.07 -1.49
N LYS A 1612 24.17 32.38 -2.55
CA LYS A 1612 23.70 32.05 -3.88
C LYS A 1612 23.53 30.55 -4.03
N MET A 1613 24.53 29.79 -3.59
CA MET A 1613 24.47 28.34 -3.77
C MET A 1613 23.26 27.77 -3.06
N SER A 1614 22.90 28.33 -1.92
CA SER A 1614 21.93 27.73 -1.02
C SER A 1614 20.53 28.21 -1.27
N TYR A 1615 20.30 28.97 -2.34
CA TYR A 1615 18.93 29.37 -2.63
C TYR A 1615 18.40 28.51 -3.77
N GLU A 1616 18.84 28.79 -4.99
CA GLU A 1616 18.35 28.02 -6.12
C GLU A 1616 19.42 27.96 -7.20
N THR A 1617 19.14 27.20 -8.25
CA THR A 1617 20.10 26.98 -9.33
C THR A 1617 21.50 26.84 -8.76
N THR A 1618 21.60 26.02 -7.70
CA THR A 1618 22.83 25.93 -6.95
C THR A 1618 24.04 25.75 -7.86
N CYS A 1619 23.98 24.78 -8.76
CA CYS A 1619 25.13 24.53 -9.62
C CYS A 1619 25.43 25.67 -10.57
N GLN A 1620 24.43 26.42 -11.01
CA GLN A 1620 24.72 27.53 -11.90
C GLN A 1620 25.48 28.64 -11.17
N PHE A 1621 25.06 28.96 -9.95
CA PHE A 1621 25.81 29.91 -9.16
C PHE A 1621 27.17 29.37 -8.77
N LEU A 1622 27.23 28.06 -8.58
CA LEU A 1622 28.51 27.42 -8.32
C LEU A 1622 29.44 27.64 -9.51
N THR A 1623 28.94 27.42 -10.71
CA THR A 1623 29.77 27.57 -11.89
C THR A 1623 30.27 29.00 -12.02
N LYS A 1624 29.36 29.97 -11.94
CA LYS A 1624 29.80 31.35 -12.03
C LYS A 1624 30.77 31.71 -10.90
N ALA A 1625 30.65 31.05 -9.76
CA ALA A 1625 31.60 31.34 -8.69
C ALA A 1625 32.98 30.77 -8.99
N VAL A 1626 33.04 29.49 -9.35
CA VAL A 1626 34.33 28.87 -9.61
C VAL A 1626 35.03 29.57 -10.76
N LEU A 1627 34.31 29.84 -11.84
CA LEU A 1627 34.97 30.46 -12.98
C LEU A 1627 35.57 31.78 -12.59
N ASP A 1628 35.00 32.43 -11.58
CA ASP A 1628 35.56 33.65 -11.03
C ASP A 1628 36.74 33.38 -10.12
N ASN A 1629 36.94 32.13 -9.70
CA ASN A 1629 37.85 31.78 -8.62
C ASN A 1629 37.47 32.50 -7.34
N GLU A 1630 36.18 32.72 -7.15
CA GLU A 1630 35.73 33.63 -6.12
C GLU A 1630 36.25 33.17 -4.77
N ARG A 1631 36.40 34.12 -3.86
CA ARG A 1631 36.64 33.79 -2.46
C ARG A 1631 35.45 34.24 -1.64
N GLU A 1632 34.88 33.30 -0.90
CA GLU A 1632 33.87 33.62 0.10
C GLU A 1632 34.53 34.25 1.32
N GLN A 1633 34.13 35.47 1.64
CA GLN A 1633 34.58 36.07 2.89
C GLN A 1633 33.74 35.62 4.05
N LEU A 1634 32.85 34.67 3.79
CA LEU A 1634 32.10 33.96 4.80
C LEU A 1634 31.45 34.92 5.80
N ASP A 1635 30.76 35.93 5.26
CA ASP A 1635 29.99 36.85 6.07
C ASP A 1635 28.51 36.47 6.15
N SER A 1636 27.94 35.98 5.07
CA SER A 1636 26.54 35.61 5.08
C SER A 1636 26.24 34.63 6.21
N PRO A 1637 25.22 34.88 7.00
CA PRO A 1637 24.85 33.91 8.05
C PRO A 1637 24.66 32.51 7.55
N SER A 1638 23.97 32.33 6.42
CA SER A 1638 23.90 30.98 5.85
C SER A 1638 25.28 30.43 5.58
N ALA A 1639 26.08 31.17 4.82
CA ALA A 1639 27.43 30.69 4.55
C ALA A 1639 28.17 30.40 5.84
N ARG A 1640 28.05 31.28 6.82
CA ARG A 1640 28.76 31.06 8.07
C ARG A 1640 28.30 29.78 8.74
N ILE A 1641 27.01 29.47 8.64
CA ILE A 1641 26.54 28.18 9.11
C ILE A 1641 27.21 27.05 8.35
N VAL A 1642 27.41 27.23 7.04
CA VAL A 1642 27.94 26.14 6.24
C VAL A 1642 29.27 25.69 6.80
N VAL A 1643 30.05 26.61 7.34
CA VAL A 1643 31.37 26.29 7.87
C VAL A 1643 31.35 26.11 9.38
N GLY A 1644 30.17 26.15 10.00
CA GLY A 1644 30.17 25.87 11.43
C GLY A 1644 30.89 26.99 12.13
N LYS A 1645 30.38 28.20 12.01
CA LYS A 1645 30.98 29.39 12.57
C LYS A 1645 29.95 30.10 13.42
N LEU A 1646 30.40 30.70 14.51
CA LEU A 1646 29.49 31.56 15.25
C LEU A 1646 28.84 32.51 14.27
N ASN A 1647 27.51 32.46 14.21
CA ASN A 1647 26.75 33.41 13.42
C ASN A 1647 27.07 34.85 13.77
N ASN A 1648 27.21 35.69 12.75
CA ASN A 1648 27.61 37.07 12.94
C ASN A 1648 26.50 37.96 13.45
N VAL A 1649 25.27 37.48 13.47
CA VAL A 1649 24.14 38.28 13.92
C VAL A 1649 24.00 38.26 15.42
N GLY A 1650 23.45 39.34 15.97
CA GLY A 1650 23.07 39.38 17.37
C GLY A 1650 24.22 39.19 18.35
N THR A 1651 24.15 38.11 19.13
CA THR A 1651 25.16 37.86 20.14
C THR A 1651 26.51 37.55 19.56
N GLY A 1652 26.57 37.19 18.29
CA GLY A 1652 27.84 36.99 17.63
C GLY A 1652 28.31 38.23 16.92
N SER A 1653 27.61 39.35 17.09
CA SER A 1653 28.03 40.62 16.54
C SER A 1653 29.31 41.16 17.17
N PHE A 1654 29.84 40.52 18.20
CA PHE A 1654 31.01 41.07 18.87
C PHE A 1654 31.82 39.94 19.45
N ASP A 1655 32.98 40.29 20.00
CA ASP A 1655 33.85 39.34 20.66
C ASP A 1655 33.97 39.72 22.14
N VAL A 1656 34.29 38.74 22.97
CA VAL A 1656 34.54 38.95 24.39
C VAL A 1656 35.95 38.53 24.74
N LEU A 1657 36.65 39.40 25.45
CA LEU A 1657 37.98 39.11 25.96
C LEU A 1657 37.93 39.20 27.48
N ALA A 1658 39.03 38.85 28.13
CA ALA A 1658 39.11 38.89 29.58
C ALA A 1658 40.26 39.75 30.05
N LYS A 1659 40.02 40.50 31.11
CA LYS A 1659 41.07 41.24 31.80
C LYS A 1659 41.71 40.29 32.79
N VAL A 1660 43.02 40.08 32.68
CA VAL A 1660 43.67 39.14 33.58
C VAL A 1660 44.86 39.75 34.28
N PRO A 1661 45.08 39.42 35.55
CA PRO A 1661 46.24 39.96 36.26
C PRO A 1661 47.52 39.42 35.64
N ASN A 1662 48.51 40.29 35.51
CA ASN A 1662 49.78 39.87 34.95
C ASN A 1662 50.77 39.40 36.00
N ALA A 1663 50.45 39.59 37.28
CA ALA A 1663 51.31 39.14 38.35
C ALA A 1663 50.47 38.63 39.52
N ARG B 12 -41.40 5.97 20.25
CA ARG B 12 -41.49 4.94 19.24
C ARG B 12 -41.34 5.50 17.83
N THR B 13 -40.10 5.77 17.43
CA THR B 13 -39.85 6.36 16.12
C THR B 13 -38.62 5.77 15.45
N ALA B 14 -37.55 5.61 16.22
CA ALA B 14 -36.30 4.98 15.78
C ALA B 14 -35.89 3.88 16.74
N ASP B 15 -36.87 3.21 17.33
CA ASP B 15 -36.67 2.29 18.43
C ASP B 15 -35.48 1.36 18.23
N PHE B 16 -34.92 0.88 19.32
CA PHE B 16 -33.83 -0.07 19.26
C PHE B 16 -34.33 -1.37 18.67
N ARG B 17 -33.60 -1.88 17.70
CA ARG B 17 -33.78 -3.27 17.29
C ARG B 17 -32.84 -4.05 18.19
N THR B 18 -33.34 -4.43 19.37
CA THR B 18 -32.49 -5.05 20.37
C THR B 18 -32.63 -6.57 20.39
N LEU B 19 -33.85 -7.07 20.56
CA LEU B 19 -34.07 -8.50 20.49
C LEU B 19 -33.73 -9.01 19.10
N GLU B 20 -34.04 -8.22 18.07
CA GLU B 20 -33.70 -8.66 16.72
C GLU B 20 -32.21 -8.87 16.61
N ARG B 21 -31.44 -7.92 17.13
CA ARG B 21 -30.00 -8.05 17.09
C ARG B 21 -29.55 -9.29 17.83
N GLU B 22 -29.87 -9.40 19.12
CA GLU B 22 -29.36 -10.54 19.87
C GLU B 22 -29.73 -11.87 19.23
N SER B 23 -30.92 -11.97 18.66
CA SER B 23 -31.25 -13.16 17.89
C SER B 23 -30.32 -13.33 16.70
N ARG B 24 -30.00 -12.25 16.01
CA ARG B 24 -29.14 -12.40 14.84
C ARG B 24 -27.68 -12.67 15.22
N PHE B 25 -27.22 -12.12 16.34
CA PHE B 25 -25.87 -12.41 16.81
C PHE B 25 -25.76 -13.86 17.23
N ILE B 26 -26.74 -14.35 17.98
CA ILE B 26 -26.64 -15.71 18.51
C ILE B 26 -26.86 -16.71 17.40
N ASN B 27 -27.83 -16.44 16.52
CA ASN B 27 -28.22 -17.35 15.45
C ASN B 27 -28.19 -16.57 14.14
N PRO B 28 -27.03 -16.46 13.51
CA PRO B 28 -26.92 -15.65 12.31
C PRO B 28 -27.82 -16.19 11.22
N PRO B 29 -28.22 -15.34 10.27
CA PRO B 29 -29.06 -15.80 9.17
C PRO B 29 -28.47 -16.98 8.43
N LYS B 30 -29.33 -17.93 8.11
CA LYS B 30 -28.96 -19.10 7.31
C LYS B 30 -29.46 -18.98 5.89
N ASP B 31 -30.07 -17.88 5.54
CA ASP B 31 -30.60 -17.81 4.18
C ASP B 31 -30.28 -16.51 3.46
N LYS B 32 -30.39 -15.37 4.11
CA LYS B 32 -30.13 -14.11 3.43
C LYS B 32 -29.69 -13.08 4.46
N SER B 33 -28.53 -12.48 4.26
CA SER B 33 -28.13 -11.42 5.17
C SER B 33 -29.21 -10.36 5.21
N ALA B 34 -29.37 -9.76 6.38
CA ALA B 34 -30.16 -8.55 6.46
C ALA B 34 -29.32 -7.41 5.93
N PHE B 35 -29.85 -6.20 6.01
CA PHE B 35 -29.08 -5.08 5.53
C PHE B 35 -28.78 -5.26 4.05
N PRO B 36 -29.79 -5.40 3.21
CA PRO B 36 -29.52 -5.61 1.79
C PRO B 36 -28.88 -4.40 1.15
N LEU B 37 -29.07 -3.21 1.71
CA LEU B 37 -28.28 -2.07 1.25
C LEU B 37 -26.81 -2.29 1.52
N LEU B 38 -26.48 -3.01 2.58
CA LEU B 38 -25.08 -3.18 2.88
C LEU B 38 -24.36 -3.93 1.78
N GLN B 39 -24.99 -4.96 1.23
CA GLN B 39 -24.39 -5.63 0.09
C GLN B 39 -24.59 -4.84 -1.18
N GLU B 40 -25.69 -4.11 -1.27
CA GLU B 40 -25.94 -3.34 -2.49
C GLU B 40 -24.99 -2.18 -2.63
N ALA B 41 -24.30 -1.77 -1.56
CA ALA B 41 -23.40 -0.63 -1.64
C ALA B 41 -22.14 -0.96 -2.42
N VAL B 42 -21.61 -2.16 -2.30
CA VAL B 42 -20.45 -2.53 -3.08
C VAL B 42 -20.88 -3.25 -4.34
N GLN B 43 -22.18 -3.32 -4.58
CA GLN B 43 -22.65 -3.92 -5.81
C GLN B 43 -21.94 -3.31 -7.01
N PRO B 44 -21.64 -2.02 -7.04
CA PRO B 44 -20.97 -1.46 -8.21
C PRO B 44 -19.58 -2.00 -8.42
N HIS B 45 -18.95 -2.54 -7.39
CA HIS B 45 -17.69 -3.23 -7.62
C HIS B 45 -17.93 -4.67 -8.06
N ILE B 46 -18.62 -5.43 -7.22
CA ILE B 46 -18.78 -6.86 -7.49
C ILE B 46 -19.44 -7.09 -8.84
N GLY B 47 -20.58 -6.46 -9.08
CA GLY B 47 -21.22 -6.62 -10.37
C GLY B 47 -20.27 -6.36 -11.51
N SER B 48 -19.49 -5.29 -11.42
CA SER B 48 -18.53 -4.99 -12.46
C SER B 48 -17.56 -6.15 -12.66
N PHE B 49 -17.09 -6.74 -11.58
CA PHE B 49 -16.17 -7.85 -11.78
C PHE B 49 -16.87 -9.07 -12.35
N ASN B 50 -18.14 -9.25 -12.03
CA ASN B 50 -18.89 -10.32 -12.67
C ASN B 50 -18.99 -10.12 -14.16
N ALA B 51 -19.08 -8.87 -14.60
CA ALA B 51 -19.10 -8.64 -16.04
C ALA B 51 -17.83 -9.05 -16.75
N LEU B 52 -16.76 -9.43 -16.06
CA LEU B 52 -15.67 -10.01 -16.84
C LEU B 52 -15.79 -11.51 -17.02
N THR B 53 -16.79 -12.15 -16.45
CA THR B 53 -16.92 -13.58 -16.61
C THR B 53 -18.31 -14.04 -16.96
N GLU B 54 -19.32 -13.18 -16.86
CA GLU B 54 -20.69 -13.57 -17.14
C GLU B 54 -21.44 -12.37 -17.68
N GLY B 55 -22.32 -12.62 -18.62
CA GLY B 55 -23.03 -11.55 -19.27
C GLY B 55 -23.29 -11.90 -20.72
N PRO B 56 -23.50 -10.89 -21.55
CA PRO B 56 -23.70 -11.16 -22.97
C PRO B 56 -22.43 -11.62 -23.68
N ASP B 57 -22.64 -12.60 -24.55
CA ASP B 57 -21.68 -13.38 -25.32
C ASP B 57 -20.78 -14.29 -24.52
N GLY B 58 -19.98 -13.74 -23.62
CA GLY B 58 -19.32 -14.54 -22.60
C GLY B 58 -18.86 -13.71 -21.42
N GLY B 59 -19.28 -12.46 -21.37
CA GLY B 59 -18.66 -11.58 -20.41
C GLY B 59 -17.67 -10.65 -21.10
N LEU B 60 -17.32 -9.58 -20.42
CA LEU B 60 -16.51 -8.54 -21.06
C LEU B 60 -15.18 -9.06 -21.55
N LEU B 61 -14.54 -9.93 -20.78
CA LEU B 61 -13.19 -10.34 -21.12
C LEU B 61 -13.15 -11.16 -22.40
N ASN B 62 -14.17 -11.97 -22.62
CA ASN B 62 -14.20 -12.73 -23.87
C ASN B 62 -14.53 -11.88 -25.07
N LEU B 63 -15.29 -10.80 -24.88
CA LEU B 63 -15.48 -9.89 -26.01
C LEU B 63 -14.18 -9.18 -26.32
N GLY B 64 -13.40 -8.86 -25.29
CA GLY B 64 -12.13 -8.22 -25.53
C GLY B 64 -11.22 -9.12 -26.34
N VAL B 65 -11.15 -10.39 -25.94
CA VAL B 65 -10.29 -11.28 -26.71
C VAL B 65 -10.85 -11.56 -28.08
N LYS B 66 -12.15 -11.42 -28.30
CA LYS B 66 -12.61 -11.53 -29.67
C LYS B 66 -12.27 -10.29 -30.48
N ASP B 67 -12.07 -9.16 -29.84
CA ASP B 67 -11.72 -7.98 -30.61
C ASP B 67 -10.23 -7.81 -30.86
N ILE B 68 -9.37 -8.38 -30.02
CA ILE B 68 -7.95 -8.23 -30.35
C ILE B 68 -7.61 -8.98 -31.61
N GLY B 69 -8.40 -9.98 -31.96
CA GLY B 69 -8.23 -10.65 -33.23
C GLY B 69 -6.94 -11.45 -33.30
N GLU B 70 -6.19 -11.24 -34.37
CA GLU B 70 -5.06 -12.09 -34.69
C GLU B 70 -3.77 -11.31 -34.75
N LYS B 71 -2.67 -12.05 -34.67
CA LYS B 71 -1.34 -11.50 -34.89
C LYS B 71 -0.61 -12.42 -35.85
N VAL B 72 -0.37 -11.94 -37.05
CA VAL B 72 0.05 -12.74 -38.18
C VAL B 72 1.56 -12.61 -38.35
N ILE B 73 2.21 -13.70 -38.71
CA ILE B 73 3.65 -13.67 -38.93
C ILE B 73 4.01 -14.68 -40.01
N PHE B 74 4.92 -14.28 -40.89
CA PHE B 74 5.35 -15.09 -42.01
C PHE B 74 6.78 -15.50 -41.78
N ASP B 75 7.06 -16.80 -41.90
CA ASP B 75 8.40 -17.32 -41.63
C ASP B 75 9.41 -16.67 -42.54
N GLY B 76 9.05 -15.49 -43.03
CA GLY B 76 9.87 -14.76 -43.98
C GLY B 76 9.77 -15.18 -45.44
N LYS B 77 8.58 -15.66 -45.83
CA LYS B 77 8.35 -16.18 -47.17
C LYS B 77 9.28 -17.31 -47.65
N PRO B 78 9.88 -18.02 -46.67
CA PRO B 78 10.65 -18.76 -47.67
C PRO B 78 10.04 -20.07 -48.15
N LEU B 79 10.45 -20.47 -49.35
CA LEU B 79 10.21 -21.69 -50.01
C LEU B 79 10.92 -21.98 -51.39
N ASN B 80 11.50 -20.87 -51.83
CA ASN B 80 12.27 -20.80 -53.07
C ASN B 80 11.60 -21.59 -54.20
N SER B 86 7.76 -17.34 -56.49
CA SER B 86 6.70 -16.52 -55.92
C SER B 86 6.63 -17.04 -54.48
N ASN B 87 7.21 -18.23 -54.25
CA ASN B 87 7.28 -18.81 -52.90
C ASN B 87 7.51 -17.76 -51.74
N SER B 88 8.70 -17.19 -51.81
CA SER B 88 9.06 -16.06 -50.98
C SER B 88 8.17 -14.82 -50.89
N GLY B 89 8.01 -14.15 -52.03
CA GLY B 89 7.18 -12.96 -52.10
C GLY B 89 5.81 -13.22 -51.54
N TYR B 90 5.09 -14.16 -52.13
CA TYR B 90 3.77 -14.53 -51.62
C TYR B 90 3.84 -15.33 -50.33
N LEU B 91 4.53 -14.75 -49.35
CA LEU B 91 4.74 -15.40 -48.05
C LEU B 91 5.08 -16.87 -48.07
N GLY B 92 5.98 -17.31 -47.19
CA GLY B 92 6.36 -18.70 -47.10
C GLY B 92 5.43 -19.18 -46.01
N ASN B 93 4.14 -19.25 -46.35
CA ASN B 93 3.02 -19.66 -45.50
C ASN B 93 2.59 -18.75 -44.33
N LYS B 94 1.28 -18.63 -44.18
CA LYS B 94 0.67 -17.83 -43.13
C LYS B 94 0.60 -18.56 -41.79
N LEU B 95 0.82 -17.81 -40.72
CA LEU B 95 0.84 -18.39 -39.39
C LEU B 95 -0.13 -17.68 -38.46
N SER B 96 -1.42 -17.80 -38.75
CA SER B 96 -2.44 -17.16 -37.94
C SER B 96 -2.36 -17.60 -36.49
N VAL B 97 -2.55 -16.64 -35.59
CA VAL B 97 -2.52 -16.89 -34.16
C VAL B 97 -3.63 -16.09 -33.52
N SER B 98 -4.10 -16.51 -32.35
CA SER B 98 -5.16 -15.77 -31.68
C SER B 98 -5.48 -16.41 -30.35
N VAL B 99 -6.51 -15.87 -29.69
CA VAL B 99 -6.98 -16.36 -28.41
C VAL B 99 -8.50 -16.49 -28.51
N GLU B 100 -9.01 -17.71 -28.41
CA GLU B 100 -10.44 -17.91 -28.59
C GLU B 100 -11.24 -17.59 -27.32
N GLN B 101 -11.02 -18.34 -26.25
CA GLN B 101 -11.77 -18.13 -25.03
C GLN B 101 -10.84 -17.78 -23.86
N VAL B 102 -11.42 -17.18 -22.83
CA VAL B 102 -10.70 -16.90 -21.59
C VAL B 102 -11.55 -17.34 -20.40
N SER B 103 -11.03 -18.25 -19.61
CA SER B 103 -11.70 -18.81 -18.44
C SER B 103 -10.99 -18.39 -17.18
N ILE B 104 -11.75 -18.17 -16.12
CA ILE B 104 -11.18 -17.89 -14.80
C ILE B 104 -11.76 -18.89 -13.81
N ALA B 105 -10.89 -19.49 -13.01
CA ALA B 105 -11.31 -20.54 -12.08
C ALA B 105 -11.21 -20.08 -10.64
N LYS B 106 -12.04 -20.66 -9.79
CA LYS B 106 -12.02 -20.28 -8.40
C LYS B 106 -10.71 -20.74 -7.78
N PRO B 107 -10.22 -20.04 -6.80
CA PRO B 107 -8.93 -20.38 -6.22
C PRO B 107 -8.82 -21.84 -5.81
N MET B 108 -7.80 -22.54 -6.30
CA MET B 108 -7.51 -23.90 -5.85
C MET B 108 -6.03 -24.03 -5.55
N SER B 109 -5.71 -24.98 -4.66
CA SER B 109 -4.34 -25.31 -4.31
C SER B 109 -4.17 -26.81 -4.24
N ASN B 110 -3.28 -27.36 -5.06
CA ASN B 110 -2.83 -28.73 -4.91
C ASN B 110 -1.41 -28.74 -4.39
N ASP B 111 -1.19 -29.52 -3.33
CA ASP B 111 0.13 -29.60 -2.69
C ASP B 111 0.94 -30.77 -3.23
N GLY B 112 2.22 -30.82 -2.90
CA GLY B 112 3.06 -31.90 -3.38
C GLY B 112 2.68 -32.14 -4.83
N VAL B 113 2.42 -31.04 -5.53
CA VAL B 113 2.03 -31.03 -6.95
C VAL B 113 0.94 -32.04 -7.32
N SER B 114 1.10 -32.62 -8.51
CA SER B 114 0.15 -33.60 -9.07
C SER B 114 0.01 -34.75 -8.07
N SER B 115 -1.21 -35.26 -7.89
CA SER B 115 -1.35 -36.31 -6.89
C SER B 115 -1.46 -35.76 -5.46
N ALA B 116 -2.32 -34.76 -5.29
CA ALA B 116 -2.56 -34.12 -4.01
C ALA B 116 -3.95 -33.52 -4.09
N VAL B 117 -4.95 -34.39 -4.04
CA VAL B 117 -6.34 -33.99 -4.16
C VAL B 117 -6.42 -32.50 -3.89
N GLU B 118 -7.12 -31.77 -4.75
CA GLU B 118 -7.13 -30.33 -4.63
C GLU B 118 -8.19 -29.92 -3.63
N ARG B 119 -7.99 -28.76 -3.02
CA ARG B 119 -8.95 -28.25 -2.05
C ARG B 119 -9.38 -26.86 -2.47
N LYS B 120 -10.63 -26.53 -2.24
CA LYS B 120 -11.08 -25.18 -2.51
C LYS B 120 -10.41 -24.28 -1.49
N VAL B 121 -9.89 -23.15 -1.94
CA VAL B 121 -9.12 -22.27 -1.09
C VAL B 121 -10.00 -21.10 -0.69
N TYR B 122 -10.04 -20.80 0.59
CA TYR B 122 -10.92 -19.78 1.11
C TYR B 122 -10.08 -18.59 1.51
N PRO B 123 -10.65 -17.40 1.53
CA PRO B 123 -9.83 -16.22 1.82
C PRO B 123 -9.11 -16.27 3.15
N SER B 124 -9.77 -16.74 4.21
CA SER B 124 -9.12 -16.79 5.51
C SER B 124 -7.72 -17.39 5.40
N GLU B 125 -7.57 -18.42 4.58
CA GLU B 125 -6.25 -18.98 4.43
C GLU B 125 -5.30 -17.98 3.79
N SER B 126 -5.75 -17.29 2.75
CA SER B 126 -4.87 -16.33 2.12
C SER B 126 -4.44 -15.26 3.11
N ARG B 127 -5.33 -14.83 3.99
CA ARG B 127 -4.93 -13.82 4.96
C ARG B 127 -3.95 -14.39 5.97
N GLN B 128 -4.28 -15.52 6.58
CA GLN B 128 -3.39 -16.07 7.60
C GLN B 128 -2.02 -16.39 7.03
N ARG B 129 -1.98 -16.90 5.81
CA ARG B 129 -0.69 -17.19 5.20
C ARG B 129 0.00 -15.91 4.75
N LEU B 130 -0.71 -14.79 4.73
CA LEU B 130 -0.14 -13.54 4.27
C LEU B 130 0.31 -13.69 2.82
N THR B 131 -0.60 -14.16 1.98
CA THR B 131 -0.26 -14.43 0.60
C THR B 131 -1.42 -13.99 -0.28
N SER B 132 -1.18 -14.00 -1.58
CA SER B 132 -2.21 -13.57 -2.51
C SER B 132 -3.31 -14.62 -2.62
N TYR B 133 -4.46 -14.18 -3.14
CA TYR B 133 -5.63 -15.04 -3.30
C TYR B 133 -5.91 -15.19 -4.78
N ARG B 134 -5.18 -16.11 -5.40
CA ARG B 134 -5.06 -16.15 -6.85
C ARG B 134 -6.03 -17.17 -7.43
N GLY B 135 -6.54 -16.87 -8.62
CA GLY B 135 -7.27 -17.84 -9.41
C GLY B 135 -6.47 -18.19 -10.64
N LYS B 136 -6.48 -19.47 -11.01
CA LYS B 136 -5.78 -19.88 -12.21
C LYS B 136 -6.43 -19.21 -13.41
N LEU B 137 -5.66 -18.44 -14.16
CA LEU B 137 -6.17 -17.82 -15.37
C LEU B 137 -5.79 -18.66 -16.59
N LEU B 138 -6.80 -19.10 -17.34
CA LEU B 138 -6.57 -19.89 -18.54
C LEU B 138 -7.20 -19.19 -19.74
N LEU B 139 -6.60 -19.38 -20.90
CA LEU B 139 -7.09 -18.80 -22.14
C LEU B 139 -6.84 -19.75 -23.29
N LYS B 140 -7.89 -20.06 -24.05
CA LYS B 140 -7.80 -21.00 -25.17
C LYS B 140 -7.05 -20.36 -26.32
N LEU B 141 -5.81 -20.77 -26.51
CA LEU B 141 -4.96 -20.25 -27.56
C LEU B 141 -5.27 -20.92 -28.89
N LYS B 142 -5.38 -20.12 -29.95
CA LYS B 142 -5.56 -20.60 -31.31
C LYS B 142 -4.30 -20.36 -32.13
N TRP B 143 -3.73 -21.43 -32.65
CA TRP B 143 -2.49 -21.35 -33.43
C TRP B 143 -2.88 -21.73 -34.85
N SER B 144 -3.21 -20.74 -35.66
CA SER B 144 -3.72 -20.98 -37.00
C SER B 144 -2.57 -20.93 -38.00
N VAL B 145 -2.42 -21.98 -38.77
CA VAL B 145 -1.31 -22.13 -39.71
C VAL B 145 -1.85 -22.07 -41.12
N ASN B 146 -1.14 -21.34 -41.98
CA ASN B 146 -1.58 -21.12 -43.35
C ASN B 146 -3.05 -20.71 -43.39
N ASN B 147 -3.38 -19.70 -42.60
CA ASN B 147 -4.74 -19.18 -42.61
C ASN B 147 -5.82 -20.23 -42.41
N GLY B 148 -5.44 -21.43 -41.99
CA GLY B 148 -6.44 -22.46 -41.85
C GLY B 148 -6.02 -23.81 -42.38
N GLU B 149 -4.87 -23.86 -43.07
CA GLU B 149 -4.36 -25.16 -43.49
C GLU B 149 -4.19 -26.10 -42.31
N GLU B 150 -3.94 -25.56 -41.13
CA GLU B 150 -3.73 -26.37 -39.94
C GLU B 150 -4.12 -25.56 -38.73
N ASN B 151 -5.03 -26.09 -37.93
CA ASN B 151 -5.48 -25.39 -36.75
C ASN B 151 -5.02 -26.12 -35.50
N LEU B 152 -4.49 -25.37 -34.54
CA LEU B 152 -3.99 -25.91 -33.29
C LEU B 152 -4.62 -25.16 -32.13
N PHE B 153 -5.25 -25.89 -31.22
CA PHE B 153 -5.76 -25.24 -30.02
C PHE B 153 -4.93 -25.73 -28.86
N GLU B 154 -4.74 -24.86 -27.87
CA GLU B 154 -4.09 -25.26 -26.64
C GLU B 154 -4.61 -24.24 -25.66
N VAL B 155 -5.12 -24.72 -24.53
CA VAL B 155 -5.43 -23.81 -23.42
C VAL B 155 -4.17 -23.77 -22.57
N ARG B 156 -3.59 -22.59 -22.45
CA ARG B 156 -2.36 -22.44 -21.69
C ARG B 156 -2.72 -21.82 -20.34
N ASP B 157 -2.12 -22.34 -19.29
CA ASP B 157 -2.25 -21.79 -17.95
C ASP B 157 -1.34 -20.58 -17.75
N CYS B 158 -1.92 -19.43 -17.45
CA CYS B 158 -1.21 -18.16 -17.41
C CYS B 158 -1.00 -17.65 -16.01
N GLY B 159 -0.88 -18.55 -15.03
CA GLY B 159 -0.64 -18.18 -13.65
C GLY B 159 -1.89 -17.69 -12.93
N GLY B 160 -1.70 -17.32 -11.67
CA GLY B 160 -2.81 -16.93 -10.82
C GLY B 160 -3.28 -15.49 -10.91
N LEU B 161 -4.47 -15.30 -11.44
CA LEU B 161 -5.13 -14.01 -11.49
C LEU B 161 -5.81 -13.70 -10.15
N PRO B 162 -5.48 -12.58 -9.50
CA PRO B 162 -6.17 -12.22 -8.25
C PRO B 162 -7.66 -12.01 -8.46
N VAL B 163 -8.45 -12.76 -7.70
CA VAL B 163 -9.91 -12.76 -7.83
C VAL B 163 -10.54 -11.85 -6.79
N MET B 164 -11.62 -11.18 -7.19
CA MET B 164 -12.39 -10.31 -6.30
C MET B 164 -13.30 -11.12 -5.38
N LEU B 165 -13.38 -10.70 -4.12
CA LEU B 165 -14.15 -11.44 -3.14
C LEU B 165 -15.63 -11.23 -3.38
N GLN B 166 -16.43 -12.27 -3.13
CA GLN B 166 -17.85 -12.22 -3.42
C GLN B 166 -18.11 -11.97 -4.87
N SER B 167 -17.11 -12.15 -5.72
CA SER B 167 -17.40 -12.02 -7.12
C SER B 167 -17.93 -13.34 -7.65
N ASN B 168 -18.34 -13.32 -8.90
CA ASN B 168 -18.82 -14.52 -9.53
C ASN B 168 -17.72 -15.56 -9.66
N ARG B 169 -16.52 -15.25 -9.17
CA ARG B 169 -15.45 -16.22 -9.15
C ARG B 169 -14.81 -16.49 -7.79
N CYS B 170 -15.40 -16.03 -6.70
CA CYS B 170 -14.88 -16.37 -5.38
C CYS B 170 -15.87 -17.22 -4.62
N HIS B 171 -15.34 -18.20 -3.90
CA HIS B 171 -16.17 -19.18 -3.23
C HIS B 171 -17.21 -18.54 -2.33
N LEU B 172 -16.94 -17.36 -1.80
CA LEU B 172 -17.90 -16.75 -0.91
C LEU B 172 -19.00 -15.99 -1.61
N ASN B 173 -19.09 -16.02 -2.94
CA ASN B 173 -20.11 -15.21 -3.60
C ASN B 173 -21.52 -15.62 -3.20
N LYS B 174 -21.73 -16.90 -2.93
CA LYS B 174 -23.08 -17.42 -2.81
C LYS B 174 -23.31 -18.09 -1.47
N MET B 175 -22.43 -17.86 -0.51
CA MET B 175 -22.57 -18.46 0.80
C MET B 175 -23.56 -17.67 1.66
N SER B 176 -24.48 -18.39 2.29
CA SER B 176 -25.37 -17.77 3.24
C SER B 176 -24.59 -17.34 4.48
N PRO B 177 -25.09 -16.35 5.20
CA PRO B 177 -24.39 -15.91 6.42
C PRO B 177 -23.95 -17.06 7.31
N TYR B 178 -24.81 -18.04 7.56
CA TYR B 178 -24.42 -19.11 8.46
C TYR B 178 -23.20 -19.84 7.93
N GLU B 179 -23.23 -20.22 6.66
CA GLU B 179 -22.08 -20.86 6.07
C GLU B 179 -20.87 -19.95 6.11
N LEU B 180 -21.11 -18.66 5.89
CA LEU B 180 -20.00 -17.72 5.87
C LEU B 180 -19.29 -17.71 7.21
N VAL B 181 -20.05 -17.72 8.30
CA VAL B 181 -19.44 -17.86 9.61
C VAL B 181 -18.75 -19.21 9.73
N GLN B 182 -19.34 -20.25 9.16
CA GLN B 182 -18.67 -21.52 9.22
C GLN B 182 -17.36 -21.49 8.47
N HIS B 183 -17.12 -20.45 7.67
CA HIS B 183 -15.89 -20.30 6.91
C HIS B 183 -15.01 -19.20 7.47
N LYS B 184 -15.19 -18.84 8.74
CA LYS B 184 -14.26 -17.97 9.43
C LYS B 184 -14.25 -16.57 8.85
N GLU B 185 -15.42 -16.03 8.54
CA GLU B 185 -15.52 -14.71 7.97
C GLU B 185 -16.47 -13.85 8.79
N GLU B 186 -16.37 -12.54 8.57
CA GLU B 186 -17.32 -11.60 9.15
C GLU B 186 -18.68 -11.84 8.50
N SER B 187 -19.68 -12.20 9.31
CA SER B 187 -20.94 -12.71 8.77
C SER B 187 -21.49 -11.86 7.64
N ASP B 188 -20.91 -10.70 7.41
CA ASP B 188 -21.47 -9.73 6.47
C ASP B 188 -20.47 -9.34 5.39
N GLU B 189 -19.40 -10.11 5.22
CA GLU B 189 -18.33 -9.64 4.36
C GLU B 189 -18.80 -9.19 2.98
N ILE B 190 -18.65 -7.89 2.78
CA ILE B 190 -19.04 -7.27 1.52
C ILE B 190 -18.12 -7.71 0.40
N GLY B 191 -16.82 -7.73 0.66
CA GLY B 191 -15.91 -8.15 -0.38
C GLY B 191 -15.62 -7.02 -1.32
N GLY B 192 -15.49 -7.31 -2.61
CA GLY B 192 -15.22 -6.27 -3.58
C GLY B 192 -13.78 -5.84 -3.62
N TYR B 193 -12.96 -6.28 -2.69
CA TYR B 193 -11.55 -5.96 -2.65
C TYR B 193 -10.72 -7.21 -2.89
N PHE B 194 -9.41 -7.01 -2.97
CA PHE B 194 -8.50 -8.07 -3.36
C PHE B 194 -7.52 -8.32 -2.24
N ILE B 195 -7.27 -9.58 -1.95
CA ILE B 195 -6.18 -9.93 -1.04
C ILE B 195 -4.98 -10.25 -1.90
N VAL B 196 -4.00 -9.35 -1.91
CA VAL B 196 -2.76 -9.55 -2.67
C VAL B 196 -1.60 -9.61 -1.69
N ASN B 197 -0.93 -10.74 -1.64
CA ASN B 197 0.09 -10.95 -0.64
C ASN B 197 -0.43 -10.65 0.76
N GLY B 198 -1.70 -10.99 1.00
CA GLY B 198 -2.30 -10.84 2.30
C GLY B 198 -2.83 -9.47 2.65
N ILE B 199 -2.53 -8.44 1.87
CA ILE B 199 -3.01 -7.09 2.14
C ILE B 199 -4.23 -6.82 1.29
N GLU B 200 -5.31 -6.41 1.93
CA GLU B 200 -6.58 -6.21 1.24
C GLU B 200 -6.53 -4.91 0.46
N LYS B 201 -6.62 -5.01 -0.86
CA LYS B 201 -6.64 -3.84 -1.74
C LYS B 201 -7.87 -3.86 -2.63
N LEU B 202 -8.45 -2.68 -2.82
CA LEU B 202 -9.52 -2.47 -3.77
C LEU B 202 -9.08 -1.43 -4.79
N ILE B 203 -9.68 -1.47 -5.97
CA ILE B 203 -9.39 -0.52 -7.02
C ILE B 203 -10.27 0.71 -6.88
N ARG B 204 -9.64 1.86 -6.69
CA ARG B 204 -10.34 3.12 -6.49
C ARG B 204 -11.10 3.51 -7.76
N MET B 205 -12.38 3.83 -7.62
CA MET B 205 -13.17 4.25 -8.77
C MET B 205 -12.72 5.60 -9.30
N LEU B 206 -12.85 5.79 -10.61
CA LEU B 206 -12.37 6.99 -11.27
C LEU B 206 -13.49 7.64 -12.08
N ILE B 207 -13.51 8.97 -12.07
CA ILE B 207 -14.47 9.74 -12.86
C ILE B 207 -13.84 10.11 -14.20
N VAL B 208 -14.42 9.63 -15.29
CA VAL B 208 -13.88 9.91 -16.60
C VAL B 208 -14.99 10.48 -17.46
N GLN B 209 -14.59 11.13 -18.55
CA GLN B 209 -15.57 11.70 -19.46
C GLN B 209 -16.65 10.68 -19.81
N ARG B 210 -17.89 11.13 -19.79
CA ARG B 210 -18.98 10.29 -20.25
C ARG B 210 -18.71 9.73 -21.63
N ARG B 211 -18.79 8.42 -21.75
CA ARG B 211 -18.54 7.73 -23.01
C ARG B 211 -19.54 8.12 -24.10
N ASN B 212 -19.10 7.88 -25.34
CA ASN B 212 -19.95 7.82 -26.52
C ASN B 212 -20.73 9.09 -26.80
N HIS B 213 -20.34 10.22 -26.23
CA HIS B 213 -21.13 11.41 -26.47
C HIS B 213 -20.28 12.64 -26.71
N PRO B 214 -20.54 13.40 -27.78
CA PRO B 214 -19.63 14.47 -28.15
C PRO B 214 -19.79 15.60 -27.13
N MET B 215 -18.70 16.01 -26.53
CA MET B 215 -18.71 17.07 -25.53
C MET B 215 -17.93 18.26 -26.07
N ALA B 216 -18.60 19.40 -26.23
CA ALA B 216 -17.98 20.59 -26.81
C ALA B 216 -17.09 21.28 -25.80
N ILE B 217 -15.80 21.39 -26.11
CA ILE B 217 -14.81 21.90 -25.17
C ILE B 217 -14.01 23.03 -25.80
N ILE B 218 -13.79 24.10 -25.04
CA ILE B 218 -12.83 25.13 -25.37
C ILE B 218 -11.61 24.93 -24.46
N ARG B 219 -10.45 24.68 -25.05
CA ARG B 219 -9.28 24.45 -24.26
C ARG B 219 -8.05 25.14 -24.84
N PRO B 220 -7.28 25.86 -24.03
CA PRO B 220 -6.09 26.53 -24.58
C PRO B 220 -4.96 25.59 -24.98
N SER B 221 -4.93 24.36 -24.48
CA SER B 221 -4.02 23.39 -25.05
C SER B 221 -4.24 23.24 -26.54
N PHE B 222 -5.49 23.29 -26.96
CA PHE B 222 -5.75 23.17 -28.39
C PHE B 222 -5.02 24.27 -29.13
N ALA B 223 -4.93 25.45 -28.52
CA ALA B 223 -4.11 26.48 -29.14
C ALA B 223 -2.65 26.10 -29.02
N ASN B 224 -2.31 25.30 -28.02
CA ASN B 224 -0.92 24.95 -27.82
C ASN B 224 -0.44 23.93 -28.82
N ARG B 225 -1.35 23.36 -29.62
CA ARG B 225 -0.91 22.37 -30.60
C ARG B 225 -0.04 22.98 -31.69
N GLY B 226 -0.28 24.24 -32.04
CA GLY B 226 0.51 24.88 -33.06
C GLY B 226 -0.25 26.01 -33.72
N ALA B 227 0.31 26.49 -34.83
CA ALA B 227 -0.33 27.52 -35.62
C ALA B 227 -1.67 27.03 -36.16
N SER B 228 -2.55 27.98 -36.41
CA SER B 228 -3.87 27.75 -37.00
C SER B 228 -4.78 26.89 -36.14
N TYR B 229 -4.46 26.71 -34.86
CA TYR B 229 -5.34 25.97 -33.98
C TYR B 229 -6.25 26.95 -33.28
N SER B 230 -7.53 26.65 -33.23
CA SER B 230 -8.45 27.40 -32.39
C SER B 230 -8.61 26.71 -31.04
N HIS B 231 -9.38 27.34 -30.17
CA HIS B 231 -9.68 26.75 -28.88
C HIS B 231 -10.70 25.65 -29.03
N TYR B 232 -11.60 25.82 -29.98
CA TYR B 232 -12.78 25.01 -30.08
C TYR B 232 -12.45 23.60 -30.53
N GLY B 233 -13.26 22.65 -30.09
CA GLY B 233 -13.05 21.28 -30.51
C GLY B 233 -14.09 20.38 -29.88
N ILE B 234 -14.24 19.21 -30.49
CA ILE B 234 -15.15 18.19 -29.99
C ILE B 234 -14.36 17.01 -29.51
N GLN B 235 -14.81 16.42 -28.41
CA GLN B 235 -14.18 15.25 -27.82
C GLN B 235 -15.27 14.24 -27.52
N ILE B 236 -15.18 13.08 -28.17
CA ILE B 236 -16.03 11.95 -27.84
C ILE B 236 -15.14 10.81 -27.37
N ARG B 237 -15.48 10.23 -26.24
CA ARG B 237 -14.72 9.12 -25.68
C ARG B 237 -15.42 7.81 -26.01
N SER B 238 -15.07 7.24 -27.15
CA SER B 238 -15.70 6.00 -27.58
C SER B 238 -15.12 4.85 -26.77
N VAL B 239 -15.99 4.01 -26.21
CA VAL B 239 -15.56 2.82 -25.51
C VAL B 239 -16.17 1.61 -26.19
N ARG B 240 -15.35 0.60 -26.41
CA ARG B 240 -15.77 -0.58 -27.12
C ARG B 240 -16.65 -1.43 -26.22
N PRO B 241 -17.37 -2.39 -26.79
CA PRO B 241 -18.14 -3.31 -25.95
C PRO B 241 -17.31 -3.81 -24.79
N ASP B 242 -16.06 -4.17 -25.07
CA ASP B 242 -15.20 -4.66 -24.02
C ASP B 242 -14.79 -3.55 -23.06
N GLN B 243 -15.23 -2.32 -23.29
CA GLN B 243 -15.08 -1.18 -22.40
C GLN B 243 -13.75 -0.46 -22.54
N THR B 244 -12.82 -0.91 -23.38
CA THR B 244 -11.67 -0.07 -23.69
C THR B 244 -12.12 1.12 -24.52
N SER B 245 -11.56 2.29 -24.22
CA SER B 245 -12.00 3.51 -24.86
C SER B 245 -10.94 4.07 -25.78
N GLN B 246 -11.39 4.91 -26.72
CA GLN B 246 -10.52 5.60 -27.66
C GLN B 246 -11.09 6.98 -27.90
N THR B 247 -10.39 7.99 -27.44
CA THR B 247 -10.85 9.36 -27.56
C THR B 247 -10.53 9.94 -28.92
N ASN B 248 -11.50 10.60 -29.52
CA ASN B 248 -11.37 11.20 -30.85
C ASN B 248 -11.66 12.69 -30.73
N VAL B 249 -10.77 13.51 -31.27
CA VAL B 249 -10.88 14.95 -31.18
C VAL B 249 -10.98 15.55 -32.57
N LEU B 250 -11.85 16.55 -32.70
CA LEU B 250 -11.89 17.42 -33.87
C LEU B 250 -11.41 18.80 -33.47
N HIS B 251 -10.53 19.37 -34.27
CA HIS B 251 -10.09 20.74 -34.09
C HIS B 251 -10.46 21.60 -35.27
N TYR B 252 -10.98 22.78 -34.97
CA TYR B 252 -11.26 23.78 -35.98
C TYR B 252 -10.00 24.60 -36.07
N LEU B 253 -9.32 24.53 -37.19
CA LEU B 253 -8.17 25.39 -37.35
C LEU B 253 -8.66 26.78 -37.71
N ASN B 254 -7.85 27.77 -37.34
CA ASN B 254 -8.25 29.14 -37.64
C ASN B 254 -8.51 29.30 -39.12
N ASP B 255 -7.88 28.47 -39.95
CA ASP B 255 -7.94 28.55 -41.39
C ASP B 255 -9.18 27.87 -41.96
N GLY B 256 -10.09 27.38 -41.11
CA GLY B 256 -11.19 26.57 -41.57
C GLY B 256 -10.90 25.09 -41.68
N GLN B 257 -9.63 24.70 -41.72
CA GLN B 257 -9.30 23.29 -41.77
C GLN B 257 -9.84 22.60 -40.52
N VAL B 258 -10.31 21.37 -40.67
CA VAL B 258 -10.69 20.49 -39.56
C VAL B 258 -9.74 19.31 -39.46
N THR B 259 -9.14 19.11 -38.30
CA THR B 259 -8.24 17.99 -38.07
C THR B 259 -8.81 17.05 -37.02
N PHE B 260 -8.55 15.76 -37.23
CA PHE B 260 -9.02 14.67 -36.40
C PHE B 260 -7.88 14.16 -35.53
N ARG B 261 -8.08 14.15 -34.22
CA ARG B 261 -7.07 13.66 -33.28
C ARG B 261 -7.42 12.26 -32.80
N PHE B 262 -6.39 11.44 -32.64
CA PHE B 262 -6.56 10.14 -32.04
C PHE B 262 -5.24 9.76 -31.40
N SER B 263 -5.22 8.63 -30.73
CA SER B 263 -4.02 8.22 -30.02
C SER B 263 -3.80 6.74 -30.26
N TRP B 264 -2.59 6.38 -30.67
CA TRP B 264 -2.27 4.99 -30.93
C TRP B 264 -0.88 4.73 -30.39
N ARG B 265 -0.70 3.57 -29.77
CA ARG B 265 0.51 3.32 -29.02
C ARG B 265 0.88 4.53 -28.19
N LYS B 266 -0.11 5.13 -27.54
CA LYS B 266 0.08 6.36 -26.79
C LYS B 266 0.92 7.37 -27.56
N ASN B 267 0.75 7.42 -28.88
CA ASN B 267 1.26 8.51 -29.68
C ASN B 267 0.11 9.21 -30.37
N GLU B 268 0.23 10.51 -30.56
CA GLU B 268 -0.82 11.27 -31.22
C GLU B 268 -0.58 11.39 -32.71
N TYR B 269 -1.68 11.43 -33.46
CA TYR B 269 -1.67 11.50 -34.91
C TYR B 269 -2.78 12.44 -35.33
N LEU B 270 -2.50 13.30 -36.30
CA LEU B 270 -3.51 14.20 -36.84
C LEU B 270 -3.83 13.88 -38.29
N VAL B 271 -5.12 13.85 -38.62
CA VAL B 271 -5.59 13.58 -39.97
C VAL B 271 -6.68 14.57 -40.34
N PRO B 272 -6.74 15.05 -41.58
CA PRO B 272 -7.89 15.87 -42.00
C PRO B 272 -9.18 15.08 -41.94
N VAL B 273 -10.18 15.68 -41.27
CA VAL B 273 -11.48 15.04 -41.11
C VAL B 273 -12.11 14.69 -42.45
N VAL B 274 -11.90 15.49 -43.49
CA VAL B 274 -12.48 15.14 -44.77
C VAL B 274 -11.89 13.85 -45.29
N MET B 275 -10.72 13.46 -44.80
CA MET B 275 -10.15 12.19 -45.22
C MET B 275 -10.89 11.04 -44.59
N ILE B 276 -11.12 11.10 -43.28
CA ILE B 276 -11.88 10.04 -42.64
C ILE B 276 -13.32 10.01 -43.13
N LEU B 277 -13.84 11.15 -43.59
CA LEU B 277 -15.16 11.11 -44.21
C LEU B 277 -15.15 10.38 -45.53
N LYS B 278 -14.30 10.80 -46.47
CA LYS B 278 -14.32 10.06 -47.73
C LYS B 278 -13.87 8.62 -47.53
N ALA B 279 -13.19 8.34 -46.43
CA ALA B 279 -12.71 7.00 -46.16
C ALA B 279 -13.77 6.09 -45.60
N LEU B 280 -14.72 6.61 -44.83
CA LEU B 280 -15.71 5.73 -44.23
C LEU B 280 -16.63 5.14 -45.28
N CYS B 281 -17.25 5.98 -46.10
CA CYS B 281 -18.19 5.49 -47.08
C CYS B 281 -17.98 6.20 -48.39
N HIS B 282 -18.26 5.50 -49.49
CA HIS B 282 -18.21 6.15 -50.78
C HIS B 282 -19.25 7.25 -50.80
N THR B 283 -18.83 8.48 -51.01
CA THR B 283 -19.81 9.55 -51.08
C THR B 283 -19.34 10.70 -51.95
N SER B 284 -20.29 11.54 -52.32
CA SER B 284 -20.03 12.79 -53.01
C SER B 284 -19.72 13.88 -52.00
N ASP B 285 -19.05 14.93 -52.46
CA ASP B 285 -18.87 16.09 -51.60
C ASP B 285 -20.20 16.71 -51.27
N ARG B 286 -21.12 16.65 -52.21
CA ARG B 286 -22.43 17.23 -51.99
C ARG B 286 -23.16 16.46 -50.93
N GLU B 287 -22.81 15.18 -50.79
CA GLU B 287 -23.33 14.38 -49.70
C GLU B 287 -22.79 14.85 -48.35
N ILE B 288 -21.54 15.29 -48.29
CA ILE B 288 -21.01 15.82 -47.03
C ILE B 288 -21.62 17.17 -46.71
N PHE B 289 -21.81 18.00 -47.74
CA PHE B 289 -22.43 19.28 -47.54
C PHE B 289 -23.83 19.10 -46.98
N ASP B 290 -24.60 18.22 -47.61
CA ASP B 290 -25.93 17.93 -47.12
C ASP B 290 -25.90 17.32 -45.73
N GLY B 291 -24.87 16.53 -45.43
CA GLY B 291 -24.73 15.99 -44.08
C GLY B 291 -24.50 17.06 -43.05
N ILE B 292 -23.81 18.13 -43.43
CA ILE B 292 -23.37 19.12 -42.46
C ILE B 292 -24.39 20.24 -42.34
N ILE B 293 -24.65 20.94 -43.43
CA ILE B 293 -25.50 22.11 -43.36
C ILE B 293 -26.98 21.76 -43.52
N GLY B 294 -27.29 20.78 -44.35
CA GLY B 294 -28.68 20.33 -44.42
C GLY B 294 -29.54 21.42 -44.99
N ASN B 295 -30.69 21.66 -44.35
CA ASN B 295 -31.58 22.74 -44.75
C ASN B 295 -30.98 24.12 -44.44
N ASP B 296 -29.91 24.18 -43.67
CA ASP B 296 -29.32 25.43 -43.23
C ASP B 296 -28.49 26.12 -44.29
N VAL B 297 -28.81 25.89 -45.56
CA VAL B 297 -27.97 26.31 -46.68
C VAL B 297 -27.65 27.79 -46.67
N LYS B 298 -28.26 28.55 -45.78
CA LYS B 298 -28.19 30.00 -45.81
C LYS B 298 -27.12 30.60 -44.89
N ASP B 299 -26.39 29.78 -44.15
CA ASP B 299 -25.34 30.30 -43.26
C ASP B 299 -24.03 30.54 -43.99
N SER B 300 -23.88 31.77 -44.48
CA SER B 300 -22.65 32.13 -45.16
C SER B 300 -21.44 31.78 -44.32
N PHE B 301 -21.55 31.93 -43.01
CA PHE B 301 -20.47 31.50 -42.13
C PHE B 301 -20.17 30.03 -42.32
N LEU B 302 -21.21 29.22 -42.34
CA LEU B 302 -21.00 27.80 -42.43
C LEU B 302 -20.75 27.39 -43.87
N THR B 303 -21.46 27.99 -44.82
CA THR B 303 -21.20 27.70 -46.21
C THR B 303 -19.75 27.95 -46.56
N ASP B 304 -19.19 29.04 -46.05
CA ASP B 304 -17.86 29.42 -46.47
C ASP B 304 -16.81 28.58 -45.76
N ARG B 305 -16.97 28.34 -44.46
CA ARG B 305 -16.05 27.42 -43.82
C ARG B 305 -16.06 26.08 -44.52
N LEU B 306 -17.24 25.62 -44.94
CA LEU B 306 -17.26 24.33 -45.61
C LEU B 306 -16.59 24.40 -46.97
N GLU B 307 -16.67 25.55 -47.64
CA GLU B 307 -15.94 25.67 -48.89
C GLU B 307 -14.44 25.61 -48.64
N LEU B 308 -13.98 26.20 -47.54
CA LEU B 308 -12.56 26.09 -47.24
C LEU B 308 -12.18 24.64 -47.03
N LEU B 309 -13.03 23.89 -46.33
CA LEU B 309 -12.68 22.51 -46.05
C LEU B 309 -12.62 21.70 -47.34
N LEU B 310 -13.68 21.72 -48.12
CA LEU B 310 -13.75 20.84 -49.28
C LEU B 310 -12.77 21.28 -50.36
N ARG B 311 -12.69 22.58 -50.61
CA ARG B 311 -11.79 23.04 -51.65
C ARG B 311 -10.34 22.76 -51.25
N GLY B 312 -10.04 22.91 -49.96
CA GLY B 312 -8.70 22.63 -49.49
C GLY B 312 -8.32 21.16 -49.59
N PHE B 313 -9.24 20.28 -49.24
CA PHE B 313 -8.95 18.86 -49.38
C PHE B 313 -8.78 18.48 -50.84
N LYS B 314 -9.64 18.99 -51.70
CA LYS B 314 -9.45 18.72 -53.13
C LYS B 314 -8.13 19.27 -53.61
N LYS B 315 -7.65 20.34 -52.96
CA LYS B 315 -6.36 20.89 -53.32
C LYS B 315 -5.23 19.95 -52.93
N ARG B 316 -5.25 19.46 -51.70
CA ARG B 316 -4.15 18.65 -51.22
C ARG B 316 -4.04 17.34 -52.00
N TYR B 317 -5.15 16.66 -52.25
CA TYR B 317 -5.14 15.28 -52.73
C TYR B 317 -5.90 15.10 -54.04
N PRO B 318 -5.48 15.79 -55.10
CA PRO B 318 -6.32 15.83 -56.31
C PRO B 318 -6.55 14.47 -56.93
N HIS B 319 -5.81 13.45 -56.49
CA HIS B 319 -5.76 12.15 -57.13
C HIS B 319 -6.51 11.09 -56.33
N LEU B 320 -7.13 11.47 -55.23
CA LEU B 320 -7.89 10.58 -54.34
C LEU B 320 -9.33 10.38 -54.78
N GLN B 321 -9.54 10.28 -56.10
CA GLN B 321 -10.85 10.45 -56.69
C GLN B 321 -11.91 9.56 -56.06
N ASN B 322 -11.53 8.40 -55.53
CA ASN B 322 -12.54 7.56 -54.91
C ASN B 322 -12.09 7.05 -53.55
N ARG B 323 -13.07 6.53 -52.82
CA ARG B 323 -12.83 6.10 -51.44
C ARG B 323 -11.70 5.10 -51.37
N THR B 324 -11.61 4.22 -52.35
CA THR B 324 -10.61 3.17 -52.31
C THR B 324 -9.21 3.78 -52.28
N GLN B 325 -8.96 4.76 -53.14
CA GLN B 325 -7.66 5.41 -53.10
C GLN B 325 -7.39 6.00 -51.74
N VAL B 326 -8.41 6.60 -51.11
CA VAL B 326 -8.24 7.18 -49.79
C VAL B 326 -7.82 6.11 -48.78
N LEU B 327 -8.53 4.99 -48.78
CA LEU B 327 -8.20 3.92 -47.87
C LEU B 327 -6.78 3.44 -48.13
N GLN B 328 -6.39 3.40 -49.39
CA GLN B 328 -5.04 3.00 -49.73
C GLN B 328 -4.02 3.98 -49.18
N TYR B 329 -4.35 5.27 -49.20
CA TYR B 329 -3.43 6.23 -48.63
C TYR B 329 -3.30 6.06 -47.12
N LEU B 330 -4.42 5.77 -46.44
CA LEU B 330 -4.31 5.56 -45.00
C LEU B 330 -3.53 4.31 -44.67
N GLY B 331 -3.80 3.21 -45.35
CA GLY B 331 -3.00 2.02 -45.15
C GLY B 331 -1.54 2.28 -45.46
N ASP B 332 -1.27 3.05 -46.50
CA ASP B 332 0.09 3.33 -46.89
C ASP B 332 0.80 4.13 -45.82
N LYS B 333 0.10 5.05 -45.18
CA LYS B 333 0.71 5.90 -44.19
C LYS B 333 0.77 5.32 -42.78
N PHE B 334 -0.09 4.37 -42.43
CA PHE B 334 -0.01 3.77 -41.11
C PHE B 334 0.45 2.31 -41.07
N ARG B 335 0.73 1.68 -42.20
CA ARG B 335 1.12 0.28 -42.11
C ARG B 335 2.40 0.11 -41.30
N VAL B 336 3.29 1.10 -41.34
CA VAL B 336 4.50 1.02 -40.54
C VAL B 336 4.21 0.96 -39.06
N VAL B 337 3.02 1.38 -38.63
CA VAL B 337 2.77 1.53 -37.20
C VAL B 337 1.69 0.60 -36.70
N PHE B 338 0.89 0.00 -37.57
CA PHE B 338 -0.14 -0.90 -37.09
C PHE B 338 0.35 -2.33 -37.05
N GLN B 339 1.62 -2.54 -37.39
CA GLN B 339 2.24 -3.86 -37.31
C GLN B 339 1.37 -4.95 -37.94
N ALA B 340 0.87 -4.69 -39.14
CA ALA B 340 0.01 -5.65 -39.83
C ALA B 340 0.67 -6.25 -41.06
N SER B 341 1.74 -5.56 -41.45
CA SER B 341 2.63 -5.79 -42.60
C SER B 341 2.48 -7.11 -43.33
N PRO B 342 3.61 -7.85 -43.42
CA PRO B 342 3.88 -9.14 -44.07
C PRO B 342 2.63 -9.92 -44.32
N ASP B 343 1.50 -9.23 -44.34
CA ASP B 343 0.23 -9.90 -44.59
C ASP B 343 -0.80 -8.99 -45.24
N GLN B 344 -0.91 -7.75 -44.78
CA GLN B 344 -2.02 -6.92 -45.21
C GLN B 344 -1.64 -5.93 -46.30
N SER B 345 -2.60 -5.65 -47.17
CA SER B 345 -2.53 -4.63 -48.20
C SER B 345 -2.97 -3.30 -47.63
N ASP B 346 -2.58 -2.22 -48.29
CA ASP B 346 -2.93 -0.91 -47.77
C ASP B 346 -4.43 -0.72 -47.68
N LEU B 347 -5.21 -1.45 -48.47
CA LEU B 347 -6.66 -1.36 -48.32
C LEU B 347 -7.10 -2.05 -47.04
N GLU B 348 -6.49 -3.19 -46.73
CA GLU B 348 -6.88 -3.89 -45.51
C GLU B 348 -6.42 -3.11 -44.29
N VAL B 349 -5.18 -2.62 -44.32
CA VAL B 349 -4.70 -1.85 -43.20
C VAL B 349 -5.57 -0.62 -43.02
N GLY B 350 -5.95 0.03 -44.11
CA GLY B 350 -6.81 1.19 -43.98
C GLY B 350 -8.13 0.85 -43.32
N GLN B 351 -8.78 -0.21 -43.78
CA GLN B 351 -10.10 -0.51 -43.26
C GLN B 351 -10.03 -0.94 -41.80
N GLU B 352 -9.04 -1.76 -41.45
CA GLU B 352 -8.90 -2.15 -40.07
C GLU B 352 -8.59 -0.96 -39.19
N VAL B 353 -7.80 0.00 -39.70
CA VAL B 353 -7.56 1.22 -38.93
C VAL B 353 -8.87 1.94 -38.67
N LEU B 354 -9.65 2.21 -39.71
CA LEU B 354 -10.89 2.90 -39.47
C LEU B 354 -11.68 2.19 -38.39
N ASP B 355 -11.83 0.87 -38.52
CA ASP B 355 -12.56 0.13 -37.52
C ASP B 355 -11.93 0.25 -36.15
N ARG B 356 -10.63 0.50 -36.08
CA ARG B 356 -9.92 0.51 -34.82
C ARG B 356 -9.79 1.88 -34.19
N ILE B 357 -10.09 2.94 -34.92
CA ILE B 357 -9.91 4.30 -34.41
C ILE B 357 -11.23 5.05 -34.37
N VAL B 358 -11.87 5.18 -35.51
CA VAL B 358 -12.90 6.19 -35.71
C VAL B 358 -14.22 5.72 -35.10
N LEU B 359 -14.69 6.47 -34.12
CA LEU B 359 -15.96 6.21 -33.45
C LEU B 359 -16.16 4.73 -33.17
N VAL B 360 -15.18 4.13 -32.50
CA VAL B 360 -15.27 2.71 -32.24
C VAL B 360 -16.53 2.35 -31.47
N HIS B 361 -17.17 3.31 -30.82
CA HIS B 361 -18.41 3.02 -30.13
C HIS B 361 -19.49 2.52 -31.06
N LEU B 362 -19.44 2.88 -32.34
CA LEU B 362 -20.45 2.40 -33.26
C LEU B 362 -20.16 1.01 -33.77
N GLY B 363 -18.93 0.56 -33.68
CA GLY B 363 -18.58 -0.80 -34.01
C GLY B 363 -18.33 -1.03 -35.48
N LYS B 364 -17.83 -2.23 -35.78
CA LYS B 364 -17.63 -2.64 -37.16
C LYS B 364 -18.93 -2.64 -37.93
N ASP B 365 -18.81 -2.43 -39.24
CA ASP B 365 -19.95 -2.24 -40.13
C ASP B 365 -20.86 -1.10 -39.68
N GLY B 366 -20.36 -0.21 -38.83
CA GLY B 366 -21.11 0.99 -38.54
C GLY B 366 -20.63 2.15 -39.38
N SER B 367 -20.07 1.84 -40.54
CA SER B 367 -19.31 2.86 -41.25
C SER B 367 -20.22 3.94 -41.82
N GLN B 368 -21.45 3.60 -42.20
CA GLN B 368 -22.40 4.66 -42.45
C GLN B 368 -22.82 5.36 -41.16
N ASP B 369 -23.06 4.60 -40.09
CA ASP B 369 -23.43 5.26 -38.85
C ASP B 369 -22.28 6.08 -38.32
N LYS B 370 -21.06 5.57 -38.43
CA LYS B 370 -19.93 6.40 -38.04
C LYS B 370 -19.87 7.62 -38.92
N PHE B 371 -20.29 7.50 -40.16
CA PHE B 371 -20.36 8.65 -41.03
C PHE B 371 -21.33 9.69 -40.49
N ARG B 372 -22.55 9.27 -40.13
CA ARG B 372 -23.52 10.23 -39.64
C ARG B 372 -23.02 10.89 -38.36
N MET B 373 -22.42 10.10 -37.47
CA MET B 373 -21.93 10.70 -36.24
C MET B 373 -20.80 11.68 -36.52
N LEU B 374 -19.94 11.36 -37.49
CA LEU B 374 -18.83 12.26 -37.74
C LEU B 374 -19.32 13.58 -38.32
N LEU B 375 -20.32 13.53 -39.19
CA LEU B 375 -20.91 14.78 -39.66
C LEU B 375 -21.60 15.53 -38.54
N PHE B 376 -22.26 14.82 -37.65
CA PHE B 376 -22.84 15.51 -36.51
C PHE B 376 -21.78 16.18 -35.66
N MET B 377 -20.61 15.57 -35.54
CA MET B 377 -19.57 16.22 -34.75
C MET B 377 -19.00 17.44 -35.45
N ILE B 378 -18.84 17.39 -36.77
CA ILE B 378 -18.36 18.60 -37.41
C ILE B 378 -19.38 19.71 -37.29
N ARG B 379 -20.65 19.38 -37.46
CA ARG B 379 -21.69 20.40 -37.35
C ARG B 379 -21.75 20.99 -35.96
N LYS B 380 -21.68 20.14 -34.93
CA LYS B 380 -21.66 20.69 -33.59
C LYS B 380 -20.45 21.56 -33.39
N LEU B 381 -19.32 21.15 -33.95
CA LEU B 381 -18.12 21.96 -33.80
C LEU B 381 -18.29 23.32 -34.42
N TYR B 382 -18.93 23.40 -35.59
CA TYR B 382 -19.15 24.73 -36.15
C TYR B 382 -20.13 25.52 -35.31
N SER B 383 -21.07 24.84 -34.66
CA SER B 383 -21.95 25.56 -33.78
C SER B 383 -21.18 26.11 -32.59
N LEU B 384 -20.16 25.40 -32.15
CA LEU B 384 -19.33 25.94 -31.07
C LEU B 384 -18.51 27.12 -31.56
N VAL B 385 -17.91 27.00 -32.74
CA VAL B 385 -17.04 28.06 -33.21
C VAL B 385 -17.83 29.35 -33.41
N ALA B 386 -18.95 29.25 -34.12
CA ALA B 386 -19.74 30.46 -34.36
C ALA B 386 -20.17 31.07 -33.04
N GLY B 387 -20.50 30.25 -32.07
CA GLY B 387 -21.04 30.70 -30.80
C GLY B 387 -22.53 30.57 -30.69
N GLU B 388 -23.15 29.81 -31.58
CA GLU B 388 -24.59 29.60 -31.52
C GLU B 388 -24.96 28.62 -30.42
N CYS B 389 -23.98 27.94 -29.84
CA CYS B 389 -24.22 27.02 -28.75
C CYS B 389 -23.17 27.25 -27.66
N SER B 390 -23.56 26.95 -26.43
CA SER B 390 -22.64 27.04 -25.32
C SER B 390 -21.62 25.91 -25.38
N PRO B 391 -20.47 26.10 -24.74
CA PRO B 391 -19.54 24.99 -24.58
C PRO B 391 -19.95 24.10 -23.43
N ASP B 392 -19.54 22.84 -23.49
CA ASP B 392 -19.82 21.94 -22.39
C ASP B 392 -18.71 22.03 -21.36
N ASN B 393 -18.90 21.34 -20.25
CA ASN B 393 -17.98 21.42 -19.13
C ASN B 393 -17.43 20.04 -18.83
N PRO B 394 -16.15 19.81 -19.02
CA PRO B 394 -15.59 18.50 -18.70
C PRO B 394 -15.80 18.11 -17.26
N ASP B 395 -15.77 19.07 -16.35
CA ASP B 395 -15.83 18.78 -14.92
C ASP B 395 -17.23 18.74 -14.34
N ALA B 396 -18.26 19.09 -15.08
CA ALA B 396 -19.60 18.90 -14.54
C ALA B 396 -19.91 17.41 -14.49
N THR B 397 -20.44 16.96 -13.35
CA THR B 397 -20.88 15.59 -13.25
C THR B 397 -21.83 15.23 -14.37
N GLN B 398 -22.51 16.22 -14.92
CA GLN B 398 -23.36 15.99 -16.07
C GLN B 398 -22.62 15.22 -17.15
N HIS B 399 -21.36 15.57 -17.37
CA HIS B 399 -20.57 15.07 -18.48
C HIS B 399 -19.60 14.00 -18.06
N GLN B 400 -19.96 13.16 -17.11
CA GLN B 400 -18.99 12.24 -16.57
C GLN B 400 -19.63 10.91 -16.22
N GLU B 401 -18.79 9.89 -16.19
CA GLU B 401 -19.17 8.53 -15.87
C GLU B 401 -18.08 8.01 -14.96
N VAL B 402 -18.23 6.78 -14.51
CA VAL B 402 -17.35 6.24 -13.48
C VAL B 402 -16.74 4.97 -14.02
N LEU B 403 -15.42 4.99 -14.20
CA LEU B 403 -14.71 3.78 -14.53
C LEU B 403 -14.68 2.90 -13.29
N LEU B 404 -15.38 1.78 -13.34
CA LEU B 404 -15.36 0.89 -12.20
C LEU B 404 -14.09 0.07 -12.19
N GLY B 405 -13.56 -0.16 -11.01
CA GLY B 405 -12.29 -0.85 -10.89
C GLY B 405 -12.24 -2.13 -11.70
N GLY B 406 -13.29 -2.93 -11.63
CA GLY B 406 -13.28 -4.18 -12.37
C GLY B 406 -13.09 -3.99 -13.87
N PHE B 407 -13.72 -2.97 -14.45
CA PHE B 407 -13.46 -2.73 -15.86
C PHE B 407 -12.03 -2.33 -16.12
N LEU B 408 -11.44 -1.51 -15.26
CA LEU B 408 -10.02 -1.25 -15.41
C LEU B 408 -9.27 -2.56 -15.42
N TYR B 409 -9.68 -3.47 -14.54
CA TYR B 409 -9.12 -4.81 -14.51
C TYR B 409 -9.23 -5.50 -15.87
N GLY B 410 -10.39 -5.39 -16.50
CA GLY B 410 -10.59 -6.08 -17.75
C GLY B 410 -9.77 -5.47 -18.85
N MET B 411 -9.63 -4.15 -18.83
CA MET B 411 -8.82 -3.49 -19.83
C MET B 411 -7.37 -3.94 -19.70
N ILE B 412 -6.83 -3.89 -18.49
CA ILE B 412 -5.44 -4.28 -18.35
C ILE B 412 -5.24 -5.71 -18.76
N LEU B 413 -6.24 -6.57 -18.52
CA LEU B 413 -6.12 -7.93 -19.04
C LEU B 413 -6.08 -7.95 -20.56
N LYS B 414 -7.02 -7.25 -21.21
CA LYS B 414 -7.01 -7.26 -22.66
C LYS B 414 -5.67 -6.82 -23.22
N GLU B 415 -5.11 -5.76 -22.66
CA GLU B 415 -3.81 -5.32 -23.15
C GLU B 415 -2.75 -6.35 -22.88
N LYS B 416 -2.79 -7.00 -21.71
CA LYS B 416 -1.77 -7.99 -21.40
C LYS B 416 -1.87 -9.21 -22.31
N ILE B 417 -3.07 -9.57 -22.76
CA ILE B 417 -3.13 -10.70 -23.66
C ILE B 417 -2.62 -10.27 -25.02
N ASP B 418 -2.80 -9.00 -25.35
CA ASP B 418 -2.19 -8.52 -26.57
C ASP B 418 -0.69 -8.65 -26.45
N GLU B 419 -0.14 -8.31 -25.29
CA GLU B 419 1.29 -8.45 -25.11
C GLU B 419 1.70 -9.91 -25.20
N TYR B 420 0.90 -10.81 -24.64
CA TYR B 420 1.32 -12.20 -24.65
C TYR B 420 1.41 -12.74 -26.07
N LEU B 421 0.44 -12.38 -26.91
CA LEU B 421 0.55 -12.84 -28.28
C LEU B 421 1.67 -12.12 -29.00
N GLN B 422 1.82 -10.83 -28.75
CA GLN B 422 2.94 -10.10 -29.33
C GLN B 422 4.26 -10.77 -28.96
N ASN B 423 4.34 -11.31 -27.74
CA ASN B 423 5.55 -12.00 -27.32
C ASN B 423 5.73 -13.30 -28.07
N ILE B 424 4.65 -14.01 -28.35
CA ILE B 424 4.80 -15.18 -29.22
C ILE B 424 5.40 -14.74 -30.54
N ILE B 425 4.83 -13.71 -31.13
CA ILE B 425 5.28 -13.28 -32.45
C ILE B 425 6.75 -12.89 -32.40
N ALA B 426 7.14 -12.15 -31.36
CA ALA B 426 8.55 -11.80 -31.20
C ALA B 426 9.41 -13.05 -31.09
N GLN B 427 8.91 -14.08 -30.43
CA GLN B 427 9.74 -15.25 -30.22
C GLN B 427 9.95 -15.99 -31.53
N VAL B 428 8.87 -16.09 -32.32
CA VAL B 428 9.00 -16.69 -33.64
C VAL B 428 9.94 -15.88 -34.51
N ARG B 429 9.82 -14.56 -34.45
CA ARG B 429 10.70 -13.73 -35.27
C ARG B 429 12.17 -13.92 -34.88
N MET B 430 12.46 -13.99 -33.58
CA MET B 430 13.85 -14.20 -33.19
C MET B 430 14.32 -15.56 -33.64
N ASP B 431 13.48 -16.58 -33.49
CA ASP B 431 13.89 -17.92 -33.89
C ASP B 431 14.15 -17.98 -35.38
N ILE B 432 13.27 -17.37 -36.18
CA ILE B 432 13.46 -17.34 -37.61
C ILE B 432 14.63 -16.48 -38.02
N ASN B 433 15.06 -15.55 -37.18
CA ASN B 433 16.24 -14.81 -37.58
C ASN B 433 17.52 -15.40 -37.04
N ARG B 434 17.46 -16.53 -36.35
CA ARG B 434 18.67 -17.17 -35.90
C ARG B 434 18.71 -18.66 -36.21
N GLY B 435 17.62 -19.24 -36.68
CA GLY B 435 17.64 -20.66 -36.94
C GLY B 435 16.69 -21.09 -38.04
N MET B 436 15.46 -20.56 -37.99
CA MET B 436 14.38 -21.02 -38.86
C MET B 436 14.32 -22.55 -38.85
N ALA B 437 14.79 -23.13 -37.74
CA ALA B 437 14.95 -24.58 -37.66
C ALA B 437 13.69 -25.38 -37.98
N ILE B 438 12.50 -24.82 -37.76
CA ILE B 438 11.32 -25.68 -37.82
C ILE B 438 10.07 -24.94 -38.26
N ASN B 439 9.22 -25.67 -38.97
CA ASN B 439 8.02 -25.15 -39.60
C ASN B 439 6.91 -25.02 -38.56
N PHE B 440 5.98 -24.11 -38.84
CA PHE B 440 4.92 -23.81 -37.89
C PHE B 440 4.00 -24.99 -37.61
N LYS B 441 4.04 -26.04 -38.43
CA LYS B 441 3.11 -27.14 -38.20
C LYS B 441 3.53 -28.07 -37.06
N ASP B 442 4.83 -28.29 -36.86
CA ASP B 442 5.25 -29.18 -35.79
C ASP B 442 4.69 -28.77 -34.44
N LYS B 443 4.01 -29.72 -33.80
CA LYS B 443 3.53 -29.48 -32.44
C LYS B 443 4.67 -29.29 -31.45
N ARG B 444 5.77 -30.03 -31.64
CA ARG B 444 6.93 -29.81 -30.80
C ARG B 444 7.34 -28.36 -30.80
N TYR B 445 7.33 -27.72 -31.97
CA TYR B 445 7.66 -26.31 -32.04
C TYR B 445 6.67 -25.46 -31.27
N MET B 446 5.38 -25.79 -31.36
CA MET B 446 4.39 -25.08 -30.56
C MET B 446 4.78 -25.13 -29.08
N SER B 447 5.08 -26.32 -28.57
CA SER B 447 5.50 -26.43 -27.18
C SER B 447 6.80 -25.69 -26.93
N ARG B 448 7.68 -25.66 -27.92
CA ARG B 448 9.01 -25.12 -27.68
C ARG B 448 8.96 -23.60 -27.58
N VAL B 449 8.35 -22.96 -28.55
CA VAL B 449 8.20 -21.52 -28.47
C VAL B 449 7.33 -21.14 -27.29
N LEU B 450 6.14 -21.75 -27.22
CA LEU B 450 5.23 -21.47 -26.12
C LEU B 450 5.90 -21.62 -24.77
N MET B 451 6.82 -22.56 -24.63
CA MET B 451 7.49 -22.69 -23.35
C MET B 451 8.64 -21.72 -23.21
N ARG B 452 8.86 -20.86 -24.19
CA ARG B 452 9.99 -19.94 -24.17
C ARG B 452 9.58 -18.50 -23.91
N VAL B 453 8.31 -18.18 -24.13
CA VAL B 453 7.78 -16.89 -23.75
C VAL B 453 7.34 -16.92 -22.29
N ASN B 454 7.27 -15.75 -21.68
CA ASN B 454 6.70 -15.69 -20.36
C ASN B 454 5.19 -15.55 -20.53
N GLU B 455 4.46 -16.46 -19.90
CA GLU B 455 3.01 -16.53 -19.95
C GLU B 455 2.37 -16.28 -18.61
N ASN B 456 3.15 -15.92 -17.61
CA ASN B 456 2.60 -15.67 -16.29
C ASN B 456 1.94 -14.30 -16.28
N ILE B 457 0.71 -14.26 -16.77
CA ILE B 457 -0.05 -13.03 -16.70
C ILE B 457 -0.63 -12.82 -15.31
N GLY B 458 -0.92 -13.89 -14.60
CA GLY B 458 -1.37 -13.75 -13.23
C GLY B 458 -0.44 -12.93 -12.38
N SER B 459 0.86 -13.17 -12.50
CA SER B 459 1.79 -12.37 -11.74
C SER B 459 1.81 -10.93 -12.22
N LYS B 460 1.68 -10.72 -13.52
CA LYS B 460 1.65 -9.35 -14.01
C LYS B 460 0.47 -8.56 -13.44
N MET B 461 -0.70 -9.19 -13.37
CA MET B 461 -1.84 -8.52 -12.76
C MET B 461 -1.76 -8.45 -11.25
N GLN B 462 -1.04 -9.36 -10.61
CA GLN B 462 -0.80 -9.17 -9.21
C GLN B 462 0.16 -8.01 -9.12
N TYR B 463 1.12 -7.94 -10.04
CA TYR B 463 2.03 -6.80 -10.04
C TYR B 463 1.29 -5.46 -10.07
N PHE B 464 0.57 -5.22 -11.18
CA PHE B 464 -0.25 -4.03 -11.25
C PHE B 464 -1.19 -3.79 -10.09
N LEU B 465 -1.78 -4.84 -9.57
CA LEU B 465 -2.67 -4.70 -8.43
C LEU B 465 -1.93 -4.47 -7.12
N SER B 466 -0.61 -4.62 -7.11
CA SER B 466 0.15 -4.48 -5.88
C SER B 466 0.87 -3.16 -5.79
N THR B 467 0.91 -2.43 -6.84
CA THR B 467 1.57 -1.15 -6.90
C THR B 467 0.62 -0.08 -7.39
N GLY B 468 -0.23 -0.44 -8.35
CA GLY B 468 -1.10 0.51 -9.01
C GLY B 468 -0.37 1.28 -10.08
N ASN B 469 0.69 0.70 -10.63
CA ASN B 469 1.38 1.31 -11.74
C ASN B 469 0.97 0.55 -13.00
N LEU B 470 -0.24 0.83 -13.44
CA LEU B 470 -0.74 0.13 -14.63
C LEU B 470 -0.01 0.70 -15.83
N VAL B 471 0.71 -0.15 -16.53
CA VAL B 471 1.46 0.27 -17.69
C VAL B 471 1.14 -0.66 -18.84
N SER B 472 0.86 -0.06 -19.99
CA SER B 472 0.64 -0.84 -21.20
C SER B 472 1.00 0.03 -22.38
N GLN B 473 1.14 -0.60 -23.54
CA GLN B 473 1.54 0.14 -24.71
C GLN B 473 0.48 1.11 -25.21
N SER B 474 -0.74 1.05 -24.66
CA SER B 474 -1.74 2.04 -25.02
C SER B 474 -2.01 3.08 -23.95
N GLY B 475 -1.52 2.88 -22.74
CA GLY B 475 -1.88 3.78 -21.67
C GLY B 475 -3.34 3.71 -21.31
N LEU B 476 -4.05 2.73 -21.85
CA LEU B 476 -5.47 2.52 -21.58
C LEU B 476 -6.30 3.80 -21.67
N ASP B 477 -5.78 4.83 -22.34
CA ASP B 477 -6.46 6.12 -22.36
C ASP B 477 -6.64 6.68 -20.96
N LEU B 478 -5.58 6.64 -20.17
CA LEU B 478 -5.65 7.21 -18.84
C LEU B 478 -4.50 8.19 -18.63
N GLN B 479 -4.80 9.29 -17.96
CA GLN B 479 -3.83 10.36 -17.81
C GLN B 479 -2.70 10.01 -16.86
N GLN B 480 -2.79 8.91 -16.12
CA GLN B 480 -1.73 8.61 -15.17
C GLN B 480 -1.44 7.12 -15.17
N VAL B 481 -0.30 6.79 -14.60
CA VAL B 481 0.19 5.43 -14.52
C VAL B 481 0.42 4.98 -13.08
N SER B 482 -0.18 5.67 -12.12
CA SER B 482 -0.10 5.22 -10.74
C SER B 482 -1.39 5.57 -10.00
N GLY B 483 -1.46 5.15 -8.75
CA GLY B 483 -2.53 5.59 -7.88
C GLY B 483 -3.84 4.87 -8.08
N TYR B 484 -3.91 3.90 -8.98
CA TYR B 484 -5.19 3.30 -9.27
C TYR B 484 -5.69 2.39 -8.16
N THR B 485 -4.83 1.94 -7.25
CA THR B 485 -5.21 0.94 -6.27
C THR B 485 -4.95 1.42 -4.85
N VAL B 486 -5.81 1.03 -3.91
CA VAL B 486 -5.68 1.48 -2.53
C VAL B 486 -5.91 0.33 -1.56
N VAL B 487 -5.16 0.37 -0.45
CA VAL B 487 -5.28 -0.59 0.64
C VAL B 487 -6.60 -0.40 1.37
N ALA B 488 -7.35 -1.48 1.54
CA ALA B 488 -8.67 -1.41 2.13
C ALA B 488 -8.66 -0.87 3.56
N GLU B 489 -7.52 -0.87 4.23
CA GLU B 489 -7.41 -0.21 5.53
C GLU B 489 -8.60 -0.44 6.46
N LYS B 490 -8.78 -1.68 6.90
CA LYS B 490 -9.89 -2.10 7.76
C LYS B 490 -9.82 -1.59 9.20
N ILE B 491 -9.05 -0.53 9.46
CA ILE B 491 -8.93 -0.05 10.83
C ILE B 491 -10.26 0.34 11.44
N ASN B 492 -11.28 0.62 10.64
CA ASN B 492 -12.58 0.96 11.19
C ASN B 492 -13.62 0.56 10.17
N PHE B 493 -14.73 -0.04 10.62
CA PHE B 493 -15.76 -0.39 9.66
C PHE B 493 -16.18 0.79 8.79
N TYR B 494 -16.20 1.99 9.36
CA TYR B 494 -16.55 3.15 8.55
C TYR B 494 -15.57 3.31 7.42
N ARG B 495 -14.30 3.12 7.71
CA ARG B 495 -13.25 3.31 6.73
C ARG B 495 -13.39 2.27 5.64
N PHE B 496 -13.66 1.04 6.04
CA PHE B 496 -13.84 -0.05 5.10
C PHE B 496 -15.01 0.20 4.17
N ILE B 497 -16.15 0.58 4.71
CA ILE B 497 -17.25 0.79 3.78
C ILE B 497 -17.01 2.03 2.95
N SER B 498 -16.30 3.00 3.50
CA SER B 498 -16.11 4.25 2.77
C SER B 498 -15.22 4.07 1.56
N HIS B 499 -14.24 3.17 1.61
CA HIS B 499 -13.44 2.99 0.39
C HIS B 499 -14.31 2.65 -0.80
N PHE B 500 -15.32 1.82 -0.63
CA PHE B 500 -16.07 1.46 -1.81
C PHE B 500 -17.09 2.49 -2.22
N ARG B 501 -17.19 3.60 -1.49
CA ARG B 501 -18.01 4.70 -1.94
C ARG B 501 -17.14 5.91 -2.24
N MET B 502 -15.83 5.72 -2.23
CA MET B 502 -14.93 6.78 -2.64
C MET B 502 -14.78 6.81 -4.14
N VAL B 503 -14.80 8.01 -4.70
CA VAL B 503 -14.63 8.22 -6.13
C VAL B 503 -13.58 9.31 -6.27
N HIS B 504 -12.65 9.10 -7.18
CA HIS B 504 -11.55 10.02 -7.38
C HIS B 504 -11.63 10.69 -8.72
N ARG B 505 -11.41 12.01 -8.73
CA ARG B 505 -11.29 12.74 -9.98
C ARG B 505 -10.01 12.40 -10.72
N GLY B 506 -9.05 11.79 -10.04
CA GLY B 506 -7.78 11.31 -10.55
C GLY B 506 -6.63 12.18 -10.09
N SER B 507 -5.44 11.57 -9.99
CA SER B 507 -4.28 12.27 -9.45
C SER B 507 -3.89 13.47 -10.32
N PHE B 508 -4.09 13.37 -11.62
CA PHE B 508 -3.61 14.42 -12.50
C PHE B 508 -4.27 15.74 -12.15
N PHE B 509 -5.54 15.70 -11.77
CA PHE B 509 -6.16 16.93 -11.31
C PHE B 509 -5.70 17.29 -9.91
N ALA B 510 -5.18 16.33 -9.15
CA ALA B 510 -4.52 16.72 -7.92
C ALA B 510 -3.31 17.56 -8.23
N GLN B 511 -2.75 17.38 -9.43
CA GLN B 511 -1.54 18.13 -9.79
C GLN B 511 -1.89 19.54 -10.25
N LEU B 512 -3.09 19.73 -10.79
CA LEU B 512 -3.53 21.06 -11.22
C LEU B 512 -3.37 22.05 -10.08
N LYS B 513 -2.98 23.27 -10.41
CA LYS B 513 -2.83 24.32 -9.40
C LYS B 513 -4.15 24.99 -9.04
N THR B 514 -5.03 25.18 -10.02
CA THR B 514 -6.33 25.78 -9.76
C THR B 514 -7.19 24.87 -8.91
N THR B 515 -8.41 25.36 -8.66
CA THR B 515 -9.40 24.70 -7.82
C THR B 515 -10.74 24.58 -8.52
N THR B 516 -10.85 25.03 -9.76
CA THR B 516 -12.12 24.96 -10.46
C THR B 516 -12.63 23.55 -10.61
N VAL B 517 -11.73 22.58 -10.72
CA VAL B 517 -12.17 21.19 -10.66
C VAL B 517 -12.72 20.87 -9.29
N ARG B 518 -12.18 21.50 -8.24
CA ARG B 518 -12.63 21.22 -6.90
C ARG B 518 -13.96 21.88 -6.58
N LYS B 519 -14.33 22.91 -7.34
CA LYS B 519 -15.58 23.60 -7.09
C LYS B 519 -16.71 22.60 -7.05
N LEU B 520 -17.47 22.61 -5.97
CA LEU B 520 -18.63 21.75 -5.84
C LEU B 520 -19.74 22.23 -6.75
N LEU B 521 -20.10 21.45 -7.66
CA LEU B 521 -21.13 21.85 -8.60
C LEU B 521 -22.50 21.34 -8.15
N PRO B 522 -23.56 22.03 -8.55
CA PRO B 522 -24.91 21.54 -8.29
C PRO B 522 -25.30 20.30 -9.06
N GLU B 523 -24.57 19.92 -10.13
CA GLU B 523 -24.94 18.71 -10.85
C GLU B 523 -24.88 17.48 -9.97
N SER B 524 -24.07 17.53 -8.92
CA SER B 524 -23.79 16.36 -8.09
C SER B 524 -24.91 16.03 -7.13
N TRP B 525 -25.90 16.90 -7.01
CA TRP B 525 -27.04 16.62 -6.15
C TRP B 525 -27.56 15.22 -6.42
N GLY B 526 -27.56 14.40 -5.39
CA GLY B 526 -27.99 13.04 -5.53
C GLY B 526 -26.93 12.08 -5.98
N PHE B 527 -25.77 12.56 -6.40
CA PHE B 527 -24.72 11.71 -6.90
C PHE B 527 -23.50 11.69 -6.00
N LEU B 528 -22.93 12.84 -5.69
CA LEU B 528 -21.82 12.92 -4.76
C LEU B 528 -22.26 13.61 -3.48
N CYS B 529 -21.63 13.24 -2.37
CA CYS B 529 -22.05 13.80 -1.11
C CYS B 529 -21.43 15.18 -0.96
N PRO B 530 -22.20 16.20 -0.63
CA PRO B 530 -21.61 17.51 -0.34
C PRO B 530 -20.84 17.61 0.94
N VAL B 531 -20.95 16.67 1.87
CA VAL B 531 -20.17 16.76 3.10
C VAL B 531 -19.14 15.68 3.25
N HIS B 532 -19.21 14.60 2.49
CA HIS B 532 -18.17 13.59 2.60
C HIS B 532 -16.98 13.94 1.73
N THR B 533 -16.07 14.71 2.30
CA THR B 533 -14.95 15.15 1.52
C THR B 533 -13.80 15.24 2.49
N PRO B 534 -12.62 14.78 2.14
CA PRO B 534 -11.49 14.92 3.05
C PRO B 534 -11.12 16.38 3.15
N ASP B 535 -10.29 16.69 4.13
CA ASP B 535 -9.76 18.04 4.31
C ASP B 535 -8.28 18.00 4.00
N GLY B 536 -7.87 18.74 3.00
CA GLY B 536 -6.48 18.83 2.65
C GLY B 536 -6.35 18.83 1.16
N SER B 537 -5.15 18.48 0.69
CA SER B 537 -4.95 18.30 -0.74
C SER B 537 -6.14 17.66 -1.43
N PRO B 538 -6.68 16.54 -0.97
CA PRO B 538 -7.76 15.88 -1.72
C PRO B 538 -9.05 16.66 -1.74
N CYS B 539 -9.20 17.71 -0.95
CA CYS B 539 -10.51 18.35 -0.87
C CYS B 539 -11.00 18.69 -2.26
N GLY B 540 -12.11 18.08 -2.63
CA GLY B 540 -12.68 18.23 -3.94
C GLY B 540 -12.21 17.19 -4.93
N LEU B 541 -11.07 16.56 -4.65
CA LEU B 541 -10.58 15.50 -5.52
C LEU B 541 -11.17 14.15 -5.16
N LEU B 542 -11.31 13.86 -3.88
CA LEU B 542 -11.90 12.61 -3.47
C LEU B 542 -13.35 12.84 -3.12
N ASN B 543 -14.19 12.75 -4.13
CA ASN B 543 -15.61 12.84 -3.89
C ASN B 543 -16.09 11.52 -3.32
N HIS B 544 -17.34 11.49 -2.89
CA HIS B 544 -17.91 10.28 -2.34
C HIS B 544 -19.31 10.12 -2.91
N PHE B 545 -19.64 8.91 -3.32
CA PHE B 545 -20.97 8.68 -3.83
C PHE B 545 -22.03 8.84 -2.75
N ALA B 546 -23.21 9.26 -3.15
CA ALA B 546 -24.33 9.29 -2.22
C ALA B 546 -24.67 7.87 -1.81
N HIS B 547 -25.25 7.73 -0.62
CA HIS B 547 -25.57 6.38 -0.19
C HIS B 547 -26.58 5.68 -1.09
N LYS B 548 -27.38 6.42 -1.86
CA LYS B 548 -28.33 5.80 -2.77
C LYS B 548 -27.90 5.77 -4.23
N CYS B 549 -26.67 6.14 -4.55
CA CYS B 549 -26.32 6.11 -5.95
C CYS B 549 -25.98 4.69 -6.39
N ARG B 550 -26.30 4.40 -7.63
CA ARG B 550 -26.07 3.09 -8.22
C ARG B 550 -25.22 3.24 -9.46
N ILE B 551 -24.56 2.17 -9.86
CA ILE B 551 -23.77 2.18 -11.08
C ILE B 551 -24.22 1.04 -11.98
N SER B 552 -24.54 1.37 -13.23
CA SER B 552 -24.87 0.35 -14.21
C SER B 552 -23.70 -0.61 -14.38
N THR B 553 -24.00 -1.90 -14.37
CA THR B 553 -22.99 -2.90 -14.65
C THR B 553 -23.28 -3.66 -15.93
N GLN B 554 -24.37 -3.35 -16.61
CA GLN B 554 -24.74 -3.98 -17.87
C GLN B 554 -25.27 -2.93 -18.84
N GLN B 555 -25.83 -3.41 -19.94
CA GLN B 555 -26.48 -2.59 -20.94
C GLN B 555 -27.63 -3.42 -21.47
N SER B 556 -28.77 -2.80 -21.77
CA SER B 556 -29.86 -3.63 -22.25
C SER B 556 -30.78 -2.92 -23.23
N ASP B 557 -31.55 -3.76 -23.93
CA ASP B 557 -32.74 -3.41 -24.69
C ASP B 557 -32.55 -2.22 -25.61
N VAL B 558 -31.30 -1.85 -25.89
CA VAL B 558 -31.03 -0.87 -26.94
C VAL B 558 -31.67 -1.26 -28.27
N SER B 559 -31.87 -2.55 -28.52
CA SER B 559 -32.33 -2.97 -29.84
C SER B 559 -33.75 -2.53 -30.19
N ARG B 560 -34.64 -2.41 -29.23
CA ARG B 560 -36.00 -2.06 -29.61
C ARG B 560 -36.23 -0.57 -29.68
N ILE B 561 -35.30 0.23 -29.18
CA ILE B 561 -35.54 1.68 -29.10
C ILE B 561 -35.68 2.29 -30.48
N PRO B 562 -34.90 1.90 -31.50
CA PRO B 562 -35.17 2.46 -32.82
C PRO B 562 -36.60 2.23 -33.23
N SER B 563 -37.15 1.06 -32.92
CA SER B 563 -38.50 0.76 -33.35
C SER B 563 -39.50 1.69 -32.66
N ILE B 564 -39.32 1.89 -31.37
CA ILE B 564 -40.28 2.71 -30.64
C ILE B 564 -40.15 4.17 -31.04
N LEU B 565 -38.93 4.65 -31.20
CA LEU B 565 -38.76 6.04 -31.63
C LEU B 565 -39.40 6.24 -32.98
N TYR B 566 -39.11 5.34 -33.92
CA TYR B 566 -39.74 5.41 -35.23
C TYR B 566 -41.25 5.44 -35.09
N SER B 567 -41.78 4.70 -34.12
CA SER B 567 -43.22 4.75 -33.95
C SER B 567 -43.65 6.11 -33.44
N LEU B 568 -42.79 6.75 -32.67
CA LEU B 568 -43.12 8.03 -32.09
C LEU B 568 -42.93 9.18 -33.07
N GLY B 569 -42.43 8.90 -34.28
CA GLY B 569 -42.28 9.94 -35.28
C GLY B 569 -40.87 10.36 -35.61
N VAL B 570 -39.85 9.65 -35.15
CA VAL B 570 -38.49 10.00 -35.54
C VAL B 570 -38.28 9.67 -37.00
N ALA B 571 -37.79 10.64 -37.75
CA ALA B 571 -37.45 10.34 -39.12
C ALA B 571 -36.11 9.62 -39.17
N PRO B 572 -36.02 8.50 -39.88
CA PRO B 572 -34.75 7.78 -39.93
C PRO B 572 -33.66 8.63 -40.57
N ALA B 573 -32.48 8.57 -39.98
CA ALA B 573 -31.39 9.46 -40.38
C ALA B 573 -31.07 9.41 -41.87
N SER B 574 -31.32 8.29 -42.55
CA SER B 574 -31.12 8.29 -43.98
C SER B 574 -32.13 9.14 -44.72
N HIS B 575 -33.34 9.27 -44.19
CA HIS B 575 -34.37 9.92 -44.98
C HIS B 575 -34.46 11.41 -44.72
N THR B 576 -34.31 11.83 -43.47
CA THR B 576 -34.26 13.26 -43.22
C THR B 576 -33.11 13.87 -44.01
N PHE B 577 -31.92 13.32 -43.80
CA PHE B 577 -30.75 13.74 -44.54
C PHE B 577 -30.55 15.25 -44.39
N ALA B 578 -30.93 15.76 -43.22
CA ALA B 578 -30.75 17.15 -42.84
C ALA B 578 -30.35 17.22 -41.37
N ALA B 579 -29.68 18.31 -40.99
CA ALA B 579 -29.11 18.39 -39.65
C ALA B 579 -28.91 19.83 -39.21
N GLY B 580 -29.14 20.08 -37.92
CA GLY B 580 -28.82 21.36 -37.34
C GLY B 580 -29.38 21.56 -35.95
N PRO B 581 -28.81 22.51 -35.20
CA PRO B 581 -29.40 22.95 -33.93
C PRO B 581 -30.85 23.36 -34.03
N SER B 582 -31.30 23.69 -35.23
CA SER B 582 -32.71 23.95 -35.43
C SER B 582 -33.57 22.70 -35.34
N LEU B 583 -32.95 21.54 -35.15
CA LEU B 583 -33.71 20.30 -35.10
C LEU B 583 -33.13 19.43 -34.00
N CYS B 584 -34.00 18.64 -33.39
CA CYS B 584 -33.58 17.74 -32.33
C CYS B 584 -32.97 16.49 -32.93
N CYS B 585 -31.85 16.07 -32.40
CA CYS B 585 -31.17 14.87 -32.86
C CYS B 585 -31.51 13.77 -31.87
N VAL B 586 -32.12 12.71 -32.37
CA VAL B 586 -32.37 11.55 -31.53
C VAL B 586 -31.23 10.57 -31.68
N GLN B 587 -30.56 10.27 -30.58
CA GLN B 587 -29.44 9.35 -30.59
C GLN B 587 -29.63 8.36 -29.47
N ILE B 588 -29.17 7.14 -29.69
CA ILE B 588 -29.30 6.08 -28.71
C ILE B 588 -27.91 5.54 -28.48
N ASP B 589 -27.34 5.83 -27.32
CA ASP B 589 -26.01 5.38 -27.00
C ASP B 589 -24.98 6.02 -27.93
N GLY B 590 -25.26 7.24 -28.39
CA GLY B 590 -24.39 7.86 -29.36
C GLY B 590 -24.51 7.32 -30.76
N LYS B 591 -25.57 6.59 -31.06
CA LYS B 591 -25.91 6.20 -32.43
C LYS B 591 -27.06 7.07 -32.92
N ILE B 592 -26.77 8.03 -33.78
CA ILE B 592 -27.79 8.95 -34.24
C ILE B 592 -28.79 8.17 -35.06
N ILE B 593 -30.03 8.09 -34.60
CA ILE B 593 -31.01 7.36 -35.38
C ILE B 593 -31.99 8.23 -36.17
N GLY B 594 -32.22 9.46 -35.74
CA GLY B 594 -33.12 10.28 -36.54
C GLY B 594 -33.14 11.72 -36.11
N TRP B 595 -34.07 12.46 -36.73
CA TRP B 595 -34.24 13.89 -36.49
C TRP B 595 -35.72 14.19 -36.32
N VAL B 596 -36.02 15.16 -35.44
CA VAL B 596 -37.38 15.66 -35.28
C VAL B 596 -37.36 17.14 -34.93
N SER B 597 -38.55 17.73 -34.89
CA SER B 597 -38.74 19.06 -34.31
C SER B 597 -38.41 19.05 -32.83
N HIS B 598 -38.03 20.21 -32.32
CA HIS B 598 -37.76 20.32 -30.89
C HIS B 598 -39.03 20.08 -30.10
N GLU B 599 -40.17 20.44 -30.68
CA GLU B 599 -41.45 20.21 -30.03
C GLU B 599 -41.70 18.73 -29.93
N GLN B 600 -41.49 18.02 -31.04
CA GLN B 600 -41.64 16.59 -31.02
C GLN B 600 -40.54 15.96 -30.21
N GLY B 601 -39.36 16.59 -30.18
CA GLY B 601 -38.32 16.14 -29.26
C GLY B 601 -38.80 16.02 -27.83
N LYS B 602 -39.42 17.07 -27.33
CA LYS B 602 -39.84 17.01 -25.92
C LYS B 602 -41.03 16.10 -25.74
N ILE B 603 -41.96 16.10 -26.69
CA ILE B 603 -43.09 15.18 -26.56
C ILE B 603 -42.59 13.75 -26.49
N ILE B 604 -41.61 13.41 -27.32
CA ILE B 604 -41.04 12.08 -27.26
C ILE B 604 -40.37 11.85 -25.92
N ALA B 605 -39.58 12.82 -25.45
CA ALA B 605 -38.92 12.60 -24.17
C ALA B 605 -39.94 12.26 -23.09
N ASP B 606 -41.05 12.98 -23.05
CA ASP B 606 -41.98 12.77 -21.96
C ASP B 606 -42.78 11.49 -22.13
N THR B 607 -43.23 11.21 -23.35
CA THR B 607 -43.98 9.98 -23.54
C THR B 607 -43.09 8.77 -23.37
N LEU B 608 -41.82 8.92 -23.69
CA LEU B 608 -40.85 7.87 -23.44
C LEU B 608 -40.71 7.62 -21.95
N ARG B 609 -40.56 8.69 -21.17
CA ARG B 609 -40.55 8.50 -19.73
C ARG B 609 -41.82 7.83 -19.24
N TYR B 610 -42.94 8.11 -19.86
CA TYR B 610 -44.15 7.42 -19.45
C TYR B 610 -44.04 5.93 -19.74
N TRP B 611 -43.57 5.55 -20.93
CA TRP B 611 -43.43 4.13 -21.19
C TRP B 611 -42.34 3.50 -20.34
N LYS B 612 -41.46 4.30 -19.76
CA LYS B 612 -40.47 3.73 -18.86
C LYS B 612 -41.12 3.43 -17.53
N VAL B 613 -41.89 4.37 -17.01
CA VAL B 613 -42.54 4.11 -15.73
C VAL B 613 -43.59 3.02 -15.89
N GLU B 614 -44.15 2.86 -17.08
CA GLU B 614 -45.06 1.75 -17.26
C GLU B 614 -44.27 0.45 -17.27
N GLY B 615 -45.00 -0.67 -17.24
CA GLY B 615 -44.40 -1.98 -17.37
C GLY B 615 -44.72 -2.71 -18.66
N LYS B 616 -45.04 -2.00 -19.73
CA LYS B 616 -45.57 -2.65 -20.91
C LYS B 616 -44.66 -2.67 -22.13
N THR B 617 -43.45 -2.13 -22.03
CA THR B 617 -42.58 -1.95 -23.18
C THR B 617 -41.23 -2.57 -22.87
N PRO B 618 -41.12 -3.89 -23.01
CA PRO B 618 -39.91 -4.58 -22.54
C PRO B 618 -38.66 -4.11 -23.25
N GLY B 619 -38.79 -3.52 -24.43
CA GLY B 619 -37.67 -2.88 -25.08
C GLY B 619 -37.27 -1.59 -24.41
N LEU B 620 -37.70 -1.40 -23.16
CA LEU B 620 -37.57 -0.11 -22.48
C LEU B 620 -37.18 -0.30 -21.03
N PRO B 621 -35.88 -0.42 -20.74
CA PRO B 621 -35.44 -0.74 -19.39
C PRO B 621 -35.66 0.42 -18.46
N ILE B 622 -36.14 0.11 -17.25
CA ILE B 622 -36.37 1.16 -16.26
C ILE B 622 -35.18 2.08 -16.14
N ASP B 623 -33.97 1.57 -16.36
CA ASP B 623 -32.75 2.30 -16.06
C ASP B 623 -32.23 3.04 -17.27
N LEU B 624 -33.03 3.13 -18.32
CA LEU B 624 -32.67 3.95 -19.45
C LEU B 624 -32.56 5.39 -19.00
N GLU B 625 -31.52 6.07 -19.44
CA GLU B 625 -31.33 7.48 -19.14
C GLU B 625 -31.77 8.26 -20.36
N ILE B 626 -32.74 9.14 -20.22
CA ILE B 626 -33.29 9.79 -21.40
C ILE B 626 -32.84 11.23 -21.47
N GLY B 627 -31.75 11.48 -22.19
CA GLY B 627 -31.26 12.84 -22.26
C GLY B 627 -32.03 13.71 -23.21
N TYR B 628 -32.95 14.52 -22.70
CA TYR B 628 -33.50 15.62 -23.47
C TYR B 628 -32.76 16.92 -23.22
N VAL B 629 -32.35 17.59 -24.28
CA VAL B 629 -31.75 18.91 -24.16
C VAL B 629 -32.60 19.84 -25.02
N PRO B 630 -33.43 20.69 -24.43
CA PRO B 630 -34.29 21.54 -25.24
C PRO B 630 -33.51 22.59 -25.98
N PRO B 631 -34.15 23.27 -26.93
CA PRO B 631 -33.49 24.37 -27.62
C PRO B 631 -33.24 25.50 -26.64
N SER B 632 -32.07 26.12 -26.77
CA SER B 632 -31.76 27.20 -25.86
C SER B 632 -30.92 28.25 -26.57
N THR B 633 -31.28 29.51 -26.38
CA THR B 633 -30.47 30.58 -26.93
C THR B 633 -29.04 30.47 -26.44
N ARG B 634 -28.11 30.15 -27.33
CA ARG B 634 -26.73 29.94 -26.94
C ARG B 634 -26.58 28.92 -25.83
N GLY B 635 -27.55 28.02 -25.68
CA GLY B 635 -27.50 27.01 -24.65
C GLY B 635 -26.73 25.77 -25.07
N GLN B 636 -26.87 24.73 -24.27
CA GLN B 636 -26.31 23.45 -24.61
C GLN B 636 -26.93 22.95 -25.90
N TYR B 637 -26.13 22.28 -26.71
CA TYR B 637 -26.58 21.98 -28.05
C TYR B 637 -27.75 21.02 -27.99
N PRO B 638 -28.88 21.33 -28.63
CA PRO B 638 -30.09 20.51 -28.45
C PRO B 638 -29.87 19.07 -28.87
N GLY B 639 -30.71 18.20 -28.35
CA GLY B 639 -30.81 16.84 -28.82
C GLY B 639 -31.51 15.98 -27.80
N LEU B 640 -31.81 14.76 -28.19
CA LEU B 640 -32.38 13.77 -27.28
C LEU B 640 -31.40 12.60 -27.16
N TYR B 641 -30.45 12.70 -26.23
CA TYR B 641 -29.43 11.65 -26.05
C TYR B 641 -29.89 10.60 -25.06
N LEU B 642 -30.30 9.44 -25.56
CA LEU B 642 -30.61 8.33 -24.67
C LEU B 642 -29.32 7.62 -24.30
N PHE B 643 -29.28 7.02 -23.11
CA PHE B 643 -28.13 6.21 -22.77
C PHE B 643 -28.57 4.97 -22.00
N GLY B 644 -27.94 3.85 -22.34
CA GLY B 644 -28.20 2.62 -21.65
C GLY B 644 -26.93 1.92 -21.20
N GLY B 645 -25.78 2.43 -21.61
CA GLY B 645 -24.54 1.74 -21.33
C GLY B 645 -24.10 1.77 -19.89
N HIS B 646 -22.96 1.12 -19.67
CA HIS B 646 -22.40 0.87 -18.36
C HIS B 646 -21.84 2.15 -17.72
N SER B 647 -21.43 2.01 -16.47
CA SER B 647 -20.77 3.08 -15.74
C SER B 647 -21.58 4.35 -15.60
N ARG B 648 -22.80 4.38 -16.10
CA ARG B 648 -23.67 5.50 -15.75
C ARG B 648 -23.91 5.52 -14.25
N MET B 649 -23.85 6.71 -13.67
CA MET B 649 -24.32 6.88 -12.30
C MET B 649 -25.81 7.14 -12.34
N LEU B 650 -26.54 6.37 -11.54
CA LEU B 650 -27.98 6.40 -11.57
C LEU B 650 -28.51 6.43 -10.16
N ARG B 651 -29.63 7.11 -9.98
CA ARG B 651 -30.19 7.29 -8.67
C ARG B 651 -31.70 7.24 -8.78
N PRO B 652 -32.37 6.73 -7.77
CA PRO B 652 -33.83 6.65 -7.81
C PRO B 652 -34.46 7.99 -7.48
N VAL B 653 -35.56 8.28 -8.17
CA VAL B 653 -36.42 9.38 -7.80
C VAL B 653 -37.85 8.92 -8.00
N ARG B 654 -38.77 9.62 -7.37
CA ARG B 654 -40.18 9.25 -7.41
C ARG B 654 -40.84 10.04 -8.52
N TYR B 655 -41.30 9.34 -9.56
CA TYR B 655 -42.01 9.98 -10.66
C TYR B 655 -43.47 10.15 -10.29
N LEU B 656 -43.92 11.40 -10.26
CA LEU B 656 -45.21 11.71 -9.68
C LEU B 656 -46.39 11.26 -10.54
N PRO B 657 -46.33 11.45 -11.85
CA PRO B 657 -47.51 11.10 -12.67
C PRO B 657 -47.92 9.66 -12.56
N LEU B 658 -46.98 8.75 -12.32
CA LEU B 658 -47.34 7.36 -12.02
C LEU B 658 -47.02 6.98 -10.59
N ASP B 659 -46.64 7.94 -9.75
CA ASP B 659 -46.33 7.66 -8.35
C ASP B 659 -45.44 6.44 -8.19
N LYS B 660 -44.46 6.27 -9.07
CA LYS B 660 -43.64 5.08 -9.07
C LYS B 660 -42.17 5.46 -9.20
N GLU B 661 -41.31 4.50 -8.88
CA GLU B 661 -39.88 4.77 -8.89
C GLU B 661 -39.41 5.06 -10.30
N ASP B 662 -38.50 6.01 -10.43
CA ASP B 662 -37.85 6.29 -11.69
C ASP B 662 -36.37 6.51 -11.48
N ILE B 663 -35.57 5.98 -12.39
CA ILE B 663 -34.13 6.11 -12.31
C ILE B 663 -33.72 7.32 -13.11
N VAL B 664 -32.99 8.23 -12.50
CA VAL B 664 -32.50 9.42 -13.18
C VAL B 664 -30.99 9.46 -13.08
N GLY B 665 -30.35 9.89 -14.17
CA GLY B 665 -28.91 10.01 -14.19
C GLY B 665 -28.51 11.46 -14.18
N PRO B 666 -27.21 11.74 -14.12
CA PRO B 666 -26.80 13.12 -13.93
C PRO B 666 -26.95 13.95 -15.17
N PHE B 667 -26.90 13.34 -16.34
CA PHE B 667 -27.09 14.08 -17.58
C PHE B 667 -28.49 14.64 -17.65
N GLU B 668 -29.48 13.77 -17.54
CA GLU B 668 -30.86 14.22 -17.68
C GLU B 668 -31.28 15.09 -16.52
N GLN B 669 -30.68 14.90 -15.34
CA GLN B 669 -31.13 15.62 -14.17
C GLN B 669 -31.12 17.12 -14.39
N VAL B 670 -30.09 17.63 -15.08
CA VAL B 670 -29.94 19.07 -15.24
C VAL B 670 -31.25 19.72 -15.66
N TYR B 671 -31.99 19.09 -16.55
CA TYR B 671 -33.21 19.66 -17.08
C TYR B 671 -34.47 19.10 -16.47
N MET B 672 -34.38 18.44 -15.32
CA MET B 672 -35.55 17.82 -14.72
C MET B 672 -35.84 18.54 -13.42
N ASN B 673 -37.13 18.77 -13.15
CA ASN B 673 -37.55 19.53 -11.98
C ASN B 673 -37.94 18.55 -10.89
N ILE B 674 -37.05 18.34 -9.94
CA ILE B 674 -37.26 17.38 -8.86
C ILE B 674 -37.53 18.13 -7.58
N ALA B 675 -38.78 18.12 -7.13
CA ALA B 675 -39.08 18.65 -5.81
C ALA B 675 -38.38 17.82 -4.75
N VAL B 676 -37.97 18.48 -3.67
CA VAL B 676 -37.25 17.77 -2.61
C VAL B 676 -38.21 17.10 -1.64
N THR B 677 -39.39 17.66 -1.42
CA THR B 677 -40.42 16.98 -0.66
C THR B 677 -41.78 17.28 -1.28
N PRO B 678 -42.78 16.45 -0.99
CA PRO B 678 -44.07 16.62 -1.65
C PRO B 678 -44.76 17.94 -1.36
N GLN B 679 -44.51 18.56 -0.21
CA GLN B 679 -45.24 19.78 0.10
C GLN B 679 -44.69 20.99 -0.63
N GLU B 680 -43.47 20.91 -1.15
CA GLU B 680 -42.88 22.00 -1.89
C GLU B 680 -43.06 21.85 -3.38
N ILE B 681 -43.81 20.84 -3.81
CA ILE B 681 -44.08 20.62 -5.22
C ILE B 681 -44.76 21.85 -5.81
N GLN B 682 -44.13 22.46 -6.80
CA GLN B 682 -44.73 23.60 -7.47
C GLN B 682 -45.62 23.10 -8.60
N ASN B 683 -46.78 23.73 -8.74
CA ASN B 683 -47.74 23.28 -9.74
C ASN B 683 -47.10 23.34 -11.12
N ASN B 684 -47.26 22.28 -11.89
CA ASN B 684 -46.88 22.31 -13.29
C ASN B 684 -45.39 22.44 -13.49
N VAL B 685 -44.57 22.01 -12.53
CA VAL B 685 -43.15 22.28 -12.59
C VAL B 685 -42.34 21.03 -12.26
N HIS B 686 -42.37 20.63 -10.99
CA HIS B 686 -41.65 19.44 -10.56
C HIS B 686 -42.35 18.19 -11.05
N THR B 687 -41.67 17.41 -11.86
CA THR B 687 -42.24 16.18 -12.38
C THR B 687 -41.92 15.00 -11.48
N HIS B 688 -40.91 15.14 -10.63
CA HIS B 688 -40.57 14.12 -9.66
C HIS B 688 -40.35 14.77 -8.30
N VAL B 689 -40.25 13.92 -7.30
CA VAL B 689 -39.84 14.34 -5.97
C VAL B 689 -38.89 13.29 -5.44
N GLU B 690 -37.91 13.73 -4.67
CA GLU B 690 -37.04 12.82 -3.95
C GLU B 690 -37.86 11.87 -3.09
N PHE B 691 -37.41 10.61 -3.00
CA PHE B 691 -38.02 9.71 -2.03
C PHE B 691 -37.75 10.20 -0.62
N THR B 692 -36.51 10.61 -0.35
CA THR B 692 -36.14 11.20 0.90
C THR B 692 -34.94 12.05 0.59
N PRO B 693 -34.84 13.26 1.10
CA PRO B 693 -33.67 14.09 0.78
C PRO B 693 -32.40 13.53 1.37
N THR B 694 -32.49 12.59 2.30
CA THR B 694 -31.31 11.90 2.74
C THR B 694 -30.65 11.15 1.60
N ASN B 695 -31.37 10.93 0.50
CA ASN B 695 -30.76 10.28 -0.63
C ASN B 695 -29.65 11.10 -1.26
N ILE B 696 -29.55 12.38 -0.92
CA ILE B 696 -28.46 13.17 -1.48
C ILE B 696 -27.20 13.09 -0.65
N LEU B 697 -27.26 12.51 0.54
CA LEU B 697 -26.09 12.40 1.40
C LEU B 697 -25.37 11.07 1.24
N SER B 698 -24.06 11.12 1.52
CA SER B 698 -23.31 9.88 1.56
C SER B 698 -23.64 9.16 2.87
N ILE B 699 -23.07 7.98 3.06
CA ILE B 699 -23.44 7.17 4.21
C ILE B 699 -23.02 7.86 5.50
N LEU B 700 -21.75 8.20 5.61
CA LEU B 700 -21.25 8.78 6.85
C LEU B 700 -21.96 10.09 7.16
N ALA B 701 -22.32 10.84 6.14
CA ALA B 701 -23.06 12.06 6.39
C ALA B 701 -24.45 11.77 6.93
N ASN B 702 -25.04 10.63 6.56
CA ASN B 702 -26.30 10.28 7.16
C ASN B 702 -26.15 9.79 8.60
N LEU B 703 -25.07 9.10 8.92
CA LEU B 703 -24.93 8.66 10.30
C LEU B 703 -24.82 9.80 11.29
N THR B 704 -24.48 11.01 10.85
CA THR B 704 -24.33 12.11 11.79
C THR B 704 -25.70 12.64 12.19
N PRO B 705 -26.08 12.55 13.45
CA PRO B 705 -27.39 13.06 13.85
C PRO B 705 -27.47 14.55 13.67
N PHE B 706 -28.63 15.00 13.20
CA PHE B 706 -28.93 16.41 13.04
C PHE B 706 -27.85 17.10 12.23
N SER B 707 -27.34 16.39 11.24
CA SER B 707 -26.23 16.91 10.47
C SER B 707 -26.55 18.25 9.84
N ASP B 708 -27.83 18.53 9.63
CA ASP B 708 -28.28 19.83 9.14
C ASP B 708 -28.30 20.87 10.23
N PHE B 709 -27.71 20.61 11.38
CA PHE B 709 -27.66 21.61 12.42
C PHE B 709 -26.26 22.14 12.69
N ASN B 710 -25.24 21.57 12.07
CA ASN B 710 -23.89 22.07 12.29
C ASN B 710 -23.40 22.87 11.10
N GLN B 711 -22.46 23.76 11.35
CA GLN B 711 -21.72 24.37 10.27
C GLN B 711 -21.06 23.27 9.44
N SER B 712 -21.29 23.31 8.12
CA SER B 712 -20.80 22.31 7.17
C SER B 712 -19.38 21.80 7.41
N PRO B 713 -18.37 22.63 7.55
CA PRO B 713 -17.01 22.09 7.64
C PRO B 713 -16.83 21.24 8.84
N ARG B 714 -17.70 21.39 9.83
CA ARG B 714 -17.65 20.50 10.97
C ARG B 714 -18.26 19.16 10.65
N ASN B 715 -19.26 19.12 9.77
CA ASN B 715 -19.71 17.84 9.29
C ASN B 715 -18.65 17.14 8.47
N MET B 716 -17.93 17.86 7.62
CA MET B 716 -16.89 17.16 6.88
C MET B 716 -15.76 16.69 7.78
N TYR B 717 -15.34 17.51 8.75
CA TYR B 717 -14.40 16.94 9.71
C TYR B 717 -15.03 15.79 10.48
N GLN B 718 -16.35 15.79 10.63
CA GLN B 718 -16.99 14.63 11.25
C GLN B 718 -16.78 13.38 10.42
N CYS B 719 -16.88 13.49 9.11
CA CYS B 719 -16.59 12.34 8.28
C CYS B 719 -15.15 11.90 8.45
N GLN B 720 -14.24 12.86 8.58
CA GLN B 720 -12.85 12.44 8.75
C GLN B 720 -12.58 11.81 10.11
N MET B 721 -13.23 12.27 11.15
CA MET B 721 -12.99 11.64 12.45
C MET B 721 -13.68 10.31 12.56
N GLY B 722 -14.98 10.25 12.29
CA GLY B 722 -15.64 8.96 12.39
C GLY B 722 -14.97 7.94 11.50
N LYS B 723 -14.37 8.41 10.41
CA LYS B 723 -13.64 7.54 9.52
C LYS B 723 -12.28 7.18 10.10
N GLN B 724 -11.72 8.04 10.97
CA GLN B 724 -10.46 7.80 11.65
C GLN B 724 -10.62 7.21 13.03
N THR B 725 -11.81 6.74 13.37
CA THR B 725 -12.11 6.35 14.74
C THR B 725 -11.67 4.94 15.04
N MET B 726 -11.12 4.76 16.22
CA MET B 726 -10.86 3.44 16.73
C MET B 726 -12.19 2.82 17.13
N GLY B 727 -12.54 1.72 16.52
CA GLY B 727 -13.80 1.04 16.81
C GLY B 727 -13.60 -0.42 16.66
N THR B 728 -14.69 -1.14 16.40
CA THR B 728 -14.59 -2.57 16.17
C THR B 728 -14.41 -2.89 14.71
N PRO B 729 -13.24 -3.31 14.26
CA PRO B 729 -13.05 -3.53 12.83
C PRO B 729 -13.76 -4.77 12.37
N GLY B 730 -13.80 -5.80 13.19
CA GLY B 730 -14.52 -7.00 12.86
C GLY B 730 -14.73 -7.85 14.08
N VAL B 731 -15.05 -9.11 13.86
CA VAL B 731 -15.06 -10.09 14.94
C VAL B 731 -14.26 -11.32 14.56
N ALA B 732 -13.82 -11.40 13.31
CA ALA B 732 -12.97 -12.48 12.85
C ALA B 732 -11.50 -12.22 13.09
N LEU B 733 -11.18 -11.38 14.06
CA LEU B 733 -9.81 -10.96 14.26
C LEU B 733 -8.91 -12.13 14.60
N CYS B 734 -9.45 -13.18 15.22
CA CYS B 734 -8.64 -14.38 15.38
C CYS B 734 -8.35 -15.10 14.08
N HIS B 735 -8.90 -14.69 12.93
CA HIS B 735 -8.48 -15.25 11.66
C HIS B 735 -7.92 -14.23 10.70
N ARG B 736 -7.65 -13.01 11.14
CA ARG B 736 -6.89 -12.10 10.32
C ARG B 736 -5.47 -11.97 10.85
N SER B 737 -4.63 -11.31 10.07
CA SER B 737 -3.31 -10.98 10.54
C SER B 737 -3.00 -9.61 9.92
N ASP B 738 -3.66 -8.60 10.44
CA ASP B 738 -3.42 -7.25 9.97
C ASP B 738 -2.10 -6.74 10.54
N ASN B 739 -1.41 -5.90 9.78
CA ASN B 739 -0.26 -5.22 10.35
C ASN B 739 -0.65 -4.39 11.58
N LYS B 740 -1.86 -3.84 11.60
CA LYS B 740 -2.37 -3.23 12.82
C LYS B 740 -3.89 -3.32 12.84
N LEU B 741 -4.46 -3.49 14.02
CA LEU B 741 -5.88 -3.33 14.22
C LEU B 741 -6.13 -2.52 15.49
N TYR B 742 -7.15 -1.69 15.47
CA TYR B 742 -7.59 -1.04 16.69
C TYR B 742 -9.00 -1.50 17.02
N ARG B 743 -9.15 -2.10 18.19
CA ARG B 743 -10.40 -2.76 18.57
C ARG B 743 -10.84 -2.12 19.88
N LEU B 744 -11.95 -1.41 19.82
CA LEU B 744 -12.60 -0.90 21.02
C LEU B 744 -13.37 -2.04 21.67
N GLN B 745 -13.11 -2.31 22.94
CA GLN B 745 -13.88 -3.37 23.60
C GLN B 745 -15.25 -2.91 24.07
N THR B 746 -15.38 -1.67 24.51
CA THR B 746 -16.63 -1.20 25.08
C THR B 746 -17.43 -0.44 24.04
N GLY B 747 -18.14 -1.16 23.19
CA GLY B 747 -18.87 -0.58 22.09
C GLY B 747 -20.35 -0.54 22.38
N GLN B 748 -21.04 0.46 21.86
CA GLN B 748 -22.42 0.72 22.23
C GLN B 748 -23.18 1.22 21.01
N THR B 749 -24.48 1.22 21.12
CA THR B 749 -25.22 1.79 20.01
C THR B 749 -25.72 3.17 20.38
N PRO B 750 -25.40 4.18 19.59
CA PRO B 750 -25.85 5.52 19.92
C PRO B 750 -27.33 5.51 20.23
N ILE B 751 -27.71 6.29 21.25
CA ILE B 751 -29.12 6.58 21.45
C ILE B 751 -29.64 7.44 20.31
N VAL B 752 -28.86 8.41 19.88
CA VAL B 752 -29.25 9.24 18.76
C VAL B 752 -28.64 8.63 17.52
N LYS B 753 -29.48 8.25 16.56
CA LYS B 753 -28.96 7.69 15.32
C LYS B 753 -29.92 7.94 14.19
N ALA B 754 -29.38 7.97 12.98
CA ALA B 754 -30.20 7.82 11.79
C ALA B 754 -30.80 6.43 11.74
N ASN B 755 -31.97 6.32 11.13
CA ASN B 755 -32.51 5.00 10.82
C ASN B 755 -31.67 4.28 9.78
N LEU B 756 -30.87 5.00 9.00
CA LEU B 756 -29.96 4.29 8.13
C LEU B 756 -28.85 3.62 8.91
N TYR B 757 -28.67 4.00 10.19
CA TYR B 757 -27.75 3.26 11.03
C TYR B 757 -28.20 1.82 11.17
N ASP B 758 -29.50 1.61 11.29
CA ASP B 758 -29.99 0.24 11.29
C ASP B 758 -30.02 -0.33 9.89
N ASP B 759 -30.44 0.46 8.91
CA ASP B 759 -30.62 -0.11 7.58
C ASP B 759 -29.30 -0.60 7.00
N TYR B 760 -28.17 -0.04 7.42
CA TYR B 760 -26.87 -0.56 7.04
C TYR B 760 -26.25 -1.43 8.10
N GLY B 761 -26.95 -1.67 9.20
CA GLY B 761 -26.38 -2.62 10.11
C GLY B 761 -25.08 -2.17 10.74
N MET B 762 -24.80 -0.87 10.79
CA MET B 762 -23.54 -0.48 11.39
C MET B 762 -23.48 -0.84 12.85
N ASP B 763 -24.61 -1.22 13.45
CA ASP B 763 -24.58 -1.65 14.83
C ASP B 763 -23.82 -2.96 15.01
N ASN B 764 -23.53 -3.67 13.93
CA ASN B 764 -22.67 -4.83 14.04
C ASN B 764 -21.28 -4.43 14.47
N PHE B 765 -20.91 -3.17 14.34
CA PHE B 765 -19.53 -2.74 14.45
C PHE B 765 -19.51 -1.44 15.22
N PRO B 766 -19.98 -1.44 16.46
CA PRO B 766 -20.16 -0.18 17.17
C PRO B 766 -18.81 0.49 17.34
N ASN B 767 -18.77 1.76 17.04
CA ASN B 767 -17.54 2.53 16.97
C ASN B 767 -17.38 3.53 18.10
N GLY B 768 -18.31 3.59 19.03
CA GLY B 768 -18.19 4.53 20.12
C GLY B 768 -19.04 4.16 21.29
N PHE B 769 -19.32 5.14 22.14
CA PHE B 769 -20.07 4.88 23.36
C PHE B 769 -20.81 6.12 23.82
N ASN B 770 -21.93 5.91 24.49
CA ASN B 770 -22.74 7.02 24.95
C ASN B 770 -22.20 7.49 26.29
N ALA B 771 -21.74 8.73 26.34
CA ALA B 771 -21.09 9.27 27.51
C ALA B 771 -21.95 10.35 28.13
N VAL B 772 -21.87 10.47 29.45
CA VAL B 772 -22.50 11.59 30.12
C VAL B 772 -21.54 12.76 29.99
N VAL B 773 -21.98 13.79 29.27
CA VAL B 773 -21.17 14.94 28.93
C VAL B 773 -21.74 16.14 29.65
N ALA B 774 -20.88 16.90 30.30
CA ALA B 774 -21.25 18.21 30.81
C ALA B 774 -20.59 19.25 29.92
N VAL B 775 -21.42 20.10 29.31
CA VAL B 775 -20.86 21.20 28.56
C VAL B 775 -20.61 22.31 29.56
N ILE B 776 -19.41 22.35 30.10
CA ILE B 776 -19.16 23.24 31.23
C ILE B 776 -17.69 23.62 31.18
N SER B 777 -17.39 24.90 31.23
CA SER B 777 -16.03 25.29 31.57
C SER B 777 -15.98 25.31 33.07
N TYR B 778 -15.05 24.57 33.65
CA TYR B 778 -15.06 24.48 35.10
C TYR B 778 -13.67 24.24 35.67
N THR B 779 -12.98 23.24 35.12
CA THR B 779 -11.69 22.89 35.68
C THR B 779 -10.55 23.77 35.21
N GLY B 780 -10.67 24.39 34.06
CA GLY B 780 -9.56 25.18 33.57
C GLY B 780 -8.54 24.41 32.75
N TYR B 781 -8.70 23.11 32.55
CA TYR B 781 -7.82 22.38 31.66
C TYR B 781 -8.49 22.07 30.32
N ASP B 782 -9.73 22.51 30.14
CA ASP B 782 -10.47 22.28 28.91
C ASP B 782 -10.60 23.62 28.20
N MET B 783 -9.59 23.95 27.41
CA MET B 783 -9.64 25.13 26.57
C MET B 783 -9.38 24.77 25.13
N ASP B 784 -9.95 25.58 24.25
CA ASP B 784 -9.72 25.46 22.83
C ASP B 784 -10.14 24.09 22.31
N ASP B 785 -9.24 23.11 22.30
CA ASP B 785 -9.62 21.78 21.84
C ASP B 785 -9.36 20.67 22.84
N ALA B 786 -9.22 20.96 24.12
CA ALA B 786 -8.90 19.90 25.07
C ALA B 786 -10.06 19.66 26.04
N MET B 787 -10.32 18.39 26.27
CA MET B 787 -11.45 17.92 27.06
C MET B 787 -10.96 16.94 28.11
N ILE B 788 -11.72 16.83 29.20
CA ILE B 788 -11.37 16.05 30.37
C ILE B 788 -12.21 14.80 30.45
N ILE B 789 -11.61 13.71 30.91
CA ILE B 789 -12.31 12.47 31.15
C ILE B 789 -12.44 12.25 32.66
N ASN B 790 -13.51 11.58 33.05
CA ASN B 790 -13.66 11.13 34.43
C ASN B 790 -12.62 10.06 34.78
N LYS B 791 -11.92 10.28 35.89
CA LYS B 791 -10.93 9.32 36.37
C LYS B 791 -11.53 7.98 36.72
N SER B 792 -12.52 7.94 37.61
CA SER B 792 -13.14 6.66 37.93
C SER B 792 -13.73 6.00 36.70
N ALA B 793 -14.19 6.78 35.75
CA ALA B 793 -14.78 6.18 34.56
C ALA B 793 -13.70 5.57 33.70
N ASP B 794 -12.62 6.30 33.50
CA ASP B 794 -11.52 5.74 32.72
C ASP B 794 -10.98 4.50 33.37
N GLU B 795 -10.85 4.49 34.70
CA GLU B 795 -10.49 3.29 35.42
C GLU B 795 -11.51 2.18 35.23
N ARG B 796 -12.76 2.51 34.96
CA ARG B 796 -13.76 1.48 34.72
C ARG B 796 -13.84 1.02 33.27
N GLY B 797 -12.97 1.49 32.39
CA GLY B 797 -12.88 0.94 31.05
C GLY B 797 -13.40 1.84 29.97
N PHE B 798 -13.65 3.10 30.29
CA PHE B 798 -14.25 4.02 29.35
C PHE B 798 -13.33 4.19 28.16
N GLY B 799 -13.89 4.06 26.96
CA GLY B 799 -13.12 4.03 25.73
C GLY B 799 -11.92 3.10 25.70
N TYR B 800 -11.87 2.13 26.60
CA TYR B 800 -10.74 1.21 26.66
C TYR B 800 -10.54 0.50 25.33
N GLY B 801 -9.31 0.47 24.83
CA GLY B 801 -9.07 -0.11 23.53
C GLY B 801 -7.80 -0.92 23.48
N THR B 802 -7.72 -1.76 22.45
CA THR B 802 -6.57 -2.63 22.23
C THR B 802 -6.08 -2.51 20.80
N MET B 803 -4.79 -2.67 20.61
CA MET B 803 -4.17 -2.54 19.30
C MET B 803 -3.33 -3.76 18.97
N TYR B 804 -3.57 -4.39 17.83
CA TYR B 804 -2.87 -5.60 17.43
C TYR B 804 -1.85 -5.27 16.36
N LYS B 805 -0.64 -5.80 16.54
CA LYS B 805 0.41 -5.69 15.54
C LYS B 805 0.80 -7.09 15.11
N THR B 806 0.86 -7.34 13.82
CA THR B 806 1.23 -8.66 13.34
C THR B 806 2.65 -8.61 12.86
N GLU B 807 3.40 -9.66 13.14
CA GLU B 807 4.79 -9.72 12.74
C GLU B 807 5.00 -11.01 11.98
N LYS B 808 5.82 -10.94 10.96
CA LYS B 808 6.26 -12.14 10.26
C LYS B 808 7.73 -12.36 10.54
N VAL B 809 8.02 -13.50 11.15
CA VAL B 809 9.38 -13.96 11.37
C VAL B 809 9.69 -14.87 10.19
N ASP B 810 10.49 -14.36 9.28
CA ASP B 810 10.91 -15.07 8.07
C ASP B 810 12.33 -15.60 8.16
N LEU B 811 12.51 -16.76 7.58
CA LEU B 811 13.80 -17.42 7.46
C LEU B 811 14.28 -17.43 6.02
N ALA B 812 13.52 -16.75 5.16
CA ALA B 812 13.85 -16.67 3.75
C ALA B 812 15.24 -16.08 3.63
N LEU B 813 16.10 -16.46 4.56
CA LEU B 813 17.44 -15.90 4.62
C LEU B 813 18.17 -16.12 3.30
N ASN B 814 18.10 -17.33 2.78
CA ASN B 814 18.76 -17.66 1.53
C ASN B 814 17.83 -17.74 0.33
N ARG B 815 18.16 -17.00 -0.72
CA ARG B 815 17.41 -17.09 -1.96
C ARG B 815 17.62 -18.36 -2.75
N ASN B 816 18.02 -18.24 -4.02
CA ASN B 816 18.26 -19.40 -4.86
C ASN B 816 17.10 -20.38 -4.74
N ARG B 817 15.95 -19.85 -4.33
CA ARG B 817 14.71 -20.61 -4.17
C ARG B 817 14.82 -21.84 -3.27
N GLY B 818 15.62 -21.75 -2.21
CA GLY B 818 15.73 -22.88 -1.29
C GLY B 818 17.08 -23.33 -0.74
N ASP B 819 17.85 -24.03 -1.55
CA ASP B 819 19.13 -24.59 -1.10
C ASP B 819 19.16 -24.98 0.37
N PRO B 820 20.35 -24.87 0.97
CA PRO B 820 20.71 -25.19 2.36
C PRO B 820 19.56 -25.12 3.37
N ILE B 821 19.21 -23.93 3.82
CA ILE B 821 18.14 -23.79 4.80
C ILE B 821 18.40 -24.77 5.94
N THR B 822 18.72 -24.22 7.10
CA THR B 822 19.52 -24.86 8.13
C THR B 822 19.13 -24.30 9.49
N GLN B 823 18.59 -23.10 9.51
CA GLN B 823 18.22 -22.49 10.77
C GLN B 823 16.90 -23.11 11.19
N HIS B 824 16.88 -23.60 12.41
CA HIS B 824 15.71 -24.24 12.98
C HIS B 824 15.41 -23.61 14.31
N PHE B 825 14.16 -23.30 14.56
CA PHE B 825 13.81 -22.74 15.86
C PHE B 825 14.15 -23.75 16.93
N GLY B 826 14.94 -23.34 17.90
CA GLY B 826 15.42 -24.23 18.93
C GLY B 826 16.81 -23.83 19.36
N PHE B 827 17.53 -24.81 19.90
CA PHE B 827 18.83 -24.54 20.50
C PHE B 827 19.78 -25.67 20.14
N GLY B 828 21.04 -25.53 20.51
CA GLY B 828 21.99 -26.60 20.30
C GLY B 828 23.13 -26.63 21.29
N ASN B 829 23.62 -25.44 21.66
CA ASN B 829 24.80 -25.34 22.50
C ASN B 829 24.49 -25.39 23.98
N ASP B 830 23.22 -25.34 24.35
CA ASP B 830 22.83 -25.27 25.75
C ASP B 830 23.33 -24.00 26.42
N GLU B 831 24.47 -23.48 25.96
CA GLU B 831 25.07 -22.30 26.57
C GLU B 831 24.18 -21.07 26.53
N TRP B 832 23.08 -21.10 25.80
CA TRP B 832 22.20 -19.96 25.81
C TRP B 832 21.69 -19.71 27.23
N PRO B 833 21.33 -18.47 27.53
CA PRO B 833 20.74 -18.18 28.84
C PRO B 833 19.44 -18.94 29.05
N LYS B 834 19.45 -19.83 30.02
CA LYS B 834 18.25 -20.61 30.27
C LYS B 834 17.09 -19.74 30.69
N GLU B 835 17.34 -18.49 31.07
CA GLU B 835 16.23 -17.58 31.27
C GLU B 835 15.45 -17.33 29.99
N TRP B 836 15.97 -17.77 28.83
CA TRP B 836 15.16 -17.63 27.63
C TRP B 836 13.97 -18.56 27.68
N LEU B 837 14.01 -19.56 28.55
CA LEU B 837 12.86 -20.44 28.66
C LEU B 837 11.71 -19.69 29.32
N GLU B 838 12.03 -18.61 30.03
CA GLU B 838 11.02 -17.78 30.65
C GLU B 838 10.08 -17.17 29.61
N LYS B 839 10.43 -17.23 28.33
CA LYS B 839 9.65 -16.62 27.27
C LYS B 839 9.38 -17.56 26.10
N LEU B 840 10.35 -18.37 25.69
CA LEU B 840 10.20 -19.20 24.51
C LEU B 840 10.10 -20.66 24.92
N ASP B 841 9.11 -21.33 24.38
CA ASP B 841 8.97 -22.76 24.63
C ASP B 841 10.12 -23.52 24.00
N GLU B 842 10.33 -24.73 24.50
CA GLU B 842 11.49 -25.55 24.15
C GLU B 842 11.50 -25.90 22.68
N ASP B 843 10.53 -25.39 21.94
CA ASP B 843 10.50 -25.49 20.50
C ASP B 843 10.92 -24.21 19.82
N GLY B 844 11.23 -23.17 20.59
CA GLY B 844 11.73 -21.93 20.06
C GLY B 844 10.69 -20.86 19.82
N LEU B 845 9.45 -21.12 20.13
CA LEU B 845 8.38 -20.16 19.97
C LEU B 845 7.83 -19.74 21.33
N PRO B 846 7.44 -18.48 21.46
CA PRO B 846 7.01 -17.99 22.77
C PRO B 846 5.69 -18.64 23.15
N TYR B 847 5.49 -18.79 24.44
CA TYR B 847 4.22 -19.31 24.93
C TYR B 847 3.13 -18.31 24.64
N ILE B 848 2.15 -18.72 23.84
CA ILE B 848 1.03 -17.85 23.54
C ILE B 848 0.40 -17.37 24.83
N GLY B 849 0.33 -16.06 25.00
CA GLY B 849 -0.14 -15.47 26.23
C GLY B 849 0.96 -14.77 26.97
N THR B 850 2.20 -15.00 26.57
CA THR B 850 3.33 -14.48 27.31
C THR B 850 3.41 -12.96 27.27
N TYR B 851 3.67 -12.38 28.42
CA TYR B 851 4.00 -10.97 28.51
C TYR B 851 5.40 -10.73 27.98
N VAL B 852 5.55 -9.78 27.08
CA VAL B 852 6.87 -9.45 26.56
C VAL B 852 7.11 -7.96 26.73
N GLU B 853 8.33 -7.64 27.16
CA GLU B 853 8.80 -6.28 27.32
C GLU B 853 9.99 -6.09 26.40
N GLU B 854 10.24 -4.84 26.02
CA GLU B 854 11.36 -4.55 25.14
C GLU B 854 12.60 -5.33 25.54
N GLY B 855 13.16 -6.06 24.57
CA GLY B 855 14.35 -6.83 24.76
C GLY B 855 14.13 -8.32 24.82
N ASP B 856 12.94 -8.74 25.23
CA ASP B 856 12.72 -10.18 25.34
C ASP B 856 12.81 -10.83 23.96
N PRO B 857 13.23 -12.08 23.91
CA PRO B 857 13.29 -12.82 22.64
C PRO B 857 11.90 -13.22 22.19
N ILE B 858 11.60 -12.99 20.92
CA ILE B 858 10.32 -13.39 20.38
C ILE B 858 10.33 -14.78 19.74
N CYS B 859 11.51 -15.31 19.45
CA CYS B 859 11.62 -16.68 18.96
C CYS B 859 13.07 -17.08 19.08
N ALA B 860 13.33 -18.38 19.07
CA ALA B 860 14.70 -18.85 19.13
C ALA B 860 14.92 -19.97 18.13
N TYR B 861 16.10 -19.95 17.52
CA TYR B 861 16.38 -20.82 16.40
C TYR B 861 17.88 -21.08 16.41
N PHE B 862 18.32 -21.93 15.49
CA PHE B 862 19.73 -22.28 15.43
C PHE B 862 20.18 -22.36 13.99
N ASP B 863 21.28 -21.68 13.69
CA ASP B 863 21.87 -21.69 12.37
C ASP B 863 23.17 -22.47 12.43
N ASP B 864 23.25 -23.52 11.63
CA ASP B 864 24.46 -24.34 11.67
C ASP B 864 25.68 -23.54 11.24
N THR B 865 25.48 -22.54 10.38
CA THR B 865 26.62 -21.77 9.89
C THR B 865 27.33 -21.07 11.04
N LEU B 866 26.57 -20.61 12.03
CA LEU B 866 27.15 -19.89 13.14
C LEU B 866 27.31 -20.77 14.37
N ASN B 867 26.81 -21.99 14.35
CA ASN B 867 26.95 -22.90 15.47
C ASN B 867 26.45 -22.27 16.75
N LYS B 868 25.50 -21.35 16.62
CA LYS B 868 25.03 -20.55 17.73
C LYS B 868 23.51 -20.57 17.72
N THR B 869 22.93 -20.51 18.89
CA THR B 869 21.48 -20.38 19.03
C THR B 869 21.12 -18.89 19.08
N LYS B 870 20.46 -18.41 18.03
CA LYS B 870 20.10 -17.01 17.92
C LYS B 870 18.60 -16.83 18.11
N ILE B 871 18.24 -15.58 18.39
CA ILE B 871 16.87 -15.21 18.71
C ILE B 871 16.57 -13.89 18.02
N LYS B 872 15.31 -13.70 17.64
CA LYS B 872 14.88 -12.43 17.10
C LYS B 872 14.22 -11.65 18.23
N THR B 873 14.82 -10.54 18.63
CA THR B 873 14.29 -9.74 19.71
C THR B 873 13.17 -8.80 19.26
N TYR B 874 12.27 -8.54 20.19
CA TYR B 874 11.21 -7.55 20.05
C TYR B 874 11.71 -6.19 20.48
N HIS B 875 11.49 -5.18 19.65
CA HIS B 875 12.02 -3.84 19.91
C HIS B 875 10.89 -2.83 19.86
N SER B 876 10.49 -2.35 21.04
CA SER B 876 9.43 -1.36 21.16
C SER B 876 9.61 -0.62 22.46
N SER B 877 8.90 0.49 22.59
CA SER B 877 8.95 1.24 23.83
C SER B 877 8.00 0.70 24.88
N GLU B 878 7.06 -0.17 24.51
CA GLU B 878 6.06 -0.59 25.48
C GLU B 878 5.79 -2.07 25.31
N PRO B 879 5.31 -2.72 26.35
CA PRO B 879 5.06 -4.15 26.29
C PRO B 879 3.76 -4.49 25.58
N ALA B 880 3.72 -5.72 25.08
CA ALA B 880 2.52 -6.30 24.51
C ALA B 880 2.43 -7.73 24.99
N TYR B 881 1.41 -8.43 24.53
CA TYR B 881 1.25 -9.84 24.82
C TYR B 881 1.07 -10.59 23.51
N ILE B 882 1.60 -11.80 23.46
CA ILE B 882 1.52 -12.56 22.23
C ILE B 882 0.14 -13.19 22.19
N GLU B 883 -0.65 -12.85 21.18
CA GLU B 883 -2.02 -13.32 21.20
C GLU B 883 -2.15 -14.65 20.49
N GLU B 884 -1.54 -14.77 19.32
CA GLU B 884 -1.56 -16.00 18.54
C GLU B 884 -0.25 -16.10 17.80
N VAL B 885 0.25 -17.31 17.72
CA VAL B 885 1.42 -17.65 16.91
C VAL B 885 1.04 -18.73 15.93
N ASN B 886 1.22 -18.45 14.65
CA ASN B 886 0.75 -19.28 13.55
C ASN B 886 1.94 -19.78 12.75
N LEU B 887 1.96 -21.07 12.51
CA LEU B 887 3.08 -21.73 11.85
C LEU B 887 2.70 -21.89 10.39
N ILE B 888 3.55 -21.43 9.49
CA ILE B 888 3.19 -21.36 8.09
C ILE B 888 4.07 -22.33 7.33
N GLY B 889 3.45 -23.40 6.82
CA GLY B 889 4.13 -24.35 5.97
C GLY B 889 3.57 -24.25 4.58
N ASP B 890 2.64 -23.32 4.39
CA ASP B 890 1.80 -23.28 3.22
C ASP B 890 2.56 -22.77 2.01
N GLU B 891 1.99 -23.02 0.83
CA GLU B 891 2.68 -22.87 -0.45
C GLU B 891 3.98 -23.66 -0.51
N SER B 892 4.34 -24.36 0.55
CA SER B 892 5.60 -25.08 0.48
C SER B 892 5.46 -26.47 -0.12
N ASN B 893 6.55 -26.89 -0.77
CA ASN B 893 6.72 -28.20 -1.36
C ASN B 893 7.21 -29.24 -0.37
N LYS B 894 7.98 -28.81 0.63
CA LYS B 894 8.59 -29.66 1.63
C LYS B 894 8.76 -28.89 2.93
N PHE B 895 9.56 -27.83 2.89
CA PHE B 895 9.61 -26.87 3.97
C PHE B 895 9.67 -27.49 5.36
N GLN B 896 10.30 -28.66 5.48
CA GLN B 896 10.13 -29.39 6.72
C GLN B 896 10.65 -28.60 7.91
N GLU B 897 11.54 -27.64 7.66
CA GLU B 897 12.17 -26.84 8.69
C GLU B 897 11.29 -25.78 9.34
N LEU B 898 10.04 -25.57 8.94
CA LEU B 898 9.19 -24.61 9.62
C LEU B 898 9.86 -23.24 9.66
N GLN B 899 10.07 -22.65 8.48
CA GLN B 899 10.80 -21.40 8.37
C GLN B 899 9.97 -20.13 8.48
N THR B 900 8.64 -20.19 8.40
CA THR B 900 7.83 -18.99 8.55
C THR B 900 6.92 -19.06 9.77
N VAL B 901 7.00 -18.03 10.62
CA VAL B 901 6.16 -17.96 11.81
C VAL B 901 5.55 -16.57 11.91
N SER B 902 4.26 -16.49 12.14
CA SER B 902 3.57 -15.22 12.32
C SER B 902 3.18 -15.06 13.79
N ILE B 903 3.64 -13.98 14.41
CA ILE B 903 3.34 -13.70 15.81
C ILE B 903 2.55 -12.41 15.90
N LYS B 904 1.36 -12.48 16.50
CA LYS B 904 0.53 -11.31 16.69
C LYS B 904 0.65 -10.78 18.13
N TYR B 905 0.97 -9.50 18.27
CA TYR B 905 1.15 -8.85 19.56
C TYR B 905 -0.08 -8.04 19.92
N ARG B 906 -0.48 -8.13 21.18
CA ARG B 906 -1.58 -7.36 21.73
C ARG B 906 -0.99 -6.24 22.58
N ILE B 907 -1.16 -5.01 22.14
CA ILE B 907 -0.73 -3.83 22.87
C ILE B 907 -1.98 -3.15 23.37
N ARG B 908 -2.18 -3.14 24.68
CA ARG B 908 -3.32 -2.44 25.24
C ARG B 908 -3.12 -0.93 25.19
N ARG B 909 -4.19 -0.22 24.86
CA ARG B 909 -4.21 1.23 24.76
C ARG B 909 -5.33 1.72 25.66
N THR B 910 -4.94 2.07 26.86
CA THR B 910 -5.76 2.71 27.87
C THR B 910 -5.92 4.19 27.56
N PRO B 911 -7.11 4.75 27.73
CA PRO B 911 -7.27 6.20 27.61
C PRO B 911 -6.20 6.92 28.43
N GLN B 912 -5.52 7.89 27.82
CA GLN B 912 -4.45 8.56 28.53
C GLN B 912 -4.41 10.02 28.12
N ILE B 913 -3.94 10.86 29.04
CA ILE B 913 -3.70 12.27 28.76
C ILE B 913 -3.04 12.42 27.40
N GLY B 914 -3.65 13.20 26.50
CA GLY B 914 -3.19 13.37 25.15
C GLY B 914 -3.84 12.49 24.10
N ASP B 915 -4.43 11.36 24.48
CA ASP B 915 -5.18 10.58 23.50
C ASP B 915 -6.40 11.35 22.99
N LYS B 916 -6.66 11.26 21.69
CA LYS B 916 -7.72 12.05 21.06
C LYS B 916 -9.09 11.41 21.21
N PHE B 917 -10.11 12.26 21.40
CA PHE B 917 -11.50 11.85 21.46
C PHE B 917 -12.35 12.84 20.69
N SER B 918 -13.43 12.35 20.06
CA SER B 918 -14.31 13.22 19.31
C SER B 918 -15.74 12.71 19.36
N SER B 919 -16.68 13.65 19.35
CA SER B 919 -18.10 13.34 19.20
C SER B 919 -18.43 13.15 17.73
N ARG B 920 -19.68 12.84 17.42
CA ARG B 920 -20.07 12.70 16.03
C ARG B 920 -20.25 14.03 15.31
N HIS B 921 -19.66 15.11 15.83
CA HIS B 921 -19.90 16.45 15.36
C HIS B 921 -18.62 17.11 14.90
N GLY B 922 -17.58 16.31 14.70
CA GLY B 922 -16.29 16.85 14.32
C GLY B 922 -15.77 17.90 15.27
N GLN B 923 -16.01 17.71 16.55
CA GLN B 923 -15.43 18.60 17.55
C GLN B 923 -14.42 17.78 18.35
N LYS B 924 -13.23 17.65 17.79
CA LYS B 924 -12.22 16.74 18.33
C LYS B 924 -11.37 17.44 19.38
N GLY B 925 -10.95 16.68 20.39
CA GLY B 925 -10.12 17.21 21.44
C GLY B 925 -9.35 16.12 22.11
N VAL B 926 -8.17 16.45 22.59
CA VAL B 926 -7.38 15.52 23.39
C VAL B 926 -7.85 15.55 24.84
N CYS B 927 -7.68 14.42 25.52
CA CYS B 927 -7.92 14.37 26.95
C CYS B 927 -6.75 15.05 27.65
N SER B 928 -7.00 16.20 28.27
CA SER B 928 -5.93 16.92 28.95
C SER B 928 -5.54 16.28 30.28
N ARG B 929 -6.48 15.65 30.96
CA ARG B 929 -6.18 15.09 32.28
C ARG B 929 -7.29 14.14 32.67
N LYS B 930 -6.96 13.22 33.58
CA LYS B 930 -7.93 12.26 34.07
C LYS B 930 -8.35 12.78 35.44
N TRP B 931 -9.39 13.58 35.42
CA TRP B 931 -9.86 14.28 36.61
C TRP B 931 -10.35 13.29 37.67
N PRO B 932 -9.92 13.42 38.93
CA PRO B 932 -10.47 12.55 39.97
C PRO B 932 -11.97 12.73 40.05
N THR B 933 -12.68 11.62 40.24
CA THR B 933 -14.13 11.69 40.31
C THR B 933 -14.62 12.60 41.42
N ILE B 934 -13.94 12.61 42.55
CA ILE B 934 -14.38 13.49 43.62
C ILE B 934 -14.28 14.93 43.16
N ASP B 935 -13.31 15.22 42.31
CA ASP B 935 -13.11 16.59 41.86
C ASP B 935 -14.04 16.96 40.72
N MET B 936 -14.67 15.98 40.10
CA MET B 936 -15.62 16.30 39.06
C MET B 936 -16.78 17.07 39.69
N PRO B 937 -17.59 17.73 38.89
CA PRO B 937 -18.82 18.30 39.42
C PRO B 937 -19.85 17.20 39.49
N PHE B 938 -20.65 17.20 40.53
CA PHE B 938 -21.72 16.22 40.70
C PHE B 938 -23.09 16.86 40.58
N SER B 939 -23.98 16.17 39.88
CA SER B 939 -25.35 16.63 39.78
C SER B 939 -26.13 16.32 41.04
N GLU B 940 -27.27 17.00 41.18
CA GLU B 940 -28.25 16.64 42.19
C GLU B 940 -28.91 15.30 41.90
N THR B 941 -28.66 14.72 40.75
CA THR B 941 -29.10 13.36 40.54
C THR B 941 -28.15 12.36 41.17
N GLY B 942 -27.01 12.83 41.65
CA GLY B 942 -26.04 11.96 42.27
C GLY B 942 -24.98 11.45 41.33
N ILE B 943 -24.77 12.12 40.20
CA ILE B 943 -23.79 11.68 39.23
C ILE B 943 -22.78 12.79 39.00
N GLN B 944 -21.62 12.38 38.52
CA GLN B 944 -20.60 13.28 38.01
C GLN B 944 -20.25 12.90 36.59
N PRO B 945 -20.12 13.87 35.69
CA PRO B 945 -20.07 13.56 34.26
C PRO B 945 -19.03 12.56 33.84
N ASP B 946 -19.24 11.95 32.67
CA ASP B 946 -18.22 11.12 32.06
C ASP B 946 -17.15 11.98 31.41
N ILE B 947 -17.58 12.94 30.59
CA ILE B 947 -16.69 13.82 29.85
C ILE B 947 -17.17 15.23 30.07
N ILE B 948 -16.25 16.16 30.17
CA ILE B 948 -16.58 17.58 30.22
C ILE B 948 -15.99 18.23 28.98
N ILE B 949 -16.85 18.85 28.17
CA ILE B 949 -16.39 19.57 27.00
C ILE B 949 -16.56 21.06 27.26
N ASN B 950 -15.53 21.83 26.93
CA ASN B 950 -15.58 23.27 27.16
C ASN B 950 -16.66 23.93 26.31
N PRO B 951 -17.52 24.76 26.89
CA PRO B 951 -18.51 25.46 26.06
C PRO B 951 -17.90 26.38 25.05
N HIS B 952 -16.76 26.98 25.37
CA HIS B 952 -16.20 28.00 24.49
C HIS B 952 -15.89 27.48 23.11
N ALA B 953 -16.08 26.19 22.88
CA ALA B 953 -15.86 25.68 21.53
C ALA B 953 -17.01 26.01 20.59
N PHE B 954 -18.23 25.99 21.08
CA PHE B 954 -19.38 26.15 20.18
C PHE B 954 -19.47 27.49 19.46
N PRO B 955 -19.11 28.63 20.03
CA PRO B 955 -19.37 29.88 19.31
C PRO B 955 -18.65 29.98 17.98
N SER B 956 -17.50 29.34 17.81
CA SER B 956 -16.91 29.43 16.49
C SER B 956 -17.42 28.34 15.57
N ARG B 957 -17.52 27.12 16.09
CA ARG B 957 -17.86 25.97 15.27
C ARG B 957 -19.35 25.94 14.95
N MET B 958 -20.19 26.42 15.84
CA MET B 958 -21.63 26.35 15.64
C MET B 958 -22.09 24.92 15.40
N THR B 959 -21.68 24.03 16.30
CA THR B 959 -22.04 22.63 16.26
C THR B 959 -23.35 22.37 16.99
N ILE B 960 -24.35 23.24 16.79
CA ILE B 960 -25.50 23.19 17.66
C ILE B 960 -26.21 21.85 17.56
N GLY B 961 -25.95 21.11 16.51
CA GLY B 961 -26.38 19.74 16.48
C GLY B 961 -25.90 18.95 17.66
N MET B 962 -24.70 19.26 18.17
CA MET B 962 -24.22 18.55 19.35
C MET B 962 -25.03 18.90 20.58
N PHE B 963 -25.46 20.15 20.72
CA PHE B 963 -26.35 20.47 21.82
C PHE B 963 -27.62 19.65 21.71
N VAL B 964 -28.14 19.53 20.49
CA VAL B 964 -29.38 18.81 20.33
C VAL B 964 -29.19 17.34 20.62
N GLU B 965 -28.03 16.80 20.24
CA GLU B 965 -27.75 15.41 20.57
C GLU B 965 -27.62 15.21 22.07
N SER B 966 -27.11 16.19 22.80
CA SER B 966 -27.08 16.07 24.25
C SER B 966 -28.48 15.97 24.81
N LEU B 967 -29.37 16.85 24.36
CA LEU B 967 -30.69 16.83 24.95
C LEU B 967 -31.51 15.65 24.49
N ALA B 968 -31.20 15.10 23.32
CA ALA B 968 -31.93 13.94 22.84
C ALA B 968 -31.44 12.67 23.50
N GLY B 969 -30.13 12.54 23.68
CA GLY B 969 -29.62 11.40 24.41
C GLY B 969 -30.04 11.40 25.86
N LYS B 970 -30.17 12.56 26.46
CA LYS B 970 -30.69 12.60 27.83
C LYS B 970 -32.14 12.17 27.87
N ALA B 971 -32.97 12.72 27.00
CA ALA B 971 -34.35 12.26 26.98
C ALA B 971 -34.41 10.77 26.71
N GLY B 972 -33.56 10.29 25.81
CA GLY B 972 -33.71 8.95 25.31
C GLY B 972 -33.25 7.93 26.34
N ALA B 973 -32.33 8.31 27.21
CA ALA B 973 -32.03 7.45 28.33
C ALA B 973 -33.14 7.49 29.37
N LEU B 974 -33.71 8.66 29.63
CA LEU B 974 -34.67 8.71 30.73
C LEU B 974 -35.94 7.95 30.38
N HIS B 975 -36.56 8.27 29.25
CA HIS B 975 -37.70 7.46 28.81
C HIS B 975 -37.29 6.08 28.32
N GLY B 976 -36.03 5.90 27.96
CA GLY B 976 -35.56 4.56 27.72
C GLY B 976 -35.89 4.16 26.30
N ILE B 977 -35.74 5.10 25.37
CA ILE B 977 -36.02 4.83 23.97
C ILE B 977 -35.00 5.56 23.11
N ALA B 978 -34.72 4.99 21.95
CA ALA B 978 -33.88 5.63 20.96
C ALA B 978 -34.59 6.80 20.28
N GLN B 979 -33.79 7.77 19.85
CA GLN B 979 -34.27 8.96 19.16
C GLN B 979 -33.78 9.02 17.71
N ASP B 980 -34.66 9.44 16.82
CA ASP B 980 -34.34 9.55 15.41
C ASP B 980 -33.62 10.85 15.12
N SER B 981 -32.47 10.75 14.45
CA SER B 981 -31.65 11.91 14.14
C SER B 981 -31.60 12.23 12.65
N THR B 982 -32.53 11.71 11.87
CA THR B 982 -32.52 11.99 10.44
C THR B 982 -32.56 13.49 10.16
N PRO B 983 -31.62 14.00 9.38
CA PRO B 983 -31.68 15.38 8.87
C PRO B 983 -33.01 15.74 8.26
N TRP B 984 -33.59 16.85 8.74
CA TRP B 984 -34.85 17.39 8.24
C TRP B 984 -36.04 16.51 8.58
N ILE B 985 -35.91 15.65 9.58
CA ILE B 985 -37.11 15.01 10.06
C ILE B 985 -37.92 16.06 10.79
N PHE B 986 -37.26 17.04 11.38
CA PHE B 986 -37.85 18.17 12.05
C PHE B 986 -37.92 19.35 11.10
N ASN B 987 -38.47 20.45 11.58
CA ASN B 987 -38.76 21.59 10.74
C ASN B 987 -38.71 22.83 11.61
N GLU B 988 -38.46 23.98 10.97
CA GLU B 988 -38.44 25.22 11.75
C GLU B 988 -39.71 25.45 12.53
N ASP B 989 -40.79 24.79 12.18
CA ASP B 989 -42.01 24.99 12.94
C ASP B 989 -42.24 23.87 13.94
N ASP B 990 -41.34 22.90 14.00
CA ASP B 990 -41.37 21.87 15.01
C ASP B 990 -39.93 21.66 15.46
N THR B 991 -39.43 22.56 16.29
CA THR B 991 -38.02 22.55 16.58
C THR B 991 -37.66 21.34 17.45
N PRO B 992 -36.44 20.85 17.36
CA PRO B 992 -36.06 19.70 18.18
C PRO B 992 -35.90 20.06 19.64
N ALA B 993 -35.46 21.27 19.94
CA ALA B 993 -35.38 21.68 21.34
C ALA B 993 -36.76 21.71 21.97
N ASP B 994 -37.80 21.94 21.17
CA ASP B 994 -39.14 21.88 21.69
C ASP B 994 -39.61 20.44 21.83
N TYR B 995 -39.32 19.61 20.84
CA TYR B 995 -39.76 18.22 20.90
C TYR B 995 -39.14 17.53 22.10
N PHE B 996 -37.81 17.53 22.16
CA PHE B 996 -37.10 16.92 23.27
C PHE B 996 -37.23 17.72 24.55
N GLY B 997 -37.51 19.02 24.46
CA GLY B 997 -37.78 19.76 25.67
C GLY B 997 -39.07 19.29 26.34
N GLU B 998 -40.14 19.15 25.56
CA GLU B 998 -41.38 18.68 26.16
C GLU B 998 -41.26 17.25 26.60
N GLN B 999 -40.61 16.42 25.79
CA GLN B 999 -40.43 15.03 26.18
C GLN B 999 -39.64 14.94 27.48
N LEU B 1000 -38.59 15.76 27.59
CA LEU B 1000 -37.79 15.77 28.80
C LEU B 1000 -38.56 16.28 30.00
N ALA B 1001 -39.35 17.33 29.82
CA ALA B 1001 -40.06 17.89 30.98
C ALA B 1001 -41.12 16.93 31.47
N LYS B 1002 -41.81 16.27 30.55
CA LYS B 1002 -42.64 15.16 30.98
C LYS B 1002 -41.80 14.11 31.69
N ALA B 1003 -40.55 13.97 31.30
CA ALA B 1003 -39.70 12.98 31.94
C ALA B 1003 -39.37 13.34 33.38
N GLY B 1004 -39.29 14.63 33.71
CA GLY B 1004 -38.88 14.94 35.06
C GLY B 1004 -37.60 15.74 35.17
N TYR B 1005 -37.21 16.43 34.11
CA TYR B 1005 -35.97 17.18 34.07
C TYR B 1005 -36.22 18.57 33.50
N ASN B 1006 -35.29 19.48 33.79
CA ASN B 1006 -35.37 20.83 33.30
C ASN B 1006 -35.69 20.85 31.82
N TYR B 1007 -36.67 21.68 31.45
CA TYR B 1007 -37.08 21.76 30.06
C TYR B 1007 -35.94 22.17 29.15
N HIS B 1008 -35.09 23.07 29.62
CA HIS B 1008 -33.90 23.43 28.87
C HIS B 1008 -32.79 22.39 28.94
N GLY B 1009 -32.95 21.36 29.75
CA GLY B 1009 -32.03 20.24 29.75
C GLY B 1009 -30.86 20.39 30.68
N ASN B 1010 -30.82 21.47 31.44
CA ASN B 1010 -29.77 21.72 32.42
C ASN B 1010 -30.05 20.95 33.69
N GLU B 1011 -29.01 20.81 34.51
CA GLU B 1011 -29.19 20.13 35.78
C GLU B 1011 -28.37 20.90 36.80
N PRO B 1012 -28.93 21.15 38.00
CA PRO B 1012 -28.19 21.94 38.99
C PRO B 1012 -27.00 21.14 39.49
N MET B 1013 -25.81 21.68 39.31
CA MET B 1013 -24.61 20.94 39.69
C MET B 1013 -23.87 21.66 40.80
N TYR B 1014 -23.13 20.87 41.59
CA TYR B 1014 -22.29 21.39 42.66
C TYR B 1014 -20.83 21.23 42.29
N SER B 1015 -20.02 22.18 42.75
CA SER B 1015 -18.59 22.09 42.50
C SER B 1015 -17.99 20.89 43.20
N GLY B 1016 -17.22 20.11 42.45
CA GLY B 1016 -16.47 19.03 43.08
C GLY B 1016 -15.51 19.54 44.14
N ALA B 1017 -14.84 20.65 43.87
CA ALA B 1017 -13.73 21.07 44.73
C ALA B 1017 -14.27 21.62 46.04
N THR B 1018 -15.03 22.71 45.97
CA THR B 1018 -15.55 23.36 47.17
C THR B 1018 -16.78 22.64 47.68
N GLY B 1019 -17.81 22.53 46.85
CA GLY B 1019 -19.06 21.94 47.23
C GLY B 1019 -20.25 22.86 47.08
N GLU B 1020 -20.04 24.14 46.83
CA GLU B 1020 -21.16 25.02 46.56
C GLU B 1020 -21.85 24.66 45.25
N GLU B 1021 -23.10 25.09 45.14
CA GLU B 1021 -23.81 25.04 43.87
C GLU B 1021 -23.20 26.02 42.90
N LEU B 1022 -22.99 25.59 41.66
CA LEU B 1022 -22.40 26.51 40.70
C LEU B 1022 -23.34 27.67 40.45
N ARG B 1023 -22.76 28.78 39.99
CA ARG B 1023 -23.58 29.96 39.71
C ARG B 1023 -24.87 29.61 39.01
N ALA B 1024 -24.80 28.81 37.95
CA ALA B 1024 -25.96 28.58 37.12
C ALA B 1024 -26.21 27.08 36.94
N ASP B 1025 -27.39 26.77 36.45
CA ASP B 1025 -27.73 25.39 36.10
C ASP B 1025 -26.86 24.89 34.96
N ILE B 1026 -26.27 23.73 35.17
CA ILE B 1026 -25.30 23.16 34.24
C ILE B 1026 -26.00 22.35 33.17
N TYR B 1027 -25.52 22.50 31.94
CA TYR B 1027 -26.01 21.77 30.78
C TYR B 1027 -25.31 20.43 30.65
N VAL B 1028 -26.01 19.35 30.95
CA VAL B 1028 -25.47 18.00 30.82
C VAL B 1028 -26.38 17.18 29.93
N GLY B 1029 -25.80 16.22 29.23
CA GLY B 1029 -26.56 15.37 28.35
C GLY B 1029 -25.78 14.12 28.02
N VAL B 1030 -26.30 13.34 27.06
CA VAL B 1030 -25.70 12.08 26.69
C VAL B 1030 -25.24 12.17 25.23
N VAL B 1031 -23.94 12.11 25.00
CA VAL B 1031 -23.38 12.32 23.68
C VAL B 1031 -22.56 11.10 23.29
N TYR B 1032 -22.70 10.65 22.06
CA TYR B 1032 -21.87 9.56 21.57
C TYR B 1032 -20.46 10.03 21.34
N TYR B 1033 -19.51 9.54 22.13
CA TYR B 1033 -18.10 9.86 21.97
C TYR B 1033 -17.30 8.65 21.54
N GLN B 1034 -16.35 8.91 20.65
CA GLN B 1034 -15.50 7.91 20.01
C GLN B 1034 -14.04 8.26 20.22
N ARG B 1035 -13.22 7.24 20.44
CA ARG B 1035 -11.78 7.42 20.63
C ARG B 1035 -11.06 7.30 19.30
N LEU B 1036 -10.45 8.39 18.85
CA LEU B 1036 -9.72 8.35 17.60
C LEU B 1036 -8.48 7.48 17.72
N ARG B 1037 -8.18 6.73 16.66
CA ARG B 1037 -6.98 5.90 16.69
C ARG B 1037 -5.70 6.70 16.80
N HIS B 1038 -5.71 7.98 16.45
CA HIS B 1038 -4.44 8.68 16.47
C HIS B 1038 -4.14 9.05 17.90
N MET B 1039 -3.69 8.07 18.68
CA MET B 1039 -3.15 8.46 19.97
C MET B 1039 -1.71 8.91 19.75
N VAL B 1040 -1.58 10.10 19.18
CA VAL B 1040 -0.24 10.61 18.92
C VAL B 1040 0.44 10.84 20.26
N ASN B 1041 -0.35 10.89 21.33
CA ASN B 1041 0.23 10.79 22.67
C ASN B 1041 1.23 9.66 22.72
N ASP B 1042 0.85 8.49 22.22
CA ASP B 1042 1.80 7.40 22.25
C ASP B 1042 2.94 7.61 21.28
N LYS B 1043 2.73 8.46 20.28
CA LYS B 1043 3.68 8.75 19.22
C LYS B 1043 4.80 9.69 19.65
N PHE B 1044 4.82 10.11 20.91
CA PHE B 1044 5.92 10.91 21.41
C PHE B 1044 7.26 10.25 21.09
N GLN B 1045 8.28 11.08 20.97
CA GLN B 1045 9.66 10.63 20.79
C GLN B 1045 10.67 11.62 21.36
N VAL B 1046 11.77 11.07 21.83
CA VAL B 1046 12.88 11.85 22.38
C VAL B 1046 14.16 11.17 21.92
N ARG B 1047 15.17 11.96 21.58
CA ARG B 1047 16.48 11.39 21.24
C ARG B 1047 17.53 12.27 21.89
N SER B 1048 18.26 11.72 22.84
CA SER B 1048 19.44 12.41 23.34
C SER B 1048 20.72 11.81 22.80
N THR B 1049 20.62 10.70 22.10
CA THR B 1049 21.78 10.03 21.51
C THR B 1049 21.23 8.98 20.57
N GLY B 1050 21.90 8.78 19.43
CA GLY B 1050 21.39 7.77 18.53
C GLY B 1050 22.21 7.54 17.28
N PRO B 1051 21.61 6.84 16.34
CA PRO B 1051 22.31 6.52 15.10
C PRO B 1051 22.48 7.74 14.23
N VAL B 1052 23.37 7.63 13.26
CA VAL B 1052 23.65 8.72 12.34
C VAL B 1052 23.70 8.19 10.92
N ASN B 1053 23.38 9.08 9.98
CA ASN B 1053 23.52 8.72 8.57
C ASN B 1053 25.01 8.65 8.23
N SER B 1054 25.37 7.67 7.40
CA SER B 1054 26.79 7.45 7.16
C SER B 1054 27.41 8.56 6.34
N LEU B 1055 26.63 9.20 5.49
CA LEU B 1055 27.10 10.28 4.63
C LEU B 1055 27.07 11.64 5.30
N THR B 1056 26.57 11.72 6.53
CA THR B 1056 26.46 13.00 7.21
C THR B 1056 26.81 12.95 8.68
N MET B 1057 26.64 11.83 9.36
CA MET B 1057 26.79 11.79 10.79
C MET B 1057 25.70 12.57 11.50
N GLN B 1058 24.57 12.74 10.87
CA GLN B 1058 23.48 13.40 11.54
C GLN B 1058 22.41 12.40 11.94
N PRO B 1059 21.69 12.67 12.99
CA PRO B 1059 20.63 11.77 13.43
C PRO B 1059 19.77 11.22 12.32
N VAL B 1060 19.50 9.93 12.36
CA VAL B 1060 18.62 9.28 11.41
C VAL B 1060 17.27 9.91 11.70
N LYS B 1061 16.26 9.54 10.91
CA LYS B 1061 14.89 10.04 11.08
C LYS B 1061 13.97 8.91 11.45
N GLY B 1062 12.91 9.24 12.19
CA GLY B 1062 11.84 8.32 12.45
C GLY B 1062 11.82 7.87 13.89
N ARG B 1063 10.62 7.86 14.47
CA ARG B 1063 10.47 7.45 15.87
C ARG B 1063 11.09 6.09 16.08
N LYS B 1064 10.81 5.15 15.18
CA LYS B 1064 11.30 3.78 15.34
C LYS B 1064 12.81 3.66 15.19
N ARG B 1065 13.47 4.58 14.49
CA ARG B 1065 14.91 4.67 14.47
C ARG B 1065 15.53 5.51 15.56
N HIS B 1066 14.77 5.86 16.59
CA HIS B 1066 15.21 6.83 17.59
C HIS B 1066 15.81 8.07 16.92
N GLY B 1067 15.24 8.45 15.78
CA GLY B 1067 15.75 9.60 15.08
C GLY B 1067 15.44 10.90 15.81
N GLY B 1068 16.02 11.97 15.30
CA GLY B 1068 15.94 13.28 15.94
C GLY B 1068 15.07 14.21 15.11
N ILE B 1069 14.26 15.01 15.79
CA ILE B 1069 13.40 15.93 15.08
C ILE B 1069 14.24 16.88 14.22
N ARG B 1070 13.65 17.37 13.13
CA ARG B 1070 14.36 18.25 12.22
C ARG B 1070 14.24 19.70 12.64
N VAL B 1071 15.37 20.39 12.67
CA VAL B 1071 15.39 21.85 12.69
C VAL B 1071 15.35 22.30 11.23
N GLY B 1072 14.16 22.64 10.74
CA GLY B 1072 14.01 23.05 9.37
C GLY B 1072 14.60 24.42 9.10
N GLU B 1073 14.49 24.83 7.84
CA GLU B 1073 15.01 26.14 7.45
C GLU B 1073 14.34 27.26 8.23
N MET B 1074 13.02 27.21 8.37
CA MET B 1074 12.33 28.29 9.05
C MET B 1074 12.68 28.36 10.52
N GLU B 1075 12.94 27.23 11.18
CA GLU B 1075 13.34 27.30 12.56
C GLU B 1075 14.73 27.90 12.72
N ARG B 1076 15.62 27.61 11.77
CA ARG B 1076 16.89 28.30 11.72
C ARG B 1076 16.71 29.79 11.55
N ASP B 1077 15.92 30.19 10.56
CA ASP B 1077 15.63 31.60 10.37
C ASP B 1077 15.11 32.21 11.65
N ALA B 1078 14.21 31.52 12.34
CA ALA B 1078 13.65 32.08 13.57
C ALA B 1078 14.71 32.21 14.64
N LEU B 1079 15.62 31.25 14.73
CA LEU B 1079 16.65 31.38 15.77
C LEU B 1079 17.60 32.51 15.45
N ILE B 1080 17.80 32.81 14.18
CA ILE B 1080 18.58 34.00 13.86
C ILE B 1080 17.76 35.24 14.18
N GLY B 1081 16.47 35.20 13.87
CA GLY B 1081 15.58 36.27 14.28
C GLY B 1081 15.74 36.67 15.73
N HIS B 1082 15.76 35.69 16.62
CA HIS B 1082 15.88 36.03 18.02
C HIS B 1082 17.24 36.64 18.35
N GLY B 1083 18.18 36.62 17.40
CA GLY B 1083 19.55 36.95 17.71
C GLY B 1083 20.32 35.90 18.47
N THR B 1084 19.74 34.74 18.71
CA THR B 1084 20.29 33.74 19.61
C THR B 1084 21.39 32.94 18.93
N SER B 1085 22.26 33.62 18.19
CA SER B 1085 23.23 32.92 17.35
C SER B 1085 24.06 31.89 18.10
N PHE B 1086 24.25 32.04 19.40
CA PHE B 1086 24.91 30.93 20.08
C PHE B 1086 23.97 29.78 20.33
N LEU B 1087 22.66 30.04 20.33
CA LEU B 1087 21.75 28.92 20.39
C LEU B 1087 21.66 28.27 19.03
N LEU B 1088 21.74 29.07 17.97
CA LEU B 1088 21.68 28.52 16.63
C LEU B 1088 22.91 27.70 16.30
N GLN B 1089 24.08 28.22 16.63
CA GLN B 1089 25.28 27.41 16.45
C GLN B 1089 25.21 26.18 17.33
N ASP B 1090 24.72 26.35 18.55
CA ASP B 1090 24.72 25.22 19.47
C ASP B 1090 23.85 24.11 18.93
N ARG B 1091 22.71 24.47 18.36
CA ARG B 1091 21.81 23.45 17.85
C ARG B 1091 22.28 22.89 16.53
N LEU B 1092 22.41 23.72 15.51
CA LEU B 1092 22.63 23.14 14.19
C LEU B 1092 24.01 22.57 14.02
N LEU B 1093 24.88 22.68 15.02
CA LEU B 1093 26.22 22.14 14.92
C LEU B 1093 26.51 21.33 16.17
N ASN B 1094 26.68 22.03 17.29
CA ASN B 1094 27.18 21.40 18.50
C ASN B 1094 26.41 20.13 18.82
N SER B 1095 25.12 20.12 18.52
CA SER B 1095 24.28 18.96 18.82
C SER B 1095 23.99 18.14 17.58
N SER B 1096 24.71 18.34 16.49
CA SER B 1096 24.40 17.49 15.34
C SER B 1096 25.58 16.71 14.77
N ASP B 1097 26.41 17.36 13.97
CA ASP B 1097 27.51 16.69 13.28
C ASP B 1097 28.85 17.33 13.62
N TYR B 1098 28.95 18.02 14.75
CA TYR B 1098 30.18 18.71 15.06
C TYR B 1098 31.35 17.74 15.06
N THR B 1099 32.35 18.05 14.23
CA THR B 1099 33.53 17.21 14.06
C THR B 1099 34.77 18.09 14.05
N GLN B 1100 35.78 17.71 14.81
CA GLN B 1100 37.10 18.33 14.69
C GLN B 1100 37.91 17.61 13.63
N ALA B 1101 38.10 18.25 12.48
CA ALA B 1101 38.68 17.63 11.30
C ALA B 1101 40.03 18.25 10.96
N SER B 1102 40.90 17.46 10.35
CA SER B 1102 42.21 17.93 9.94
C SER B 1102 42.12 18.81 8.69
N VAL B 1103 42.91 19.88 8.68
CA VAL B 1103 43.08 20.75 7.52
C VAL B 1103 44.55 21.03 7.35
N CYS B 1104 45.03 21.09 6.11
CA CYS B 1104 46.44 21.38 5.86
C CYS B 1104 46.68 22.89 5.82
N ARG B 1105 47.39 23.42 6.82
CA ARG B 1105 47.64 24.85 6.87
C ARG B 1105 48.46 25.31 5.68
N GLU B 1106 49.02 24.39 4.91
CA GLU B 1106 49.85 24.77 3.78
C GLU B 1106 49.17 24.49 2.46
N CYS B 1107 48.02 23.82 2.49
CA CYS B 1107 47.31 23.50 1.27
C CYS B 1107 45.85 23.87 1.34
N GLY B 1108 45.34 24.23 2.51
CA GLY B 1108 44.04 24.87 2.60
C GLY B 1108 42.94 23.90 2.28
N SER B 1109 43.14 22.62 2.59
CA SER B 1109 42.13 21.61 2.40
C SER B 1109 42.07 20.69 3.61
N ILE B 1110 40.89 20.12 3.83
CA ILE B 1110 40.62 19.32 5.00
C ILE B 1110 40.45 17.86 4.63
N LEU B 1111 40.75 17.49 3.39
CA LEU B 1111 40.51 16.15 2.92
C LEU B 1111 41.75 15.44 2.41
N THR B 1112 42.88 16.14 2.27
CA THR B 1112 44.12 15.45 1.97
C THR B 1112 44.76 14.92 3.24
N THR B 1113 44.30 15.40 4.39
CA THR B 1113 44.89 15.02 5.66
C THR B 1113 44.69 13.53 5.88
N GLN B 1114 45.68 12.89 6.48
CA GLN B 1114 45.58 11.49 6.82
C GLN B 1114 46.49 11.22 8.00
N GLN B 1115 46.19 10.13 8.71
CA GLN B 1115 47.10 9.63 9.71
C GLN B 1115 48.24 8.87 9.05
N SER B 1116 49.47 9.31 9.32
CA SER B 1116 50.67 8.64 8.85
C SER B 1116 50.89 7.36 9.63
N VAL B 1117 51.61 6.42 9.01
CA VAL B 1117 51.73 5.12 9.66
C VAL B 1117 52.81 5.22 10.73
N PRO B 1118 52.59 4.61 11.87
CA PRO B 1118 53.59 4.60 12.94
C PRO B 1118 54.52 3.41 12.82
N ARG B 1119 55.47 3.29 13.74
CA ARG B 1119 56.30 2.10 13.82
C ARG B 1119 56.53 1.79 15.29
N ILE B 1120 57.20 0.66 15.56
CA ILE B 1120 57.44 0.27 16.94
C ILE B 1120 58.15 1.36 17.71
N GLY B 1121 58.79 2.28 17.00
CA GLY B 1121 59.51 3.39 17.59
C GLY B 1121 58.94 4.70 17.13
N SER B 1122 57.83 4.63 16.40
CA SER B 1122 57.25 5.80 15.75
C SER B 1122 55.77 5.87 16.07
N ILE B 1123 55.30 7.06 16.46
CA ILE B 1123 53.90 7.25 16.76
C ILE B 1123 53.14 7.56 15.48
N SER B 1124 51.81 7.62 15.59
CA SER B 1124 50.97 8.11 14.50
C SER B 1124 51.08 9.62 14.39
N THR B 1125 51.42 10.11 13.19
CA THR B 1125 51.58 11.54 13.00
C THR B 1125 50.68 12.03 11.87
N VAL B 1126 50.04 13.18 12.11
CA VAL B 1126 49.18 13.80 11.12
C VAL B 1126 50.01 14.31 9.94
N CYS B 1127 49.64 13.90 8.73
CA CYS B 1127 50.32 14.37 7.55
C CYS B 1127 49.31 14.82 6.50
N CYS B 1128 49.71 15.80 5.69
CA CYS B 1128 48.88 16.30 4.61
C CYS B 1128 49.43 15.71 3.32
N ARG B 1129 48.62 14.97 2.58
CA ARG B 1129 49.10 14.34 1.36
C ARG B 1129 49.57 15.35 0.35
N ARG B 1130 48.89 16.50 0.26
CA ARG B 1130 49.25 17.45 -0.78
C ARG B 1130 50.55 18.13 -0.46
N CYS B 1131 50.81 18.34 0.82
CA CYS B 1131 52.02 19.02 1.27
C CYS B 1131 53.18 18.05 1.50
N SER B 1132 53.25 16.99 0.69
CA SER B 1132 54.31 16.03 0.83
C SER B 1132 54.72 15.51 -0.54
N MET B 1133 55.98 15.12 -0.64
CA MET B 1133 56.57 14.58 -1.85
C MET B 1133 56.87 13.10 -1.74
N ARG B 1134 56.75 12.43 -2.89
CA ARG B 1134 57.06 11.01 -2.99
C ARG B 1134 58.55 10.83 -2.77
N PHE B 1135 58.91 9.93 -1.86
CA PHE B 1135 60.33 9.74 -1.59
C PHE B 1135 61.12 9.27 -2.81
N GLU B 1136 60.43 8.82 -3.87
CA GLU B 1136 61.16 8.43 -5.07
C GLU B 1136 61.73 9.62 -5.83
N ASP B 1137 61.21 10.81 -5.57
CA ASP B 1137 61.73 12.00 -6.22
C ASP B 1137 62.60 12.73 -5.22
N ALA B 1138 61.97 13.66 -4.49
CA ALA B 1138 62.65 14.46 -3.47
C ALA B 1138 63.94 15.07 -4.02
N LYS B 1139 63.84 15.67 -5.21
CA LYS B 1139 64.98 16.30 -5.89
C LYS B 1139 66.17 15.35 -5.89
N LYS B 1140 65.96 14.20 -5.26
CA LYS B 1140 67.03 13.21 -5.11
C LYS B 1140 68.08 13.36 -6.21
N LEU B 1141 67.70 13.89 -7.37
CA LEU B 1141 68.71 14.10 -8.41
C LEU B 1141 69.54 15.36 -8.16
N LEU B 1142 68.98 16.34 -7.47
CA LEU B 1142 69.74 17.50 -7.01
C LEU B 1142 69.92 17.52 -5.50
N THR B 1143 69.66 16.41 -4.81
CA THR B 1143 69.75 16.44 -3.36
C THR B 1143 70.27 15.10 -2.85
N GLU B 1146 69.07 14.86 3.77
CA GLU B 1146 67.69 14.82 4.22
C GLU B 1146 67.65 15.11 5.72
N ASP B 1147 66.54 15.72 6.16
CA ASP B 1147 66.48 16.11 7.57
C ASP B 1147 66.46 14.87 8.46
N GLY B 1148 65.69 13.87 8.08
CA GLY B 1148 65.69 12.61 8.78
C GLY B 1148 64.32 12.20 9.26
N GLU B 1149 63.55 13.18 9.77
CA GLU B 1149 62.33 12.86 10.49
C GLU B 1149 61.10 13.50 9.82
N LYS B 1150 61.19 13.79 8.53
CA LYS B 1150 60.06 14.36 7.81
C LYS B 1150 59.47 13.39 6.82
N ILE B 1151 59.99 12.18 6.76
CA ILE B 1151 59.42 11.11 5.94
C ILE B 1151 58.48 10.31 6.83
N PHE B 1152 57.24 10.19 6.41
CA PHE B 1152 56.27 9.38 7.13
C PHE B 1152 55.68 8.42 6.12
N ILE B 1153 55.18 7.30 6.60
CA ILE B 1153 54.87 6.20 5.72
C ILE B 1153 53.39 5.89 5.73
N ASP B 1154 52.91 5.50 4.56
CA ASP B 1154 51.55 5.09 4.26
C ASP B 1154 51.35 3.61 4.52
N ASP B 1155 50.08 3.25 4.69
CA ASP B 1155 49.72 1.86 4.86
C ASP B 1155 50.22 1.04 3.68
N SER B 1156 50.48 1.70 2.56
CA SER B 1156 51.19 1.10 1.44
C SER B 1156 52.70 1.14 1.61
N GLN B 1157 53.18 1.44 2.82
CA GLN B 1157 54.63 1.50 3.09
C GLN B 1157 55.36 2.53 2.25
N ILE B 1158 54.67 3.58 1.83
CA ILE B 1158 55.23 4.59 0.95
C ILE B 1158 55.88 5.68 1.79
N TRP B 1159 57.10 6.07 1.42
CA TRP B 1159 57.78 7.13 2.15
C TRP B 1159 57.32 8.49 1.67
N GLU B 1160 57.15 9.42 2.62
CA GLU B 1160 56.69 10.75 2.27
C GLU B 1160 57.59 11.79 2.93
N ASP B 1161 57.69 12.95 2.28
CA ASP B 1161 58.43 14.09 2.82
C ASP B 1161 57.54 15.30 2.93
N GLY B 1162 57.41 15.87 4.12
CA GLY B 1162 56.50 16.97 4.28
C GLY B 1162 55.24 16.61 5.03
N GLN B 1163 54.08 16.97 4.45
CA GLN B 1163 52.77 16.59 4.99
C GLN B 1163 52.58 16.87 6.48
N GLY B 1164 53.65 17.17 7.20
CA GLY B 1164 53.57 17.54 8.60
C GLY B 1164 53.20 18.98 8.93
N ASN B 1165 52.18 19.53 8.28
CA ASN B 1165 51.68 20.84 8.67
C ASN B 1165 50.17 20.90 8.80
N LYS B 1166 49.52 19.81 9.18
CA LYS B 1166 48.07 19.80 9.23
C LYS B 1166 47.58 19.85 10.66
N PHE B 1167 46.42 20.48 10.85
CA PHE B 1167 45.84 20.73 12.16
C PHE B 1167 44.37 20.34 12.22
N VAL B 1168 43.71 20.64 13.33
CA VAL B 1168 42.33 20.22 13.54
C VAL B 1168 41.47 21.44 13.85
N GLY B 1169 40.29 21.48 13.26
CA GLY B 1169 39.43 22.64 13.35
C GLY B 1169 38.00 22.14 13.43
N GLY B 1170 37.16 22.90 14.11
CA GLY B 1170 35.79 22.45 14.24
C GLY B 1170 34.88 22.83 13.10
N ASN B 1171 34.28 21.85 12.44
CA ASN B 1171 33.36 22.12 11.35
C ASN B 1171 32.27 21.07 11.38
N GLU B 1172 31.21 21.31 10.61
CA GLU B 1172 30.22 20.27 10.47
C GLU B 1172 30.70 19.23 9.46
N THR B 1173 30.36 17.97 9.73
CA THR B 1173 30.86 16.88 8.90
C THR B 1173 30.33 16.93 7.49
N THR B 1174 29.10 17.41 7.30
CA THR B 1174 28.61 17.54 5.94
C THR B 1174 29.60 18.33 5.11
N THR B 1175 30.33 19.24 5.73
CA THR B 1175 31.36 19.97 4.98
C THR B 1175 32.28 18.97 4.31
N VAL B 1176 32.76 18.00 5.08
CA VAL B 1176 33.56 16.94 4.49
C VAL B 1176 32.77 16.27 3.39
N ALA B 1177 31.46 16.15 3.57
CA ALA B 1177 30.67 15.55 2.51
C ALA B 1177 30.76 16.34 1.22
N ILE B 1178 30.92 17.65 1.30
CA ILE B 1178 31.00 18.46 0.07
C ILE B 1178 32.23 18.12 -0.76
N PRO B 1179 33.45 18.19 -0.23
CA PRO B 1179 34.62 17.80 -1.03
C PRO B 1179 34.39 16.51 -1.77
N PHE B 1180 33.60 15.61 -1.22
CA PHE B 1180 33.29 14.40 -1.97
C PHE B 1180 32.72 14.74 -3.35
N VAL B 1181 31.59 15.45 -3.38
CA VAL B 1181 30.96 15.80 -4.65
C VAL B 1181 31.68 16.94 -5.36
N LEU B 1182 31.89 18.05 -4.66
CA LEU B 1182 32.49 19.21 -5.28
C LEU B 1182 33.90 18.87 -5.73
N LYS B 1183 34.61 18.14 -4.87
CA LYS B 1183 35.98 17.78 -5.18
C LYS B 1183 35.99 16.81 -6.34
N TYR B 1184 34.97 15.94 -6.42
CA TYR B 1184 34.76 15.22 -7.66
C TYR B 1184 34.54 16.16 -8.83
N LEU B 1185 33.79 17.22 -8.62
CA LEU B 1185 33.54 18.17 -9.68
C LEU B 1185 34.79 18.91 -10.11
N ASP B 1186 35.92 18.67 -9.46
CA ASP B 1186 37.18 19.22 -9.98
C ASP B 1186 37.28 20.66 -9.51
N SER B 1187 36.78 20.90 -8.31
CA SER B 1187 36.76 22.21 -7.69
C SER B 1187 37.41 22.04 -6.34
N GLU B 1188 37.51 23.11 -5.57
CA GLU B 1188 38.17 22.90 -4.30
C GLU B 1188 37.78 23.98 -3.31
N LEU B 1189 37.92 23.63 -2.06
CA LEU B 1189 37.84 24.54 -0.93
C LEU B 1189 39.26 24.89 -0.50
N SER B 1190 39.57 26.18 -0.44
CA SER B 1190 40.79 26.59 0.23
C SER B 1190 40.37 27.05 1.62
N ALA B 1191 40.35 26.11 2.55
CA ALA B 1191 39.85 26.38 3.90
C ALA B 1191 40.99 27.06 4.64
N MET B 1192 40.91 28.37 4.74
CA MET B 1192 41.90 29.17 5.44
C MET B 1192 41.82 28.96 6.96
N GLY B 1193 42.89 29.35 7.64
CA GLY B 1193 42.96 29.21 9.08
C GLY B 1193 43.73 30.33 9.76
N ILE B 1194 44.94 30.03 10.18
CA ILE B 1194 45.77 31.01 10.87
C ILE B 1194 47.25 30.92 10.48
N ARG B 1195 47.79 32.03 9.98
CA ARG B 1195 49.19 32.12 9.58
C ARG B 1195 49.65 30.99 8.66
N LEU B 1196 49.14 30.98 7.42
CA LEU B 1196 49.55 29.98 6.45
C LEU B 1196 50.10 30.63 5.18
N GLU C 30 -21.13 34.01 70.33
CA GLU C 30 -20.25 33.83 69.18
C GLU C 30 -19.94 32.35 68.98
N TRP C 31 -19.59 31.98 67.75
CA TRP C 31 -19.19 30.61 67.44
C TRP C 31 -18.34 29.98 68.53
N ASN C 32 -18.75 28.79 68.95
CA ASN C 32 -17.94 27.87 69.74
C ASN C 32 -18.29 26.48 69.26
N VAL C 33 -17.47 25.50 69.65
CA VAL C 33 -17.78 24.15 69.17
C VAL C 33 -19.06 23.64 69.81
N GLU C 34 -19.39 24.14 71.00
CA GLU C 34 -20.63 23.72 71.63
C GLU C 34 -21.83 24.44 71.03
N LYS C 35 -21.64 25.66 70.53
CA LYS C 35 -22.74 26.30 69.82
C LYS C 35 -22.98 25.64 68.48
N PHE C 36 -21.94 25.02 67.91
CA PHE C 36 -22.19 24.17 66.75
C PHE C 36 -22.97 22.95 67.18
N LYS C 37 -22.58 22.35 68.31
CA LYS C 37 -23.26 21.13 68.72
C LYS C 37 -24.71 21.43 69.02
N LYS C 38 -25.00 22.63 69.52
CA LYS C 38 -26.38 23.06 69.69
C LYS C 38 -27.06 23.24 68.34
N ASP C 39 -26.33 23.73 67.34
CA ASP C 39 -27.01 24.07 66.09
C ASP C 39 -27.08 22.89 65.14
N PHE C 40 -26.11 21.99 65.19
CA PHE C 40 -26.11 20.83 64.31
C PHE C 40 -27.33 19.95 64.55
N GLU C 41 -27.96 19.53 63.47
CA GLU C 41 -29.06 18.60 63.53
C GLU C 41 -28.82 17.49 62.53
N VAL C 42 -29.36 16.31 62.81
CA VAL C 42 -29.47 15.24 61.84
C VAL C 42 -30.91 14.79 61.77
N ASN C 43 -31.41 14.57 60.56
CA ASN C 43 -32.65 13.83 60.38
C ASN C 43 -32.46 12.74 59.34
N ILE C 44 -32.69 11.49 59.75
CA ILE C 44 -32.52 10.34 58.89
C ILE C 44 -33.90 9.98 58.35
N SER C 45 -34.10 10.14 57.05
CA SER C 45 -35.37 9.71 56.48
C SER C 45 -35.41 8.21 56.30
N SER C 46 -34.38 7.63 55.69
CA SER C 46 -34.47 6.24 55.28
C SER C 46 -33.11 5.57 55.38
N LEU C 47 -33.07 4.43 56.05
CA LEU C 47 -31.84 3.67 56.25
C LEU C 47 -32.09 2.26 55.74
N ASP C 48 -31.65 1.97 54.53
CA ASP C 48 -31.63 0.61 54.03
C ASP C 48 -30.22 0.04 54.22
N ALA C 49 -30.16 -1.28 54.42
CA ALA C 49 -28.86 -1.90 54.53
C ALA C 49 -28.00 -1.74 53.28
N ARG C 50 -28.57 -1.32 52.14
CA ARG C 50 -27.74 -0.99 51.00
C ARG C 50 -27.76 0.48 50.57
N GLU C 51 -28.79 1.25 50.92
CA GLU C 51 -28.82 2.68 50.68
C GLU C 51 -29.18 3.41 51.96
N ALA C 52 -28.59 4.58 52.16
CA ALA C 52 -28.98 5.43 53.28
C ALA C 52 -29.34 6.80 52.74
N ASN C 53 -30.54 7.27 53.05
CA ASN C 53 -30.93 8.65 52.75
C ASN C 53 -31.18 9.41 54.05
N PHE C 54 -30.21 10.24 54.43
CA PHE C 54 -30.25 10.97 55.69
C PHE C 54 -29.85 12.41 55.42
N ASP C 55 -30.28 13.31 56.29
CA ASP C 55 -30.05 14.74 56.12
C ASP C 55 -29.13 15.27 57.21
N LEU C 56 -28.27 16.21 56.83
CA LEU C 56 -27.40 16.93 57.76
C LEU C 56 -27.78 18.40 57.75
N ILE C 57 -28.46 18.83 58.77
CA ILE C 57 -28.92 20.22 58.86
C ILE C 57 -27.92 21.06 59.62
N ASN C 58 -27.70 22.29 59.14
CA ASN C 58 -26.93 23.29 59.87
C ASN C 58 -25.45 22.95 59.97
N ILE C 59 -24.85 22.60 58.84
CA ILE C 59 -23.44 22.27 58.81
C ILE C 59 -22.82 23.21 57.80
N ASP C 60 -21.51 23.14 57.64
CA ASP C 60 -20.85 23.87 56.59
C ASP C 60 -20.66 22.97 55.38
N THR C 61 -20.82 23.53 54.20
CA THR C 61 -20.67 22.73 52.99
C THR C 61 -19.30 22.08 52.94
N SER C 62 -18.26 22.79 53.38
CA SER C 62 -16.94 22.19 53.34
C SER C 62 -16.91 20.88 54.11
N ILE C 63 -17.73 20.78 55.15
CA ILE C 63 -17.69 19.56 55.94
C ILE C 63 -18.52 18.47 55.30
N ALA C 64 -19.71 18.80 54.80
CA ALA C 64 -20.51 17.76 54.17
C ALA C 64 -19.80 17.23 52.94
N ASN C 65 -19.23 18.13 52.15
CA ASN C 65 -18.46 17.71 51.00
C ASN C 65 -17.22 16.96 51.43
N ALA C 66 -16.66 17.29 52.59
CA ALA C 66 -15.54 16.51 53.08
C ALA C 66 -15.96 15.07 53.34
N PHE C 67 -17.06 14.87 54.05
CA PHE C 67 -17.54 13.52 54.30
C PHE C 67 -17.85 12.80 53.00
N ARG C 68 -18.53 13.46 52.09
CA ARG C 68 -18.85 12.82 50.81
C ARG C 68 -17.58 12.41 50.10
N ARG C 69 -16.68 13.37 49.90
CA ARG C 69 -15.46 13.13 49.17
C ARG C 69 -14.72 11.96 49.77
N ILE C 70 -14.68 11.89 51.10
CA ILE C 70 -13.94 10.82 51.73
C ILE C 70 -14.67 9.51 51.53
N MET C 71 -15.98 9.51 51.72
CA MET C 71 -16.76 8.32 51.47
C MET C 71 -16.44 7.74 50.11
N ILE C 72 -16.08 8.58 49.16
CA ILE C 72 -15.83 8.06 47.82
C ILE C 72 -14.38 7.61 47.71
N SER C 73 -13.46 8.53 47.97
CA SER C 73 -12.05 8.25 47.69
C SER C 73 -11.31 7.53 48.80
N GLU C 74 -11.53 7.92 50.06
CA GLU C 74 -10.64 7.47 51.12
C GLU C 74 -11.11 6.23 51.89
N VAL C 75 -12.37 5.86 51.81
CA VAL C 75 -12.84 4.71 52.57
C VAL C 75 -12.32 3.41 51.97
N PRO C 76 -11.51 2.65 52.69
CA PRO C 76 -10.92 1.44 52.11
C PRO C 76 -11.97 0.38 51.84
N SER C 77 -11.76 -0.38 50.76
CA SER C 77 -12.50 -1.59 50.49
C SER C 77 -11.57 -2.65 49.94
N VAL C 78 -12.09 -3.88 49.82
CA VAL C 78 -11.31 -5.05 49.45
C VAL C 78 -11.71 -5.49 48.05
N ALA C 79 -10.75 -5.54 47.14
CA ALA C 79 -11.03 -5.88 45.76
C ALA C 79 -9.82 -6.56 45.14
N ALA C 80 -10.07 -7.37 44.11
CA ALA C 80 -8.99 -8.05 43.42
C ALA C 80 -7.97 -7.07 42.87
N GLU C 81 -6.71 -7.38 43.03
CA GLU C 81 -5.62 -6.56 42.50
C GLU C 81 -4.67 -7.30 41.59
N TYR C 82 -4.26 -8.52 41.94
CA TYR C 82 -3.34 -9.29 41.12
C TYR C 82 -3.99 -10.59 40.70
N VAL C 83 -4.35 -10.66 39.42
CA VAL C 83 -4.98 -11.84 38.86
C VAL C 83 -3.92 -12.69 38.20
N TYR C 84 -3.78 -13.93 38.66
CA TYR C 84 -2.79 -14.86 38.12
C TYR C 84 -3.55 -15.86 37.24
N PHE C 85 -3.44 -15.69 35.93
CA PHE C 85 -4.02 -16.67 35.02
C PHE C 85 -3.10 -17.87 34.86
N PHE C 86 -3.68 -19.07 34.86
CA PHE C 86 -2.91 -20.22 34.41
C PHE C 86 -3.25 -20.66 33.00
N ASN C 87 -4.46 -20.38 32.54
CA ASN C 87 -4.83 -20.67 31.17
C ASN C 87 -6.04 -19.84 30.80
N ASN C 88 -6.04 -19.29 29.59
CA ASN C 88 -7.23 -18.59 29.10
C ASN C 88 -7.37 -18.80 27.60
N THR C 89 -8.25 -19.72 27.22
CA THR C 89 -8.56 -19.97 25.84
C THR C 89 -9.80 -19.21 25.40
N SER C 90 -10.34 -18.36 26.28
CA SER C 90 -11.56 -17.64 25.95
C SER C 90 -11.26 -16.54 24.95
N VAL C 91 -12.32 -16.05 24.33
CA VAL C 91 -12.21 -15.00 23.32
C VAL C 91 -12.14 -13.64 23.99
N ILE C 92 -11.95 -13.62 25.30
CA ILE C 92 -11.88 -12.37 26.03
C ILE C 92 -10.44 -12.13 26.42
N GLN C 93 -10.03 -10.88 26.31
CA GLN C 93 -8.62 -10.54 26.49
C GLN C 93 -8.23 -10.64 27.95
N ASP C 94 -7.05 -11.20 28.19
CA ASP C 94 -6.57 -11.43 29.56
C ASP C 94 -6.68 -10.18 30.42
N GLU C 95 -6.10 -9.08 29.95
CA GLU C 95 -6.25 -7.83 30.68
C GLU C 95 -7.70 -7.55 30.98
N VAL C 96 -8.56 -7.69 29.97
CA VAL C 96 -9.96 -7.37 30.15
C VAL C 96 -10.59 -8.23 31.23
N LEU C 97 -10.40 -9.54 31.13
CA LEU C 97 -11.01 -10.42 32.13
C LEU C 97 -10.49 -10.14 33.53
N ALA C 98 -9.20 -9.85 33.64
CA ALA C 98 -8.66 -9.53 34.95
C ALA C 98 -9.28 -8.25 35.48
N HIS C 99 -9.42 -7.28 34.60
CA HIS C 99 -10.03 -6.01 34.96
C HIS C 99 -11.47 -6.19 35.39
N ARG C 100 -12.21 -7.06 34.70
CA ARG C 100 -13.59 -7.27 35.09
C ARG C 100 -13.67 -7.93 36.45
N ILE C 101 -12.76 -8.87 36.72
CA ILE C 101 -12.75 -9.43 38.07
C ILE C 101 -12.36 -8.37 39.07
N GLY C 102 -11.52 -7.42 38.69
CA GLY C 102 -11.26 -6.29 39.54
C GLY C 102 -12.53 -5.54 39.86
N LEU C 103 -13.44 -5.46 38.89
CA LEU C 103 -14.64 -4.66 39.09
C LEU C 103 -15.64 -5.34 40.03
N VAL C 104 -15.59 -6.65 40.15
CA VAL C 104 -16.51 -7.38 41.02
C VAL C 104 -16.45 -6.87 42.46
N PRO C 105 -17.54 -6.35 43.00
CA PRO C 105 -17.57 -6.02 44.42
C PRO C 105 -17.65 -7.27 45.28
N LEU C 106 -16.79 -7.35 46.29
CA LEU C 106 -16.75 -8.48 47.20
C LEU C 106 -17.39 -8.17 48.54
N LYS C 107 -18.17 -9.12 49.06
CA LYS C 107 -18.77 -8.95 50.38
C LYS C 107 -17.76 -9.35 51.46
N VAL C 108 -16.87 -8.42 51.77
CA VAL C 108 -15.83 -8.65 52.76
C VAL C 108 -15.80 -7.47 53.72
N ASP C 109 -15.83 -7.76 55.01
CA ASP C 109 -15.68 -6.64 55.92
C ASP C 109 -14.24 -6.16 55.84
N PRO C 110 -13.97 -4.98 55.29
CA PRO C 110 -12.58 -4.59 55.02
C PRO C 110 -11.73 -4.46 56.26
N ASP C 111 -12.31 -4.50 57.45
CA ASP C 111 -11.49 -4.38 58.65
C ASP C 111 -10.78 -5.66 59.04
N MET C 112 -11.17 -6.80 58.47
CA MET C 112 -10.47 -8.06 58.71
C MET C 112 -9.04 -8.11 58.18
N LEU C 113 -8.56 -7.10 57.46
CA LEU C 113 -7.24 -7.19 56.85
C LEU C 113 -6.49 -5.89 57.00
N THR C 114 -5.17 -6.01 57.12
CA THR C 114 -4.30 -4.86 57.12
C THR C 114 -3.82 -4.56 55.72
N TRP C 115 -3.12 -3.44 55.58
CA TRP C 115 -2.52 -3.08 54.31
C TRP C 115 -1.31 -3.93 53.97
N VAL C 116 -1.06 -4.05 52.68
CA VAL C 116 0.11 -4.72 52.14
C VAL C 116 1.08 -3.64 51.78
N ASP C 117 2.30 -3.70 52.29
CA ASP C 117 3.24 -2.66 51.90
C ASP C 117 3.73 -2.96 50.48
N SER C 118 4.68 -2.18 49.99
CA SER C 118 5.34 -2.48 48.74
C SER C 118 6.86 -2.50 48.84
N ASN C 119 7.42 -1.98 49.92
CA ASN C 119 8.85 -1.90 50.15
C ASN C 119 9.52 -3.25 50.32
N LEU C 120 8.78 -4.34 50.30
CA LEU C 120 9.27 -5.61 50.79
C LEU C 120 8.93 -6.74 49.82
N PRO C 121 9.69 -7.83 49.88
CA PRO C 121 9.54 -8.90 48.89
C PRO C 121 8.23 -9.67 48.98
N ASP C 122 7.82 -10.19 47.82
CA ASP C 122 6.58 -10.93 47.69
C ASP C 122 6.42 -11.98 48.77
N ASP C 123 7.51 -12.56 49.26
CA ASP C 123 7.34 -13.57 50.30
C ASP C 123 6.73 -12.96 51.54
N GLU C 124 7.02 -11.70 51.81
CA GLU C 124 6.38 -11.03 52.93
C GLU C 124 5.21 -10.16 52.49
N LYS C 125 5.13 -9.81 51.21
CA LYS C 125 4.09 -8.88 50.75
C LYS C 125 2.70 -9.42 51.02
N PHE C 126 2.42 -10.61 50.51
CA PHE C 126 1.08 -11.19 50.60
C PHE C 126 1.09 -12.20 51.73
N THR C 127 0.33 -11.92 52.78
CA THR C 127 0.13 -12.92 53.81
C THR C 127 -1.36 -13.08 54.08
N ASP C 128 -1.67 -14.07 54.91
CA ASP C 128 -3.04 -14.30 55.31
C ASP C 128 -3.63 -13.19 56.16
N GLU C 129 -2.83 -12.22 56.60
CA GLU C 129 -3.41 -11.10 57.32
C GLU C 129 -3.80 -9.97 56.40
N ASN C 130 -3.29 -9.98 55.18
CA ASN C 130 -3.44 -8.86 54.28
C ASN C 130 -4.08 -9.21 52.94
N THR C 131 -4.29 -10.49 52.64
CA THR C 131 -4.77 -10.86 51.33
C THR C 131 -5.86 -11.91 51.40
N ILE C 132 -6.77 -11.83 50.45
CA ILE C 132 -7.79 -12.85 50.25
C ILE C 132 -7.59 -13.37 48.86
N VAL C 133 -7.50 -14.69 48.72
CA VAL C 133 -7.23 -15.31 47.43
C VAL C 133 -8.50 -15.95 46.91
N LEU C 134 -8.84 -15.66 45.66
CA LEU C 134 -9.97 -16.26 45.00
C LEU C 134 -9.49 -16.91 43.71
N SER C 135 -9.76 -18.18 43.55
CA SER C 135 -9.40 -18.92 42.36
C SER C 135 -10.63 -19.11 41.50
N LEU C 136 -10.42 -19.12 40.19
CA LEU C 136 -11.49 -19.39 39.23
C LEU C 136 -10.97 -20.41 38.24
N ASN C 137 -11.57 -21.58 38.22
CA ASN C 137 -11.20 -22.65 37.30
C ASN C 137 -12.47 -23.22 36.67
N VAL C 138 -12.72 -22.85 35.42
CA VAL C 138 -13.88 -23.33 34.68
C VAL C 138 -13.42 -23.92 33.36
N LYS C 139 -13.99 -25.06 33.00
CA LYS C 139 -13.74 -25.70 31.72
C LYS C 139 -15.08 -25.93 31.02
N CYS C 140 -15.24 -25.39 29.83
CA CYS C 140 -16.51 -25.47 29.11
C CYS C 140 -16.57 -26.74 28.29
N THR C 141 -17.75 -27.35 28.26
CA THR C 141 -17.99 -28.56 27.48
C THR C 141 -19.26 -28.40 26.67
N ARG C 142 -19.62 -29.47 25.99
CA ARG C 142 -20.82 -29.53 25.18
C ARG C 142 -21.85 -30.40 25.91
N ASN C 143 -23.08 -30.09 25.72
CA ASN C 143 -23.92 -31.06 26.40
C ASN C 143 -24.42 -32.14 25.45
N PRO C 144 -24.69 -33.32 25.99
CA PRO C 144 -25.29 -34.39 25.18
C PRO C 144 -26.60 -33.96 24.53
N ASP C 145 -26.53 -32.85 23.78
CA ASP C 145 -27.47 -32.59 22.70
C ASP C 145 -28.86 -32.20 23.16
N ALA C 146 -29.07 -30.92 23.31
CA ALA C 146 -30.36 -30.36 23.68
C ALA C 146 -31.22 -30.25 22.43
N PRO C 147 -32.49 -30.58 22.50
CA PRO C 147 -33.36 -30.49 21.32
C PRO C 147 -33.31 -29.15 20.59
N LYS C 148 -34.28 -28.96 19.69
CA LYS C 148 -34.21 -27.95 18.64
C LYS C 148 -32.86 -27.89 17.93
N GLY C 149 -31.84 -27.51 18.69
CA GLY C 149 -30.49 -27.38 18.17
C GLY C 149 -29.85 -26.14 18.77
N SER C 150 -30.68 -25.19 19.19
CA SER C 150 -30.19 -23.97 19.79
C SER C 150 -30.92 -23.61 21.06
N THR C 151 -31.36 -24.64 21.80
CA THR C 151 -32.15 -24.41 23.02
C THR C 151 -31.32 -23.83 24.19
N ASP C 152 -31.05 -22.52 24.08
CA ASP C 152 -30.23 -21.70 24.99
C ASP C 152 -28.75 -21.99 25.26
N PRO C 153 -27.85 -21.15 24.74
CA PRO C 153 -26.53 -21.69 25.07
C PRO C 153 -26.42 -22.25 26.47
N LYS C 154 -27.31 -21.88 27.39
CA LYS C 154 -27.22 -22.49 28.70
C LYS C 154 -27.65 -23.94 28.61
N GLU C 155 -28.42 -24.28 27.59
CA GLU C 155 -28.93 -25.62 27.38
C GLU C 155 -27.97 -26.48 26.56
N LEU C 156 -27.42 -25.91 25.50
CA LEU C 156 -26.49 -26.63 24.65
C LEU C 156 -25.14 -26.84 25.31
N TYR C 157 -24.69 -25.93 26.14
CA TYR C 157 -23.35 -26.05 26.70
C TYR C 157 -23.39 -26.13 28.22
N ASN C 158 -22.29 -26.62 28.77
CA ASN C 158 -22.12 -26.74 30.21
C ASN C 158 -21.09 -25.70 30.65
N ASN C 159 -21.41 -24.97 31.70
CA ASN C 159 -20.62 -23.80 32.10
C ASN C 159 -20.43 -22.83 30.94
N ALA C 160 -21.47 -22.64 30.13
CA ALA C 160 -21.34 -21.66 29.06
C ALA C 160 -21.23 -20.24 29.59
N HIS C 161 -21.93 -19.94 30.68
CA HIS C 161 -21.89 -18.62 31.30
C HIS C 161 -21.05 -18.67 32.55
N VAL C 162 -19.98 -17.89 32.56
CA VAL C 162 -19.11 -17.76 33.72
C VAL C 162 -19.57 -16.55 34.52
N TYR C 163 -19.99 -16.82 35.75
CA TYR C 163 -20.54 -15.85 36.68
C TYR C 163 -19.56 -15.62 37.82
N ALA C 164 -19.77 -14.53 38.55
CA ALA C 164 -18.96 -14.30 39.75
C ALA C 164 -19.14 -15.40 40.77
N ARG C 165 -20.25 -16.13 40.72
CA ARG C 165 -20.48 -17.20 41.67
C ARG C 165 -19.42 -18.29 41.59
N ASP C 166 -18.67 -18.33 40.50
CA ASP C 166 -17.57 -19.26 40.32
C ASP C 166 -16.27 -18.83 40.98
N LEU C 167 -16.20 -17.69 41.65
CA LEU C 167 -14.99 -17.36 42.39
C LEU C 167 -14.97 -18.16 43.69
N LYS C 168 -14.27 -19.29 43.64
CA LYS C 168 -14.10 -20.11 44.82
C LYS C 168 -13.19 -19.43 45.83
N PHE C 169 -13.65 -19.30 47.07
CA PHE C 169 -12.82 -18.67 48.08
C PHE C 169 -11.81 -19.68 48.60
N GLU C 170 -10.55 -19.27 48.66
CA GLU C 170 -9.45 -20.15 49.04
C GLU C 170 -8.78 -19.54 50.26
N PRO C 171 -9.17 -19.94 51.46
CA PRO C 171 -8.58 -19.37 52.67
C PRO C 171 -7.22 -19.99 52.95
N GLN C 172 -6.48 -19.33 53.83
CA GLN C 172 -5.22 -19.85 54.36
C GLN C 172 -5.23 -19.71 55.87
N GLY C 173 -5.29 -20.84 56.56
CA GLY C 173 -4.96 -20.84 57.97
C GLY C 173 -5.86 -19.92 58.76
N ARG C 174 -5.26 -18.90 59.37
CA ARG C 174 -6.03 -17.94 60.17
C ARG C 174 -7.36 -17.56 59.55
N GLN C 175 -7.36 -16.77 58.47
CA GLN C 175 -8.65 -16.33 57.94
C GLN C 175 -9.58 -17.50 57.64
N SER C 176 -9.03 -18.69 57.39
CA SER C 176 -9.88 -19.86 57.33
C SER C 176 -10.72 -19.96 58.60
N THR C 177 -10.07 -19.79 59.76
CA THR C 177 -10.81 -19.77 61.00
C THR C 177 -11.67 -18.52 61.10
N THR C 178 -11.11 -17.38 60.76
CA THR C 178 -11.83 -16.11 60.90
C THR C 178 -13.09 -16.08 60.06
N PHE C 179 -13.06 -16.71 58.88
CA PHE C 179 -14.20 -16.67 57.97
C PHE C 179 -15.11 -17.87 58.11
N ALA C 180 -14.87 -18.74 59.09
CA ALA C 180 -15.75 -19.87 59.36
C ALA C 180 -17.21 -19.43 59.29
N ASP C 181 -17.50 -18.24 59.82
CA ASP C 181 -18.86 -17.73 59.90
C ASP C 181 -19.08 -16.50 59.04
N CYS C 182 -18.10 -16.14 58.22
CA CYS C 182 -18.30 -15.17 57.14
C CYS C 182 -17.47 -15.59 55.94
N PRO C 183 -17.91 -16.61 55.21
CA PRO C 183 -17.17 -17.00 54.01
C PRO C 183 -17.17 -15.87 53.01
N VAL C 184 -16.18 -15.89 52.13
CA VAL C 184 -16.04 -14.81 51.15
C VAL C 184 -16.96 -15.07 49.98
N VAL C 185 -17.83 -14.11 49.69
CA VAL C 185 -18.71 -14.19 48.53
C VAL C 185 -18.74 -12.86 47.83
N PRO C 186 -18.85 -12.86 46.51
CA PRO C 186 -19.05 -11.59 45.81
C PRO C 186 -20.37 -10.99 46.25
N ALA C 187 -20.36 -9.68 46.49
CA ALA C 187 -21.61 -9.04 46.90
C ALA C 187 -22.70 -9.13 45.84
N ASP C 188 -22.38 -9.53 44.62
CA ASP C 188 -23.39 -9.88 43.62
C ASP C 188 -22.91 -11.05 42.77
N PRO C 189 -23.22 -12.28 43.18
CA PRO C 189 -22.80 -13.44 42.39
C PRO C 189 -23.36 -13.47 40.98
N ASP C 190 -24.48 -12.81 40.72
CA ASP C 190 -25.12 -12.94 39.42
C ASP C 190 -24.38 -12.19 38.32
N ILE C 191 -23.36 -11.40 38.68
CA ILE C 191 -22.62 -10.65 37.68
C ILE C 191 -22.07 -11.63 36.65
N LEU C 192 -22.44 -11.43 35.39
CA LEU C 192 -21.83 -12.21 34.33
C LEU C 192 -20.40 -11.78 34.09
N LEU C 193 -19.47 -12.73 34.19
CA LEU C 193 -18.06 -12.43 34.04
C LEU C 193 -17.54 -12.72 32.65
N ALA C 194 -17.96 -13.82 32.05
CA ALA C 194 -17.45 -14.26 30.76
C ALA C 194 -18.43 -15.24 30.18
N LYS C 195 -18.40 -15.39 28.86
CA LYS C 195 -19.18 -16.42 28.20
C LYS C 195 -18.21 -17.30 27.42
N LEU C 196 -18.33 -18.61 27.58
CA LEU C 196 -17.38 -19.52 26.97
C LEU C 196 -18.00 -20.36 25.87
N ARG C 197 -17.19 -21.25 25.32
CA ARG C 197 -17.62 -22.24 24.35
C ARG C 197 -16.82 -23.52 24.57
N PRO C 198 -17.36 -24.66 24.19
CA PRO C 198 -16.72 -25.93 24.47
C PRO C 198 -15.24 -25.93 24.16
N GLY C 199 -14.43 -26.45 25.07
CA GLY C 199 -13.00 -26.50 24.89
C GLY C 199 -12.28 -25.25 25.33
N GLN C 200 -13.00 -24.15 25.46
CA GLN C 200 -12.46 -22.96 26.09
C GLN C 200 -12.31 -23.19 27.59
N GLU C 201 -11.31 -22.56 28.19
CA GLU C 201 -11.11 -22.80 29.60
C GLU C 201 -10.47 -21.59 30.27
N ILE C 202 -10.83 -21.39 31.55
CA ILE C 202 -10.30 -20.32 32.36
C ILE C 202 -9.83 -20.91 33.68
N SER C 203 -8.54 -20.74 33.98
CA SER C 203 -7.98 -21.10 35.27
C SER C 203 -7.14 -19.93 35.75
N LEU C 204 -7.57 -19.30 36.85
CA LEU C 204 -6.88 -18.14 37.38
C LEU C 204 -7.07 -18.09 38.88
N LYS C 205 -6.16 -17.37 39.53
CA LYS C 205 -6.16 -17.26 40.99
C LYS C 205 -6.04 -15.77 41.32
N ALA C 206 -7.12 -15.19 41.83
CA ALA C 206 -7.18 -13.77 42.11
C ALA C 206 -6.79 -13.48 43.55
N HIS C 207 -5.99 -12.43 43.74
CA HIS C 207 -5.63 -11.93 45.06
C HIS C 207 -6.46 -10.70 45.37
N CYS C 208 -7.43 -10.87 46.25
CA CYS C 208 -8.29 -9.76 46.65
C CYS C 208 -7.61 -9.06 47.80
N ILE C 209 -7.36 -7.77 47.67
CA ILE C 209 -6.65 -7.03 48.70
C ILE C 209 -7.48 -5.86 49.19
N LEU C 210 -6.95 -5.20 50.21
CA LEU C 210 -7.49 -3.97 50.76
C LEU C 210 -6.89 -2.77 50.03
N GLY C 211 -7.74 -1.86 49.55
CA GLY C 211 -7.28 -0.68 48.84
C GLY C 211 -8.27 0.44 49.06
N ILE C 212 -7.87 1.65 48.67
CA ILE C 212 -8.71 2.83 48.84
C ILE C 212 -9.28 3.25 47.50
N GLY C 213 -10.55 3.62 47.51
CA GLY C 213 -11.24 4.20 46.38
C GLY C 213 -10.70 5.43 45.70
N GLY C 214 -9.90 6.23 46.39
CA GLY C 214 -9.33 7.38 45.69
C GLY C 214 -8.18 7.03 44.78
N ASP C 215 -7.38 6.06 45.19
CA ASP C 215 -6.24 5.66 44.37
C ASP C 215 -6.70 4.86 43.17
N HIS C 216 -7.81 4.14 43.29
CA HIS C 216 -8.43 3.58 42.10
C HIS C 216 -9.90 3.33 42.38
N ALA C 217 -10.71 3.55 41.35
CA ALA C 217 -12.16 3.53 41.54
C ALA C 217 -12.67 2.15 41.89
N LYS C 218 -11.89 1.10 41.67
CA LYS C 218 -12.35 -0.22 42.02
C LYS C 218 -12.47 -0.42 43.52
N PHE C 219 -11.80 0.40 44.32
CA PHE C 219 -11.90 0.26 45.76
C PHE C 219 -12.99 1.12 46.40
N SER C 220 -13.75 1.86 45.62
CA SER C 220 -14.80 2.67 46.23
C SER C 220 -15.94 1.80 46.72
N PRO C 221 -16.25 1.80 48.02
CA PRO C 221 -17.32 0.95 48.53
C PRO C 221 -18.72 1.45 48.25
N VAL C 222 -18.88 2.68 47.85
CA VAL C 222 -20.20 3.24 47.59
C VAL C 222 -20.46 3.29 46.10
N SER C 223 -21.73 3.08 45.74
CA SER C 223 -22.13 3.25 44.34
C SER C 223 -22.27 4.71 44.01
N THR C 224 -22.94 5.46 44.87
CA THR C 224 -23.13 6.89 44.66
C THR C 224 -23.26 7.54 46.02
N ALA C 225 -22.32 8.41 46.36
CA ALA C 225 -22.45 9.26 47.54
C ALA C 225 -22.54 10.71 47.11
N SER C 226 -23.73 11.28 47.19
CA SER C 226 -23.96 12.62 46.72
C SER C 226 -24.92 13.31 47.67
N TYR C 227 -24.84 14.62 47.71
CA TYR C 227 -25.75 15.42 48.49
C TYR C 227 -26.40 16.48 47.61
N ARG C 228 -27.58 16.89 48.01
CA ARG C 228 -28.31 17.95 47.34
C ARG C 228 -28.93 18.86 48.38
N LEU C 229 -28.78 20.16 48.22
CA LEU C 229 -29.36 21.06 49.20
C LEU C 229 -30.87 21.04 49.07
N LEU C 230 -31.55 21.12 50.20
CA LEU C 230 -33.00 21.10 50.17
C LEU C 230 -33.55 22.28 49.37
N PRO C 231 -34.30 22.02 48.32
CA PRO C 231 -34.85 23.12 47.53
C PRO C 231 -35.83 23.92 48.37
N GLN C 232 -35.78 25.23 48.22
CA GLN C 232 -36.67 26.13 48.95
C GLN C 232 -37.52 26.89 47.96
N ILE C 233 -38.82 26.88 48.16
CA ILE C 233 -39.75 27.55 47.26
C ILE C 233 -40.39 28.68 48.05
N ASN C 234 -39.86 29.88 47.88
CA ASN C 234 -40.35 31.04 48.60
C ASN C 234 -41.44 31.67 47.74
N ILE C 235 -42.69 31.55 48.15
CA ILE C 235 -43.79 32.09 47.38
C ILE C 235 -43.96 33.57 47.69
N LEU C 236 -43.77 34.40 46.68
CA LEU C 236 -43.70 35.84 46.90
C LEU C 236 -45.07 36.45 47.12
N GLN C 237 -46.08 36.01 46.38
CA GLN C 237 -47.45 36.43 46.59
C GLN C 237 -48.37 35.22 46.52
N PRO C 238 -49.45 35.23 47.28
CA PRO C 238 -50.33 34.06 47.30
C PRO C 238 -51.06 33.91 45.98
N ILE C 239 -51.35 32.66 45.63
CA ILE C 239 -52.08 32.31 44.43
C ILE C 239 -53.25 31.44 44.84
N LYS C 240 -54.28 31.42 44.01
CA LYS C 240 -55.51 30.75 44.39
C LYS C 240 -56.20 30.20 43.16
N GLY C 241 -57.28 29.46 43.41
CA GLY C 241 -58.08 28.87 42.36
C GLY C 241 -57.29 28.03 41.38
N GLU C 242 -57.61 28.20 40.10
CA GLU C 242 -57.03 27.38 39.05
C GLU C 242 -55.66 27.85 38.59
N SER C 243 -55.32 29.11 38.79
CA SER C 243 -53.93 29.48 38.58
C SER C 243 -53.03 28.96 39.70
N ALA C 244 -53.53 28.89 40.93
CA ALA C 244 -52.75 28.30 42.00
C ALA C 244 -52.62 26.79 41.83
N ARG C 245 -53.71 26.14 41.44
CA ARG C 245 -53.73 24.69 41.25
C ARG C 245 -52.97 24.32 39.99
N ARG C 246 -53.01 25.23 39.02
CA ARG C 246 -52.28 25.10 37.78
C ARG C 246 -50.80 25.28 38.06
N PHE C 247 -50.49 26.13 39.03
CA PHE C 247 -49.15 26.22 39.59
C PHE C 247 -48.79 24.94 40.31
N GLN C 248 -49.75 24.30 40.97
CA GLN C 248 -49.44 23.09 41.71
C GLN C 248 -49.00 21.99 40.76
N LYS C 249 -49.56 21.95 39.56
CA LYS C 249 -49.18 20.87 38.67
C LYS C 249 -47.81 21.08 38.04
N CYS C 250 -47.26 22.29 38.13
CA CYS C 250 -45.92 22.56 37.60
C CYS C 250 -44.82 21.84 38.36
N PHE C 251 -45.07 21.36 39.56
CA PHE C 251 -44.06 20.66 40.33
C PHE C 251 -44.40 19.19 40.51
N PRO C 252 -43.42 18.37 40.88
CA PRO C 252 -43.66 16.96 41.09
C PRO C 252 -44.94 16.74 41.88
N PRO C 253 -45.66 15.68 41.56
CA PRO C 253 -47.02 15.52 42.04
C PRO C 253 -47.08 15.26 43.54
N GLY C 254 -47.23 16.31 44.33
CA GLY C 254 -47.24 16.12 45.77
C GLY C 254 -46.27 17.02 46.49
N VAL C 255 -45.45 17.75 45.75
CA VAL C 255 -44.53 18.68 46.40
C VAL C 255 -45.31 19.85 46.99
N ILE C 256 -46.07 20.55 46.15
CA ILE C 256 -46.89 21.66 46.58
C ILE C 256 -48.30 21.15 46.82
N GLY C 257 -48.80 21.36 48.03
CA GLY C 257 -50.16 21.02 48.38
C GLY C 257 -51.00 22.29 48.53
N ILE C 258 -52.25 22.20 48.10
CA ILE C 258 -53.23 23.24 48.37
C ILE C 258 -54.35 22.63 49.19
N ASP C 259 -54.73 23.31 50.26
CA ASP C 259 -55.79 22.80 51.12
C ASP C 259 -57.17 23.23 50.65
N GLU C 260 -57.27 24.44 50.12
CA GLU C 260 -58.53 24.96 49.67
C GLU C 260 -58.36 25.70 48.34
N GLY C 261 -57.26 26.46 48.25
CA GLY C 261 -56.90 27.15 47.04
C GLY C 261 -57.72 28.38 46.78
N SER C 262 -58.86 28.52 47.45
CA SER C 262 -59.65 29.74 47.40
C SER C 262 -58.99 30.85 48.18
N ASP C 263 -57.97 30.49 48.97
CA ASP C 263 -57.29 31.38 49.89
C ASP C 263 -55.79 31.26 49.76
N GLU C 264 -55.30 30.06 49.45
CA GLU C 264 -53.86 29.90 49.33
C GLU C 264 -53.54 28.65 48.53
N ALA C 265 -52.34 28.65 47.95
CA ALA C 265 -51.70 27.46 47.42
C ALA C 265 -50.39 27.31 48.20
N TYR C 266 -50.33 26.30 49.06
CA TYR C 266 -49.24 26.14 50.01
C TYR C 266 -48.27 25.06 49.55
N VAL C 267 -47.17 24.95 50.27
CA VAL C 267 -46.11 24.01 49.96
C VAL C 267 -46.21 22.86 50.95
N LYS C 268 -46.71 21.71 50.50
CA LYS C 268 -46.78 20.57 51.39
C LYS C 268 -45.40 20.13 51.85
N ASP C 269 -44.49 19.88 50.92
CA ASP C 269 -43.13 19.49 51.27
C ASP C 269 -42.18 19.88 50.15
N ALA C 270 -41.26 20.79 50.46
CA ALA C 270 -40.24 21.17 49.50
C ALA C 270 -39.23 20.08 49.23
N ARG C 271 -39.16 19.07 50.09
CA ARG C 271 -38.13 18.05 49.92
C ARG C 271 -38.39 17.13 48.73
N LYS C 272 -39.64 16.98 48.31
CA LYS C 272 -39.93 16.12 47.17
C LYS C 272 -39.48 16.70 45.85
N ASP C 273 -39.11 17.97 45.80
CA ASP C 273 -38.86 18.59 44.50
C ASP C 273 -37.49 18.26 43.95
N THR C 274 -37.37 18.42 42.63
CA THR C 274 -36.20 18.04 41.86
C THR C 274 -35.55 19.27 41.26
N VAL C 275 -36.11 20.45 41.50
CA VAL C 275 -35.58 21.71 41.01
C VAL C 275 -35.54 21.70 39.49
N SER C 276 -36.56 21.13 38.86
CA SER C 276 -36.60 21.18 37.42
C SER C 276 -36.80 22.61 36.93
N ARG C 277 -37.17 23.51 37.82
CA ARG C 277 -37.43 24.91 37.50
C ARG C 277 -38.42 25.03 36.35
N GLU C 278 -39.28 24.03 36.21
CA GLU C 278 -40.32 24.10 35.19
C GLU C 278 -41.28 25.24 35.41
N VAL C 279 -41.47 25.67 36.66
CA VAL C 279 -42.42 26.74 36.91
C VAL C 279 -42.02 28.01 36.18
N LEU C 280 -40.73 28.17 35.89
CA LEU C 280 -40.32 29.42 35.27
C LEU C 280 -40.77 29.53 33.84
N ARG C 281 -41.18 28.42 33.23
CA ARG C 281 -41.67 28.51 31.86
C ARG C 281 -42.92 29.38 31.72
N TYR C 282 -43.60 29.72 32.81
CA TYR C 282 -44.86 30.44 32.72
C TYR C 282 -44.81 31.71 33.54
N GLU C 283 -45.10 32.83 32.88
CA GLU C 283 -45.15 34.12 33.56
C GLU C 283 -46.23 34.17 34.62
N GLU C 284 -47.19 33.26 34.54
CA GLU C 284 -48.22 33.19 35.57
C GLU C 284 -47.61 33.10 36.95
N PHE C 285 -46.38 32.68 37.03
CA PHE C 285 -45.77 32.39 38.32
C PHE C 285 -44.41 33.03 38.51
N ALA C 286 -43.55 33.00 37.49
CA ALA C 286 -42.15 33.36 37.66
C ALA C 286 -41.95 34.76 38.22
N ASP C 287 -43.01 35.55 38.36
CA ASP C 287 -42.91 36.85 39.00
C ASP C 287 -43.57 36.86 40.36
N LYS C 288 -44.22 35.77 40.74
CA LYS C 288 -44.83 35.61 42.06
C LYS C 288 -44.26 34.43 42.83
N VAL C 289 -43.05 33.98 42.51
CA VAL C 289 -42.33 33.01 43.32
C VAL C 289 -40.83 33.20 43.16
N LYS C 290 -40.09 32.86 44.21
CA LYS C 290 -38.64 32.79 44.17
C LYS C 290 -38.19 31.39 44.52
N LEU C 291 -37.19 30.89 43.78
CA LEU C 291 -36.66 29.55 44.01
C LEU C 291 -35.20 29.63 44.43
N GLY C 292 -34.95 29.32 45.70
CA GLY C 292 -33.62 29.26 46.25
C GLY C 292 -33.39 27.93 46.94
N ARG C 293 -32.47 27.96 47.90
CA ARG C 293 -32.11 26.78 48.67
C ARG C 293 -31.76 27.19 50.08
N VAL C 294 -31.72 26.19 50.95
CA VAL C 294 -31.41 26.38 52.36
C VAL C 294 -29.98 25.89 52.57
N ARG C 295 -29.03 26.80 52.66
CA ARG C 295 -27.63 26.39 52.74
C ARG C 295 -27.38 25.38 53.84
N ASN C 296 -28.19 25.39 54.90
CA ASN C 296 -27.92 24.51 56.02
C ASN C 296 -28.37 23.08 55.79
N HIS C 297 -29.44 22.88 55.04
CA HIS C 297 -30.09 21.58 55.00
C HIS C 297 -29.52 20.78 53.83
N PHE C 298 -29.00 19.58 54.12
CA PHE C 298 -28.34 18.75 53.12
C PHE C 298 -29.02 17.40 53.02
N ILE C 299 -29.24 16.95 51.80
CA ILE C 299 -29.83 15.64 51.59
C ILE C 299 -28.72 14.73 51.09
N PHE C 300 -28.17 13.93 52.00
CA PHE C 300 -27.18 12.92 51.62
C PHE C 300 -27.89 11.71 51.06
N ASN C 301 -27.29 11.10 50.05
CA ASN C 301 -27.72 9.79 49.60
C ASN C 301 -26.49 8.92 49.42
N VAL C 302 -26.37 7.90 50.26
CA VAL C 302 -25.25 6.98 50.24
C VAL C 302 -25.84 5.61 49.96
N GLU C 303 -25.54 5.06 48.81
CA GLU C 303 -25.91 3.69 48.48
C GLU C 303 -24.67 2.82 48.44
N SER C 304 -24.74 1.70 49.14
CA SER C 304 -23.62 0.78 49.28
C SER C 304 -23.64 -0.26 48.19
N ALA C 305 -22.45 -0.72 47.81
CA ALA C 305 -22.37 -1.81 46.84
C ALA C 305 -22.52 -3.16 47.50
N GLY C 306 -22.79 -3.19 48.81
CA GLY C 306 -23.01 -4.40 49.56
C GLY C 306 -21.84 -4.76 50.45
N ALA C 307 -20.64 -4.32 50.09
CA ALA C 307 -19.47 -4.57 50.93
C ALA C 307 -19.71 -4.18 52.37
N MET C 308 -20.40 -3.06 52.60
CA MET C 308 -20.67 -2.61 53.95
C MET C 308 -22.02 -1.90 53.95
N THR C 309 -22.60 -1.80 55.13
CA THR C 309 -23.85 -1.10 55.22
C THR C 309 -23.58 0.40 55.05
N PRO C 310 -24.44 1.12 54.35
CA PRO C 310 -24.07 2.48 53.95
C PRO C 310 -23.83 3.38 55.13
N GLU C 311 -24.59 3.21 56.21
CA GLU C 311 -24.37 4.01 57.39
C GLU C 311 -23.03 3.66 58.02
N GLU C 312 -22.72 2.37 58.13
CA GLU C 312 -21.39 1.97 58.58
C GLU C 312 -20.30 2.62 57.75
N ILE C 313 -20.52 2.75 56.44
CA ILE C 313 -19.56 3.44 55.61
C ILE C 313 -19.45 4.89 56.02
N PHE C 314 -20.57 5.51 56.34
CA PHE C 314 -20.51 6.89 56.75
C PHE C 314 -19.74 7.03 58.05
N PHE C 315 -19.98 6.12 59.00
CA PHE C 315 -19.24 6.10 60.25
C PHE C 315 -17.75 6.03 59.98
N LYS C 316 -17.34 5.14 59.08
CA LYS C 316 -15.93 5.09 58.72
C LYS C 316 -15.48 6.39 58.08
N SER C 317 -16.35 7.08 57.37
CA SER C 317 -15.92 8.32 56.74
C SER C 317 -15.64 9.40 57.76
N VAL C 318 -16.52 9.55 58.76
CA VAL C 318 -16.30 10.59 59.74
C VAL C 318 -15.15 10.25 60.66
N ARG C 319 -15.05 8.99 61.09
CA ARG C 319 -13.88 8.58 61.85
C ARG C 319 -12.61 8.70 61.03
N ILE C 320 -12.72 8.65 59.70
CA ILE C 320 -11.54 8.86 58.88
C ILE C 320 -11.12 10.32 58.89
N LEU C 321 -12.09 11.23 58.75
CA LEU C 321 -11.74 12.64 58.82
C LEU C 321 -11.15 13.00 60.18
N LYS C 322 -11.75 12.48 61.25
CA LYS C 322 -11.21 12.76 62.57
C LYS C 322 -9.81 12.19 62.69
N ASN C 323 -9.64 10.96 62.24
CA ASN C 323 -8.31 10.34 62.25
C ASN C 323 -7.31 11.19 61.50
N LYS C 324 -7.72 11.83 60.41
CA LYS C 324 -6.79 12.71 59.70
C LYS C 324 -6.42 13.92 60.54
N ALA C 325 -7.39 14.50 61.25
CA ALA C 325 -7.03 15.65 62.07
C ALA C 325 -6.14 15.23 63.22
N GLU C 326 -6.33 14.02 63.74
CA GLU C 326 -5.44 13.55 64.79
C GLU C 326 -4.05 13.33 64.25
N TYR C 327 -3.95 12.80 63.04
CA TYR C 327 -2.63 12.63 62.44
C TYR C 327 -1.91 13.95 62.32
N LEU C 328 -2.63 15.02 62.03
CA LEU C 328 -1.92 16.29 61.91
C LEU C 328 -1.63 16.90 63.27
N LYS C 329 -2.47 16.63 64.27
CA LYS C 329 -2.13 17.04 65.62
C LYS C 329 -0.84 16.38 66.10
N ASN C 330 -0.76 15.06 65.97
CA ASN C 330 0.41 14.34 66.46
C ASN C 330 1.70 14.75 65.75
N CYS C 331 1.63 15.04 64.46
CA CYS C 331 2.87 15.28 63.73
C CYS C 331 3.59 16.52 64.27
N PRO C 332 4.92 16.49 64.33
CA PRO C 332 5.68 17.72 64.58
C PRO C 332 5.88 18.50 63.29
N ILE C 333 5.52 19.78 63.31
CA ILE C 333 5.82 20.66 62.19
C ILE C 333 7.29 20.55 61.86
N THR C 334 7.61 20.02 60.69
CA THR C 334 9.01 19.97 60.29
C THR C 334 9.35 21.19 59.44
N GLN C 335 10.64 21.35 59.18
CA GLN C 335 11.13 22.55 58.53
C GLN C 335 12.20 22.25 57.49
N THR D 12 49.83 15.36 26.88
CA THR D 12 49.77 16.62 26.13
C THR D 12 49.61 16.37 24.64
N ALA D 13 48.35 16.25 24.21
CA ALA D 13 48.02 15.86 22.85
C ALA D 13 47.06 16.82 22.17
N THR D 14 46.51 17.80 22.90
CA THR D 14 45.50 18.68 22.34
C THR D 14 45.71 20.11 22.81
N THR D 15 45.00 21.01 22.14
CA THR D 15 45.10 22.44 22.40
C THR D 15 45.27 22.77 23.87
N LEU D 16 44.49 22.13 24.73
CA LEU D 16 44.53 22.42 26.16
C LEU D 16 45.87 22.09 26.78
N ASN D 17 46.77 21.50 26.00
CA ASN D 17 48.08 21.08 26.49
C ASN D 17 49.22 21.43 25.56
N THR D 18 49.00 21.47 24.25
CA THR D 18 50.04 21.61 23.26
C THR D 18 49.79 22.88 22.44
N PRO D 19 50.82 23.66 22.16
CA PRO D 19 50.61 24.90 21.42
C PRO D 19 50.17 24.62 20.00
N VAL D 20 49.19 25.41 19.57
CA VAL D 20 48.71 25.36 18.19
C VAL D 20 49.84 25.65 17.21
N VAL D 21 50.65 26.67 17.50
CA VAL D 21 51.63 27.12 16.53
C VAL D 21 52.83 27.72 17.24
N ILE D 22 54.00 27.53 16.64
CA ILE D 22 55.26 28.03 17.16
C ILE D 22 56.09 28.58 16.01
N HIS D 23 56.53 29.82 16.14
CA HIS D 23 57.43 30.39 15.14
C HIS D 23 58.54 31.16 15.83
N ALA D 24 59.74 31.04 15.30
CA ALA D 24 60.85 31.82 15.81
C ALA D 24 60.82 33.16 15.10
N THR D 25 61.27 34.21 15.77
CA THR D 25 61.35 35.48 15.08
C THR D 25 62.76 35.91 14.75
N GLN D 26 63.78 35.20 15.20
CA GLN D 26 65.14 35.46 14.77
C GLN D 26 65.93 34.15 14.84
N LEU D 27 67.11 34.19 14.26
CA LEU D 27 67.97 33.03 14.28
C LEU D 27 68.57 32.85 15.67
N PRO D 28 68.61 31.62 16.18
CA PRO D 28 68.96 31.41 17.59
C PRO D 28 70.30 32.03 17.92
N GLN D 29 70.55 32.19 19.21
CA GLN D 29 71.76 32.84 19.71
C GLN D 29 72.52 31.89 20.62
N HIS D 30 73.83 31.80 20.38
CA HIS D 30 74.67 30.71 20.85
C HIS D 30 75.12 30.98 22.28
N VAL D 31 74.27 30.58 23.22
CA VAL D 31 74.51 30.90 24.62
C VAL D 31 75.85 30.35 25.07
N SER D 32 76.67 31.21 25.66
CA SER D 32 77.97 30.79 26.16
C SER D 32 77.81 29.74 27.26
N THR D 33 78.88 28.99 27.46
CA THR D 33 78.96 28.11 28.63
C THR D 33 78.58 28.86 29.89
N ASP D 34 79.09 30.08 30.05
CA ASP D 34 78.76 30.86 31.24
C ASP D 34 77.32 31.31 31.23
N GLU D 35 76.81 31.68 30.06
CA GLU D 35 75.41 32.05 29.96
C GLU D 35 74.53 30.83 30.12
N VAL D 36 74.98 29.70 29.58
CA VAL D 36 74.23 28.47 29.71
C VAL D 36 74.12 28.07 31.17
N LEU D 37 75.25 28.06 31.87
CA LEU D 37 75.28 27.71 33.29
C LEU D 37 74.47 28.69 34.13
N GLN D 38 74.55 29.98 33.82
CA GLN D 38 73.76 30.94 34.59
C GLN D 38 72.28 30.72 34.36
N PHE D 39 71.90 30.36 33.13
CA PHE D 39 70.50 30.06 32.87
C PHE D 39 70.10 28.82 33.62
N LEU D 40 70.94 27.79 33.58
CA LEU D 40 70.63 26.55 34.26
C LEU D 40 70.37 26.81 35.74
N GLU D 41 71.28 27.52 36.40
CA GLU D 41 71.10 27.77 37.83
C GLU D 41 69.86 28.60 38.10
N SER D 42 69.60 29.62 37.27
CA SER D 42 68.46 30.47 37.53
C SER D 42 67.15 29.73 37.27
N PHE D 43 67.09 28.97 36.18
CA PHE D 43 65.91 28.23 35.80
C PHE D 43 65.62 27.12 36.80
N ILE D 44 66.62 26.28 37.08
CA ILE D 44 66.41 25.20 38.03
C ILE D 44 66.07 25.76 39.40
N ASP D 45 66.74 26.83 39.81
CA ASP D 45 66.46 27.41 41.12
C ASP D 45 65.03 27.94 41.17
N GLU D 46 64.59 28.59 40.09
CA GLU D 46 63.23 29.12 40.06
C GLU D 46 62.20 28.00 40.00
N LYS D 47 62.56 26.87 39.40
CA LYS D 47 61.63 25.77 39.27
C LYS D 47 61.53 24.95 40.54
N GLU D 48 62.62 24.83 41.30
CA GLU D 48 62.60 24.00 42.50
C GLU D 48 61.63 24.55 43.53
N ASN D 49 61.41 25.86 43.54
CA ASN D 49 60.50 26.45 44.50
C ASN D 49 59.06 26.11 44.15
N THR D 80 53.76 15.76 39.89
CA THR D 80 54.51 16.69 39.06
C THR D 80 55.81 16.09 38.57
N ASN D 81 55.73 15.35 37.46
CA ASN D 81 56.89 14.62 36.96
C ASN D 81 57.92 15.52 36.31
N LEU D 82 57.62 16.80 36.10
CA LEU D 82 58.62 17.66 35.49
C LEU D 82 59.78 17.88 36.43
N SER D 83 59.54 17.82 37.74
CA SER D 83 60.62 17.95 38.69
C SER D 83 61.70 16.92 38.39
N SER D 84 61.28 15.71 38.00
CA SER D 84 62.28 14.67 37.76
C SER D 84 63.14 15.02 36.57
N SER D 85 62.56 15.69 35.58
CA SER D 85 63.35 16.08 34.43
C SER D 85 64.30 17.18 34.85
N ILE D 86 63.89 18.00 35.81
CA ILE D 86 64.76 19.02 36.33
C ILE D 86 65.93 18.36 37.04
N SER D 87 65.69 17.25 37.73
CA SER D 87 66.80 16.51 38.29
C SER D 87 67.81 16.13 37.22
N GLN D 88 67.34 15.78 36.03
CA GLN D 88 68.29 15.48 34.97
C GLN D 88 68.98 16.75 34.54
N LEU D 89 68.24 17.86 34.55
CA LEU D 89 68.85 19.13 34.25
C LEU D 89 69.92 19.44 35.27
N LYS D 90 69.68 19.08 36.53
CA LYS D 90 70.70 19.29 37.54
C LYS D 90 71.94 18.47 37.25
N ARG D 91 71.76 17.25 36.73
CA ARG D 91 72.93 16.48 36.36
C ARG D 91 73.64 17.15 35.19
N ILE D 92 72.85 17.72 34.28
CA ILE D 92 73.46 18.51 33.21
C ILE D 92 74.23 19.65 33.84
N GLN D 93 73.60 20.32 34.82
CA GLN D 93 74.31 21.33 35.58
C GLN D 93 75.63 20.81 36.10
N ARG D 94 75.60 19.61 36.71
CA ARG D 94 76.85 19.04 37.18
C ARG D 94 77.78 18.74 36.02
N ASP D 95 77.23 18.30 34.89
CA ASP D 95 78.09 18.02 33.75
C ASP D 95 78.61 19.31 33.14
N PHE D 96 77.78 20.35 33.14
CA PHE D 96 78.27 21.67 32.77
C PHE D 96 78.90 22.37 33.94
N LYS D 97 78.99 21.70 35.09
CA LYS D 97 79.70 22.23 36.24
C LYS D 97 81.07 21.58 36.42
N GLY D 98 81.34 20.47 35.73
CA GLY D 98 82.62 19.83 35.88
C GLY D 98 82.59 18.33 36.10
N LEU D 99 81.82 17.87 37.08
CA LEU D 99 81.93 16.48 37.53
C LEU D 99 80.58 15.81 37.73
N PRO D 100 80.39 14.60 37.18
CA PRO D 100 79.22 13.76 37.39
C PRO D 100 78.96 13.48 38.86
N MET E 1 -1.27 75.95 -36.61
CA MET E 1 -2.19 75.88 -35.48
C MET E 1 -1.88 76.82 -34.34
N ASP E 2 -2.78 77.78 -34.12
CA ASP E 2 -2.56 78.75 -33.06
C ASP E 2 -2.37 78.03 -31.73
N GLN E 3 -2.97 76.85 -31.62
CA GLN E 3 -2.83 76.01 -30.44
C GLN E 3 -1.55 75.20 -30.51
N GLU E 4 -1.19 74.71 -31.69
CA GLU E 4 0.10 74.04 -31.82
C GLU E 4 1.26 75.03 -31.79
N ASN E 5 1.11 76.21 -32.41
CA ASN E 5 2.15 77.22 -32.29
C ASN E 5 2.21 77.81 -30.88
N GLU E 6 1.07 78.31 -30.41
CA GLU E 6 0.97 78.80 -29.03
C GLU E 6 1.35 77.70 -28.05
N ARG E 7 1.03 76.47 -28.42
CA ARG E 7 1.29 75.32 -27.58
C ARG E 7 2.77 75.03 -27.52
N ASN E 8 3.45 75.10 -28.65
CA ASN E 8 4.89 74.92 -28.67
C ASN E 8 5.59 76.06 -27.96
N ILE E 9 4.98 77.25 -27.95
CA ILE E 9 5.55 78.36 -27.20
C ILE E 9 5.40 78.15 -25.70
N SER E 10 4.24 77.68 -25.26
CA SER E 10 4.05 77.42 -23.84
C SER E 10 4.85 76.21 -23.40
N ARG E 11 4.90 75.19 -24.24
CA ARG E 11 5.63 73.97 -23.98
C ARG E 11 7.13 74.22 -23.94
N LEU E 12 7.61 75.08 -24.83
CA LEU E 12 9.02 75.41 -24.85
C LEU E 12 9.35 76.31 -23.67
N TRP E 13 8.41 77.19 -23.32
CA TRP E 13 8.60 78.07 -22.19
C TRP E 13 8.64 77.31 -20.88
N ARG E 14 7.79 76.30 -20.75
CA ARG E 14 7.88 75.37 -19.63
C ARG E 14 9.19 74.59 -19.66
N ALA E 15 9.73 74.35 -20.86
CA ALA E 15 11.05 73.74 -20.92
C ALA E 15 12.11 74.70 -20.42
N PHE E 16 11.97 75.99 -20.72
CA PHE E 16 12.88 76.99 -20.18
C PHE E 16 12.70 77.16 -18.68
N ARG E 17 11.52 76.91 -18.17
CA ARG E 17 11.34 76.81 -16.74
C ARG E 17 12.16 75.66 -16.19
N THR E 18 11.98 74.48 -16.77
CA THR E 18 12.73 73.32 -16.29
C THR E 18 14.23 73.61 -16.30
N VAL E 19 14.72 74.23 -17.37
CA VAL E 19 16.16 74.48 -17.47
C VAL E 19 16.62 75.48 -16.42
N LYS E 20 15.88 76.57 -16.25
CA LYS E 20 16.30 77.52 -15.22
C LYS E 20 16.25 76.88 -13.85
N GLU E 21 15.26 76.04 -13.61
CA GLU E 21 15.17 75.38 -12.32
C GLU E 21 16.37 74.48 -12.09
N MET E 22 16.78 73.74 -13.11
CA MET E 22 17.93 72.87 -12.97
C MET E 22 19.20 73.67 -12.70
N VAL E 23 19.46 74.68 -13.53
CA VAL E 23 20.66 75.49 -13.36
C VAL E 23 20.69 76.15 -11.99
N LYS E 24 19.54 76.62 -11.52
CA LYS E 24 19.52 77.26 -10.21
C LYS E 24 19.77 76.26 -9.10
N ASP E 25 19.11 75.10 -9.15
CA ASP E 25 19.35 74.09 -8.13
C ASP E 25 20.80 73.62 -8.12
N ARG E 26 21.45 73.57 -9.29
CA ARG E 26 22.86 73.22 -9.30
C ARG E 26 23.73 74.30 -8.67
N GLY E 27 23.35 75.57 -8.76
CA GLY E 27 24.19 76.56 -8.13
C GLY E 27 24.62 77.76 -8.96
N TYR E 28 24.01 77.94 -10.14
CA TYR E 28 24.35 79.08 -10.96
C TYR E 28 23.34 80.19 -10.72
N PHE E 29 23.81 81.43 -10.81
CA PHE E 29 23.00 82.58 -10.40
C PHE E 29 21.93 82.87 -11.44
N ILE E 30 20.69 82.52 -11.11
CA ILE E 30 19.51 82.88 -11.88
C ILE E 30 18.45 83.36 -10.90
N THR E 31 17.79 84.48 -11.20
CA THR E 31 16.83 84.99 -10.25
C THR E 31 15.52 84.23 -10.38
N GLN E 32 14.74 84.20 -9.29
CA GLN E 32 13.39 83.66 -9.41
C GLN E 32 12.58 84.47 -10.40
N GLU E 33 12.90 85.76 -10.53
CA GLU E 33 12.22 86.54 -11.55
C GLU E 33 12.61 86.01 -12.92
N GLU E 34 13.89 85.67 -13.10
CA GLU E 34 14.31 85.01 -14.33
C GLU E 34 13.61 83.66 -14.48
N VAL E 35 13.49 82.93 -13.38
CA VAL E 35 12.85 81.62 -13.40
C VAL E 35 11.36 81.78 -13.54
N GLU E 36 10.79 82.69 -12.75
CA GLU E 36 9.38 83.03 -12.76
C GLU E 36 9.05 84.06 -13.81
N LEU E 37 9.63 83.92 -14.99
CA LEU E 37 9.24 84.74 -16.12
C LEU E 37 7.95 84.20 -16.70
N PRO E 38 6.90 85.00 -16.76
CA PRO E 38 5.62 84.52 -17.30
C PRO E 38 5.82 83.97 -18.71
N LEU E 39 4.89 83.08 -19.08
CA LEU E 39 4.87 82.57 -20.43
C LEU E 39 4.60 83.67 -21.45
N GLU E 40 3.75 84.62 -21.09
CA GLU E 40 3.43 85.71 -22.00
C GLU E 40 4.66 86.56 -22.32
N ASP E 41 5.54 86.76 -21.34
CA ASP E 41 6.73 87.55 -21.62
C ASP E 41 7.73 86.78 -22.44
N PHE E 42 7.73 85.45 -22.30
CA PHE E 42 8.60 84.63 -23.13
C PHE E 42 8.10 84.66 -24.56
N LYS E 43 6.79 84.57 -24.73
CA LYS E 43 6.17 84.75 -26.02
C LYS E 43 6.56 86.09 -26.63
N ALA E 44 6.58 87.14 -25.82
CA ALA E 44 6.94 88.46 -26.33
C ALA E 44 8.41 88.57 -26.68
N LYS E 45 9.28 87.86 -25.96
CA LYS E 45 10.71 88.04 -26.21
C LYS E 45 11.29 87.14 -27.29
N TYR E 46 10.89 85.88 -27.36
CA TYR E 46 11.57 84.91 -28.20
C TYR E 46 10.82 84.45 -29.43
N CYS E 47 9.59 84.88 -29.64
CA CYS E 47 8.91 84.49 -30.86
C CYS E 47 8.75 85.65 -31.84
N ASP E 48 8.81 85.28 -33.12
CA ASP E 48 8.65 86.17 -34.26
C ASP E 48 7.17 86.38 -34.53
N SER E 49 6.85 87.18 -35.54
CA SER E 49 5.45 87.36 -35.87
C SER E 49 4.80 86.03 -36.21
N MET E 50 5.60 85.04 -36.61
CA MET E 50 5.11 83.69 -36.84
C MET E 50 5.07 82.89 -35.54
N GLY E 51 5.47 83.49 -34.42
CA GLY E 51 5.53 82.77 -33.17
C GLY E 51 6.63 81.75 -33.14
N ARG E 52 7.86 82.15 -33.45
CA ARG E 52 8.87 81.11 -33.34
C ARG E 52 9.99 81.52 -32.40
N PRO E 53 10.43 80.62 -31.55
CA PRO E 53 11.52 80.90 -30.61
C PRO E 53 12.87 80.69 -31.28
N GLN E 54 13.82 81.55 -30.94
CA GLN E 54 15.17 81.45 -31.50
C GLN E 54 15.96 80.66 -30.47
N ARG E 55 16.01 79.34 -30.66
CA ARG E 55 16.64 78.48 -29.68
C ARG E 55 18.12 78.77 -29.54
N LYS E 56 18.78 79.19 -30.61
CA LYS E 56 20.13 79.72 -30.46
C LYS E 56 20.12 81.07 -29.78
N MET E 57 19.02 81.83 -29.89
CA MET E 57 18.90 83.03 -29.07
C MET E 57 18.45 82.71 -27.66
N MET E 58 17.65 81.64 -27.49
CA MET E 58 17.27 81.23 -26.16
C MET E 58 18.43 80.55 -25.43
N SER E 59 19.26 79.82 -26.16
CA SER E 59 20.44 79.21 -25.56
C SER E 59 21.31 80.28 -24.94
N PHE E 60 21.78 80.05 -23.72
CA PHE E 60 22.26 81.11 -22.87
C PHE E 60 23.29 80.55 -21.90
N GLN E 61 24.01 81.46 -21.25
CA GLN E 61 25.07 81.12 -20.32
C GLN E 61 24.65 81.36 -18.88
N ALA E 62 25.16 80.50 -18.00
CA ALA E 62 24.87 80.52 -16.57
C ALA E 62 26.17 80.42 -15.79
N ASN E 63 26.29 81.20 -14.72
CA ASN E 63 27.58 81.24 -14.08
C ASN E 63 27.48 80.86 -12.61
N PRO E 64 28.46 80.11 -12.10
CA PRO E 64 28.47 79.71 -10.69
C PRO E 64 28.20 80.88 -9.76
N THR E 65 27.52 80.57 -8.65
CA THR E 65 27.36 81.52 -7.56
C THR E 65 28.55 81.43 -6.61
N GLU E 66 28.79 82.55 -5.91
CA GLU E 66 29.86 82.58 -4.93
C GLU E 66 29.74 81.49 -3.88
N GLU E 67 28.52 81.17 -3.46
CA GLU E 67 28.32 80.06 -2.53
C GLU E 67 28.66 78.73 -3.16
N SER E 68 28.30 78.54 -4.43
CA SER E 68 28.52 77.24 -5.05
C SER E 68 30.00 77.04 -5.32
N ILE E 69 30.70 78.11 -5.66
CA ILE E 69 32.14 77.99 -5.83
C ILE E 69 32.80 77.83 -4.48
N SER E 70 32.23 78.44 -3.44
CA SER E 70 32.81 78.28 -2.12
C SER E 70 32.59 76.90 -1.53
N LYS E 71 31.66 76.11 -2.07
CA LYS E 71 31.63 74.70 -1.73
C LYS E 71 32.02 73.81 -2.90
N PHE E 72 32.14 74.36 -4.09
CA PHE E 72 32.69 73.65 -5.25
C PHE E 72 33.63 74.59 -6.00
N PRO E 73 34.75 74.92 -5.39
CA PRO E 73 35.69 75.84 -6.01
C PRO E 73 36.02 75.45 -7.44
N ASP E 74 35.74 74.20 -7.78
CA ASP E 74 35.97 73.68 -9.13
C ASP E 74 34.78 73.89 -10.06
N MET E 75 33.71 74.53 -9.58
CA MET E 75 32.64 74.94 -10.47
C MET E 75 33.12 76.00 -11.45
N GLY E 76 32.53 75.98 -12.64
CA GLY E 76 32.83 76.97 -13.66
C GLY E 76 31.63 77.29 -14.53
N SER E 77 31.82 78.08 -15.57
CA SER E 77 30.69 78.60 -16.31
C SER E 77 29.95 77.48 -17.03
N LEU E 78 28.66 77.69 -17.25
CA LEU E 78 27.80 76.72 -17.90
C LEU E 78 27.12 77.36 -19.09
N TRP E 79 26.90 76.55 -20.13
CA TRP E 79 26.19 77.01 -21.32
C TRP E 79 24.99 76.13 -21.62
N VAL E 80 23.87 76.77 -21.93
CA VAL E 80 22.62 76.10 -22.23
C VAL E 80 22.35 76.29 -23.71
N GLU E 81 21.97 75.20 -24.38
CA GLU E 81 21.83 75.20 -25.83
C GLU E 81 20.48 74.60 -26.20
N PHE E 82 19.68 75.36 -26.93
CA PHE E 82 18.43 74.88 -27.48
C PHE E 82 18.68 74.51 -28.94
N CYS E 83 18.75 73.20 -29.21
CA CYS E 83 19.08 72.71 -30.54
C CYS E 83 18.05 73.16 -31.56
N ASP E 84 18.52 73.90 -32.56
CA ASP E 84 17.66 74.56 -33.53
C ASP E 84 17.07 73.59 -34.55
N GLU E 85 17.13 72.28 -34.30
CA GLU E 85 16.50 71.32 -35.20
C GLU E 85 15.86 70.18 -34.42
N PRO E 86 14.84 69.55 -35.00
CA PRO E 86 14.30 68.32 -34.39
C PRO E 86 15.33 67.24 -34.18
N SER E 87 16.13 66.94 -35.20
CA SER E 87 17.10 65.87 -35.17
C SER E 87 18.48 66.50 -35.13
N VAL E 88 19.22 66.25 -34.05
CA VAL E 88 20.59 66.73 -33.94
C VAL E 88 21.52 65.75 -34.67
N GLY E 89 22.16 66.24 -35.72
CA GLY E 89 23.15 65.45 -36.42
C GLY E 89 24.53 65.69 -35.85
N VAL E 90 25.49 64.94 -36.39
CA VAL E 90 26.80 64.88 -35.76
C VAL E 90 27.64 66.09 -36.12
N LYS E 91 27.37 66.71 -37.27
CA LYS E 91 28.12 67.90 -37.66
C LYS E 91 27.64 69.16 -36.95
N THR E 92 26.33 69.32 -36.79
CA THR E 92 25.84 70.49 -36.08
C THR E 92 26.19 70.41 -34.61
N MET E 93 26.13 69.21 -34.05
CA MET E 93 26.56 69.02 -32.67
C MET E 93 28.05 69.19 -32.53
N LYS E 94 28.83 68.68 -33.49
CA LYS E 94 30.27 68.91 -33.40
C LYS E 94 30.59 70.39 -33.48
N THR E 95 29.83 71.13 -34.29
CA THR E 95 30.01 72.56 -34.34
C THR E 95 29.68 73.20 -33.00
N PHE E 96 28.65 72.70 -32.33
CA PHE E 96 28.30 73.31 -31.06
C PHE E 96 29.34 72.96 -30.02
N VAL E 97 29.81 71.72 -30.02
CA VAL E 97 30.71 71.24 -28.98
C VAL E 97 32.04 71.95 -29.10
N ILE E 98 32.52 72.13 -30.32
CA ILE E 98 33.71 72.94 -30.49
C ILE E 98 33.41 74.37 -30.11
N HIS E 99 32.19 74.83 -30.35
CA HIS E 99 31.85 76.20 -30.00
C HIS E 99 31.98 76.42 -28.50
N ILE E 100 31.52 75.45 -27.72
CA ILE E 100 31.58 75.56 -26.27
C ILE E 100 33.01 75.45 -25.80
N GLN E 101 33.74 74.47 -26.34
CA GLN E 101 35.16 74.40 -26.03
C GLN E 101 35.80 75.75 -26.29
N GLU E 102 35.33 76.44 -27.33
CA GLU E 102 35.88 77.74 -27.68
C GLU E 102 35.56 78.77 -26.60
N LYS E 103 34.33 78.76 -26.09
CA LYS E 103 34.07 79.66 -24.98
C LYS E 103 34.45 79.05 -23.64
N ASN E 104 34.98 77.84 -23.64
CA ASN E 104 35.57 77.24 -22.45
C ASN E 104 34.55 77.06 -21.32
N PHE E 105 33.28 76.84 -21.67
CA PHE E 105 32.31 76.46 -20.63
C PHE E 105 32.65 75.09 -20.09
N GLN E 106 32.83 75.01 -18.77
CA GLN E 106 33.21 73.74 -18.17
C GLN E 106 32.15 72.68 -18.37
N THR E 107 30.89 73.07 -18.50
CA THR E 107 29.80 72.15 -18.75
C THR E 107 28.81 72.77 -19.74
N GLY E 108 28.24 71.94 -20.60
CA GLY E 108 27.27 72.47 -21.55
C GLY E 108 26.06 71.57 -21.71
N ILE E 109 24.90 72.18 -21.50
CA ILE E 109 23.61 71.51 -21.70
C ILE E 109 23.11 71.76 -23.11
N PHE E 110 22.82 70.67 -23.82
CA PHE E 110 22.35 70.74 -25.21
C PHE E 110 20.94 70.22 -25.29
N VAL E 111 19.99 71.13 -25.51
CA VAL E 111 18.58 70.78 -25.62
C VAL E 111 18.25 70.51 -27.09
N TYR E 112 18.07 69.24 -27.44
CA TYR E 112 17.62 68.90 -28.78
C TYR E 112 16.10 69.00 -28.87
N GLN E 113 15.62 69.14 -30.11
CA GLN E 113 14.19 69.34 -30.33
C GLN E 113 13.46 68.01 -30.42
N ASN E 114 14.04 67.03 -31.11
CA ASN E 114 13.42 65.72 -31.22
C ASN E 114 14.40 64.60 -30.89
N ASN E 115 15.53 64.57 -31.59
CA ASN E 115 16.53 63.54 -31.38
C ASN E 115 17.90 64.07 -31.79
N ILE E 116 18.93 63.44 -31.25
CA ILE E 116 20.29 63.57 -31.75
C ILE E 116 20.79 62.22 -32.25
N THR E 117 21.52 62.23 -33.36
CA THR E 117 21.99 61.01 -33.96
C THR E 117 23.10 60.39 -33.13
N PRO E 118 23.17 59.06 -33.08
CA PRO E 118 24.23 58.40 -32.32
C PRO E 118 25.62 58.78 -32.77
N SER E 119 25.79 59.15 -34.04
CA SER E 119 27.08 59.64 -34.50
C SER E 119 27.49 60.89 -33.75
N ALA E 120 26.54 61.78 -33.49
CA ALA E 120 26.84 62.92 -32.64
C ALA E 120 27.03 62.46 -31.22
N MET E 121 26.33 61.38 -30.82
CA MET E 121 26.53 60.83 -29.50
C MET E 121 27.94 60.32 -29.29
N LYS E 122 28.67 60.05 -30.37
CA LYS E 122 30.08 59.75 -30.19
C LYS E 122 30.89 61.02 -29.98
N LEU E 123 30.35 62.16 -30.40
CA LEU E 123 30.92 63.46 -30.06
C LEU E 123 30.63 63.89 -28.64
N VAL E 124 29.54 63.39 -28.04
CA VAL E 124 29.17 63.85 -26.70
C VAL E 124 30.29 63.66 -25.70
N PRO E 125 30.98 62.51 -25.66
CA PRO E 125 32.10 62.34 -24.72
C PRO E 125 33.41 62.93 -25.22
N SER E 126 33.43 63.54 -26.39
CA SER E 126 34.68 63.77 -27.11
C SER E 126 35.44 65.01 -26.68
N ILE E 127 35.00 65.74 -25.67
CA ILE E 127 35.78 66.90 -25.26
C ILE E 127 35.97 66.97 -23.75
N PRO E 128 36.69 65.98 -23.19
CA PRO E 128 37.03 65.74 -21.78
C PRO E 128 36.99 66.98 -20.92
N PRO E 129 37.99 67.87 -21.06
CA PRO E 129 38.02 69.13 -20.31
C PRO E 129 36.68 69.87 -20.45
N ALA E 130 35.59 69.14 -20.22
CA ALA E 130 34.26 69.71 -20.34
C ALA E 130 33.22 68.59 -20.45
N THR E 131 32.01 68.91 -20.01
CA THR E 131 30.90 67.97 -20.10
C THR E 131 29.86 68.48 -21.09
N ILE E 132 29.27 67.53 -21.83
CA ILE E 132 28.14 67.80 -22.70
C ILE E 132 26.99 66.91 -22.28
N GLU E 133 25.82 67.50 -22.07
CA GLU E 133 24.62 66.77 -21.66
C GLU E 133 23.52 66.98 -22.68
N THR E 134 22.90 65.88 -23.09
CA THR E 134 21.83 65.90 -24.07
C THR E 134 20.52 65.73 -23.33
N PHE E 135 19.51 66.47 -23.75
CA PHE E 135 18.26 66.52 -23.00
C PHE E 135 17.09 66.53 -23.97
N ASN E 136 16.03 65.82 -23.60
CA ASN E 136 14.83 65.83 -24.42
C ASN E 136 14.04 67.09 -24.11
N GLU E 137 13.79 67.88 -25.15
CA GLU E 137 13.08 69.12 -24.93
C GLU E 137 11.65 68.84 -24.49
N ALA E 138 11.09 67.74 -24.95
CA ALA E 138 9.79 67.26 -24.47
C ALA E 138 9.86 66.62 -23.09
N ALA E 139 10.97 65.98 -22.74
CA ALA E 139 11.10 65.40 -21.41
C ALA E 139 11.43 66.40 -20.31
N LEU E 140 11.85 67.61 -20.65
CA LEU E 140 12.07 68.62 -19.62
C LEU E 140 10.80 69.37 -19.26
N VAL E 141 9.71 69.14 -19.98
CA VAL E 141 8.45 69.85 -19.82
C VAL E 141 7.95 69.84 -18.39
N VAL E 142 8.48 68.96 -17.56
CA VAL E 142 8.06 68.88 -16.17
C VAL E 142 9.29 68.75 -15.28
N ASN E 143 9.29 69.48 -14.17
CA ASN E 143 10.38 69.37 -13.21
C ASN E 143 10.04 68.26 -12.23
N ILE E 144 10.62 67.09 -12.47
CA ILE E 144 10.51 65.96 -11.57
C ILE E 144 10.93 66.34 -10.15
N THR E 145 11.76 67.37 -10.02
CA THR E 145 12.16 67.72 -8.66
C THR E 145 11.09 68.45 -7.90
N HIS E 146 10.01 68.84 -8.54
CA HIS E 146 8.85 69.37 -7.85
C HIS E 146 7.83 68.32 -7.49
N HIS E 147 8.04 67.09 -7.92
CA HIS E 147 7.01 66.08 -7.73
C HIS E 147 6.95 65.67 -6.27
N GLU E 148 5.74 65.37 -5.81
CA GLU E 148 5.50 65.12 -4.40
C GLU E 148 6.14 63.84 -3.90
N LEU E 149 6.46 62.90 -4.78
CA LEU E 149 7.13 61.67 -4.35
C LEU E 149 8.64 61.74 -4.41
N VAL E 150 9.22 62.87 -4.82
CA VAL E 150 10.66 62.96 -4.99
C VAL E 150 11.29 63.77 -3.87
N PRO E 151 11.93 63.15 -2.92
CA PRO E 151 12.49 63.90 -1.80
C PRO E 151 13.56 64.86 -2.28
N LYS E 152 14.11 65.66 -1.38
CA LYS E 152 15.12 66.65 -1.74
C LYS E 152 16.47 65.99 -1.98
N HIS E 153 16.99 66.13 -3.20
CA HIS E 153 18.37 65.74 -3.49
C HIS E 153 19.30 66.93 -3.33
N ILE E 154 20.33 66.76 -2.51
CA ILE E 154 21.33 67.79 -2.27
C ILE E 154 22.69 67.22 -2.63
N ARG E 155 23.41 67.91 -3.50
CA ARG E 155 24.74 67.47 -3.90
C ARG E 155 25.75 67.68 -2.78
N LEU E 156 26.47 66.62 -2.45
CA LEU E 156 27.48 66.68 -1.40
C LEU E 156 28.80 67.22 -1.92
N SER E 157 29.51 67.94 -1.07
CA SER E 157 30.81 68.44 -1.48
C SER E 157 31.85 67.33 -1.41
N SER E 158 33.04 67.63 -1.93
CA SER E 158 34.16 66.71 -1.76
C SER E 158 34.54 66.55 -0.30
N ASP E 159 34.40 67.62 0.49
CA ASP E 159 34.71 67.50 1.91
C ASP E 159 33.56 66.86 2.68
N GLU E 160 32.33 67.18 2.32
CA GLU E 160 31.20 66.53 2.96
C GLU E 160 31.19 65.05 2.66
N LYS E 161 31.58 64.68 1.44
CA LYS E 161 31.79 63.29 1.09
C LYS E 161 32.90 62.65 1.92
N ARG E 162 34.07 63.30 1.99
CA ARG E 162 35.15 62.73 2.79
C ARG E 162 34.74 62.54 4.24
N GLU E 163 34.01 63.50 4.80
CA GLU E 163 33.58 63.36 6.18
C GLU E 163 32.58 62.23 6.33
N LEU E 164 31.59 62.16 5.44
CA LEU E 164 30.60 61.10 5.58
C LEU E 164 31.29 59.76 5.49
N LEU E 165 32.21 59.61 4.53
CA LEU E 165 32.88 58.33 4.37
C LEU E 165 33.74 58.03 5.57
N LYS E 166 34.12 59.05 6.34
CA LYS E 166 34.92 58.79 7.52
C LYS E 166 34.04 58.37 8.69
N ARG E 167 32.97 59.13 8.93
CA ARG E 167 32.09 58.80 10.04
C ARG E 167 31.57 57.38 9.95
N TYR E 168 31.33 56.88 8.75
CA TYR E 168 30.80 55.54 8.61
C TYR E 168 31.85 54.50 8.27
N ARG E 169 33.11 54.89 8.19
CA ARG E 169 34.18 53.95 7.90
C ARG E 169 33.81 52.97 6.80
N LEU E 170 33.68 53.43 5.57
CA LEU E 170 33.38 52.50 4.49
C LEU E 170 33.92 53.06 3.19
N LYS E 171 33.99 52.19 2.19
CA LYS E 171 34.38 52.64 0.87
C LYS E 171 33.21 53.33 0.18
N GLU E 172 33.52 54.12 -0.85
CA GLU E 172 32.47 54.71 -1.65
C GLU E 172 31.61 53.64 -2.29
N SER E 173 32.25 52.63 -2.87
CA SER E 173 31.53 51.57 -3.56
C SER E 173 30.61 50.79 -2.65
N GLN E 174 30.65 51.04 -1.35
CA GLN E 174 29.83 50.31 -0.42
C GLN E 174 28.52 51.02 -0.09
N LEU E 175 28.34 52.23 -0.60
CA LEU E 175 27.09 52.94 -0.40
C LEU E 175 25.98 52.44 -1.31
N PRO E 176 24.74 52.80 -0.99
CA PRO E 176 23.63 52.45 -1.88
C PRO E 176 23.78 53.23 -3.17
N ARG E 177 23.32 52.64 -4.25
CA ARG E 177 23.64 53.17 -5.56
C ARG E 177 22.51 54.01 -6.12
N ILE E 178 22.89 54.99 -6.92
CA ILE E 178 21.98 55.72 -7.79
C ILE E 178 22.53 55.67 -9.20
N GLN E 179 21.69 55.29 -10.15
CA GLN E 179 22.17 55.06 -11.50
C GLN E 179 22.49 56.38 -12.21
N ARG E 180 23.52 56.33 -13.04
CA ARG E 180 23.99 57.52 -13.73
C ARG E 180 22.91 58.06 -14.66
N ALA E 181 22.07 57.19 -15.19
CA ALA E 181 20.94 57.58 -16.01
C ALA E 181 19.65 57.73 -15.22
N ASP E 182 19.74 57.80 -13.91
CA ASP E 182 18.56 58.12 -13.11
C ASP E 182 18.10 59.53 -13.40
N PRO E 183 16.83 59.76 -13.65
CA PRO E 183 16.36 61.12 -13.93
C PRO E 183 16.92 62.15 -12.97
N VAL E 184 16.95 61.86 -11.68
CA VAL E 184 17.46 62.84 -10.74
C VAL E 184 18.96 63.02 -10.91
N ALA E 185 19.68 61.93 -11.16
CA ALA E 185 21.09 62.05 -11.49
C ALA E 185 21.31 62.91 -12.72
N LEU E 186 20.41 62.84 -13.70
CA LEU E 186 20.56 63.70 -14.86
C LEU E 186 20.20 65.14 -14.53
N TYR E 187 19.28 65.35 -13.60
CA TYR E 187 18.92 66.70 -13.22
C TYR E 187 20.08 67.37 -12.50
N LEU E 188 20.61 66.73 -11.48
CA LEU E 188 21.67 67.37 -10.71
C LEU E 188 22.99 67.38 -11.46
N GLY E 189 23.11 66.62 -12.53
CA GLY E 189 24.38 66.62 -13.22
C GLY E 189 25.37 65.76 -12.50
N LEU E 190 24.88 64.78 -11.75
CA LEU E 190 25.72 63.97 -10.89
C LEU E 190 26.86 63.37 -11.67
N LYS E 191 28.07 63.67 -11.25
CA LYS E 191 29.23 62.99 -11.81
C LYS E 191 29.37 61.61 -11.16
N ARG E 192 30.28 60.82 -11.71
CA ARG E 192 30.55 59.51 -11.18
C ARG E 192 31.22 59.66 -9.82
N GLY E 193 30.90 58.76 -8.90
CA GLY E 193 31.43 58.85 -7.57
C GLY E 193 30.72 59.83 -6.67
N GLU E 194 29.97 60.77 -7.24
CA GLU E 194 29.31 61.80 -6.46
C GLU E 194 28.32 61.21 -5.48
N VAL E 195 28.38 61.68 -4.24
CA VAL E 195 27.40 61.34 -3.23
C VAL E 195 26.35 62.43 -3.18
N VAL E 196 25.08 62.05 -3.12
CA VAL E 196 24.00 62.98 -2.91
C VAL E 196 23.34 62.72 -1.58
N LYS E 197 23.06 63.79 -0.84
CA LYS E 197 22.32 63.71 0.40
C LYS E 197 20.83 63.84 0.10
N ILE E 198 20.05 62.87 0.56
CA ILE E 198 18.61 62.86 0.31
C ILE E 198 17.92 63.12 1.62
N ILE E 199 17.26 64.26 1.73
CA ILE E 199 16.44 64.58 2.90
C ILE E 199 15.01 64.19 2.58
N ARG E 200 14.55 63.10 3.16
CA ARG E 200 13.20 62.63 2.93
C ARG E 200 12.39 62.67 4.21
N LYS E 201 11.15 63.14 4.07
CA LYS E 201 10.14 63.10 5.14
C LYS E 201 9.52 61.71 5.23
N SER E 202 9.59 61.11 6.39
CA SER E 202 9.08 59.76 6.61
C SER E 202 7.76 59.83 7.37
N GLU E 203 6.85 58.92 7.00
CA GLU E 203 5.53 58.85 7.61
C GLU E 203 5.63 58.49 9.08
N THR E 204 6.84 58.25 9.54
CA THR E 204 7.05 57.85 10.92
C THR E 204 8.17 58.64 11.57
N SER E 205 9.27 58.87 10.87
CA SER E 205 10.40 59.55 11.46
C SER E 205 10.40 61.06 11.23
N GLY E 206 9.53 61.56 10.35
CA GLY E 206 9.62 62.95 9.96
C GLY E 206 10.66 63.18 8.89
N ARG E 207 11.45 64.24 9.05
CA ARG E 207 12.63 64.41 8.22
C ARG E 207 13.62 63.29 8.49
N TYR E 208 14.04 62.61 7.44
CA TYR E 208 15.00 61.53 7.53
C TYR E 208 16.03 61.72 6.44
N ALA E 209 17.31 61.69 6.83
CA ALA E 209 18.43 61.93 5.92
C ALA E 209 19.06 60.63 5.48
N SER E 210 19.02 60.37 4.18
CA SER E 210 19.69 59.23 3.58
C SER E 210 20.69 59.71 2.55
N TYR E 211 21.46 58.78 2.02
CA TYR E 211 22.50 59.11 1.06
C TYR E 211 22.54 58.07 -0.05
N ARG E 212 23.08 58.49 -1.18
CA ARG E 212 23.23 57.62 -2.32
C ARG E 212 24.48 58.04 -3.08
N ILE E 213 25.23 57.05 -3.55
CA ILE E 213 26.43 57.28 -4.33
C ILE E 213 26.11 57.05 -5.80
N CYS E 214 26.51 58.01 -6.64
CA CYS E 214 26.26 57.95 -8.07
C CYS E 214 27.40 57.19 -8.75
N MET E 215 27.10 56.03 -9.30
CA MET E 215 28.11 55.23 -9.98
C MET E 215 27.56 54.60 -11.24
N LYS F 72 42.81 49.14 13.50
CA LYS F 72 41.52 48.70 14.00
C LYS F 72 41.21 49.13 15.42
N ALA F 73 42.21 49.22 16.29
CA ALA F 73 41.98 49.65 17.67
C ALA F 73 41.55 51.10 17.74
N ILE F 74 40.27 51.33 17.96
CA ILE F 74 39.73 52.66 18.22
C ILE F 74 40.13 53.08 19.63
N PRO F 75 40.91 54.13 19.81
CA PRO F 75 41.36 54.48 21.17
C PRO F 75 40.21 54.76 22.11
N LYS F 76 40.39 54.37 23.38
CA LYS F 76 39.34 54.52 24.38
C LYS F 76 38.88 55.96 24.51
N ASP F 77 39.82 56.91 24.50
CA ASP F 77 39.45 58.31 24.50
C ASP F 77 38.52 58.66 23.34
N GLN F 78 38.47 57.82 22.31
CA GLN F 78 37.73 58.13 21.12
C GLN F 78 36.46 57.30 20.98
N ARG F 79 36.21 56.40 21.93
CA ARG F 79 35.05 55.53 21.85
C ARG F 79 33.76 56.33 21.71
N ALA F 80 32.97 55.99 20.70
CA ALA F 80 31.78 56.73 20.35
C ALA F 80 30.48 55.93 20.50
N THR F 81 30.54 54.72 21.03
CA THR F 81 29.37 53.85 20.98
C THR F 81 28.49 53.98 22.24
N THR F 82 27.31 53.39 22.15
CA THR F 82 26.29 53.32 23.19
C THR F 82 26.84 52.98 24.57
N PRO F 83 26.65 53.85 25.56
CA PRO F 83 27.10 53.52 26.92
C PRO F 83 26.38 52.33 27.52
N TYR F 84 25.32 51.84 26.89
CA TYR F 84 24.52 50.79 27.48
C TYR F 84 24.86 49.43 26.88
N MET F 85 24.78 48.40 27.71
CA MET F 85 24.94 47.03 27.24
C MET F 85 23.67 46.57 26.53
N THR F 86 23.82 46.14 25.29
CA THR F 86 22.65 45.61 24.61
C THR F 86 22.26 44.28 25.24
N LYS F 87 21.00 43.92 25.08
CA LYS F 87 20.58 42.59 25.52
C LYS F 87 21.46 41.51 24.92
N TYR F 88 21.97 41.74 23.72
CA TYR F 88 22.85 40.74 23.13
C TYR F 88 24.16 40.66 23.89
N GLU F 89 24.70 41.81 24.26
CA GLU F 89 25.91 41.83 25.08
C GLU F 89 25.67 41.16 26.42
N ARG F 90 24.63 41.58 27.13
CA ARG F 90 24.36 41.00 28.44
C ARG F 90 24.21 39.50 28.34
N ALA F 91 23.47 39.01 27.34
CA ALA F 91 23.32 37.58 27.18
C ALA F 91 24.67 36.89 26.99
N ARG F 92 25.48 37.35 26.03
CA ARG F 92 26.72 36.63 25.80
C ARG F 92 27.64 36.70 27.00
N ILE F 93 27.80 37.87 27.60
CA ILE F 93 28.67 37.96 28.76
C ILE F 93 28.21 36.97 29.82
N LEU F 94 26.92 36.98 30.12
CA LEU F 94 26.49 36.09 31.19
C LEU F 94 26.72 34.64 30.82
N GLY F 95 26.58 34.29 29.55
CA GLY F 95 26.81 32.90 29.16
C GLY F 95 28.27 32.51 29.29
N THR F 96 29.17 33.30 28.70
CA THR F 96 30.58 32.95 28.74
C THR F 96 31.11 32.98 30.16
N ARG F 97 30.78 34.03 30.90
CA ARG F 97 31.31 34.12 32.25
C ARG F 97 30.77 33.01 33.12
N ALA F 98 29.49 32.69 32.98
CA ALA F 98 28.96 31.56 33.71
C ALA F 98 29.76 30.31 33.39
N LEU F 99 29.99 30.07 32.10
CA LEU F 99 30.73 28.88 31.69
C LEU F 99 32.13 28.84 32.31
N GLN F 100 32.80 30.00 32.38
CA GLN F 100 34.12 30.00 33.01
C GLN F 100 34.04 29.69 34.48
N ILE F 101 33.13 30.35 35.19
CA ILE F 101 32.97 30.08 36.61
C ILE F 101 32.70 28.60 36.81
N SER F 102 31.94 28.01 35.90
CA SER F 102 31.66 26.58 35.96
C SER F 102 32.87 25.74 35.64
N MET F 103 33.92 26.33 35.06
CA MET F 103 35.17 25.62 34.87
C MET F 103 36.24 26.01 35.87
N ASN F 104 35.84 26.46 37.05
CA ASN F 104 36.78 26.78 38.13
C ASN F 104 37.59 28.02 37.82
N ALA F 105 36.95 29.01 37.24
CA ALA F 105 37.49 30.35 37.33
C ALA F 105 37.30 30.85 38.75
N PRO F 106 38.24 31.62 39.28
CA PRO F 106 38.11 32.05 40.67
C PRO F 106 36.90 32.94 40.85
N VAL F 107 36.02 32.55 41.76
CA VAL F 107 34.85 33.34 42.09
C VAL F 107 35.24 34.54 42.95
N PHE F 108 34.82 35.72 42.52
CA PHE F 108 35.12 36.96 43.22
C PHE F 108 33.95 37.43 44.07
N VAL F 109 32.94 36.58 44.26
CA VAL F 109 31.80 36.92 45.11
C VAL F 109 31.40 35.71 45.93
N ASP F 110 30.76 36.00 47.06
CA ASP F 110 30.18 34.96 47.91
C ASP F 110 29.27 34.04 47.13
N LEU F 111 29.59 32.74 47.15
CA LEU F 111 28.70 31.77 46.51
C LEU F 111 27.34 31.79 47.16
N GLU F 112 27.26 32.26 48.40
CA GLU F 112 26.01 32.44 49.11
C GLU F 112 25.03 31.28 48.95
N GLY F 113 25.55 30.06 48.82
CA GLY F 113 24.72 28.89 48.67
C GLY F 113 24.43 28.44 47.26
N GLU F 114 24.65 29.29 46.26
CA GLU F 114 24.09 29.00 44.95
C GLU F 114 24.77 27.78 44.34
N THR F 115 24.03 27.05 43.51
CA THR F 115 24.61 25.96 42.77
C THR F 115 24.54 26.10 41.27
N ASP F 116 23.73 27.02 40.76
CA ASP F 116 23.67 27.23 39.32
C ASP F 116 24.77 28.19 38.90
N PRO F 117 25.69 27.79 38.04
CA PRO F 117 26.75 28.72 37.68
C PRO F 117 26.21 29.96 37.02
N LEU F 118 25.05 29.87 36.36
CA LEU F 118 24.54 31.03 35.67
C LEU F 118 24.10 32.13 36.62
N ARG F 119 23.38 31.77 37.69
CA ARG F 119 23.02 32.79 38.66
C ARG F 119 24.24 33.32 39.37
N ILE F 120 25.28 32.50 39.45
CA ILE F 120 26.53 33.01 40.01
C ILE F 120 27.06 34.11 39.11
N ALA F 121 27.10 33.85 37.81
CA ALA F 121 27.55 34.88 36.89
C ALA F 121 26.66 36.11 36.97
N MET F 122 25.38 35.92 37.29
CA MET F 122 24.51 37.08 37.44
C MET F 122 24.91 37.88 38.67
N LYS F 123 25.26 37.20 39.76
CA LYS F 123 25.77 37.92 40.92
C LYS F 123 27.03 38.70 40.57
N GLU F 124 27.93 38.07 39.81
CA GLU F 124 29.16 38.74 39.43
C GLU F 124 28.89 39.95 38.54
N LEU F 125 27.91 39.83 37.64
CA LEU F 125 27.53 40.97 36.82
C LEU F 125 26.96 42.10 37.66
N ALA F 126 26.15 41.78 38.65
CA ALA F 126 25.59 42.84 39.48
C ALA F 126 26.68 43.58 40.24
N GLU F 127 27.76 42.91 40.59
CA GLU F 127 28.89 43.55 41.25
C GLU F 127 30.02 43.95 40.30
N LYS F 128 29.84 43.79 39.00
CA LYS F 128 30.89 44.09 38.03
C LYS F 128 32.16 43.30 38.29
N LYS F 129 32.10 42.28 39.13
CA LYS F 129 33.28 41.44 39.31
C LYS F 129 33.70 40.72 38.04
N ILE F 130 32.80 40.57 37.07
CA ILE F 130 33.19 39.96 35.80
C ILE F 130 34.45 40.67 35.33
N PRO F 131 35.49 39.94 34.98
CA PRO F 131 36.69 40.59 34.44
C PRO F 131 36.73 40.52 32.92
N LEU F 132 35.60 40.76 32.28
CA LEU F 132 35.50 40.66 30.83
C LEU F 132 35.35 42.02 30.17
N VAL F 133 35.74 42.07 28.90
CA VAL F 133 35.66 43.27 28.09
C VAL F 133 34.96 42.91 26.79
N ILE F 134 34.06 43.78 26.36
CA ILE F 134 33.35 43.61 25.10
C ILE F 134 34.12 44.26 23.97
N ARG F 135 34.32 43.51 22.90
CA ARG F 135 34.90 44.04 21.68
C ARG F 135 33.77 44.30 20.70
N ARG F 136 33.34 45.55 20.62
CA ARG F 136 32.30 45.92 19.68
C ARG F 136 32.95 46.07 18.31
N TYR F 137 32.47 45.31 17.33
CA TYR F 137 33.03 45.37 16.00
C TYR F 137 32.35 46.45 15.18
N LEU F 138 33.12 47.11 14.34
CA LEU F 138 32.51 47.94 13.31
C LEU F 138 32.76 47.33 11.93
N PRO F 139 31.82 47.48 11.00
CA PRO F 139 31.96 46.75 9.73
C PRO F 139 33.22 47.13 9.02
N ASP F 140 33.80 48.27 9.37
CA ASP F 140 35.12 48.64 8.89
C ASP F 140 36.16 47.67 9.42
N GLY F 141 36.03 47.27 10.67
CA GLY F 141 37.01 46.46 11.37
C GLY F 141 37.56 47.14 12.58
N SER F 142 37.35 48.45 12.70
CA SER F 142 37.69 49.16 13.92
C SER F 142 36.77 48.66 15.03
N PHE F 143 37.28 48.66 16.25
CA PHE F 143 36.48 48.18 17.36
C PHE F 143 36.77 48.99 18.61
N GLU F 144 35.84 48.91 19.55
CA GLU F 144 35.95 49.59 20.83
C GLU F 144 35.93 48.53 21.92
N ASP F 145 37.01 48.46 22.69
CA ASP F 145 37.10 47.53 23.79
C ASP F 145 36.47 48.18 25.01
N TRP F 146 35.39 47.57 25.50
CA TRP F 146 34.64 48.10 26.62
C TRP F 146 34.66 47.09 27.75
N SER F 147 34.92 47.55 28.97
CA SER F 147 34.76 46.68 30.11
C SER F 147 33.28 46.55 30.47
N VAL F 148 32.95 45.42 31.11
CA VAL F 148 31.68 45.32 31.82
C VAL F 148 31.55 46.42 32.85
N GLU F 149 32.62 46.71 33.53
CA GLU F 149 32.68 47.62 34.65
C GLU F 149 32.44 49.04 34.24
N GLU F 150 32.10 49.28 32.98
CA GLU F 150 31.88 50.63 32.49
C GLU F 150 30.61 50.69 31.66
N LEU F 151 30.48 49.79 30.70
CA LEU F 151 29.24 49.69 29.94
C LEU F 151 28.06 49.58 30.89
N ILE F 152 27.16 50.56 30.80
CA ILE F 152 26.00 50.60 31.68
C ILE F 152 25.23 49.29 31.57
N VAL F 153 25.21 48.53 32.66
CA VAL F 153 24.64 47.19 32.60
C VAL F 153 23.20 47.23 32.13
N ASP F 154 22.43 48.20 32.62
CA ASP F 154 21.04 48.29 32.27
C ASP F 154 20.56 49.73 32.27
N ASN G 8 58.21 28.47 -16.55
CA ASN G 8 59.30 28.50 -15.58
C ASN G 8 59.32 27.20 -14.78
N GLU G 9 60.52 26.70 -14.50
CA GLU G 9 60.70 25.43 -13.81
C GLU G 9 61.60 25.55 -12.58
N ASN G 10 61.93 26.76 -12.14
CA ASN G 10 62.82 26.96 -11.01
C ASN G 10 62.09 27.35 -9.73
N ARG G 11 60.78 27.57 -9.80
CA ARG G 11 60.01 27.85 -8.58
C ARG G 11 60.06 26.66 -7.64
N GLU G 12 60.02 25.45 -8.20
CA GLU G 12 59.96 24.25 -7.39
C GLU G 12 61.28 23.96 -6.70
N THR G 13 62.41 24.23 -7.35
CA THR G 13 63.71 24.06 -6.70
C THR G 13 63.98 25.15 -5.66
N ALA G 14 63.49 26.36 -5.92
CA ALA G 14 63.51 27.39 -4.88
C ALA G 14 62.62 26.99 -3.71
N ARG G 15 61.54 26.28 -4.00
CA ARG G 15 60.66 25.78 -2.96
C ARG G 15 61.32 24.67 -2.13
N PHE G 16 62.09 23.80 -2.77
CA PHE G 16 62.79 22.77 -2.02
C PHE G 16 63.93 23.32 -1.18
N ILE G 17 64.78 24.15 -1.79
CA ILE G 17 65.90 24.74 -1.04
C ILE G 17 65.42 25.73 0.00
N LYS G 18 64.48 26.59 -0.37
CA LYS G 18 63.98 27.62 0.55
C LYS G 18 63.08 27.05 1.64
N LYS G 19 62.41 25.94 1.39
CA LYS G 19 61.63 25.31 2.44
C LYS G 19 62.47 24.45 3.37
N HIS G 20 63.48 23.78 2.80
CA HIS G 20 64.36 22.85 3.49
C HIS G 20 65.67 23.47 3.95
N LYS G 21 65.80 24.79 3.86
CA LYS G 21 66.99 25.46 4.36
C LYS G 21 67.26 25.13 5.82
N LYS G 22 68.54 25.17 6.19
CA LYS G 22 69.00 24.96 7.57
C LYS G 22 69.57 26.25 8.11
N GLN G 23 69.28 26.52 9.39
CA GLN G 23 69.70 27.79 9.98
C GLN G 23 71.19 27.84 10.29
N VAL G 24 71.69 26.93 11.14
CA VAL G 24 73.02 27.07 11.71
C VAL G 24 73.79 25.76 11.66
N THR G 25 75.11 25.89 11.73
CA THR G 25 76.04 24.75 11.91
C THR G 25 76.88 24.96 13.17
N ASN G 26 76.32 24.57 14.32
CA ASN G 26 77.01 24.67 15.60
C ASN G 26 78.44 24.15 15.53
N PRO G 27 79.45 24.96 15.81
CA PRO G 27 80.84 24.52 15.67
C PRO G 27 81.35 23.99 17.00
N ILE G 28 82.51 23.35 16.95
CA ILE G 28 83.19 22.94 18.18
C ILE G 28 83.65 24.19 18.91
N ASP G 29 83.23 24.31 20.17
CA ASP G 29 83.72 25.41 21.01
C ASP G 29 85.24 25.36 21.13
N GLU G 30 85.89 26.47 20.77
CA GLU G 30 87.35 26.55 20.77
C GLU G 30 87.99 25.45 19.93
N LYS G 31 87.17 24.62 19.31
CA LYS G 31 87.58 23.45 18.57
C LYS G 31 88.18 22.41 19.50
N ASN G 32 87.99 22.59 20.80
CA ASN G 32 88.42 21.65 21.82
C ASN G 32 87.28 21.20 22.72
N GLY G 33 86.15 21.89 22.69
CA GLY G 33 85.00 21.56 23.48
C GLY G 33 84.07 20.67 22.70
N THR G 34 82.78 20.95 22.80
CA THR G 34 81.75 20.34 21.99
C THR G 34 81.11 21.40 21.10
N SER G 35 80.42 20.93 20.07
CA SER G 35 79.71 21.86 19.20
C SER G 35 78.68 22.62 20.01
N ASN G 36 78.52 23.90 19.71
CA ASN G 36 77.53 24.71 20.40
C ASN G 36 76.11 24.38 19.95
N CYS G 37 75.86 23.09 19.69
CA CYS G 37 74.51 22.64 19.37
C CYS G 37 73.49 23.10 20.39
N ILE G 38 73.92 23.53 21.57
CA ILE G 38 73.03 24.20 22.49
C ILE G 38 72.93 25.67 22.07
N VAL G 39 71.71 26.12 21.76
CA VAL G 39 71.49 27.49 21.33
C VAL G 39 70.24 28.03 22.00
N ARG G 40 70.19 29.35 22.13
CA ARG G 40 69.03 30.06 22.64
C ARG G 40 68.33 30.80 21.51
N VAL G 41 67.07 30.46 21.26
CA VAL G 41 66.29 31.05 20.18
C VAL G 41 64.96 31.56 20.70
N PRO G 42 64.67 32.86 20.58
CA PRO G 42 63.36 33.37 21.04
C PRO G 42 62.29 33.00 20.03
N ILE G 43 61.19 32.41 20.51
CA ILE G 43 60.13 31.95 19.63
C ILE G 43 58.83 32.62 20.00
N ALA G 44 57.82 32.36 19.19
CA ALA G 44 56.44 32.75 19.45
C ALA G 44 55.59 31.50 19.33
N LEU G 45 54.96 31.12 20.43
CA LEU G 45 54.00 30.04 20.47
C LEU G 45 52.59 30.57 20.71
N TYR G 46 51.61 29.80 20.25
CA TYR G 46 50.20 30.12 20.41
C TYR G 46 49.58 29.02 21.26
N VAL G 47 49.30 29.34 22.53
CA VAL G 47 48.83 28.34 23.47
C VAL G 47 47.44 28.67 23.98
N SER G 48 46.79 27.64 24.51
CA SER G 48 45.49 27.74 25.15
C SER G 48 45.67 28.13 26.60
N LEU G 49 44.73 28.89 27.13
CA LEU G 49 44.69 29.20 28.55
C LEU G 49 43.39 28.74 29.16
N ALA G 50 43.46 27.82 30.12
CA ALA G 50 42.25 27.40 30.80
C ALA G 50 41.75 28.53 31.70
N PRO G 51 40.49 28.47 32.12
CA PRO G 51 40.00 29.46 33.08
C PRO G 51 40.60 29.31 34.46
N MET G 52 40.95 28.09 34.86
CA MET G 52 41.45 27.89 36.21
C MET G 52 42.78 28.57 36.46
N TYR G 53 43.51 28.91 35.40
CA TYR G 53 44.72 29.70 35.52
C TYR G 53 44.48 31.16 35.21
N LEU G 54 43.22 31.56 35.14
CA LEU G 54 42.90 32.95 34.87
C LEU G 54 43.46 33.90 35.91
N GLU G 55 43.90 33.40 37.06
CA GLU G 55 44.55 34.22 38.08
C GLU G 55 46.04 33.99 38.14
N ASN G 56 46.59 33.22 37.23
CA ASN G 56 48.02 33.00 37.16
C ASN G 56 48.42 32.80 35.70
N PRO G 57 48.14 33.76 34.83
CA PRO G 57 48.18 33.47 33.40
C PRO G 57 49.58 33.09 32.93
N LEU G 58 50.62 33.75 33.44
CA LEU G 58 51.96 33.34 33.05
C LEU G 58 52.25 31.96 33.60
N GLN G 59 51.79 31.69 34.81
CA GLN G 59 51.92 30.35 35.36
C GLN G 59 50.98 29.38 34.68
N GLY G 60 49.82 29.85 34.24
CA GLY G 60 48.95 28.96 33.49
C GLY G 60 49.67 28.46 32.25
N VAL G 61 50.06 29.39 31.39
CA VAL G 61 50.79 29.01 30.18
C VAL G 61 51.99 28.13 30.53
N MET G 62 52.66 28.43 31.64
CA MET G 62 53.83 27.65 32.01
C MET G 62 53.45 26.20 32.29
N LYS G 63 52.57 26.00 33.26
CA LYS G 63 52.22 24.66 33.67
C LYS G 63 51.59 23.90 32.53
N GLN G 64 50.84 24.58 31.67
CA GLN G 64 50.19 23.90 30.57
C GLN G 64 51.18 23.46 29.50
N HIS G 65 51.82 24.42 28.83
CA HIS G 65 52.58 24.04 27.65
C HIS G 65 54.09 23.98 27.85
N LEU G 66 54.66 24.85 28.67
CA LEU G 66 56.10 24.96 28.73
C LEU G 66 56.75 23.91 29.61
N ASN G 67 56.09 23.52 30.68
CA ASN G 67 56.63 22.54 31.59
C ASN G 67 56.78 21.16 30.95
N PRO G 68 55.81 20.71 30.15
CA PRO G 68 56.02 19.46 29.41
C PRO G 68 57.07 19.56 28.32
N LEU G 69 57.53 20.76 27.98
CA LEU G 69 58.46 20.88 26.88
C LEU G 69 59.91 20.65 27.28
N VAL G 70 60.29 21.04 28.49
CA VAL G 70 61.64 20.81 28.99
C VAL G 70 62.00 19.33 28.95
N MET G 71 63.29 19.06 28.75
CA MET G 71 63.78 17.69 28.57
C MET G 71 63.02 16.95 27.48
N LYS G 72 62.58 17.65 26.45
CA LYS G 72 61.82 16.99 25.41
C LYS G 72 62.14 17.56 24.04
N TYR G 73 62.20 16.67 23.05
CA TYR G 73 62.50 17.05 21.68
C TYR G 73 61.35 17.85 21.06
N ASN G 74 61.70 18.92 20.35
CA ASN G 74 60.76 19.66 19.51
C ASN G 74 61.20 19.53 18.07
N ASN G 75 60.32 18.98 17.24
CA ASN G 75 60.61 18.93 15.81
C ASN G 75 60.83 20.33 15.26
N LYS G 76 60.02 21.29 15.72
CA LYS G 76 60.10 22.63 15.15
C LYS G 76 61.45 23.25 15.42
N VAL G 77 61.89 23.21 16.68
CA VAL G 77 63.20 23.76 16.98
C VAL G 77 64.29 22.80 16.55
N GLY G 78 63.95 21.54 16.33
CA GLY G 78 64.91 20.56 15.87
C GLY G 78 65.71 19.90 16.97
N GLY G 79 65.19 19.88 18.20
CA GLY G 79 65.98 19.37 19.30
C GLY G 79 65.14 19.23 20.55
N VAL G 80 65.84 18.96 21.65
CA VAL G 80 65.24 18.80 22.96
C VAL G 80 65.34 20.12 23.69
N VAL G 81 64.19 20.66 24.08
CA VAL G 81 64.17 21.97 24.71
C VAL G 81 65.04 21.94 25.96
N LEU G 82 66.09 22.76 25.96
CA LEU G 82 66.99 22.84 27.09
C LEU G 82 66.51 23.81 28.16
N GLY G 83 65.59 24.71 27.81
CA GLY G 83 64.98 25.60 28.78
C GLY G 83 64.41 26.80 28.07
N TYR G 84 63.64 27.59 28.81
CA TYR G 84 62.99 28.75 28.24
C TYR G 84 63.37 30.00 29.01
N GLU G 85 63.28 31.13 28.31
CA GLU G 85 63.70 32.42 28.84
C GLU G 85 62.74 33.50 28.35
N GLY G 86 62.32 34.37 29.25
CA GLY G 86 61.62 35.56 28.82
C GLY G 86 60.30 35.26 28.16
N LEU G 87 59.34 34.75 28.94
CA LEU G 87 57.98 34.62 28.45
C LEU G 87 57.30 35.98 28.39
N LYS G 88 56.61 36.23 27.27
CA LYS G 88 55.83 37.45 27.09
C LYS G 88 54.51 37.10 26.44
N ILE G 89 53.41 37.38 27.13
CA ILE G 89 52.10 37.25 26.51
C ILE G 89 51.84 38.51 25.71
N LEU G 90 51.48 38.33 24.44
CA LEU G 90 51.17 39.46 23.57
C LEU G 90 49.77 39.99 23.85
N ASP G 91 49.67 41.22 24.36
CA ASP G 91 48.38 41.82 24.64
C ASP G 91 47.53 41.89 23.38
N ALA G 92 46.26 41.52 23.51
CA ALA G 92 45.31 41.67 22.42
C ALA G 92 44.93 43.12 22.12
N ASP G 93 45.38 44.12 22.88
CA ASP G 93 44.91 45.47 22.57
C ASP G 93 45.97 46.55 22.74
N PRO G 94 46.27 47.29 21.68
CA PRO G 94 47.29 48.35 21.64
C PRO G 94 47.36 49.24 22.88
N LEU G 95 48.32 50.17 22.84
CA LEU G 95 48.57 51.17 23.89
C LEU G 95 48.80 50.73 25.34
N SER G 96 50.01 50.87 25.81
CA SER G 96 50.29 50.59 27.20
C SER G 96 51.52 51.45 27.41
N LYS G 97 52.29 51.07 28.41
CA LYS G 97 53.60 51.67 28.63
C LYS G 97 54.45 50.36 28.61
N GLU G 98 54.31 49.68 27.46
CA GLU G 98 54.81 48.35 27.19
C GLU G 98 54.54 47.50 28.40
N ASP G 99 53.47 47.83 29.13
CA ASP G 99 53.26 47.09 30.37
C ASP G 99 51.97 47.56 31.05
N THR G 100 51.37 46.67 31.83
CA THR G 100 50.13 46.99 32.53
C THR G 100 49.87 46.03 33.70
N SER G 101 48.93 46.40 34.56
CA SER G 101 48.58 45.60 35.71
C SER G 101 47.62 44.49 35.30
N GLU G 102 46.96 44.65 34.15
CA GLU G 102 46.13 43.61 33.56
C GLU G 102 46.34 43.57 32.06
N LYS G 103 46.36 42.37 31.49
CA LYS G 103 46.34 42.19 30.05
C LYS G 103 44.95 41.84 29.58
N LEU G 104 44.79 41.79 28.25
CA LEU G 104 43.58 41.26 27.65
C LEU G 104 43.92 40.14 26.69
N ILE G 105 43.04 39.14 26.62
CA ILE G 105 43.23 37.98 25.76
C ILE G 105 41.90 37.58 25.15
N LYS G 106 41.96 37.07 23.93
CA LYS G 106 40.77 36.60 23.24
C LYS G 106 40.26 35.28 23.81
N ILE G 107 38.96 35.21 24.04
CA ILE G 107 38.28 33.95 24.32
C ILE G 107 37.73 33.41 23.03
N THR G 108 37.76 32.08 22.87
CA THR G 108 37.19 31.49 21.69
C THR G 108 35.72 31.87 21.63
N PRO G 109 35.14 31.84 20.46
CA PRO G 109 33.72 32.13 20.36
C PRO G 109 32.84 30.93 20.65
N ASP G 110 33.23 30.10 21.61
CA ASP G 110 32.39 28.94 21.90
C ASP G 110 32.55 28.42 23.31
N THR G 111 33.74 28.58 23.89
CA THR G 111 34.04 27.91 25.15
C THR G 111 34.84 28.80 26.10
N PRO G 112 34.99 28.42 27.36
CA PRO G 112 35.69 29.26 28.32
C PRO G 112 37.19 29.24 28.15
N PHE G 113 37.72 28.43 27.25
CA PHE G 113 39.15 28.34 27.09
C PHE G 113 39.65 29.59 26.39
N GLY G 114 40.84 30.06 26.77
CA GLY G 114 41.47 31.14 26.07
C GLY G 114 42.61 30.71 25.16
N PHE G 115 42.87 31.57 24.18
CA PHE G 115 43.98 31.42 23.26
C PHE G 115 44.75 32.73 23.20
N THR G 116 46.07 32.63 23.21
CA THR G 116 46.90 33.81 23.23
C THR G 116 48.17 33.60 22.42
N TRP G 117 48.77 34.72 22.02
CA TRP G 117 50.09 34.70 21.47
C TRP G 117 51.10 34.72 22.60
N CYS G 118 52.20 34.00 22.43
CA CYS G 118 53.25 34.08 23.43
C CYS G 118 54.60 34.18 22.77
N HIS G 119 55.49 34.96 23.39
CA HIS G 119 56.87 35.10 22.96
C HIS G 119 57.77 34.67 24.09
N VAL G 120 58.67 33.75 23.81
CA VAL G 120 59.57 33.21 24.81
C VAL G 120 60.88 32.85 24.14
N ASN G 121 61.97 32.94 24.89
CA ASN G 121 63.25 32.46 24.43
C ASN G 121 63.41 31.01 24.85
N LEU G 122 63.78 30.16 23.90
CA LEU G 122 64.02 28.75 24.16
C LEU G 122 65.51 28.43 24.13
N TYR G 123 65.91 27.58 25.06
CA TYR G 123 67.25 27.02 25.10
C TYR G 123 67.18 25.60 24.54
N VAL G 124 67.74 25.40 23.35
CA VAL G 124 67.56 24.16 22.62
C VAL G 124 68.93 23.56 22.36
N TRP G 125 69.01 22.24 22.42
CA TRP G 125 70.21 21.52 22.03
C TRP G 125 70.08 21.10 20.57
N GLN G 126 70.80 21.77 19.69
CA GLN G 126 70.58 21.61 18.27
C GLN G 126 71.84 20.97 17.70
N PRO G 127 71.95 19.65 17.83
CA PRO G 127 73.11 18.94 17.29
C PRO G 127 72.97 18.67 15.81
N GLN G 128 74.11 18.48 15.16
CA GLN G 128 74.13 18.23 13.73
C GLN G 128 75.10 17.11 13.43
N VAL G 129 74.97 16.55 12.23
CA VAL G 129 75.80 15.42 11.83
C VAL G 129 77.21 15.91 11.50
N GLY G 130 78.21 15.25 12.07
CA GLY G 130 79.59 15.63 11.90
C GLY G 130 80.24 16.24 13.13
N ASP G 131 79.47 16.65 14.13
CA ASP G 131 80.08 17.21 15.31
C ASP G 131 80.78 16.13 16.12
N VAL G 132 82.00 16.43 16.56
CA VAL G 132 82.80 15.47 17.32
C VAL G 132 82.55 15.72 18.79
N LEU G 133 82.07 14.68 19.49
CA LEU G 133 81.69 14.83 20.88
C LEU G 133 82.31 13.73 21.72
N GLU G 134 82.41 14.00 23.01
CA GLU G 134 82.95 13.06 23.98
C GLU G 134 81.89 12.75 25.02
N GLY G 135 81.87 11.50 25.45
CA GLY G 135 80.85 11.00 26.34
C GLY G 135 81.44 9.96 27.27
N TYR G 136 80.83 9.79 28.43
CA TYR G 136 81.21 8.73 29.33
C TYR G 136 80.49 7.45 28.94
N ILE G 137 81.28 6.39 28.74
CA ILE G 137 80.75 5.12 28.26
C ILE G 137 79.62 4.67 29.18
N PHE G 138 78.45 4.52 28.60
CA PHE G 138 77.32 3.93 29.31
C PHE G 138 77.45 2.41 29.36
N ILE G 139 77.49 1.77 28.20
CA ILE G 139 77.46 0.32 28.08
C ILE G 139 78.43 -0.12 27.00
N GLN G 140 78.71 -1.41 26.98
CA GLN G 140 79.58 -2.00 25.96
C GLN G 140 78.97 -3.35 25.62
N SER G 141 78.30 -3.43 24.47
CA SER G 141 77.79 -4.69 23.97
C SER G 141 78.45 -4.94 22.62
N ALA G 142 78.36 -6.18 22.15
CA ALA G 142 79.25 -6.51 21.05
C ALA G 142 78.82 -5.83 19.77
N SER G 143 77.70 -5.10 19.79
CA SER G 143 77.26 -4.32 18.66
C SER G 143 77.26 -2.82 18.89
N HIS G 144 77.53 -2.34 20.10
CA HIS G 144 77.48 -0.90 20.34
C HIS G 144 78.27 -0.55 21.58
N ILE G 145 78.54 0.75 21.72
CA ILE G 145 79.03 1.34 22.95
C ILE G 145 78.09 2.47 23.34
N GLY G 146 77.41 2.30 24.49
CA GLY G 146 76.56 3.35 25.01
C GLY G 146 77.36 4.40 25.79
N LEU G 147 77.01 5.65 25.55
CA LEU G 147 77.60 6.82 26.20
C LEU G 147 76.47 7.78 26.54
N LEU G 148 76.78 8.78 27.36
CA LEU G 148 75.78 9.76 27.78
C LEU G 148 76.40 11.15 27.71
N ILE G 149 75.88 11.97 26.80
CA ILE G 149 76.40 13.30 26.57
C ILE G 149 75.83 14.23 27.64
N HIS G 150 76.73 14.88 28.36
CA HIS G 150 76.37 15.84 29.40
C HIS G 150 75.53 15.24 30.50
N ASP G 151 75.53 13.92 30.63
CA ASP G 151 74.56 13.24 31.49
C ASP G 151 73.13 13.49 31.05
N ALA G 152 72.92 13.86 29.80
CA ALA G 152 71.53 14.02 29.38
C ALA G 152 71.16 13.24 28.13
N PHE G 153 71.98 13.27 27.08
CA PHE G 153 71.56 12.70 25.81
C PHE G 153 72.18 11.32 25.65
N ASN G 154 71.34 10.33 25.39
CA ASN G 154 71.88 8.99 25.19
C ASN G 154 72.49 8.91 23.80
N ALA G 155 73.66 8.27 23.73
CA ALA G 155 74.34 8.10 22.45
C ALA G 155 74.92 6.71 22.41
N SER G 156 74.93 6.10 21.23
CA SER G 156 75.46 4.76 21.08
C SER G 156 76.15 4.66 19.74
N ILE G 157 77.30 3.98 19.70
CA ILE G 157 77.98 3.73 18.44
C ILE G 157 77.96 2.23 18.20
N LYS G 158 77.20 1.82 17.19
CA LYS G 158 77.09 0.40 16.87
C LYS G 158 78.37 -0.13 16.25
N LYS G 159 78.61 -1.43 16.48
CA LYS G 159 79.83 -2.08 16.01
C LYS G 159 80.13 -1.78 14.54
N ASN G 160 79.09 -1.80 13.70
CA ASN G 160 79.32 -1.64 12.27
C ASN G 160 79.89 -0.28 11.94
N ASN G 161 79.52 0.74 12.70
CA ASN G 161 80.05 2.08 12.52
C ASN G 161 81.34 2.29 13.27
N ILE G 162 81.77 1.29 14.04
CA ILE G 162 83.07 1.32 14.71
C ILE G 162 84.16 0.70 13.86
N PRO G 163 85.35 1.28 13.84
CA PRO G 163 86.47 0.69 13.09
C PRO G 163 86.82 -0.70 13.59
N VAL G 164 86.98 -1.64 12.64
CA VAL G 164 87.43 -2.98 12.96
C VAL G 164 88.73 -2.95 13.76
N ASP G 165 89.55 -1.91 13.56
CA ASP G 165 90.76 -1.74 14.35
C ASP G 165 90.50 -1.62 15.84
N TRP G 166 89.25 -1.50 16.25
CA TRP G 166 88.89 -1.59 17.66
C TRP G 166 89.01 -3.04 18.12
N THR G 167 89.14 -3.22 19.44
CA THR G 167 89.46 -4.52 19.98
C THR G 167 88.46 -4.92 21.07
N PHE G 168 87.91 -6.11 20.92
CA PHE G 168 87.14 -6.77 21.97
C PHE G 168 88.01 -7.37 23.05
N VAL G 169 87.52 -7.26 24.29
CA VAL G 169 87.99 -8.01 25.45
C VAL G 169 86.74 -8.55 26.11
N HIS G 170 86.63 -9.86 26.20
CA HIS G 170 85.43 -10.42 26.81
C HIS G 170 85.50 -10.31 28.32
N LEU G 214 77.97 -9.05 26.61
CA LEU G 214 78.50 -7.77 27.08
C LEU G 214 79.89 -7.94 27.67
N GLY G 215 80.91 -7.85 26.82
CA GLY G 215 82.29 -8.00 27.26
C GLY G 215 82.93 -6.67 27.61
N HIS G 216 84.02 -6.35 26.91
CA HIS G 216 84.74 -5.10 27.15
C HIS G 216 85.61 -4.74 25.95
N TRP G 217 85.18 -3.76 25.17
CA TRP G 217 85.92 -3.32 24.00
C TRP G 217 87.23 -2.65 24.36
N VAL G 218 88.24 -2.94 23.56
CA VAL G 218 89.59 -2.38 23.65
C VAL G 218 89.84 -1.56 22.40
N ASP G 219 90.44 -0.40 22.60
CA ASP G 219 90.46 0.62 21.56
C ASP G 219 91.39 0.18 20.42
N SER G 220 91.44 1.02 19.38
CA SER G 220 92.26 0.74 18.22
C SER G 220 93.73 0.87 18.53
N ASN G 221 94.07 1.60 19.60
CA ASN G 221 95.45 1.80 20.00
C ASN G 221 96.01 0.58 20.70
N GLY G 222 95.16 -0.22 21.34
CA GLY G 222 95.60 -1.48 21.86
C GLY G 222 95.39 -1.53 23.35
N GLU G 223 94.55 -0.63 23.84
CA GLU G 223 94.14 -0.64 25.24
C GLU G 223 92.64 -0.48 25.33
N PRO G 224 92.01 -1.11 26.31
CA PRO G 224 90.55 -1.12 26.35
C PRO G 224 90.02 0.26 26.66
N ILE G 225 88.85 0.55 26.11
CA ILE G 225 88.29 1.89 26.27
C ILE G 225 87.74 2.05 27.68
N ASP G 226 87.68 3.29 28.15
CA ASP G 226 87.28 3.56 29.52
C ASP G 226 86.80 5.00 29.65
N GLY G 227 85.79 5.20 30.49
CA GLY G 227 85.27 6.54 30.73
C GLY G 227 84.62 7.23 29.54
N LYS G 228 85.30 8.25 29.05
CA LYS G 228 84.77 9.12 28.00
C LYS G 228 85.24 8.65 26.64
N LEU G 229 84.38 8.88 25.65
CA LEU G 229 84.70 8.57 24.27
C LEU G 229 84.38 9.76 23.39
N ARG G 230 85.27 10.02 22.43
CA ARG G 230 85.10 11.08 21.45
C ARG G 230 84.56 10.48 20.17
N PHE G 231 83.49 11.06 19.65
CA PHE G 231 82.83 10.53 18.47
C PHE G 231 82.29 11.67 17.62
N THR G 232 81.95 11.35 16.39
CA THR G 232 81.28 12.26 15.49
C THR G 232 79.81 11.89 15.41
N VAL G 233 78.94 12.89 15.31
CA VAL G 233 77.51 12.64 15.27
C VAL G 233 77.12 12.20 13.87
N ARG G 234 76.67 10.95 13.74
CA ARG G 234 76.13 10.52 12.45
C ARG G 234 74.66 10.86 12.34
N ASN G 235 73.91 10.65 13.42
CA ASN G 235 72.47 10.81 13.42
C ASN G 235 71.97 10.93 14.85
N VAL G 236 70.79 11.52 14.98
CA VAL G 236 70.10 11.68 16.25
C VAL G 236 68.72 11.08 16.07
N HIS G 237 68.38 10.08 16.89
CA HIS G 237 67.09 9.43 16.75
C HIS G 237 66.14 9.88 17.86
N THR G 238 65.13 10.65 17.45
CA THR G 238 64.25 11.36 18.35
C THR G 238 62.80 10.91 18.19
N THR G 239 62.50 10.12 17.17
CA THR G 239 61.13 9.74 16.84
C THR G 239 60.44 8.98 17.97
N GLY G 240 61.20 8.45 18.93
CA GLY G 240 60.63 7.61 19.95
C GLY G 240 60.65 8.23 21.33
N ARG G 241 60.13 7.45 22.27
CA ARG G 241 59.83 7.93 23.61
C ARG G 241 61.03 8.64 24.24
N VAL G 242 62.24 8.26 23.83
CA VAL G 242 63.47 8.91 24.27
C VAL G 242 64.33 9.16 23.04
N VAL G 243 65.07 10.25 23.05
CA VAL G 243 65.95 10.61 21.96
C VAL G 243 67.18 9.72 22.00
N SER G 244 67.64 9.30 20.81
CA SER G 244 68.88 8.55 20.68
C SER G 244 69.81 9.23 19.69
N VAL G 245 71.05 9.44 20.13
CA VAL G 245 72.08 10.09 19.32
C VAL G 245 72.92 9.01 18.64
N ASP G 246 72.97 9.05 17.30
CA ASP G 246 73.77 8.10 16.56
C ASP G 246 75.21 8.61 16.43
N GLY G 247 76.15 7.88 17.02
CA GLY G 247 77.55 8.24 17.00
C GLY G 247 78.36 7.36 16.07
N THR G 248 79.55 7.81 15.69
CA THR G 248 80.43 7.00 14.85
C THR G 248 81.83 6.99 15.46
N LEU G 249 82.50 5.85 15.30
CA LEU G 249 83.91 5.73 15.69
C LEU G 249 84.85 5.64 14.50
N ILE G 250 84.35 5.87 13.28
CA ILE G 250 85.13 5.68 12.07
C ILE G 250 85.41 6.99 11.36
N SER G 251 85.12 8.11 11.99
CA SER G 251 85.35 9.41 11.39
C SER G 251 85.22 10.50 12.44
N ASN H 3 -14.31 62.09 61.40
CA ASN H 3 -15.30 63.15 61.56
C ASN H 3 -16.33 63.09 60.44
N THR H 4 -17.41 63.86 60.61
CA THR H 4 -18.41 63.94 59.56
C THR H 4 -17.92 64.80 58.40
N LEU H 5 -18.35 64.45 57.21
CA LEU H 5 -18.09 65.21 56.00
C LEU H 5 -19.34 65.68 55.30
N PHE H 6 -20.35 64.81 55.16
CA PHE H 6 -21.61 65.22 54.58
C PHE H 6 -22.72 64.34 55.12
N ASP H 7 -23.89 64.94 55.33
CA ASP H 7 -25.01 64.26 55.93
C ASP H 7 -26.31 64.86 55.39
N ASP H 8 -27.23 64.00 54.98
CA ASP H 8 -28.50 64.50 54.48
C ASP H 8 -29.57 63.43 54.53
N ILE H 9 -30.81 63.88 54.45
CA ILE H 9 -31.97 63.01 54.30
C ILE H 9 -32.37 63.07 52.84
N PHE H 10 -32.40 61.92 52.17
CA PHE H 10 -32.71 61.86 50.76
C PHE H 10 -34.06 61.21 50.52
N GLN H 11 -34.72 61.67 49.46
CA GLN H 11 -35.96 61.10 48.99
C GLN H 11 -35.67 60.25 47.77
N VAL H 12 -36.05 58.97 47.81
CA VAL H 12 -35.70 58.10 46.70
C VAL H 12 -36.54 58.49 45.50
N SER H 13 -35.88 58.78 44.38
CA SER H 13 -36.60 59.15 43.18
C SER H 13 -36.60 58.07 42.10
N GLU H 14 -35.65 57.14 42.13
CA GLU H 14 -35.59 56.09 41.14
C GLU H 14 -34.84 54.89 41.70
N VAL H 15 -35.28 53.71 41.29
CA VAL H 15 -34.72 52.44 41.72
C VAL H 15 -34.57 51.62 40.45
N ASP H 16 -33.37 51.57 39.88
CA ASP H 16 -33.24 50.81 38.65
C ASP H 16 -32.43 49.55 38.87
N PRO H 17 -32.97 48.35 38.61
CA PRO H 17 -32.19 47.14 38.86
C PRO H 17 -31.19 46.87 37.76
N GLY H 18 -31.26 47.62 36.67
CA GLY H 18 -30.35 47.41 35.56
C GLY H 18 -30.49 46.03 34.98
N ARG H 19 -29.37 45.32 34.94
CA ARG H 19 -29.30 43.94 34.48
C ARG H 19 -28.74 43.04 35.56
N TYR H 20 -28.91 43.43 36.82
CA TYR H 20 -28.20 42.78 37.91
C TYR H 20 -29.18 42.07 38.82
N ASN H 21 -28.68 41.10 39.57
CA ASN H 21 -29.56 40.39 40.48
C ASN H 21 -29.55 40.95 41.89
N LYS H 22 -28.46 41.54 42.35
CA LYS H 22 -28.49 42.11 43.69
C LYS H 22 -28.00 43.55 43.78
N VAL H 23 -27.60 44.17 42.68
CA VAL H 23 -27.31 45.59 42.70
C VAL H 23 -28.35 46.34 41.88
N CYS H 24 -28.56 47.60 42.24
CA CYS H 24 -29.43 48.51 41.52
C CYS H 24 -28.81 49.89 41.60
N ARG H 25 -28.93 50.65 40.52
CA ARG H 25 -28.49 52.04 40.54
C ARG H 25 -29.68 52.91 40.92
N ILE H 26 -29.60 53.51 42.08
CA ILE H 26 -30.63 54.33 42.67
C ILE H 26 -30.35 55.79 42.37
N GLU H 27 -31.37 56.49 41.88
CA GLU H 27 -31.32 57.92 41.66
C GLU H 27 -32.07 58.61 42.80
N ALA H 28 -31.38 59.46 43.56
CA ALA H 28 -32.05 60.15 44.63
C ALA H 28 -31.69 61.62 44.60
N ALA H 29 -32.53 62.42 45.25
CA ALA H 29 -32.36 63.87 45.31
C ALA H 29 -32.56 64.31 46.75
N SER H 30 -31.80 65.32 47.16
CA SER H 30 -31.93 65.76 48.55
C SER H 30 -33.28 66.44 48.70
N THR H 31 -34.00 66.10 49.77
CA THR H 31 -35.19 66.85 50.13
C THR H 31 -34.85 68.25 50.61
N THR H 32 -33.64 68.47 51.12
CA THR H 32 -33.32 69.71 51.80
C THR H 32 -32.58 70.73 50.94
N GLN H 33 -32.00 70.35 49.82
CA GLN H 33 -31.37 71.34 48.96
C GLN H 33 -31.54 70.98 47.49
N ASP H 34 -32.12 71.90 46.73
CA ASP H 34 -32.52 71.65 45.36
C ASP H 34 -31.33 71.30 44.47
N GLN H 35 -30.12 71.69 44.85
CA GLN H 35 -28.93 71.43 44.05
C GLN H 35 -28.22 70.15 44.42
N CYS H 36 -28.73 69.41 45.41
CA CYS H 36 -28.11 68.16 45.81
C CYS H 36 -28.70 67.02 45.01
N LYS H 37 -27.85 66.28 44.32
CA LYS H 37 -28.29 65.19 43.47
C LYS H 37 -27.44 63.98 43.77
N LEU H 38 -28.01 62.80 43.59
CA LEU H 38 -27.28 61.60 43.94
C LEU H 38 -27.57 60.48 42.95
N THR H 39 -26.52 59.76 42.61
CA THR H 39 -26.62 58.57 41.77
C THR H 39 -25.74 57.52 42.41
N LEU H 40 -26.32 56.48 42.97
CA LEU H 40 -25.48 55.53 43.68
C LEU H 40 -25.92 54.12 43.36
N ASP H 41 -24.95 53.23 43.19
CA ASP H 41 -25.26 51.82 42.99
C ASP H 41 -25.16 51.13 44.34
N ILE H 42 -26.25 50.50 44.74
CA ILE H 42 -26.35 49.84 46.04
C ILE H 42 -26.78 48.39 45.87
N ASN H 43 -26.37 47.56 46.83
CA ASN H 43 -26.83 46.18 46.91
C ASN H 43 -28.16 46.18 47.63
N VAL H 44 -29.25 46.14 46.85
CA VAL H 44 -30.56 46.10 47.47
C VAL H 44 -30.82 44.79 48.16
N GLU H 45 -30.09 43.73 47.80
CA GLU H 45 -30.26 42.48 48.52
C GLU H 45 -29.80 42.62 49.96
N LEU H 46 -28.78 43.43 50.21
CA LEU H 46 -28.42 43.75 51.58
C LEU H 46 -29.27 44.88 52.13
N PHE H 47 -29.74 45.77 51.26
CA PHE H 47 -30.41 46.99 51.70
C PHE H 47 -31.54 47.30 50.73
N PRO H 48 -32.71 46.71 50.93
CA PRO H 48 -33.78 46.88 49.96
C PRO H 48 -34.29 48.31 49.97
N VAL H 49 -34.61 48.82 48.78
CA VAL H 49 -35.04 50.19 48.61
C VAL H 49 -36.24 50.24 47.68
N ALA H 50 -37.01 51.31 47.80
CA ALA H 50 -38.19 51.51 46.96
C ALA H 50 -38.22 52.96 46.51
N ALA H 51 -39.00 53.20 45.47
CA ALA H 51 -39.21 54.57 45.00
C ALA H 51 -39.75 55.45 46.12
N GLN H 52 -39.46 56.74 46.01
CA GLN H 52 -40.10 57.73 46.86
C GLN H 52 -39.91 57.41 48.34
N ASP H 53 -38.67 57.10 48.69
CA ASP H 53 -38.32 56.64 50.02
C ASP H 53 -37.21 57.51 50.58
N SER H 54 -37.18 57.62 51.91
CA SER H 54 -36.37 58.62 52.60
C SER H 54 -35.15 57.92 53.16
N LEU H 55 -33.99 58.21 52.57
CA LEU H 55 -32.72 57.65 53.00
C LEU H 55 -31.89 58.75 53.64
N THR H 56 -31.28 58.46 54.78
CA THR H 56 -30.43 59.45 55.44
C THR H 56 -28.98 59.16 55.10
N VAL H 57 -28.51 59.83 54.06
CA VAL H 57 -27.15 59.65 53.57
C VAL H 57 -26.21 60.53 54.36
N THR H 58 -25.12 59.96 54.85
CA THR H 58 -24.07 60.71 55.50
C THR H 58 -22.73 60.21 55.01
N ILE H 59 -21.86 61.11 54.59
CA ILE H 59 -20.50 60.78 54.18
C ILE H 59 -19.56 61.24 55.26
N ALA H 60 -18.71 60.34 55.75
CA ALA H 60 -17.75 60.70 56.78
C ALA H 60 -16.35 60.28 56.37
N SER H 61 -15.36 60.89 57.01
CA SER H 61 -13.97 60.61 56.71
C SER H 61 -13.46 59.37 57.43
N SER H 62 -14.27 58.79 58.31
CA SER H 62 -13.82 57.66 59.11
C SER H 62 -15.01 57.14 59.90
N LEU H 63 -14.81 56.01 60.54
CA LEU H 63 -15.80 55.47 61.46
C LEU H 63 -15.49 55.84 62.90
N ASN H 64 -14.43 56.61 63.11
CA ASN H 64 -14.03 57.03 64.45
C ASN H 64 -15.06 57.96 65.09
N LEU H 65 -15.47 57.63 66.31
CA LEU H 65 -16.46 58.43 67.03
C LEU H 65 -15.79 59.66 67.65
N ARG H 77 -4.37 51.34 58.43
CA ARG H 77 -3.33 50.32 58.57
C ARG H 77 -3.87 48.94 58.83
N SER H 78 -5.18 48.81 59.02
CA SER H 78 -5.74 47.52 59.38
C SER H 78 -7.25 47.63 59.48
N TRP H 79 -7.89 46.48 59.51
CA TRP H 79 -9.34 46.37 59.56
C TRP H 79 -9.64 45.13 60.36
N ARG H 80 -10.64 45.22 61.22
CA ARG H 80 -10.94 44.10 62.06
C ARG H 80 -12.39 43.68 61.87
N PRO H 81 -12.69 42.39 61.97
CA PRO H 81 -14.08 41.98 61.99
C PRO H 81 -14.79 42.67 63.13
N PRO H 82 -16.12 42.74 63.12
CA PRO H 82 -16.82 43.45 64.18
C PRO H 82 -16.45 42.85 65.53
N GLN H 83 -16.64 43.65 66.57
CA GLN H 83 -16.51 43.16 67.93
C GLN H 83 -17.47 43.91 68.83
N ALA H 84 -18.32 43.18 69.53
CA ALA H 84 -19.31 43.84 70.38
C ALA H 84 -18.67 44.54 71.57
N GLY H 85 -17.35 44.46 71.70
CA GLY H 85 -16.62 45.28 72.64
C GLY H 85 -16.35 46.70 72.18
N ASP H 86 -16.55 46.99 70.90
CA ASP H 86 -16.40 48.36 70.43
C ASP H 86 -17.34 48.63 69.27
N ARG H 87 -17.62 49.91 69.06
CA ARG H 87 -18.53 50.39 68.04
C ARG H 87 -17.89 51.51 67.25
N SER H 88 -18.53 51.85 66.13
CA SER H 88 -18.06 52.96 65.31
C SER H 88 -19.26 53.81 64.94
N LEU H 89 -19.06 54.78 64.06
CA LEU H 89 -20.20 55.54 63.55
C LEU H 89 -21.15 54.66 62.76
N ALA H 90 -20.67 53.53 62.25
CA ALA H 90 -21.55 52.61 61.55
C ALA H 90 -22.60 52.02 62.47
N ASP H 91 -22.38 52.06 63.78
CA ASP H 91 -23.43 51.57 64.66
C ASP H 91 -24.65 52.45 64.57
N ASP H 92 -24.50 53.67 64.05
CA ASP H 92 -25.60 54.59 63.92
C ASP H 92 -26.40 54.37 62.64
N TYR H 93 -25.77 53.86 61.60
CA TYR H 93 -26.42 53.73 60.30
C TYR H 93 -26.56 52.26 59.91
N ASP H 94 -27.41 52.03 58.91
CA ASP H 94 -27.77 50.70 58.47
C ASP H 94 -26.80 50.14 57.44
N TYR H 95 -26.46 50.94 56.43
CA TYR H 95 -25.67 50.49 55.30
C TYR H 95 -24.36 51.26 55.24
N VAL H 96 -23.23 50.56 55.26
CA VAL H 96 -21.93 51.23 55.25
C VAL H 96 -21.09 50.66 54.12
N MET H 97 -20.49 51.56 53.35
CA MET H 97 -19.55 51.23 52.29
C MET H 97 -18.28 52.05 52.50
N TYR H 98 -17.14 51.47 52.17
CA TYR H 98 -15.88 52.19 52.17
C TYR H 98 -15.40 52.31 50.73
N GLY H 99 -15.08 53.52 50.30
CA GLY H 99 -14.76 53.69 48.89
C GLY H 99 -13.75 54.78 48.61
N THR H 100 -13.48 55.07 47.34
CA THR H 100 -12.53 56.11 47.00
C THR H 100 -13.15 57.14 46.08
N ALA H 101 -12.63 58.36 46.13
CA ALA H 101 -13.00 59.39 45.18
C ALA H 101 -12.07 59.36 43.98
N TYR H 102 -12.64 59.24 42.78
CA TYR H 102 -11.82 59.20 41.59
C TYR H 102 -12.05 60.34 40.61
N LYS H 103 -13.09 61.14 40.78
CA LYS H 103 -13.31 62.22 39.84
C LYS H 103 -14.01 63.42 40.47
N PHE H 104 -13.56 64.62 40.13
CA PHE H 104 -14.19 65.87 40.52
C PHE H 104 -14.58 66.64 39.26
N GLU H 105 -15.87 66.74 38.98
CA GLU H 105 -16.35 67.44 37.82
C GLU H 105 -17.12 68.68 38.25
N GLU H 106 -17.02 69.73 37.43
CA GLU H 106 -17.71 70.99 37.71
C GLU H 106 -18.89 71.15 36.77
N VAL H 107 -20.06 71.39 37.34
CA VAL H 107 -21.26 71.62 36.53
C VAL H 107 -21.53 73.10 36.35
N SER H 108 -20.97 73.96 37.19
CA SER H 108 -21.07 75.40 37.04
C SER H 108 -19.80 76.00 37.61
N LYS H 109 -19.76 77.34 37.66
CA LYS H 109 -18.70 78.03 38.40
C LYS H 109 -18.78 77.68 39.88
N ASP H 110 -19.77 76.87 40.26
CA ASP H 110 -19.91 76.44 41.63
C ASP H 110 -20.36 74.98 41.68
N LEU H 111 -21.31 74.61 40.84
CA LEU H 111 -21.74 73.21 40.81
C LEU H 111 -20.57 72.28 40.51
N ILE H 112 -20.39 71.29 41.38
CA ILE H 112 -19.38 70.26 41.27
C ILE H 112 -20.00 68.91 41.63
N ALA H 113 -19.68 67.89 40.84
CA ALA H 113 -20.14 66.53 41.08
C ALA H 113 -18.94 65.67 41.44
N VAL H 114 -19.03 65.00 42.59
CA VAL H 114 -17.96 64.15 43.09
C VAL H 114 -18.30 62.72 42.78
N TYR H 115 -17.27 61.92 42.51
CA TYR H 115 -17.42 60.52 42.11
C TYR H 115 -16.64 59.63 43.06
N TYR H 116 -17.34 58.69 43.69
CA TYR H 116 -16.70 57.61 44.42
C TYR H 116 -17.01 56.26 43.80
N SER H 117 -16.10 55.32 44.05
CA SER H 117 -16.25 53.94 43.62
C SER H 117 -15.91 53.08 44.81
N PHE H 118 -16.86 52.23 45.20
CA PHE H 118 -16.67 51.28 46.29
C PHE H 118 -16.43 49.93 45.64
N GLY H 119 -15.20 49.73 45.20
CA GLY H 119 -14.91 48.53 44.46
C GLY H 119 -15.70 48.44 43.18
N GLY H 120 -16.14 49.57 42.65
CA GLY H 120 -16.99 49.56 41.48
C GLY H 120 -18.41 49.96 41.76
N LEU H 121 -18.85 49.99 43.02
CA LEU H 121 -20.15 50.61 43.29
C LEU H 121 -20.00 52.11 43.22
N LEU H 122 -20.46 52.70 42.13
CA LEU H 122 -20.23 54.10 41.87
C LEU H 122 -21.24 54.99 42.56
N MET H 123 -20.81 56.22 42.84
CA MET H 123 -21.65 57.27 43.38
C MET H 123 -21.25 58.57 42.70
N ARG H 124 -22.26 59.34 42.33
CA ARG H 124 -22.10 60.67 41.74
C ARG H 124 -22.96 61.62 42.56
N LEU H 125 -22.32 62.45 43.36
CA LEU H 125 -22.97 63.50 44.11
C LEU H 125 -22.89 64.80 43.32
N GLU H 126 -24.01 65.50 43.23
CA GLU H 126 -24.05 66.80 42.55
C GLU H 126 -24.37 67.89 43.56
N GLY H 127 -23.58 68.94 43.53
CA GLY H 127 -23.76 70.06 44.42
C GLY H 127 -23.04 71.26 43.85
N ASN H 128 -22.70 72.21 44.73
CA ASN H 128 -22.13 73.46 44.24
C ASN H 128 -21.11 74.06 45.21
N TYR H 129 -21.41 73.97 46.50
CA TYR H 129 -20.61 74.59 47.54
C TYR H 129 -20.45 73.63 48.71
N ARG H 130 -21.51 72.88 49.00
CA ARG H 130 -21.45 71.92 50.10
C ARG H 130 -20.30 70.95 49.89
N ASN H 131 -19.98 70.69 48.62
CA ASN H 131 -18.81 69.88 48.27
C ASN H 131 -17.59 70.29 49.06
N LEU H 132 -17.54 71.53 49.52
CA LEU H 132 -16.31 72.05 50.08
C LEU H 132 -15.96 71.40 51.40
N ASN H 133 -16.89 70.61 51.96
CA ASN H 133 -16.57 69.74 53.08
C ASN H 133 -16.36 68.30 52.60
N ASN H 134 -16.29 68.10 51.30
CA ASN H 134 -16.17 66.79 50.67
C ASN H 134 -14.92 66.72 49.81
N LEU H 135 -13.88 67.40 50.22
CA LEU H 135 -12.64 67.45 49.45
C LEU H 135 -12.11 66.05 49.17
N LYS H 136 -11.27 65.97 48.13
CA LYS H 136 -10.63 64.73 47.71
C LYS H 136 -9.98 64.01 48.88
N GLN H 137 -10.22 62.71 48.95
CA GLN H 137 -9.57 61.86 49.93
C GLN H 137 -9.38 60.49 49.31
N GLU H 138 -8.38 59.76 49.79
CA GLU H 138 -8.16 58.41 49.29
C GLU H 138 -9.29 57.48 49.69
N ASN H 139 -10.10 57.86 50.67
CA ASN H 139 -11.24 57.05 51.04
C ASN H 139 -12.35 57.94 51.56
N ALA H 140 -13.56 57.42 51.45
CA ALA H 140 -14.76 58.08 51.92
C ALA H 140 -15.66 57.00 52.46
N TYR H 141 -16.10 57.16 53.70
CA TYR H 141 -17.08 56.25 54.25
C TYR H 141 -18.45 56.76 53.85
N LEU H 142 -19.26 55.86 53.32
CA LEU H 142 -20.60 56.16 52.85
C LEU H 142 -21.57 55.44 53.78
N LEU H 143 -22.37 56.22 54.47
CA LEU H 143 -23.28 55.71 55.48
C LEU H 143 -24.69 56.04 55.06
N ILE H 144 -25.58 55.06 55.16
CA ILE H 144 -26.97 55.21 54.83
C ILE H 144 -27.80 54.75 56.02
N ARG H 145 -28.84 55.52 56.32
CA ARG H 145 -29.86 55.10 57.26
C ARG H 145 -31.17 54.97 56.51
N ARG H 146 -32.10 54.25 57.13
CA ARG H 146 -33.40 54.00 56.56
C ARG H 146 -34.47 54.25 57.59
N SER I 2 -24.76 21.68 -59.51
CA SER I 2 -25.54 22.48 -58.56
C SER I 2 -24.67 23.57 -57.98
N VAL I 3 -25.26 24.73 -57.72
CA VAL I 3 -24.60 25.84 -57.04
C VAL I 3 -25.25 26.09 -55.69
N VAL I 4 -24.41 26.20 -54.66
CA VAL I 4 -24.85 26.61 -53.32
C VAL I 4 -23.90 27.66 -52.81
N GLY I 5 -24.42 28.85 -52.53
CA GLY I 5 -23.61 29.89 -51.94
C GLY I 5 -22.51 30.34 -52.90
N SER I 6 -21.29 29.92 -52.63
CA SER I 6 -20.19 30.06 -53.58
C SER I 6 -19.64 28.71 -53.99
N LEU I 7 -20.23 27.63 -53.53
CA LEU I 7 -19.91 26.29 -53.99
C LEU I 7 -20.85 25.90 -55.11
N ILE I 8 -20.30 25.26 -56.14
CA ILE I 8 -21.08 24.66 -57.21
C ILE I 8 -20.65 23.20 -57.37
N PHE I 9 -21.56 22.28 -57.10
CA PHE I 9 -21.31 20.85 -57.11
C PHE I 9 -21.53 20.25 -58.48
N CYS I 10 -20.82 19.16 -58.77
CA CYS I 10 -21.01 18.47 -60.04
C CYS I 10 -22.46 18.03 -60.04
N LEU I 11 -23.15 18.26 -61.16
CA LEU I 11 -24.57 17.92 -61.22
C LEU I 11 -24.77 16.42 -61.33
N ASP I 12 -23.86 15.75 -62.03
CA ASP I 12 -23.97 14.31 -62.18
C ASP I 12 -23.46 13.57 -60.95
N CYS I 13 -22.27 13.94 -60.48
CA CYS I 13 -21.67 13.22 -59.36
C CYS I 13 -21.74 13.86 -57.98
N GLY I 14 -22.08 15.13 -57.91
CA GLY I 14 -22.14 15.78 -56.62
C GLY I 14 -20.81 16.25 -56.12
N ASP I 15 -19.75 16.07 -56.90
CA ASP I 15 -18.44 16.59 -56.53
C ASP I 15 -18.44 18.11 -56.61
N LEU I 16 -17.75 18.74 -55.65
CA LEU I 16 -17.62 20.19 -55.68
C LEU I 16 -16.61 20.51 -56.78
N LEU I 17 -17.13 20.56 -58.00
CA LEU I 17 -16.33 20.83 -59.18
C LEU I 17 -15.54 22.13 -59.05
N GLU I 18 -14.44 22.18 -59.78
CA GLU I 18 -13.54 23.33 -59.77
C GLU I 18 -14.25 24.60 -60.19
N ASN I 19 -13.97 25.68 -59.48
CA ASN I 19 -14.76 26.90 -59.61
C ASN I 19 -14.73 27.44 -61.04
N PRO I 20 -15.88 27.65 -61.66
CA PRO I 20 -15.92 28.30 -62.98
C PRO I 20 -15.10 29.56 -63.09
N ASN I 21 -14.90 30.30 -61.99
CA ASN I 21 -14.17 31.55 -62.14
C ASN I 21 -12.69 31.33 -62.38
N ALA I 22 -12.19 30.12 -62.17
CA ALA I 22 -10.77 29.88 -62.14
C ALA I 22 -10.33 28.94 -63.25
N VAL I 23 -11.26 28.33 -63.97
CA VAL I 23 -10.98 27.48 -65.12
C VAL I 23 -10.11 28.19 -66.14
N LEU I 24 -9.25 27.43 -66.78
CA LEU I 24 -8.42 27.86 -67.90
C LEU I 24 -9.12 27.69 -69.24
N GLY I 25 -10.43 27.45 -69.24
CA GLY I 25 -11.18 27.30 -70.47
C GLY I 25 -12.46 28.07 -70.25
N SER I 26 -13.21 28.23 -71.33
CA SER I 26 -14.55 28.80 -71.29
C SER I 26 -15.54 27.66 -71.00
N ASN I 27 -15.04 26.62 -70.35
CA ASN I 27 -15.74 25.47 -69.90
C ASN I 27 -15.27 24.91 -68.60
N VAL I 28 -16.07 24.07 -67.95
CA VAL I 28 -15.77 23.53 -66.63
C VAL I 28 -16.14 22.06 -66.77
N GLU I 29 -15.27 21.18 -66.30
CA GLU I 29 -15.53 19.76 -66.36
C GLU I 29 -15.29 19.15 -64.99
N CYS I 30 -16.09 18.13 -64.67
CA CYS I 30 -16.00 17.45 -63.38
C CYS I 30 -14.83 16.48 -63.34
N SER I 31 -14.24 16.34 -62.17
CA SER I 31 -13.11 15.46 -61.97
C SER I 31 -13.60 14.08 -61.56
N GLN I 32 -14.93 13.93 -61.55
CA GLN I 32 -15.63 12.74 -61.12
C GLN I 32 -16.61 12.40 -62.22
N CYS I 33 -17.13 13.46 -62.85
CA CYS I 33 -18.03 13.39 -63.99
C CYS I 33 -17.40 14.18 -65.13
N LYS I 34 -18.04 14.18 -66.30
CA LYS I 34 -17.47 14.91 -67.43
C LYS I 34 -18.28 16.13 -67.86
N ALA I 35 -19.00 16.77 -66.95
CA ALA I 35 -19.92 17.81 -67.41
C ALA I 35 -19.17 19.10 -67.70
N ILE I 36 -19.63 19.79 -68.74
CA ILE I 36 -19.04 21.05 -69.21
C ILE I 36 -19.73 22.25 -68.59
N TYR I 37 -18.93 23.11 -67.97
CA TYR I 37 -19.35 24.32 -67.25
C TYR I 37 -20.81 24.77 -67.38
N PRO I 38 -21.06 26.07 -67.09
CA PRO I 38 -22.39 26.72 -67.14
C PRO I 38 -22.99 26.37 -68.47
N LYS I 39 -22.16 26.55 -69.49
CA LYS I 39 -22.52 26.18 -70.85
C LYS I 39 -24.03 26.28 -70.94
N SER I 40 -24.73 25.53 -70.09
CA SER I 40 -26.19 25.62 -70.12
C SER I 40 -26.64 26.92 -69.47
N GLN I 41 -26.02 27.26 -68.34
CA GLN I 41 -26.35 28.49 -67.62
C GLN I 41 -25.07 28.98 -66.96
N PHE I 42 -25.01 30.29 -66.75
CA PHE I 42 -23.80 30.93 -66.24
C PHE I 42 -24.04 31.52 -64.87
N SER I 43 -23.39 30.93 -63.87
CA SER I 43 -23.39 31.36 -62.48
C SER I 43 -23.04 32.84 -62.34
N ASN I 44 -23.45 33.48 -61.24
CA ASN I 44 -22.87 34.77 -60.85
C ASN I 44 -22.69 34.81 -59.33
N LEU I 45 -21.71 34.03 -58.88
CA LEU I 45 -21.48 33.72 -57.48
C LEU I 45 -21.41 34.95 -56.59
N LYS I 46 -22.33 35.08 -55.65
CA LYS I 46 -22.30 36.17 -54.70
C LYS I 46 -22.78 35.63 -53.36
N VAL I 47 -22.24 36.18 -52.29
CA VAL I 47 -22.66 35.83 -50.95
C VAL I 47 -22.78 37.10 -50.14
N VAL I 48 -23.90 37.25 -49.44
CA VAL I 48 -24.08 38.37 -48.51
C VAL I 48 -23.55 37.92 -47.16
N THR I 49 -22.27 38.12 -46.94
CA THR I 49 -21.64 37.76 -45.69
C THR I 49 -21.80 38.90 -44.69
N THR I 50 -21.88 38.55 -43.41
CA THR I 50 -22.18 39.53 -42.37
C THR I 50 -21.31 39.27 -41.17
N THR I 51 -21.31 40.22 -40.25
CA THR I 51 -20.64 40.04 -38.98
C THR I 51 -21.52 39.22 -38.04
N ALA I 52 -20.88 38.48 -37.15
CA ALA I 52 -21.59 37.63 -36.21
C ALA I 52 -22.33 38.41 -35.13
N ASP I 53 -22.26 39.73 -35.11
CA ASP I 53 -22.93 40.52 -34.10
C ASP I 53 -22.46 40.16 -32.69
N ASP I 54 -21.19 39.77 -32.59
CA ASP I 54 -20.58 39.51 -31.29
C ASP I 54 -19.16 40.03 -31.16
N ALA I 55 -18.36 39.99 -32.22
CA ALA I 55 -16.95 40.34 -32.18
C ALA I 55 -16.69 41.74 -31.67
N PHE I 56 -17.70 42.60 -31.55
CA PHE I 56 -17.47 44.04 -31.39
C PHE I 56 -18.12 44.54 -30.11
N PRO I 57 -17.68 44.06 -28.96
CA PRO I 57 -18.25 44.52 -27.69
C PRO I 57 -17.97 45.99 -27.51
N SER I 58 -18.89 46.69 -26.85
CA SER I 58 -18.65 48.09 -26.58
C SER I 58 -19.72 48.61 -25.64
N SER I 59 -19.42 49.74 -25.01
CA SER I 59 -20.41 50.40 -24.17
C SER I 59 -21.65 50.76 -24.97
N LEU I 60 -21.47 51.15 -26.23
CA LEU I 60 -22.64 51.53 -27.03
C LEU I 60 -23.49 50.33 -27.36
N ARG I 61 -22.86 49.19 -27.62
CA ARG I 61 -23.62 47.96 -27.74
C ARG I 61 -24.42 47.71 -26.48
N ALA I 62 -23.85 48.08 -25.33
CA ALA I 62 -24.61 47.96 -24.09
C ALA I 62 -25.76 48.95 -24.08
N LYS I 63 -25.60 50.10 -24.74
CA LYS I 63 -26.68 51.06 -24.87
C LYS I 63 -27.73 50.60 -25.88
N LYS I 64 -27.45 49.55 -26.63
CA LYS I 64 -28.42 48.96 -27.55
C LYS I 64 -29.28 47.90 -26.90
N SER I 65 -29.12 47.66 -25.60
CA SER I 65 -29.72 46.51 -24.93
C SER I 65 -30.82 46.91 -23.95
N VAL I 66 -31.21 48.17 -23.91
CA VAL I 66 -32.16 48.63 -22.89
C VAL I 66 -33.20 49.54 -23.53
N MET J 1 -18.00 -5.38 23.68
CA MET J 1 -17.47 -6.73 23.81
C MET J 1 -18.43 -7.55 24.65
N ILE J 2 -18.50 -7.22 25.93
CA ILE J 2 -19.41 -7.86 26.87
C ILE J 2 -19.92 -6.81 27.83
N VAL J 3 -21.19 -6.94 28.22
CA VAL J 3 -21.81 -6.05 29.21
C VAL J 3 -20.85 -5.61 30.30
N PRO J 4 -20.65 -4.30 30.45
CA PRO J 4 -19.73 -3.80 31.47
C PRO J 4 -20.24 -4.21 32.84
N VAL J 5 -19.31 -4.47 33.75
CA VAL J 5 -19.67 -4.68 35.15
C VAL J 5 -20.37 -3.47 35.75
N ARG J 6 -19.75 -2.30 35.70
CA ARG J 6 -20.36 -1.13 36.32
C ARG J 6 -20.54 0.05 35.40
N CYS J 7 -21.50 0.90 35.76
CA CYS J 7 -21.78 2.14 35.05
C CYS J 7 -20.64 3.12 35.19
N PHE J 8 -20.06 3.50 34.05
CA PHE J 8 -18.94 4.42 34.04
C PHE J 8 -19.22 5.63 34.91
N SER J 9 -20.43 6.17 34.80
CA SER J 9 -20.71 7.46 35.39
C SER J 9 -20.96 7.37 36.89
N CYS J 10 -21.80 6.43 37.28
CA CYS J 10 -22.17 6.28 38.69
C CYS J 10 -21.21 5.42 39.50
N GLY J 11 -21.19 4.13 39.19
CA GLY J 11 -20.36 3.21 39.91
C GLY J 11 -21.16 2.00 40.33
N LYS J 12 -22.45 2.03 40.01
CA LYS J 12 -23.34 0.97 40.44
C LYS J 12 -23.03 -0.28 39.65
N VAL J 13 -22.92 -1.41 40.33
CA VAL J 13 -22.76 -2.65 39.60
C VAL J 13 -23.97 -2.88 38.71
N VAL J 14 -23.70 -3.08 37.43
CA VAL J 14 -24.77 -3.34 36.47
C VAL J 14 -24.63 -4.70 35.79
N GLY J 15 -23.46 -5.32 35.82
CA GLY J 15 -23.26 -6.53 35.05
C GLY J 15 -24.19 -7.66 35.40
N ASP J 16 -24.87 -7.58 36.53
CA ASP J 16 -25.80 -8.62 36.91
C ASP J 16 -27.15 -8.47 36.25
N LYS J 17 -27.44 -7.32 35.67
CA LYS J 17 -28.78 -7.00 35.24
C LYS J 17 -28.99 -7.23 33.75
N TRP J 18 -28.00 -7.78 33.05
CA TRP J 18 -28.15 -7.98 31.62
C TRP J 18 -29.13 -9.10 31.32
N GLU J 19 -28.84 -10.29 31.83
CA GLU J 19 -29.63 -11.44 31.40
C GLU J 19 -31.07 -11.33 31.84
N SER J 20 -31.27 -10.85 33.07
CA SER J 20 -32.64 -10.65 33.51
C SER J 20 -33.28 -9.57 32.68
N TYR J 21 -32.48 -8.59 32.28
CA TYR J 21 -33.01 -7.52 31.47
C TYR J 21 -33.47 -8.09 30.14
N LEU J 22 -32.64 -8.94 29.53
CA LEU J 22 -33.09 -9.49 28.27
C LEU J 22 -34.31 -10.36 28.49
N ASN J 23 -34.35 -11.05 29.62
CA ASN J 23 -35.53 -11.84 29.90
C ASN J 23 -36.75 -10.96 30.05
N LEU J 24 -36.56 -9.76 30.59
CA LEU J 24 -37.71 -8.92 30.83
C LEU J 24 -38.24 -8.37 29.53
N LEU J 25 -37.39 -8.31 28.53
CA LEU J 25 -37.86 -7.86 27.23
C LEU J 25 -38.48 -9.01 26.47
N GLN J 26 -37.96 -10.22 26.68
CA GLN J 26 -38.58 -11.40 26.11
C GLN J 26 -39.79 -11.84 26.92
N GLU J 27 -39.55 -12.36 28.12
CA GLU J 27 -40.60 -13.06 28.85
C GLU J 27 -41.83 -12.21 29.05
N ASP J 28 -41.66 -11.02 29.62
CA ASP J 28 -42.82 -10.18 29.87
C ASP J 28 -43.23 -9.35 28.68
N GLU J 29 -42.55 -9.47 27.54
CA GLU J 29 -42.86 -8.61 26.40
C GLU J 29 -42.94 -7.15 26.84
N LEU J 30 -42.21 -6.82 27.91
CA LEU J 30 -42.15 -5.46 28.46
C LEU J 30 -41.50 -4.50 27.48
N ASP J 31 -41.45 -3.22 27.85
CA ASP J 31 -40.69 -2.25 27.09
C ASP J 31 -39.42 -1.91 27.86
N GLU J 32 -38.39 -1.55 27.10
CA GLU J 32 -37.07 -1.33 27.69
C GLU J 32 -37.12 -0.36 28.85
N GLY J 33 -37.88 0.72 28.72
CA GLY J 33 -37.97 1.66 29.82
C GLY J 33 -38.49 1.02 31.08
N THR J 34 -39.64 0.35 31.00
CA THR J 34 -40.21 -0.20 32.21
C THR J 34 -39.31 -1.29 32.78
N ALA J 35 -38.68 -2.06 31.90
CA ALA J 35 -37.76 -3.09 32.37
C ALA J 35 -36.62 -2.47 33.16
N LEU J 36 -36.07 -1.37 32.66
CA LEU J 36 -35.00 -0.72 33.41
C LEU J 36 -35.51 -0.12 34.71
N SER J 37 -36.76 0.32 34.74
CA SER J 37 -37.31 0.82 36.00
C SER J 37 -37.40 -0.29 37.03
N ARG J 38 -37.85 -1.48 36.61
CA ARG J 38 -37.90 -2.59 37.55
C ARG J 38 -36.53 -3.13 37.92
N LEU J 39 -35.52 -2.94 37.09
CA LEU J 39 -34.19 -3.38 37.49
C LEU J 39 -33.48 -2.41 38.42
N GLY J 40 -34.00 -1.21 38.65
CA GLY J 40 -33.39 -0.30 39.58
C GLY J 40 -32.33 0.61 38.98
N LEU J 41 -32.31 0.74 37.67
CA LEU J 41 -31.36 1.58 36.94
C LEU J 41 -31.89 3.01 36.93
N LYS J 42 -32.38 3.46 38.08
CA LYS J 42 -33.08 4.74 38.17
C LYS J 42 -32.19 5.97 37.98
N ARG J 43 -31.00 5.80 37.40
CA ARG J 43 -30.25 6.96 36.98
C ARG J 43 -29.87 6.77 35.53
N TYR J 44 -29.89 7.86 34.78
CA TYR J 44 -29.66 7.75 33.36
C TYR J 44 -28.25 7.31 33.01
N CYS J 45 -27.27 7.44 33.88
CA CYS J 45 -25.99 6.83 33.57
C CYS J 45 -26.12 5.30 33.56
N CYS J 46 -26.78 4.77 34.59
CA CYS J 46 -27.03 3.34 34.66
C CYS J 46 -27.98 2.97 33.52
N ARG J 47 -28.96 3.85 33.26
CA ARG J 47 -29.91 3.62 32.19
C ARG J 47 -29.19 3.41 30.87
N ARG J 48 -28.32 4.34 30.50
CA ARG J 48 -27.70 4.24 29.19
C ARG J 48 -26.81 3.01 29.13
N MET J 49 -26.19 2.65 30.25
CA MET J 49 -25.27 1.53 30.22
C MET J 49 -25.93 0.31 29.60
N ILE J 50 -27.03 -0.14 30.18
CA ILE J 50 -27.65 -1.35 29.67
C ILE J 50 -28.44 -1.07 28.41
N LEU J 51 -29.17 0.05 28.37
CA LEU J 51 -29.99 0.29 27.19
C LEU J 51 -29.19 0.27 25.90
N THR J 52 -28.02 0.87 25.90
CA THR J 52 -27.27 1.02 24.66
C THR J 52 -26.33 -0.13 24.39
N HIS J 53 -26.29 -1.12 25.26
CA HIS J 53 -25.23 -2.11 25.16
C HIS J 53 -25.32 -2.90 23.88
N VAL J 54 -24.18 -3.40 23.44
CA VAL J 54 -24.05 -4.14 22.19
C VAL J 54 -23.32 -5.41 22.54
N ASP J 55 -24.05 -6.50 22.74
CA ASP J 55 -23.37 -7.70 23.23
C ASP J 55 -22.76 -8.43 22.03
N LEU J 56 -21.66 -7.85 21.57
CA LEU J 56 -20.97 -8.38 20.39
C LEU J 56 -20.26 -9.68 20.68
N ILE J 57 -20.05 -10.00 21.95
CA ILE J 57 -19.35 -11.22 22.30
C ILE J 57 -20.04 -12.44 21.70
N GLU J 58 -21.37 -12.45 21.64
CA GLU J 58 -22.00 -13.60 21.01
C GLU J 58 -21.54 -13.73 19.57
N LYS J 59 -21.31 -12.60 18.90
CA LYS J 59 -20.83 -12.67 17.54
C LYS J 59 -19.38 -13.11 17.52
N PHE J 60 -18.58 -12.67 18.49
CA PHE J 60 -17.25 -13.22 18.61
C PHE J 60 -17.28 -14.71 18.82
N LEU J 61 -18.26 -15.20 19.59
CA LEU J 61 -18.14 -16.57 20.08
C LEU J 61 -18.22 -17.61 18.99
N ARG J 62 -18.95 -17.34 17.92
CA ARG J 62 -18.99 -18.31 16.84
C ARG J 62 -17.64 -18.54 16.17
N TYR J 63 -16.66 -17.67 16.38
CA TYR J 63 -15.33 -17.86 15.82
C TYR J 63 -14.38 -18.67 16.71
N ASN J 64 -14.88 -19.43 17.66
CA ASN J 64 -13.95 -20.13 18.54
C ASN J 64 -13.20 -21.23 17.80
N PRO J 65 -11.90 -21.09 17.58
CA PRO J 65 -11.14 -22.05 16.78
C PRO J 65 -10.82 -23.36 17.47
N LEU J 66 -11.18 -23.55 18.73
CA LEU J 66 -10.77 -24.74 19.45
C LEU J 66 -11.77 -25.87 19.39
N GLU J 67 -12.81 -25.76 18.57
CA GLU J 67 -13.73 -26.87 18.40
C GLU J 67 -14.03 -27.07 16.93
N LYS J 68 -14.13 -28.34 16.53
CA LYS J 68 -14.46 -28.63 15.16
C LYS J 68 -15.85 -28.07 14.86
N ARG J 69 -16.09 -27.77 13.60
CA ARG J 69 -17.36 -27.17 13.20
C ARG J 69 -17.81 -27.53 11.80
N GLU K 40 5.78 4.90 64.12
CA GLU K 40 6.07 5.28 65.50
C GLU K 40 6.71 6.66 65.58
N GLU K 41 7.77 6.87 64.80
CA GLU K 41 8.42 8.16 64.79
C GLU K 41 7.42 9.26 64.46
N PRO K 42 7.52 10.43 65.07
CA PRO K 42 6.75 11.58 64.59
C PRO K 42 6.98 11.83 63.11
N ASP K 43 5.94 11.78 62.28
CA ASP K 43 6.19 11.84 60.85
C ASP K 43 6.94 13.12 60.56
N ARG K 44 8.15 12.98 60.04
CA ARG K 44 9.01 14.12 59.77
C ARG K 44 8.81 14.72 58.38
N GLU K 45 7.98 14.11 57.54
CA GLU K 45 7.83 14.61 56.18
C GLU K 45 6.39 14.92 55.82
N LYS K 46 5.43 14.54 56.64
CA LYS K 46 4.04 14.89 56.38
C LYS K 46 3.86 16.40 56.25
N ILE K 47 4.14 17.13 57.32
CA ILE K 47 4.06 18.58 57.34
C ILE K 47 5.45 19.18 57.35
N LYS K 48 5.62 20.26 56.59
CA LYS K 48 6.87 20.98 56.46
C LYS K 48 6.54 22.46 56.60
N LEU K 49 7.41 23.19 57.27
CA LEU K 49 7.22 24.62 57.48
C LEU K 49 8.04 25.39 56.46
N LEU K 50 7.36 26.07 55.54
CA LEU K 50 8.06 26.68 54.43
C LEU K 50 8.65 28.01 54.87
N THR K 51 9.92 27.99 55.26
CA THR K 51 10.60 29.19 55.70
C THR K 51 10.42 30.33 54.71
N GLN K 52 10.33 30.01 53.43
CA GLN K 52 10.16 31.03 52.40
C GLN K 52 8.92 31.89 52.60
N ALA K 53 7.98 31.46 53.43
CA ALA K 53 6.69 32.12 53.51
C ALA K 53 6.31 32.38 54.96
N THR K 54 7.29 32.44 55.85
CA THR K 54 7.00 32.59 57.27
C THR K 54 7.87 33.66 57.89
N SER K 55 7.24 34.64 58.51
CA SER K 55 8.00 35.64 59.22
C SER K 55 8.72 34.97 60.37
N GLU K 56 9.73 35.66 60.89
CA GLU K 56 10.47 35.14 62.02
C GLU K 56 10.07 35.77 63.34
N ASP K 57 9.15 36.71 63.30
CA ASP K 57 8.65 37.35 64.51
C ASP K 57 7.49 36.55 65.10
N GLY K 58 7.04 35.54 64.34
CA GLY K 58 5.95 34.69 64.77
C GLY K 58 4.59 35.32 64.53
N THR K 59 4.25 35.52 63.26
CA THR K 59 2.97 36.13 62.90
C THR K 59 2.46 35.76 61.51
N SER K 60 3.12 34.83 60.84
CA SER K 60 2.67 34.45 59.51
C SER K 60 3.50 33.27 59.02
N ALA K 61 2.82 32.26 58.51
CA ALA K 61 3.51 31.10 57.97
C ALA K 61 2.68 30.50 56.87
N SER K 62 3.35 29.82 55.95
CA SER K 62 2.72 28.94 55.00
C SER K 62 3.16 27.52 55.30
N PHE K 63 2.21 26.64 55.55
CA PHE K 63 2.48 25.25 55.84
C PHE K 63 2.21 24.41 54.61
N GLN K 64 3.01 23.35 54.46
CA GLN K 64 2.84 22.42 53.35
C GLN K 64 2.59 21.04 53.92
N ILE K 65 1.44 20.48 53.59
CA ILE K 65 1.08 19.12 53.95
C ILE K 65 1.16 18.26 52.72
N VAL K 66 1.75 17.12 52.84
CA VAL K 66 1.88 16.20 51.73
C VAL K 66 0.66 15.30 51.69
N GLU K 67 0.30 14.89 50.48
CA GLU K 67 -0.75 13.90 50.29
C GLU K 67 -2.06 14.37 50.91
N GLU K 68 -2.50 15.56 50.51
CA GLU K 68 -3.76 16.10 50.95
C GLU K 68 -4.34 16.93 49.82
N ASP K 69 -5.60 17.31 49.96
CA ASP K 69 -6.22 18.14 48.94
C ASP K 69 -7.40 18.89 49.56
N HIS K 70 -8.31 19.35 48.71
CA HIS K 70 -9.51 20.04 49.18
C HIS K 70 -10.18 19.28 50.31
N THR K 71 -10.12 17.95 50.27
CA THR K 71 -10.71 17.12 51.30
C THR K 71 -10.45 17.71 52.67
N LEU K 72 -9.18 17.72 53.06
CA LEU K 72 -8.80 18.32 54.32
C LEU K 72 -8.75 19.83 54.22
N GLY K 73 -8.13 20.34 53.17
CA GLY K 73 -7.94 21.76 52.99
C GLY K 73 -9.12 22.65 53.27
N ASN K 74 -10.23 22.47 52.56
CA ASN K 74 -11.33 23.41 52.77
C ASN K 74 -11.92 23.31 54.16
N ALA K 75 -11.95 22.13 54.75
CA ALA K 75 -12.44 22.04 56.12
C ALA K 75 -11.51 22.77 57.07
N LEU K 76 -10.21 22.61 56.85
CA LEU K 76 -9.25 23.20 57.75
C LEU K 76 -9.25 24.71 57.65
N ARG K 77 -9.35 25.24 56.44
CA ARG K 77 -9.44 26.68 56.32
C ARG K 77 -10.74 27.18 56.94
N TYR K 78 -11.79 26.37 56.86
CA TYR K 78 -13.07 26.80 57.42
C TYR K 78 -12.96 26.96 58.94
N VAL K 79 -12.47 25.93 59.61
CA VAL K 79 -12.30 26.01 61.06
C VAL K 79 -11.29 27.08 61.43
N ILE K 80 -10.23 27.21 60.65
CA ILE K 80 -9.24 28.23 60.97
C ILE K 80 -9.87 29.61 60.88
N MET K 81 -10.73 29.82 59.89
CA MET K 81 -11.40 31.12 59.82
C MET K 81 -12.40 31.28 60.95
N LYS K 82 -12.84 30.19 61.55
CA LYS K 82 -13.62 30.34 62.77
C LYS K 82 -12.77 30.87 63.92
N ASN K 83 -11.46 30.69 63.87
CA ASN K 83 -10.62 31.29 64.89
C ASN K 83 -10.70 32.80 64.79
N PRO K 84 -11.19 33.49 65.82
CA PRO K 84 -11.21 34.95 65.79
C PRO K 84 -9.84 35.60 65.68
N ASP K 85 -8.77 34.91 66.04
CA ASP K 85 -7.44 35.53 66.00
C ASP K 85 -6.71 35.34 64.69
N VAL K 86 -7.27 34.58 63.75
CA VAL K 86 -6.68 34.51 62.42
C VAL K 86 -7.02 35.79 61.68
N GLU K 87 -6.00 36.51 61.22
CA GLU K 87 -6.25 37.58 60.27
C GLU K 87 -6.51 37.03 58.89
N PHE K 88 -5.61 36.20 58.38
CA PHE K 88 -5.71 35.64 57.04
C PHE K 88 -5.43 34.16 57.13
N CYS K 89 -6.26 33.35 56.48
CA CYS K 89 -5.90 31.94 56.33
C CYS K 89 -6.55 31.35 55.08
N GLY K 90 -5.81 30.51 54.39
CA GLY K 90 -6.31 29.84 53.21
C GLY K 90 -5.39 28.70 52.82
N TYR K 91 -5.87 27.90 51.89
CA TYR K 91 -5.10 26.79 51.34
C TYR K 91 -4.96 26.94 49.84
N SER K 92 -3.91 26.32 49.30
CA SER K 92 -3.57 26.43 47.89
C SER K 92 -2.99 25.11 47.43
N ILE K 93 -3.40 24.64 46.25
CA ILE K 93 -2.85 23.43 45.65
C ILE K 93 -1.76 23.86 44.67
N PRO K 94 -0.50 23.53 44.91
CA PRO K 94 0.54 23.84 43.92
C PRO K 94 0.29 23.25 42.56
N HIS K 95 -0.32 22.09 42.50
CA HIS K 95 -0.66 21.48 41.22
C HIS K 95 -1.42 20.20 41.49
N PRO K 96 -2.57 20.01 40.85
CA PRO K 96 -3.36 18.82 41.12
C PRO K 96 -2.56 17.52 41.08
N SER K 97 -1.76 17.33 40.05
CA SER K 97 -0.99 16.10 39.94
C SER K 97 0.02 15.87 41.05
N GLU K 98 0.47 16.91 41.73
CA GLU K 98 1.53 16.65 42.68
C GLU K 98 1.04 16.15 44.03
N ASN K 99 -0.26 16.25 44.31
CA ASN K 99 -0.82 15.67 45.51
C ASN K 99 -0.18 16.28 46.76
N LEU K 100 -0.21 17.60 46.82
CA LEU K 100 0.42 18.38 47.88
C LEU K 100 -0.59 19.39 48.36
N LEU K 101 -0.40 19.86 49.58
CA LEU K 101 -1.28 20.89 50.11
C LEU K 101 -0.43 21.91 50.83
N ASN K 102 -0.51 23.16 50.38
CA ASN K 102 0.12 24.28 51.04
C ASN K 102 -0.97 25.11 51.68
N ILE K 103 -0.80 25.43 52.95
CA ILE K 103 -1.79 26.18 53.71
C ILE K 103 -1.06 27.30 54.41
N ARG K 104 -1.44 28.54 54.11
CA ARG K 104 -0.76 29.70 54.65
C ARG K 104 -1.62 30.32 55.74
N ILE K 105 -1.02 30.58 56.89
CA ILE K 105 -1.70 31.23 58.00
C ILE K 105 -0.87 32.43 58.41
N GLN K 106 -1.42 33.62 58.23
CA GLN K 106 -0.88 34.82 58.83
C GLN K 106 -1.90 35.30 59.84
N THR K 107 -1.46 35.54 61.07
CA THR K 107 -2.33 35.80 62.20
C THR K 107 -2.15 37.23 62.68
N TYR K 108 -2.87 37.56 63.73
CA TYR K 108 -2.67 38.83 64.39
C TYR K 108 -1.54 38.67 65.40
N GLY K 109 -1.17 39.77 66.04
CA GLY K 109 -0.01 39.76 66.91
C GLY K 109 -0.24 39.03 68.21
N GLU K 110 -1.36 38.33 68.34
CA GLU K 110 -1.72 37.68 69.59
C GLU K 110 -1.51 36.18 69.61
N THR K 111 -0.96 35.60 68.55
CA THR K 111 -0.75 34.16 68.55
C THR K 111 0.23 33.80 67.43
N THR K 112 0.79 32.60 67.52
CA THR K 112 1.65 32.08 66.49
C THR K 112 0.83 31.16 65.59
N ALA K 113 1.24 31.09 64.33
CA ALA K 113 0.49 30.31 63.36
C ALA K 113 0.48 28.83 63.70
N VAL K 114 1.55 28.31 64.31
CA VAL K 114 1.53 26.92 64.71
C VAL K 114 0.45 26.66 65.74
N ASP K 115 0.33 27.55 66.73
CA ASP K 115 -0.73 27.41 67.71
C ASP K 115 -2.10 27.51 67.07
N ALA K 116 -2.28 28.46 66.17
CA ALA K 116 -3.59 28.59 65.53
C ALA K 116 -3.92 27.35 64.74
N LEU K 117 -2.91 26.75 64.10
CA LEU K 117 -3.15 25.54 63.33
C LEU K 117 -3.54 24.38 64.21
N GLN K 118 -2.78 24.13 65.28
CA GLN K 118 -3.17 23.08 66.20
C GLN K 118 -4.54 23.33 66.80
N LYS K 119 -4.91 24.60 67.01
CA LYS K 119 -6.26 24.85 67.53
C LYS K 119 -7.29 24.50 66.48
N GLY K 120 -7.00 24.81 65.22
CA GLY K 120 -7.90 24.40 64.15
C GLY K 120 -8.10 22.90 64.14
N LEU K 121 -7.00 22.15 64.21
CA LEU K 121 -7.12 20.71 64.07
C LEU K 121 -7.81 20.09 65.26
N LYS K 122 -7.50 20.55 66.47
CA LYS K 122 -8.21 20.06 67.65
C LYS K 122 -9.69 20.39 67.60
N ASP K 123 -10.02 21.55 67.04
CA ASP K 123 -11.43 21.88 66.88
C ASP K 123 -12.10 20.98 65.85
N LEU K 124 -11.41 20.69 64.75
CA LEU K 124 -12.00 19.79 63.77
C LEU K 124 -12.22 18.40 64.35
N MET K 125 -11.26 17.91 65.13
CA MET K 125 -11.45 16.62 65.78
C MET K 125 -12.68 16.65 66.69
N ASP K 126 -12.81 17.71 67.48
CA ASP K 126 -13.96 17.79 68.35
C ASP K 126 -15.26 17.86 67.56
N LEU K 127 -15.25 18.60 66.45
CA LEU K 127 -16.45 18.67 65.61
C LEU K 127 -16.82 17.31 65.05
N CYS K 128 -15.84 16.55 64.58
CA CYS K 128 -16.17 15.20 64.11
C CYS K 128 -16.71 14.36 65.24
N ASP K 129 -16.26 14.60 66.47
CA ASP K 129 -16.94 14.00 67.60
C ASP K 129 -18.40 14.40 67.63
N VAL K 130 -18.70 15.66 67.33
CA VAL K 130 -20.10 16.08 67.34
C VAL K 130 -20.89 15.30 66.30
N VAL K 131 -20.35 15.22 65.08
CA VAL K 131 -21.07 14.55 64.01
C VAL K 131 -21.30 13.09 64.37
N GLU K 132 -20.25 12.42 64.83
CA GLU K 132 -20.39 11.00 65.09
C GLU K 132 -21.40 10.78 66.22
N SER K 133 -21.38 11.65 67.23
CA SER K 133 -22.22 11.40 68.39
C SER K 133 -23.69 11.60 68.05
N LYS K 134 -24.02 12.72 67.40
CA LYS K 134 -25.42 12.89 67.01
C LYS K 134 -25.84 11.84 66.00
N PHE K 135 -24.91 11.41 65.17
CA PHE K 135 -25.26 10.39 64.18
C PHE K 135 -25.59 9.09 64.88
N THR K 136 -24.84 8.75 65.91
CA THR K 136 -25.14 7.55 66.65
C THR K 136 -26.49 7.67 67.32
N GLU K 137 -26.77 8.85 67.89
CA GLU K 137 -28.02 9.02 68.61
C GLU K 137 -29.22 8.83 67.68
N LYS K 138 -29.17 9.44 66.49
CA LYS K 138 -30.31 9.29 65.59
C LYS K 138 -30.36 7.93 64.90
N ILE K 139 -29.21 7.28 64.71
CA ILE K 139 -29.24 5.92 64.16
C ILE K 139 -29.85 4.96 65.17
N LYS K 140 -29.51 5.12 66.44
CA LYS K 140 -30.08 4.27 67.47
C LYS K 140 -31.55 4.59 67.68
N SER K 141 -31.93 5.86 67.58
CA SER K 141 -33.30 6.24 67.83
C SER K 141 -34.25 5.56 66.85
N MET K 142 -33.78 5.26 65.65
CA MET K 142 -34.62 4.65 64.62
C MET K 142 -35.47 3.51 65.17
N THR L 26 4.04 -32.56 26.51
CA THR L 26 3.78 -32.58 25.08
C THR L 26 3.44 -31.21 24.54
N LEU L 27 4.32 -30.66 23.70
CA LEU L 27 4.01 -29.39 23.06
C LEU L 27 2.85 -29.60 22.09
N LYS L 28 2.11 -28.54 21.81
CA LYS L 28 0.88 -28.72 21.06
C LYS L 28 0.77 -27.73 19.91
N TYR L 29 0.10 -28.17 18.86
CA TYR L 29 -0.17 -27.34 17.69
C TYR L 29 -1.51 -27.75 17.10
N ILE L 30 -2.41 -26.79 16.97
CA ILE L 30 -3.77 -27.02 16.51
C ILE L 30 -3.86 -26.75 15.01
N CYS L 31 -4.67 -27.54 14.31
CA CYS L 31 -4.84 -27.31 12.88
C CYS L 31 -5.84 -26.18 12.70
N ALA L 32 -5.49 -25.16 11.92
CA ALA L 32 -6.38 -24.03 11.75
C ALA L 32 -7.70 -24.38 11.10
N GLU L 33 -7.82 -25.55 10.49
CA GLU L 33 -9.03 -25.82 9.72
C GLU L 33 -9.70 -27.13 10.11
N CYS L 34 -9.05 -27.95 10.93
CA CYS L 34 -9.63 -29.23 11.34
C CYS L 34 -9.89 -29.33 12.86
N SER L 35 -9.39 -28.36 13.61
CA SER L 35 -9.55 -28.34 15.06
C SER L 35 -8.75 -29.43 15.71
N SER L 36 -8.10 -30.30 14.95
CA SER L 36 -7.43 -31.44 15.54
C SER L 36 -6.17 -30.99 16.25
N LYS L 37 -6.09 -31.29 17.53
CA LYS L 37 -4.88 -31.01 18.27
C LYS L 37 -3.77 -31.94 17.79
N LEU L 38 -2.54 -31.44 17.75
CA LEU L 38 -1.44 -32.33 17.43
C LEU L 38 -0.15 -31.72 17.97
N SER L 39 0.94 -32.46 17.84
CA SER L 39 2.19 -32.07 18.45
C SER L 39 3.34 -32.30 17.47
N LEU L 40 3.49 -31.38 16.52
CA LEU L 40 4.52 -31.48 15.50
C LEU L 40 5.90 -31.62 16.14
N SER L 41 6.83 -32.21 15.39
CA SER L 41 8.22 -32.29 15.81
C SER L 41 9.14 -31.76 14.72
N ARG L 42 10.40 -31.47 15.12
CA ARG L 42 11.43 -31.08 14.17
C ARG L 42 11.66 -32.18 13.14
N THR L 43 10.94 -33.27 13.27
CA THR L 43 11.13 -34.43 12.41
C THR L 43 9.89 -34.72 11.59
N ASP L 44 8.91 -33.83 11.58
CA ASP L 44 7.69 -34.04 10.81
C ASP L 44 7.34 -32.81 9.99
N ALA L 45 6.60 -33.07 8.92
CA ALA L 45 6.17 -32.03 7.98
C ALA L 45 5.18 -31.07 8.63
N VAL L 46 5.34 -29.78 8.32
CA VAL L 46 4.48 -28.76 8.91
C VAL L 46 3.14 -28.79 8.20
N ARG L 47 2.29 -29.73 8.57
CA ARG L 47 1.02 -29.96 7.88
C ARG L 47 0.05 -30.58 8.89
N CYS L 48 -1.23 -30.31 8.71
CA CYS L 48 -2.26 -30.87 9.59
C CYS L 48 -2.32 -32.36 9.30
N LYS L 49 -1.99 -33.17 10.30
CA LYS L 49 -1.96 -34.61 10.13
C LYS L 49 -3.34 -35.24 9.99
N ASP L 50 -4.40 -34.52 10.29
CA ASP L 50 -5.73 -35.07 10.17
C ASP L 50 -6.47 -34.55 8.96
N CYS L 51 -6.03 -33.41 8.45
CA CYS L 51 -6.68 -32.79 7.30
C CYS L 51 -5.67 -32.58 6.17
N GLY L 52 -4.51 -32.04 6.50
CA GLY L 52 -3.51 -31.81 5.49
C GLY L 52 -3.23 -30.35 5.35
N HIS L 53 -3.82 -29.54 6.21
CA HIS L 53 -3.63 -28.11 6.17
C HIS L 53 -2.18 -27.77 6.46
N ARG L 54 -1.80 -26.58 6.04
CA ARG L 54 -0.44 -26.10 6.18
C ARG L 54 -0.37 -24.87 7.08
N ILE L 55 -1.33 -24.76 8.00
CA ILE L 55 -1.39 -23.64 8.93
C ILE L 55 -1.81 -24.17 10.30
N LEU L 56 -1.03 -23.84 11.32
CA LEU L 56 -1.20 -24.43 12.64
C LEU L 56 -1.17 -23.33 13.68
N LEU L 57 -2.23 -23.26 14.49
CA LEU L 57 -2.30 -22.35 15.62
C LEU L 57 -1.60 -22.95 16.83
N LYS L 58 -0.70 -22.18 17.43
CA LYS L 58 -0.03 -22.63 18.65
C LYS L 58 -0.96 -22.64 19.85
N ALA L 59 -1.10 -23.80 20.46
CA ALA L 59 -2.07 -23.97 21.53
C ALA L 59 -1.57 -23.29 22.80
N ARG L 60 -2.48 -22.69 23.54
CA ARG L 60 -2.19 -22.19 24.87
C ARG L 60 -2.06 -23.31 25.88
N THR L 61 -1.26 -23.08 26.91
CA THR L 61 -1.00 -24.10 27.92
C THR L 61 -1.28 -23.51 29.29
N LYS L 62 -1.17 -24.35 30.32
CA LYS L 62 -1.33 -23.89 31.70
C LYS L 62 0.00 -23.27 32.11
N ARG L 63 0.09 -21.95 31.93
CA ARG L 63 1.31 -21.20 32.17
C ARG L 63 0.98 -20.03 33.08
N LEU L 64 1.75 -19.85 34.16
CA LEU L 64 1.41 -18.83 35.14
C LEU L 64 1.69 -17.45 34.55
N VAL L 65 0.71 -16.55 34.66
CA VAL L 65 0.93 -15.14 34.37
C VAL L 65 0.24 -14.27 35.41
N GLN L 66 1.00 -13.33 35.97
CA GLN L 66 0.45 -12.36 36.89
C GLN L 66 -0.12 -11.17 36.12
N PHE L 67 -1.17 -10.57 36.68
CA PHE L 67 -1.77 -9.38 36.10
C PHE L 67 -2.15 -8.38 37.17
N GLU L 68 -1.72 -7.14 36.97
CA GLU L 68 -2.22 -6.04 37.75
C GLU L 68 -3.64 -5.73 37.32
N ALA L 69 -4.56 -5.80 38.26
CA ALA L 69 -6.00 -5.77 38.03
C ALA L 69 -6.54 -4.44 37.54
N ARG L 70 -5.78 -3.72 36.71
CA ARG L 70 -6.25 -2.45 36.21
C ARG L 70 -5.97 -2.33 34.72
N SER M 8 -63.59 18.50 -41.89
CA SER M 8 -62.72 18.45 -43.05
C SER M 8 -61.68 17.34 -42.91
N GLU M 9 -61.96 16.19 -43.52
CA GLU M 9 -61.02 15.09 -43.57
C GLU M 9 -61.09 14.46 -44.95
N ILE M 10 -59.94 14.06 -45.46
CA ILE M 10 -59.88 13.40 -46.77
C ILE M 10 -60.21 11.92 -46.66
N GLU M 11 -61.05 11.45 -47.58
CA GLU M 11 -61.44 10.07 -47.67
C GLU M 11 -60.39 9.29 -48.46
N ILE M 12 -60.32 7.98 -48.20
CA ILE M 12 -59.39 7.12 -48.91
C ILE M 12 -60.18 6.33 -49.94
N GLU M 13 -59.75 6.42 -51.20
CA GLU M 13 -60.45 5.77 -52.30
C GLU M 13 -59.96 4.35 -52.56
N SER M 14 -58.67 4.21 -52.84
CA SER M 14 -58.09 2.92 -53.19
C SER M 14 -56.72 2.77 -52.58
N VAL M 15 -56.35 1.53 -52.29
CA VAL M 15 -55.02 1.17 -51.81
C VAL M 15 -54.43 0.09 -52.72
N GLN M 16 -53.19 0.29 -53.14
CA GLN M 16 -52.45 -0.71 -53.88
C GLN M 16 -51.31 -1.22 -52.99
N ASP M 17 -51.28 -2.53 -52.77
CA ASP M 17 -50.37 -3.14 -51.81
C ASP M 17 -49.19 -3.82 -52.47
N GLN M 18 -49.12 -3.88 -53.79
CA GLN M 18 -47.97 -4.64 -54.21
C GLN M 18 -46.93 -3.78 -54.92
N PRO M 19 -45.66 -4.21 -54.87
CA PRO M 19 -44.56 -3.37 -55.33
C PRO M 19 -44.77 -2.80 -56.72
N SER M 20 -44.55 -1.49 -56.85
CA SER M 20 -44.67 -0.83 -58.14
C SER M 20 -43.77 0.40 -58.19
N VAL M 21 -44.02 1.37 -57.31
CA VAL M 21 -43.25 2.61 -57.26
C VAL M 21 -42.28 2.55 -56.09
N ALA M 22 -41.13 3.20 -56.24
CA ALA M 22 -40.12 3.29 -55.20
C ALA M 22 -39.66 4.74 -55.04
N VAL M 23 -39.06 5.02 -53.89
CA VAL M 23 -38.51 6.33 -53.58
C VAL M 23 -37.07 6.20 -53.14
N GLY M 24 -36.23 7.14 -53.59
CA GLY M 24 -34.80 7.03 -53.42
C GLY M 24 -34.14 8.34 -53.00
N SER M 25 -33.32 8.28 -51.95
CA SER M 25 -32.49 9.40 -51.53
C SER M 25 -31.20 9.47 -52.33
N PHE M 26 -30.85 10.69 -52.78
CA PHE M 26 -29.66 10.91 -53.58
C PHE M 26 -28.99 12.20 -53.14
N PHE M 27 -27.82 12.47 -53.72
CA PHE M 27 -27.17 13.76 -53.53
C PHE M 27 -28.08 14.90 -53.97
N LYS M 28 -27.92 16.06 -53.31
CA LYS M 28 -28.69 17.25 -53.66
C LYS M 28 -28.31 17.79 -55.01
N GLY M 29 -29.08 17.42 -56.05
CA GLY M 29 -28.75 17.81 -57.39
C GLY M 29 -28.87 16.66 -58.37
N PHE M 30 -29.11 15.46 -57.85
CA PHE M 30 -29.20 14.30 -58.72
C PHE M 30 -30.30 14.50 -59.75
N ARG M 31 -29.99 14.11 -60.98
CA ARG M 31 -30.89 14.29 -62.11
C ARG M 31 -30.75 13.15 -63.11
N ALA M 32 -29.52 12.67 -63.26
CA ALA M 32 -29.21 11.48 -64.04
C ALA M 32 -29.68 11.63 -65.48
N PRO M 33 -29.26 10.76 -66.39
CA PRO M 33 -29.62 10.94 -67.80
C PRO M 33 -31.12 10.88 -67.99
N SER M 34 -31.57 11.44 -69.12
CA SER M 34 -32.98 11.38 -69.46
C SER M 34 -33.50 9.95 -69.56
N ASP M 35 -32.60 8.96 -69.61
CA ASP M 35 -32.99 7.58 -69.82
C ASP M 35 -32.52 6.64 -68.72
N THR M 36 -31.80 7.15 -67.72
CA THR M 36 -31.19 6.28 -66.72
C THR M 36 -32.20 5.26 -66.21
N THR M 37 -31.72 4.04 -65.99
CA THR M 37 -32.56 2.90 -65.68
C THR M 37 -32.26 2.42 -64.28
N PHE M 38 -33.27 1.90 -63.61
CA PHE M 38 -33.18 1.57 -62.19
C PHE M 38 -33.50 0.10 -62.03
N ASP M 39 -32.49 -0.69 -61.67
CA ASP M 39 -32.71 -2.12 -61.56
C ASP M 39 -33.38 -2.41 -60.24
N LEU M 40 -34.55 -3.04 -60.28
CA LEU M 40 -35.24 -3.42 -59.06
C LEU M 40 -34.95 -4.89 -58.76
N TYR M 41 -34.80 -5.19 -57.48
CA TYR M 41 -34.56 -6.53 -57.01
C TYR M 41 -35.57 -6.82 -55.91
N LYS M 42 -35.71 -8.10 -55.57
CA LYS M 42 -36.63 -8.48 -54.51
C LYS M 42 -36.00 -9.57 -53.67
N LYS M 43 -36.25 -9.48 -52.37
CA LYS M 43 -35.89 -10.51 -51.41
C LYS M 43 -37.13 -10.91 -50.65
N LYS M 44 -37.34 -12.21 -50.52
CA LYS M 44 -38.52 -12.76 -49.86
C LYS M 44 -37.91 -13.45 -48.66
N LYS M 45 -37.76 -12.69 -47.57
CA LYS M 45 -37.18 -13.21 -46.34
C LYS M 45 -38.31 -13.38 -45.34
N SER M 46 -38.29 -14.50 -44.63
CA SER M 46 -39.33 -14.81 -43.64
C SER M 46 -40.72 -14.65 -44.23
N GLU M 47 -41.29 -13.46 -44.09
CA GLU M 47 -42.62 -13.19 -44.62
C GLU M 47 -42.60 -11.92 -45.48
N LYS M 48 -41.49 -11.18 -45.45
CA LYS M 48 -41.40 -9.94 -46.19
C LYS M 48 -40.42 -9.94 -47.36
N ASP M 49 -40.14 -8.75 -47.89
CA ASP M 49 -39.23 -8.60 -49.02
C ASP M 49 -38.40 -7.32 -48.96
N GLU M 50 -37.08 -7.51 -48.99
CA GLU M 50 -36.11 -6.41 -48.97
C GLU M 50 -35.72 -6.07 -50.40
N PHE M 51 -35.67 -4.77 -50.71
CA PHE M 51 -35.42 -4.33 -52.07
C PHE M 51 -34.10 -3.60 -52.18
N VAL M 52 -33.41 -3.80 -53.29
CA VAL M 52 -32.15 -3.15 -53.62
C VAL M 52 -32.24 -2.62 -55.04
N LEU M 53 -31.86 -1.36 -55.24
CA LEU M 53 -31.87 -0.73 -56.55
C LEU M 53 -30.46 -0.63 -57.10
N HIS M 54 -30.35 -0.83 -58.41
CA HIS M 54 -29.08 -0.77 -59.12
C HIS M 54 -29.27 -0.14 -60.49
N GLY M 55 -28.43 0.84 -60.82
CA GLY M 55 -28.43 1.43 -62.14
C GLY M 55 -27.02 1.71 -62.62
N GLU M 56 -26.91 1.97 -63.92
CA GLU M 56 -25.64 2.26 -64.58
C GLU M 56 -25.84 3.43 -65.53
N ASN M 57 -24.79 4.23 -65.70
CA ASN M 57 -24.73 5.24 -66.73
C ASN M 57 -23.40 5.22 -67.46
N GLU M 58 -23.31 6.10 -68.45
CA GLU M 58 -22.12 6.22 -69.31
C GLU M 58 -20.83 6.37 -68.52
N ARG M 59 -20.90 6.83 -67.27
CA ARG M 59 -19.70 6.96 -66.46
C ARG M 59 -19.90 6.24 -65.15
N LEU M 60 -21.04 6.45 -64.51
CA LEU M 60 -21.28 5.97 -63.17
C LEU M 60 -22.34 4.89 -63.16
N GLU M 61 -22.53 4.34 -61.98
CA GLU M 61 -23.48 3.28 -61.72
C GLU M 61 -23.99 3.47 -60.29
N TYR M 62 -25.30 3.42 -60.14
CA TYR M 62 -25.95 3.77 -58.88
C TYR M 62 -26.71 2.57 -58.32
N GLU M 63 -26.50 2.32 -57.04
CA GLU M 63 -27.06 1.17 -56.32
C GLU M 63 -27.65 1.65 -55.01
N GLY M 64 -28.85 1.21 -54.70
CA GLY M 64 -29.53 1.69 -53.51
C GLY M 64 -30.21 0.54 -52.79
N TYR M 65 -30.30 0.70 -51.47
CA TYR M 65 -30.80 -0.33 -50.57
C TYR M 65 -31.45 0.32 -49.36
N THR M 66 -32.17 -0.52 -48.61
CA THR M 66 -33.05 -0.08 -47.52
C THR M 66 -32.32 -0.07 -46.20
N ASP M 67 -32.69 0.89 -45.34
CA ASP M 67 -32.16 0.95 -43.99
C ASP M 67 -32.94 -0.04 -43.13
N SER M 68 -32.38 -1.24 -42.97
CA SER M 68 -33.16 -2.37 -42.49
C SER M 68 -33.73 -2.10 -41.11
N SER M 69 -33.00 -1.35 -40.28
CA SER M 69 -33.45 -1.13 -38.91
C SER M 69 -34.62 -0.16 -38.85
N SER M 70 -34.73 0.73 -39.82
CA SER M 70 -35.90 1.59 -39.94
C SER M 70 -37.06 0.95 -40.69
N GLN M 71 -36.78 0.05 -41.63
CA GLN M 71 -37.86 -0.67 -42.29
C GLN M 71 -38.71 -1.45 -41.32
N ALA M 72 -38.09 -2.14 -40.38
CA ALA M 72 -38.87 -2.92 -39.42
C ALA M 72 -39.65 -2.02 -38.48
N SER M 73 -39.24 -0.77 -38.33
CA SER M 73 -39.88 0.14 -37.38
C SER M 73 -40.68 1.23 -38.06
N ASN M 74 -40.68 1.29 -39.39
CA ASN M 74 -41.49 2.28 -40.08
C ASN M 74 -41.78 1.80 -41.49
N GLN M 75 -42.97 2.10 -41.98
CA GLN M 75 -43.35 1.69 -43.31
C GLN M 75 -43.98 2.86 -44.05
N TYR M 76 -43.54 3.07 -45.28
CA TYR M 76 -43.84 4.24 -46.08
C TYR M 76 -45.02 4.00 -47.01
N VAL M 77 -45.91 4.97 -47.10
CA VAL M 77 -47.01 4.88 -48.06
C VAL M 77 -47.10 6.18 -48.84
N VAL M 78 -47.33 6.04 -50.15
CA VAL M 78 -47.47 7.16 -51.06
C VAL M 78 -48.79 7.01 -51.79
N GLY M 79 -49.50 8.12 -51.95
CA GLY M 79 -50.71 8.12 -52.75
C GLY M 79 -50.84 9.39 -53.56
N LEU M 80 -51.60 9.29 -54.64
CA LEU M 80 -51.93 10.42 -55.48
C LEU M 80 -53.40 10.74 -55.25
N PHE M 81 -53.66 11.94 -54.74
CA PHE M 81 -55.00 12.35 -54.41
C PHE M 81 -55.54 13.29 -55.47
N ASN M 82 -56.83 13.16 -55.78
CA ASN M 82 -57.51 14.19 -56.52
C ASN M 82 -58.46 14.94 -55.60
N PRO M 83 -58.37 16.27 -55.55
CA PRO M 83 -59.33 17.04 -54.76
C PRO M 83 -60.74 16.91 -55.31
N GLU M 84 -60.87 16.73 -56.62
CA GLU M 84 -62.19 16.77 -57.25
C GLU M 84 -62.83 15.41 -57.22
N LYS M 85 -62.02 14.36 -57.18
CA LYS M 85 -62.50 13.00 -57.04
C LYS M 85 -62.31 12.50 -55.62
N LYS M 86 -61.66 13.30 -54.77
CA LYS M 86 -61.42 12.96 -53.38
C LYS M 86 -60.79 11.58 -53.22
N SER M 87 -59.93 11.19 -54.16
CA SER M 87 -59.52 9.80 -54.25
C SER M 87 -58.00 9.70 -54.34
N ILE M 88 -57.45 8.73 -53.62
CA ILE M 88 -56.02 8.47 -53.57
C ILE M 88 -55.76 7.08 -54.11
N GLN M 89 -54.77 6.96 -54.97
CA GLN M 89 -54.23 5.65 -55.32
C GLN M 89 -53.02 5.43 -54.43
N LEU M 90 -53.18 4.56 -53.44
CA LEU M 90 -52.17 4.41 -52.40
C LEU M 90 -51.09 3.45 -52.89
N TYR M 91 -49.84 3.76 -52.60
CA TYR M 91 -48.77 2.89 -53.03
C TYR M 91 -47.70 2.74 -51.95
N LYS M 92 -47.39 1.49 -51.62
CA LYS M 92 -46.27 1.18 -50.74
C LYS M 92 -44.99 1.29 -51.54
N ALA M 93 -44.05 2.13 -51.08
CA ALA M 93 -42.78 2.25 -51.81
C ALA M 93 -41.61 2.18 -50.84
N PRO M 94 -40.60 1.35 -51.13
CA PRO M 94 -39.38 1.36 -50.32
C PRO M 94 -38.54 2.60 -50.61
N VAL M 95 -38.03 3.21 -49.56
CA VAL M 95 -37.09 4.32 -49.69
C VAL M 95 -35.68 3.75 -49.62
N LEU M 96 -34.88 4.00 -50.66
CA LEU M 96 -33.57 3.40 -50.81
C LEU M 96 -32.51 4.49 -50.91
N VAL M 97 -31.56 4.48 -49.97
CA VAL M 97 -30.46 5.45 -50.01
C VAL M 97 -29.44 4.93 -51.00
N SER M 98 -29.45 5.48 -52.21
CA SER M 98 -28.63 5.01 -53.31
C SER M 98 -27.43 5.92 -53.54
N LYS M 99 -26.28 5.32 -53.83
CA LYS M 99 -25.03 6.02 -54.07
C LYS M 99 -24.60 5.77 -55.50
N VAL M 100 -23.90 6.75 -56.09
CA VAL M 100 -23.47 6.66 -57.48
C VAL M 100 -21.96 6.67 -57.56
N VAL M 101 -21.38 5.59 -58.09
CA VAL M 101 -19.97 5.47 -58.34
C VAL M 101 -19.72 5.62 -59.84
N SER M 102 -18.57 6.17 -60.20
CA SER M 102 -18.19 6.32 -61.59
C SER M 102 -17.12 5.30 -61.96
N LYS M 103 -16.75 5.32 -63.25
CA LYS M 103 -15.62 4.52 -63.72
C LYS M 103 -14.31 4.97 -63.11
N SER M 104 -14.18 6.26 -62.82
CA SER M 104 -12.96 6.74 -62.18
C SER M 104 -12.83 6.23 -60.76
N SER M 105 -13.95 5.91 -60.12
CA SER M 105 -13.97 5.37 -58.77
C SER M 105 -13.58 3.90 -58.71
N LYS M 106 -13.10 3.33 -59.80
CA LYS M 106 -12.73 1.92 -59.85
C LYS M 106 -11.24 1.68 -60.06
N ASN M 107 -10.40 2.65 -59.72
CA ASN M 107 -8.96 2.48 -59.83
C ASN M 107 -8.30 2.42 -58.45
N LEU M 108 -7.20 1.67 -58.38
CA LEU M 108 -6.50 1.45 -57.12
C LEU M 108 -5.01 1.33 -57.37
N ARG M 109 -4.24 1.46 -56.28
CA ARG M 109 -2.79 1.38 -56.29
C ARG M 109 -2.32 -0.07 -56.15
N GLY M 110 -1.00 -0.25 -56.12
CA GLY M 110 -0.38 -1.49 -55.74
C GLY M 110 -0.78 -1.97 -54.36
N PRO M 111 -0.50 -3.24 -54.07
CA PRO M 111 -0.82 -3.79 -52.76
C PRO M 111 0.09 -3.29 -51.65
N LYS M 112 1.13 -2.55 -51.99
CA LYS M 112 2.03 -1.98 -51.01
C LYS M 112 2.56 -0.66 -51.57
N ILE M 113 3.54 -0.11 -50.88
CA ILE M 113 4.29 1.04 -51.35
C ILE M 113 4.64 1.04 -52.85
N PHE N 23 -24.43 -8.02 -62.81
CA PHE N 23 -24.56 -7.74 -61.39
C PHE N 23 -25.66 -8.61 -60.80
N SER N 24 -26.90 -8.12 -60.79
CA SER N 24 -28.04 -8.88 -60.29
C SER N 24 -27.71 -9.58 -58.98
N ILE N 25 -26.89 -8.87 -58.21
CA ILE N 25 -26.27 -9.24 -56.93
C ILE N 25 -26.99 -10.12 -55.91
N PRO N 26 -26.88 -9.73 -54.63
CA PRO N 26 -27.33 -10.30 -53.37
C PRO N 26 -27.93 -11.69 -53.43
N ASP N 27 -27.07 -12.71 -53.49
CA ASP N 27 -27.57 -14.09 -53.49
C ASP N 27 -28.78 -14.26 -52.58
N GLY N 28 -29.65 -13.26 -52.59
CA GLY N 28 -30.86 -13.29 -51.79
C GLY N 28 -32.00 -12.51 -52.41
N PHE N 29 -31.81 -12.08 -53.65
CA PHE N 29 -32.78 -11.27 -54.37
C PHE N 29 -33.28 -12.00 -55.60
N LYS N 30 -34.45 -11.57 -56.08
CA LYS N 30 -35.04 -12.06 -57.31
C LYS N 30 -35.31 -10.91 -58.26
N LYS N 31 -35.36 -11.22 -59.55
CA LYS N 31 -35.73 -10.20 -60.51
C LYS N 31 -37.18 -9.80 -60.29
N CYS N 32 -37.55 -8.63 -60.77
CA CYS N 32 -38.95 -8.24 -60.71
C CYS N 32 -39.75 -8.83 -61.86
N LYS N 33 -41.02 -9.13 -61.58
CA LYS N 33 -41.92 -9.65 -62.60
C LYS N 33 -43.28 -8.99 -62.62
N HIS N 34 -43.61 -8.12 -61.67
CA HIS N 34 -44.97 -7.61 -61.51
C HIS N 34 -44.95 -6.15 -61.06
N LEU N 35 -45.40 -5.26 -61.94
CA LEU N 35 -45.43 -3.84 -61.59
C LEU N 35 -46.82 -3.29 -61.90
N LYS N 36 -47.01 -1.99 -61.74
CA LYS N 36 -48.33 -1.42 -61.96
C LYS N 36 -48.26 -0.03 -62.58
N ASN N 37 -49.14 0.22 -63.53
CA ASN N 37 -49.17 1.49 -64.22
C ASN N 37 -49.52 2.62 -63.26
N PHE N 38 -48.85 3.75 -63.43
CA PHE N 38 -49.11 4.95 -62.64
C PHE N 38 -49.85 5.99 -63.47
N PRO N 39 -51.11 6.28 -63.19
CA PRO N 39 -51.86 7.18 -64.06
C PRO N 39 -51.39 8.61 -63.88
N LEU N 40 -50.09 8.82 -63.99
CA LEU N 40 -49.50 10.15 -63.81
C LEU N 40 -50.25 11.22 -64.57
N ASN N 41 -50.67 10.93 -65.81
CA ASN N 41 -51.23 11.96 -66.66
C ASN N 41 -52.64 11.66 -67.17
N GLY N 42 -53.29 10.60 -66.67
CA GLY N 42 -54.64 10.35 -67.16
C GLY N 42 -55.64 11.37 -66.68
N ASP N 43 -55.34 12.04 -65.57
CA ASP N 43 -56.10 13.19 -65.10
C ASP N 43 -55.20 14.38 -64.80
N ASN N 44 -53.90 14.29 -65.08
CA ASN N 44 -53.04 15.46 -65.06
C ASN N 44 -53.35 16.44 -66.19
N LYS N 45 -53.08 17.71 -65.90
CA LYS N 45 -52.98 18.80 -66.85
C LYS N 45 -51.90 19.74 -66.32
N LYS N 46 -51.05 20.26 -67.19
CA LYS N 46 -49.99 21.11 -66.67
C LYS N 46 -50.57 22.26 -65.86
N LYS N 47 -50.28 22.25 -64.56
CA LYS N 47 -50.79 23.23 -63.59
C LYS N 47 -52.31 23.42 -63.71
N ALA N 48 -53.05 22.38 -64.11
CA ALA N 48 -54.50 22.52 -64.21
C ALA N 48 -55.33 21.47 -63.47
N LYS N 49 -54.73 20.42 -62.91
CA LYS N 49 -55.50 19.33 -62.33
C LYS N 49 -55.37 19.21 -60.82
N GLN N 50 -54.58 20.06 -60.18
CA GLN N 50 -54.44 20.05 -58.73
C GLN N 50 -54.25 18.63 -58.18
N GLN N 51 -53.54 17.79 -58.93
CA GLN N 51 -53.25 16.46 -58.41
C GLN N 51 -52.20 16.58 -57.33
N GLN N 52 -52.06 15.52 -56.53
CA GLN N 52 -51.02 15.56 -55.52
C GLN N 52 -50.44 14.18 -55.31
N VAL N 53 -49.21 14.16 -54.82
CA VAL N 53 -48.57 12.94 -54.36
C VAL N 53 -48.13 13.18 -52.93
N TRP N 54 -48.42 12.23 -52.07
CA TRP N 54 -48.21 12.39 -50.64
C TRP N 54 -47.23 11.35 -50.15
N LEU N 55 -46.47 11.72 -49.12
CA LEU N 55 -45.62 10.79 -48.41
C LEU N 55 -46.09 10.70 -46.96
N ILE N 56 -46.30 9.48 -46.50
CA ILE N 56 -46.80 9.22 -45.15
C ILE N 56 -45.93 8.13 -44.54
N LYS N 57 -45.51 8.31 -43.30
CA LYS N 57 -44.77 7.28 -42.59
C LYS N 57 -45.71 6.54 -41.67
N PHE N 58 -45.67 5.21 -41.76
CA PHE N 58 -46.59 4.35 -41.04
C PHE N 58 -45.76 3.35 -40.24
N PRO N 59 -45.82 3.39 -38.92
CA PRO N 59 -45.34 2.25 -38.14
C PRO N 59 -45.93 0.96 -38.69
N SER N 60 -45.14 -0.11 -38.65
CA SER N 60 -45.67 -1.40 -39.06
C SER N 60 -46.89 -1.81 -38.25
N ASN N 61 -47.02 -1.27 -37.03
CA ASN N 61 -48.12 -1.64 -36.15
C ASN N 61 -49.50 -1.34 -36.73
N VAL N 62 -49.60 -0.49 -37.73
CA VAL N 62 -50.87 -0.14 -38.32
C VAL N 62 -51.06 -0.92 -39.61
N ASP N 63 -52.32 -1.28 -39.92
CA ASP N 63 -52.64 -1.99 -41.15
C ASP N 63 -53.24 -0.98 -42.11
N ILE N 64 -52.42 -0.55 -43.07
CA ILE N 64 -52.83 0.49 -44.01
C ILE N 64 -54.05 0.05 -44.81
N SER N 65 -54.05 -1.20 -45.27
CA SER N 65 -55.17 -1.72 -46.04
C SER N 65 -56.49 -1.72 -45.28
N LYS N 66 -56.49 -1.44 -43.98
CA LYS N 66 -57.71 -1.50 -43.19
C LYS N 66 -58.23 -0.11 -42.86
N LEU N 67 -57.67 0.91 -43.47
CA LEU N 67 -58.15 2.28 -43.38
C LEU N 67 -59.33 2.50 -44.32
N LYS N 68 -59.92 3.68 -44.21
CA LYS N 68 -61.03 4.08 -45.06
C LYS N 68 -60.96 5.54 -45.52
N SER N 69 -60.49 6.46 -44.69
CA SER N 69 -60.29 7.83 -45.11
C SER N 69 -59.13 8.38 -44.32
N LEU N 70 -58.69 9.58 -44.67
CA LEU N 70 -57.52 10.08 -43.98
C LEU N 70 -57.68 11.53 -43.55
N PRO N 71 -57.70 11.80 -42.25
CA PRO N 71 -57.90 13.18 -41.80
C PRO N 71 -56.72 14.08 -42.11
N VAL N 72 -56.05 13.83 -43.24
CA VAL N 72 -54.98 14.73 -43.65
C VAL N 72 -55.57 16.09 -43.94
N ASP N 73 -56.88 16.16 -44.15
CA ASP N 73 -57.50 17.42 -44.50
C ASP N 73 -57.46 18.37 -43.32
N PHE N 74 -57.07 17.87 -42.13
CA PHE N 74 -57.03 18.73 -40.98
C PHE N 74 -55.88 19.72 -41.09
N GLU N 75 -54.99 19.52 -42.06
CA GLU N 75 -53.85 20.38 -42.36
C GLU N 75 -52.79 20.34 -41.27
N SER N 76 -53.21 20.33 -40.01
CA SER N 76 -52.30 20.36 -38.86
C SER N 76 -52.87 19.55 -37.70
N SER N 77 -54.18 19.69 -37.48
CA SER N 77 -54.94 18.99 -36.45
C SER N 77 -55.33 17.59 -36.89
N THR N 78 -54.47 16.97 -37.67
CA THR N 78 -54.66 15.64 -38.23
C THR N 78 -54.50 14.56 -37.17
N THR N 79 -55.04 14.79 -35.98
CA THR N 79 -55.11 13.71 -35.02
C THR N 79 -56.08 12.65 -35.52
N MET N 80 -55.78 11.40 -35.18
CA MET N 80 -56.43 10.25 -35.80
C MET N 80 -56.45 9.10 -34.81
N THR N 81 -57.48 8.26 -34.92
CA THR N 81 -57.74 7.22 -33.94
C THR N 81 -57.92 5.91 -34.72
N ILE N 82 -56.97 5.00 -34.52
CA ILE N 82 -56.81 3.79 -35.30
C ILE N 82 -56.89 2.61 -34.35
N ASP N 83 -57.96 1.82 -34.48
CA ASP N 83 -58.22 0.71 -33.57
C ASP N 83 -58.26 1.20 -32.12
N LYS N 84 -59.15 2.18 -31.91
CA LYS N 84 -59.36 2.80 -30.61
C LYS N 84 -58.08 3.47 -30.10
N HIS N 85 -56.99 3.24 -30.82
CA HIS N 85 -55.73 3.92 -30.52
C HIS N 85 -55.79 5.34 -31.06
N ASP N 86 -55.30 6.29 -30.27
CA ASP N 86 -55.29 7.68 -30.69
C ASP N 86 -53.96 8.00 -31.31
N TYR N 87 -54.01 8.76 -32.41
CA TYR N 87 -52.87 8.96 -33.26
C TYR N 87 -52.81 10.43 -33.65
N LYS N 88 -51.65 10.85 -34.11
CA LYS N 88 -51.51 12.16 -34.71
C LYS N 88 -50.82 12.00 -36.05
N ILE N 89 -51.37 12.65 -37.07
CA ILE N 89 -50.88 12.56 -38.43
C ILE N 89 -50.06 13.83 -38.63
N MET N 90 -48.75 13.69 -38.52
CA MET N 90 -47.89 14.85 -38.71
C MET N 90 -47.81 15.24 -40.17
N ASP N 91 -48.12 16.50 -40.43
CA ASP N 91 -48.06 17.11 -41.74
C ASP N 91 -46.94 18.12 -41.65
N ASP N 92 -46.00 18.06 -42.58
CA ASP N 92 -44.92 19.03 -42.53
C ASP N 92 -44.68 19.68 -43.89
N THR N 93 -44.50 21.00 -43.84
CA THR N 93 -44.03 21.77 -44.98
C THR N 93 -42.52 21.65 -45.14
N ASP N 94 -41.83 21.75 -44.01
CA ASP N 94 -40.39 21.69 -43.99
C ASP N 94 -39.89 20.64 -44.95
N ILE N 95 -38.61 20.33 -44.85
CA ILE N 95 -37.95 19.36 -45.69
C ILE N 95 -38.31 19.39 -47.18
N GLU N 96 -39.52 19.79 -47.57
CA GLU N 96 -39.74 19.78 -49.00
C GLU N 96 -40.79 20.76 -49.53
N SER N 97 -41.46 21.53 -48.67
CA SER N 97 -42.36 22.56 -49.14
C SER N 97 -41.92 23.93 -48.64
N SER N 98 -40.68 24.00 -48.16
CA SER N 98 -40.05 25.22 -47.67
C SER N 98 -40.30 26.37 -48.62
N LEU N 99 -40.71 27.50 -48.07
CA LEU N 99 -40.92 28.72 -48.84
C LEU N 99 -39.61 29.45 -49.08
N THR N 100 -38.55 28.69 -49.35
CA THR N 100 -37.18 29.20 -49.40
C THR N 100 -36.41 28.71 -50.61
N GLN N 101 -36.31 27.39 -50.83
CA GLN N 101 -35.55 26.90 -51.97
C GLN N 101 -36.37 26.08 -52.95
N ASP N 102 -35.94 26.16 -54.21
CA ASP N 102 -36.45 25.38 -55.34
C ASP N 102 -35.96 23.93 -55.24
N ASN N 103 -36.87 23.00 -54.92
CA ASN N 103 -36.45 21.61 -54.88
C ASN N 103 -35.42 21.33 -53.80
N LEU N 104 -35.85 21.40 -52.55
CA LEU N 104 -35.00 21.14 -51.40
C LEU N 104 -34.94 19.65 -51.07
N SER N 105 -35.29 18.78 -52.01
CA SER N 105 -35.31 17.37 -51.64
C SER N 105 -34.54 16.44 -52.56
N ASN N 106 -34.14 15.31 -51.98
CA ASN N 106 -33.47 14.26 -52.68
C ASN N 106 -34.36 13.04 -52.45
N MET N 107 -35.58 13.33 -51.97
CA MET N 107 -36.55 12.27 -51.72
C MET N 107 -37.10 11.98 -53.11
N THR N 108 -36.26 11.26 -53.85
CA THR N 108 -36.49 11.04 -55.26
C THR N 108 -37.66 10.12 -55.45
N LEU N 109 -38.51 10.44 -56.44
CA LEU N 109 -39.55 9.53 -56.85
C LEU N 109 -39.09 8.69 -58.02
N LEU N 110 -39.30 7.38 -57.91
CA LEU N 110 -38.88 6.42 -58.92
C LEU N 110 -40.13 5.75 -59.47
N VAL N 111 -40.50 6.09 -60.70
CA VAL N 111 -41.76 5.62 -61.24
C VAL N 111 -41.52 4.43 -62.16
N PRO N 112 -42.33 3.39 -62.06
CA PRO N 112 -42.19 2.26 -62.98
C PRO N 112 -42.96 2.49 -64.26
N SER N 113 -43.18 1.43 -65.02
CA SER N 113 -44.05 1.46 -66.18
C SER N 113 -44.74 0.11 -66.32
N GLU N 114 -43.92 -0.94 -66.47
CA GLU N 114 -44.42 -2.28 -66.69
C GLU N 114 -43.59 -3.24 -65.85
N SER N 115 -44.14 -4.41 -65.58
CA SER N 115 -43.43 -5.39 -64.75
C SER N 115 -42.10 -5.81 -65.38
N LYS N 116 -41.91 -5.50 -66.66
CA LYS N 116 -40.71 -5.84 -67.40
C LYS N 116 -39.89 -4.60 -67.72
N GLU N 117 -40.09 -3.52 -66.97
CA GLU N 117 -39.33 -2.31 -67.14
C GLU N 117 -38.93 -1.76 -65.78
N SER N 118 -37.79 -1.08 -65.76
CA SER N 118 -37.16 -0.51 -64.59
C SER N 118 -37.74 0.87 -64.28
N LEU N 119 -37.54 1.29 -63.04
CA LEU N 119 -38.20 2.48 -62.53
C LEU N 119 -37.80 3.70 -63.35
N LYS N 120 -38.59 4.75 -63.23
CA LYS N 120 -38.36 5.96 -63.98
C LYS N 120 -38.34 7.15 -63.03
N ILE N 121 -37.57 8.17 -63.41
CA ILE N 121 -37.53 9.41 -62.66
C ILE N 121 -38.83 10.17 -62.86
N ALA N 122 -39.47 10.55 -61.74
CA ALA N 122 -40.72 11.30 -61.81
C ALA N 122 -40.52 12.60 -62.57
N SER N 123 -41.59 13.06 -63.22
CA SER N 123 -41.59 14.35 -63.91
C SER N 123 -43.04 14.66 -64.25
N THR N 124 -43.24 15.81 -64.92
CA THR N 124 -44.57 16.23 -65.34
C THR N 124 -44.58 16.63 -66.81
N ALA N 125 -43.55 16.23 -67.54
CA ALA N 125 -43.29 16.60 -68.91
C ALA N 125 -41.80 16.35 -69.07
N LYS N 126 -41.21 16.60 -70.23
CA LYS N 126 -39.85 16.11 -70.43
C LYS N 126 -38.94 17.30 -70.26
N ASP N 127 -38.70 17.61 -68.99
CA ASP N 127 -37.99 18.79 -68.54
C ASP N 127 -36.81 18.36 -67.66
N ASN N 128 -36.54 17.06 -67.62
CA ASN N 128 -35.45 16.53 -66.82
C ASN N 128 -35.36 17.20 -65.45
N ALA N 129 -36.50 17.23 -64.74
CA ALA N 129 -36.54 17.84 -63.42
C ALA N 129 -37.41 17.02 -62.47
N PRO N 130 -36.86 16.66 -61.30
CA PRO N 130 -37.57 15.87 -60.30
C PRO N 130 -38.62 16.70 -59.55
N LEU N 131 -39.84 16.19 -59.50
CA LEU N 131 -40.93 16.89 -58.82
C LEU N 131 -40.92 16.62 -57.32
N GLN N 132 -41.81 17.28 -56.59
CA GLN N 132 -41.91 17.11 -55.15
C GLN N 132 -43.30 16.61 -54.79
N PHE N 133 -43.39 16.09 -53.57
CA PHE N 133 -44.66 15.63 -53.03
C PHE N 133 -45.48 16.82 -52.57
N ASP N 134 -46.70 16.94 -53.09
CA ASP N 134 -47.57 18.03 -52.69
C ASP N 134 -47.83 18.03 -51.19
N LYS N 135 -47.99 16.85 -50.59
CA LYS N 135 -48.22 16.79 -49.16
C LYS N 135 -47.41 15.65 -48.55
N VAL N 136 -46.74 15.93 -47.44
CA VAL N 136 -45.98 14.93 -46.69
C VAL N 136 -46.61 14.79 -45.31
N PHE N 137 -46.99 13.58 -44.96
CA PHE N 137 -47.62 13.30 -43.68
C PHE N 137 -46.86 12.22 -42.92
N SER N 138 -47.03 12.20 -41.61
CA SER N 138 -46.35 11.23 -40.76
C SER N 138 -47.29 10.87 -39.63
N VAL N 139 -47.57 9.59 -39.47
CA VAL N 139 -48.44 9.12 -38.39
C VAL N 139 -47.59 8.86 -37.16
N SER N 140 -47.89 9.57 -36.07
CA SER N 140 -47.16 9.43 -34.81
C SER N 140 -48.16 9.01 -33.73
N GLU N 141 -47.84 7.95 -33.01
CA GLU N 141 -48.75 7.47 -31.99
C GLU N 141 -48.70 8.36 -30.75
N THR N 142 -49.83 8.97 -30.40
CA THR N 142 -49.94 9.84 -29.25
C THR N 142 -49.99 9.02 -27.96
N ALA N 143 -49.68 9.66 -26.83
CA ALA N 143 -49.79 8.96 -25.56
C ALA N 143 -50.30 9.89 -24.46
N LYS N 144 -51.16 9.33 -23.61
CA LYS N 144 -51.86 10.10 -22.59
C LYS N 144 -50.94 10.90 -21.70
N ILE N 145 -49.90 10.28 -21.14
CA ILE N 145 -49.02 10.91 -20.17
C ILE N 145 -49.91 11.77 -19.29
N PRO N 146 -50.72 11.15 -18.42
CA PRO N 146 -51.72 11.92 -17.68
C PRO N 146 -51.11 12.80 -16.63
N ALA N 147 -51.75 13.94 -16.41
CA ALA N 147 -51.24 14.92 -15.47
C ALA N 147 -51.27 14.39 -14.05
N ILE N 148 -50.37 14.94 -13.23
CA ILE N 148 -50.29 14.58 -11.83
C ILE N 148 -51.46 15.20 -11.09
N ASP N 149 -52.13 14.40 -10.27
CA ASP N 149 -53.20 14.93 -9.43
C ASP N 149 -52.54 15.51 -8.18
N TYR N 150 -52.33 16.82 -8.22
CA TYR N 150 -51.57 17.47 -7.17
C TYR N 150 -52.19 17.22 -5.81
N SER N 151 -53.52 17.29 -5.73
CA SER N 151 -54.19 17.09 -4.45
C SER N 151 -53.85 15.75 -3.83
N LYS N 152 -53.42 14.78 -4.62
CA LYS N 152 -53.07 13.48 -4.05
C LYS N 152 -51.62 13.40 -3.62
N VAL N 153 -50.73 14.11 -4.30
CA VAL N 153 -49.28 13.98 -4.12
C VAL N 153 -48.75 14.93 -3.06
N ARG N 154 -49.22 16.17 -3.09
CA ARG N 154 -48.69 17.28 -2.30
C ARG N 154 -49.22 17.32 -0.88
N VAL N 155 -49.49 16.16 -0.29
CA VAL N 155 -49.89 16.14 1.13
C VAL N 155 -48.85 16.88 1.95
N PRO N 156 -49.26 17.67 2.93
CA PRO N 156 -48.31 18.49 3.69
C PRO N 156 -47.50 17.69 4.70
N ARG N 157 -46.44 18.34 5.18
CA ARG N 157 -45.56 17.75 6.18
C ARG N 157 -46.32 17.24 7.38
N LYS N 158 -45.92 16.06 7.86
CA LYS N 158 -46.37 15.53 9.15
C LYS N 158 -45.29 15.74 10.21
N ASP N 159 -45.71 16.22 11.39
CA ASP N 159 -44.80 16.31 12.53
C ASP N 159 -44.42 14.94 13.04
N VAL N 160 -43.13 14.75 13.32
CA VAL N 160 -42.69 13.52 13.99
C VAL N 160 -43.56 13.36 15.24
N PRO N 161 -44.15 12.20 15.47
CA PRO N 161 -45.10 12.07 16.58
C PRO N 161 -44.39 12.00 17.92
N LYS N 162 -44.98 12.65 18.93
CA LYS N 162 -44.47 12.49 20.27
C LYS N 162 -44.90 11.13 20.82
N VAL N 163 -44.10 10.60 21.76
CA VAL N 163 -44.39 9.28 22.29
C VAL N 163 -45.64 9.29 23.15
N GLU N 164 -46.35 8.17 23.12
CA GLU N 164 -47.53 7.98 23.96
C GLU N 164 -47.20 7.77 25.44
N GLY N 165 -46.05 7.17 25.75
CA GLY N 165 -45.71 6.86 27.13
C GLY N 165 -44.92 7.91 27.87
N LEU N 166 -45.32 9.15 27.62
CA LEU N 166 -44.73 10.35 28.20
C LEU N 166 -45.13 10.55 29.66
N LYS N 167 -44.34 10.00 30.59
CA LYS N 167 -44.68 10.05 32.01
C LYS N 167 -43.42 10.27 32.82
N LEU N 168 -43.60 10.71 34.07
CA LEU N 168 -42.47 11.05 34.92
C LEU N 168 -41.50 9.88 35.05
N GLU N 169 -40.23 10.13 34.75
CA GLU N 169 -39.18 9.16 34.98
C GLU N 169 -38.10 9.61 35.96
N HIS N 170 -38.24 10.79 36.56
CA HIS N 170 -37.24 11.31 37.48
C HIS N 170 -37.86 11.67 38.82
N PHE N 171 -37.16 11.34 39.89
CA PHE N 171 -37.58 11.72 41.23
C PHE N 171 -36.42 12.35 41.97
N ALA N 172 -36.75 13.08 43.02
CA ALA N 172 -35.76 13.48 44.02
C ALA N 172 -35.09 12.23 44.56
N THR N 173 -33.93 12.39 45.20
CA THR N 173 -33.34 11.30 45.95
C THR N 173 -34.08 11.15 47.27
N GLY N 174 -34.57 9.95 47.55
CA GLY N 174 -35.45 9.75 48.68
C GLY N 174 -36.86 9.35 48.36
N TYR N 175 -37.26 9.31 47.09
CA TYR N 175 -38.67 9.19 46.76
C TYR N 175 -38.83 8.15 45.65
N ASP N 176 -40.07 7.89 45.27
CA ASP N 176 -40.36 6.85 44.29
C ASP N 176 -41.67 7.16 43.59
N ALA N 177 -42.17 6.17 42.83
CA ALA N 177 -43.44 6.26 42.15
C ALA N 177 -44.62 6.09 43.09
N GLU N 178 -44.36 5.88 44.38
CA GLU N 178 -45.39 5.94 45.40
C GLU N 178 -45.91 7.38 45.46
N ASP N 179 -45.32 8.24 44.64
CA ASP N 179 -45.66 9.65 44.52
C ASP N 179 -46.67 9.91 43.41
N PHE N 180 -47.53 8.93 43.13
CA PHE N 180 -48.42 8.99 41.98
C PHE N 180 -49.70 8.19 42.23
N UNK O 119 -30.96 -42.25 -32.39
CA UNK O 119 -32.06 -42.52 -31.48
C UNK O 119 -31.52 -42.84 -30.11
N UNK O 120 -30.20 -42.77 -29.98
CA UNK O 120 -29.57 -42.89 -28.68
C UNK O 120 -28.30 -42.09 -28.66
N UNK O 121 -27.97 -41.62 -27.46
CA UNK O 121 -26.95 -40.59 -27.31
C UNK O 121 -25.58 -41.23 -27.26
N UNK O 122 -24.54 -40.52 -27.66
CA UNK O 122 -23.24 -41.18 -27.69
C UNK O 122 -22.20 -40.29 -28.36
N UNK O 123 -20.88 -40.56 -28.20
CA UNK O 123 -19.88 -39.94 -29.07
C UNK O 123 -19.90 -40.43 -30.51
N UNK O 124 -19.98 -41.74 -30.67
CA UNK O 124 -20.14 -42.35 -31.98
C UNK O 124 -19.26 -41.76 -33.06
N UNK O 125 -17.98 -41.55 -32.78
CA UNK O 125 -17.09 -41.31 -33.91
C UNK O 125 -15.82 -42.12 -33.77
N UNK O 126 -15.68 -43.17 -34.57
CA UNK O 126 -14.54 -44.09 -34.57
C UNK O 126 -14.42 -44.67 -33.17
N UNK O 127 -15.25 -44.09 -32.30
CA UNK O 127 -15.37 -44.35 -30.86
C UNK O 127 -16.14 -45.61 -30.41
N UNK O 128 -16.74 -45.50 -29.22
CA UNK O 128 -17.48 -46.60 -28.61
C UNK O 128 -18.82 -46.25 -27.93
N UNK O 129 -18.73 -45.56 -26.79
CA UNK O 129 -19.91 -45.25 -26.03
C UNK O 129 -20.46 -46.60 -25.71
N UNK O 130 -19.60 -47.40 -25.08
CA UNK O 130 -19.91 -48.76 -24.68
C UNK O 130 -18.90 -49.23 -23.65
N UNK O 131 -19.26 -49.14 -22.36
CA UNK O 131 -18.37 -49.55 -21.29
C UNK O 131 -19.03 -50.53 -20.35
N UNK O 132 -18.76 -51.82 -20.56
CA UNK O 132 -19.33 -52.88 -19.73
C UNK O 132 -18.28 -53.29 -18.71
N UNK O 133 -17.60 -52.28 -18.18
CA UNK O 133 -16.59 -52.53 -17.18
C UNK O 133 -17.31 -52.92 -15.89
N UNK O 134 -16.55 -53.12 -14.83
CA UNK O 134 -17.18 -53.47 -13.58
C UNK O 134 -18.05 -52.30 -13.16
N UNK O 135 -18.64 -51.57 -14.11
CA UNK O 135 -19.46 -50.46 -13.65
C UNK O 135 -19.95 -49.69 -14.86
N UNK O 136 -19.02 -49.06 -15.57
CA UNK O 136 -19.27 -48.37 -16.84
C UNK O 136 -20.42 -47.38 -16.95
N UNK O 137 -21.24 -47.54 -18.02
CA UNK O 137 -22.40 -46.73 -18.41
C UNK O 137 -22.11 -45.30 -18.92
N UNK O 138 -22.81 -44.90 -20.00
CA UNK O 138 -22.70 -43.55 -20.58
C UNK O 138 -23.84 -42.65 -20.11
N UNK O 139 -25.07 -43.14 -20.29
CA UNK O 139 -26.27 -42.46 -19.79
C UNK O 139 -26.52 -41.04 -20.31
N UNK O 140 -26.29 -40.77 -21.61
CA UNK O 140 -26.59 -39.48 -22.27
C UNK O 140 -28.07 -39.03 -22.17
N UNK O 141 -28.99 -40.00 -22.11
CA UNK O 141 -30.45 -39.85 -21.92
C UNK O 141 -31.21 -38.58 -22.38
N UNK O 142 -32.54 -38.60 -22.20
CA UNK O 142 -33.47 -37.50 -22.50
C UNK O 142 -34.78 -37.66 -21.62
N UNK O 143 -35.88 -38.28 -22.09
CA UNK O 143 -37.12 -38.51 -21.31
C UNK O 143 -37.79 -37.30 -20.64
N UNK O 144 -38.76 -37.55 -19.74
CA UNK O 144 -39.40 -36.43 -19.06
C UNK O 144 -38.58 -36.01 -17.82
N UNK O 145 -39.27 -42.52 -18.04
CA UNK O 145 -38.07 -43.33 -18.23
C UNK O 145 -36.82 -42.47 -18.31
N UNK O 146 -35.72 -43.13 -18.61
CA UNK O 146 -34.41 -42.52 -18.66
C UNK O 146 -33.67 -43.06 -19.88
N UNK O 147 -33.72 -44.38 -20.01
CA UNK O 147 -32.91 -45.25 -20.84
C UNK O 147 -31.44 -45.26 -20.53
N UNK O 148 -30.67 -45.71 -21.50
CA UNK O 148 -29.23 -45.60 -21.63
C UNK O 148 -28.76 -46.72 -22.56
N UNK O 149 -27.49 -46.64 -22.94
CA UNK O 149 -26.86 -47.64 -23.80
C UNK O 149 -27.19 -48.99 -23.25
N UNK O 150 -26.28 -49.56 -22.48
CA UNK O 150 -26.57 -50.87 -21.91
C UNK O 150 -27.00 -50.83 -20.46
N UNK O 151 -28.14 -51.46 -20.28
CA UNK O 151 -28.85 -51.68 -19.02
C UNK O 151 -30.21 -52.27 -19.36
N UNK O 152 -30.81 -52.89 -18.36
CA UNK O 152 -32.18 -53.34 -18.45
C UNK O 152 -32.59 -53.91 -17.10
N UNK O 153 -33.75 -54.56 -17.06
CA UNK O 153 -34.24 -55.23 -15.87
C UNK O 153 -33.76 -56.68 -15.81
N UNK O 154 -34.39 -57.45 -14.94
CA UNK O 154 -34.18 -58.88 -14.70
C UNK O 154 -32.83 -59.30 -14.11
N UNK O 155 -32.41 -60.53 -14.42
CA UNK O 155 -31.14 -61.11 -13.98
C UNK O 155 -31.18 -62.61 -14.30
N UNK O 156 -30.04 -63.29 -14.32
CA UNK O 156 -30.05 -64.75 -14.40
C UNK O 156 -28.63 -65.29 -14.52
N UNK O 157 -28.54 -66.61 -14.65
CA UNK O 157 -27.32 -67.40 -14.67
C UNK O 157 -27.24 -68.18 -15.98
N UNK O 158 -26.32 -69.14 -16.08
CA UNK O 158 -26.35 -70.03 -17.24
C UNK O 158 -26.07 -71.47 -16.82
N UNK O 159 -26.99 -72.35 -17.16
CA UNK O 159 -26.91 -73.78 -16.87
C UNK O 159 -26.77 -74.56 -18.17
N UNK O 160 -26.81 -75.88 -18.08
CA UNK O 160 -26.71 -76.67 -19.31
C UNK O 160 -27.19 -78.11 -19.20
N UNK O 161 -27.02 -78.85 -20.29
CA UNK O 161 -27.24 -80.29 -20.36
C UNK O 161 -26.16 -80.85 -21.28
N UNK O 162 -25.56 -81.97 -20.90
CA UNK O 162 -24.43 -82.52 -21.65
C UNK O 162 -24.88 -83.65 -22.55
N UNK O 163 -24.24 -83.78 -23.71
CA UNK O 163 -24.33 -84.99 -24.52
C UNK O 163 -23.05 -85.11 -25.32
N UNK O 164 -22.80 -86.29 -25.88
CA UNK O 164 -21.65 -86.52 -26.73
C UNK O 164 -22.14 -86.75 -28.16
N UNK O 165 -21.32 -86.42 -29.14
CA UNK O 165 -21.76 -86.58 -30.52
C UNK O 165 -20.84 -87.52 -31.29
N UNK O 166 -19.64 -87.07 -31.65
CA UNK O 166 -18.80 -87.84 -32.55
C UNK O 166 -17.36 -87.77 -32.08
N UNK O 167 -16.52 -88.59 -32.71
CA UNK O 167 -15.11 -88.64 -32.39
C UNK O 167 -14.32 -88.92 -33.65
N UNK O 168 -13.05 -89.25 -33.47
CA UNK O 168 -12.16 -89.58 -34.59
C UNK O 168 -12.13 -91.08 -34.81
N UNK O 169 -12.97 -91.82 -34.08
CA UNK O 169 -13.02 -93.27 -34.10
C UNK O 169 -14.02 -93.83 -35.11
N UNK O 170 -14.65 -92.98 -35.92
CA UNK O 170 -15.79 -93.41 -36.71
C UNK O 170 -15.54 -94.73 -37.43
N UNK O 171 -14.56 -94.75 -38.33
CA UNK O 171 -14.25 -95.94 -39.11
C UNK O 171 -14.18 -97.19 -38.23
N PHE O 172 8.16 -76.52 -26.69
CA PHE O 172 7.62 -75.54 -27.60
C PHE O 172 6.16 -75.84 -27.87
N PHE O 173 5.52 -76.30 -26.81
CA PHE O 173 4.07 -76.41 -26.77
C PHE O 173 3.54 -75.13 -26.14
N TRP O 174 4.44 -74.16 -25.99
CA TRP O 174 4.14 -72.81 -25.55
C TRP O 174 3.62 -71.89 -26.67
N ASP O 175 3.66 -72.29 -27.93
CA ASP O 175 3.38 -71.36 -29.01
C ASP O 175 2.23 -71.86 -29.87
N PRO O 176 1.31 -70.98 -30.28
CA PRO O 176 0.24 -71.40 -31.20
C PRO O 176 0.66 -71.29 -32.65
N THR O 177 -0.33 -71.39 -33.53
CA THR O 177 -0.17 -71.20 -34.96
C THR O 177 -1.43 -70.56 -35.51
N VAL O 178 -1.62 -70.69 -36.81
CA VAL O 178 -2.87 -70.24 -37.41
C VAL O 178 -3.72 -71.42 -37.86
N ALA O 179 -4.80 -71.73 -37.12
CA ALA O 179 -5.70 -72.81 -37.53
C ALA O 179 -7.05 -72.74 -36.83
N ASN O 180 -8.09 -73.30 -37.47
CA ASN O 180 -9.30 -73.77 -36.80
C ASN O 180 -9.99 -74.81 -37.67
N ARG O 181 -10.58 -75.85 -37.05
CA ARG O 181 -11.36 -76.77 -37.86
C ARG O 181 -12.62 -77.38 -37.23
N LEU O 182 -13.79 -76.98 -37.74
CA LEU O 182 -15.10 -77.64 -37.63
C LEU O 182 -16.14 -76.72 -38.24
N ASP O 183 -17.27 -77.28 -38.68
CA ASP O 183 -18.37 -76.47 -39.20
C ASP O 183 -19.70 -77.21 -39.12
N SER O 184 -20.77 -76.45 -38.89
CA SER O 184 -22.14 -76.91 -39.11
C SER O 184 -23.05 -75.74 -39.46
N GLN O 185 -23.87 -75.90 -40.50
CA GLN O 185 -25.03 -75.06 -40.68
C GLN O 185 -26.09 -75.87 -41.41
N TYR O 186 -27.35 -75.78 -40.98
CA TYR O 186 -28.33 -76.69 -41.57
C TYR O 186 -28.65 -76.11 -42.93
N ILE O 187 -28.29 -76.85 -43.96
CA ILE O 187 -28.25 -76.35 -45.32
C ILE O 187 -28.74 -77.46 -46.24
N GLN O 188 -29.85 -77.23 -46.92
CA GLN O 188 -30.25 -78.15 -47.97
C GLN O 188 -30.21 -77.39 -49.30
N THR O 189 -29.13 -77.59 -50.05
CA THR O 189 -29.13 -77.18 -51.45
C THR O 189 -29.62 -78.31 -52.35
N ALA O 190 -29.11 -79.52 -52.12
CA ALA O 190 -29.46 -80.72 -52.88
C ALA O 190 -29.51 -80.44 -54.37
N SER O 191 -30.56 -80.92 -55.03
CA SER O 191 -30.83 -80.60 -56.44
C SER O 191 -31.16 -79.14 -56.62
N ASP O 192 -31.29 -78.42 -55.51
CA ASP O 192 -31.62 -77.01 -55.55
C ASP O 192 -33.02 -76.79 -56.09
N LEU O 193 -33.89 -77.80 -56.01
CA LEU O 193 -35.26 -77.63 -56.47
C LEU O 193 -36.26 -77.80 -55.33
N ARG O 194 -36.71 -76.63 -54.86
CA ARG O 194 -37.66 -76.48 -53.77
C ARG O 194 -37.92 -77.76 -53.03
N ASN O 195 -39.17 -77.88 -52.57
CA ASN O 195 -39.64 -79.02 -51.79
C ASN O 195 -38.65 -79.28 -50.68
N TYR O 196 -38.34 -78.26 -49.90
CA TYR O 196 -37.35 -78.47 -48.88
C TYR O 196 -36.88 -77.48 -47.83
N ARG O 197 -36.02 -76.57 -48.28
CA ARG O 197 -35.42 -75.51 -47.45
C ARG O 197 -34.58 -76.09 -46.28
N ASP O 198 -35.24 -76.66 -45.27
CA ASP O 198 -34.54 -77.26 -44.15
C ASP O 198 -33.50 -78.28 -44.61
N GLY O 199 -32.35 -77.77 -45.06
CA GLY O 199 -31.24 -78.55 -45.53
C GLY O 199 -30.62 -79.27 -44.34
N THR O 200 -30.15 -80.49 -44.57
CA THR O 200 -29.52 -81.26 -43.51
C THR O 200 -28.24 -80.51 -43.16
N GLU O 201 -27.90 -80.47 -41.88
CA GLU O 201 -26.73 -79.74 -41.49
C GLU O 201 -25.59 -80.70 -41.52
N ILE O 202 -24.55 -80.23 -42.22
CA ILE O 202 -23.31 -80.93 -42.53
C ILE O 202 -22.23 -80.83 -41.49
N ILE O 203 -21.69 -81.98 -41.12
CA ILE O 203 -20.62 -81.98 -40.15
C ILE O 203 -19.31 -82.26 -40.88
N ALA O 204 -18.31 -81.46 -40.51
CA ALA O 204 -16.99 -81.53 -41.11
C ALA O 204 -16.11 -82.24 -40.13
N TYR O 205 -15.49 -83.32 -40.59
CA TYR O 205 -14.57 -84.07 -39.74
C TYR O 205 -13.11 -83.90 -40.16
N ALA O 206 -12.29 -83.48 -39.22
CA ALA O 206 -10.91 -83.25 -39.56
C ALA O 206 -10.29 -84.50 -38.98
N SER O 207 -10.76 -85.68 -39.40
CA SER O 207 -10.19 -86.85 -38.75
C SER O 207 -8.97 -87.29 -39.54
N GLY O 208 -7.79 -87.10 -38.98
CA GLY O 208 -6.57 -87.53 -39.64
C GLY O 208 -5.40 -87.75 -38.70
N LYS O 209 -4.54 -88.72 -39.02
CA LYS O 209 -3.35 -88.98 -38.23
C LYS O 209 -2.59 -87.68 -38.08
N THR O 210 -2.37 -87.06 -39.24
CA THR O 210 -1.91 -85.67 -39.32
C THR O 210 -3.15 -85.18 -40.05
N GLY O 211 -3.85 -84.17 -39.57
CA GLY O 211 -5.18 -83.97 -40.13
C GLY O 211 -5.52 -84.23 -41.58
N SER O 212 -4.62 -84.91 -42.29
CA SER O 212 -4.73 -85.01 -43.74
C SER O 212 -6.14 -85.34 -44.21
N VAL O 213 -6.80 -86.31 -43.60
CA VAL O 213 -8.13 -86.73 -44.03
C VAL O 213 -9.14 -85.75 -43.46
N LEU O 214 -10.30 -85.66 -44.13
CA LEU O 214 -11.44 -84.90 -43.65
C LEU O 214 -12.70 -85.72 -43.77
N ASN O 215 -13.77 -85.21 -43.19
CA ASN O 215 -15.01 -85.94 -43.07
C ASN O 215 -16.18 -85.00 -43.16
N ILE O 216 -17.28 -85.51 -43.68
CA ILE O 216 -18.56 -84.80 -43.71
C ILE O 216 -19.64 -85.82 -43.42
N ALA O 217 -20.69 -85.40 -42.73
CA ALA O 217 -21.86 -86.24 -42.52
C ALA O 217 -23.05 -85.38 -42.14
N VAL O 218 -24.23 -85.97 -42.20
CA VAL O 218 -25.46 -85.23 -41.98
C VAL O 218 -25.85 -85.31 -40.51
N LEU O 219 -25.79 -84.17 -39.83
CA LEU O 219 -26.22 -84.06 -38.45
C LEU O 219 -27.71 -84.30 -38.40
N THR O 220 -28.12 -85.25 -37.57
CA THR O 220 -29.52 -85.64 -37.52
C THR O 220 -30.19 -85.16 -36.24
N ARG O 221 -31.07 -84.18 -36.39
CA ARG O 221 -31.82 -83.63 -35.27
C ARG O 221 -33.30 -83.76 -35.56
N GLN O 222 -33.82 -84.98 -35.48
CA GLN O 222 -35.21 -85.26 -35.75
C GLN O 222 -36.14 -84.28 -35.05
N ASN O 223 -36.31 -84.45 -33.74
CA ASN O 223 -37.17 -83.56 -32.97
C ASN O 223 -36.67 -83.29 -31.55
N THR O 224 -35.81 -84.17 -31.04
CA THR O 224 -35.27 -84.00 -29.70
C THR O 224 -34.29 -85.09 -29.30
N LEU O 225 -33.40 -85.47 -30.19
CA LEU O 225 -32.40 -86.46 -29.86
C LEU O 225 -30.94 -86.06 -29.88
N HIS O 226 -30.56 -85.16 -28.97
CA HIS O 226 -29.12 -84.80 -28.83
C HIS O 226 -28.32 -84.36 -30.05
N LEU O 227 -29.03 -83.96 -31.11
CA LEU O 227 -28.39 -83.61 -32.36
C LEU O 227 -27.38 -84.68 -32.80
N ASN O 228 -27.84 -85.87 -33.14
CA ASN O 228 -26.92 -86.93 -33.48
C ASN O 228 -26.90 -87.10 -34.99
N ARG O 229 -26.01 -87.96 -35.47
CA ARG O 229 -26.09 -88.46 -36.84
C ARG O 229 -26.55 -89.92 -36.83
N HIS O 230 -26.73 -90.47 -38.03
CA HIS O 230 -27.05 -91.88 -38.11
C HIS O 230 -26.24 -92.58 -39.20
N ASN O 231 -25.33 -93.46 -38.78
CA ASN O 231 -24.76 -94.50 -39.61
C ASN O 231 -24.43 -94.00 -41.02
N ASN O 232 -23.87 -92.81 -41.08
CA ASN O 232 -23.47 -92.22 -42.35
C ASN O 232 -22.27 -91.31 -42.13
N VAL O 233 -21.37 -91.29 -43.11
CA VAL O 233 -20.22 -90.40 -43.12
C VAL O 233 -19.77 -90.26 -44.57
N THR O 234 -18.94 -89.25 -44.79
CA THR O 234 -18.35 -88.98 -46.09
C THR O 234 -16.96 -89.60 -46.11
N SER O 235 -16.17 -89.22 -47.11
CA SER O 235 -14.77 -89.64 -47.26
C SER O 235 -14.16 -88.25 -47.46
N ILE O 236 -12.97 -88.00 -46.93
CA ILE O 236 -12.22 -86.77 -47.18
C ILE O 236 -10.80 -87.26 -47.47
N GLU O 237 -10.04 -86.68 -48.39
CA GLU O 237 -8.71 -87.25 -48.65
C GLU O 237 -7.88 -86.09 -49.10
N LEU O 238 -6.99 -85.58 -48.26
CA LEU O 238 -6.28 -84.39 -48.67
C LEU O 238 -4.85 -84.55 -48.21
N HIS O 239 -3.91 -84.54 -49.15
CA HIS O 239 -2.55 -84.83 -48.76
C HIS O 239 -1.88 -83.52 -48.38
N SER O 240 -1.89 -83.28 -47.10
CA SER O 240 -1.29 -82.15 -46.44
C SER O 240 -1.91 -82.14 -45.05
N PRO O 241 -1.18 -81.72 -44.02
CA PRO O 241 -1.88 -81.34 -42.79
C PRO O 241 -2.96 -80.33 -43.13
N ILE O 242 -4.14 -80.51 -42.55
CA ILE O 242 -5.28 -79.65 -42.84
C ILE O 242 -5.34 -78.56 -41.79
N LYS O 243 -5.75 -77.37 -42.20
CA LYS O 243 -5.48 -76.18 -41.42
C LYS O 243 -6.78 -75.60 -40.89
N SER O 244 -7.65 -75.12 -41.76
CA SER O 244 -8.86 -74.44 -41.34
C SER O 244 -10.07 -74.99 -42.07
N ILE O 245 -11.26 -74.58 -41.64
CA ILE O 245 -12.50 -74.98 -42.30
C ILE O 245 -13.51 -73.85 -42.15
N LYS O 246 -14.29 -73.59 -43.21
CA LYS O 246 -15.40 -72.66 -43.06
C LYS O 246 -16.59 -73.01 -43.95
N ILE O 247 -17.78 -72.96 -43.36
CA ILE O 247 -19.03 -73.17 -44.07
C ILE O 247 -19.87 -71.90 -43.97
N PRO O 248 -19.44 -70.82 -44.56
CA PRO O 248 -20.26 -69.61 -44.52
C PRO O 248 -21.46 -69.77 -45.43
N GLY O 249 -22.29 -68.75 -45.50
CA GLY O 249 -23.40 -68.77 -46.44
C GLY O 249 -23.91 -67.39 -46.72
N ALA O 250 -24.53 -67.20 -47.88
CA ALA O 250 -25.09 -65.91 -48.21
C ALA O 250 -26.16 -65.54 -47.19
N SER O 251 -26.40 -64.25 -47.04
CA SER O 251 -27.40 -63.85 -46.07
C SER O 251 -28.76 -64.28 -46.57
N GLU O 252 -29.80 -63.92 -45.85
CA GLU O 252 -31.17 -64.20 -46.30
C GLU O 252 -31.58 -63.12 -47.30
N SER O 253 -30.61 -62.27 -47.61
CA SER O 253 -30.87 -61.14 -48.50
C SER O 253 -31.69 -61.56 -49.69
N ILE O 254 -31.39 -62.73 -50.27
CA ILE O 254 -32.26 -63.31 -51.28
C ILE O 254 -32.06 -64.81 -51.23
N GLY O 255 -32.84 -65.55 -52.00
CA GLY O 255 -32.47 -66.90 -52.36
C GLY O 255 -32.43 -67.82 -51.16
N ARG O 256 -32.53 -67.24 -49.97
CA ARG O 256 -32.40 -68.02 -48.75
C ARG O 256 -31.20 -68.96 -48.86
N ARG O 257 -31.43 -70.21 -48.51
CA ARG O 257 -30.47 -71.29 -48.67
C ARG O 257 -29.12 -71.01 -48.02
N SER O 258 -28.08 -71.50 -48.68
CA SER O 258 -26.68 -71.26 -48.35
C SER O 258 -25.93 -72.26 -49.23
N ASN O 259 -24.59 -72.34 -49.21
CA ASN O 259 -23.99 -73.41 -50.04
C ASN O 259 -22.62 -74.06 -49.75
N LEU O 260 -21.67 -73.97 -50.68
CA LEU O 260 -20.33 -74.60 -50.53
C LEU O 260 -19.47 -74.40 -49.28
N VAL O 261 -18.47 -75.26 -49.04
CA VAL O 261 -17.79 -75.08 -47.77
C VAL O 261 -16.41 -74.46 -48.00
N GLY O 262 -15.39 -75.30 -48.02
CA GLY O 262 -14.03 -74.88 -48.33
C GLY O 262 -13.14 -75.65 -47.37
N ILE O 263 -11.83 -75.59 -47.61
CA ILE O 263 -10.84 -76.15 -46.69
C ILE O 263 -9.47 -75.58 -47.04
N ILE O 264 -8.52 -75.71 -46.12
CA ILE O 264 -7.16 -75.25 -46.32
C ILE O 264 -6.19 -76.31 -45.84
N THR O 265 -4.93 -76.19 -46.25
CA THR O 265 -3.80 -76.94 -45.71
C THR O 265 -2.56 -76.08 -45.86
N GLU O 266 -1.39 -76.66 -45.66
CA GLU O 266 -0.20 -75.95 -46.12
C GLU O 266 -0.13 -75.93 -47.63
N ASN O 267 -0.47 -77.05 -48.28
CA ASN O 267 -0.22 -77.12 -49.73
C ASN O 267 -1.44 -76.84 -50.59
N SER O 268 -2.64 -76.69 -50.06
CA SER O 268 -3.80 -76.53 -50.92
C SER O 268 -4.84 -75.64 -50.27
N PHE O 269 -5.34 -74.65 -51.00
CA PHE O 269 -6.68 -74.18 -50.73
C PHE O 269 -7.60 -75.16 -51.44
N GLN O 270 -8.84 -75.25 -51.01
CA GLN O 270 -9.76 -76.22 -51.55
C GLN O 270 -11.18 -75.74 -51.29
N ILE O 271 -12.13 -76.32 -52.01
CA ILE O 271 -13.53 -76.06 -51.76
C ILE O 271 -14.28 -77.36 -51.98
N PHE O 272 -15.49 -77.45 -51.45
CA PHE O 272 -16.32 -78.60 -51.71
C PHE O 272 -17.79 -78.30 -51.89
N ARG O 273 -18.35 -79.03 -52.86
CA ARG O 273 -19.77 -79.04 -53.21
C ARG O 273 -20.60 -79.49 -52.01
N ILE O 274 -21.74 -80.11 -52.26
CA ILE O 274 -22.61 -80.61 -51.19
C ILE O 274 -23.63 -81.32 -52.08
N GLU O 275 -23.58 -82.65 -52.13
CA GLU O 275 -24.58 -83.46 -52.84
C GLU O 275 -25.19 -84.43 -51.81
N SER O 276 -26.51 -84.65 -51.83
CA SER O 276 -27.16 -85.47 -50.79
C SER O 276 -28.12 -86.56 -51.32
N VAL O 277 -28.76 -87.27 -50.39
CA VAL O 277 -29.68 -88.34 -50.73
C VAL O 277 -30.79 -88.38 -49.68
N HIS O 278 -32.00 -88.73 -50.12
CA HIS O 278 -33.09 -88.92 -49.18
C HIS O 278 -32.96 -90.24 -48.45
N SER O 279 -32.13 -91.14 -48.95
CA SER O 279 -31.96 -92.44 -48.33
C SER O 279 -31.65 -92.29 -46.85
N ARG O 280 -32.26 -93.14 -46.03
CA ARG O 280 -32.06 -93.11 -44.59
C ARG O 280 -30.57 -93.15 -44.29
N SER O 281 -29.79 -93.75 -45.20
CA SER O 281 -28.35 -93.60 -45.17
C SER O 281 -28.01 -92.11 -45.08
N CYS O 282 -28.76 -91.30 -45.84
CA CYS O 282 -28.51 -89.87 -45.88
C CYS O 282 -27.16 -89.54 -46.51
N ASP O 283 -26.51 -90.56 -47.05
CA ASP O 283 -25.18 -90.40 -47.63
C ASP O 283 -25.17 -89.23 -48.59
N VAL O 284 -24.37 -88.21 -48.27
CA VAL O 284 -24.35 -86.95 -49.00
C VAL O 284 -23.03 -86.88 -49.76
N MET O 285 -23.12 -86.77 -51.08
CA MET O 285 -21.94 -86.76 -51.94
C MET O 285 -21.59 -85.33 -52.29
N VAL O 286 -20.31 -84.98 -52.19
CA VAL O 286 -19.83 -83.65 -52.49
C VAL O 286 -19.07 -83.68 -53.81
N SER O 287 -18.59 -82.51 -54.21
CA SER O 287 -17.72 -82.41 -55.37
C SER O 287 -16.48 -81.62 -55.00
N SER O 288 -15.32 -82.23 -55.17
CA SER O 288 -14.06 -81.56 -54.87
C SER O 288 -13.93 -80.36 -55.80
N SER O 289 -13.21 -79.37 -55.32
CA SER O 289 -12.93 -78.14 -56.04
C SER O 289 -11.59 -78.20 -56.75
N GLU O 290 -10.98 -79.39 -56.84
CA GLU O 290 -9.76 -79.49 -57.63
C GLU O 290 -8.61 -78.71 -57.03
N PRO O 291 -7.96 -79.29 -56.01
CA PRO O 291 -6.82 -78.67 -55.32
C PRO O 291 -5.52 -78.88 -56.08
N LEU O 292 -4.77 -77.80 -56.28
CA LEU O 292 -3.50 -77.88 -57.00
C LEU O 292 -2.45 -77.93 -55.89
N TYR O 293 -1.46 -77.05 -55.99
CA TYR O 293 -0.44 -76.88 -54.98
C TYR O 293 -0.02 -75.34 -54.78
N PHE O 294 -1.06 -74.57 -55.08
CA PHE O 294 -1.01 -73.11 -54.99
C PHE O 294 0.29 -72.42 -55.39
N VAL O 295 0.85 -72.83 -56.51
CA VAL O 295 2.10 -72.25 -57.00
C VAL O 295 2.08 -70.74 -57.05
N GLU O 296 1.24 -70.13 -57.90
CA GLU O 296 1.33 -68.73 -58.29
C GLU O 296 1.17 -67.62 -57.27
N ILE O 297 0.80 -68.00 -56.06
CA ILE O 297 0.49 -67.07 -54.98
C ILE O 297 1.71 -66.76 -53.95
N ASP O 298 2.85 -67.08 -54.56
CA ASP O 298 4.18 -66.90 -53.96
C ASP O 298 4.27 -67.03 -52.43
N ASP O 299 4.78 -68.18 -51.96
CA ASP O 299 4.96 -68.58 -50.53
C ASP O 299 3.61 -68.73 -49.83
N LEU O 300 3.14 -69.96 -49.61
CA LEU O 300 1.77 -70.03 -49.09
C LEU O 300 1.58 -70.27 -47.59
N GLN O 301 0.34 -70.07 -47.17
CA GLN O 301 -0.11 -70.26 -45.79
C GLN O 301 -1.46 -69.65 -46.09
N VAL O 302 -2.54 -70.44 -46.11
CA VAL O 302 -3.75 -69.80 -46.59
C VAL O 302 -4.33 -68.83 -45.59
N VAL O 303 -4.66 -69.30 -44.40
CA VAL O 303 -5.01 -68.40 -43.31
C VAL O 303 -6.45 -67.93 -43.38
N ASP O 304 -7.14 -68.13 -44.49
CA ASP O 304 -8.54 -67.69 -44.50
C ASP O 304 -9.25 -67.94 -45.82
N PHE O 305 -10.58 -67.97 -45.75
CA PHE O 305 -11.49 -67.86 -46.88
C PHE O 305 -12.50 -66.75 -46.64
N ALA O 306 -13.11 -66.28 -47.73
CA ALA O 306 -14.38 -65.57 -47.64
C ALA O 306 -15.15 -65.70 -48.95
N PHE O 307 -16.47 -65.85 -48.81
CA PHE O 307 -17.36 -65.96 -49.94
C PHE O 307 -18.34 -64.79 -49.92
N ASN O 308 -18.13 -63.79 -50.77
CA ASN O 308 -19.04 -62.64 -50.78
C ASN O 308 -20.52 -63.03 -50.73
N PRO O 309 -21.28 -62.39 -49.83
CA PRO O 309 -22.72 -62.60 -49.63
C PRO O 309 -23.66 -61.71 -50.44
N TRP O 310 -23.27 -61.44 -51.67
CA TRP O 310 -24.02 -60.67 -52.65
C TRP O 310 -24.03 -61.39 -54.03
N ASP O 311 -24.11 -62.72 -53.91
CA ASP O 311 -24.07 -63.67 -54.97
C ASP O 311 -22.98 -64.70 -55.03
N LEU O 312 -23.31 -65.96 -54.80
CA LEU O 312 -22.29 -67.00 -54.78
C LEU O 312 -21.74 -67.20 -56.18
N GLN O 313 -20.56 -66.63 -56.44
CA GLN O 313 -19.93 -66.72 -57.74
C GLN O 313 -18.49 -67.08 -57.40
N GLN O 314 -18.33 -68.12 -56.59
CA GLN O 314 -17.00 -68.52 -56.12
C GLN O 314 -15.99 -67.35 -55.81
N PHE O 315 -16.40 -66.60 -54.79
CA PHE O 315 -15.70 -65.37 -54.43
C PHE O 315 -14.42 -65.96 -53.87
N ALA O 316 -14.48 -67.27 -53.64
CA ALA O 316 -13.36 -68.07 -53.13
C ALA O 316 -12.21 -67.16 -52.70
N ILE O 317 -12.36 -66.45 -51.60
CA ILE O 317 -11.42 -65.39 -51.22
C ILE O 317 -10.45 -65.89 -50.17
N ILE O 318 -9.23 -65.38 -50.22
CA ILE O 318 -8.12 -65.87 -49.43
C ILE O 318 -7.28 -64.69 -48.97
N ASP O 319 -6.67 -64.84 -47.80
CA ASP O 319 -5.65 -63.92 -47.33
C ASP O 319 -4.47 -64.69 -46.80
N ILE O 320 -3.33 -64.60 -47.47
CA ILE O 320 -2.11 -65.29 -47.06
C ILE O 320 -1.05 -64.23 -46.83
N LYS O 321 -0.68 -64.03 -45.57
CA LYS O 321 0.45 -63.18 -45.23
C LYS O 321 0.33 -61.83 -45.89
N GLY O 322 1.25 -61.51 -46.78
CA GLY O 322 1.25 -60.23 -47.46
C GLY O 322 0.50 -60.17 -48.77
N ASN O 323 -0.52 -61.00 -49.00
CA ASN O 323 -1.09 -61.00 -50.33
C ASN O 323 -2.62 -60.91 -50.41
N TRP O 324 -3.29 -61.93 -49.89
CA TRP O 324 -4.67 -62.31 -50.22
C TRP O 324 -4.88 -62.33 -51.72
N SER O 325 -6.11 -62.13 -52.15
CA SER O 325 -6.48 -62.15 -53.55
C SER O 325 -7.99 -62.26 -53.62
N ILE O 326 -8.52 -62.29 -54.82
CA ILE O 326 -9.90 -62.70 -55.05
C ILE O 326 -9.86 -63.86 -56.03
N GLY O 327 -10.98 -64.57 -56.14
CA GLY O 327 -11.11 -65.63 -57.13
C GLY O 327 -12.57 -65.87 -57.45
N ARG O 328 -12.80 -66.73 -58.44
CA ARG O 328 -14.16 -67.18 -58.72
C ARG O 328 -14.09 -68.55 -59.35
N ILE O 329 -15.04 -69.41 -58.99
CA ILE O 329 -14.95 -70.79 -59.45
C ILE O 329 -16.19 -71.13 -60.28
N PRO O 330 -16.30 -72.34 -60.80
CA PRO O 330 -17.48 -72.70 -61.59
C PRO O 330 -18.57 -73.30 -60.74
N LYS O 331 -19.69 -73.69 -61.34
CA LYS O 331 -20.83 -74.15 -60.57
C LYS O 331 -20.58 -75.61 -60.22
N ASN O 332 -20.76 -76.54 -61.15
CA ASN O 332 -20.20 -77.88 -60.99
C ASN O 332 -19.81 -78.41 -62.36
N PHE O 333 -18.58 -78.92 -62.46
CA PHE O 333 -18.13 -79.48 -63.72
C PHE O 333 -17.03 -80.50 -63.46
N ASN O 334 -16.49 -81.10 -64.51
CA ASN O 334 -15.53 -82.18 -64.31
C ASN O 334 -14.29 -81.97 -65.15
N ASN O 335 -14.44 -82.09 -66.47
CA ASN O 335 -13.33 -81.94 -67.40
C ASN O 335 -12.62 -80.61 -67.18
N ASN O 336 -13.34 -79.51 -67.42
CA ASN O 336 -12.79 -78.18 -67.28
C ASN O 336 -12.75 -77.74 -65.83
N ASN O 337 -13.22 -78.58 -64.92
CA ASN O 337 -13.14 -78.29 -63.49
C ASN O 337 -11.69 -78.01 -63.16
N LYS O 338 -11.42 -76.81 -62.65
CA LYS O 338 -10.09 -76.51 -62.17
C LYS O 338 -10.11 -75.80 -60.83
N ARG O 339 -10.51 -74.53 -60.86
CA ARG O 339 -10.45 -73.68 -59.68
C ARG O 339 -10.80 -72.24 -60.03
N LYS O 340 -10.84 -71.36 -59.04
CA LYS O 340 -11.07 -69.95 -59.30
C LYS O 340 -9.92 -69.34 -60.08
N LEU O 341 -10.25 -68.74 -61.22
CA LEU O 341 -9.29 -67.96 -62.00
C LEU O 341 -9.81 -66.54 -62.08
N GLN O 342 -8.94 -65.58 -61.81
CA GLN O 342 -9.38 -64.23 -61.48
C GLN O 342 -8.36 -63.18 -61.90
N LEU O 343 -8.86 -62.00 -62.27
CA LEU O 343 -8.09 -60.77 -62.21
C LEU O 343 -8.77 -59.88 -61.19
N ILE O 344 -8.09 -59.66 -60.08
CA ILE O 344 -8.56 -58.82 -58.99
C ILE O 344 -7.40 -58.01 -58.38
N ASP O 345 -6.21 -58.20 -58.94
CA ASP O 345 -4.98 -57.53 -58.53
C ASP O 345 -4.79 -57.31 -57.04
N ASN O 346 -5.42 -58.14 -56.20
CA ASN O 346 -5.25 -57.95 -54.78
C ASN O 346 -5.08 -56.62 -54.07
N LEU O 347 -3.84 -56.27 -53.73
CA LEU O 347 -3.60 -55.23 -52.71
C LEU O 347 -3.56 -55.54 -51.21
N HIS O 348 -2.82 -56.59 -50.90
CA HIS O 348 -2.65 -57.09 -49.56
C HIS O 348 -2.25 -55.82 -48.82
N GLY O 349 -2.77 -55.63 -47.62
CA GLY O 349 -2.28 -54.53 -46.81
C GLY O 349 -0.88 -55.07 -46.58
N THR O 350 -0.01 -54.83 -47.56
CA THR O 350 1.39 -55.31 -47.64
C THR O 350 2.17 -55.40 -46.31
N ILE O 351 2.99 -56.46 -46.23
CA ILE O 351 3.85 -56.72 -45.05
C ILE O 351 4.74 -55.53 -44.70
N PHE O 352 5.08 -55.36 -43.42
CA PHE O 352 5.79 -54.15 -43.05
C PHE O 352 7.14 -53.83 -42.42
N ASP O 353 7.85 -52.84 -42.95
CA ASP O 353 9.13 -52.48 -42.35
C ASP O 353 9.06 -52.76 -40.72
N PRO O 354 7.88 -52.31 -40.28
CA PRO O 354 7.29 -52.48 -38.96
C PRO O 354 6.20 -53.51 -38.69
N GLU O 355 5.11 -53.47 -39.46
CA GLU O 355 4.02 -54.41 -39.20
C GLU O 355 4.79 -55.59 -38.66
N GLU O 356 4.80 -55.73 -37.34
CA GLU O 356 5.57 -56.77 -36.69
C GLU O 356 5.23 -58.22 -36.36
N LEU O 357 5.83 -58.69 -35.28
CA LEU O 357 5.75 -60.08 -34.85
C LEU O 357 4.97 -61.07 -35.67
N SER O 358 3.91 -61.68 -35.14
CA SER O 358 3.24 -62.69 -35.93
C SER O 358 1.99 -62.72 -36.75
N SER O 359 1.73 -63.79 -37.50
CA SER O 359 0.97 -63.73 -38.73
C SER O 359 -0.46 -63.93 -38.28
N TRP O 360 -1.07 -65.02 -38.76
CA TRP O 360 -2.51 -65.24 -38.83
C TRP O 360 -3.23 -63.96 -39.25
N LYS O 361 -4.13 -64.05 -40.22
CA LYS O 361 -4.81 -62.88 -40.71
C LYS O 361 -6.18 -63.26 -41.22
N ARG O 362 -7.15 -62.40 -40.98
CA ARG O 362 -8.54 -62.74 -41.19
C ARG O 362 -9.16 -61.67 -42.08
N ILE O 363 -9.88 -62.09 -43.11
CA ILE O 363 -10.45 -61.19 -44.10
C ILE O 363 -11.86 -61.62 -44.39
N GLU O 364 -12.82 -60.72 -44.21
CA GLU O 364 -14.23 -61.08 -44.43
C GLU O 364 -15.03 -60.06 -45.21
N TRP O 365 -16.31 -60.38 -45.43
CA TRP O 365 -17.21 -59.50 -46.15
C TRP O 365 -18.05 -58.66 -45.20
N PHE O 366 -18.04 -57.36 -45.43
CA PHE O 366 -18.79 -56.42 -44.61
C PHE O 366 -19.98 -55.84 -45.34
N SER O 367 -21.19 -56.23 -44.96
CA SER O 367 -22.42 -55.58 -45.38
C SER O 367 -22.83 -55.92 -46.80
N HIS O 368 -22.10 -56.80 -47.49
CA HIS O 368 -22.66 -57.35 -48.71
C HIS O 368 -22.42 -56.43 -49.89
N PHE O 369 -21.83 -55.27 -49.63
CA PHE O 369 -21.68 -54.23 -50.63
C PHE O 369 -20.88 -54.70 -51.83
N GLN O 370 -20.42 -55.96 -51.82
CA GLN O 370 -19.23 -56.32 -52.57
C GLN O 370 -18.03 -55.61 -51.97
N LYS O 371 -17.88 -55.75 -50.65
CA LYS O 371 -16.76 -55.14 -49.95
C LYS O 371 -16.29 -56.07 -48.85
N ILE O 372 -14.99 -55.98 -48.55
CA ILE O 372 -14.36 -56.88 -47.61
C ILE O 372 -13.77 -56.06 -46.48
N LEU O 373 -13.43 -56.75 -45.40
CA LEU O 373 -12.66 -56.18 -44.30
C LEU O 373 -11.52 -57.11 -43.98
N VAL O 374 -10.30 -56.62 -44.12
CA VAL O 374 -9.11 -57.42 -43.90
C VAL O 374 -8.47 -57.00 -42.59
N PHE O 375 -7.86 -57.93 -41.86
CA PHE O 375 -7.28 -57.51 -40.60
C PHE O 375 -6.22 -58.43 -40.01
N ASP O 376 -5.06 -57.85 -39.70
CA ASP O 376 -3.98 -58.56 -39.07
C ASP O 376 -4.15 -58.43 -37.56
N ARG O 377 -3.28 -59.06 -36.77
CA ARG O 377 -3.43 -58.95 -35.34
C ARG O 377 -3.29 -57.51 -34.90
N SER O 378 -2.36 -56.80 -35.54
CA SER O 378 -2.03 -55.44 -35.14
C SER O 378 -3.00 -54.40 -35.67
N LYS O 379 -3.88 -54.76 -36.60
CA LYS O 379 -4.77 -53.74 -37.16
C LYS O 379 -5.81 -54.26 -38.14
N MET O 380 -6.89 -53.51 -38.25
CA MET O 380 -7.93 -53.73 -39.25
C MET O 380 -7.84 -52.83 -40.42
N ILE O 381 -8.23 -53.32 -41.59
CA ILE O 381 -8.22 -52.55 -42.82
C ILE O 381 -9.60 -52.74 -43.40
N GLU O 382 -9.98 -51.83 -44.27
CA GLU O 382 -11.13 -52.05 -45.11
C GLU O 382 -10.68 -51.95 -46.55
N ILE O 383 -11.51 -52.44 -47.46
CA ILE O 383 -11.28 -52.21 -48.87
C ILE O 383 -12.62 -52.14 -49.56
N ASP O 384 -12.75 -51.22 -50.49
CA ASP O 384 -13.66 -51.41 -51.60
C ASP O 384 -12.83 -51.96 -52.75
N PHE O 385 -13.00 -53.25 -53.04
CA PHE O 385 -12.22 -53.87 -54.09
C PHE O 385 -12.79 -53.54 -55.46
N MET O 386 -14.10 -53.52 -55.62
CA MET O 386 -14.68 -53.23 -56.91
C MET O 386 -14.23 -51.88 -57.43
N ASN O 387 -14.45 -50.80 -56.69
CA ASN O 387 -13.73 -49.58 -56.98
C ASN O 387 -12.38 -49.73 -56.30
N ASN O 388 -11.58 -48.67 -56.21
CA ASN O 388 -10.30 -48.75 -55.54
C ASN O 388 -10.41 -47.98 -54.24
N TRP O 389 -10.46 -48.70 -53.12
CA TRP O 389 -10.76 -48.03 -51.87
C TRP O 389 -10.25 -48.91 -50.75
N GLN O 390 -9.78 -48.28 -49.67
CA GLN O 390 -9.13 -48.92 -48.55
C GLN O 390 -8.92 -47.96 -47.41
N THR O 391 -8.59 -48.45 -46.21
CA THR O 391 -8.50 -47.52 -45.09
C THR O 391 -7.66 -48.11 -43.96
N GLU O 392 -7.35 -47.28 -42.97
CA GLU O 392 -6.55 -47.69 -41.82
C GLU O 392 -7.38 -48.04 -40.59
N VAL O 393 -8.70 -48.08 -40.69
CA VAL O 393 -9.56 -48.11 -39.51
C VAL O 393 -9.06 -49.14 -38.52
N VAL O 394 -9.15 -48.78 -37.25
CA VAL O 394 -9.05 -49.65 -36.07
C VAL O 394 -7.67 -49.81 -35.48
N GLN O 395 -6.61 -49.24 -36.05
CA GLN O 395 -5.48 -49.11 -35.15
C GLN O 395 -4.24 -48.52 -35.76
N ALA O 396 -3.41 -47.97 -34.88
CA ALA O 396 -1.98 -47.77 -35.10
C ALA O 396 -1.16 -48.84 -34.37
N LYS O 397 -1.82 -49.81 -33.72
CA LYS O 397 -1.20 -50.96 -33.06
C LYS O 397 -0.83 -50.79 -31.60
N ALA O 398 -1.02 -49.60 -31.02
CA ALA O 398 -0.43 -49.31 -29.72
C ALA O 398 -0.90 -50.25 -28.63
N TRP O 399 -2.11 -50.03 -28.12
CA TRP O 399 -2.48 -50.57 -26.82
C TRP O 399 -3.12 -51.93 -26.83
N SER O 400 -3.65 -52.38 -27.94
CA SER O 400 -4.47 -53.58 -27.92
C SER O 400 -4.16 -54.39 -29.17
N ASN O 401 -4.67 -55.60 -29.23
CA ASN O 401 -4.50 -56.36 -30.45
C ASN O 401 -5.78 -57.09 -30.78
N ILE O 402 -5.84 -57.62 -32.00
CA ILE O 402 -7.12 -58.08 -32.51
C ILE O 402 -7.13 -59.59 -32.54
N ARG O 403 -8.08 -60.17 -31.80
CA ARG O 403 -8.12 -61.60 -31.60
C ARG O 403 -8.87 -62.33 -32.69
N ASP O 404 -10.15 -62.07 -32.87
CA ASP O 404 -10.83 -62.66 -34.02
C ASP O 404 -11.93 -61.71 -34.48
N TYR O 405 -12.39 -61.95 -35.70
CA TYR O 405 -13.52 -61.24 -36.27
C TYR O 405 -14.50 -62.27 -36.77
N LYS O 406 -15.70 -62.27 -36.24
CA LYS O 406 -16.70 -63.19 -36.75
C LYS O 406 -17.90 -62.40 -37.24
N ARG O 407 -18.09 -62.36 -38.57
CA ARG O 407 -19.23 -61.63 -39.10
C ARG O 407 -20.45 -62.13 -38.36
N ILE O 408 -21.34 -61.22 -38.00
CA ILE O 408 -22.36 -61.54 -37.03
C ILE O 408 -23.54 -62.18 -37.75
N ASP O 409 -23.29 -62.70 -38.95
CA ASP O 409 -24.40 -63.10 -39.80
C ASP O 409 -25.03 -61.87 -40.40
N ASP O 410 -26.26 -61.55 -40.01
CA ASP O 410 -27.18 -60.77 -40.81
C ASP O 410 -26.54 -59.53 -41.44
N LYS O 411 -25.32 -59.20 -41.03
CA LYS O 411 -24.47 -58.29 -41.80
C LYS O 411 -24.70 -56.84 -41.43
N ASN O 412 -25.78 -56.58 -40.72
CA ASN O 412 -26.02 -55.22 -40.27
C ASN O 412 -25.25 -55.03 -38.98
N GLY O 413 -24.48 -56.04 -38.62
CA GLY O 413 -23.66 -55.95 -37.44
C GLY O 413 -22.37 -56.67 -37.66
N ILE O 414 -21.41 -56.35 -36.82
CA ILE O 414 -20.08 -56.95 -36.81
C ILE O 414 -19.98 -57.60 -35.46
N LEU O 415 -19.02 -58.48 -35.28
CA LEU O 415 -18.54 -58.75 -33.94
C LEU O 415 -17.04 -58.92 -34.00
N LEU O 416 -16.32 -58.09 -33.26
CA LEU O 416 -14.87 -57.99 -33.35
C LEU O 416 -14.29 -57.95 -31.95
N THR O 417 -13.36 -58.85 -31.67
CA THR O 417 -12.79 -58.95 -30.34
C THR O 417 -11.32 -58.57 -30.37
N SER O 418 -11.00 -57.39 -29.87
CA SER O 418 -9.63 -56.99 -29.68
C SER O 418 -9.14 -57.76 -28.48
N ARG O 419 -7.98 -57.43 -27.96
CA ARG O 419 -7.75 -57.74 -26.58
C ARG O 419 -8.60 -56.78 -25.76
N GLU O 420 -9.08 -57.26 -24.63
CA GLU O 420 -9.44 -56.40 -23.54
C GLU O 420 -10.62 -55.50 -23.88
N ILE O 421 -11.35 -55.84 -24.94
CA ILE O 421 -12.67 -55.23 -25.18
C ILE O 421 -13.48 -56.10 -26.13
N ILE O 422 -14.78 -55.90 -26.17
CA ILE O 422 -15.67 -56.57 -27.10
C ILE O 422 -16.41 -55.50 -27.89
N ILE O 423 -16.25 -55.51 -29.20
CA ILE O 423 -16.72 -54.44 -30.06
C ILE O 423 -17.56 -55.08 -31.14
N VAL O 424 -18.76 -54.58 -31.37
CA VAL O 424 -19.45 -55.05 -32.57
C VAL O 424 -19.57 -53.90 -33.57
N GLY O 425 -18.77 -53.96 -34.63
CA GLY O 425 -19.00 -53.10 -35.75
C GLY O 425 -20.32 -53.43 -36.40
N ALA O 426 -20.73 -52.65 -37.38
CA ALA O 426 -22.02 -52.96 -37.98
C ALA O 426 -22.27 -52.16 -39.25
N SER O 427 -23.48 -52.24 -39.81
CA SER O 427 -23.76 -51.50 -41.02
C SER O 427 -23.48 -50.15 -40.40
N GLU O 428 -22.44 -49.49 -40.90
CA GLU O 428 -22.15 -48.14 -40.41
C GLU O 428 -22.73 -47.17 -41.58
N SER O 429 -23.90 -46.68 -41.19
CA SER O 429 -24.76 -45.77 -41.96
C SER O 429 -24.96 -46.01 -43.45
N ASN O 430 -24.28 -45.16 -44.20
CA ASN O 430 -24.33 -45.01 -45.63
C ASN O 430 -23.39 -45.94 -46.39
N ASP O 431 -22.49 -46.57 -45.65
CA ASP O 431 -21.53 -47.49 -46.23
C ASP O 431 -21.09 -48.54 -45.21
N PRO O 432 -20.39 -49.56 -45.69
CA PRO O 432 -19.88 -50.72 -44.93
C PRO O 432 -18.88 -50.31 -43.84
N VAL O 433 -17.70 -49.81 -44.21
CA VAL O 433 -16.70 -49.49 -43.15
C VAL O 433 -16.81 -49.92 -41.71
N ARG O 434 -16.46 -49.07 -40.75
CA ARG O 434 -16.54 -49.37 -39.32
C ARG O 434 -17.19 -48.18 -38.67
N ARG O 435 -18.38 -48.36 -38.16
CA ARG O 435 -18.91 -47.58 -37.08
C ARG O 435 -19.02 -48.58 -35.97
N ILE O 436 -18.13 -48.52 -34.99
CA ILE O 436 -18.19 -49.46 -33.90
C ILE O 436 -19.53 -49.16 -33.26
N SER O 437 -20.38 -50.15 -33.15
CA SER O 437 -21.61 -49.84 -32.46
C SER O 437 -21.23 -49.50 -31.04
N TRP O 438 -20.56 -50.43 -30.36
CA TRP O 438 -20.02 -50.19 -29.03
C TRP O 438 -19.39 -51.41 -28.38
N LYS O 439 -18.80 -51.28 -27.20
CA LYS O 439 -18.20 -52.50 -26.67
C LYS O 439 -18.16 -52.70 -25.17
N HIS O 440 -17.70 -53.88 -24.79
CA HIS O 440 -17.57 -54.28 -23.40
C HIS O 440 -16.22 -54.91 -23.20
N ASP O 441 -15.39 -54.26 -22.39
CA ASP O 441 -14.06 -54.78 -22.09
C ASP O 441 -14.18 -55.97 -21.17
N LEU O 442 -13.82 -57.12 -21.69
CA LEU O 442 -13.59 -58.33 -20.95
C LEU O 442 -12.36 -58.07 -20.10
N ASP O 443 -11.95 -59.03 -19.31
CA ASP O 443 -10.71 -58.74 -18.61
C ASP O 443 -9.75 -59.92 -18.59
N PRO O 444 -9.48 -60.61 -19.68
CA PRO O 444 -8.24 -61.37 -19.74
C PRO O 444 -7.16 -60.62 -20.50
N ASP O 445 -5.90 -61.06 -20.46
CA ASP O 445 -4.91 -60.43 -21.31
C ASP O 445 -4.30 -61.33 -22.38
N ASP O 446 -4.74 -62.58 -22.50
CA ASP O 446 -4.06 -63.60 -23.30
C ASP O 446 -3.97 -63.32 -24.78
N THR O 447 -2.99 -63.94 -25.44
CA THR O 447 -2.89 -63.90 -26.90
C THR O 447 -3.91 -64.78 -27.57
N THR O 448 -4.13 -65.97 -27.04
CA THR O 448 -4.76 -67.03 -27.82
C THR O 448 -6.26 -66.92 -27.86
N LEU O 449 -6.83 -65.85 -27.34
CA LEU O 449 -8.28 -65.75 -27.26
C LEU O 449 -8.85 -65.85 -28.66
N ARG O 450 -10.12 -66.19 -28.75
CA ARG O 450 -10.88 -66.13 -29.98
C ARG O 450 -12.27 -65.70 -29.60
N ILE O 451 -13.23 -65.84 -30.50
CA ILE O 451 -14.60 -65.49 -30.17
C ILE O 451 -15.57 -66.26 -31.04
N THR O 452 -16.76 -66.48 -30.50
CA THR O 452 -17.87 -67.05 -31.23
C THR O 452 -19.15 -66.50 -30.64
N VAL O 453 -20.14 -66.33 -31.47
CA VAL O 453 -21.35 -65.65 -31.04
C VAL O 453 -22.57 -66.42 -31.50
N GLN O 454 -23.71 -66.04 -30.96
CA GLN O 454 -24.98 -66.36 -31.60
C GLN O 454 -25.89 -65.16 -31.51
N LYS O 455 -26.78 -65.04 -32.49
CA LYS O 455 -27.86 -64.06 -32.45
C LYS O 455 -29.12 -64.82 -32.11
N VAL O 456 -29.65 -64.54 -30.93
CA VAL O 456 -30.95 -65.09 -30.56
C VAL O 456 -31.97 -64.04 -30.88
N LYS O 457 -33.13 -64.51 -31.33
CA LYS O 457 -34.23 -63.64 -31.70
C LYS O 457 -35.28 -63.72 -30.62
N LYS O 458 -35.99 -62.62 -30.42
CA LYS O 458 -37.14 -62.62 -29.53
C LYS O 458 -38.29 -61.99 -30.25
N PRO O 459 -39.47 -61.94 -29.64
CA PRO O 459 -40.61 -61.33 -30.32
C PRO O 459 -40.32 -59.91 -30.77
N ASP O 460 -39.78 -59.08 -29.88
CA ASP O 460 -39.52 -57.69 -30.22
C ASP O 460 -38.24 -57.49 -30.99
N HIS O 461 -37.17 -58.17 -30.63
CA HIS O 461 -35.84 -57.71 -30.99
C HIS O 461 -34.88 -58.88 -30.94
N ILE O 462 -33.60 -58.56 -31.11
CA ILE O 462 -32.54 -59.54 -31.06
C ILE O 462 -31.69 -59.30 -29.83
N LEU O 463 -31.15 -60.37 -29.27
CA LEU O 463 -30.05 -60.30 -28.32
C LEU O 463 -28.91 -61.16 -28.81
N LEU O 464 -27.74 -60.53 -28.93
CA LEU O 464 -26.58 -61.13 -29.57
C LEU O 464 -25.63 -61.63 -28.49
N VAL O 465 -25.51 -62.94 -28.35
CA VAL O 465 -24.66 -63.53 -27.33
C VAL O 465 -23.23 -63.48 -27.84
N ALA O 466 -22.29 -63.48 -26.91
CA ALA O 466 -20.88 -63.52 -27.27
C ALA O 466 -20.19 -64.43 -26.26
N PHE O 467 -19.37 -65.35 -26.75
CA PHE O 467 -18.53 -66.18 -25.91
C PHE O 467 -17.10 -65.89 -26.34
N VAL O 468 -16.14 -66.11 -25.46
CA VAL O 468 -14.74 -66.01 -25.85
C VAL O 468 -13.99 -67.13 -25.17
N TYR O 469 -13.26 -67.91 -25.94
CA TYR O 469 -12.64 -69.10 -25.41
C TYR O 469 -11.16 -69.09 -25.69
N SER O 470 -10.39 -69.30 -24.64
CA SER O 470 -8.95 -69.33 -24.78
C SER O 470 -8.49 -70.75 -24.99
N MET O 471 -7.19 -70.90 -25.18
CA MET O 471 -6.56 -72.21 -25.23
C MET O 471 -5.85 -72.57 -23.93
N ARG O 472 -5.80 -71.66 -22.96
CA ARG O 472 -5.17 -71.91 -21.66
C ARG O 472 -6.07 -72.66 -20.69
N HIS O 473 -7.38 -72.42 -20.76
CA HIS O 473 -8.32 -72.95 -19.80
C HIS O 473 -9.68 -73.09 -20.45
N LYS O 474 -10.38 -74.17 -20.13
CA LYS O 474 -11.71 -74.38 -20.67
C LYS O 474 -12.65 -73.19 -20.53
N ARG O 475 -12.78 -72.64 -19.34
CA ARG O 475 -13.95 -71.83 -19.00
C ARG O 475 -14.19 -70.71 -20.00
N ILE O 476 -15.47 -70.38 -20.18
CA ILE O 476 -15.94 -69.49 -21.24
C ILE O 476 -16.57 -68.24 -20.64
N TYR O 477 -16.41 -67.11 -21.33
CA TYR O 477 -16.83 -65.79 -20.87
C TYR O 477 -18.01 -65.36 -21.71
N MET O 478 -19.20 -65.33 -21.12
CA MET O 478 -20.41 -65.15 -21.89
C MET O 478 -20.98 -63.77 -21.65
N HIS O 479 -21.21 -63.02 -22.72
CA HIS O 479 -21.73 -61.65 -22.64
C HIS O 479 -22.77 -61.46 -23.74
N VAL O 480 -23.77 -60.63 -23.44
CA VAL O 480 -25.00 -60.60 -24.22
C VAL O 480 -25.31 -59.18 -24.66
N PHE O 481 -25.21 -58.94 -25.96
CA PHE O 481 -25.62 -57.68 -26.56
C PHE O 481 -27.05 -57.81 -27.02
N SER O 482 -27.82 -56.72 -26.91
CA SER O 482 -29.19 -56.74 -27.36
C SER O 482 -29.42 -55.61 -28.34
N HIS O 483 -29.99 -55.94 -29.49
CA HIS O 483 -30.24 -55.00 -30.57
C HIS O 483 -31.72 -54.94 -30.89
N ARG O 484 -32.28 -53.74 -30.80
CA ARG O 484 -33.67 -53.49 -31.17
C ARG O 484 -33.61 -52.53 -32.34
N LYS O 485 -34.60 -52.72 -33.22
CA LYS O 485 -34.75 -52.02 -34.49
C LYS O 485 -35.14 -50.56 -34.46
N ALA O 486 -34.09 -49.75 -34.46
CA ALA O 486 -34.10 -48.31 -34.46
C ALA O 486 -32.60 -48.21 -34.36
N ASN O 487 -31.99 -49.34 -34.68
CA ASN O 487 -30.54 -49.44 -34.55
C ASN O 487 -30.10 -48.88 -33.20
N LEU O 488 -30.92 -49.16 -32.20
CA LEU O 488 -30.52 -49.06 -30.80
C LEU O 488 -29.74 -50.30 -30.41
N PHE O 489 -28.88 -50.17 -29.41
CA PHE O 489 -28.09 -51.29 -28.89
C PHE O 489 -28.08 -51.26 -27.37
N GLN O 490 -27.67 -52.36 -26.77
CA GLN O 490 -27.72 -52.52 -25.33
C GLN O 490 -26.88 -53.71 -24.91
N SER O 491 -26.71 -53.87 -23.61
CA SER O 491 -26.01 -55.02 -23.05
C SER O 491 -26.54 -55.28 -21.66
N LEU O 492 -25.93 -56.21 -20.95
CA LEU O 492 -26.36 -56.47 -19.60
C LEU O 492 -25.21 -56.63 -18.61
N GLY O 493 -24.52 -57.75 -18.67
CA GLY O 493 -23.47 -58.17 -17.74
C GLY O 493 -23.04 -59.57 -18.11
N CYS O 494 -21.83 -59.93 -17.69
CA CYS O 494 -21.16 -61.06 -18.29
C CYS O 494 -20.89 -62.17 -17.29
N SER O 495 -21.37 -63.37 -17.62
CA SER O 495 -21.20 -64.52 -16.74
C SER O 495 -20.47 -65.61 -17.50
N THR O 496 -19.93 -66.58 -16.78
CA THR O 496 -19.00 -67.54 -17.35
C THR O 496 -19.32 -68.96 -16.95
N VAL O 497 -18.68 -69.91 -17.64
CA VAL O 497 -18.86 -71.33 -17.39
C VAL O 497 -17.56 -72.05 -17.70
N LEU O 498 -17.64 -73.38 -17.75
CA LEU O 498 -16.46 -74.21 -17.63
C LEU O 498 -16.77 -75.61 -18.16
N GLU O 499 -15.79 -76.52 -18.08
CA GLU O 499 -16.09 -77.91 -18.39
C GLU O 499 -14.96 -78.83 -17.92
N ILE O 500 -14.90 -80.03 -18.49
CA ILE O 500 -14.00 -81.12 -18.10
C ILE O 500 -12.54 -80.66 -17.99
N PRO O 501 -11.74 -81.33 -17.11
CA PRO O 501 -10.39 -80.83 -16.77
C PRO O 501 -9.40 -80.60 -17.90
N GLY O 502 -9.31 -81.52 -18.86
CA GLY O 502 -8.25 -81.50 -19.86
C GLY O 502 -8.27 -80.26 -20.73
N GLY O 503 -7.08 -79.84 -21.17
CA GLY O 503 -6.86 -78.90 -22.24
C GLY O 503 -7.66 -77.63 -22.09
N THR O 504 -8.17 -77.14 -23.23
CA THR O 504 -8.86 -75.87 -23.38
C THR O 504 -9.37 -75.70 -24.81
N PRO O 505 -10.58 -75.15 -25.01
CA PRO O 505 -11.29 -75.43 -26.25
C PRO O 505 -10.49 -75.09 -27.49
N THR O 506 -10.39 -76.06 -28.38
CA THR O 506 -9.83 -75.85 -29.70
C THR O 506 -10.84 -75.30 -30.66
N GLY O 507 -12.12 -75.41 -30.34
CA GLY O 507 -13.10 -74.60 -31.01
C GLY O 507 -14.45 -74.68 -30.35
N ILE O 508 -15.22 -73.61 -30.45
CA ILE O 508 -16.63 -73.61 -30.08
C ILE O 508 -17.40 -73.22 -31.33
N GLU O 509 -18.10 -74.19 -31.91
CA GLU O 509 -18.98 -73.89 -33.02
C GLU O 509 -20.40 -73.89 -32.50
N THR O 510 -21.16 -72.87 -32.86
CA THR O 510 -22.55 -72.76 -32.48
C THR O 510 -23.44 -73.56 -33.41
N ILE O 511 -24.74 -73.34 -33.32
CA ILE O 511 -25.74 -74.11 -34.04
C ILE O 511 -26.62 -73.19 -34.86
N LEU O 512 -27.26 -72.22 -34.19
CA LEU O 512 -28.31 -71.38 -34.75
C LEU O 512 -29.72 -71.91 -34.49
N THR O 513 -29.83 -73.11 -33.92
CA THR O 513 -31.08 -73.55 -33.31
C THR O 513 -32.31 -73.13 -34.10
N LEU O 514 -32.48 -73.69 -35.30
CA LEU O 514 -33.58 -73.29 -36.16
C LEU O 514 -33.45 -71.82 -36.57
N GLU O 529 -44.58 -64.11 -20.56
CA GLU O 529 -43.42 -63.62 -19.82
C GLU O 529 -42.14 -64.10 -20.48
N ASN O 530 -41.94 -65.41 -20.53
CA ASN O 530 -40.78 -65.96 -21.23
C ASN O 530 -39.49 -65.33 -20.68
N PHE O 531 -38.82 -64.55 -21.51
CA PHE O 531 -37.62 -63.80 -21.15
C PHE O 531 -36.54 -64.70 -20.57
N GLU O 532 -36.55 -65.96 -20.97
CA GLU O 532 -35.44 -66.87 -20.71
C GLU O 532 -34.58 -66.94 -21.97
N LEU O 533 -33.47 -67.67 -21.99
CA LEU O 533 -32.80 -67.90 -23.25
C LEU O 533 -32.20 -69.29 -23.28
N VAL O 534 -32.31 -69.97 -24.41
CA VAL O 534 -31.68 -71.26 -24.60
C VAL O 534 -30.71 -71.14 -25.75
N VAL O 535 -29.55 -71.74 -25.61
CA VAL O 535 -28.51 -71.70 -26.64
C VAL O 535 -27.67 -72.95 -26.53
N ASP O 536 -27.16 -73.43 -27.66
CA ASP O 536 -26.40 -74.66 -27.69
C ASP O 536 -25.19 -74.47 -28.58
N PHE O 537 -24.21 -75.37 -28.41
CA PHE O 537 -22.97 -75.28 -29.15
C PHE O 537 -22.22 -76.59 -28.96
N LEU O 538 -21.08 -76.71 -29.63
CA LEU O 538 -20.30 -77.93 -29.54
C LEU O 538 -18.82 -77.59 -29.52
N VAL O 539 -18.08 -78.27 -28.63
CA VAL O 539 -16.77 -77.82 -28.22
C VAL O 539 -15.76 -78.95 -28.25
N LYS O 540 -14.76 -78.83 -29.13
CA LYS O 540 -13.61 -79.70 -29.14
C LYS O 540 -12.51 -79.07 -28.31
N LEU O 541 -11.81 -79.86 -27.53
CA LEU O 541 -10.93 -79.33 -26.51
C LEU O 541 -9.47 -79.59 -26.87
N ARG O 542 -8.61 -78.72 -26.36
CA ARG O 542 -7.20 -78.78 -26.70
C ARG O 542 -6.67 -80.19 -26.50
N ASN O 543 -6.04 -80.72 -27.54
CA ASN O 543 -5.36 -82.01 -27.49
C ASN O 543 -6.27 -83.10 -26.95
N SER O 544 -7.58 -82.91 -27.13
CA SER O 544 -8.52 -83.97 -26.79
C SER O 544 -9.42 -84.18 -28.00
N SER O 545 -9.27 -85.33 -28.64
CA SER O 545 -9.90 -85.60 -29.92
C SER O 545 -11.39 -85.27 -29.97
N GLU O 546 -12.15 -85.60 -28.94
CA GLU O 546 -13.59 -85.76 -29.08
C GLU O 546 -14.32 -84.44 -29.23
N VAL O 547 -15.57 -84.56 -29.68
CA VAL O 547 -16.52 -83.46 -29.82
C VAL O 547 -17.55 -83.63 -28.71
N TYR O 548 -18.14 -82.54 -28.25
CA TYR O 548 -19.24 -82.60 -27.31
C TYR O 548 -20.25 -81.50 -27.60
N TYR O 549 -21.52 -81.88 -27.66
CA TYR O 549 -22.60 -80.92 -27.74
C TYR O 549 -23.05 -80.52 -26.35
N TYR O 550 -23.40 -79.26 -26.20
CA TYR O 550 -23.95 -78.73 -24.95
C TYR O 550 -25.21 -77.96 -25.27
N ALA O 551 -25.95 -77.62 -24.23
CA ALA O 551 -27.14 -76.81 -24.40
C ALA O 551 -27.32 -75.95 -23.16
N LEU O 552 -27.81 -74.74 -23.36
CA LEU O 552 -27.87 -73.77 -22.28
C LEU O 552 -29.27 -73.22 -22.15
N SER O 553 -29.93 -73.56 -21.04
CA SER O 553 -31.18 -72.94 -20.63
C SER O 553 -30.94 -72.46 -19.20
N ASN O 554 -31.70 -71.46 -18.78
CA ASN O 554 -31.42 -70.85 -17.48
C ASN O 554 -32.70 -70.74 -16.68
N THR O 555 -32.71 -71.48 -15.57
CA THR O 555 -33.92 -71.84 -14.82
C THR O 555 -33.47 -72.62 -13.59
N GLN O 556 -34.42 -72.97 -12.73
CA GLN O 556 -34.15 -73.96 -11.70
C GLN O 556 -34.57 -75.33 -12.22
N ASN O 557 -33.61 -76.12 -12.66
CA ASN O 557 -33.83 -77.51 -12.98
C ASN O 557 -33.25 -78.49 -11.99
N SER O 558 -32.46 -78.04 -11.01
CA SER O 558 -31.65 -78.97 -10.22
C SER O 558 -30.66 -77.99 -9.60
N ILE O 567 -11.44 -86.27 -14.61
CA ILE O 567 -10.23 -86.33 -15.44
C ILE O 567 -9.70 -87.74 -15.53
N ILE O 568 -8.97 -88.05 -16.60
CA ILE O 568 -8.48 -89.40 -16.84
C ILE O 568 -7.08 -89.68 -16.30
N VAL O 569 -6.79 -90.96 -16.08
CA VAL O 569 -5.49 -91.38 -15.57
C VAL O 569 -4.67 -91.66 -16.83
N ASP O 570 -4.82 -90.77 -17.81
CA ASP O 570 -4.15 -90.90 -19.10
C ASP O 570 -2.77 -90.32 -19.40
N HIS O 571 -2.20 -89.57 -18.45
CA HIS O 571 -0.86 -89.08 -18.64
C HIS O 571 -0.01 -90.34 -18.77
N PRO O 572 0.71 -90.47 -19.89
CA PRO O 572 1.56 -91.63 -20.21
C PRO O 572 2.42 -92.13 -19.06
N GLU O 573 3.01 -91.19 -18.34
CA GLU O 573 3.86 -91.51 -17.19
C GLU O 573 3.00 -92.00 -16.03
N TRP O 574 2.29 -91.08 -15.39
CA TRP O 574 1.43 -91.40 -14.26
C TRP O 574 0.93 -92.84 -14.24
N ALA O 575 0.74 -93.42 -15.43
CA ALA O 575 0.24 -94.78 -15.53
C ALA O 575 1.35 -95.81 -15.76
N SER O 576 2.44 -95.37 -16.39
CA SER O 576 3.58 -96.26 -16.68
C SER O 576 4.25 -96.80 -15.42
N LEU O 577 4.23 -96.04 -14.31
CA LEU O 577 4.67 -96.50 -13.00
C LEU O 577 4.20 -97.84 -12.41
N PHE O 578 2.95 -98.21 -12.75
CA PHE O 578 2.29 -99.47 -12.32
C PHE O 578 1.64 -100.40 -13.39
N ASN O 579 2.40 -100.68 -14.46
CA ASN O 579 1.96 -101.56 -15.56
C ASN O 579 3.02 -102.41 -16.31
N ASN O 580 4.28 -102.39 -15.85
CA ASN O 580 5.40 -103.13 -16.42
C ASN O 580 5.62 -104.42 -15.68
N ALA O 581 6.33 -105.38 -16.27
CA ALA O 581 6.53 -106.70 -15.67
C ALA O 581 5.21 -107.47 -15.61
N ASP O 582 4.55 -107.62 -16.76
CA ASP O 582 3.29 -108.32 -16.85
C ASP O 582 3.39 -109.78 -16.39
N GLU O 583 4.03 -110.60 -17.21
CA GLU O 583 4.21 -112.03 -16.88
C GLU O 583 5.20 -112.31 -15.77
N ARG O 584 6.49 -112.21 -16.11
CA ARG O 584 7.57 -112.47 -15.16
C ARG O 584 7.29 -111.80 -13.82
N GLU O 585 6.81 -110.56 -13.86
CA GLU O 585 6.50 -109.81 -12.65
C GLU O 585 5.15 -110.19 -12.04
N LYS O 586 4.07 -109.87 -12.75
CA LYS O 586 2.71 -110.17 -12.28
C LYS O 586 2.76 -111.44 -11.40
N GLU O 587 3.67 -112.36 -11.72
CA GLU O 587 4.04 -113.48 -10.84
C GLU O 587 4.76 -112.90 -9.60
N SER O 588 5.73 -112.02 -9.80
CA SER O 588 6.47 -111.31 -8.75
C SER O 588 5.69 -110.35 -7.83
N ILE O 589 4.71 -109.60 -8.36
CA ILE O 589 3.70 -108.81 -7.63
C ILE O 589 2.75 -109.71 -6.83
N GLY O 590 2.26 -110.77 -7.49
CA GLY O 590 1.36 -111.75 -6.88
C GLY O 590 2.07 -112.38 -5.70
N ALA O 591 3.37 -112.66 -5.83
CA ALA O 591 4.23 -113.14 -4.76
C ALA O 591 4.44 -112.12 -3.62
N LEU O 592 4.86 -110.88 -3.91
CA LEU O 592 5.13 -109.87 -2.88
C LEU O 592 3.86 -109.38 -2.17
N VAL O 593 2.77 -109.16 -2.92
CA VAL O 593 1.46 -108.78 -2.36
C VAL O 593 0.95 -109.89 -1.45
N SER O 594 1.12 -111.16 -1.85
CA SER O 594 0.78 -112.31 -1.01
C SER O 594 1.68 -112.42 0.23
N GLN O 595 2.99 -112.16 0.10
CA GLN O 595 3.92 -112.19 1.24
C GLN O 595 3.68 -111.15 2.34
N ILE O 596 3.44 -109.88 1.99
CA ILE O 596 3.15 -108.82 2.97
C ILE O 596 1.76 -108.98 3.63
N LYS O 597 0.75 -109.36 2.83
CA LYS O 597 -0.60 -109.67 3.32
C LYS O 597 -0.52 -110.87 4.26
N LEU O 598 0.32 -111.87 3.94
CA LEU O 598 0.53 -113.03 4.80
C LEU O 598 1.28 -112.65 6.09
N LYS O 599 2.36 -111.86 5.97
CA LYS O 599 3.19 -111.40 7.10
C LYS O 599 2.40 -110.50 8.04
N GLU O 600 1.61 -109.57 7.50
CA GLU O 600 0.73 -108.75 8.33
C GLU O 600 -0.32 -109.62 9.01
N ARG O 601 -1.00 -110.51 8.28
CA ARG O 601 -2.01 -111.42 8.86
C ARG O 601 -1.45 -112.39 9.92
N GLU O 602 -0.21 -112.86 9.80
CA GLU O 602 0.45 -113.62 10.87
C GLU O 602 0.68 -112.79 12.14
N ARG O 603 1.16 -111.54 12.00
CA ARG O 603 1.28 -110.61 13.15
C ARG O 603 -0.08 -110.22 13.73
N ILE O 604 -1.12 -110.11 12.89
CA ILE O 604 -2.51 -109.92 13.32
C ILE O 604 -2.93 -111.13 14.20
N SER O 605 -2.66 -112.37 13.76
CA SER O 605 -2.94 -113.58 14.56
C SER O 605 -2.19 -113.60 15.90
N ARG O 606 -0.90 -113.23 15.95
CA ARG O 606 -0.13 -113.18 17.22
C ARG O 606 -0.73 -112.18 18.20
N VAL O 607 -1.13 -111.01 17.70
CA VAL O 607 -1.68 -109.95 18.56
C VAL O 607 -3.13 -110.28 18.95
N GLN O 608 -3.89 -111.01 18.14
CA GLN O 608 -5.18 -111.57 18.57
C GLN O 608 -5.03 -112.63 19.68
N ASN O 609 -3.99 -113.46 19.64
CA ASN O 609 -3.64 -114.34 20.76
C ASN O 609 -3.17 -113.55 22.00
N LEU O 610 -2.41 -112.48 21.79
CA LEU O 610 -1.99 -111.58 22.88
C LEU O 610 -3.18 -110.87 23.52
N ILE O 611 -4.20 -110.45 22.75
CA ILE O 611 -5.42 -109.80 23.28
C ILE O 611 -6.32 -110.77 24.09
N GLU O 612 -6.27 -112.08 23.80
CA GLU O 612 -6.95 -113.11 24.61
C GLU O 612 -6.19 -113.43 25.92
N HIS O 613 -4.89 -113.14 25.93
CA HIS O 613 -4.06 -113.37 27.10
C HIS O 613 -3.94 -112.10 27.94
N GLU O 614 -3.77 -110.96 27.27
CA GLU O 614 -3.64 -109.67 27.94
C GLU O 614 -4.86 -109.27 28.82
N ASN O 615 -4.53 -108.59 29.89
CA ASN O 615 -5.42 -108.10 30.92
C ASN O 615 -4.55 -107.77 32.15
N SER O 616 -3.33 -108.32 32.18
CA SER O 616 -2.36 -108.16 33.25
C SER O 616 -3.10 -108.52 34.50
N HIS O 617 -4.19 -109.25 34.33
CA HIS O 617 -4.98 -109.57 35.51
C HIS O 617 -3.73 -110.17 36.05
N ASP O 618 -2.68 -110.09 35.24
CA ASP O 618 -1.38 -110.63 35.66
C ASP O 618 -0.23 -110.45 34.66
N GLU O 619 -0.53 -110.77 33.40
CA GLU O 619 0.43 -110.66 32.31
C GLU O 619 0.93 -109.23 32.21
N ASP O 620 0.13 -108.30 32.72
CA ASP O 620 0.50 -106.90 32.74
C ASP O 620 1.66 -106.81 33.72
N LYS O 621 1.50 -107.45 34.87
CA LYS O 621 2.54 -107.51 35.87
C LYS O 621 3.78 -108.11 35.22
N TYR O 622 3.58 -109.00 34.26
CA TYR O 622 4.72 -109.61 33.57
C TYR O 622 5.35 -108.61 32.60
N LEU O 623 4.55 -107.92 31.79
CA LEU O 623 5.02 -106.88 30.87
C LEU O 623 5.67 -105.68 31.61
N GLN O 624 4.99 -105.16 32.63
CA GLN O 624 5.53 -104.06 33.41
C GLN O 624 6.87 -104.50 34.00
N ASP O 625 7.02 -105.81 34.20
CA ASP O 625 8.24 -106.37 34.75
C ASP O 625 9.35 -106.29 33.72
N LEU O 626 9.07 -106.79 32.51
CA LEU O 626 10.05 -106.75 31.43
C LEU O 626 10.46 -105.31 31.21
N GLY O 627 9.48 -104.41 31.30
CA GLY O 627 9.72 -102.97 31.13
C GLY O 627 10.57 -102.34 32.24
N TYR O 628 10.50 -102.88 33.46
CA TYR O 628 11.36 -102.51 34.59
C TYR O 628 12.83 -102.92 34.39
N ARG O 629 13.10 -104.08 33.77
CA ARG O 629 14.48 -104.47 33.39
C ARG O 629 15.12 -103.68 32.26
N LEU O 630 14.34 -103.30 31.26
CA LEU O 630 14.77 -102.45 30.16
C LEU O 630 14.93 -100.97 30.55
N SER O 631 14.20 -100.50 31.57
CA SER O 631 14.38 -99.17 32.15
C SER O 631 15.68 -99.18 32.98
N ILE O 632 16.01 -100.27 33.69
CA ILE O 632 17.35 -100.45 34.29
C ILE O 632 18.44 -100.40 33.20
N ALA O 633 18.23 -101.11 32.09
CA ALA O 633 19.15 -101.11 30.97
C ALA O 633 19.15 -99.79 30.15
N THR O 634 18.10 -98.95 30.19
CA THR O 634 18.20 -97.57 29.69
C THR O 634 19.18 -96.60 30.35
N ASN O 635 19.23 -96.57 31.68
CA ASN O 635 20.24 -95.79 32.42
C ASN O 635 21.70 -96.42 32.58
N GLU O 636 21.80 -97.71 32.25
CA GLU O 636 23.09 -98.41 32.07
C GLU O 636 23.73 -97.67 30.87
N LEU O 637 22.91 -97.42 29.85
CA LEU O 637 23.35 -96.72 28.66
C LEU O 637 23.54 -95.25 28.99
N LEU O 638 22.71 -94.76 29.91
CA LEU O 638 22.78 -93.37 30.35
C LEU O 638 24.08 -93.23 31.15
N GLU O 639 24.37 -94.24 31.97
CA GLU O 639 25.57 -94.24 32.77
C GLU O 639 26.77 -94.14 31.82
N SER O 640 26.66 -94.79 30.66
CA SER O 640 27.74 -94.75 29.68
C SER O 640 28.28 -93.48 29.00
N TRP O 641 27.42 -92.59 28.54
CA TRP O 641 27.86 -91.30 27.96
C TRP O 641 27.91 -90.13 28.99
N GLN O 642 27.51 -90.48 30.22
CA GLN O 642 27.58 -89.58 31.35
C GLN O 642 29.06 -89.74 31.60
N LYS O 643 29.49 -91.01 31.64
CA LYS O 643 30.93 -91.31 31.73
C LYS O 643 31.71 -90.95 30.46
N THR O 644 31.08 -91.06 29.31
CA THR O 644 31.72 -90.72 28.05
C THR O 644 31.08 -89.42 27.61
N LYS O 645 31.53 -88.30 28.18
CA LYS O 645 30.93 -87.02 27.86
C LYS O 645 31.85 -85.88 27.42
N ASP O 646 33.08 -85.80 27.92
CA ASP O 646 33.89 -84.65 27.50
C ASP O 646 34.39 -84.78 26.03
N GLU O 647 33.55 -85.34 25.16
CA GLU O 647 33.81 -85.48 23.72
C GLU O 647 33.77 -84.11 23.01
N SER O 648 32.83 -83.25 23.43
CA SER O 648 32.83 -81.77 23.34
C SER O 648 32.74 -81.16 21.90
N ILE O 649 33.45 -81.75 20.95
CA ILE O 649 33.25 -81.28 19.60
C ILE O 649 31.70 -81.10 19.60
N LEU O 650 30.92 -82.20 19.68
CA LEU O 650 29.45 -82.28 19.74
C LEU O 650 28.82 -83.67 19.63
N SER O 651 27.65 -83.89 20.24
CA SER O 651 26.92 -85.16 20.11
C SER O 651 25.69 -85.15 21.00
N GLY O 652 24.52 -85.38 20.39
CA GLY O 652 23.24 -85.41 21.09
C GLY O 652 22.58 -86.61 21.76
N SER O 653 22.92 -86.77 23.04
CA SER O 653 22.52 -87.99 23.81
C SER O 653 22.94 -89.56 23.70
N LEU O 654 24.01 -89.62 22.90
CA LEU O 654 24.47 -90.85 22.27
C LEU O 654 23.44 -90.96 21.07
N SER O 655 23.15 -89.74 20.57
CA SER O 655 21.89 -89.49 19.77
C SER O 655 20.66 -90.21 20.48
N HIS O 656 20.25 -89.51 21.52
CA HIS O 656 19.43 -90.15 22.58
C HIS O 656 18.00 -90.87 22.44
N SER O 657 17.76 -91.46 21.28
CA SER O 657 16.43 -92.08 21.21
C SER O 657 16.03 -93.48 20.76
N LYS O 658 15.81 -94.38 21.71
CA LYS O 658 15.32 -95.70 21.44
C LYS O 658 14.78 -96.39 22.67
N LEU O 659 14.26 -97.59 22.44
CA LEU O 659 13.66 -98.41 23.47
C LEU O 659 13.57 -99.70 22.66
N LYS O 660 14.53 -99.86 21.75
CA LYS O 660 14.81 -101.03 20.96
C LYS O 660 15.86 -102.13 21.51
N ASN O 661 16.87 -101.51 22.09
CA ASN O 661 17.89 -102.26 22.81
C ASN O 661 17.41 -103.47 23.57
N LEU O 662 16.68 -103.22 24.66
CA LEU O 662 16.13 -104.28 25.48
C LEU O 662 14.67 -104.41 25.07
N LEU O 663 14.37 -103.93 23.86
CA LEU O 663 13.02 -103.97 23.33
C LEU O 663 12.37 -105.35 23.54
N GLU O 664 12.83 -106.34 22.80
CA GLU O 664 12.29 -107.69 22.90
C GLU O 664 10.84 -107.71 22.43
N ASN O 665 9.91 -107.72 23.38
CA ASN O 665 8.48 -107.72 23.07
C ASN O 665 7.92 -106.31 23.14
N SER O 666 8.72 -105.38 23.64
CA SER O 666 8.32 -103.99 23.77
C SER O 666 6.82 -103.81 23.54
N ASP O 667 6.37 -104.33 22.40
CA ASP O 667 4.99 -104.25 21.96
C ASP O 667 4.09 -105.25 22.65
N SER O 668 4.33 -105.44 23.94
CA SER O 668 3.52 -106.36 24.72
C SER O 668 2.45 -105.77 25.64
N PHE O 669 2.26 -104.45 25.59
CA PHE O 669 1.22 -103.80 26.38
C PHE O 669 -0.08 -103.51 25.49
N ALA O 670 -0.71 -104.67 25.29
CA ALA O 670 -1.91 -104.65 24.47
C ALA O 670 -2.79 -103.92 25.47
N SER O 671 -2.20 -102.91 26.08
CA SER O 671 -2.86 -102.09 27.06
C SER O 671 -2.13 -100.78 27.19
N ILE O 672 -2.80 -99.70 26.85
CA ILE O 672 -2.22 -98.39 26.97
C ILE O 672 -1.93 -98.21 28.47
N PRO O 673 -2.83 -98.70 29.32
CA PRO O 673 -2.65 -98.60 30.78
C PRO O 673 -1.26 -99.09 31.16
N GLU O 674 -0.78 -100.11 30.46
CA GLU O 674 0.54 -100.66 30.71
C GLU O 674 1.59 -99.70 30.17
N PHE O 675 1.35 -99.18 28.97
CA PHE O 675 2.27 -98.23 28.35
C PHE O 675 2.37 -97.00 29.22
N SER O 676 1.22 -96.46 29.63
CA SER O 676 1.18 -95.28 30.50
C SER O 676 1.62 -95.43 31.97
N SER O 677 1.39 -96.58 32.61
CA SER O 677 1.85 -96.82 33.99
C SER O 677 3.36 -97.10 34.08
N LEU O 678 3.96 -97.73 33.06
CA LEU O 678 5.40 -97.78 32.85
C LEU O 678 5.98 -96.37 32.67
N LEU O 679 5.38 -95.57 31.78
CA LEU O 679 5.87 -94.23 31.48
C LEU O 679 5.90 -93.40 32.77
N ASP O 680 4.85 -93.38 33.59
CA ASP O 680 4.89 -92.66 34.87
C ASP O 680 5.94 -93.22 35.84
N GLN O 681 6.10 -94.55 35.96
CA GLN O 681 7.12 -95.16 36.81
C GLN O 681 8.54 -94.80 36.36
N PHE O 682 8.90 -95.09 35.11
CA PHE O 682 10.26 -94.88 34.63
C PHE O 682 10.55 -93.42 34.24
N PHE O 683 9.56 -92.56 33.97
CA PHE O 683 9.79 -91.10 33.90
C PHE O 683 9.95 -90.44 35.27
N GLN O 684 9.34 -90.96 36.33
CA GLN O 684 9.67 -90.54 37.70
C GLN O 684 11.07 -91.01 38.11
N TYR O 685 11.50 -92.19 37.65
CA TYR O 685 12.90 -92.65 37.74
C TYR O 685 13.86 -91.84 36.84
N TYR O 686 13.40 -91.31 35.72
CA TYR O 686 14.11 -90.31 34.89
C TYR O 686 13.98 -88.87 35.45
N GLN O 687 13.48 -88.68 36.67
CA GLN O 687 13.72 -87.49 37.50
C GLN O 687 14.79 -87.75 38.60
N ASP O 688 15.46 -88.90 38.55
CA ASP O 688 16.76 -89.18 39.19
C ASP O 688 17.91 -89.35 38.16
N GLN O 689 17.66 -90.17 37.15
CA GLN O 689 18.65 -90.41 36.11
C GLN O 689 18.83 -89.15 35.26
N ASP O 690 17.79 -88.67 34.59
CA ASP O 690 17.98 -87.44 33.80
C ASP O 690 16.84 -86.95 32.92
N VAL O 691 17.14 -85.90 32.16
CA VAL O 691 16.21 -85.34 31.19
C VAL O 691 15.92 -86.34 30.09
N THR O 692 14.87 -87.12 30.28
CA THR O 692 14.49 -88.13 29.30
C THR O 692 13.72 -87.53 28.13
N PHE O 693 14.06 -86.31 27.74
CA PHE O 693 13.35 -85.71 26.62
C PHE O 693 11.84 -85.34 26.72
N ILE O 694 10.90 -86.26 27.00
CA ILE O 694 9.48 -85.82 26.96
C ILE O 694 8.27 -86.40 27.73
N GLY O 695 7.20 -85.62 27.53
CA GLY O 695 5.81 -85.74 28.02
C GLY O 695 4.84 -86.00 26.86
N PHE O 696 3.96 -87.01 27.02
CA PHE O 696 3.07 -87.57 25.99
C PHE O 696 2.23 -86.53 25.23
N GLU O 697 1.70 -85.53 25.93
CA GLU O 697 0.91 -84.42 25.39
C GLU O 697 1.58 -83.67 24.22
N LYS O 698 2.91 -83.50 24.26
CA LYS O 698 3.65 -82.85 23.17
C LYS O 698 3.65 -83.68 21.91
N LEU O 699 3.70 -85.01 22.01
CA LEU O 699 3.66 -85.93 20.88
C LEU O 699 2.37 -85.94 20.03
N LEU O 700 1.21 -85.72 20.66
CA LEU O 700 -0.06 -85.48 19.97
C LEU O 700 -0.21 -84.06 19.36
N HIS O 701 0.27 -83.08 20.11
CA HIS O 701 0.29 -81.70 19.63
C HIS O 701 1.23 -81.77 18.45
N LEU O 702 2.21 -82.68 18.52
CA LEU O 702 3.18 -82.88 17.45
C LEU O 702 2.52 -83.59 16.28
N PHE O 703 1.73 -84.62 16.59
CA PHE O 703 1.02 -85.37 15.56
C PHE O 703 0.16 -84.37 14.81
N LEU O 704 -0.42 -83.43 15.56
CA LEU O 704 -1.22 -82.40 15.01
C LEU O 704 -2.28 -83.16 14.26
N HIS O 705 -3.01 -84.03 14.99
CA HIS O 705 -4.08 -84.77 14.44
C HIS O 705 -4.99 -83.62 14.58
N GLU O 706 -4.31 -82.46 14.61
CA GLU O 706 -5.19 -81.27 14.78
C GLU O 706 -5.40 -80.89 16.31
N ASP O 707 -6.49 -81.43 16.81
CA ASP O 707 -6.81 -81.28 18.22
C ASP O 707 -5.70 -81.27 19.24
N VAL O 708 -6.06 -80.90 20.46
CA VAL O 708 -5.14 -80.94 21.57
C VAL O 708 -5.68 -82.13 22.35
N PRO O 709 -5.72 -83.30 21.70
CA PRO O 709 -6.32 -84.44 22.38
C PRO O 709 -5.59 -84.98 23.59
N GLY O 710 -5.11 -84.13 24.50
CA GLY O 710 -4.43 -84.60 25.69
C GLY O 710 -3.66 -85.89 25.47
N LEU O 711 -4.15 -87.02 25.96
CA LEU O 711 -3.46 -88.30 25.75
C LEU O 711 -4.38 -89.54 25.66
N ASP O 712 -5.18 -89.81 26.69
CA ASP O 712 -6.10 -90.95 26.66
C ASP O 712 -7.01 -90.69 25.48
N ILE O 713 -7.72 -89.55 25.55
CA ILE O 713 -8.52 -89.12 24.44
C ILE O 713 -7.97 -89.48 23.07
N PHE O 714 -6.71 -89.15 22.82
CA PHE O 714 -6.08 -89.45 21.54
C PHE O 714 -6.55 -90.80 21.00
N TYR O 715 -6.87 -91.72 21.91
CA TYR O 715 -7.35 -93.04 21.53
C TYR O 715 -8.84 -93.04 21.26
N ASN O 716 -9.61 -92.55 22.23
CA ASN O 716 -11.06 -92.48 22.10
C ASN O 716 -11.48 -91.78 20.82
N LYS O 717 -10.56 -91.02 20.23
CA LYS O 717 -10.85 -90.27 18.99
C LYS O 717 -10.30 -91.01 17.76
N LEU O 718 -9.05 -91.51 17.83
CA LEU O 718 -8.41 -92.23 16.74
C LEU O 718 -9.12 -93.55 16.41
N LEU O 719 -9.54 -94.30 17.42
CA LEU O 719 -10.42 -95.47 17.36
C LEU O 719 -11.73 -95.12 16.65
N GLN O 720 -12.41 -94.07 17.08
CA GLN O 720 -13.66 -93.62 16.44
C GLN O 720 -13.51 -93.24 14.95
N CYS O 721 -12.32 -92.80 14.50
CA CYS O 721 -12.03 -92.66 13.06
C CYS O 721 -12.03 -93.89 12.13
N TRP O 722 -11.39 -95.00 12.52
CA TRP O 722 -11.43 -96.27 11.76
C TRP O 722 -12.46 -97.43 12.15
N VAL O 723 -13.08 -97.22 13.30
CA VAL O 723 -14.14 -98.09 13.79
C VAL O 723 -15.08 -98.11 12.58
N LEU O 724 -15.34 -96.94 12.02
CA LEU O 724 -16.23 -96.82 10.86
C LEU O 724 -15.78 -97.74 9.73
N VAL O 725 -16.67 -98.64 9.34
CA VAL O 725 -16.40 -99.60 8.26
C VAL O 725 -15.08 -100.33 8.48
N SER O 726 -13.98 -99.62 8.24
CA SER O 726 -12.63 -100.18 8.42
C SER O 726 -12.38 -101.60 7.87
N PRO O 727 -11.23 -102.18 8.26
CA PRO O 727 -10.82 -103.51 7.83
C PRO O 727 -10.88 -104.53 8.97
N GLN O 728 -11.40 -104.15 10.13
CA GLN O 728 -11.45 -105.09 11.25
C GLN O 728 -11.41 -104.54 12.67
N ALA O 729 -11.63 -105.43 13.64
CA ALA O 729 -11.57 -105.09 15.06
C ALA O 729 -10.18 -104.48 15.23
N GLU O 730 -10.11 -103.26 15.72
CA GLU O 730 -8.83 -102.58 15.79
C GLU O 730 -7.89 -102.79 16.97
N LEU O 731 -8.03 -103.80 17.83
CA LEU O 731 -7.00 -103.79 18.87
C LEU O 731 -5.57 -104.07 18.32
N LEU O 732 -5.49 -104.55 17.07
CA LEU O 732 -4.27 -104.61 16.29
C LEU O 732 -3.95 -103.32 15.50
N THR O 733 -4.94 -102.66 14.91
CA THR O 733 -4.75 -101.31 14.34
C THR O 733 -4.36 -100.32 15.44
N LYS O 734 -5.03 -100.38 16.57
CA LYS O 734 -4.70 -99.51 17.69
C LYS O 734 -3.28 -99.80 18.14
N GLU O 735 -2.81 -101.02 17.84
CA GLU O 735 -1.46 -101.43 18.20
C GLU O 735 -0.31 -100.74 17.47
N ILE O 736 0.08 -101.30 16.32
CA ILE O 736 1.17 -100.66 15.55
C ILE O 736 1.10 -99.05 15.20
N VAL O 737 0.03 -98.49 15.77
CA VAL O 737 -0.16 -97.03 15.89
C VAL O 737 0.54 -96.75 17.22
N LYS O 738 0.24 -97.57 18.23
CA LYS O 738 0.88 -97.44 19.53
C LYS O 738 2.39 -97.66 19.36
N ASP O 739 2.75 -98.72 18.65
CA ASP O 739 4.17 -99.05 18.37
C ASP O 739 4.99 -97.83 17.91
N ILE O 740 4.46 -97.02 16.99
CA ILE O 740 5.14 -95.79 16.54
C ILE O 740 4.95 -94.61 17.53
N ILE O 741 3.88 -94.62 18.34
CA ILE O 741 3.70 -93.69 19.49
C ILE O 741 4.80 -93.96 20.53
N TRP O 742 5.04 -95.23 20.85
CA TRP O 742 6.11 -95.59 21.77
C TRP O 742 7.44 -95.15 21.17
N SER O 743 7.67 -95.52 19.92
CA SER O 743 8.89 -95.16 19.19
C SER O 743 9.44 -93.72 19.09
N LEU O 744 8.57 -92.74 19.28
CA LEU O 744 9.03 -91.36 19.26
C LEU O 744 9.31 -90.95 20.74
N ALA O 745 10.59 -91.04 21.09
CA ALA O 745 11.02 -90.89 22.48
C ALA O 745 12.49 -90.50 22.30
N ARG O 746 12.96 -89.40 22.88
CA ARG O 746 14.39 -89.00 22.76
C ARG O 746 15.20 -89.07 24.06
N LEU O 747 16.50 -88.71 24.05
CA LEU O 747 17.30 -88.79 25.31
C LEU O 747 18.64 -88.04 25.61
N GLU O 748 19.31 -88.68 26.55
CA GLU O 748 20.61 -88.33 27.09
C GLU O 748 21.21 -87.06 26.55
N LYS O 749 21.09 -85.99 27.32
CA LYS O 749 21.64 -84.69 26.90
C LYS O 749 21.50 -83.65 28.01
N PRO O 750 22.13 -83.93 29.16
CA PRO O 750 22.07 -83.02 30.31
C PRO O 750 23.35 -82.24 30.60
N SER O 751 23.17 -80.99 31.04
CA SER O 751 24.25 -80.09 31.42
C SER O 751 25.18 -79.94 30.23
N LEU O 752 24.99 -80.77 29.22
CA LEU O 752 25.81 -80.65 28.02
C LEU O 752 25.55 -79.36 27.22
N PHE O 753 24.41 -78.68 27.43
CA PHE O 753 24.06 -77.43 26.73
C PHE O 753 25.16 -76.36 26.80
N GLU O 754 25.42 -75.84 28.01
CA GLU O 754 26.35 -74.73 28.22
C GLU O 754 27.80 -75.08 27.80
N PRO O 755 28.35 -76.28 28.09
CA PRO O 755 29.65 -76.70 27.57
C PRO O 755 29.80 -76.55 26.06
N ILE O 756 28.87 -77.11 25.27
CA ILE O 756 28.97 -77.07 23.79
C ILE O 756 28.74 -75.64 23.25
N GLN O 757 27.76 -74.95 23.84
CA GLN O 757 27.44 -73.60 23.42
C GLN O 757 28.64 -72.67 23.60
N ASN O 758 29.28 -72.76 24.75
CA ASN O 758 30.46 -71.95 25.05
C ASN O 758 31.67 -72.39 24.23
N GLU O 759 31.81 -73.70 24.11
CA GLU O 759 32.91 -74.30 23.35
C GLU O 759 32.83 -73.84 21.90
N ILE O 760 31.61 -73.61 21.44
CA ILE O 760 31.38 -73.14 20.08
C ILE O 760 31.79 -71.67 20.06
N SER O 761 31.51 -70.98 21.15
CA SER O 761 31.87 -69.58 21.29
C SER O 761 33.39 -69.45 21.29
N ARG O 762 34.07 -70.46 21.84
CA ARG O 762 35.56 -70.42 21.88
C ARG O 762 36.19 -70.80 20.54
N SER O 763 35.54 -71.62 19.72
CA SER O 763 35.95 -71.93 18.34
C SER O 763 35.61 -70.80 17.33
N LEU O 764 34.62 -69.96 17.65
CA LEU O 764 34.37 -68.69 16.96
C LEU O 764 35.41 -67.63 17.36
N SER O 765 35.21 -66.41 16.85
CA SER O 765 36.19 -65.32 16.94
C SER O 765 35.49 -63.96 16.91
N GLY O 766 36.20 -62.90 17.33
CA GLY O 766 35.66 -61.60 17.76
C GLY O 766 34.32 -61.15 17.16
N PRO O 767 34.21 -60.91 15.84
CA PRO O 767 32.96 -60.41 15.26
C PRO O 767 31.82 -61.44 15.33
N TYR O 768 32.10 -62.72 15.08
CA TYR O 768 31.11 -63.79 15.18
C TYR O 768 30.68 -64.09 16.62
N GLN O 769 31.57 -63.87 17.59
CA GLN O 769 31.25 -63.96 19.02
C GLN O 769 30.25 -62.86 19.44
N ASP O 770 30.42 -61.63 18.95
CA ASP O 770 29.51 -60.50 19.20
C ASP O 770 28.18 -60.64 18.43
N ILE O 771 28.26 -61.14 17.20
CA ILE O 771 27.08 -61.35 16.37
C ILE O 771 26.14 -62.31 17.09
N ILE O 772 26.70 -63.39 17.64
CA ILE O 772 25.93 -64.37 18.37
C ILE O 772 25.31 -63.70 19.58
N SER O 773 26.15 -63.24 20.50
CA SER O 773 25.68 -62.55 21.70
C SER O 773 24.43 -61.77 21.32
N SER O 774 24.59 -60.92 20.31
CA SER O 774 23.46 -60.12 19.80
C SER O 774 22.20 -60.96 19.51
N TRP O 775 22.37 -62.24 19.16
CA TRP O 775 21.27 -63.20 18.95
C TRP O 775 20.68 -63.72 20.27
N ASP O 776 21.52 -64.00 21.27
CA ASP O 776 21.12 -64.44 22.61
C ASP O 776 20.19 -63.44 23.33
N MET O 777 20.46 -62.17 23.09
CA MET O 777 19.65 -61.12 23.69
C MET O 777 18.73 -60.66 22.57
N ASP O 778 17.44 -60.87 22.76
CA ASP O 778 16.45 -60.42 21.81
C ASP O 778 16.15 -58.96 22.07
N ASP O 779 15.24 -58.38 21.30
CA ASP O 779 14.88 -56.98 21.50
C ASP O 779 13.48 -56.64 21.02
N ILE O 780 13.26 -55.35 20.79
CA ILE O 780 11.98 -54.85 20.33
C ILE O 780 11.48 -55.61 19.10
N MET P 1 39.60 -22.45 25.29
CA MET P 1 38.50 -21.64 24.75
C MET P 1 38.97 -20.82 23.54
N SER P 2 38.03 -20.16 22.89
CA SER P 2 38.36 -19.05 22.01
C SER P 2 38.84 -17.85 22.83
N THR P 3 39.27 -16.80 22.11
CA THR P 3 39.55 -15.52 22.74
C THR P 3 38.43 -14.53 22.45
N PHE P 4 38.36 -13.53 23.31
CA PHE P 4 37.81 -12.20 23.03
C PHE P 4 38.81 -11.33 22.29
N ILE P 5 38.27 -10.30 21.64
CA ILE P 5 38.80 -9.46 20.57
C ILE P 5 38.86 -10.08 19.17
N ARG P 6 38.02 -9.54 18.30
CA ARG P 6 37.88 -9.74 16.87
C ARG P 6 37.18 -8.47 16.42
N GLY P 7 37.44 -7.41 17.18
CA GLY P 7 36.83 -6.12 17.03
C GLY P 7 37.40 -5.27 18.17
N PRO P 8 36.63 -4.99 19.22
CA PRO P 8 37.23 -4.14 20.25
C PRO P 8 37.22 -4.67 21.68
N ILE P 9 38.23 -4.20 22.42
CA ILE P 9 38.45 -4.43 23.85
C ILE P 9 38.67 -3.06 24.45
N CYS P 10 38.37 -2.90 25.73
CA CYS P 10 38.56 -1.56 26.33
C CYS P 10 40.02 -1.39 26.72
N GLY P 11 40.76 -0.62 25.92
CA GLY P 11 42.15 -0.38 26.24
C GLY P 11 42.41 0.41 27.50
N THR P 12 41.34 0.77 28.21
CA THR P 12 41.45 1.54 29.45
C THR P 12 41.72 0.62 30.64
N ASP P 13 40.64 0.17 31.25
CA ASP P 13 40.67 -1.02 32.06
C ASP P 13 40.81 -2.24 31.16
N ASN P 14 41.40 -3.29 31.69
CA ASN P 14 41.59 -4.53 30.94
C ASN P 14 40.33 -5.38 30.89
N CYS P 15 39.17 -4.73 30.89
CA CYS P 15 37.90 -5.44 30.85
C CYS P 15 37.46 -5.69 29.41
N PRO P 16 37.58 -6.94 28.95
CA PRO P 16 37.22 -7.33 27.58
C PRO P 16 35.75 -7.68 27.37
N SER P 17 34.84 -6.88 27.93
CA SER P 17 33.40 -7.10 27.76
C SER P 17 32.84 -5.89 27.04
N ARG P 18 31.71 -6.04 26.34
CA ARG P 18 31.19 -4.88 25.63
C ARG P 18 29.69 -4.90 25.86
N LEU P 19 29.15 -3.71 26.13
CA LEU P 19 27.73 -3.38 26.15
C LEU P 19 27.23 -2.69 24.90
N TRP P 20 26.03 -3.05 24.48
CA TRP P 20 25.18 -2.26 23.57
C TRP P 20 24.01 -1.54 24.21
N ARG P 21 24.05 -0.19 24.17
CA ARG P 21 22.91 0.63 24.59
C ARG P 21 22.28 1.17 23.31
N ILE P 22 21.34 0.40 22.74
CA ILE P 22 20.71 0.78 21.48
C ILE P 22 20.00 2.13 21.60
N ILE P 23 19.44 2.43 22.78
CA ILE P 23 18.86 3.75 23.04
C ILE P 23 19.93 4.84 22.99
N ASP P 24 21.14 4.55 23.46
CA ASP P 24 22.20 5.54 23.40
C ASP P 24 22.81 5.68 22.01
N GLY P 25 22.70 4.66 21.18
CA GLY P 25 23.61 4.60 20.06
C GLY P 25 25.03 4.31 20.45
N ARG P 26 25.26 3.72 21.61
CA ARG P 26 26.60 3.63 22.15
C ARG P 26 26.98 2.18 22.32
N ARG P 27 28.21 1.86 21.94
CA ARG P 27 28.86 0.62 22.32
C ARG P 27 29.67 0.96 23.56
N THR P 28 29.43 0.28 24.67
CA THR P 28 30.16 0.65 25.89
C THR P 28 30.78 -0.52 26.62
N CYS P 29 31.50 -0.27 27.70
CA CYS P 29 32.11 -1.34 28.47
C CYS P 29 31.06 -2.08 29.27
N GLN P 30 30.98 -3.40 29.12
CA GLN P 30 29.98 -4.14 29.86
C GLN P 30 30.27 -4.09 31.35
N TYR P 31 31.55 -4.18 31.70
CA TYR P 31 31.83 -4.10 33.12
C TYR P 31 32.20 -2.68 33.54
N GLY P 32 33.23 -2.11 32.92
CA GLY P 32 33.68 -0.80 33.31
C GLY P 32 33.22 0.60 32.94
N HIS P 33 33.54 1.04 31.72
CA HIS P 33 33.44 2.46 31.46
C HIS P 33 33.47 2.83 29.97
N VAL P 34 33.42 4.14 29.76
CA VAL P 34 33.58 4.92 28.52
C VAL P 34 32.81 4.62 27.24
N MET P 35 33.19 5.39 26.24
CA MET P 35 32.65 5.37 24.90
C MET P 35 33.54 4.45 24.09
N GLU P 36 32.92 3.46 23.45
CA GLU P 36 33.66 2.58 22.57
C GLU P 36 33.63 3.10 21.15
N GLY P 37 32.69 4.00 20.87
CA GLY P 37 32.60 4.74 19.65
C GLY P 37 31.51 5.75 19.91
N ASP P 38 31.72 6.99 19.48
CA ASP P 38 30.64 7.96 19.40
C ASP P 38 29.83 7.83 18.13
N VAL P 39 30.50 7.40 17.07
CA VAL P 39 29.90 7.29 15.76
C VAL P 39 28.89 6.17 15.67
N GLU P 40 27.72 6.47 15.11
CA GLU P 40 26.71 5.44 14.94
C GLU P 40 25.91 5.70 13.68
N PHE P 41 25.77 4.66 12.86
CA PHE P 41 25.46 4.74 11.43
C PHE P 41 24.48 3.70 10.94
N ASN P 42 23.52 4.18 10.15
CA ASN P 42 22.54 3.34 9.47
C ASN P 42 21.32 2.92 10.27
N ASP P 43 20.37 3.83 10.26
CA ASP P 43 19.04 3.77 10.85
C ASP P 43 18.49 5.02 10.20
N ASP P 44 18.18 4.88 8.92
CA ASP P 44 17.76 6.03 8.14
C ASP P 44 16.44 6.70 8.47
N GLU P 45 16.32 7.94 8.02
CA GLU P 45 15.10 8.69 8.24
C GLU P 45 13.85 8.30 7.47
N ASP P 46 12.95 9.25 7.23
CA ASP P 46 11.80 9.01 6.37
C ASP P 46 11.93 9.53 4.90
N ASP P 47 12.91 8.94 4.22
CA ASP P 47 13.27 9.35 2.87
C ASP P 47 13.81 8.37 1.83
N LEU P 48 13.59 7.08 2.10
CA LEU P 48 14.05 6.04 1.20
C LEU P 48 13.15 5.74 0.00
N ASN P 49 13.07 6.70 -0.92
CA ASN P 49 12.23 6.54 -2.11
C ASN P 49 13.30 5.47 -2.28
N GLY P 50 12.96 4.36 -2.94
CA GLY P 50 13.93 3.32 -3.26
C GLY P 50 14.32 3.23 -4.72
N LEU P 51 14.77 4.32 -5.33
CA LEU P 51 15.38 4.25 -6.67
C LEU P 51 16.55 3.28 -6.74
N GLY P 52 17.24 3.06 -5.63
CA GLY P 52 18.44 2.23 -5.64
C GLY P 52 18.24 0.77 -5.97
N ALA P 53 18.61 0.44 -7.21
CA ALA P 53 18.77 -0.95 -7.66
C ALA P 53 19.71 -1.74 -6.76
N GLY P 54 20.38 -1.01 -5.88
CA GLY P 54 21.26 -1.57 -4.87
C GLY P 54 21.59 -3.01 -5.16
N VAL P 55 22.36 -3.17 -6.23
CA VAL P 55 22.82 -4.45 -6.74
C VAL P 55 23.78 -5.27 -5.88
N ILE P 56 24.47 -4.54 -5.02
CA ILE P 56 25.37 -5.13 -4.03
C ILE P 56 24.87 -6.37 -3.28
N THR P 57 24.07 -6.14 -2.25
CA THR P 57 23.60 -7.20 -1.37
C THR P 57 24.61 -8.05 -0.61
N ARG P 58 24.46 -8.16 0.72
CA ARG P 58 25.43 -8.93 1.47
C ARG P 58 25.47 -10.36 0.95
N ARG P 59 26.59 -11.02 1.20
CA ARG P 59 26.79 -12.40 0.78
C ARG P 59 27.94 -13.00 1.57
N LEU P 60 28.20 -12.42 2.74
CA LEU P 60 29.29 -12.85 3.62
C LEU P 60 30.66 -13.12 3.01
N ASN P 61 31.21 -12.11 2.34
CA ASN P 61 32.55 -12.11 1.81
C ASN P 61 33.19 -10.67 1.89
N LEU P 62 32.28 -9.73 2.15
CA LEU P 62 32.66 -8.41 2.59
C LEU P 62 32.60 -7.97 4.15
N THR P 63 32.38 -9.09 4.85
CA THR P 63 32.20 -9.14 6.28
C THR P 63 30.89 -8.40 6.52
N THR P 64 30.81 -7.82 7.70
CA THR P 64 29.65 -7.09 8.22
C THR P 64 30.15 -6.13 9.28
N ASN P 65 29.59 -4.93 9.29
CA ASN P 65 29.71 -3.98 10.40
C ASN P 65 29.98 -4.60 11.78
N ALA P 66 30.01 -5.93 11.87
CA ALA P 66 30.35 -6.63 13.11
C ALA P 66 29.46 -6.24 14.27
N THR P 67 28.22 -5.80 14.00
CA THR P 67 27.46 -5.13 15.04
C THR P 67 27.28 -5.98 16.29
N GLY P 68 27.55 -7.29 16.22
CA GLY P 68 27.85 -8.09 17.39
C GLY P 68 29.33 -8.11 17.76
N SER P 69 29.75 -7.33 18.75
CA SER P 69 30.99 -7.63 19.46
C SER P 69 30.98 -8.98 20.17
N PHE P 70 29.80 -9.49 20.51
CA PHE P 70 29.71 -10.87 21.00
C PHE P 70 30.12 -11.81 19.87
N GLN P 71 31.10 -12.66 20.14
CA GLN P 71 31.63 -13.56 19.13
C GLN P 71 32.25 -14.80 19.76
N SER P 72 32.50 -15.79 18.89
CA SER P 72 33.10 -17.06 19.27
C SER P 72 33.50 -17.78 17.99
N SER P 73 32.58 -17.81 17.03
CA SER P 73 32.76 -18.40 15.71
C SER P 73 33.68 -19.61 15.65
N GLN P 74 34.86 -19.40 15.06
CA GLN P 74 35.86 -20.43 14.78
C GLN P 74 36.54 -20.03 13.48
N LEU P 75 37.68 -20.61 13.15
CA LEU P 75 38.14 -20.53 11.78
C LEU P 75 37.19 -21.32 10.88
N THR P 76 36.80 -20.73 9.76
CA THR P 76 36.02 -21.41 8.75
C THR P 76 36.84 -21.60 7.47
N ASN P 77 36.42 -22.54 6.62
CA ASN P 77 37.10 -22.70 5.35
C ASN P 77 36.39 -21.79 4.36
N SER P 78 35.07 -21.84 4.39
CA SER P 78 34.25 -21.02 3.50
C SER P 78 32.91 -21.67 3.20
N GLN P 79 31.91 -21.36 4.03
CA GLN P 79 30.55 -21.89 3.90
C GLN P 79 30.45 -23.41 4.10
N LEU P 80 30.51 -23.83 5.35
CA LEU P 80 30.34 -25.25 5.69
C LEU P 80 29.22 -25.99 4.82
N LEU P 81 28.07 -25.34 4.94
CA LEU P 81 26.93 -25.64 4.10
C LEU P 81 27.06 -26.86 3.20
N GLN P 82 28.07 -26.91 2.35
CA GLN P 82 28.11 -28.11 1.54
C GLN P 82 28.56 -29.31 2.37
N GLN P 83 29.54 -29.08 3.26
CA GLN P 83 29.92 -30.12 4.21
C GLN P 83 28.83 -30.38 5.24
N GLN P 84 28.11 -29.34 5.65
CA GLN P 84 26.94 -29.52 6.51
C GLN P 84 25.91 -30.43 5.85
N GLN P 85 25.57 -30.13 4.60
CA GLN P 85 24.55 -30.91 3.91
C GLN P 85 25.05 -32.33 3.65
N ARG P 86 26.32 -32.47 3.31
CA ARG P 86 26.92 -33.79 3.16
C ARG P 86 26.75 -34.59 4.45
N GLN P 87 26.93 -33.93 5.60
CA GLN P 87 26.79 -34.62 6.88
C GLN P 87 25.33 -34.94 7.20
N SER P 88 24.40 -34.05 6.84
CA SER P 88 22.99 -34.34 7.07
C SER P 88 22.52 -35.51 6.22
N HIS P 89 23.01 -35.56 4.98
CA HIS P 89 22.64 -36.64 4.06
C HIS P 89 23.70 -37.74 4.04
N LYS P 90 24.29 -37.99 5.20
CA LYS P 90 25.32 -39.02 5.32
C LYS P 90 24.77 -40.28 5.99
N LYS P 91 24.29 -40.12 7.21
CA LYS P 91 23.73 -41.26 7.95
C LYS P 91 22.63 -41.95 7.16
N PHE P 92 23.05 -43.05 6.52
CA PHE P 92 22.20 -43.94 5.74
C PHE P 92 22.77 -45.36 5.90
N LYS P 93 23.73 -45.73 5.05
CA LYS P 93 24.38 -47.06 5.11
C LYS P 93 25.73 -47.11 4.38
N LYS P 94 25.73 -46.72 3.11
CA LYS P 94 26.89 -46.68 2.23
C LYS P 94 28.01 -47.59 2.74
N LEU P 95 27.70 -48.89 2.83
CA LEU P 95 28.67 -49.87 3.31
C LEU P 95 29.15 -50.79 2.19
N ILE P 96 28.82 -52.08 2.31
CA ILE P 96 29.22 -53.07 1.31
C ILE P 96 30.42 -53.90 1.77
N GLY P 97 30.52 -55.13 1.26
CA GLY P 97 31.64 -55.97 1.63
C GLY P 97 31.52 -56.79 2.91
N HIS P 98 32.65 -57.05 3.54
CA HIS P 98 32.69 -57.86 4.75
C HIS P 98 31.79 -57.30 5.84
N GLU P 99 31.85 -55.98 6.05
CA GLU P 99 31.00 -55.37 7.06
C GLU P 99 29.51 -55.59 6.80
N ALA P 100 29.10 -55.42 5.55
CA ALA P 100 27.71 -55.60 5.16
C ALA P 100 27.30 -57.04 5.37
N LYS P 101 28.20 -57.95 5.04
CA LYS P 101 27.97 -59.38 5.18
C LYS P 101 27.74 -59.77 6.64
N LEU P 102 28.49 -59.15 7.54
CA LEU P 102 28.38 -59.49 8.95
C LEU P 102 26.97 -59.24 9.48
N LEU P 103 26.35 -58.14 9.05
CA LEU P 103 24.98 -57.84 9.51
C LEU P 103 23.84 -58.60 8.73
N PHE P 104 24.23 -58.89 7.50
CA PHE P 104 23.43 -59.71 6.58
C PHE P 104 23.37 -60.97 7.45
N LEU P 105 24.56 -61.41 7.82
CA LEU P 105 24.75 -62.57 8.71
C LEU P 105 23.86 -62.49 9.98
N LYS P 106 24.05 -61.37 10.66
CA LYS P 106 23.29 -61.04 11.87
C LYS P 106 21.76 -61.12 11.77
N SER P 107 21.26 -60.48 10.73
CA SER P 107 19.82 -60.43 10.44
C SER P 107 19.28 -61.84 10.24
N PHE P 108 20.07 -62.61 9.51
CA PHE P 108 19.75 -64.01 9.19
C PHE P 108 19.67 -64.66 10.58
N GLN P 109 20.69 -64.36 11.36
CA GLN P 109 20.74 -64.80 12.77
C GLN P 109 19.40 -64.68 13.62
N PHE P 110 19.01 -63.41 13.71
CA PHE P 110 17.72 -63.05 14.29
C PHE P 110 16.35 -63.57 13.88
N ILE P 111 16.10 -63.60 12.57
CA ILE P 111 14.82 -64.07 12.04
C ILE P 111 14.63 -65.56 12.32
N LEU P 112 15.74 -66.30 12.25
CA LEU P 112 15.73 -67.72 12.53
C LEU P 112 15.33 -67.91 13.99
N LYS P 113 15.89 -67.08 14.88
CA LYS P 113 15.56 -67.16 16.29
C LYS P 113 14.08 -66.82 16.50
N ARG P 114 13.57 -65.83 15.76
CA ARG P 114 12.17 -65.47 15.90
C ARG P 114 11.41 -66.68 15.39
N GLN P 115 11.90 -67.28 14.32
CA GLN P 115 11.23 -68.48 13.78
C GLN P 115 11.14 -69.58 14.86
N ILE P 116 12.27 -69.90 15.47
CA ILE P 116 12.27 -70.89 16.54
C ILE P 116 11.36 -70.78 17.76
N ARG P 117 11.18 -69.56 18.26
CA ARG P 117 10.28 -69.33 19.38
C ARG P 117 8.75 -69.44 19.14
N TRP P 118 8.38 -69.17 17.89
CA TRP P 118 7.00 -69.34 17.49
C TRP P 118 6.95 -70.87 17.38
N LEU P 119 8.10 -71.45 17.07
CA LEU P 119 8.20 -72.89 16.96
C LEU P 119 7.78 -73.49 18.30
N ILE P 120 8.40 -73.01 19.38
CA ILE P 120 8.06 -73.50 20.71
C ILE P 120 6.62 -73.27 21.15
N THR P 121 6.09 -72.09 20.84
CA THR P 121 4.73 -71.75 21.19
C THR P 121 3.76 -72.67 20.46
N GLU P 122 3.92 -72.78 19.15
CA GLU P 122 3.14 -73.78 18.43
C GLU P 122 3.24 -75.24 18.84
N MET P 123 4.47 -75.72 19.05
CA MET P 123 4.66 -77.14 19.44
C MET P 123 4.92 -77.50 20.93
N ARG P 124 5.23 -76.51 21.78
CA ARG P 124 5.52 -76.71 23.17
C ARG P 124 6.52 -77.86 23.29
N PHE P 125 7.73 -77.63 22.78
CA PHE P 125 8.80 -78.61 22.82
C PHE P 125 10.10 -78.16 23.52
N PRO P 126 9.95 -77.81 24.81
CA PRO P 126 10.79 -77.31 25.89
C PRO P 126 12.19 -76.88 25.51
N LYS P 127 13.00 -76.59 26.52
CA LYS P 127 14.35 -76.12 26.28
C LYS P 127 14.79 -76.91 25.07
N GLU P 128 14.86 -78.22 25.24
CA GLU P 128 15.19 -78.98 24.04
C GLU P 128 15.07 -78.61 22.57
N PHE P 129 13.92 -78.11 22.14
CA PHE P 129 13.78 -77.72 20.75
C PHE P 129 14.64 -76.48 20.53
N GLU P 130 14.55 -75.56 21.49
CA GLU P 130 15.29 -74.31 21.47
C GLU P 130 16.81 -74.37 21.41
N HIS P 131 17.40 -75.15 22.30
CA HIS P 131 18.85 -75.22 22.35
C HIS P 131 19.56 -76.02 21.25
N VAL P 132 18.88 -77.06 20.78
CA VAL P 132 19.42 -77.88 19.70
C VAL P 132 19.47 -77.00 18.47
N ALA P 133 18.43 -76.20 18.28
CA ALA P 133 18.37 -75.30 17.13
C ALA P 133 19.49 -74.27 17.21
N LYS P 134 19.66 -73.68 18.39
CA LYS P 134 20.83 -72.79 18.56
C LYS P 134 22.38 -73.10 18.25
N ILE P 135 22.70 -74.28 18.78
CA ILE P 135 23.95 -74.93 18.39
C ILE P 135 24.12 -75.47 16.92
N ILE P 136 22.94 -75.80 16.37
CA ILE P 136 22.87 -76.20 14.97
C ILE P 136 23.40 -75.05 14.14
N TRP P 137 22.85 -73.86 14.36
CA TRP P 137 23.36 -72.68 13.65
C TRP P 137 24.74 -72.13 14.13
N LEU P 138 25.02 -72.50 15.38
CA LEU P 138 26.32 -72.18 15.97
C LEU P 138 27.26 -73.01 15.10
N LYS P 139 26.90 -74.26 14.86
CA LYS P 139 27.70 -75.14 14.02
C LYS P 139 27.76 -74.58 12.60
N ILE P 140 26.63 -74.09 12.12
CA ILE P 140 26.57 -73.52 10.77
C ILE P 140 27.49 -72.31 10.68
N LEU P 141 27.47 -71.48 11.72
CA LEU P 141 28.31 -70.29 11.77
C LEU P 141 29.78 -70.68 11.74
N LYS P 142 30.13 -71.72 12.50
CA LYS P 142 31.51 -72.15 12.55
C LYS P 142 32.13 -72.19 11.16
N THR P 143 31.44 -72.85 10.23
CA THR P 143 31.92 -72.99 8.86
C THR P 143 32.06 -71.67 8.12
N ILE P 144 31.10 -70.76 8.33
CA ILE P 144 31.11 -69.47 7.64
C ILE P 144 32.35 -68.63 7.96
N ASN P 145 32.77 -68.64 9.21
CA ASN P 145 33.95 -67.87 9.63
C ASN P 145 35.24 -68.33 8.96
N ASP P 146 35.39 -69.64 8.80
CA ASP P 146 36.58 -70.26 8.22
C ASP P 146 36.95 -69.93 6.76
N GLN P 147 35.94 -69.86 5.92
CA GLN P 147 36.10 -69.57 4.51
C GLN P 147 35.78 -68.10 4.28
N PRO P 148 35.99 -67.28 5.32
CA PRO P 148 35.77 -65.83 5.43
C PRO P 148 36.62 -64.98 4.49
N GLN P 149 37.74 -64.45 4.99
CA GLN P 149 38.67 -63.61 4.23
C GLN P 149 37.87 -62.54 3.51
N GLU P 150 37.08 -63.02 2.57
CA GLU P 150 36.16 -62.24 1.76
C GLU P 150 35.28 -63.17 0.94
N GLU P 151 35.02 -64.35 1.50
CA GLU P 151 34.11 -65.28 0.84
C GLU P 151 32.71 -64.90 1.23
N LEU P 152 31.83 -64.73 0.25
CA LEU P 152 30.49 -64.27 0.52
C LEU P 152 29.50 -65.21 -0.16
N LYS P 153 29.67 -66.51 0.07
CA LYS P 153 28.76 -67.51 -0.47
C LYS P 153 28.19 -68.25 0.74
N LEU P 154 27.23 -67.61 1.40
CA LEU P 154 26.66 -68.17 2.62
C LEU P 154 25.40 -69.01 2.45
N GLN P 155 25.08 -69.36 1.20
CA GLN P 155 23.91 -70.17 0.89
C GLN P 155 22.64 -69.62 1.54
N LEU P 156 22.35 -70.11 2.76
CA LEU P 156 21.17 -69.73 3.53
C LEU P 156 19.96 -69.84 2.64
N HIS P 157 19.62 -68.73 1.97
CA HIS P 157 18.50 -68.74 0.99
C HIS P 157 17.23 -68.71 1.88
N MET P 158 16.06 -68.40 1.28
CA MET P 158 14.80 -68.34 2.06
C MET P 158 14.65 -69.76 2.58
N THR P 159 15.05 -70.73 1.76
CA THR P 159 15.02 -72.14 2.15
C THR P 159 15.93 -72.56 3.33
N SER P 160 17.20 -72.12 3.36
CA SER P 160 18.09 -72.54 4.43
C SER P 160 17.59 -72.52 5.87
N THR P 161 16.87 -71.47 6.25
CA THR P 161 16.33 -71.38 7.60
C THR P 161 15.40 -72.52 8.01
N ILE P 162 14.44 -72.85 7.14
CA ILE P 162 13.57 -73.97 7.48
C ILE P 162 14.26 -75.35 7.42
N SER P 163 15.31 -75.42 6.58
CA SER P 163 16.10 -76.63 6.45
C SER P 163 16.75 -76.75 7.83
N ILE P 164 17.24 -75.64 8.37
CA ILE P 164 17.86 -75.68 9.68
C ILE P 164 16.88 -76.16 10.75
N LEU P 165 15.70 -75.55 10.78
CA LEU P 165 14.69 -75.93 11.75
C LEU P 165 14.25 -77.37 11.50
N TYR P 166 14.23 -77.76 10.23
CA TYR P 166 13.85 -79.10 9.85
C TYR P 166 14.80 -80.14 10.41
N LEU P 167 16.10 -79.94 10.17
CA LEU P 167 17.10 -80.87 10.64
C LEU P 167 17.12 -80.93 12.16
N ALA P 168 16.97 -79.77 12.80
CA ALA P 168 16.96 -79.74 14.26
C ALA P 168 15.76 -80.52 14.77
N SER P 169 14.62 -80.36 14.13
CA SER P 169 13.42 -81.07 14.54
C SER P 169 13.63 -82.57 14.39
N THR P 170 14.25 -82.99 13.28
CA THR P 170 14.50 -84.41 13.08
C THR P 170 15.41 -84.97 14.14
N HIS P 171 16.46 -84.22 14.49
CA HIS P 171 17.33 -84.68 15.56
C HIS P 171 16.36 -85.12 16.64
N LEU P 172 15.52 -84.18 17.07
CA LEU P 172 14.47 -84.43 18.05
C LEU P 172 13.44 -85.39 17.46
N SER P 173 13.16 -85.23 16.17
CA SER P 173 12.20 -86.10 15.49
C SER P 173 10.78 -85.85 15.94
N LEU P 174 10.41 -84.58 16.12
CA LEU P 174 9.03 -84.26 16.44
C LEU P 174 7.96 -84.47 15.33
N PRO P 175 8.25 -84.01 14.09
CA PRO P 175 7.26 -84.11 12.99
C PRO P 175 7.70 -84.63 11.60
N VAL P 176 7.46 -83.80 10.58
CA VAL P 176 7.31 -84.17 9.15
C VAL P 176 7.63 -82.93 8.29
N TYR P 177 7.76 -83.04 6.96
CA TYR P 177 8.14 -81.83 6.23
C TYR P 177 7.02 -81.03 5.46
N THR P 178 6.21 -81.88 4.82
CA THR P 178 5.07 -81.46 4.04
C THR P 178 4.04 -80.93 4.98
N CYS P 179 3.83 -81.63 6.09
CA CYS P 179 2.87 -81.17 7.06
C CYS P 179 3.35 -79.86 7.63
N ASP P 180 4.63 -79.82 7.97
CA ASP P 180 5.18 -78.62 8.56
C ASP P 180 5.06 -77.48 7.59
N TYR P 181 5.42 -77.73 6.34
CA TYR P 181 5.36 -76.67 5.36
C TYR P 181 3.94 -76.18 5.15
N ILE P 182 2.98 -77.09 5.01
CA ILE P 182 1.62 -76.63 4.76
C ILE P 182 1.09 -75.86 5.95
N LYS P 183 1.39 -76.34 7.15
CA LYS P 183 0.90 -75.68 8.35
C LYS P 183 1.47 -74.30 8.43
N TRP P 184 2.77 -74.21 8.16
CA TRP P 184 3.44 -72.95 8.24
C TRP P 184 2.84 -72.01 7.24
N ILE P 185 2.64 -72.40 5.99
CA ILE P 185 2.09 -71.44 5.04
C ILE P 185 0.68 -71.00 5.40
N CYS P 186 -0.11 -71.98 5.81
CA CYS P 186 -1.50 -71.72 6.14
C CYS P 186 -1.65 -70.74 7.28
N THR P 187 -0.82 -70.85 8.31
CA THR P 187 -1.02 -69.94 9.42
C THR P 187 0.01 -68.83 9.49
N ALA P 188 0.86 -68.78 8.45
CA ALA P 188 2.01 -67.88 8.36
C ALA P 188 2.71 -68.16 9.68
N LYS P 189 2.83 -69.43 10.11
CA LYS P 189 3.35 -69.53 11.47
C LYS P 189 4.75 -68.94 11.43
N MET P 190 5.50 -69.26 10.39
CA MET P 190 6.83 -68.71 10.21
C MET P 190 6.80 -67.25 9.81
N PRO P 191 7.88 -66.52 10.12
CA PRO P 191 8.06 -65.10 9.82
C PRO P 191 8.81 -65.25 8.49
N TYR P 192 8.91 -66.49 8.03
CA TYR P 192 9.57 -66.80 6.75
C TYR P 192 9.43 -65.97 5.41
N PHE P 193 8.18 -65.91 4.99
CA PHE P 193 7.88 -65.06 3.82
C PHE P 193 8.08 -63.52 3.67
N GLN P 194 8.06 -62.83 4.81
CA GLN P 194 8.43 -61.41 4.78
C GLN P 194 9.54 -61.13 5.78
N ALA P 195 10.56 -60.42 5.34
CA ALA P 195 11.75 -60.16 6.15
C ALA P 195 11.76 -58.78 6.80
N SER P 196 10.61 -58.13 6.86
CA SER P 196 10.54 -56.80 7.46
C SER P 196 10.52 -56.69 8.98
N GLU P 197 10.28 -57.85 9.58
CA GLU P 197 10.16 -58.02 11.01
C GLU P 197 11.42 -57.75 11.78
N ILE P 198 12.25 -58.77 11.86
CA ILE P 198 13.52 -58.67 12.59
C ILE P 198 13.65 -57.88 13.92
N LEU P 199 13.28 -56.64 13.73
CA LEU P 199 13.42 -55.41 14.47
C LEU P 199 14.66 -54.40 13.96
N PRO P 200 14.83 -54.53 12.61
CA PRO P 200 15.70 -54.07 11.56
C PRO P 200 15.16 -52.70 11.31
N LYS P 201 13.86 -52.48 11.09
CA LYS P 201 13.69 -51.05 10.88
C LYS P 201 15.08 -50.54 10.30
N SER P 202 16.02 -50.58 11.25
CA SER P 202 17.42 -50.34 10.95
C SER P 202 18.28 -51.29 10.13
N TRP P 203 18.06 -52.59 10.32
CA TRP P 203 18.82 -53.59 9.57
C TRP P 203 18.27 -53.41 8.18
N ARG P 204 16.97 -53.14 8.08
CA ARG P 204 16.39 -52.80 6.77
C ARG P 204 17.23 -51.76 5.93
N ILE P 205 17.34 -50.59 6.57
CA ILE P 205 18.22 -49.54 6.10
C ILE P 205 19.73 -49.68 5.97
N GLN P 206 20.36 -50.42 6.89
CA GLN P 206 21.80 -50.57 6.84
C GLN P 206 22.15 -50.92 5.41
N LEU P 207 21.43 -50.33 4.46
CA LEU P 207 21.70 -50.66 3.09
C LEU P 207 22.40 -52.00 3.28
N PRO P 208 21.66 -52.98 3.86
CA PRO P 208 22.02 -54.37 4.17
C PRO P 208 22.86 -54.83 3.02
N ASN P 209 23.47 -53.77 2.49
CA ASN P 209 24.34 -53.81 1.32
C ASN P 209 24.14 -54.94 0.22
N TYR P 210 22.95 -54.84 -0.37
CA TYR P 210 22.61 -55.96 -1.26
C TYR P 210 22.09 -57.32 -0.58
N TYR P 211 22.88 -57.73 0.42
CA TYR P 211 22.51 -58.86 1.29
C TYR P 211 21.08 -58.61 1.88
N VAL P 212 20.92 -58.36 3.17
CA VAL P 212 19.59 -58.11 3.73
C VAL P 212 18.32 -57.95 2.82
N SER P 213 18.36 -57.09 1.80
CA SER P 213 17.20 -56.81 0.96
C SER P 213 16.80 -58.16 0.36
N ILE P 214 17.81 -58.94 -0.02
CA ILE P 214 17.57 -60.28 -0.55
C ILE P 214 16.86 -61.13 0.51
N LEU P 215 16.73 -60.60 1.72
CA LEU P 215 16.03 -61.33 2.76
C LEU P 215 14.58 -61.27 2.25
N GLU P 216 13.65 -61.65 3.12
CA GLU P 216 12.21 -61.69 2.79
C GLU P 216 11.56 -62.66 1.80
N GLY P 217 11.36 -63.90 2.25
CA GLY P 217 10.75 -64.97 1.47
C GLY P 217 10.94 -64.88 -0.03
N SER P 218 11.55 -63.81 -0.52
CA SER P 218 11.77 -63.67 -1.96
C SER P 218 10.83 -64.44 -2.91
N ILE P 219 10.53 -65.71 -2.60
CA ILE P 219 9.66 -66.55 -3.39
C ILE P 219 9.38 -67.93 -2.84
N SER P 220 8.44 -68.67 -3.43
CA SER P 220 8.07 -70.01 -2.97
C SER P 220 8.79 -71.16 -3.68
N PRO P 221 9.20 -72.18 -2.92
CA PRO P 221 9.97 -73.35 -3.39
C PRO P 221 9.56 -74.16 -4.62
N PHE P 222 10.52 -74.39 -5.50
CA PHE P 222 10.34 -75.26 -6.65
C PHE P 222 10.95 -76.64 -6.90
N ASN P 223 10.11 -77.63 -7.17
CA ASN P 223 10.56 -79.01 -7.36
C ASN P 223 11.54 -79.33 -6.26
N GLY P 224 12.83 -79.15 -6.54
CA GLY P 224 13.86 -79.39 -5.54
C GLY P 224 13.91 -78.17 -4.65
N GLN P 225 14.76 -77.22 -5.03
CA GLN P 225 14.93 -75.96 -4.30
C GLN P 225 15.07 -76.16 -2.79
N LEU P 226 14.07 -76.81 -2.19
CA LEU P 226 14.10 -77.04 -0.79
C LEU P 226 14.57 -78.48 -0.49
N TYR P 227 14.45 -79.56 -1.31
CA TYR P 227 15.10 -80.63 -0.57
C TYR P 227 16.60 -80.55 -0.77
N ASN P 228 17.01 -79.91 -1.85
CA ASN P 228 18.42 -79.76 -2.18
C ASN P 228 19.28 -79.05 -1.15
N LYS P 229 18.78 -77.94 -0.62
CA LYS P 229 19.51 -77.19 0.39
C LYS P 229 19.62 -77.93 1.72
N ILE P 230 18.63 -78.75 2.00
CA ILE P 230 18.63 -79.54 3.23
C ILE P 230 19.88 -80.40 3.12
N ALA P 231 20.10 -80.98 1.95
CA ALA P 231 21.27 -81.82 1.72
C ALA P 231 22.55 -80.99 1.88
N LEU P 232 22.53 -79.77 1.35
CA LEU P 232 23.69 -78.90 1.45
C LEU P 232 23.98 -78.57 2.90
N THR P 233 22.93 -78.31 3.66
CA THR P 233 23.05 -77.99 5.08
C THR P 233 23.64 -79.18 5.82
N CYS P 234 23.19 -80.38 5.47
CA CYS P 234 23.69 -81.59 6.10
C CYS P 234 25.17 -81.76 5.81
N GLY P 235 25.56 -81.48 4.57
CA GLY P 235 26.95 -81.57 4.16
C GLY P 235 27.62 -80.43 4.91
N MET P 236 27.02 -79.24 4.87
CA MET P 236 27.58 -78.15 5.69
C MET P 236 27.81 -78.61 7.15
N ILE P 237 26.68 -78.99 7.73
CA ILE P 237 26.64 -79.61 9.04
C ILE P 237 27.31 -80.94 9.38
N HIS P 238 27.44 -81.82 8.39
CA HIS P 238 27.91 -83.16 8.75
C HIS P 238 26.90 -83.61 9.81
N PHE P 239 25.63 -83.33 9.52
CA PHE P 239 24.46 -83.57 10.37
C PHE P 239 24.15 -85.00 10.76
N LYS P 240 24.35 -85.94 9.83
CA LYS P 240 24.04 -87.32 10.15
C LYS P 240 24.92 -87.86 11.28
N GLU P 241 26.20 -87.52 11.25
CA GLU P 241 27.09 -87.99 12.33
C GLU P 241 26.61 -87.35 13.62
N PHE P 242 26.39 -86.05 13.58
CA PHE P 242 25.97 -85.31 14.78
C PHE P 242 24.63 -85.70 15.41
N PHE P 243 23.60 -85.82 14.59
CA PHE P 243 22.29 -86.13 15.14
C PHE P 243 21.66 -87.46 14.80
N ASN P 244 21.04 -88.06 15.82
CA ASN P 244 20.35 -89.33 15.65
C ASN P 244 19.03 -89.48 14.92
N SER P 245 18.78 -90.66 14.37
CA SER P 245 17.56 -90.99 13.63
C SER P 245 16.93 -89.93 12.73
N GLU P 246 17.70 -89.38 11.80
CA GLU P 246 17.10 -88.41 10.87
C GLU P 246 16.32 -88.77 9.59
N ILE P 247 15.13 -88.17 9.43
CA ILE P 247 14.19 -88.69 8.46
C ILE P 247 13.78 -90.00 9.15
N SER P 248 12.54 -90.16 9.60
CA SER P 248 12.23 -91.35 10.37
C SER P 248 10.82 -90.83 10.43
N CYS P 249 10.15 -91.18 11.52
CA CYS P 249 8.75 -90.84 11.71
C CYS P 249 7.74 -91.86 11.20
N GLN P 250 7.17 -92.62 12.13
CA GLN P 250 6.14 -93.58 11.78
C GLN P 250 4.91 -92.70 11.75
N GLY P 251 5.13 -91.44 12.11
CA GLY P 251 4.11 -90.40 12.14
C GLY P 251 3.77 -89.84 10.77
N LEU P 252 4.75 -89.81 9.85
CA LEU P 252 4.45 -89.40 8.48
C LEU P 252 3.55 -90.42 7.82
N LEU P 253 3.80 -91.71 8.07
CA LEU P 253 2.91 -92.75 7.58
C LEU P 253 1.48 -92.53 8.11
N LEU P 254 1.35 -92.30 9.41
CA LEU P 254 0.02 -92.05 9.97
C LEU P 254 -0.62 -90.85 9.30
N LYS P 255 0.08 -89.73 9.29
CA LYS P 255 -0.36 -88.51 8.62
C LYS P 255 -0.88 -88.84 7.22
N LEU P 256 -0.24 -89.79 6.57
CA LEU P 256 -0.51 -90.07 5.16
C LEU P 256 -1.75 -90.93 4.97
N VAL P 257 -1.88 -91.99 5.78
CA VAL P 257 -3.06 -92.85 5.72
C VAL P 257 -4.31 -92.05 6.08
N MET P 258 -4.26 -91.37 7.24
CA MET P 258 -5.35 -90.45 7.59
C MET P 258 -5.56 -89.38 6.53
N GLN P 259 -4.46 -89.03 5.85
CA GLN P 259 -4.47 -88.02 4.81
C GLN P 259 -5.69 -88.19 3.95
N CYS P 260 -6.08 -89.43 3.71
CA CYS P 260 -7.24 -89.70 2.89
C CYS P 260 -7.80 -91.09 3.17
N ALA P 261 -7.65 -91.99 2.20
CA ALA P 261 -8.15 -93.36 2.30
C ALA P 261 -7.41 -94.02 3.45
N LEU P 262 -7.49 -93.39 4.61
CA LEU P 262 -6.82 -93.97 5.79
C LEU P 262 -7.45 -95.44 6.07
N PRO P 263 -6.65 -96.45 5.70
CA PRO P 263 -7.03 -97.85 5.82
C PRO P 263 -6.39 -98.43 7.06
N PRO P 264 -7.21 -98.88 8.01
CA PRO P 264 -6.66 -99.48 9.22
C PRO P 264 -5.77 -100.65 8.82
N GLU P 265 -5.29 -100.65 7.58
CA GLU P 265 -4.44 -101.76 7.17
C GLU P 265 -3.28 -101.28 6.29
N PHE P 266 -3.47 -100.19 5.55
CA PHE P 266 -2.42 -99.75 4.65
C PHE P 266 -1.24 -99.14 5.39
N TYR P 267 -1.44 -98.66 6.61
CA TYR P 267 -0.30 -98.28 7.44
C TYR P 267 0.63 -99.46 7.60
N PHE P 268 0.06 -100.63 7.89
CA PHE P 268 0.93 -101.77 8.11
C PHE P 268 1.42 -102.36 6.79
N TYR P 269 0.58 -102.36 5.76
CA TYR P 269 1.03 -102.73 4.43
C TYR P 269 2.31 -101.97 4.04
N THR P 270 2.18 -100.66 3.90
CA THR P 270 3.32 -99.86 3.46
C THR P 270 4.45 -99.94 4.46
N LYS P 271 4.16 -99.95 5.76
CA LYS P 271 5.22 -100.17 6.76
C LYS P 271 5.95 -101.47 6.45
N GLN P 272 5.23 -102.45 5.91
CA GLN P 272 5.83 -103.74 5.64
C GLN P 272 6.71 -103.69 4.39
N VAL P 273 6.21 -103.15 3.29
CA VAL P 273 7.07 -102.99 2.11
C VAL P 273 8.31 -102.16 2.45
N ILE P 274 8.13 -101.12 3.26
CA ILE P 274 9.24 -100.35 3.80
C ILE P 274 10.05 -101.40 4.54
N GLU P 275 9.39 -102.13 5.42
CA GLU P 275 10.13 -103.21 6.10
C GLU P 275 11.04 -104.00 5.09
N PHE P 276 10.29 -104.47 4.08
CA PHE P 276 10.91 -105.09 2.91
C PHE P 276 12.24 -104.65 2.36
N GLU P 277 12.20 -103.95 1.23
CA GLU P 277 13.42 -103.46 0.62
C GLU P 277 13.73 -102.00 0.93
N GLU P 278 12.85 -101.37 1.70
CA GLU P 278 13.03 -99.98 2.11
C GLU P 278 14.21 -99.97 3.08
N THR P 279 15.41 -99.70 2.54
CA THR P 279 16.67 -99.73 3.28
C THR P 279 16.88 -100.90 4.23
N ASP P 280 16.67 -102.12 3.72
CA ASP P 280 16.79 -103.35 4.50
C ASP P 280 16.19 -103.35 5.89
N ILE P 281 14.87 -103.33 5.95
CA ILE P 281 14.19 -103.27 7.24
C ILE P 281 14.60 -102.21 8.30
N ARG P 282 14.80 -101.01 7.78
CA ARG P 282 15.31 -99.89 8.58
C ARG P 282 14.80 -98.47 8.31
N ASN P 283 14.45 -97.76 9.37
CA ASN P 283 13.95 -96.40 9.25
C ASN P 283 14.98 -95.64 8.45
N LEU P 284 14.61 -95.26 7.23
CA LEU P 284 15.54 -94.48 6.39
C LEU P 284 15.91 -93.19 7.09
N THR P 285 17.19 -92.82 7.05
CA THR P 285 17.65 -91.65 7.76
C THR P 285 17.88 -90.43 6.88
N LEU P 286 18.23 -89.31 7.50
CA LEU P 286 18.50 -88.11 6.68
C LEU P 286 19.58 -88.35 5.66
N TRP P 287 19.34 -87.98 4.41
CA TRP P 287 20.29 -88.22 3.33
C TRP P 287 21.55 -87.53 3.86
N GLU P 288 22.64 -87.65 3.12
CA GLU P 288 23.90 -87.03 3.52
C GLU P 288 24.21 -85.59 3.14
N ARG P 289 25.38 -85.11 3.55
CA ARG P 289 25.81 -83.75 3.17
C ARG P 289 26.26 -83.35 1.72
N THR P 290 25.39 -83.77 0.81
CA THR P 290 25.65 -83.63 -0.61
C THR P 290 26.57 -82.43 -0.71
N ASP P 291 27.87 -82.72 -0.60
CA ASP P 291 28.90 -81.68 -0.68
C ASP P 291 28.97 -81.07 -2.07
N GLU P 292 28.83 -81.90 -3.09
CA GLU P 292 28.94 -81.44 -4.46
C GLU P 292 27.88 -80.41 -4.81
N ARG P 293 28.28 -79.38 -5.55
CA ARG P 293 27.36 -78.33 -5.96
C ARG P 293 26.32 -78.62 -7.04
N HIS P 294 26.54 -79.69 -7.79
CA HIS P 294 25.59 -80.11 -8.82
C HIS P 294 24.22 -80.71 -8.32
N THR P 295 24.25 -81.15 -7.06
CA THR P 295 23.09 -81.74 -6.42
C THR P 295 22.23 -82.50 -7.43
N GLY P 296 22.56 -83.77 -7.62
CA GLY P 296 21.83 -84.62 -8.55
C GLY P 296 20.69 -85.36 -7.88
N ARG P 297 20.11 -86.31 -8.61
CA ARG P 297 19.00 -87.11 -8.09
C ARG P 297 19.42 -87.86 -6.83
N VAL P 298 19.73 -87.12 -5.78
CA VAL P 298 20.14 -87.72 -4.52
C VAL P 298 19.07 -88.76 -4.26
N SER P 299 17.81 -88.33 -4.42
CA SER P 299 16.62 -89.13 -4.24
C SER P 299 16.54 -89.82 -2.93
N ASN P 300 17.70 -90.07 -2.32
CA ASN P 300 17.48 -90.67 -1.03
C ASN P 300 16.95 -89.63 0.06
N HIS P 301 16.00 -88.85 -0.43
CA HIS P 301 15.31 -87.90 0.43
C HIS P 301 14.41 -88.93 1.06
N ALA P 302 14.67 -89.32 2.30
CA ALA P 302 13.90 -90.43 2.83
C ALA P 302 12.40 -90.37 2.56
N GLU P 303 11.77 -89.29 3.00
CA GLU P 303 10.34 -89.12 2.80
C GLU P 303 9.94 -89.36 1.35
N LEU P 304 10.58 -88.66 0.42
CA LEU P 304 10.30 -88.78 -1.01
C LEU P 304 10.08 -90.28 -1.31
N ARG P 305 10.99 -91.11 -0.80
CA ARG P 305 10.80 -92.55 -0.91
C ARG P 305 9.66 -93.14 -0.11
N VAL P 306 9.41 -92.61 1.09
CA VAL P 306 8.25 -93.05 1.87
C VAL P 306 6.96 -92.86 1.05
N LEU P 307 6.73 -91.65 0.55
CA LEU P 307 5.56 -91.43 -0.31
C LEU P 307 5.54 -92.38 -1.49
N SER P 308 6.72 -92.68 -2.03
CA SER P 308 6.79 -93.59 -3.18
C SER P 308 6.31 -94.98 -2.81
N TYR P 309 6.86 -95.53 -1.72
CA TYR P 309 6.38 -96.80 -1.17
C TYR P 309 4.88 -96.71 -0.88
N PHE P 310 4.44 -95.57 -0.35
CA PHE P 310 3.03 -95.39 -0.02
C PHE P 310 2.16 -95.61 -1.25
N MET P 311 2.37 -94.79 -2.29
CA MET P 311 1.71 -94.97 -3.58
C MET P 311 1.79 -96.41 -4.10
N LEU P 312 3.02 -96.92 -4.21
CA LEU P 312 3.22 -98.26 -4.74
C LEU P 312 2.35 -99.27 -4.00
N THR P 313 2.52 -99.33 -2.68
CA THR P 313 1.72 -100.18 -1.82
C THR P 313 0.25 -100.13 -2.23
N ILE P 314 -0.35 -98.93 -2.29
CA ILE P 314 -1.75 -98.85 -2.66
C ILE P 314 -2.21 -99.62 -3.89
N ASN P 315 -1.54 -99.39 -5.03
CA ASN P 315 -1.93 -100.11 -6.25
C ASN P 315 -1.54 -101.61 -6.39
N TRP P 316 -0.36 -101.92 -5.87
CA TRP P 316 0.12 -103.29 -5.76
C TRP P 316 -1.01 -103.95 -4.96
N MET P 317 -1.00 -103.71 -3.65
CA MET P 317 -2.04 -104.17 -2.75
C MET P 317 -3.45 -104.25 -3.34
N LEU P 318 -3.93 -103.12 -3.87
CA LEU P 318 -5.26 -103.06 -4.47
C LEU P 318 -5.52 -103.65 -5.85
N SER P 319 -4.46 -103.87 -6.61
CA SER P 319 -4.59 -104.52 -7.91
C SER P 319 -3.94 -106.02 -8.06
N PHE P 320 -4.24 -106.71 -6.96
CA PHE P 320 -3.95 -108.08 -6.69
C PHE P 320 -4.41 -108.60 -5.24
N ASP P 321 -5.59 -108.05 -4.94
CA ASP P 321 -6.21 -108.27 -3.66
C ASP P 321 -7.05 -109.39 -4.23
N ARG P 322 -6.38 -110.50 -4.55
CA ARG P 322 -7.01 -111.69 -5.13
C ARG P 322 -8.25 -112.07 -4.34
N ASP P 323 -8.08 -112.20 -3.02
CA ASP P 323 -9.19 -112.53 -2.14
C ASP P 323 -10.31 -111.51 -2.34
N ARG P 324 -10.06 -110.41 -3.06
CA ARG P 324 -11.16 -109.45 -3.25
C ARG P 324 -11.60 -108.85 -1.91
N GLN P 325 -10.61 -108.45 -1.10
CA GLN P 325 -10.90 -107.80 0.17
C GLN P 325 -11.35 -106.36 -0.01
N TYR P 326 -10.97 -105.75 -1.12
CA TYR P 326 -11.35 -104.38 -1.43
C TYR P 326 -12.24 -104.34 -2.66
N PRO P 327 -13.56 -104.35 -2.45
CA PRO P 327 -14.57 -104.33 -3.52
C PRO P 327 -14.44 -103.36 -4.70
N LEU P 328 -14.79 -103.84 -5.88
CA LEU P 328 -14.80 -102.98 -7.07
C LEU P 328 -15.35 -101.54 -6.78
N LYS P 329 -16.67 -101.52 -6.58
CA LYS P 329 -17.34 -100.32 -6.11
C LYS P 329 -16.87 -99.59 -4.85
N TRP P 330 -15.91 -100.20 -4.16
CA TRP P 330 -15.36 -99.64 -2.94
C TRP P 330 -14.28 -98.60 -3.24
N ILE P 331 -13.43 -98.91 -4.20
CA ILE P 331 -12.34 -98.01 -4.57
C ILE P 331 -12.75 -96.62 -5.05
N LEU P 332 -13.77 -96.57 -5.91
CA LEU P 332 -14.25 -95.28 -6.40
C LEU P 332 -15.03 -94.47 -5.35
N SER P 333 -15.61 -95.21 -4.41
CA SER P 333 -16.36 -94.59 -3.33
C SER P 333 -15.34 -93.77 -2.54
N LEU P 334 -14.18 -94.33 -2.27
CA LEU P 334 -13.18 -93.60 -1.50
C LEU P 334 -12.74 -92.34 -2.24
N THR P 335 -12.40 -92.52 -3.51
CA THR P 335 -11.94 -91.44 -4.37
C THR P 335 -13.11 -90.47 -4.48
N GLU P 336 -14.31 -91.05 -4.43
CA GLU P 336 -15.56 -90.30 -4.42
C GLU P 336 -15.57 -89.34 -3.23
N SER P 337 -16.13 -89.82 -2.12
CA SER P 337 -16.06 -89.06 -0.89
C SER P 337 -14.91 -88.08 -0.84
N LEU P 338 -13.73 -88.50 -1.33
CA LEU P 338 -12.56 -87.65 -1.36
C LEU P 338 -12.90 -86.33 -2.04
N THR P 339 -13.41 -86.35 -3.25
CA THR P 339 -13.75 -85.09 -3.90
C THR P 339 -13.72 -83.94 -2.88
N GLN P 340 -12.93 -82.91 -3.18
CA GLN P 340 -12.77 -81.68 -2.37
C GLN P 340 -13.04 -81.70 -0.85
N ARG P 341 -14.12 -81.01 -0.45
CA ARG P 341 -14.62 -80.84 0.93
C ARG P 341 -13.82 -79.91 1.86
N THR P 342 -14.54 -79.18 2.70
CA THR P 342 -14.00 -78.21 3.66
C THR P 342 -12.89 -78.88 4.45
N THR P 343 -12.29 -78.16 5.40
CA THR P 343 -11.22 -78.74 6.18
C THR P 343 -11.08 -78.00 7.50
N THR P 344 -11.24 -78.73 8.60
CA THR P 344 -11.13 -78.15 9.94
C THR P 344 -9.83 -77.38 10.09
N SER P 345 -9.42 -76.73 9.00
CA SER P 345 -8.17 -75.96 9.01
C SER P 345 -7.19 -76.49 7.97
N GLU P 346 -7.03 -77.82 7.92
CA GLU P 346 -6.08 -78.43 7.01
C GLU P 346 -6.37 -78.11 5.56
N SER P 347 -7.51 -78.58 5.04
CA SER P 347 -7.78 -78.41 3.61
C SER P 347 -7.76 -76.93 3.22
N ILE P 348 -8.30 -76.07 4.07
CA ILE P 348 -8.17 -74.63 3.85
C ILE P 348 -6.70 -74.25 3.67
N GLY P 349 -5.85 -74.81 4.53
CA GLY P 349 -4.41 -74.60 4.37
C GLY P 349 -3.91 -75.06 3.02
N ARG P 350 -4.19 -76.32 2.66
CA ARG P 350 -3.74 -76.84 1.38
C ARG P 350 -4.23 -76.00 0.22
N ASN P 351 -5.41 -75.38 0.35
CA ASN P 351 -5.81 -74.40 -0.65
C ASN P 351 -4.85 -73.22 -0.67
N ILE P 352 -4.49 -72.73 0.53
CA ILE P 352 -3.58 -71.58 0.63
C ILE P 352 -2.22 -71.91 0.00
N VAL P 353 -1.77 -73.15 0.14
CA VAL P 353 -0.53 -73.55 -0.51
C VAL P 353 -0.75 -73.72 -2.01
N LYS P 354 -1.92 -74.24 -2.40
CA LYS P 354 -2.23 -74.40 -3.82
C LYS P 354 -2.09 -73.07 -4.54
N VAL P 355 -2.41 -72.00 -3.82
CA VAL P 355 -2.40 -70.66 -4.36
C VAL P 355 -1.02 -70.07 -4.49
N VAL P 356 -0.07 -70.89 -4.91
CA VAL P 356 1.27 -70.39 -5.11
C VAL P 356 1.14 -70.50 -6.63
N TYR P 357 -0.07 -70.80 -7.11
CA TYR P 357 -0.29 -70.93 -8.54
C TYR P 357 0.98 -71.39 -9.24
N PRO P 358 1.32 -72.68 -9.09
CA PRO P 358 2.52 -73.26 -9.67
C PRO P 358 2.32 -73.94 -11.04
N ASP P 359 2.24 -75.26 -11.03
CA ASP P 359 2.10 -76.06 -12.25
C ASP P 359 0.67 -76.33 -12.72
N LYS P 360 -0.28 -75.56 -12.20
CA LYS P 360 -1.71 -75.62 -12.51
C LYS P 360 -2.46 -76.90 -12.08
N PRO P 361 -2.03 -77.51 -10.98
CA PRO P 361 -2.73 -78.69 -10.49
C PRO P 361 -3.82 -78.21 -9.54
N THR P 362 -3.59 -77.07 -8.91
CA THR P 362 -4.56 -76.46 -8.00
C THR P 362 -5.05 -75.14 -8.55
N SER P 363 -4.43 -74.69 -9.64
CA SER P 363 -4.81 -73.43 -10.26
C SER P 363 -6.30 -73.35 -10.42
N SER P 364 -6.87 -74.38 -11.04
CA SER P 364 -8.31 -74.47 -11.29
C SER P 364 -9.26 -74.48 -10.09
N ASP P 365 -8.79 -75.08 -8.99
CA ASP P 365 -9.52 -75.09 -7.73
C ASP P 365 -9.46 -73.60 -7.47
N TYR P 366 -8.37 -73.01 -7.94
CA TYR P 366 -8.28 -71.55 -7.90
C TYR P 366 -9.67 -71.10 -8.32
N PHE P 367 -9.95 -71.36 -9.60
CA PHE P 367 -11.25 -71.13 -10.20
C PHE P 367 -12.49 -71.64 -9.48
N GLN P 368 -12.56 -72.96 -9.32
CA GLN P 368 -13.70 -73.58 -8.67
C GLN P 368 -13.95 -73.01 -7.29
N TRP P 369 -12.98 -73.23 -6.41
CA TRP P 369 -13.01 -72.80 -5.01
C TRP P 369 -14.37 -72.87 -4.33
N SER P 370 -14.78 -74.11 -4.07
CA SER P 370 -16.05 -74.48 -3.44
C SER P 370 -16.70 -73.48 -2.49
N GLU P 371 -17.48 -72.57 -3.07
CA GLU P 371 -18.24 -71.55 -2.36
C GLU P 371 -17.54 -70.93 -1.16
N GLU P 372 -17.88 -71.44 0.02
CA GLU P 372 -17.30 -70.96 1.26
C GLU P 372 -15.80 -71.04 1.17
N GLU P 373 -15.28 -72.21 0.80
CA GLU P 373 -13.82 -72.32 0.71
C GLU P 373 -13.49 -70.90 0.26
N THR P 374 -14.25 -70.39 -0.71
CA THR P 374 -14.08 -69.01 -1.14
C THR P 374 -14.16 -68.08 0.08
N LEU P 375 -15.21 -68.25 0.89
CA LEU P 375 -15.37 -67.41 2.06
C LEU P 375 -14.36 -67.46 3.20
N GLU P 376 -14.11 -68.67 3.73
CA GLU P 376 -13.06 -68.82 4.73
C GLU P 376 -11.69 -68.43 4.17
N PHE P 377 -11.59 -68.35 2.84
CA PHE P 377 -10.37 -67.84 2.23
C PHE P 377 -10.27 -66.36 2.51
N LEU P 378 -11.27 -65.57 2.10
CA LEU P 378 -11.26 -64.15 2.42
C LEU P 378 -11.16 -63.83 3.91
N LYS P 379 -11.57 -64.79 4.73
CA LYS P 379 -11.47 -64.65 6.17
C LYS P 379 -9.99 -64.69 6.53
N TRP P 380 -9.30 -65.73 6.07
CA TRP P 380 -7.86 -65.87 6.31
C TRP P 380 -6.97 -64.80 5.67
N MET P 381 -7.51 -64.10 4.67
CA MET P 381 -6.83 -62.97 4.07
C MET P 381 -6.99 -61.69 4.91
N GLU P 382 -8.21 -61.48 5.42
CA GLU P 382 -8.41 -60.36 6.34
C GLU P 382 -7.76 -60.45 7.75
N LYS P 383 -7.44 -61.68 8.15
CA LYS P 383 -6.60 -61.89 9.34
C LYS P 383 -5.08 -61.98 9.20
N GLN P 384 -4.63 -62.78 8.23
CA GLN P 384 -3.22 -63.07 8.05
C GLN P 384 -2.39 -62.45 6.90
N PHE P 385 -3.05 -61.55 6.19
CA PHE P 385 -2.46 -60.77 5.12
C PHE P 385 -2.30 -59.32 5.60
N LEU P 386 -2.98 -58.97 6.69
CA LEU P 386 -2.93 -57.64 7.29
C LEU P 386 -1.48 -57.25 7.52
N PRO P 387 -0.78 -58.01 8.37
CA PRO P 387 0.63 -57.63 8.49
C PRO P 387 0.95 -57.10 7.11
N THR P 388 0.60 -57.85 6.06
CA THR P 388 0.80 -57.32 4.74
C THR P 388 1.92 -56.31 4.80
N GLN P 389 1.61 -55.12 5.30
CA GLN P 389 2.58 -54.05 5.41
C GLN P 389 2.11 -52.98 6.39
N THR P 390 2.98 -52.65 7.35
CA THR P 390 2.69 -51.64 8.36
C THR P 390 1.33 -51.86 9.03
N SER P 399 2.97 -44.55 1.46
CA SER P 399 4.37 -44.29 1.16
C SER P 399 5.07 -43.58 2.31
N MET P 400 6.17 -44.12 2.80
CA MET P 400 6.92 -43.36 3.78
C MET P 400 7.13 -42.03 3.03
N GLU P 401 6.92 -40.91 3.71
CA GLU P 401 7.02 -39.56 3.11
C GLU P 401 6.07 -39.40 1.91
N MET P 402 6.60 -39.18 0.70
CA MET P 402 5.71 -39.01 -0.46
C MET P 402 4.34 -38.53 -0.01
N THR P 403 4.38 -37.41 0.72
CA THR P 403 3.24 -36.70 1.33
C THR P 403 2.61 -37.42 2.51
N ILE P 404 2.69 -36.78 3.68
CA ILE P 404 2.04 -37.30 4.85
C ILE P 404 0.65 -37.08 4.33
N ASP P 405 0.63 -36.78 3.04
CA ASP P 405 -0.61 -36.52 2.30
C ASP P 405 -1.34 -37.74 1.71
N GLN P 406 -0.58 -38.50 0.97
CA GLN P 406 -1.07 -39.75 0.36
C GLN P 406 -1.39 -40.92 1.36
N LYS P 407 -0.63 -40.86 2.42
CA LYS P 407 -0.77 -41.77 3.57
C LYS P 407 -2.21 -41.48 4.01
N ILE P 408 -2.47 -40.20 4.18
CA ILE P 408 -3.79 -39.70 4.60
C ILE P 408 -4.85 -40.15 3.61
N ALA P 409 -4.53 -39.96 2.34
CA ALA P 409 -5.41 -40.31 1.22
C ALA P 409 -5.75 -41.80 1.28
N ARG P 410 -4.71 -42.58 1.48
CA ARG P 410 -4.80 -44.05 1.56
C ARG P 410 -5.76 -44.44 2.69
N ARG P 411 -5.56 -43.80 3.83
CA ARG P 411 -6.37 -44.02 5.03
C ARG P 411 -7.84 -43.75 4.73
N LYS P 412 -8.06 -42.62 4.07
CA LYS P 412 -9.41 -42.17 3.69
C LYS P 412 -10.07 -43.23 2.81
N LEU P 413 -9.31 -43.69 1.85
CA LEU P 413 -9.76 -44.73 0.89
C LEU P 413 -10.24 -45.99 1.61
N TYR P 414 -9.41 -46.43 2.53
CA TYR P 414 -9.67 -47.64 3.33
C TYR P 414 -10.96 -47.47 4.15
N LYS P 415 -11.08 -46.28 4.71
CA LYS P 415 -12.25 -45.91 5.53
C LYS P 415 -13.50 -46.06 4.66
N ILE P 416 -13.40 -45.50 3.48
CA ILE P 416 -14.48 -45.52 2.48
C ILE P 416 -15.12 -46.87 2.15
N PHE P 417 -14.28 -47.85 1.81
CA PHE P 417 -14.72 -49.20 1.50
C PHE P 417 -14.67 -50.07 2.74
N PRO P 418 -14.41 -49.41 3.88
CA PRO P 418 -14.28 -49.97 5.22
C PRO P 418 -14.12 -51.47 5.22
N LEU P 419 -14.30 -52.08 4.06
CA LEU P 419 -14.18 -53.52 3.95
C LEU P 419 -14.96 -54.17 5.10
N ASP P 420 -14.25 -55.04 5.82
CA ASP P 420 -14.73 -55.81 6.97
C ASP P 420 -16.06 -55.48 7.66
N ARG P 421 -17.01 -56.42 7.56
CA ARG P 421 -18.32 -56.29 8.23
C ARG P 421 -19.00 -54.94 8.01
N GLU P 422 -18.87 -54.40 6.80
CA GLU P 422 -19.53 -53.15 6.53
C GLU P 422 -20.36 -52.98 7.79
N ASP P 431 -25.83 -75.30 16.37
CA ASP P 431 -24.46 -75.71 16.64
C ASP P 431 -23.56 -74.73 15.88
N SER P 432 -22.51 -74.26 16.53
CA SER P 432 -21.53 -73.39 15.88
C SER P 432 -20.32 -74.17 15.43
N THR P 433 -19.21 -73.48 15.16
CA THR P 433 -17.97 -74.11 14.72
C THR P 433 -18.31 -74.86 13.44
N HIS P 434 -18.80 -74.13 12.44
CA HIS P 434 -19.17 -74.73 11.15
C HIS P 434 -18.00 -75.52 10.57
N GLN P 435 -16.88 -74.85 10.35
CA GLN P 435 -15.70 -75.50 9.80
C GLN P 435 -15.15 -76.57 10.74
N LEU P 436 -15.94 -77.63 10.93
CA LEU P 436 -15.54 -78.73 11.81
C LEU P 436 -14.03 -78.93 11.82
N THR P 437 -13.59 -79.75 12.77
CA THR P 437 -12.16 -80.00 12.97
C THR P 437 -11.67 -81.07 12.01
N PHE P 438 -10.41 -81.47 12.22
CA PHE P 438 -9.74 -82.39 11.30
C PHE P 438 -10.25 -83.82 11.47
N ILE P 439 -10.16 -84.35 12.69
CA ILE P 439 -10.61 -85.71 12.94
C ILE P 439 -12.12 -85.85 12.80
N GLU P 440 -12.86 -84.75 12.89
CA GLU P 440 -14.28 -84.80 12.56
C GLU P 440 -14.47 -85.12 11.08
N ASP P 441 -13.89 -84.32 10.19
CA ASP P 441 -13.95 -84.59 8.76
C ASP P 441 -13.45 -86.00 8.46
N LEU P 442 -12.30 -86.36 9.05
CA LEU P 442 -11.71 -87.67 8.85
C LEU P 442 -12.69 -88.78 9.22
N GLN P 443 -13.29 -88.66 10.41
CA GLN P 443 -14.31 -89.60 10.83
C GLN P 443 -15.43 -89.67 9.80
N GLU P 444 -15.93 -88.52 9.38
CA GLU P 444 -17.17 -88.54 8.61
C GLU P 444 -16.97 -89.10 7.21
N ARG P 445 -15.77 -88.98 6.64
CA ARG P 445 -15.58 -89.66 5.36
C ARG P 445 -15.28 -91.16 5.37
N TYR P 446 -14.57 -91.62 6.40
CA TYR P 446 -14.50 -93.07 6.63
C TYR P 446 -15.86 -93.72 7.01
N ALA P 447 -16.79 -92.85 7.42
CA ALA P 447 -18.16 -93.30 7.62
C ALA P 447 -18.79 -93.24 6.24
N LYS P 448 -18.57 -92.15 5.50
CA LYS P 448 -19.13 -92.04 4.16
C LYS P 448 -18.75 -93.22 3.31
N GLN P 449 -17.68 -93.93 3.66
CA GLN P 449 -17.38 -95.20 3.00
C GLN P 449 -17.81 -96.42 3.81
N THR P 450 -18.47 -96.25 4.97
CA THR P 450 -18.62 -97.33 5.94
C THR P 450 -19.42 -98.52 5.40
N PRO P 451 -20.25 -98.38 4.33
CA PRO P 451 -20.57 -99.58 3.53
C PRO P 451 -19.33 -100.17 2.87
N PHE P 452 -18.67 -101.02 3.65
CA PHE P 452 -17.59 -101.87 3.22
C PHE P 452 -18.07 -103.32 3.15
N PHE P 453 -18.56 -103.83 4.28
CA PHE P 453 -19.09 -105.18 4.39
C PHE P 453 -20.49 -105.28 3.78
N PRO P 469 -12.41 -106.03 -13.62
CA PRO P 469 -11.80 -106.20 -14.94
C PRO P 469 -11.10 -104.93 -15.39
N PRO P 470 -11.44 -104.40 -16.57
CA PRO P 470 -10.82 -103.16 -17.04
C PRO P 470 -11.15 -101.94 -16.17
N ALA P 471 -12.41 -101.88 -15.76
CA ALA P 471 -12.91 -100.76 -14.97
C ALA P 471 -12.23 -100.48 -13.64
N ARG P 472 -11.95 -101.53 -12.88
CA ARG P 472 -11.28 -101.35 -11.60
C ARG P 472 -9.82 -100.89 -11.76
N LYS P 473 -9.20 -101.36 -12.84
CA LYS P 473 -7.83 -100.98 -13.15
C LYS P 473 -7.91 -99.49 -13.41
N GLU P 474 -8.91 -99.08 -14.19
CA GLU P 474 -9.06 -97.66 -14.49
C GLU P 474 -9.30 -96.86 -13.21
N ALA P 475 -10.15 -97.39 -12.35
CA ALA P 475 -10.48 -96.73 -11.09
C ALA P 475 -9.23 -96.61 -10.23
N ILE P 476 -8.43 -97.67 -10.20
CA ILE P 476 -7.22 -97.65 -9.40
C ILE P 476 -6.28 -96.58 -9.90
N GLY P 477 -6.14 -96.47 -11.22
CA GLY P 477 -5.27 -95.46 -11.78
C GLY P 477 -5.83 -94.10 -11.45
N ARG P 478 -7.15 -93.99 -11.52
CA ARG P 478 -7.81 -92.73 -11.22
C ARG P 478 -7.45 -92.30 -9.81
N LEU P 479 -7.60 -93.21 -8.85
CA LEU P 479 -7.29 -92.90 -7.46
C LEU P 479 -5.84 -92.53 -7.15
N LEU P 480 -4.92 -93.23 -7.80
CA LEU P 480 -3.50 -93.00 -7.62
C LEU P 480 -3.07 -91.63 -8.14
N THR P 481 -3.73 -91.15 -9.19
CA THR P 481 -3.38 -89.85 -9.76
C THR P 481 -3.70 -88.80 -8.69
N HIS P 482 -4.81 -89.00 -8.00
CA HIS P 482 -5.29 -88.09 -6.94
C HIS P 482 -4.38 -87.82 -5.70
N ILE P 483 -3.88 -88.94 -5.21
CA ILE P 483 -2.87 -88.96 -4.15
C ILE P 483 -1.51 -88.37 -4.61
N ALA P 484 -1.25 -88.65 -5.88
CA ALA P 484 -0.07 -88.14 -6.59
C ALA P 484 -0.32 -86.63 -6.49
N SER P 485 -1.55 -86.19 -6.73
CA SER P 485 -1.80 -84.75 -6.64
C SER P 485 -1.52 -84.23 -5.22
N GLN P 486 -2.15 -84.88 -4.25
CA GLN P 486 -2.06 -84.51 -2.83
C GLN P 486 -0.64 -84.49 -2.27
N LEU P 487 0.01 -85.64 -2.28
CA LEU P 487 1.36 -85.74 -1.74
C LEU P 487 2.33 -84.88 -2.55
N LEU P 488 2.17 -84.88 -3.86
CA LEU P 488 3.01 -84.09 -4.72
C LEU P 488 2.83 -82.60 -4.43
N VAL P 489 1.58 -82.20 -4.22
CA VAL P 489 1.27 -80.79 -3.97
C VAL P 489 1.85 -80.15 -2.72
N ASP P 490 1.89 -80.88 -1.62
CA ASP P 490 2.60 -80.37 -0.46
C ASP P 490 4.07 -80.22 -0.91
N PHE P 491 4.56 -81.13 -1.75
CA PHE P 491 6.00 -81.06 -2.10
C PHE P 491 6.53 -80.84 -3.53
N ALA P 492 7.78 -80.38 -3.58
CA ALA P 492 8.55 -80.05 -4.80
C ALA P 492 8.31 -80.86 -6.07
N ILE P 493 7.23 -81.64 -6.02
CA ILE P 493 6.69 -82.50 -7.09
C ILE P 493 7.50 -83.22 -8.19
N SER P 494 7.93 -82.48 -9.23
CA SER P 494 8.63 -83.00 -10.43
C SER P 494 7.67 -83.98 -11.10
N LYS P 495 6.66 -83.43 -11.76
CA LYS P 495 5.58 -84.22 -12.34
C LYS P 495 6.16 -85.45 -13.02
N GLU P 496 7.36 -85.81 -12.58
CA GLU P 496 8.11 -86.96 -13.07
C GLU P 496 9.28 -87.41 -12.22
N GLN P 497 9.93 -86.46 -11.53
CA GLN P 497 11.01 -86.80 -10.61
C GLN P 497 10.23 -87.64 -9.64
N LEU P 498 9.15 -87.06 -9.15
CA LEU P 498 8.23 -87.83 -8.30
C LEU P 498 8.21 -89.28 -8.77
N LYS P 499 7.81 -89.42 -10.02
CA LYS P 499 7.82 -90.75 -10.69
C LYS P 499 9.21 -91.38 -11.15
N ASP P 500 10.12 -90.42 -11.25
CA ASP P 500 11.53 -90.69 -11.52
C ASP P 500 11.81 -91.46 -10.22
N CYS P 501 11.41 -90.83 -9.14
CA CYS P 501 11.57 -91.39 -7.78
C CYS P 501 10.84 -92.74 -7.76
N ILE P 502 9.61 -92.68 -8.24
CA ILE P 502 8.75 -93.88 -8.37
C ILE P 502 9.45 -95.04 -9.15
N SER P 503 9.94 -94.61 -10.31
CA SER P 503 10.70 -95.48 -11.21
C SER P 503 11.88 -96.15 -10.48
N ARG P 504 12.64 -95.32 -9.79
CA ARG P 504 13.80 -95.76 -9.01
C ARG P 504 13.71 -96.98 -8.09
N ILE P 505 12.79 -96.88 -7.16
CA ILE P 505 12.48 -97.99 -6.24
C ILE P 505 11.71 -99.25 -6.82
N LYS P 506 11.07 -98.90 -7.92
CA LYS P 506 10.36 -99.87 -8.77
C LYS P 506 11.52 -100.82 -9.09
N ASN P 507 12.56 -100.23 -9.65
CA ASN P 507 13.78 -100.95 -10.03
C ASN P 507 14.47 -101.64 -8.84
N ALA P 508 14.50 -100.90 -7.75
CA ALA P 508 15.10 -101.36 -6.49
C ALA P 508 14.44 -102.66 -6.04
N CYS P 509 13.12 -102.61 -6.04
CA CYS P 509 12.29 -103.76 -5.63
C CYS P 509 12.47 -105.16 -6.23
N LEU P 510 12.48 -105.22 -7.56
CA LEU P 510 12.66 -106.50 -8.26
C LEU P 510 14.02 -107.19 -8.22
N HIS P 511 14.62 -107.24 -7.05
CA HIS P 511 15.86 -107.98 -6.82
C HIS P 511 15.71 -109.08 -5.63
N ARG P 512 14.51 -109.64 -5.76
CA ARG P 512 14.05 -110.66 -4.82
C ARG P 512 14.85 -111.84 -5.37
N MET Q 1 -7.07 -65.93 -14.44
CA MET Q 1 -7.38 -65.60 -15.84
C MET Q 1 -7.53 -64.10 -16.10
N PHE Q 2 -8.07 -63.31 -15.16
CA PHE Q 2 -8.34 -61.89 -15.35
C PHE Q 2 -7.11 -60.96 -15.24
N GLU Q 3 -7.32 -59.66 -15.52
CA GLU Q 3 -6.29 -58.62 -15.58
C GLU Q 3 -5.74 -58.22 -14.21
N VAL Q 4 -4.41 -58.33 -14.04
CA VAL Q 4 -3.76 -58.26 -12.73
C VAL Q 4 -3.39 -56.84 -12.28
N PRO Q 5 -3.40 -56.55 -10.96
CA PRO Q 5 -3.33 -55.19 -10.41
C PRO Q 5 -1.96 -54.49 -10.44
N ILE Q 6 -0.93 -55.03 -11.09
CA ILE Q 6 0.48 -54.76 -10.73
C ILE Q 6 1.34 -54.49 -11.98
N THR Q 7 2.41 -53.72 -11.79
CA THR Q 7 3.57 -53.66 -12.70
C THR Q 7 4.15 -55.05 -13.00
N LEU Q 8 4.28 -55.40 -14.29
CA LEU Q 8 4.56 -56.77 -14.71
C LEU Q 8 6.01 -57.21 -14.36
N THR Q 9 6.19 -58.14 -13.43
CA THR Q 9 7.54 -58.56 -13.11
C THR Q 9 8.48 -58.11 -14.24
N ASN Q 10 9.09 -56.94 -14.09
CA ASN Q 10 10.00 -56.43 -15.10
C ASN Q 10 11.36 -57.13 -15.07
N ARG Q 11 11.47 -58.25 -15.78
CA ARG Q 11 12.73 -59.00 -15.81
C ARG Q 11 13.06 -59.55 -17.21
N LYS Q 12 12.24 -60.45 -17.73
CA LYS Q 12 12.49 -61.06 -19.03
C LYS Q 12 11.68 -60.35 -20.10
N PHE Q 13 10.51 -59.87 -19.69
CA PHE Q 13 9.62 -59.14 -20.59
C PHE Q 13 10.28 -57.88 -21.18
N ALA Q 14 11.07 -57.16 -20.38
CA ALA Q 14 11.81 -56.00 -20.86
C ALA Q 14 12.91 -56.33 -21.88
N GLN Q 15 13.61 -57.47 -21.75
CA GLN Q 15 14.58 -57.88 -22.79
C GLN Q 15 13.95 -58.60 -24.00
N ARG Q 16 12.82 -59.29 -23.84
CA ARG Q 16 12.00 -59.77 -24.97
C ARG Q 16 11.50 -58.62 -25.84
N ARG Q 17 11.12 -57.49 -25.23
CA ARG Q 17 10.72 -56.26 -25.95
C ARG Q 17 11.87 -55.55 -26.66
N LYS Q 18 13.10 -55.59 -26.12
CA LYS Q 18 14.31 -55.17 -26.86
C LYS Q 18 14.45 -55.98 -28.15
N LEU Q 19 14.49 -57.31 -28.06
CA LEU Q 19 14.66 -58.19 -29.23
C LEU Q 19 13.52 -58.04 -30.26
N LYS Q 20 12.26 -57.97 -29.79
CA LYS Q 20 11.10 -57.72 -30.67
C LYS Q 20 11.25 -56.44 -31.49
N TYR Q 21 11.41 -55.31 -30.80
CA TYR Q 21 11.53 -54.02 -31.48
C TYR Q 21 12.76 -53.93 -32.38
N GLN Q 22 13.91 -54.23 -31.80
CA GLN Q 22 15.19 -54.18 -32.52
C GLN Q 22 15.10 -54.93 -33.86
N TYR Q 23 14.44 -56.10 -33.87
CA TYR Q 23 14.13 -56.81 -35.11
C TYR Q 23 13.15 -56.04 -36.01
N ILE Q 24 12.08 -55.48 -35.44
CA ILE Q 24 11.07 -54.70 -36.20
C ILE Q 24 11.66 -53.43 -36.83
N ASN Q 25 12.56 -52.71 -36.14
CA ASN Q 25 13.27 -51.58 -36.76
C ASN Q 25 14.31 -52.06 -37.79
N TYR Q 26 14.87 -53.24 -37.62
CA TYR Q 26 15.83 -53.78 -38.59
C TYR Q 26 15.15 -54.25 -39.89
N ILE Q 27 14.07 -55.03 -39.75
CA ILE Q 27 13.33 -55.56 -40.87
C ILE Q 27 12.53 -54.36 -41.34
N SER Q 28 12.10 -53.54 -40.38
CA SER Q 28 11.45 -52.27 -40.72
C SER Q 28 12.22 -51.38 -41.77
N ARG Q 29 13.42 -51.02 -41.32
CA ARG Q 29 14.39 -50.36 -42.18
C ARG Q 29 14.69 -50.83 -43.60
N ARG Q 30 14.85 -52.14 -43.75
CA ARG Q 30 15.14 -52.73 -45.07
C ARG Q 30 13.91 -52.83 -45.98
N PHE Q 31 12.70 -52.83 -45.44
CA PHE Q 31 11.48 -52.54 -46.20
C PHE Q 31 11.41 -51.07 -46.67
N ASP Q 32 11.40 -50.15 -45.72
CA ASP Q 32 11.39 -48.74 -46.03
C ASP Q 32 12.28 -48.56 -47.24
N ARG Q 33 13.41 -49.26 -47.24
CA ARG Q 33 14.35 -49.22 -48.34
C ARG Q 33 13.78 -49.99 -49.51
N ILE Q 34 13.31 -51.21 -49.23
CA ILE Q 34 12.72 -52.06 -50.25
C ILE Q 34 11.55 -51.30 -50.89
N SER Q 35 11.56 -49.98 -50.72
CA SER Q 35 10.53 -49.11 -51.26
C SER Q 35 11.06 -47.76 -51.77
N LYS Q 36 12.28 -47.35 -51.38
CA LYS Q 36 12.99 -46.26 -52.07
C LYS Q 36 13.30 -46.65 -53.52
N SER Q 121 16.02 -50.59 -25.98
CA SER Q 121 15.43 -49.51 -25.19
C SER Q 121 15.04 -48.31 -26.04
N ASP Q 122 16.05 -47.70 -26.65
CA ASP Q 122 15.83 -46.53 -27.52
C ASP Q 122 15.13 -46.97 -28.79
N GLU Q 123 15.47 -48.15 -29.29
CA GLU Q 123 14.86 -48.69 -30.49
C GLU Q 123 13.35 -48.75 -30.27
N GLU Q 124 12.97 -49.20 -29.08
CA GLU Q 124 11.54 -49.27 -28.69
C GLU Q 124 10.87 -47.89 -28.66
N ARG Q 125 11.54 -46.85 -28.14
CA ARG Q 125 11.04 -45.46 -28.19
C ARG Q 125 10.95 -44.96 -29.64
N LYS Q 126 11.93 -45.30 -30.48
CA LYS Q 126 11.94 -45.01 -31.91
C LYS Q 126 10.83 -45.73 -32.67
N PHE Q 127 10.50 -46.98 -32.32
CA PHE Q 127 9.36 -47.68 -32.93
C PHE Q 127 8.06 -46.91 -32.72
N TRP Q 128 7.80 -46.41 -31.51
CA TRP Q 128 6.63 -45.58 -31.23
C TRP Q 128 6.66 -44.19 -31.88
N LYS Q 129 7.84 -43.56 -31.97
CA LYS Q 129 8.08 -42.33 -32.78
C LYS Q 129 7.93 -42.53 -34.30
N LYS Q 130 7.86 -43.78 -34.73
CA LYS Q 130 7.71 -44.11 -36.14
C LYS Q 130 6.27 -44.55 -36.40
N TYR Q 131 5.67 -45.20 -35.41
CA TYR Q 131 4.29 -45.67 -35.51
C TYR Q 131 3.35 -44.63 -34.92
N GLU Q 132 3.65 -44.17 -33.72
CA GLU Q 132 2.83 -43.13 -33.07
C GLU Q 132 1.96 -43.63 -31.93
N LYS Q 133 1.19 -42.71 -31.36
CA LYS Q 133 0.28 -43.00 -30.25
C LYS Q 133 -1.13 -43.28 -30.73
N PRO Q 134 -2.02 -43.68 -29.81
CA PRO Q 134 -3.41 -44.00 -30.14
C PRO Q 134 -4.44 -42.94 -29.75
N GLU Q 135 -4.05 -41.92 -28.98
CA GLU Q 135 -5.01 -40.91 -28.58
C GLU Q 135 -5.68 -41.40 -27.29
N LYS Q 136 -6.49 -40.55 -26.67
CA LYS Q 136 -7.18 -40.92 -25.43
C LYS Q 136 -8.45 -41.72 -25.77
N SER Q 137 -8.33 -43.03 -25.95
CA SER Q 137 -9.52 -43.83 -26.20
C SER Q 137 -9.09 -45.28 -26.13
N PHE Q 138 -8.93 -45.93 -27.27
CA PHE Q 138 -8.47 -47.31 -27.29
C PHE Q 138 -7.87 -47.65 -28.62
N GLU Q 139 -8.75 -47.84 -29.60
CA GLU Q 139 -8.32 -48.17 -30.94
C GLU Q 139 -8.61 -47.02 -31.89
N ILE Q 140 -7.53 -46.46 -32.42
CA ILE Q 140 -7.61 -45.37 -33.40
C ILE Q 140 -8.67 -45.68 -34.47
N TRP Q 141 -9.90 -45.71 -33.99
CA TRP Q 141 -11.06 -45.91 -34.83
C TRP Q 141 -11.38 -44.50 -35.23
N ARG Q 142 -11.60 -44.28 -36.51
CA ARG Q 142 -11.89 -42.94 -36.93
C ARG Q 142 -12.56 -43.09 -38.25
N THR Q 143 -13.90 -43.01 -38.27
CA THR Q 143 -14.76 -43.13 -39.47
C THR Q 143 -14.54 -44.43 -40.27
N VAL Q 144 -13.83 -44.15 -41.36
CA VAL Q 144 -13.51 -44.84 -42.57
C VAL Q 144 -14.53 -44.40 -43.73
N SER Q 145 -14.46 -43.08 -44.03
CA SER Q 145 -15.51 -42.51 -44.88
C SER Q 145 -15.03 -41.09 -45.17
N SER Q 146 -13.98 -40.97 -45.96
CA SER Q 146 -13.45 -39.67 -46.38
C SER Q 146 -12.51 -39.93 -47.53
N GLN Q 147 -11.28 -40.19 -47.14
CA GLN Q 147 -10.23 -40.43 -48.08
C GLN Q 147 -10.02 -41.70 -48.89
N ASN Q 148 -10.32 -41.66 -50.18
CA ASN Q 148 -10.15 -42.88 -50.98
C ASN Q 148 -8.86 -43.63 -50.67
N LYS Q 149 -7.73 -43.08 -51.14
CA LYS Q 149 -6.37 -43.63 -51.00
C LYS Q 149 -6.23 -44.99 -51.68
N GLN Q 150 -5.84 -45.00 -52.96
CA GLN Q 150 -5.78 -46.31 -53.63
C GLN Q 150 -4.80 -47.45 -53.28
N PRO Q 151 -5.22 -48.32 -52.36
CA PRO Q 151 -4.41 -49.43 -51.86
C PRO Q 151 -4.50 -50.59 -52.83
N ILE Q 152 -3.67 -50.55 -53.87
CA ILE Q 152 -3.50 -51.62 -54.78
C ILE Q 152 -2.19 -52.48 -54.57
N ASN Q 153 -1.37 -51.79 -53.79
CA ASN Q 153 -0.07 -52.26 -53.29
C ASN Q 153 0.39 -53.49 -54.08
N LYS Q 154 -0.58 -54.29 -54.54
CA LYS Q 154 -0.36 -55.50 -55.33
C LYS Q 154 0.50 -56.67 -54.81
N GLN Q 155 -0.18 -57.64 -54.22
CA GLN Q 155 0.38 -58.93 -53.73
C GLN Q 155 1.88 -58.73 -53.51
N LYS Q 156 2.36 -57.50 -53.67
CA LYS Q 156 3.79 -57.35 -53.51
C LYS Q 156 4.48 -58.27 -52.53
N MET Q 157 4.24 -59.57 -52.53
CA MET Q 157 4.95 -60.39 -51.54
C MET Q 157 5.35 -61.74 -52.10
N THR Q 158 6.46 -61.82 -52.83
CA THR Q 158 6.90 -63.09 -53.42
C THR Q 158 7.76 -63.94 -52.48
N TYR Q 159 7.17 -64.83 -51.69
CA TYR Q 159 8.09 -65.54 -50.79
C TYR Q 159 9.58 -65.19 -51.02
N HIS Q 160 9.98 -65.15 -52.28
CA HIS Q 160 11.34 -64.75 -52.61
C HIS Q 160 11.65 -63.30 -52.15
N ASN Q 161 10.67 -62.39 -52.26
CA ASN Q 161 10.87 -61.00 -51.85
C ASN Q 161 10.91 -60.82 -50.33
N PHE Q 162 10.14 -61.59 -49.56
CA PHE Q 162 10.21 -61.54 -48.09
C PHE Q 162 11.58 -62.00 -47.57
N LYS Q 163 12.08 -63.14 -48.06
CA LYS Q 163 13.41 -63.66 -47.66
C LYS Q 163 14.61 -62.81 -48.11
N LYS Q 164 14.44 -61.89 -49.07
CA LYS Q 164 15.45 -60.84 -49.39
C LYS Q 164 15.54 -59.77 -48.30
N ILE Q 165 14.41 -59.37 -47.72
CA ILE Q 165 14.34 -58.36 -46.66
C ILE Q 165 14.84 -58.95 -45.33
N GLU Q 166 14.42 -60.18 -45.04
CA GLU Q 166 14.58 -60.92 -43.78
C GLU Q 166 15.98 -61.55 -43.56
N LYS Q 167 16.67 -62.00 -44.62
CA LYS Q 167 17.98 -62.70 -44.58
C LYS Q 167 19.08 -61.97 -43.78
N ILE Q 168 19.00 -60.64 -43.65
CA ILE Q 168 20.01 -59.80 -42.98
C ILE Q 168 19.59 -59.30 -41.59
N PRO Q 169 18.34 -58.87 -41.32
CA PRO Q 169 17.88 -58.56 -39.96
C PRO Q 169 18.00 -59.69 -38.96
N LEU Q 170 17.77 -60.96 -39.36
CA LEU Q 170 17.90 -62.12 -38.45
C LEU Q 170 19.34 -62.36 -37.98
N ARG Q 171 20.35 -62.25 -38.86
CA ARG Q 171 21.77 -62.34 -38.44
C ARG Q 171 22.21 -61.20 -37.52
N LYS Q 172 21.55 -60.04 -37.60
CA LYS Q 172 21.81 -58.92 -36.68
C LYS Q 172 21.02 -59.01 -35.38
N MET Q 173 20.06 -59.95 -35.32
CA MET Q 173 19.28 -60.18 -34.11
C MET Q 173 20.03 -61.22 -33.28
N GLU Q 174 20.77 -62.09 -33.97
CA GLU Q 174 21.56 -63.12 -33.33
C GLU Q 174 22.55 -62.50 -32.37
N ILE Q 175 23.33 -61.53 -32.85
CA ILE Q 175 24.29 -60.88 -31.96
C ILE Q 175 23.69 -60.76 -30.57
N PRO Q 176 22.72 -59.85 -30.41
CA PRO Q 176 22.01 -59.67 -29.14
C PRO Q 176 21.23 -60.90 -28.66
N LEU Q 177 21.00 -61.88 -29.53
CA LEU Q 177 20.28 -63.08 -29.16
C LEU Q 177 21.15 -64.00 -28.31
N LEU Q 178 22.46 -63.93 -28.51
CA LEU Q 178 23.40 -64.74 -27.76
C LEU Q 178 23.49 -64.30 -26.31
N HIS Q 179 23.55 -62.98 -26.11
CA HIS Q 179 23.64 -62.42 -24.76
C HIS Q 179 22.33 -62.62 -23.99
N CYS Q 180 21.28 -62.99 -24.71
CA CYS Q 180 19.97 -63.21 -24.10
C CYS Q 180 19.81 -64.65 -23.55
N THR Q 181 18.92 -64.81 -22.56
CA THR Q 181 18.70 -66.10 -21.89
C THR Q 181 18.16 -67.16 -22.87
N LYS Q 182 18.39 -68.45 -22.59
CA LYS Q 182 17.95 -69.56 -23.48
C LYS Q 182 16.45 -69.57 -23.76
N GLU Q 183 15.66 -69.21 -22.75
CA GLU Q 183 14.21 -68.97 -22.82
C GLU Q 183 13.83 -67.80 -23.78
N ASN Q 184 14.61 -66.72 -23.77
CA ASN Q 184 14.42 -65.58 -24.65
C ASN Q 184 14.98 -65.78 -26.06
N LYS Q 185 15.96 -66.68 -26.25
CA LYS Q 185 16.41 -67.11 -27.60
C LYS Q 185 15.34 -67.73 -28.49
N LEU Q 186 14.66 -68.76 -27.99
CA LEU Q 186 13.53 -69.38 -28.66
C LEU Q 186 12.20 -68.57 -28.65
N TYR Q 187 11.98 -67.77 -27.59
CA TYR Q 187 10.86 -66.82 -27.53
C TYR Q 187 11.04 -65.90 -28.76
N PHE Q 188 12.25 -65.40 -29.01
CA PHE Q 188 12.51 -64.60 -30.20
C PHE Q 188 12.37 -65.42 -31.50
N GLN Q 189 12.95 -66.63 -31.54
CA GLN Q 189 12.86 -67.56 -32.68
C GLN Q 189 11.45 -68.11 -32.95
N SER Q 190 10.55 -68.03 -31.96
CA SER Q 190 9.11 -68.28 -32.12
C SER Q 190 8.39 -67.07 -32.74
N ILE Q 191 8.53 -65.86 -32.16
CA ILE Q 191 7.85 -64.67 -32.72
C ILE Q 191 8.44 -64.22 -34.07
N SER Q 192 9.70 -64.55 -34.40
CA SER Q 192 10.29 -64.27 -35.70
C SER Q 192 9.85 -65.26 -36.79
N ARG Q 193 9.42 -66.48 -36.41
CA ARG Q 193 8.66 -67.41 -37.26
C ARG Q 193 7.18 -67.03 -37.40
N GLY Q 194 6.68 -66.13 -36.56
CA GLY Q 194 5.25 -65.78 -36.48
C GLY Q 194 4.43 -66.65 -35.50
N LEU Q 195 5.06 -67.47 -34.65
CA LEU Q 195 4.35 -68.18 -33.58
C LEU Q 195 4.02 -67.23 -32.42
N GLU Q 196 2.83 -67.37 -31.83
CA GLU Q 196 2.44 -66.60 -30.64
C GLU Q 196 2.47 -67.39 -29.32
N PRO Q 197 2.85 -66.75 -28.20
CA PRO Q 197 3.12 -67.44 -26.95
C PRO Q 197 1.81 -67.72 -26.18
N LEU Q 198 1.41 -69.00 -26.15
CA LEU Q 198 0.36 -69.52 -25.25
C LEU Q 198 0.75 -69.58 -23.76
N LYS Q 199 1.90 -68.99 -23.44
CA LYS Q 199 2.41 -68.96 -22.08
C LYS Q 199 2.26 -67.57 -21.48
N THR Q 200 1.07 -67.25 -20.98
CA THR Q 200 0.79 -65.95 -20.39
C THR Q 200 1.81 -65.59 -19.31
N SER Q 201 2.50 -64.47 -19.50
CA SER Q 201 3.51 -64.04 -18.55
C SER Q 201 2.95 -63.94 -17.13
N THR Q 202 1.63 -63.90 -17.03
CA THR Q 202 0.99 -63.79 -15.72
C THR Q 202 0.46 -65.15 -15.38
N SER Q 203 1.24 -66.16 -15.72
CA SER Q 203 0.90 -67.54 -15.48
C SER Q 203 2.18 -68.29 -15.21
N GLU Q 204 3.10 -67.61 -14.53
CA GLU Q 204 4.40 -68.15 -14.21
C GLU Q 204 5.04 -67.36 -13.08
N VAL Q 205 4.74 -66.07 -13.02
CA VAL Q 205 5.34 -65.27 -11.96
C VAL Q 205 5.07 -66.11 -10.73
N ARG Q 206 6.07 -66.24 -9.87
CA ARG Q 206 5.86 -66.93 -8.62
C ARG Q 206 6.37 -66.08 -7.39
N ASN Q 207 5.56 -65.07 -7.10
CA ASN Q 207 5.96 -64.14 -6.06
C ASN Q 207 4.75 -64.14 -5.17
N TYR Q 208 5.01 -64.43 -3.89
CA TYR Q 208 4.05 -64.51 -2.80
C TYR Q 208 3.17 -63.30 -2.94
N ARG Q 209 3.80 -62.15 -2.88
CA ARG Q 209 3.08 -60.89 -3.08
C ARG Q 209 2.08 -61.01 -4.27
N THR Q 210 2.68 -61.11 -5.45
CA THR Q 210 1.95 -61.30 -6.69
C THR Q 210 0.88 -62.38 -6.53
N ARG Q 211 1.24 -63.61 -6.95
CA ARG Q 211 0.44 -64.85 -6.94
C ARG Q 211 -0.97 -64.78 -6.37
N HIS Q 212 -1.01 -64.58 -5.06
CA HIS Q 212 -2.19 -64.38 -4.22
C HIS Q 212 -3.11 -63.41 -4.95
N ILE Q 213 -2.62 -62.19 -5.06
CA ILE Q 213 -3.32 -61.13 -5.82
C ILE Q 213 -4.00 -61.67 -7.09
N VAL Q 214 -3.31 -62.49 -7.87
CA VAL Q 214 -3.89 -63.02 -9.10
C VAL Q 214 -4.96 -63.90 -8.47
N THR Q 215 -4.57 -64.64 -7.42
CA THR Q 215 -5.57 -65.44 -6.68
C THR Q 215 -6.90 -64.58 -6.52
N LEU Q 216 -6.76 -63.52 -5.74
CA LEU Q 216 -7.83 -62.54 -5.55
C LEU Q 216 -8.48 -62.09 -6.89
N THR Q 217 -7.90 -61.11 -7.61
CA THR Q 217 -8.51 -60.68 -8.85
C THR Q 217 -9.46 -61.60 -9.62
N ASP Q 218 -9.14 -62.89 -9.66
CA ASP Q 218 -9.96 -63.86 -10.35
C ASP Q 218 -11.17 -64.25 -9.49
N LEU Q 219 -10.98 -64.23 -8.18
CA LEU Q 219 -12.04 -64.57 -7.26
C LEU Q 219 -13.18 -63.57 -7.34
N LEU Q 220 -12.85 -62.29 -7.27
CA LEU Q 220 -13.86 -61.21 -7.35
C LEU Q 220 -14.54 -61.13 -8.71
N HIS Q 221 -13.84 -61.46 -9.81
CA HIS Q 221 -14.46 -61.48 -11.14
C HIS Q 221 -15.42 -62.65 -11.33
N LEU Q 222 -15.08 -63.84 -10.79
CA LEU Q 222 -16.02 -64.98 -10.73
C LEU Q 222 -17.19 -64.77 -9.76
N ASN Q 223 -17.07 -63.87 -8.78
CA ASN Q 223 -18.12 -63.57 -7.82
C ASN Q 223 -19.09 -62.49 -8.32
N VAL Q 224 -18.63 -61.46 -9.06
CA VAL Q 224 -19.54 -60.53 -9.77
C VAL Q 224 -20.23 -61.20 -10.97
N SER Q 225 -19.59 -62.19 -11.61
CA SER Q 225 -20.25 -63.01 -12.65
C SER Q 225 -21.33 -63.98 -12.13
N ARG Q 226 -21.62 -63.96 -10.83
CA ARG Q 226 -22.75 -64.63 -10.17
C ARG Q 226 -23.42 -63.73 -9.12
N HIS Q 227 -23.09 -62.43 -9.13
CA HIS Q 227 -23.66 -61.39 -8.27
C HIS Q 227 -23.52 -61.59 -6.76
N ASN Q 228 -22.56 -62.39 -6.28
CA ASN Q 228 -22.29 -62.72 -4.86
C ASN Q 228 -21.89 -61.49 -3.99
N TRP Q 229 -22.80 -60.57 -3.70
CA TRP Q 229 -22.52 -59.24 -3.12
C TRP Q 229 -21.72 -59.31 -1.81
N SER Q 230 -22.16 -60.16 -0.89
CA SER Q 230 -21.57 -60.34 0.44
C SER Q 230 -20.15 -60.91 0.44
N LEU Q 231 -19.71 -61.57 -0.64
CA LEU Q 231 -18.38 -62.16 -0.80
C LEU Q 231 -17.48 -61.38 -1.77
N ALA Q 232 -18.04 -60.86 -2.87
CA ALA Q 232 -17.33 -59.99 -3.81
C ALA Q 232 -16.80 -58.72 -3.12
N TYR Q 233 -17.57 -58.14 -2.19
CA TYR Q 233 -17.14 -57.02 -1.36
C TYR Q 233 -15.93 -57.34 -0.46
N LYS Q 234 -15.90 -58.52 0.17
CA LYS Q 234 -14.77 -58.93 1.03
C LYS Q 234 -13.48 -59.13 0.22
N ILE Q 235 -13.57 -59.79 -0.94
CA ILE Q 235 -12.42 -59.98 -1.82
C ILE Q 235 -11.92 -58.64 -2.38
N PHE Q 236 -12.82 -57.74 -2.78
CA PHE Q 236 -12.48 -56.37 -3.22
C PHE Q 236 -11.79 -55.55 -2.12
N ALA Q 237 -12.34 -55.55 -0.90
CA ALA Q 237 -11.78 -54.83 0.24
C ALA Q 237 -10.38 -55.34 0.61
N THR Q 238 -10.12 -56.66 0.54
CA THR Q 238 -8.76 -57.20 0.72
C THR Q 238 -7.81 -56.89 -0.45
N LEU Q 239 -8.31 -56.85 -1.69
CA LEU Q 239 -7.48 -56.66 -2.89
C LEU Q 239 -6.76 -55.32 -2.91
N ILE Q 240 -7.39 -54.24 -2.41
CA ILE Q 240 -6.77 -52.91 -2.31
C ILE Q 240 -5.85 -52.74 -1.09
N ARG Q 241 -6.06 -53.49 0.01
CA ARG Q 241 -5.13 -53.46 1.17
C ARG Q 241 -3.79 -54.10 0.85
N ILE Q 242 -3.74 -55.06 -0.07
CA ILE Q 242 -2.47 -55.59 -0.60
C ILE Q 242 -1.91 -54.57 -1.63
N PRO Q 243 -0.65 -54.15 -1.41
CA PRO Q 243 0.22 -53.21 -2.13
C PRO Q 243 0.14 -53.25 -3.65
N GLY Q 244 -0.87 -53.88 -4.23
CA GLY Q 244 -0.86 -53.98 -5.67
C GLY Q 244 -2.11 -53.63 -6.40
N VAL Q 245 -2.45 -52.35 -6.32
CA VAL Q 245 -3.64 -51.85 -6.97
C VAL Q 245 -3.45 -50.45 -7.49
N GLN Q 246 -3.66 -50.28 -8.77
CA GLN Q 246 -3.57 -49.00 -9.41
C GLN Q 246 -5.01 -48.78 -9.77
N ILE Q 247 -5.68 -47.85 -9.12
CA ILE Q 247 -7.09 -47.75 -9.46
C ILE Q 247 -7.59 -48.96 -10.21
N LYS Q 248 -7.10 -49.13 -11.43
CA LYS Q 248 -7.50 -50.30 -12.23
C LYS Q 248 -8.92 -50.77 -12.01
N SER Q 249 -9.07 -52.06 -11.80
CA SER Q 249 -10.36 -52.63 -11.55
C SER Q 249 -10.80 -51.99 -10.26
N LEU Q 250 -9.83 -51.58 -9.46
CA LEU Q 250 -10.11 -50.95 -8.17
C LEU Q 250 -11.27 -49.96 -8.25
N TRP Q 251 -11.48 -49.40 -9.44
CA TRP Q 251 -12.56 -48.45 -9.64
C TRP Q 251 -13.69 -49.03 -10.48
N GLY Q 252 -13.33 -49.81 -11.49
CA GLY Q 252 -14.31 -50.45 -12.37
C GLY Q 252 -15.08 -51.62 -11.76
N ILE Q 253 -14.53 -52.29 -10.74
CA ILE Q 253 -15.29 -53.23 -9.89
C ILE Q 253 -15.64 -52.60 -8.53
N GLY Q 254 -14.98 -51.51 -8.14
CA GLY Q 254 -15.27 -50.77 -6.91
C GLY Q 254 -16.56 -49.96 -6.95
N VAL Q 255 -17.03 -49.58 -8.14
CA VAL Q 255 -18.35 -48.97 -8.34
C VAL Q 255 -19.59 -49.85 -8.47
N GLU Q 256 -19.52 -50.89 -9.31
CA GLU Q 256 -20.62 -51.84 -9.39
C GLU Q 256 -20.80 -52.60 -8.04
N ILE Q 257 -19.70 -53.05 -7.43
CA ILE Q 257 -19.73 -53.77 -6.16
C ILE Q 257 -20.53 -52.85 -5.24
N LEU Q 258 -20.44 -51.52 -5.35
CA LEU Q 258 -21.20 -50.60 -4.49
C LEU Q 258 -22.63 -50.33 -5.00
N ASP Q 259 -22.89 -50.54 -6.29
CA ASP Q 259 -24.26 -50.61 -6.83
C ASP Q 259 -24.95 -51.94 -6.46
N ASN Q 260 -24.22 -53.06 -6.55
CA ASN Q 260 -24.70 -54.39 -6.12
C ASN Q 260 -24.72 -54.58 -4.57
N LEU Q 261 -24.03 -53.68 -3.89
CA LEU Q 261 -23.98 -53.70 -2.45
C LEU Q 261 -25.10 -52.79 -2.01
N SER Q 262 -26.26 -53.41 -1.79
CA SER Q 262 -27.46 -52.68 -1.39
C SER Q 262 -27.28 -51.97 -0.06
N ASN Q 263 -26.14 -52.19 0.58
CA ASN Q 263 -25.88 -51.65 1.91
C ASN Q 263 -25.20 -50.30 2.03
N SER Q 264 -23.89 -50.31 2.21
CA SER Q 264 -23.15 -49.08 2.44
C SER Q 264 -22.29 -48.49 1.32
N SER Q 265 -22.69 -47.32 0.85
CA SER Q 265 -21.91 -46.61 -0.15
C SER Q 265 -22.57 -46.42 -1.51
N SER Q 266 -22.28 -45.27 -2.12
CA SER Q 266 -22.81 -44.94 -3.43
C SER Q 266 -21.62 -44.76 -4.34
N GLY Q 267 -21.31 -45.76 -5.14
CA GLY Q 267 -20.16 -45.59 -6.00
C GLY Q 267 -19.79 -44.13 -6.14
N LEU Q 268 -20.81 -43.29 -5.93
CA LEU Q 268 -20.65 -41.85 -6.03
C LEU Q 268 -19.49 -41.36 -5.20
N ASP Q 269 -19.58 -41.61 -3.89
CA ASP Q 269 -18.56 -41.26 -2.91
C ASP Q 269 -17.26 -41.81 -3.43
N PHE Q 270 -17.21 -43.12 -3.54
CA PHE Q 270 -16.04 -43.73 -4.14
C PHE Q 270 -15.66 -43.09 -5.49
N LEU Q 271 -16.64 -42.76 -6.34
CA LEU Q 271 -16.45 -42.07 -7.62
C LEU Q 271 -15.88 -40.66 -7.43
N GLN Q 272 -16.39 -39.90 -6.46
CA GLN Q 272 -15.87 -38.55 -6.18
C GLN Q 272 -14.50 -38.60 -5.49
N TRP Q 273 -14.22 -39.64 -4.68
CA TRP Q 273 -12.89 -39.89 -4.14
C TRP Q 273 -11.87 -40.21 -5.24
N MET Q 274 -12.24 -41.01 -6.25
CA MET Q 274 -11.45 -41.26 -7.45
C MET Q 274 -11.16 -39.98 -8.24
N CYS Q 275 -12.19 -39.18 -8.48
CA CYS Q 275 -12.04 -37.92 -9.22
C CYS Q 275 -10.94 -37.06 -8.62
N GLN Q 276 -10.87 -37.02 -7.30
CA GLN Q 276 -9.86 -36.25 -6.60
C GLN Q 276 -8.55 -37.04 -6.55
N ILE Q 277 -8.66 -38.35 -6.71
CA ILE Q 277 -7.48 -39.21 -6.66
C ILE Q 277 -6.91 -39.45 -8.06
N TYR Q 278 -7.48 -38.79 -9.06
CA TYR Q 278 -7.01 -38.95 -10.43
C TYR Q 278 -7.37 -37.79 -11.37
N SER Q 279 -7.34 -36.56 -10.84
CA SER Q 279 -7.65 -35.41 -11.67
C SER Q 279 -6.47 -35.38 -12.63
N SER Q 280 -5.25 -35.32 -12.08
CA SER Q 280 -4.02 -35.21 -12.86
C SER Q 280 -4.27 -34.24 -14.02
N LYS Q 281 -4.33 -32.98 -13.62
CA LYS Q 281 -4.86 -32.01 -14.57
C LYS Q 281 -3.71 -31.73 -15.53
N SER Q 282 -2.71 -32.60 -15.50
CA SER Q 282 -1.53 -32.45 -16.34
C SER Q 282 -1.59 -32.87 -17.78
N ARG Q 283 -1.34 -31.95 -18.71
CA ARG Q 283 -1.29 -32.33 -20.13
C ARG Q 283 -0.02 -33.00 -20.65
N PHE Q 284 -0.10 -34.24 -21.12
CA PHE Q 284 1.09 -34.97 -21.54
C PHE Q 284 1.03 -36.09 -22.57
N VAL Q 285 0.98 -37.34 -22.08
CA VAL Q 285 0.93 -38.59 -22.88
C VAL Q 285 2.18 -38.89 -23.72
N GLN Q 286 2.10 -39.92 -24.56
CA GLN Q 286 3.24 -40.31 -25.41
C GLN Q 286 4.57 -40.45 -24.62
N ASN Q 287 5.68 -39.95 -25.16
CA ASN Q 287 7.02 -39.95 -24.54
C ASN Q 287 7.58 -41.36 -24.19
N ILE Q 288 7.36 -41.82 -22.95
CA ILE Q 288 7.92 -43.06 -22.39
C ILE Q 288 6.97 -44.26 -22.61
N ASN Q 289 7.55 -45.42 -22.33
CA ASN Q 289 6.91 -46.70 -22.54
C ASN Q 289 5.84 -46.99 -21.52
N TYR Q 290 4.66 -46.46 -21.75
CA TYR Q 290 3.55 -46.74 -20.84
C TYR Q 290 3.33 -48.24 -20.90
N ARG Q 291 3.90 -48.93 -19.91
CA ARG Q 291 3.79 -50.37 -19.80
C ARG Q 291 3.33 -50.95 -18.47
N SER Q 292 2.66 -50.14 -17.67
CA SER Q 292 2.03 -50.46 -16.44
C SER Q 292 0.78 -49.54 -16.09
N ILE Q 293 0.75 -48.49 -16.88
CA ILE Q 293 -0.35 -47.59 -17.02
C ILE Q 293 -0.79 -47.08 -18.40
N VAL Q 294 -1.12 -48.05 -19.24
CA VAL Q 294 -1.67 -47.85 -20.55
C VAL Q 294 -3.18 -47.35 -20.78
N PRO Q 295 -4.01 -48.23 -20.21
CA PRO Q 295 -5.46 -48.11 -20.07
C PRO Q 295 -6.16 -46.78 -20.02
N PRO Q 296 -6.96 -46.47 -21.05
CA PRO Q 296 -7.65 -45.19 -20.92
C PRO Q 296 -8.77 -45.32 -19.92
N PHE Q 297 -8.50 -46.09 -18.87
CA PHE Q 297 -9.53 -46.25 -17.83
C PHE Q 297 -8.94 -45.76 -16.51
N GLN Q 298 -7.67 -45.39 -16.46
CA GLN Q 298 -7.13 -44.52 -15.42
C GLN Q 298 -6.13 -43.60 -16.10
N THR Q 299 -6.28 -42.29 -15.81
CA THR Q 299 -5.42 -41.25 -16.37
C THR Q 299 -6.20 -40.13 -17.07
N GLY Q 300 -5.50 -39.03 -17.35
CA GLY Q 300 -6.10 -37.87 -17.99
C GLY Q 300 -5.86 -36.45 -17.51
N SER Q 301 -6.94 -35.73 -17.23
CA SER Q 301 -6.81 -34.29 -16.89
C SER Q 301 -5.50 -33.48 -17.39
N ARG Q 302 -5.76 -32.89 -18.55
CA ARG Q 302 -4.97 -32.26 -19.56
C ARG Q 302 -5.18 -33.20 -20.74
N THR Q 303 -6.27 -32.93 -21.45
CA THR Q 303 -6.84 -33.72 -22.55
C THR Q 303 -7.54 -35.03 -22.15
N HIS Q 304 -6.87 -36.16 -22.33
CA HIS Q 304 -7.49 -37.47 -22.03
C HIS Q 304 -8.65 -37.85 -21.06
N THR Q 305 -9.85 -37.41 -21.43
CA THR Q 305 -10.99 -37.53 -20.53
C THR Q 305 -10.74 -38.78 -19.70
N ALA Q 306 -10.83 -38.62 -18.37
CA ALA Q 306 -10.99 -39.75 -17.48
C ALA Q 306 -12.42 -40.26 -17.61
N LYS Q 307 -12.61 -41.57 -17.46
CA LYS Q 307 -13.96 -42.13 -17.62
C LYS Q 307 -14.67 -42.38 -16.28
N PHE Q 308 -13.93 -42.56 -15.17
CA PHE Q 308 -14.51 -42.51 -13.82
C PHE Q 308 -15.04 -41.12 -13.42
N ALA Q 309 -14.45 -40.03 -13.92
CA ALA Q 309 -14.96 -38.68 -13.69
C ALA Q 309 -16.21 -38.37 -14.51
N ILE Q 310 -16.27 -38.88 -15.74
CA ILE Q 310 -17.49 -38.84 -16.56
C ILE Q 310 -18.60 -39.72 -15.97
N THR Q 311 -18.27 -40.93 -15.50
CA THR Q 311 -19.17 -41.81 -14.77
C THR Q 311 -19.64 -41.21 -13.44
N TYR Q 312 -18.80 -40.47 -12.72
CA TYR Q 312 -19.20 -39.74 -11.52
C TYR Q 312 -20.34 -38.74 -11.79
N LEU Q 313 -20.22 -37.93 -12.84
CA LEU Q 313 -21.27 -37.01 -13.25
C LEU Q 313 -22.54 -37.76 -13.73
N TRP Q 314 -22.40 -38.80 -14.56
CA TRP Q 314 -23.56 -39.59 -15.05
C TRP Q 314 -24.32 -40.29 -13.93
N SER Q 315 -23.60 -40.98 -13.03
CA SER Q 315 -24.18 -41.58 -11.82
C SER Q 315 -24.80 -40.51 -10.91
N SER Q 316 -24.22 -39.30 -10.83
CA SER Q 316 -24.73 -38.20 -10.01
C SER Q 316 -26.05 -37.64 -10.55
N LEU Q 317 -26.23 -37.46 -11.86
CA LEU Q 317 -27.53 -37.03 -12.41
C LEU Q 317 -28.62 -38.10 -12.24
N ILE Q 318 -28.28 -39.38 -12.37
CA ILE Q 318 -29.20 -40.49 -12.11
C ILE Q 318 -29.52 -40.61 -10.60
N ASN Q 319 -28.58 -40.26 -9.74
CA ASN Q 319 -28.79 -40.13 -8.29
C ASN Q 319 -29.65 -38.91 -7.91
N CYS Q 320 -29.64 -37.84 -8.72
CA CYS Q 320 -30.56 -36.70 -8.60
C CYS Q 320 -31.97 -37.03 -9.08
N GLN Q 321 -32.13 -37.82 -10.15
CA GLN Q 321 -33.46 -38.10 -10.72
C GLN Q 321 -34.37 -38.88 -9.76
N LYS Q 322 -33.84 -39.93 -9.11
CA LYS Q 322 -34.67 -40.87 -8.33
C LYS Q 322 -35.37 -40.15 -7.16
N SER Q 323 -36.71 -40.19 -7.16
CA SER Q 323 -37.58 -39.54 -6.17
C SER Q 323 -37.51 -38.00 -6.11
N MET Q 324 -36.97 -37.33 -7.13
CA MET Q 324 -37.35 -35.93 -7.42
C MET Q 324 -38.52 -35.88 -8.40
N GLU Q 325 -39.44 -34.95 -8.16
CA GLU Q 325 -40.76 -34.79 -8.85
C GLU Q 325 -41.62 -36.07 -9.06
N PRO Q 326 -41.60 -37.11 -8.18
CA PRO Q 326 -42.18 -38.40 -8.51
C PRO Q 326 -43.71 -38.33 -8.58
N THR Q 337 -34.49 -27.33 1.76
CA THR Q 337 -33.07 -26.93 1.77
C THR Q 337 -32.02 -28.05 1.91
N GLU Q 338 -32.42 -29.22 2.38
CA GLU Q 338 -31.67 -30.49 2.35
C GLU Q 338 -31.50 -31.13 0.96
N ASN Q 339 -32.16 -30.57 -0.06
CA ASN Q 339 -32.08 -31.03 -1.45
C ASN Q 339 -30.69 -30.74 -2.04
N ASP Q 340 -30.48 -29.55 -2.60
CA ASP Q 340 -29.24 -29.02 -3.22
C ASP Q 340 -28.62 -29.85 -4.37
N LEU Q 341 -28.60 -31.19 -4.36
CA LEU Q 341 -27.88 -32.10 -5.29
C LEU Q 341 -27.83 -31.68 -6.78
N LEU Q 342 -28.95 -31.25 -7.37
CA LEU Q 342 -29.00 -30.79 -8.78
C LEU Q 342 -28.34 -29.42 -9.04
N GLN Q 343 -28.03 -28.77 -7.91
CA GLN Q 343 -27.29 -27.53 -7.83
C GLN Q 343 -25.86 -27.97 -7.54
N GLU Q 344 -25.67 -28.78 -6.49
CA GLU Q 344 -24.32 -29.32 -6.20
C GLU Q 344 -23.64 -29.81 -7.50
N LEU Q 345 -24.37 -30.52 -8.34
CA LEU Q 345 -23.92 -30.96 -9.65
C LEU Q 345 -23.78 -29.83 -10.69
N ILE Q 346 -24.56 -28.75 -10.60
CA ILE Q 346 -24.40 -27.55 -11.45
C ILE Q 346 -23.14 -26.75 -11.07
N ASP Q 347 -22.76 -26.73 -9.80
CA ASP Q 347 -21.60 -26.01 -9.30
C ASP Q 347 -20.31 -26.84 -9.33
N LYS Q 348 -20.41 -28.17 -9.18
CA LYS Q 348 -19.27 -29.10 -9.37
C LYS Q 348 -18.81 -29.26 -10.81
N ILE Q 349 -19.72 -29.02 -11.75
CA ILE Q 349 -19.38 -29.09 -13.16
C ILE Q 349 -18.91 -27.70 -13.63
N SER Q 350 -19.25 -26.68 -12.85
CA SER Q 350 -18.88 -25.30 -13.14
C SER Q 350 -17.48 -25.00 -12.65
N GLU Q 351 -17.08 -25.66 -11.56
CA GLU Q 351 -15.74 -25.48 -11.01
C GLU Q 351 -14.76 -25.83 -12.12
N TRP Q 352 -15.29 -26.59 -13.08
CA TRP Q 352 -14.55 -27.00 -14.26
C TRP Q 352 -14.41 -25.84 -15.21
N VAL Q 353 -15.47 -25.57 -15.95
CA VAL Q 353 -15.45 -24.49 -16.96
C VAL Q 353 -14.47 -24.25 -18.17
N LEU Q 354 -14.00 -25.41 -18.65
CA LEU Q 354 -12.85 -25.56 -19.57
C LEU Q 354 -11.51 -25.57 -18.89
N THR Q 355 -10.69 -26.56 -19.24
CA THR Q 355 -9.38 -26.80 -18.69
C THR Q 355 -8.88 -28.06 -19.34
N PRO Q 356 -9.53 -29.17 -18.98
CA PRO Q 356 -9.40 -30.55 -19.39
C PRO Q 356 -10.81 -31.00 -19.67
N PRO Q 357 -11.72 -30.72 -18.74
CA PRO Q 357 -12.99 -31.29 -19.19
C PRO Q 357 -13.87 -30.76 -20.33
N PHE Q 358 -14.31 -29.51 -20.14
CA PHE Q 358 -14.93 -28.71 -21.22
C PHE Q 358 -14.01 -28.11 -22.37
N MET Q 359 -12.82 -27.89 -21.83
CA MET Q 359 -11.67 -27.60 -22.66
C MET Q 359 -11.72 -28.70 -23.75
N GLU Q 360 -12.31 -29.83 -23.38
CA GLU Q 360 -12.30 -30.97 -24.29
C GLU Q 360 -13.59 -31.30 -25.02
N ASP Q 361 -14.71 -30.73 -24.61
CA ASP Q 361 -15.96 -31.05 -25.30
C ASP Q 361 -16.80 -32.27 -24.94
N ALA Q 362 -18.00 -32.35 -25.50
CA ALA Q 362 -18.95 -33.42 -25.20
C ALA Q 362 -19.61 -33.71 -23.85
N GLU Q 363 -19.90 -34.98 -23.63
CA GLU Q 363 -20.50 -35.42 -22.38
C GLU Q 363 -20.49 -34.36 -21.24
N VAL Q 364 -19.31 -33.77 -21.20
CA VAL Q 364 -19.06 -32.64 -20.35
C VAL Q 364 -20.07 -31.53 -20.52
N TRP Q 365 -20.15 -31.01 -21.74
CA TRP Q 365 -21.12 -30.02 -22.05
C TRP Q 365 -22.49 -30.69 -22.09
N PHE Q 366 -22.55 -31.85 -22.73
CA PHE Q 366 -23.85 -32.50 -22.91
C PHE Q 366 -24.66 -32.91 -21.68
N ILE Q 367 -24.04 -33.67 -20.78
CA ILE Q 367 -24.71 -34.06 -19.54
C ILE Q 367 -24.93 -32.88 -18.52
N TYR Q 368 -24.16 -31.84 -18.76
CA TYR Q 368 -24.26 -30.60 -18.01
C TYR Q 368 -25.63 -30.10 -18.43
N ALA Q 369 -25.86 -30.04 -19.73
CA ALA Q 369 -27.13 -29.58 -20.28
C ALA Q 369 -28.25 -30.53 -19.86
N SER Q 370 -27.94 -31.83 -19.86
CA SER Q 370 -28.92 -32.85 -19.47
C SER Q 370 -29.37 -32.72 -18.00
N CYS Q 371 -28.44 -32.49 -17.07
CA CYS Q 371 -28.72 -32.09 -15.69
C CYS Q 371 -29.53 -30.78 -15.65
N HIS Q 372 -29.15 -29.85 -16.52
CA HIS Q 372 -29.83 -28.57 -16.65
C HIS Q 372 -31.23 -28.76 -17.25
N LEU Q 373 -31.42 -29.53 -18.33
CA LEU Q 373 -32.75 -29.88 -18.87
C LEU Q 373 -33.68 -30.54 -17.85
N LEU Q 374 -33.17 -31.45 -17.02
CA LEU Q 374 -33.95 -32.05 -15.91
C LEU Q 374 -34.40 -31.02 -14.88
N LYS Q 375 -33.54 -30.05 -14.53
CA LYS Q 375 -33.88 -28.90 -13.66
C LYS Q 375 -34.96 -27.98 -14.27
N ALA Q 376 -35.22 -28.08 -15.57
CA ALA Q 376 -36.23 -27.26 -16.22
C ALA Q 376 -37.57 -27.98 -16.20
N ASP Q 377 -37.53 -29.31 -16.23
CA ASP Q 377 -38.74 -30.12 -16.20
C ASP Q 377 -39.34 -30.13 -14.80
N THR Q 378 -38.47 -30.32 -13.80
CA THR Q 378 -38.92 -30.33 -12.42
C THR Q 378 -39.67 -29.05 -12.09
N LEU Q 379 -39.15 -27.93 -12.59
CA LEU Q 379 -39.78 -26.62 -12.36
C LEU Q 379 -41.06 -26.39 -13.18
N SER Q 380 -41.25 -27.10 -14.30
CA SER Q 380 -42.52 -27.12 -15.02
C SER Q 380 -43.55 -28.00 -14.31
N ARG Q 381 -43.13 -29.14 -13.74
CA ARG Q 381 -43.97 -29.96 -12.85
C ARG Q 381 -44.39 -29.20 -11.59
N GLN Q 382 -43.41 -28.64 -10.90
CA GLN Q 382 -43.69 -27.85 -9.70
C GLN Q 382 -44.48 -26.60 -10.07
N PHE Q 383 -44.94 -26.55 -11.31
CA PHE Q 383 -45.70 -25.45 -11.87
C PHE Q 383 -46.15 -26.02 -13.20
N VAL Q 384 -46.95 -27.08 -13.14
CA VAL Q 384 -47.38 -27.72 -14.36
C VAL Q 384 -48.83 -28.24 -14.34
N ASN Q 385 -49.02 -29.35 -13.65
CA ASN Q 385 -50.31 -30.00 -13.51
C ASN Q 385 -51.52 -29.07 -13.46
N ASP Q 386 -52.36 -29.12 -14.50
CA ASP Q 386 -53.59 -28.33 -14.62
C ASP Q 386 -53.30 -26.84 -14.41
N ASN Q 387 -52.59 -26.25 -15.36
CA ASN Q 387 -52.03 -24.88 -15.27
C ASN Q 387 -51.30 -24.64 -13.92
N LYS Q 388 -49.98 -24.83 -13.96
CA LYS Q 388 -49.10 -24.89 -12.77
C LYS Q 388 -49.44 -26.04 -11.81
N ASN Q 389 -50.32 -25.76 -10.87
CA ASN Q 389 -50.78 -26.82 -9.98
C ASN Q 389 -52.23 -27.06 -10.37
N ASN Q 390 -52.99 -25.97 -10.47
CA ASN Q 390 -54.39 -26.01 -10.85
C ASN Q 390 -54.98 -24.66 -11.28
N ASP Q 391 -56.28 -24.50 -11.12
CA ASP Q 391 -56.91 -23.26 -11.53
C ASP Q 391 -55.93 -22.09 -11.45
N LEU Q 392 -55.29 -21.80 -12.59
CA LEU Q 392 -54.52 -20.58 -12.80
C LEU Q 392 -53.34 -20.38 -11.84
N ILE Q 393 -52.93 -19.13 -11.69
CA ILE Q 393 -51.82 -18.77 -10.81
C ILE Q 393 -52.10 -17.45 -10.12
N GLY Q 394 -52.83 -16.56 -10.80
CA GLY Q 394 -53.07 -15.24 -10.24
C GLY Q 394 -51.81 -14.96 -9.45
N LEU Q 395 -51.42 -15.95 -8.67
CA LEU Q 395 -50.21 -15.91 -7.87
C LEU Q 395 -49.13 -15.08 -8.56
N ASP Q 396 -49.22 -13.76 -8.36
CA ASP Q 396 -48.28 -12.82 -8.92
C ASP Q 396 -47.78 -13.28 -10.29
N ARG Q 397 -48.49 -12.84 -11.33
CA ARG Q 397 -48.23 -13.18 -12.74
C ARG Q 397 -47.68 -14.59 -12.97
N ASP Q 398 -46.37 -14.68 -13.16
CA ASP Q 398 -45.71 -15.96 -13.38
C ASP Q 398 -44.20 -15.88 -13.16
N ILE Q 399 -43.75 -15.19 -12.12
CA ILE Q 399 -42.29 -15.12 -11.92
C ILE Q 399 -41.63 -16.46 -12.26
N LYS Q 400 -42.32 -17.58 -11.99
CA LYS Q 400 -41.84 -18.94 -12.21
C LYS Q 400 -41.68 -19.35 -13.68
N ILE Q 401 -42.60 -18.93 -14.57
CA ILE Q 401 -42.42 -19.05 -16.04
C ILE Q 401 -41.16 -18.32 -16.53
N ASN Q 402 -40.88 -17.09 -16.06
CA ASN Q 402 -39.70 -16.35 -16.51
C ASN Q 402 -38.37 -17.00 -16.06
N GLN Q 403 -38.34 -17.53 -14.83
CA GLN Q 403 -37.20 -18.31 -14.32
C GLN Q 403 -36.93 -19.57 -15.17
N VAL Q 404 -37.99 -20.22 -15.66
CA VAL Q 404 -37.95 -21.40 -16.53
C VAL Q 404 -37.60 -21.05 -17.98
N ILE Q 405 -38.16 -19.99 -18.58
CA ILE Q 405 -37.82 -19.58 -19.97
C ILE Q 405 -36.35 -19.13 -20.10
N LYS Q 406 -35.83 -18.40 -19.11
CA LYS Q 406 -34.39 -18.10 -18.99
C LYS Q 406 -33.55 -19.38 -19.08
N HIS Q 407 -33.98 -20.41 -18.34
CA HIS Q 407 -33.26 -21.67 -18.31
C HIS Q 407 -33.34 -22.36 -19.67
N ILE Q 408 -34.55 -22.54 -20.16
CA ILE Q 408 -34.78 -23.19 -21.46
C ILE Q 408 -33.94 -22.54 -22.58
N HIS Q 409 -33.76 -21.23 -22.48
CA HIS Q 409 -32.97 -20.49 -23.45
C HIS Q 409 -31.49 -20.77 -23.23
N TYR Q 410 -31.10 -20.93 -21.97
CA TYR Q 410 -29.72 -21.22 -21.62
C TYR Q 410 -29.37 -22.62 -22.11
N VAL Q 411 -30.08 -23.62 -21.61
CA VAL Q 411 -29.85 -25.02 -22.02
C VAL Q 411 -29.74 -25.23 -23.53
N ARG Q 412 -30.52 -24.50 -24.33
CA ARG Q 412 -30.37 -24.51 -25.81
C ARG Q 412 -29.01 -23.93 -26.24
N THR Q 413 -28.42 -23.03 -25.45
CA THR Q 413 -27.06 -22.53 -25.68
C THR Q 413 -26.01 -23.61 -25.40
N PHE Q 414 -26.14 -24.36 -24.30
CA PHE Q 414 -25.23 -25.48 -23.96
C PHE Q 414 -25.30 -26.66 -24.92
N LEU Q 415 -26.52 -27.05 -25.35
CA LEU Q 415 -26.69 -28.08 -26.38
C LEU Q 415 -26.09 -27.65 -27.72
N LYS Q 416 -26.24 -26.37 -28.10
CA LYS Q 416 -25.68 -25.83 -29.34
C LYS Q 416 -24.15 -25.80 -29.33
N ILE Q 417 -23.50 -25.25 -28.28
CA ILE Q 417 -22.03 -25.24 -28.22
C ILE Q 417 -21.42 -26.64 -28.16
N CYS Q 418 -22.13 -27.61 -27.57
CA CYS Q 418 -21.73 -29.01 -27.61
C CYS Q 418 -21.79 -29.62 -29.02
N LEU Q 419 -22.78 -29.25 -29.85
CA LEU Q 419 -22.82 -29.60 -31.27
C LEU Q 419 -21.70 -28.92 -32.07
N ASP Q 420 -21.60 -27.59 -31.97
CA ASP Q 420 -20.68 -26.75 -32.77
C ASP Q 420 -19.21 -27.17 -32.67
N LYS Q 421 -18.82 -27.54 -31.44
CA LYS Q 421 -17.44 -27.88 -31.09
C LYS Q 421 -17.13 -29.35 -31.43
N GLY Q 422 -17.88 -29.94 -32.37
CA GLY Q 422 -17.62 -31.27 -32.92
C GLY Q 422 -18.30 -32.43 -32.17
N GLY Q 423 -19.27 -32.16 -31.30
CA GLY Q 423 -19.85 -33.17 -30.41
C GLY Q 423 -20.82 -34.10 -31.14
N PHE Q 424 -20.41 -35.27 -31.61
CA PHE Q 424 -21.37 -36.21 -32.25
C PHE Q 424 -22.43 -36.97 -31.36
N ALA Q 425 -22.28 -36.89 -30.04
CA ALA Q 425 -23.08 -37.50 -28.97
C ALA Q 425 -24.60 -37.25 -28.99
N VAL Q 426 -25.06 -36.09 -29.46
CA VAL Q 426 -26.44 -35.60 -29.25
C VAL Q 426 -27.33 -35.72 -30.50
N PRO Q 427 -28.43 -36.49 -30.45
CA PRO Q 427 -29.45 -36.53 -31.51
C PRO Q 427 -30.41 -35.33 -31.38
N SER Q 428 -29.93 -34.17 -31.83
CA SER Q 428 -30.56 -32.83 -31.63
C SER Q 428 -32.07 -32.78 -31.90
N ARG Q 429 -32.52 -33.45 -32.98
CA ARG Q 429 -33.92 -33.53 -33.43
C ARG Q 429 -34.89 -33.94 -32.32
N LEU Q 430 -34.53 -34.93 -31.51
CA LEU Q 430 -35.40 -35.44 -30.45
C LEU Q 430 -35.47 -34.49 -29.25
N ILE Q 431 -34.32 -33.94 -28.83
CA ILE Q 431 -34.21 -33.05 -27.67
C ILE Q 431 -34.95 -31.73 -27.92
N GLU Q 432 -34.84 -31.17 -29.14
CA GLU Q 432 -35.57 -29.98 -29.56
C GLU Q 432 -37.09 -30.19 -29.62
N ASN Q 433 -37.53 -31.34 -30.14
CA ASN Q 433 -38.95 -31.70 -30.12
C ASN Q 433 -39.46 -31.88 -28.69
N GLN Q 434 -38.73 -32.58 -27.81
CA GLN Q 434 -39.09 -32.74 -26.40
C GLN Q 434 -39.21 -31.40 -25.68
N LEU Q 435 -38.21 -30.52 -25.84
CA LEU Q 435 -38.15 -29.19 -25.25
C LEU Q 435 -39.27 -28.26 -25.74
N LYS Q 436 -39.66 -28.32 -27.02
CA LYS Q 436 -40.80 -27.54 -27.52
C LYS Q 436 -42.16 -28.09 -27.05
N SER Q 437 -42.33 -29.42 -27.02
CA SER Q 437 -43.57 -30.05 -26.50
C SER Q 437 -43.73 -29.82 -24.98
N PHE Q 438 -42.60 -29.59 -24.30
CA PHE Q 438 -42.48 -29.25 -22.90
C PHE Q 438 -42.71 -27.74 -22.63
N GLU Q 439 -42.10 -26.90 -23.44
CA GLU Q 439 -42.33 -25.47 -23.31
C GLU Q 439 -43.85 -25.29 -23.40
N SER Q 440 -44.49 -26.14 -24.21
CA SER Q 440 -45.93 -26.12 -24.36
C SER Q 440 -46.55 -26.29 -22.99
N ARG Q 441 -46.26 -27.41 -22.33
CA ARG Q 441 -46.79 -27.60 -20.96
C ARG Q 441 -46.76 -26.29 -20.15
N LEU Q 442 -45.71 -25.49 -20.35
CA LEU Q 442 -45.49 -24.22 -19.64
C LEU Q 442 -46.48 -23.12 -20.08
N TYR Q 443 -46.99 -23.19 -21.32
CA TYR Q 443 -48.18 -22.45 -21.72
C TYR Q 443 -49.44 -22.99 -21.02
ZN ZN U . 42.58 35.12 -35.66
ZN ZN V . 43.47 5.05 5.89
ZN ZN W . 48.46 20.49 1.82
ZN ZN X . -18.84 14.23 -61.72
ZN ZN Y . -25.09 4.42 36.22
ZN ZN Z . -7.18 -30.09 9.87
ZN ZN AA . 36.39 -1.75 29.88
#